data_5OKZ
#
_entry.id   5OKZ
#
_cell.length_a   161.779
_cell.length_b   237.430
_cell.length_c   201.895
_cell.angle_alpha   90.00
_cell.angle_beta   110.37
_cell.angle_gamma   90.00
#
_symmetry.space_group_name_H-M   'P 1 21 1'
#
loop_
_entity.id
_entity.type
_entity.pdbx_description
1 polymer 'Exosome complex component CSL4'
2 polymer 'Exosome complex component RRP45'
3 polymer 'Exosome complex component SKI6'
4 polymer 'Exosome complex component RRP43'
5 polymer 'Exosome complex component RRP46'
6 polymer 'Exosome complex component RRP42'
7 polymer 'Exosome complex component MTR3'
8 polymer 'Exosome complex component RRP40'
9 polymer 'Exosome complex component RRP4'
10 polymer 'M-phase phosphoprotein 6 homolog'
11 non-polymer TRIS(HYDROXYETHYL)AMINOMETHANE
12 non-polymer 'CHLORIDE ION'
13 non-polymer 'MAGNESIUM ION'
14 water water
#
loop_
_entity_poly.entity_id
_entity_poly.type
_entity_poly.pdbx_seq_one_letter_code
_entity_poly.pdbx_strand_id
1 'polypeptide(L)'
;GPHMACNFQFPEIAYPGKLICPQYGTENKDGEDIIFNYVPGPGTKLIQYEHNGRTLEAITATLVGTVRCEEEKKTDQEEE
REGTDQSTEEEKSVDASPNDVTRRTVKNILVSVLPGTEKGRKTNKYANNDFANNLPKEGDIVLTRVTRLSLQRANVEILA
VEDKPSPIDSGIGSNGSGIVAAGGGSGAATFSVSQASSDLGETFRGIIRSQDVRSTDRDRVKVIECFKPGDIVRAQVLSL
GDGTNYYLTTARNDLGVVFARAANGAGGLMYATDWQMMTSPVTGATEKRKCAKPF
;
m,I,S,c
2 'polypeptide(L)'
;MAKDIEISASESKFILEALRQNYRLDGRSFDQFRDVEITFGKEFGDVSVKMGNTKVHCRISCQIAQPYEDRPFEGLFVIS
TEISPMAGSQFENGNITGEDEVLCSRIIEKSVRRSGALDVEGLCIVAGSKCWAVRADVHFLDCDGGFIDASCIAVMAGLM
HFKKPDITVHGEQIIVHPVNEREPVPLGILHIPICVTFSFFNPQDTEENIKGETNSEISIIDATLKEELLRDGVLTVTLN
KNREVVQVSKAGGLPMDALTLMKCCHEAYSIIEKITDQILQLLKEDSEKRNKYAAMLTSENAREI
;
A,K,U,e
3 'polypeptide(L)'
;GPHMSRLEIYSPEGLRLDGRRWNELRRFESSINTHPHAADGSSYMEQGNNKIITLVKGPKEPRLKSQMDTSKALLNVSVN
ITKFSKFERSKSSHKNERRVLEIQTSLVRMFEKNVMLNIYPRTVIDIEIHVLEQDGGIMGSLINGITLALIDAGISMFDY
ISGISVGLYDTTPLLDTNSLEENAMSTVTLGVVGKSEKLSLLLVEDKIPLDRLENVLAIGIAGAHRVRDLMDEELRKHAQ
KRVSNASAR
;
B,L,V,f
4 'polypeptide(L)'
;MAESTTLETIEIHPITFPPEVLARISPELSLQRHLSLGIRPCLRKYEEFRDVAIENNTLSRYADAGNIDTKNNILGSNVL
KSGKTIVITSITGGIIEETSAAIKDLDDFGEEELFEVTKEEDIIANYASVYPVVEVERGRVGACTDEEMTISQKLHDSIL
HSRILPKKALKVKAGVRSANEDGTFSVLYPDELEDDTLNETNLKMKRKWSYVLYAKIVVLSRTGPVFDLCWNSLMYALQS
VKLPRAFIDERASDLRMTIRTRGRSATIRETYEIICDQTKSVPLMINAKNIAFASNYGIVELDPECQLQNSDNSEEEEVD
IDMDKLNTVLIADLDTEAEETSIHSTISILAAPSGNYKQLTLMGGGAKITPEMIKRSLLLSRVRADDLSTRFNI
;
C,M,W,g
5 'polypeptide(L)'
;AASMSVQAEIGILDHVDGSSEFVSQDTKVICSVTGPIEPKARQELPTQLALEIIVRPAKGVATTREKVLEDKLRAVLTPL
ITRHCYPRQLCQITCQILESGEDEAEFSLRELSCCINAAFLALVDAGIALNSMCASIPIAIIKDTSDIIVDPTAEQLKIS
LSVHTLALEFVNGGKVVKNVLLLDSNGDFNEDQLFSLLELGEQKCQELVTNIRRIIQDNISPRLVV
;
D,N,X,h
6 'polypeptide(L)'
;GPHMSLSVAEKSYLYDSLASTPSIRPDGRLPHQFRPIEIFTDFLPSSNGSSRIIASDGSECIVSIKSKVVDHHVENELLQ
VDVDIAGQRDDALVVETITSLLNKVLKSGSGVDSSKLQLTKKYSFKIFVDVLVISSHSHPISLISFAIYSALNSTYLPKL
ISAFDDLEVEELPTFHDYDMVKLDINPPLVFILAVVGNNMLLDPAANESEVANNGLIISWSNGKITSPIRSVALNDSNVK
SFKPHLLKQGLAMVEKYAPDVVRSLENL
;
E,O,Y,i
7 'polypeptide(L)'
;MNVQDRRRLLGPAAAKPMAFSNTTTHVPEKKSTDLTPKGNESEQELSLHTGFIENCNGSALVEARSLGHQTSLITAVYGP
RSIRGSFTSQGTISIQLKNGLLEKYNTNELKEVSSFLMGIFNSVVNLSRYPKSGIDIFVYLTYDKDLTNNPQDDDSQSKM
TSSQISSLIPHCITSITLALADAGIELVDMAGAGEANGTVVSFIKNGEEIVGFWKDDGDDEDLLECLDRCKEQYNRYRDL
MISCLMNQET
;
F,P,Z,j
8 'polypeptide(L)'
;GPDSMSTFIFPGDSFPVDPTTPVKLGPGIYCDPNTQEIRPVNTGVLHVSAKGKSGVQTAYIDYSSKRYIPSVNDFVIGVI
IGTFSDSYKVSLQNFSSSVSLSYMAFPNASKKNRPTLQVGDLVYARVCTAEKELEAEIECFDSTTGRDAGFGILEDGMII
DVNLNFARQLLFNNDFPLLKVLAAHTKFEVAIGLNGKIWVKCEELSNTLACYRTIMECCQKNDTAAFKDIAKRQFKEILT
VKEE
;
G,Q,a,k
9 'polypeptide(L)'
;TGGRSMSDSQIVTPGELVTDDPIWMRGHGTYFLDNMTYSSVAGTVSRVNRLLSVIPLKGRYAPETGDHVVGRIAEVGNKR
WKVDIGGKQHAVLMLGSVNLPGGILRRKSESDELQMRSFLKEGDLLNAEVQSLFQDGSASLHTRSLKYGKLRNGMFCQVP
SSLIVRAKNHTHNLPGNITVVLGVNGYIWLRKTSQMDLARDTPSANNSSSIKSTGPTGAVSLNPSITRLEEESSWQIYSD
ENDPSISNNIRQAICRYANVIKALAFCEIGITQQRIVSAYEASMVYSNVGELIEKNVMESIGSDILTAEKMRGNGN
;
H,R,b,l
10 'polypeptide(L)'
;GPDSMSANNGVTGKLSSRVMNMKFMKFGKTDDEESSNSNTPSNINSDVEPIEQKGKLFGLDDSAWDLNSYKDDLKKISGK
EKKKVKRVVYKKRPNLIISNVGYSELRKPEGVISGRKTFGDNSDDSGSRKRKFDEGEQNEDEKRDAKDKEFTGSQDDGED
EYDLDKLFKDSIKKKKTNHNGKNKNRNSKK
;
J,T,d,n
#
# COMPACT_ATOMS: atom_id res chain seq x y z
N PRO A 11 -38.11 -76.67 8.49
CA PRO A 11 -36.78 -76.25 8.94
C PRO A 11 -36.16 -77.23 9.94
N GLU A 12 -35.57 -78.31 9.42
CA GLU A 12 -34.94 -79.31 10.27
C GLU A 12 -33.68 -78.74 10.94
N ILE A 13 -32.80 -78.15 10.15
CA ILE A 13 -31.59 -77.52 10.66
C ILE A 13 -31.81 -76.00 10.68
N ALA A 14 -30.86 -75.28 11.26
CA ALA A 14 -31.00 -73.83 11.38
C ALA A 14 -29.62 -73.20 11.54
N TYR A 15 -29.48 -71.99 11.01
CA TYR A 15 -28.31 -71.15 11.20
C TYR A 15 -28.77 -69.76 11.59
N PRO A 16 -27.91 -68.99 12.26
CA PRO A 16 -28.30 -67.63 12.67
C PRO A 16 -28.69 -66.77 11.49
N GLY A 17 -29.94 -66.29 11.51
CA GLY A 17 -30.49 -65.47 10.44
C GLY A 17 -31.53 -66.18 9.60
N LYS A 18 -31.68 -67.49 9.75
CA LYS A 18 -32.61 -68.26 8.94
C LYS A 18 -34.03 -68.13 9.51
N LEU A 19 -34.99 -67.89 8.64
CA LEU A 19 -36.38 -67.78 9.06
C LEU A 19 -36.93 -69.15 9.42
N ILE A 20 -37.80 -69.18 10.43
CA ILE A 20 -38.40 -70.42 10.92
C ILE A 20 -39.90 -70.45 10.64
N CYS A 21 -40.66 -69.51 11.21
CA CYS A 21 -42.10 -69.49 11.08
C CYS A 21 -42.61 -68.11 11.46
N PRO A 22 -43.81 -67.73 11.02
CA PRO A 22 -44.40 -66.46 11.48
C PRO A 22 -44.76 -66.49 12.96
N GLN A 23 -45.25 -65.36 13.46
CA GLN A 23 -45.62 -65.25 14.87
C GLN A 23 -46.93 -65.97 15.15
N PRO A 40 -39.23 -66.21 20.66
CA PRO A 40 -39.95 -66.66 21.85
C PRO A 40 -39.07 -67.47 22.79
N GLY A 41 -38.57 -68.62 22.32
CA GLY A 41 -37.73 -69.45 23.14
C GLY A 41 -36.25 -69.23 22.91
N PRO A 42 -35.43 -69.98 23.64
CA PRO A 42 -33.97 -69.88 23.47
C PRO A 42 -33.53 -70.31 22.07
N GLY A 43 -32.65 -69.51 21.47
CA GLY A 43 -32.17 -69.77 20.12
C GLY A 43 -32.96 -69.12 19.02
N THR A 44 -34.02 -68.38 19.35
CA THR A 44 -34.83 -67.68 18.37
C THR A 44 -35.10 -66.27 18.86
N LYS A 45 -35.57 -65.42 17.95
CA LYS A 45 -35.89 -64.04 18.28
C LYS A 45 -36.85 -63.49 17.24
N LEU A 46 -37.89 -62.81 17.70
CA LEU A 46 -38.82 -62.16 16.79
C LEU A 46 -38.14 -60.95 16.13
N ILE A 47 -38.06 -60.97 14.81
CA ILE A 47 -37.42 -59.91 14.03
C ILE A 47 -38.43 -59.40 13.02
N GLN A 48 -38.59 -58.08 12.96
CA GLN A 48 -39.51 -57.45 12.02
C GLN A 48 -38.78 -57.17 10.72
N TYR A 49 -39.23 -57.79 9.64
CA TYR A 49 -38.69 -57.58 8.30
C TYR A 49 -39.67 -56.77 7.46
N GLU A 50 -39.20 -56.31 6.31
CA GLU A 50 -40.04 -55.62 5.35
C GLU A 50 -39.93 -56.31 4.00
N HIS A 51 -41.06 -56.41 3.30
CA HIS A 51 -41.14 -57.06 2.00
C HIS A 51 -42.45 -56.70 1.32
N ASN A 52 -42.39 -56.34 0.03
CA ASN A 52 -43.55 -55.89 -0.73
C ASN A 52 -44.17 -54.62 -0.15
N GLY A 53 -43.43 -53.90 0.69
CA GLY A 53 -43.90 -52.70 1.31
C GLY A 53 -44.48 -52.89 2.70
N ARG A 54 -45.00 -54.08 2.99
CA ARG A 54 -45.60 -54.37 4.28
C ARG A 54 -44.59 -55.02 5.21
N THR A 55 -44.61 -54.61 6.47
CA THR A 55 -43.72 -55.18 7.46
C THR A 55 -44.24 -56.54 7.93
N LEU A 56 -43.34 -57.33 8.51
CA LEU A 56 -43.66 -58.68 8.93
C LEU A 56 -42.72 -59.10 10.04
N GLU A 57 -43.27 -59.70 11.09
CA GLU A 57 -42.50 -60.23 12.20
C GLU A 57 -42.51 -61.75 12.12
N ALA A 58 -41.33 -62.34 11.98
CA ALA A 58 -41.21 -63.79 11.85
C ALA A 58 -40.14 -64.30 12.82
N ILE A 59 -40.28 -65.57 13.20
CA ILE A 59 -39.31 -66.18 14.10
C ILE A 59 -38.02 -66.43 13.34
N THR A 60 -36.90 -66.02 13.93
CA THR A 60 -35.59 -66.17 13.30
C THR A 60 -34.64 -66.88 14.25
N ALA A 61 -33.96 -67.90 13.75
CA ALA A 61 -33.01 -68.65 14.56
C ALA A 61 -31.76 -67.82 14.82
N THR A 62 -31.28 -67.87 16.06
CA THR A 62 -30.07 -67.16 16.45
C THR A 62 -28.89 -68.08 16.73
N LEU A 63 -29.09 -69.39 16.71
CA LEU A 63 -28.03 -70.37 16.91
C LEU A 63 -27.97 -71.32 15.73
N VAL A 64 -26.90 -72.10 15.67
CA VAL A 64 -26.70 -73.11 14.63
C VAL A 64 -27.03 -74.47 15.23
N GLY A 65 -28.09 -75.10 14.75
CA GLY A 65 -28.51 -76.38 15.28
C GLY A 65 -29.86 -76.78 14.73
N THR A 66 -30.51 -77.70 15.44
CA THR A 66 -31.80 -78.24 15.05
C THR A 66 -32.93 -77.55 15.81
N VAL A 67 -34.11 -77.58 15.21
CA VAL A 67 -35.29 -76.90 15.75
C VAL A 67 -36.18 -77.93 16.44
N ARG A 68 -36.63 -77.60 17.65
CA ARG A 68 -37.53 -78.47 18.39
C ARG A 68 -38.69 -77.67 18.97
N LEU A 110 -44.10 -72.88 20.81
CA LEU A 110 -42.77 -72.67 21.35
C LEU A 110 -41.70 -73.14 20.37
N VAL A 111 -40.86 -72.21 19.93
CA VAL A 111 -39.81 -72.48 18.95
C VAL A 111 -38.46 -72.30 19.63
N SER A 112 -37.56 -73.26 19.42
CA SER A 112 -36.22 -73.19 19.98
C SER A 112 -35.25 -73.90 19.05
N VAL A 113 -33.97 -73.59 19.24
CA VAL A 113 -32.89 -74.17 18.43
C VAL A 113 -31.86 -74.77 19.38
N LEU A 114 -31.54 -76.04 19.18
CA LEU A 114 -30.58 -76.76 20.00
C LEU A 114 -29.36 -77.14 19.17
N PRO A 115 -28.15 -76.90 19.66
CA PRO A 115 -26.95 -77.26 18.89
C PRO A 115 -26.84 -78.76 18.67
N GLY A 116 -26.69 -79.16 17.42
CA GLY A 116 -26.58 -80.56 17.07
C GLY A 116 -27.13 -80.89 15.69
N ASN A 129 -22.32 -80.21 29.46
CA ASN A 129 -21.13 -79.56 28.94
C ASN A 129 -21.29 -78.04 28.91
N ASP A 130 -22.48 -77.59 28.51
CA ASP A 130 -22.79 -76.17 28.41
C ASP A 130 -23.53 -75.73 29.67
N PHE A 131 -22.85 -74.95 30.52
CA PHE A 131 -23.45 -74.39 31.72
C PHE A 131 -24.32 -73.17 31.42
N ALA A 132 -24.24 -72.61 30.22
CA ALA A 132 -24.95 -71.38 29.90
C ALA A 132 -26.46 -71.59 29.92
N ASN A 133 -26.96 -72.51 29.09
CA ASN A 133 -28.40 -72.70 28.97
C ASN A 133 -29.02 -73.24 30.25
N ASN A 134 -28.27 -74.04 31.01
CA ASN A 134 -28.76 -74.58 32.28
C ASN A 134 -28.18 -73.80 33.45
N LEU A 135 -28.52 -72.51 33.49
CA LEU A 135 -28.04 -71.66 34.58
C LEU A 135 -28.85 -71.95 35.85
N PRO A 136 -28.20 -71.99 37.02
CA PRO A 136 -28.92 -72.35 38.25
C PRO A 136 -30.08 -71.42 38.51
N LYS A 137 -31.22 -72.00 38.85
CA LYS A 137 -32.45 -71.27 39.14
C LYS A 137 -33.06 -71.85 40.41
N GLU A 138 -34.05 -71.14 40.95
CA GLU A 138 -34.73 -71.57 42.16
C GLU A 138 -35.31 -72.97 41.97
N GLY A 139 -34.88 -73.91 42.82
CA GLY A 139 -35.31 -75.29 42.77
C GLY A 139 -34.29 -76.25 42.20
N ASP A 140 -33.31 -75.77 41.46
CA ASP A 140 -32.30 -76.64 40.88
C ASP A 140 -31.32 -77.12 41.95
N ILE A 141 -30.83 -78.35 41.77
CA ILE A 141 -29.82 -78.94 42.65
C ILE A 141 -28.45 -78.71 42.02
N VAL A 142 -27.49 -78.30 42.84
CA VAL A 142 -26.16 -77.95 42.36
C VAL A 142 -25.10 -78.61 43.24
N LEU A 143 -23.93 -78.84 42.63
CA LEU A 143 -22.77 -79.36 43.33
C LEU A 143 -21.83 -78.19 43.61
N THR A 144 -21.52 -77.96 44.88
CA THR A 144 -20.70 -76.83 45.30
C THR A 144 -19.48 -77.33 46.06
N ARG A 145 -18.55 -76.41 46.30
CA ARG A 145 -17.35 -76.69 47.08
C ARG A 145 -17.19 -75.60 48.13
N VAL A 146 -17.02 -76.02 49.39
CA VAL A 146 -16.91 -75.07 50.49
C VAL A 146 -15.60 -74.31 50.39
N THR A 147 -15.70 -72.98 50.40
CA THR A 147 -14.53 -72.12 50.32
C THR A 147 -14.21 -71.39 51.62
N ARG A 148 -15.21 -71.09 52.44
CA ARG A 148 -14.98 -70.39 53.70
C ARG A 148 -16.14 -70.66 54.63
N LEU A 149 -15.83 -71.04 55.87
CA LEU A 149 -16.83 -71.25 56.90
C LEU A 149 -16.88 -70.05 57.83
N SER A 150 -18.09 -69.67 58.24
CA SER A 150 -18.28 -68.63 59.23
C SER A 150 -19.14 -69.18 60.36
N LEU A 151 -19.24 -68.39 61.44
CA LEU A 151 -20.01 -68.82 62.61
C LEU A 151 -21.49 -68.93 62.32
N GLN A 152 -21.98 -68.25 61.28
CA GLN A 152 -23.41 -68.24 60.97
C GLN A 152 -23.76 -68.77 59.59
N ARG A 153 -22.79 -68.90 58.68
CA ARG A 153 -23.09 -69.34 57.33
C ARG A 153 -21.86 -70.05 56.77
N ALA A 154 -22.05 -70.63 55.57
CA ALA A 154 -20.99 -71.35 54.87
C ALA A 154 -20.94 -70.87 53.43
N ASN A 155 -19.80 -70.32 53.03
CA ASN A 155 -19.62 -69.79 51.68
C ASN A 155 -19.12 -70.91 50.77
N VAL A 156 -19.77 -71.05 49.61
CA VAL A 156 -19.44 -72.09 48.64
C VAL A 156 -19.38 -71.47 47.25
N GLU A 157 -18.92 -72.28 46.29
CA GLU A 157 -18.93 -71.91 44.89
C GLU A 157 -19.58 -73.02 44.08
N ILE A 158 -20.51 -72.66 43.20
CA ILE A 158 -21.21 -73.65 42.39
C ILE A 158 -20.27 -74.17 41.32
N LEU A 159 -20.14 -75.50 41.25
CA LEU A 159 -19.31 -76.14 40.24
C LEU A 159 -20.12 -76.80 39.14
N ALA A 160 -21.30 -77.32 39.45
CA ALA A 160 -22.15 -77.95 38.45
C ALA A 160 -23.61 -77.85 38.91
N VAL A 161 -24.52 -78.05 37.96
CA VAL A 161 -25.96 -78.01 38.22
C VAL A 161 -26.57 -79.32 37.74
N GLU A 162 -27.45 -79.89 38.56
CA GLU A 162 -28.10 -81.15 38.23
C GLU A 162 -29.21 -80.90 37.20
N ASP A 163 -29.25 -81.76 36.18
CA ASP A 163 -30.28 -81.70 35.16
C ASP A 163 -31.35 -82.75 35.43
N LYS A 164 -32.52 -82.51 34.85
CA LYS A 164 -33.67 -83.39 35.05
C LYS A 164 -33.62 -84.58 34.09
N THR A 190 -27.89 -86.76 35.09
CA THR A 190 -26.94 -86.01 34.27
C THR A 190 -26.58 -84.68 34.91
N PHE A 191 -25.50 -84.07 34.45
CA PHE A 191 -25.00 -82.83 35.04
C PHE A 191 -24.56 -81.88 33.94
N SER A 192 -24.41 -80.61 34.31
CA SER A 192 -23.88 -79.57 33.42
C SER A 192 -22.73 -78.88 34.15
N VAL A 193 -21.51 -79.06 33.64
CA VAL A 193 -20.31 -78.59 34.31
C VAL A 193 -20.06 -77.14 33.91
N SER A 194 -19.80 -76.29 34.91
CA SER A 194 -19.41 -74.92 34.64
C SER A 194 -18.01 -74.87 34.05
N GLN A 195 -17.84 -74.11 32.99
CA GLN A 195 -16.53 -73.97 32.37
C GLN A 195 -15.66 -72.90 33.02
N ALA A 196 -16.21 -72.17 33.99
CA ALA A 196 -15.47 -71.09 34.64
C ALA A 196 -14.30 -71.63 35.46
N SER A 197 -13.40 -70.72 35.82
CA SER A 197 -12.22 -71.04 36.60
C SER A 197 -12.44 -70.65 38.05
N SER A 198 -12.11 -71.55 38.97
CA SER A 198 -12.20 -71.27 40.39
C SER A 198 -11.02 -70.46 40.92
N ASP A 199 -10.02 -70.19 40.08
CA ASP A 199 -8.84 -69.45 40.50
C ASP A 199 -8.99 -67.95 40.37
N LEU A 200 -9.93 -67.48 39.55
CA LEU A 200 -10.08 -66.05 39.28
C LEU A 200 -11.41 -65.50 39.79
N GLY A 201 -12.13 -66.25 40.62
CA GLY A 201 -13.43 -65.79 41.08
C GLY A 201 -14.49 -65.79 40.01
N GLU A 202 -14.33 -66.61 38.97
CA GLU A 202 -15.23 -66.61 37.83
C GLU A 202 -16.49 -67.45 38.08
N THR A 203 -16.47 -68.34 39.06
CA THR A 203 -17.60 -69.22 39.33
C THR A 203 -18.65 -68.50 40.16
N PHE A 204 -19.90 -68.89 39.95
CA PHE A 204 -21.00 -68.35 40.75
C PHE A 204 -20.87 -68.84 42.19
N ARG A 205 -20.87 -67.90 43.13
CA ARG A 205 -20.71 -68.22 44.54
C ARG A 205 -22.07 -68.28 45.23
N GLY A 206 -22.11 -69.02 46.33
CA GLY A 206 -23.34 -69.22 47.08
C GLY A 206 -23.10 -69.17 48.57
N ILE A 207 -24.19 -69.26 49.32
CA ILE A 207 -24.17 -69.20 50.78
C ILE A 207 -25.17 -70.21 51.33
N ILE A 208 -24.75 -71.01 52.31
CA ILE A 208 -25.61 -71.93 53.01
C ILE A 208 -25.75 -71.43 54.44
N ARG A 209 -26.92 -70.88 54.77
CA ARG A 209 -27.15 -70.37 56.12
C ARG A 209 -27.25 -71.51 57.13
N SER A 210 -27.01 -71.17 58.40
CA SER A 210 -26.98 -72.19 59.44
C SER A 210 -28.34 -72.82 59.69
N GLN A 211 -29.42 -72.05 59.52
CA GLN A 211 -30.76 -72.59 59.69
C GLN A 211 -31.24 -73.38 58.48
N ASP A 212 -30.48 -73.40 57.39
CA ASP A 212 -30.81 -74.18 56.21
C ASP A 212 -29.91 -75.40 56.04
N VAL A 213 -29.15 -75.76 57.08
CA VAL A 213 -28.24 -76.91 56.99
C VAL A 213 -29.03 -78.20 57.04
N ARG A 214 -29.84 -78.39 58.07
CA ARG A 214 -30.67 -79.58 58.22
C ARG A 214 -32.11 -79.15 58.51
N SER A 215 -32.99 -80.15 58.56
CA SER A 215 -34.41 -79.90 58.78
C SER A 215 -34.78 -79.80 60.25
N THR A 216 -34.20 -80.65 61.09
CA THR A 216 -34.52 -80.70 62.51
C THR A 216 -33.51 -79.91 63.32
N ASP A 217 -33.99 -79.16 64.30
CA ASP A 217 -33.17 -78.36 65.21
C ASP A 217 -32.30 -77.37 64.41
N ARG A 218 -33.00 -76.41 63.80
CA ARG A 218 -32.35 -75.40 62.98
C ARG A 218 -31.87 -74.20 63.79
N ASP A 219 -32.17 -74.14 65.09
CA ASP A 219 -31.75 -73.01 65.90
C ASP A 219 -30.32 -73.18 66.41
N ARG A 220 -29.98 -74.38 66.87
CA ARG A 220 -28.66 -74.69 67.41
C ARG A 220 -27.93 -75.58 66.40
N VAL A 221 -27.24 -74.94 65.46
CA VAL A 221 -26.49 -75.64 64.42
C VAL A 221 -25.07 -75.11 64.42
N LYS A 222 -24.10 -75.99 64.67
CA LYS A 222 -22.69 -75.64 64.60
C LYS A 222 -22.19 -75.87 63.19
N VAL A 223 -21.71 -74.80 62.55
CA VAL A 223 -21.25 -74.91 61.16
C VAL A 223 -19.96 -75.72 61.08
N ILE A 224 -19.14 -75.69 62.13
CA ILE A 224 -17.87 -76.41 62.13
C ILE A 224 -18.07 -77.91 62.12
N GLU A 225 -19.23 -78.40 62.56
CA GLU A 225 -19.51 -79.83 62.62
C GLU A 225 -20.37 -80.32 61.46
N CYS A 226 -20.74 -79.44 60.54
CA CYS A 226 -21.54 -79.80 59.36
C CYS A 226 -20.76 -79.74 58.06
N PHE A 227 -19.91 -78.73 57.89
CA PHE A 227 -19.11 -78.58 56.68
C PHE A 227 -17.67 -78.29 57.06
N LYS A 228 -16.77 -78.45 56.08
CA LYS A 228 -15.36 -78.17 56.23
C LYS A 228 -14.83 -77.63 54.91
N PRO A 229 -13.78 -76.81 54.94
CA PRO A 229 -13.26 -76.24 53.69
C PRO A 229 -12.74 -77.32 52.76
N GLY A 230 -13.21 -77.28 51.52
CA GLY A 230 -12.84 -78.27 50.52
C GLY A 230 -13.87 -79.33 50.26
N ASP A 231 -14.88 -79.46 51.13
CA ASP A 231 -15.91 -80.48 50.94
C ASP A 231 -16.75 -80.16 49.71
N ILE A 232 -17.29 -81.22 49.11
CA ILE A 232 -18.17 -81.11 47.95
C ILE A 232 -19.59 -81.36 48.46
N VAL A 233 -20.39 -80.29 48.53
CA VAL A 233 -21.72 -80.32 49.13
C VAL A 233 -22.76 -80.28 48.03
N ARG A 234 -23.73 -81.19 48.08
CA ARG A 234 -24.86 -81.21 47.17
C ARG A 234 -26.00 -80.44 47.81
N ALA A 235 -26.38 -79.31 47.21
CA ALA A 235 -27.38 -78.41 47.76
C ALA A 235 -28.41 -78.06 46.69
N GLN A 236 -29.49 -77.42 47.14
CA GLN A 236 -30.58 -76.99 46.27
C GLN A 236 -30.76 -75.49 46.38
N VAL A 237 -31.03 -74.84 45.26
CA VAL A 237 -31.12 -73.39 45.20
C VAL A 237 -32.44 -72.94 45.82
N LEU A 238 -32.37 -71.97 46.72
CA LEU A 238 -33.55 -71.36 47.32
C LEU A 238 -34.00 -70.11 46.55
N SER A 239 -33.06 -69.23 46.23
CA SER A 239 -33.36 -68.02 45.49
C SER A 239 -32.10 -67.55 44.77
N LEU A 240 -32.27 -66.59 43.87
CA LEU A 240 -31.13 -66.01 43.17
C LEU A 240 -30.35 -65.05 44.06
N GLY A 241 -31.02 -64.45 45.05
CA GLY A 241 -30.32 -63.54 45.94
C GLY A 241 -29.87 -62.29 45.21
N ASP A 242 -28.67 -61.82 45.55
CA ASP A 242 -28.05 -60.70 44.87
C ASP A 242 -27.06 -61.21 43.83
N GLY A 243 -26.39 -60.28 43.16
CA GLY A 243 -25.42 -60.64 42.15
C GLY A 243 -24.18 -61.33 42.69
N THR A 244 -23.97 -61.27 44.00
CA THR A 244 -22.77 -61.86 44.62
C THR A 244 -22.95 -63.34 44.95
N ASN A 245 -23.97 -63.67 45.75
CA ASN A 245 -24.11 -65.00 46.32
C ASN A 245 -25.47 -65.59 46.00
N TYR A 246 -25.48 -66.85 45.60
CA TYR A 246 -26.70 -67.64 45.62
C TYR A 246 -27.07 -67.97 47.06
N TYR A 247 -28.28 -68.48 47.25
CA TYR A 247 -28.76 -68.94 48.54
C TYR A 247 -29.21 -70.38 48.42
N LEU A 248 -28.52 -71.29 49.10
CA LEU A 248 -28.72 -72.72 48.94
C LEU A 248 -29.21 -73.33 50.25
N THR A 249 -29.55 -74.61 50.19
CA THR A 249 -30.04 -75.34 51.36
C THR A 249 -29.68 -76.81 51.22
N THR A 250 -29.60 -77.49 52.38
CA THR A 250 -29.28 -78.91 52.43
C THR A 250 -30.19 -79.65 53.41
N ALA A 251 -31.40 -79.15 53.62
CA ALA A 251 -32.27 -79.70 54.66
C ALA A 251 -33.06 -80.91 54.18
N ARG A 252 -32.40 -81.85 53.50
CA ARG A 252 -33.03 -83.08 53.06
C ARG A 252 -32.05 -84.23 53.25
N ASN A 253 -32.55 -85.45 53.09
CA ASN A 253 -31.73 -86.63 53.34
C ASN A 253 -30.67 -86.80 52.25
N ASP A 254 -31.01 -86.49 51.01
CA ASP A 254 -30.10 -86.65 49.89
C ASP A 254 -29.25 -85.42 49.62
N LEU A 255 -29.20 -84.47 50.57
CA LEU A 255 -28.41 -83.27 50.44
C LEU A 255 -27.41 -83.17 51.58
N GLY A 256 -26.26 -82.61 51.28
CA GLY A 256 -25.20 -82.45 52.27
C GLY A 256 -23.86 -82.76 51.65
N VAL A 257 -22.88 -83.03 52.52
CA VAL A 257 -21.52 -83.34 52.07
C VAL A 257 -21.54 -84.66 51.33
N VAL A 258 -21.09 -84.65 50.08
CA VAL A 258 -21.03 -85.85 49.25
C VAL A 258 -19.61 -86.37 49.15
N PHE A 259 -18.66 -85.51 48.79
CA PHE A 259 -17.26 -85.86 48.66
C PHE A 259 -16.43 -85.03 49.62
N ALA A 260 -15.52 -85.69 50.34
CA ALA A 260 -14.68 -85.00 51.31
C ALA A 260 -13.45 -85.86 51.59
N ARG A 261 -12.39 -85.20 52.06
CA ARG A 261 -11.19 -85.85 52.53
C ARG A 261 -10.96 -85.53 54.00
N ALA A 262 -10.16 -86.37 54.65
CA ALA A 262 -9.83 -86.14 56.05
C ALA A 262 -8.85 -84.97 56.17
N ALA A 263 -9.07 -84.15 57.20
CA ALA A 263 -8.20 -83.01 57.51
C ALA A 263 -8.11 -82.04 56.34
N ASN A 264 -9.25 -81.74 55.72
CA ASN A 264 -9.35 -80.73 54.67
C ASN A 264 -8.42 -81.05 53.49
N GLY A 265 -8.49 -82.28 53.02
CA GLY A 265 -7.69 -82.71 51.88
C GLY A 265 -6.31 -83.23 52.23
N ALA A 266 -5.89 -83.14 53.49
CA ALA A 266 -4.58 -83.64 53.90
C ALA A 266 -4.59 -85.13 54.26
N GLY A 267 -5.76 -85.75 54.29
CA GLY A 267 -5.85 -87.16 54.63
C GLY A 267 -6.39 -88.01 53.50
N GLY A 268 -6.90 -89.20 53.84
CA GLY A 268 -7.44 -90.11 52.84
C GLY A 268 -8.90 -89.83 52.53
N LEU A 269 -9.43 -90.65 51.63
CA LEU A 269 -10.83 -90.50 51.23
C LEU A 269 -11.76 -90.91 52.37
N MET A 270 -12.85 -90.17 52.52
CA MET A 270 -13.86 -90.44 53.53
C MET A 270 -15.20 -90.68 52.86
N TYR A 271 -15.87 -91.75 53.25
CA TYR A 271 -17.18 -92.10 52.71
C TYR A 271 -18.23 -91.92 53.79
N ALA A 272 -19.46 -91.68 53.35
CA ALA A 272 -20.57 -91.39 54.27
C ALA A 272 -21.12 -92.71 54.81
N THR A 273 -20.55 -93.17 55.91
CA THR A 273 -21.06 -94.36 56.58
C THR A 273 -22.38 -94.05 57.28
N ASP A 274 -22.38 -93.08 58.17
CA ASP A 274 -23.58 -92.57 58.81
C ASP A 274 -24.01 -91.27 58.13
N TRP A 275 -25.28 -90.91 58.33
CA TRP A 275 -25.78 -89.65 57.81
C TRP A 275 -25.18 -88.44 58.52
N GLN A 276 -24.53 -88.65 59.66
CA GLN A 276 -23.91 -87.57 60.42
C GLN A 276 -22.43 -87.82 60.68
N MET A 277 -21.86 -88.87 60.08
CA MET A 277 -20.47 -89.22 60.34
C MET A 277 -19.84 -89.78 59.07
N MET A 278 -18.64 -89.31 58.75
CA MET A 278 -17.86 -89.81 57.62
C MET A 278 -16.61 -90.50 58.16
N THR A 279 -16.35 -91.71 57.67
CA THR A 279 -15.21 -92.50 58.11
C THR A 279 -14.28 -92.78 56.94
N SER A 280 -13.02 -93.07 57.27
CA SER A 280 -12.02 -93.40 56.27
C SER A 280 -11.70 -94.89 56.32
N PRO A 281 -11.80 -95.60 55.20
CA PRO A 281 -11.56 -97.05 55.23
C PRO A 281 -10.13 -97.41 55.58
N VAL A 282 -9.15 -96.55 55.27
CA VAL A 282 -7.75 -96.89 55.49
C VAL A 282 -7.34 -96.60 56.93
N THR A 283 -7.48 -95.34 57.35
CA THR A 283 -7.02 -94.96 58.68
C THR A 283 -8.01 -95.38 59.76
N GLY A 284 -9.31 -95.29 59.48
CA GLY A 284 -10.34 -95.57 60.46
C GLY A 284 -10.81 -94.35 61.22
N ALA A 285 -10.06 -93.26 61.19
CA ALA A 285 -10.47 -92.04 61.87
C ALA A 285 -11.71 -91.45 61.19
N THR A 286 -12.63 -90.95 62.01
CA THR A 286 -13.89 -90.42 61.53
C THR A 286 -13.98 -88.92 61.82
N GLU A 287 -14.84 -88.24 61.07
CA GLU A 287 -15.11 -86.83 61.25
C GLU A 287 -16.61 -86.59 61.20
N LYS A 288 -17.06 -85.53 61.87
CA LYS A 288 -18.48 -85.21 61.95
C LYS A 288 -18.86 -84.25 60.82
N ARG A 289 -19.72 -84.71 59.93
CA ARG A 289 -20.17 -83.93 58.79
C ARG A 289 -21.65 -84.16 58.55
N LYS A 290 -22.29 -83.18 57.93
CA LYS A 290 -23.69 -83.31 57.50
C LYS A 290 -23.67 -83.99 56.13
N CYS A 291 -23.70 -85.31 56.12
CA CYS A 291 -23.54 -86.07 54.89
C CYS A 291 -24.86 -86.27 54.17
N ALA A 292 -24.77 -86.59 52.87
CA ALA A 292 -25.91 -86.96 52.07
C ALA A 292 -25.98 -88.47 51.88
N LYS A 293 -27.19 -89.00 51.90
CA LYS A 293 -27.39 -90.44 51.72
C LYS A 293 -26.99 -90.85 50.31
N PRO A 294 -26.03 -91.78 50.14
CA PRO A 294 -25.63 -92.17 48.78
C PRO A 294 -26.61 -93.13 48.13
N LYS B 3 60.36 7.59 34.57
CA LYS B 3 61.75 7.19 34.65
C LYS B 3 61.93 5.72 34.28
N ASP B 4 62.98 5.43 33.52
CA ASP B 4 63.23 4.09 33.01
C ASP B 4 64.32 3.40 33.82
N ILE B 5 64.23 2.07 33.88
CA ILE B 5 65.28 1.24 34.46
C ILE B 5 66.11 0.72 33.31
N GLU B 6 67.34 1.21 33.18
CA GLU B 6 68.21 0.81 32.09
C GLU B 6 68.83 -0.56 32.42
N ILE B 7 68.61 -1.52 31.54
CA ILE B 7 69.23 -2.84 31.64
C ILE B 7 70.26 -2.94 30.52
N SER B 8 71.49 -3.26 30.88
CA SER B 8 72.57 -3.32 29.91
C SER B 8 72.46 -4.56 29.04
N ALA B 9 73.07 -4.46 27.85
CA ALA B 9 73.10 -5.61 26.95
C ALA B 9 73.89 -6.76 27.55
N SER B 10 74.94 -6.45 28.31
CA SER B 10 75.68 -7.50 29.01
C SER B 10 74.83 -8.16 30.08
N GLU B 11 73.96 -7.39 30.74
CA GLU B 11 73.09 -7.95 31.78
C GLU B 11 71.94 -8.74 31.17
N SER B 12 71.32 -8.22 30.12
CA SER B 12 70.25 -8.95 29.46
C SER B 12 70.75 -10.28 28.89
N LYS B 13 71.97 -10.29 28.35
CA LYS B 13 72.54 -11.52 27.80
C LYS B 13 72.90 -12.50 28.91
N PHE B 14 73.50 -12.00 29.99
CA PHE B 14 73.97 -12.88 31.05
C PHE B 14 72.82 -13.59 31.76
N ILE B 15 71.78 -12.83 32.14
CA ILE B 15 70.67 -13.42 32.88
C ILE B 15 69.92 -14.44 32.03
N LEU B 16 69.72 -14.14 30.74
CA LEU B 16 69.02 -15.07 29.87
C LEU B 16 69.88 -16.31 29.60
N GLU B 17 71.18 -16.12 29.41
CA GLU B 17 72.07 -17.28 29.21
C GLU B 17 72.17 -18.12 30.47
N ALA B 18 72.03 -17.51 31.65
CA ALA B 18 72.00 -18.28 32.88
C ALA B 18 70.74 -19.13 32.99
N LEU B 19 69.61 -18.62 32.47
CA LEU B 19 68.39 -19.42 32.45
C LEU B 19 68.54 -20.64 31.55
N ARG B 20 69.26 -20.49 30.43
CA ARG B 20 69.52 -21.63 29.57
C ARG B 20 70.44 -22.66 30.23
N GLN B 21 71.18 -22.26 31.26
CA GLN B 21 72.00 -23.17 32.05
C GLN B 21 71.33 -23.57 33.36
N ASN B 22 70.01 -23.39 33.46
CA ASN B 22 69.24 -23.75 34.65
C ASN B 22 69.78 -23.04 35.90
N TYR B 23 70.07 -21.76 35.77
CA TYR B 23 70.58 -20.95 36.87
C TYR B 23 69.71 -19.71 37.06
N ARG B 24 69.38 -19.43 38.32
CA ARG B 24 68.72 -18.19 38.72
C ARG B 24 69.67 -17.44 39.65
N LEU B 25 69.75 -16.12 39.46
CA LEU B 25 70.74 -15.33 40.19
C LEU B 25 70.59 -15.49 41.70
N ASP B 26 69.35 -15.48 42.20
CA ASP B 26 69.11 -15.60 43.64
C ASP B 26 69.19 -17.05 44.13
N GLY B 27 69.70 -17.97 43.32
CA GLY B 27 69.90 -19.34 43.75
C GLY B 27 68.67 -20.21 43.76
N ARG B 28 67.51 -19.70 43.34
CA ARG B 28 66.30 -20.50 43.34
C ARG B 28 66.28 -21.43 42.13
N SER B 29 65.38 -22.41 42.18
CA SER B 29 65.09 -23.25 41.04
C SER B 29 63.92 -22.68 40.25
N PHE B 30 63.70 -23.24 39.07
CA PHE B 30 62.68 -22.70 38.17
C PHE B 30 61.27 -22.84 38.73
N ASP B 31 61.04 -23.85 39.57
CA ASP B 31 59.71 -24.10 40.14
C ASP B 31 59.61 -23.67 41.59
N GLN B 32 60.54 -22.85 42.07
CA GLN B 32 60.63 -22.48 43.48
C GLN B 32 59.98 -21.13 43.72
N PHE B 33 58.90 -21.12 44.50
CA PHE B 33 58.30 -19.88 44.98
C PHE B 33 59.11 -19.37 46.17
N ARG B 34 59.23 -18.05 46.28
CA ARG B 34 60.01 -17.46 47.36
C ARG B 34 59.38 -17.78 48.71
N ASP B 35 60.22 -17.78 49.75
CA ASP B 35 59.73 -18.03 51.10
C ASP B 35 58.85 -16.86 51.55
N VAL B 36 57.65 -17.20 52.02
CA VAL B 36 56.66 -16.19 52.42
C VAL B 36 56.79 -15.94 53.91
N GLU B 37 57.11 -14.71 54.28
CA GLU B 37 57.18 -14.27 55.67
C GLU B 37 56.03 -13.32 55.96
N ILE B 38 55.24 -13.64 56.98
CA ILE B 38 54.05 -12.86 57.33
C ILE B 38 54.20 -12.35 58.76
N THR B 39 54.10 -11.04 58.92
CA THR B 39 54.20 -10.38 60.22
C THR B 39 52.89 -9.67 60.54
N PHE B 40 52.42 -9.81 61.77
CA PHE B 40 51.18 -9.18 62.21
C PHE B 40 51.47 -8.07 63.20
N GLY B 41 50.78 -6.94 63.03
CA GLY B 41 50.91 -5.81 63.91
C GLY B 41 50.06 -5.97 65.17
N LYS B 42 50.02 -4.90 65.96
CA LYS B 42 49.24 -4.92 67.19
C LYS B 42 47.75 -4.97 66.89
N GLU B 43 47.29 -4.16 65.94
CA GLU B 43 45.88 -4.14 65.58
C GLU B 43 45.54 -5.29 64.64
N PHE B 44 44.29 -5.75 64.71
CA PHE B 44 43.81 -6.75 63.76
C PHE B 44 43.64 -6.12 62.39
N GLY B 45 44.16 -6.78 61.36
CA GLY B 45 44.16 -6.26 60.02
C GLY B 45 45.46 -5.62 59.61
N ASP B 46 46.45 -5.53 60.50
CA ASP B 46 47.78 -5.02 60.19
C ASP B 46 48.67 -6.22 59.89
N VAL B 47 49.07 -6.35 58.63
CA VAL B 47 49.85 -7.50 58.17
C VAL B 47 50.94 -7.00 57.22
N SER B 48 52.14 -7.57 57.35
CA SER B 48 53.28 -7.19 56.53
C SER B 48 53.89 -8.45 55.96
N VAL B 49 53.95 -8.55 54.64
CA VAL B 49 54.43 -9.74 53.94
C VAL B 49 55.77 -9.41 53.29
N LYS B 50 56.69 -10.37 53.33
CA LYS B 50 58.02 -10.23 52.75
C LYS B 50 58.35 -11.47 51.95
N MET B 51 58.89 -11.27 50.74
CA MET B 51 59.34 -12.36 49.88
C MET B 51 60.76 -12.00 49.43
N GLY B 52 61.76 -12.46 50.17
CA GLY B 52 63.11 -12.08 49.88
C GLY B 52 63.32 -10.59 50.13
N ASN B 53 63.36 -9.80 49.05
CA ASN B 53 63.43 -8.36 49.17
C ASN B 53 62.09 -7.67 48.94
N THR B 54 61.13 -8.33 48.30
CA THR B 54 59.83 -7.72 48.08
C THR B 54 59.08 -7.59 49.41
N LYS B 55 58.56 -6.40 49.68
CA LYS B 55 57.87 -6.11 50.93
C LYS B 55 56.56 -5.41 50.62
N VAL B 56 55.46 -5.92 51.19
CA VAL B 56 54.16 -5.27 51.09
C VAL B 56 53.56 -5.20 52.48
N HIS B 57 52.63 -4.26 52.64
CA HIS B 57 51.89 -4.08 53.88
C HIS B 57 50.43 -3.84 53.54
N CYS B 58 49.54 -4.49 54.28
CA CYS B 58 48.10 -4.35 54.09
C CYS B 58 47.44 -3.92 55.40
N ARG B 59 46.38 -3.14 55.27
CA ARG B 59 45.65 -2.60 56.42
C ARG B 59 44.16 -2.80 56.17
N ILE B 60 43.54 -3.66 56.96
CA ILE B 60 42.10 -3.90 56.86
C ILE B 60 41.38 -2.95 57.79
N SER B 61 40.36 -2.28 57.27
CA SER B 61 39.59 -1.31 58.04
C SER B 61 38.13 -1.41 57.60
N CYS B 62 37.24 -0.98 58.50
CA CYS B 62 35.82 -1.05 58.21
C CYS B 62 35.10 0.13 58.85
N GLN B 63 34.11 0.66 58.14
CA GLN B 63 33.24 1.70 58.65
C GLN B 63 31.81 1.36 58.29
N ILE B 64 30.87 1.86 59.08
CA ILE B 64 29.47 1.55 58.84
C ILE B 64 28.94 2.45 57.72
N ALA B 65 28.29 1.84 56.73
CA ALA B 65 27.70 2.57 55.61
C ALA B 65 26.38 1.90 55.23
N GLN B 66 25.76 2.39 54.18
CA GLN B 66 24.49 1.80 53.80
C GLN B 66 24.66 0.92 52.56
N PRO B 67 24.04 -0.26 52.54
CA PRO B 67 24.17 -1.14 51.38
C PRO B 67 23.40 -0.60 50.18
N TYR B 68 23.89 -0.94 48.99
CA TYR B 68 23.20 -0.54 47.77
C TYR B 68 21.80 -1.13 47.74
N GLU B 69 20.86 -0.38 47.17
CA GLU B 69 19.48 -0.85 47.08
C GLU B 69 19.38 -2.09 46.19
N ASP B 70 20.28 -2.23 45.23
CA ASP B 70 20.22 -3.37 44.33
C ASP B 70 20.60 -4.67 45.05
N ARG B 71 21.55 -4.60 45.98
CA ARG B 71 22.00 -5.75 46.77
C ARG B 71 21.79 -5.42 48.24
N PRO B 72 20.54 -5.47 48.72
CA PRO B 72 20.26 -4.95 50.07
C PRO B 72 20.72 -5.85 51.20
N PHE B 73 21.02 -7.12 50.95
CA PHE B 73 21.45 -8.03 52.00
C PHE B 73 22.97 -8.21 52.02
N GLU B 74 23.70 -7.25 51.44
CA GLU B 74 25.13 -7.42 51.16
C GLU B 74 25.90 -6.24 51.71
N GLY B 75 27.00 -6.52 52.38
CA GLY B 75 27.94 -5.49 52.79
C GLY B 75 28.80 -5.02 51.63
N LEU B 76 29.73 -4.12 51.96
CA LEU B 76 30.60 -3.52 50.97
C LEU B 76 32.04 -3.94 51.21
N PHE B 77 32.80 -4.04 50.12
CA PHE B 77 34.19 -4.45 50.20
C PHE B 77 34.93 -3.89 48.99
N VAL B 78 36.06 -3.23 49.24
CA VAL B 78 36.87 -2.63 48.18
C VAL B 78 38.34 -2.78 48.55
N ILE B 79 39.19 -2.84 47.53
CA ILE B 79 40.62 -3.02 47.70
C ILE B 79 41.34 -1.89 46.99
N SER B 80 42.36 -1.33 47.65
CA SER B 80 43.14 -0.23 47.11
C SER B 80 44.60 -0.65 47.02
N THR B 81 45.19 -0.48 45.83
CA THR B 81 46.57 -0.88 45.56
C THR B 81 47.30 0.23 44.80
N GLU B 82 47.29 1.44 45.37
CA GLU B 82 47.94 2.57 44.72
C GLU B 82 49.45 2.47 44.93
N ILE B 83 50.20 2.71 43.87
CA ILE B 83 51.64 2.56 43.87
C ILE B 83 52.27 3.89 44.28
N SER B 84 53.43 3.81 44.90
CA SER B 84 54.15 4.99 45.37
C SER B 84 55.63 4.85 45.03
N PRO B 85 56.36 5.96 44.92
CA PRO B 85 57.80 5.88 44.62
C PRO B 85 58.62 5.23 45.73
N MET B 86 58.00 4.80 46.83
CA MET B 86 58.77 4.16 47.90
C MET B 86 59.30 2.80 47.47
N ALA B 87 58.53 2.07 46.66
CA ALA B 87 58.98 0.78 46.15
C ALA B 87 60.03 0.90 45.07
N GLY B 88 60.41 2.12 44.69
CA GLY B 88 61.36 2.33 43.62
C GLY B 88 60.97 3.52 42.76
N SER B 89 61.95 4.32 42.38
CA SER B 89 61.67 5.53 41.61
C SER B 89 61.08 5.23 40.24
N GLN B 90 61.04 3.97 39.82
CA GLN B 90 60.43 3.62 38.53
C GLN B 90 58.92 3.85 38.52
N PHE B 91 58.28 3.88 39.69
CA PHE B 91 56.83 4.04 39.78
C PHE B 91 56.48 5.51 39.91
N GLU B 92 55.54 5.97 39.09
CA GLU B 92 55.02 7.31 39.23
C GLU B 92 54.00 7.37 40.37
N ASN B 93 53.90 8.55 40.98
CA ASN B 93 53.08 8.72 42.17
C ASN B 93 51.60 8.61 41.79
N GLY B 94 51.00 7.48 42.10
CA GLY B 94 49.56 7.32 41.99
C GLY B 94 48.99 7.40 40.60
N ASN B 95 49.67 6.83 39.61
CA ASN B 95 49.10 6.71 38.26
C ASN B 95 48.28 5.43 38.22
N ILE B 96 46.96 5.58 38.33
CA ILE B 96 46.06 4.44 38.40
C ILE B 96 45.59 4.11 37.00
N THR B 97 46.33 4.58 36.00
CA THR B 97 46.02 4.34 34.60
C THR B 97 47.16 3.70 33.82
N GLY B 98 48.31 3.49 34.44
CA GLY B 98 49.42 2.86 33.75
C GLY B 98 49.11 1.42 33.38
N GLU B 99 49.86 0.93 32.39
CA GLU B 99 49.65 -0.42 31.87
C GLU B 99 49.72 -1.47 32.97
N ASP B 100 50.89 -1.61 33.59
CA ASP B 100 51.08 -2.64 34.61
C ASP B 100 50.27 -2.36 35.86
N GLU B 101 50.06 -1.09 36.20
CA GLU B 101 49.28 -0.78 37.39
C GLU B 101 47.83 -1.22 37.23
N VAL B 102 47.24 -0.99 36.05
CA VAL B 102 45.85 -1.39 35.83
C VAL B 102 45.73 -2.90 35.83
N LEU B 103 46.58 -3.59 35.07
CA LEU B 103 46.52 -5.05 35.00
C LEU B 103 46.69 -5.66 36.38
N CYS B 104 47.76 -5.30 37.08
CA CYS B 104 48.02 -5.88 38.40
C CYS B 104 46.88 -5.59 39.37
N SER B 105 46.29 -4.39 39.29
CA SER B 105 45.17 -4.06 40.17
C SER B 105 43.96 -4.93 39.87
N ARG B 106 43.65 -5.13 38.58
CA ARG B 106 42.50 -5.96 38.22
C ARG B 106 42.70 -7.42 38.60
N ILE B 107 43.95 -7.87 38.70
CA ILE B 107 44.20 -9.25 39.11
C ILE B 107 43.80 -9.45 40.57
N ILE B 108 44.19 -8.51 41.43
CA ILE B 108 43.83 -8.60 42.85
C ILE B 108 42.32 -8.48 43.02
N GLU B 109 41.67 -7.63 42.23
CA GLU B 109 40.22 -7.49 42.32
C GLU B 109 39.52 -8.78 41.92
N LYS B 110 39.99 -9.42 40.84
CA LYS B 110 39.38 -10.67 40.41
C LYS B 110 39.71 -11.84 41.33
N SER B 111 40.82 -11.76 42.05
CA SER B 111 41.24 -12.86 42.90
C SER B 111 40.59 -12.85 44.28
N VAL B 112 40.29 -11.65 44.82
CA VAL B 112 39.80 -11.50 46.18
C VAL B 112 38.38 -10.95 46.21
N ARG B 113 38.13 -9.87 45.47
CA ARG B 113 36.80 -9.26 45.48
C ARG B 113 35.81 -10.09 44.66
N ARG B 114 36.09 -10.27 43.37
CA ARG B 114 35.16 -10.97 42.49
C ARG B 114 34.98 -12.42 42.92
N SER B 115 36.02 -13.03 43.50
CA SER B 115 35.94 -14.44 43.89
C SER B 115 35.03 -14.66 45.09
N GLY B 116 34.68 -13.62 45.82
CA GLY B 116 33.88 -13.79 47.02
C GLY B 116 34.59 -14.52 48.14
N ALA B 117 35.88 -14.24 48.34
CA ALA B 117 36.60 -14.84 49.46
C ALA B 117 36.05 -14.31 50.79
N LEU B 118 35.60 -13.07 50.83
CA LEU B 118 34.98 -12.49 52.00
C LEU B 118 33.48 -12.70 51.96
N ASP B 119 32.90 -13.10 53.09
CA ASP B 119 31.46 -13.32 53.19
C ASP B 119 30.78 -11.96 53.36
N VAL B 120 30.40 -11.35 52.25
CA VAL B 120 29.76 -10.04 52.27
C VAL B 120 28.36 -10.07 52.84
N GLU B 121 27.78 -11.26 53.04
CA GLU B 121 26.48 -11.35 53.69
C GLU B 121 26.58 -11.10 55.18
N GLY B 122 27.69 -11.51 55.81
CA GLY B 122 27.88 -11.26 57.23
C GLY B 122 28.16 -9.81 57.56
N LEU B 123 28.62 -9.03 56.58
CA LEU B 123 28.86 -7.61 56.81
C LEU B 123 27.55 -6.84 56.98
N CYS B 124 26.46 -7.34 56.42
CA CYS B 124 25.16 -6.69 56.54
C CYS B 124 24.70 -6.69 57.98
N ILE B 125 24.30 -5.52 58.48
CA ILE B 125 23.86 -5.38 59.87
C ILE B 125 22.34 -5.56 59.93
N VAL B 126 21.61 -4.66 59.28
CA VAL B 126 20.17 -4.80 59.09
C VAL B 126 19.89 -4.72 57.60
N ALA B 127 18.82 -5.40 57.17
CA ALA B 127 18.61 -5.61 55.75
C ALA B 127 18.37 -4.30 54.99
N GLY B 128 17.64 -3.36 55.58
CA GLY B 128 17.38 -2.19 54.77
C GLY B 128 18.53 -1.19 54.66
N SER B 129 18.99 -0.65 55.79
CA SER B 129 20.17 0.22 55.75
C SER B 129 21.26 -0.39 56.62
N LYS B 130 22.24 0.42 57.04
CA LYS B 130 23.30 -0.03 57.94
C LYS B 130 23.99 -1.35 57.57
N CYS B 131 25.25 -1.27 57.17
CA CYS B 131 26.05 -2.46 56.90
C CYS B 131 27.51 -2.11 57.15
N TRP B 132 28.38 -3.12 57.06
CA TRP B 132 29.80 -2.90 57.20
C TRP B 132 30.42 -2.67 55.82
N ALA B 133 31.32 -1.69 55.75
CA ALA B 133 32.05 -1.38 54.53
C ALA B 133 33.52 -1.66 54.80
N VAL B 134 33.98 -2.83 54.38
CA VAL B 134 35.36 -3.25 54.63
C VAL B 134 36.24 -2.72 53.51
N ARG B 135 37.49 -2.39 53.87
CA ARG B 135 38.44 -1.82 52.93
C ARG B 135 39.80 -2.48 53.17
N ALA B 136 40.46 -2.88 52.09
CA ALA B 136 41.77 -3.51 52.15
C ALA B 136 42.75 -2.64 51.37
N ASP B 137 43.62 -1.95 52.09
CA ASP B 137 44.59 -1.05 51.48
C ASP B 137 45.97 -1.72 51.48
N VAL B 138 46.59 -1.79 50.30
CA VAL B 138 47.88 -2.44 50.12
C VAL B 138 48.93 -1.36 49.90
N HIS B 139 50.04 -1.48 50.62
CA HIS B 139 51.15 -0.52 50.54
C HIS B 139 52.39 -1.26 50.05
N PHE B 140 52.76 -1.03 48.79
CA PHE B 140 53.97 -1.62 48.23
C PHE B 140 55.17 -0.87 48.76
N LEU B 141 55.91 -1.49 49.67
CA LEU B 141 57.02 -0.82 50.33
C LEU B 141 58.32 -0.95 49.55
N ASP B 142 58.65 -2.16 49.11
CA ASP B 142 59.88 -2.42 48.37
C ASP B 142 59.58 -3.40 47.24
N CYS B 143 60.01 -3.07 46.03
CA CYS B 143 59.69 -3.85 44.85
C CYS B 143 60.91 -4.64 44.41
N ASP B 144 60.81 -5.97 44.49
CA ASP B 144 61.75 -6.88 43.88
C ASP B 144 61.00 -7.91 43.05
N GLY B 145 59.97 -7.44 42.35
CA GLY B 145 59.12 -8.32 41.57
C GLY B 145 58.08 -9.03 42.43
N GLY B 146 57.11 -9.62 41.75
CA GLY B 146 56.07 -10.38 42.44
C GLY B 146 55.11 -9.53 43.26
N PHE B 147 54.76 -8.35 42.76
CA PHE B 147 53.80 -7.50 43.47
C PHE B 147 52.41 -8.13 43.50
N ILE B 148 52.02 -8.79 42.40
CA ILE B 148 50.70 -9.42 42.34
C ILE B 148 50.58 -10.53 43.37
N ASP B 149 51.57 -11.44 43.40
CA ASP B 149 51.50 -12.58 44.33
C ASP B 149 51.57 -12.12 45.77
N ALA B 150 52.38 -11.08 46.05
CA ALA B 150 52.52 -10.60 47.42
C ALA B 150 51.25 -9.91 47.91
N SER B 151 50.62 -9.12 47.05
CA SER B 151 49.39 -8.45 47.42
C SER B 151 48.28 -9.44 47.77
N CYS B 152 48.12 -10.49 46.96
CA CYS B 152 47.07 -11.47 47.20
C CYS B 152 47.23 -12.15 48.57
N ILE B 153 48.47 -12.45 48.95
CA ILE B 153 48.72 -13.07 50.25
C ILE B 153 48.47 -12.07 51.38
N ALA B 154 48.89 -10.81 51.17
CA ALA B 154 48.72 -9.79 52.21
C ALA B 154 47.24 -9.50 52.47
N VAL B 155 46.42 -9.42 51.41
CA VAL B 155 45.01 -9.10 51.59
C VAL B 155 44.30 -10.22 52.34
N MET B 156 44.54 -11.47 51.95
CA MET B 156 43.85 -12.58 52.59
C MET B 156 44.30 -12.77 54.04
N ALA B 157 45.61 -12.71 54.28
CA ALA B 157 46.10 -12.80 55.66
C ALA B 157 45.52 -11.68 56.52
N GLY B 158 45.34 -10.50 55.95
CA GLY B 158 44.74 -9.41 56.70
C GLY B 158 43.27 -9.64 56.99
N LEU B 159 42.50 -10.04 55.97
CA LEU B 159 41.07 -10.26 56.14
C LEU B 159 40.79 -11.32 57.19
N MET B 160 41.63 -12.36 57.24
CA MET B 160 41.45 -13.40 58.25
C MET B 160 41.88 -12.92 59.62
N HIS B 161 42.96 -12.15 59.69
CA HIS B 161 43.44 -11.63 60.96
C HIS B 161 42.53 -10.54 61.51
N PHE B 162 41.88 -9.78 60.64
CA PHE B 162 41.05 -8.66 61.06
C PHE B 162 39.83 -9.15 61.84
N LYS B 163 39.40 -8.31 62.81
CA LYS B 163 38.21 -8.57 63.60
C LYS B 163 37.37 -7.31 63.62
N LYS B 164 36.08 -7.44 63.20
CA LYS B 164 35.27 -6.23 63.24
C LYS B 164 34.63 -6.05 64.61
N PRO B 165 34.38 -4.82 65.03
CA PRO B 165 33.84 -4.60 66.38
C PRO B 165 32.42 -5.13 66.51
N ASP B 166 32.11 -5.66 67.71
CA ASP B 166 30.78 -6.18 67.98
C ASP B 166 29.77 -5.04 68.04
N ILE B 167 28.58 -5.28 67.48
CA ILE B 167 27.53 -4.28 67.42
C ILE B 167 26.25 -4.90 67.96
N THR B 168 25.45 -4.09 68.67
CA THR B 168 24.14 -4.48 69.14
C THR B 168 23.13 -3.47 68.60
N VAL B 169 22.08 -3.96 67.97
CA VAL B 169 21.11 -3.12 67.27
C VAL B 169 19.82 -3.08 68.07
N HIS B 170 19.29 -1.87 68.26
CA HIS B 170 17.99 -1.65 68.89
C HIS B 170 17.08 -1.01 67.83
N GLY B 171 16.62 -1.85 66.90
CA GLY B 171 15.80 -1.37 65.79
C GLY B 171 16.58 -0.54 64.81
N GLU B 172 16.44 0.79 64.89
CA GLU B 172 17.21 1.71 64.08
C GLU B 172 18.49 2.16 64.78
N GLN B 173 18.67 1.79 66.04
CA GLN B 173 19.83 2.21 66.81
C GLN B 173 20.93 1.16 66.65
N ILE B 174 22.02 1.55 65.99
CA ILE B 174 23.19 0.69 65.87
C ILE B 174 24.23 1.19 66.85
N ILE B 175 24.45 0.44 67.93
CA ILE B 175 25.41 0.80 68.95
C ILE B 175 26.67 -0.01 68.67
N VAL B 176 27.68 0.64 68.11
CA VAL B 176 28.94 -0.01 67.80
C VAL B 176 29.81 -0.03 69.07
N HIS B 177 29.94 -1.21 69.66
CA HIS B 177 30.69 -1.31 70.90
C HIS B 177 32.18 -1.18 70.61
N PRO B 178 32.92 -0.39 71.39
CA PRO B 178 34.37 -0.33 71.19
C PRO B 178 35.04 -1.61 71.65
N VAL B 179 36.31 -1.75 71.27
CA VAL B 179 37.05 -2.96 71.58
C VAL B 179 37.23 -3.12 73.10
N ASN B 180 37.22 -2.01 73.84
CA ASN B 180 37.35 -2.10 75.29
C ASN B 180 36.05 -2.56 75.95
N GLU B 181 34.91 -2.30 75.32
CA GLU B 181 33.63 -2.73 75.87
C GLU B 181 33.42 -4.23 75.64
N ARG B 182 33.26 -4.62 74.38
CA ARG B 182 33.07 -6.02 74.02
C ARG B 182 34.08 -6.40 72.95
N GLU B 183 34.51 -7.66 72.99
CA GLU B 183 35.55 -8.12 72.09
C GLU B 183 35.03 -8.12 70.64
N PRO B 184 35.91 -7.92 69.68
CA PRO B 184 35.48 -7.90 68.27
C PRO B 184 35.26 -9.30 67.73
N VAL B 185 34.45 -9.36 66.68
CA VAL B 185 34.13 -10.63 66.03
C VAL B 185 34.91 -10.72 64.73
N PRO B 186 35.43 -11.89 64.36
CA PRO B 186 36.23 -12.00 63.13
C PRO B 186 35.34 -11.99 61.90
N LEU B 187 35.99 -11.92 60.75
CA LEU B 187 35.32 -11.91 59.46
C LEU B 187 35.05 -13.34 58.98
N GLY B 188 34.10 -13.46 58.05
CA GLY B 188 33.76 -14.73 57.45
C GLY B 188 34.47 -14.91 56.13
N ILE B 189 35.33 -15.92 56.06
CA ILE B 189 36.12 -16.22 54.87
C ILE B 189 35.57 -17.49 54.23
N LEU B 190 35.15 -17.40 52.97
CA LEU B 190 34.62 -18.56 52.28
C LEU B 190 35.71 -19.42 51.65
N HIS B 191 36.79 -18.80 51.17
CA HIS B 191 37.92 -19.54 50.63
C HIS B 191 39.14 -18.62 50.61
N ILE B 192 40.31 -19.24 50.52
CA ILE B 192 41.58 -18.50 50.56
C ILE B 192 42.25 -18.57 49.19
N PRO B 193 42.07 -17.56 48.34
CA PRO B 193 42.74 -17.57 47.04
C PRO B 193 44.18 -17.09 47.15
N ILE B 194 45.06 -17.73 46.37
CA ILE B 194 46.48 -17.40 46.34
C ILE B 194 46.91 -17.26 44.88
N CYS B 195 47.68 -16.22 44.59
CA CYS B 195 48.16 -15.95 43.24
C CYS B 195 49.58 -16.45 43.06
N VAL B 196 49.82 -17.16 41.97
CA VAL B 196 51.17 -17.60 41.56
C VAL B 196 51.39 -17.10 40.14
N THR B 197 52.47 -16.34 39.95
CA THR B 197 52.74 -15.66 38.68
C THR B 197 53.93 -16.33 38.00
N PHE B 198 53.72 -16.77 36.76
CA PHE B 198 54.76 -17.41 35.96
C PHE B 198 55.31 -16.40 34.96
N SER B 199 56.64 -16.35 34.84
CA SER B 199 57.32 -15.48 33.89
C SER B 199 57.99 -16.32 32.82
N PHE B 200 57.72 -15.98 31.56
CA PHE B 200 58.21 -16.76 30.43
C PHE B 200 59.36 -16.06 29.73
N PHE B 201 60.32 -16.86 29.25
CA PHE B 201 61.49 -16.36 28.55
C PHE B 201 61.69 -17.16 27.28
N ASN B 202 61.85 -16.44 26.16
CA ASN B 202 62.06 -17.09 24.87
C ASN B 202 63.57 -17.11 24.58
N PRO B 203 64.24 -18.25 24.72
CA PRO B 203 65.68 -18.31 24.42
C PRO B 203 66.00 -18.28 22.93
N GLN B 204 64.99 -18.31 22.06
CA GLN B 204 65.21 -18.32 20.63
C GLN B 204 64.48 -17.15 19.97
N ASP B 205 64.05 -17.33 18.72
CA ASP B 205 63.45 -16.27 17.96
C ASP B 205 61.92 -16.34 18.02
N THR B 206 61.28 -15.29 17.49
CA THR B 206 59.82 -15.28 17.42
C THR B 206 59.30 -16.24 16.37
N GLU B 207 60.11 -16.51 15.33
CA GLU B 207 59.69 -17.46 14.30
C GLU B 207 59.61 -18.88 14.87
N GLU B 208 60.51 -19.23 15.79
CA GLU B 208 60.49 -20.54 16.42
C GLU B 208 59.42 -20.63 17.51
N ASN B 209 58.78 -19.52 17.86
CA ASN B 209 57.68 -19.55 18.82
C ASN B 209 56.32 -19.68 18.15
N ILE B 210 56.15 -19.10 16.96
CA ILE B 210 54.88 -19.19 16.26
C ILE B 210 54.78 -20.49 15.46
N LYS B 211 55.88 -20.91 14.83
CA LYS B 211 55.88 -22.07 13.95
C LYS B 211 56.89 -23.14 14.37
N GLY B 212 57.40 -23.07 15.59
CA GLY B 212 58.44 -24.01 16.02
C GLY B 212 57.85 -25.36 16.44
N GLU B 213 58.55 -26.42 16.09
CA GLU B 213 58.10 -27.76 16.44
C GLU B 213 58.32 -28.03 17.93
N THR B 214 59.57 -27.97 18.37
CA THR B 214 59.90 -28.24 19.78
C THR B 214 59.86 -26.93 20.54
N ASN B 215 58.95 -26.83 21.50
CA ASN B 215 58.79 -25.61 22.28
C ASN B 215 59.90 -25.52 23.33
N SER B 216 60.65 -24.43 23.30
CA SER B 216 61.80 -24.25 24.19
C SER B 216 61.64 -23.08 25.14
N GLU B 217 60.43 -22.54 25.30
CA GLU B 217 60.23 -21.39 26.16
C GLU B 217 60.42 -21.78 27.62
N ILE B 218 61.20 -20.98 28.34
CA ILE B 218 61.53 -21.25 29.74
C ILE B 218 60.49 -20.60 30.63
N SER B 219 60.05 -21.33 31.66
CA SER B 219 59.08 -20.84 32.62
C SER B 219 59.70 -20.86 34.01
N ILE B 220 59.62 -19.73 34.72
CA ILE B 220 60.06 -19.65 36.10
C ILE B 220 58.93 -19.05 36.94
N ILE B 221 58.93 -19.40 38.23
CA ILE B 221 57.88 -18.99 39.15
C ILE B 221 58.39 -17.85 40.01
N ASP B 222 57.56 -16.81 40.14
CA ASP B 222 57.85 -15.69 41.03
C ASP B 222 59.18 -15.03 40.69
N ALA B 223 59.21 -14.23 39.63
CA ALA B 223 60.45 -13.64 39.16
C ALA B 223 60.85 -12.44 40.01
N THR B 224 62.16 -12.23 40.13
CA THR B 224 62.67 -11.03 40.77
C THR B 224 62.52 -9.84 39.83
N LEU B 225 62.95 -8.66 40.29
CA LEU B 225 62.79 -7.46 39.47
C LEU B 225 63.61 -7.58 38.19
N LYS B 226 64.86 -8.03 38.30
CA LYS B 226 65.69 -8.18 37.10
C LYS B 226 65.12 -9.25 36.17
N GLU B 227 64.65 -10.36 36.73
CA GLU B 227 64.02 -11.38 35.90
C GLU B 227 62.71 -10.87 35.30
N GLU B 228 61.94 -10.11 36.08
CA GLU B 228 60.66 -9.58 35.59
C GLU B 228 60.88 -8.61 34.44
N LEU B 229 61.93 -7.78 34.51
CA LEU B 229 62.17 -6.79 33.48
C LEU B 229 62.61 -7.42 32.15
N LEU B 230 63.13 -8.64 32.18
CA LEU B 230 63.64 -9.30 30.99
C LEU B 230 62.69 -10.35 30.42
N ARG B 231 61.56 -10.60 31.07
CA ARG B 231 60.67 -11.66 30.62
C ARG B 231 59.94 -11.27 29.35
N ASP B 232 59.58 -12.27 28.56
CA ASP B 232 58.83 -12.08 27.32
C ASP B 232 57.35 -12.39 27.46
N GLY B 233 56.93 -12.95 28.59
CA GLY B 233 55.53 -13.24 28.82
C GLY B 233 55.28 -13.49 30.29
N VAL B 234 54.02 -13.33 30.69
CA VAL B 234 53.63 -13.46 32.09
C VAL B 234 52.29 -14.17 32.17
N LEU B 235 52.14 -15.01 33.20
CA LEU B 235 50.90 -15.73 33.46
C LEU B 235 50.65 -15.73 34.97
N THR B 236 49.50 -15.21 35.38
CA THR B 236 49.11 -15.17 36.79
C THR B 236 47.90 -16.09 36.98
N VAL B 237 48.08 -17.13 37.80
CA VAL B 237 47.03 -18.09 38.09
C VAL B 237 46.69 -18.01 39.57
N THR B 238 45.39 -18.14 39.88
CA THR B 238 44.89 -18.04 41.25
C THR B 238 44.10 -19.29 41.59
N LEU B 239 44.48 -19.96 42.68
CA LEU B 239 43.84 -21.19 43.09
C LEU B 239 43.57 -21.17 44.59
N ASN B 240 42.75 -22.12 45.04
CA ASN B 240 42.53 -22.37 46.46
C ASN B 240 42.59 -23.88 46.70
N LYS B 241 42.65 -24.26 47.98
CA LYS B 241 42.78 -25.66 48.35
C LYS B 241 41.60 -26.52 47.92
N ASN B 242 40.49 -25.91 47.51
CA ASN B 242 39.33 -26.65 47.02
C ASN B 242 39.49 -27.11 45.58
N ARG B 243 40.69 -27.07 45.03
CA ARG B 243 40.96 -27.43 43.63
C ARG B 243 40.13 -26.59 42.67
N GLU B 244 39.91 -25.32 43.02
CA GLU B 244 39.22 -24.39 42.16
C GLU B 244 40.23 -23.46 41.50
N VAL B 245 40.09 -23.27 40.19
CA VAL B 245 40.85 -22.23 39.49
C VAL B 245 40.06 -20.94 39.65
N VAL B 246 40.52 -20.06 40.55
CA VAL B 246 39.79 -18.85 40.85
C VAL B 246 39.81 -17.91 39.65
N GLN B 247 40.99 -17.66 39.10
CA GLN B 247 41.12 -16.85 37.90
C GLN B 247 42.48 -17.12 37.26
N VAL B 248 42.54 -16.92 35.95
CA VAL B 248 43.78 -17.01 35.19
C VAL B 248 43.86 -15.79 34.28
N SER B 249 45.04 -15.20 34.20
CA SER B 249 45.25 -13.99 33.40
C SER B 249 46.56 -14.12 32.66
N LYS B 250 46.48 -14.32 31.34
CA LYS B 250 47.65 -14.32 30.45
C LYS B 250 47.31 -13.35 29.33
N ALA B 251 47.45 -12.05 29.62
CA ALA B 251 47.07 -11.00 28.67
C ALA B 251 48.25 -10.70 27.76
N GLY B 252 48.17 -11.18 26.53
CA GLY B 252 49.21 -10.92 25.56
C GLY B 252 50.53 -11.55 25.94
N GLY B 253 51.59 -11.05 25.31
CA GLY B 253 52.91 -11.55 25.56
C GLY B 253 53.24 -12.77 24.71
N LEU B 254 54.34 -13.41 25.08
CA LEU B 254 54.85 -14.60 24.40
C LEU B 254 53.78 -15.69 24.32
N PRO B 255 53.33 -16.04 23.12
CA PRO B 255 52.34 -17.12 22.98
C PRO B 255 52.86 -18.42 23.57
N MET B 256 52.03 -19.06 24.38
CA MET B 256 52.40 -20.27 25.10
C MET B 256 51.50 -21.42 24.70
N ASP B 257 52.08 -22.62 24.60
CA ASP B 257 51.31 -23.81 24.32
C ASP B 257 50.28 -24.02 25.42
N ALA B 258 49.06 -24.40 25.01
CA ALA B 258 47.96 -24.49 25.97
C ALA B 258 48.26 -25.48 27.09
N LEU B 259 48.81 -26.65 26.74
CA LEU B 259 49.11 -27.64 27.76
C LEU B 259 50.20 -27.13 28.70
N THR B 260 51.16 -26.35 28.19
CA THR B 260 52.20 -25.78 29.05
C THR B 260 51.59 -24.88 30.12
N LEU B 261 50.63 -24.03 29.73
CA LEU B 261 49.92 -23.22 30.73
C LEU B 261 49.12 -24.10 31.66
N MET B 262 48.58 -25.22 31.18
CA MET B 262 47.83 -26.13 32.04
C MET B 262 48.72 -26.77 33.09
N LYS B 263 49.93 -27.19 32.70
CA LYS B 263 50.87 -27.72 33.68
C LYS B 263 51.29 -26.67 34.69
N CYS B 264 51.24 -25.39 34.31
CA CYS B 264 51.51 -24.31 35.25
C CYS B 264 50.43 -24.26 36.33
N CYS B 265 49.16 -24.40 35.93
CA CYS B 265 48.07 -24.40 36.92
C CYS B 265 48.26 -25.53 37.94
N HIS B 266 48.59 -26.72 37.46
CA HIS B 266 48.85 -27.84 38.38
C HIS B 266 50.14 -27.64 39.15
N GLU B 267 51.14 -26.99 38.55
CA GLU B 267 52.35 -26.63 39.29
C GLU B 267 52.02 -25.75 40.48
N ALA B 268 51.13 -24.77 40.28
CA ALA B 268 50.85 -23.79 41.32
C ALA B 268 50.08 -24.39 42.48
N TYR B 269 49.29 -25.44 42.23
CA TYR B 269 48.50 -26.02 43.32
C TYR B 269 49.39 -26.63 44.40
N SER B 270 50.57 -27.13 44.02
CA SER B 270 51.53 -27.59 45.03
C SER B 270 51.96 -26.44 45.93
N ILE B 271 52.08 -25.24 45.36
CA ILE B 271 52.55 -24.09 46.12
C ILE B 271 51.43 -23.50 46.98
N ILE B 272 50.25 -23.33 46.41
CA ILE B 272 49.16 -22.69 47.14
C ILE B 272 48.69 -23.55 48.31
N GLU B 273 48.97 -24.86 48.30
CA GLU B 273 48.73 -25.67 49.49
C GLU B 273 49.74 -25.34 50.58
N LYS B 274 51.02 -25.21 50.20
CA LYS B 274 52.05 -24.85 51.16
C LYS B 274 51.79 -23.47 51.76
N ILE B 275 51.29 -22.53 50.95
CA ILE B 275 51.08 -21.17 51.43
C ILE B 275 49.82 -21.07 52.28
N THR B 276 48.73 -21.72 51.85
CA THR B 276 47.48 -21.66 52.61
C THR B 276 47.66 -22.23 54.00
N ASP B 277 48.28 -23.42 54.10
CA ASP B 277 48.54 -23.99 55.42
C ASP B 277 49.49 -23.11 56.22
N GLN B 278 50.42 -22.42 55.53
CA GLN B 278 51.36 -21.55 56.24
C GLN B 278 50.65 -20.31 56.79
N ILE B 279 49.72 -19.74 56.04
CA ILE B 279 48.99 -18.57 56.51
C ILE B 279 48.15 -18.93 57.74
N LEU B 280 47.43 -20.03 57.67
CA LEU B 280 46.59 -20.47 58.79
C LEU B 280 47.44 -20.77 60.02
N GLN B 281 48.66 -21.25 59.83
CA GLN B 281 49.52 -21.56 60.96
C GLN B 281 50.00 -20.31 61.67
N LEU B 282 50.50 -19.33 60.90
CA LEU B 282 50.96 -18.08 61.50
C LEU B 282 49.83 -17.33 62.18
N LEU B 283 48.59 -17.53 61.73
CA LEU B 283 47.45 -16.96 62.42
C LEU B 283 47.18 -17.67 63.74
N LYS B 284 47.22 -19.00 63.72
CA LYS B 284 47.06 -19.76 64.96
C LYS B 284 48.16 -19.42 65.96
N GLU B 285 49.39 -19.30 65.48
CA GLU B 285 50.49 -18.91 66.36
C GLU B 285 50.29 -17.50 66.91
N ASP B 286 49.83 -16.58 66.06
CA ASP B 286 49.57 -15.22 66.52
C ASP B 286 48.45 -15.18 67.55
N SER B 287 47.39 -15.97 67.34
CA SER B 287 46.31 -16.01 68.30
C SER B 287 46.75 -16.61 69.62
N GLU B 288 47.53 -17.70 69.58
CA GLU B 288 48.03 -18.29 70.82
C GLU B 288 48.98 -17.35 71.56
N LYS B 289 49.70 -16.51 70.83
CA LYS B 289 50.57 -15.53 71.48
C LYS B 289 49.77 -14.49 72.23
N ARG B 290 48.61 -14.11 71.70
CA ARG B 290 47.78 -13.09 72.34
C ARG B 290 47.08 -13.65 73.58
N ASN B 291 46.73 -14.94 73.57
CA ASN B 291 46.15 -15.56 74.74
C ASN B 291 47.20 -15.80 75.83
N LYS B 292 48.47 -15.94 75.45
CA LYS B 292 49.53 -16.08 76.44
C LYS B 292 49.80 -14.76 77.16
N TYR B 293 49.65 -13.63 76.46
CA TYR B 293 49.79 -12.35 77.11
C TYR B 293 48.51 -11.94 77.84
N ALA B 294 47.38 -12.55 77.48
CA ALA B 294 46.16 -12.38 78.27
C ALA B 294 46.22 -13.16 79.56
N ALA B 295 46.98 -14.26 79.58
CA ALA B 295 47.21 -15.00 80.81
C ALA B 295 48.22 -14.29 81.71
N MET B 296 49.21 -13.62 81.11
CA MET B 296 50.16 -12.84 81.89
C MET B 296 49.56 -11.55 82.44
N LEU B 297 48.40 -11.15 81.95
CA LEU B 297 47.70 -9.96 82.45
C LEU B 297 46.53 -10.37 83.34
N ARG C 6 10.24 -19.02 28.63
CA ARG C 6 10.32 -20.43 28.97
C ARG C 6 11.76 -20.93 28.78
N LEU C 7 12.59 -20.09 28.15
CA LEU C 7 13.95 -20.46 27.78
C LEU C 7 14.74 -21.08 28.93
N GLU C 8 15.78 -21.84 28.59
CA GLU C 8 16.69 -22.43 29.57
C GLU C 8 18.11 -22.23 29.10
N ILE C 9 19.04 -22.37 30.04
CA ILE C 9 20.46 -22.25 29.71
C ILE C 9 20.91 -23.44 28.87
N TYR C 10 20.70 -24.65 29.39
CA TYR C 10 21.03 -25.87 28.66
C TYR C 10 19.92 -26.89 28.95
N SER C 11 19.00 -27.05 27.99
CA SER C 11 17.83 -27.90 28.17
C SER C 11 18.23 -29.37 28.27
N PRO C 12 17.32 -30.23 28.73
CA PRO C 12 17.65 -31.67 28.79
C PRO C 12 17.93 -32.28 27.43
N GLU C 13 17.35 -31.75 26.35
CA GLU C 13 17.65 -32.27 25.03
C GLU C 13 19.00 -31.79 24.50
N GLY C 14 19.64 -30.86 25.19
CA GLY C 14 20.93 -30.33 24.75
C GLY C 14 20.85 -29.07 23.93
N LEU C 15 19.79 -28.28 24.08
CA LEU C 15 19.57 -27.06 23.31
C LEU C 15 19.68 -25.85 24.22
N ARG C 16 20.35 -24.80 23.72
CA ARG C 16 20.52 -23.56 24.45
C ARG C 16 19.40 -22.57 24.10
N LEU C 17 19.53 -21.35 24.62
CA LEU C 17 18.48 -20.35 24.50
C LEU C 17 18.14 -20.07 23.04
N ASP C 18 19.16 -19.95 22.19
CA ASP C 18 18.95 -19.70 20.77
C ASP C 18 18.71 -20.97 19.97
N GLY C 19 18.76 -22.14 20.61
CA GLY C 19 18.58 -23.40 19.92
C GLY C 19 19.87 -24.06 19.50
N ARG C 20 21.00 -23.60 20.00
CA ARG C 20 22.31 -24.15 19.65
C ARG C 20 22.63 -25.35 20.54
N ARG C 21 23.42 -26.27 19.99
CA ARG C 21 23.99 -27.33 20.79
C ARG C 21 25.30 -26.85 21.42
N TRP C 22 25.88 -27.70 22.26
CA TRP C 22 27.03 -27.26 23.07
C TRP C 22 28.21 -26.86 22.20
N ASN C 23 28.39 -27.51 21.04
CA ASN C 23 29.53 -27.27 20.17
C ASN C 23 29.16 -26.49 18.92
N GLU C 24 28.15 -25.63 19.01
CA GLU C 24 27.70 -24.82 17.89
C GLU C 24 28.15 -23.37 18.09
N LEU C 25 28.67 -22.78 17.02
CA LEU C 25 29.06 -21.38 17.04
C LEU C 25 27.84 -20.50 16.79
N ARG C 26 28.02 -19.20 16.98
CA ARG C 26 27.01 -18.23 16.56
C ARG C 26 27.24 -17.83 15.11
N ARG C 27 26.24 -17.16 14.54
CA ARG C 27 26.34 -16.69 13.16
C ARG C 27 27.53 -15.76 13.01
N PHE C 28 28.52 -16.20 12.25
CA PHE C 28 29.79 -15.49 12.11
C PHE C 28 29.85 -14.89 10.72
N GLU C 29 29.92 -13.56 10.65
CA GLU C 29 30.00 -12.85 9.37
C GLU C 29 30.99 -11.72 9.52
N SER C 30 32.04 -11.74 8.70
CA SER C 30 33.09 -10.75 8.74
C SER C 30 33.09 -9.96 7.43
N SER C 31 33.63 -8.74 7.51
CA SER C 31 33.74 -7.86 6.35
C SER C 31 35.06 -7.12 6.41
N ILE C 32 35.63 -6.86 5.24
CA ILE C 32 36.94 -6.25 5.10
C ILE C 32 36.81 -5.02 4.21
N ASN C 33 37.61 -3.99 4.51
CA ASN C 33 37.60 -2.74 3.76
C ASN C 33 36.25 -2.04 3.89
N THR C 34 35.75 -1.98 5.13
CA THR C 34 34.43 -1.42 5.38
C THR C 34 34.45 0.11 5.46
N HIS C 35 35.58 0.70 5.82
CA HIS C 35 35.73 2.15 5.92
C HIS C 35 37.04 2.56 5.25
N PRO C 36 37.09 2.53 3.91
CA PRO C 36 38.34 2.90 3.24
C PRO C 36 38.69 4.37 3.38
N HIS C 37 37.69 5.25 3.42
CA HIS C 37 37.91 6.69 3.55
C HIS C 37 37.98 7.14 5.01
N ALA C 38 38.51 6.30 5.90
CA ALA C 38 38.61 6.66 7.30
C ALA C 38 39.77 5.96 7.99
N ALA C 39 40.34 4.95 7.33
CA ALA C 39 41.46 4.21 7.91
C ALA C 39 42.14 3.39 6.81
N ASP C 40 43.40 3.04 7.07
CA ASP C 40 44.12 2.17 6.15
C ASP C 40 43.47 0.80 6.06
N GLY C 41 43.14 0.21 7.20
CA GLY C 41 42.44 -1.06 7.23
C GLY C 41 41.22 -0.99 8.12
N SER C 42 40.16 -1.68 7.71
CA SER C 42 38.89 -1.64 8.43
C SER C 42 38.26 -3.03 8.41
N SER C 43 37.41 -3.28 9.39
CA SER C 43 36.71 -4.55 9.51
C SER C 43 35.42 -4.35 10.28
N TYR C 44 34.36 -5.01 9.84
CA TYR C 44 33.06 -4.99 10.51
C TYR C 44 32.79 -6.39 11.03
N MET C 45 32.66 -6.51 12.36
CA MET C 45 32.50 -7.81 13.01
C MET C 45 31.04 -8.04 13.35
N GLU C 46 30.50 -9.20 12.93
CA GLU C 46 29.13 -9.60 13.22
C GLU C 46 29.13 -11.03 13.75
N GLN C 47 29.60 -11.20 14.98
CA GLN C 47 29.62 -12.51 15.63
C GLN C 47 28.40 -12.60 16.54
N GLY C 48 27.36 -13.28 16.06
CA GLY C 48 26.11 -13.30 16.81
C GLY C 48 25.43 -11.95 16.72
N ASN C 49 24.98 -11.45 17.88
CA ASN C 49 24.41 -10.11 17.93
C ASN C 49 25.48 -9.02 17.98
N ASN C 50 26.73 -9.38 18.24
CA ASN C 50 27.79 -8.39 18.34
C ASN C 50 27.96 -7.66 17.01
N LYS C 51 28.26 -6.37 17.10
CA LYS C 51 28.53 -5.54 15.93
C LYS C 51 29.68 -4.59 16.30
N ILE C 52 30.83 -4.78 15.68
CA ILE C 52 32.05 -4.07 16.05
C ILE C 52 32.69 -3.50 14.79
N ILE C 53 32.96 -2.20 14.80
CA ILE C 53 33.73 -1.53 13.77
C ILE C 53 35.16 -1.39 14.25
N THR C 54 36.11 -1.82 13.44
CA THR C 54 37.53 -1.76 13.77
C THR C 54 38.25 -0.97 12.69
N LEU C 55 38.94 0.09 13.09
CA LEU C 55 39.70 0.95 12.17
C LEU C 55 41.17 0.92 12.54
N VAL C 56 42.01 0.60 11.57
CA VAL C 56 43.47 0.62 11.74
C VAL C 56 44.02 1.78 10.93
N LYS C 57 44.66 2.72 11.63
CA LYS C 57 45.24 3.92 11.01
C LYS C 57 46.76 3.84 11.15
N GLY C 58 47.44 3.70 10.02
CA GLY C 58 48.89 3.65 10.02
C GLY C 58 49.50 2.54 9.19
N PRO C 59 50.82 2.33 9.32
CA PRO C 59 51.78 3.10 10.13
C PRO C 59 51.98 4.53 9.64
N LYS C 60 52.03 5.48 10.56
CA LYS C 60 52.11 6.89 10.23
C LYS C 60 53.07 7.59 11.18
N GLU C 61 53.40 8.83 10.84
CA GLU C 61 54.33 9.61 11.67
C GLU C 61 53.65 9.96 13.00
N PRO C 62 54.33 9.79 14.13
CA PRO C 62 53.70 10.09 15.42
C PRO C 62 53.39 11.57 15.57
N ARG C 63 52.42 11.85 16.44
CA ARG C 63 51.99 13.23 16.66
C ARG C 63 52.98 14.00 17.51
N LEU C 64 53.42 13.40 18.62
CA LEU C 64 54.43 14.00 19.50
C LEU C 64 55.76 13.30 19.26
N LYS C 65 56.79 14.09 18.93
CA LYS C 65 58.13 13.53 18.73
C LYS C 65 58.62 12.82 19.98
N SER C 66 58.07 13.14 21.15
CA SER C 66 58.39 12.39 22.37
C SER C 66 57.98 10.93 22.22
N GLN C 67 56.74 10.68 21.80
CA GLN C 67 56.24 9.32 21.61
C GLN C 67 56.79 8.80 20.28
N MET C 68 58.04 8.34 20.35
CA MET C 68 58.76 7.82 19.19
C MET C 68 59.81 6.85 19.73
N ASP C 69 59.88 5.67 19.12
CA ASP C 69 60.75 4.60 19.62
C ASP C 69 62.05 4.47 18.84
N THR C 70 62.01 4.57 17.52
CA THR C 70 63.12 4.44 16.57
C THR C 70 63.47 2.98 16.34
N SER C 71 63.07 2.10 17.26
CA SER C 71 63.36 0.68 17.12
C SER C 71 62.16 -0.12 16.62
N LYS C 72 60.95 0.35 16.88
CA LYS C 72 59.74 -0.35 16.49
C LYS C 72 58.59 0.64 16.46
N ALA C 73 57.46 0.19 15.92
CA ALA C 73 56.26 1.00 15.89
C ALA C 73 55.55 1.01 17.23
N LEU C 74 54.82 2.10 17.50
CA LEU C 74 53.99 2.21 18.68
C LEU C 74 52.58 1.74 18.35
N LEU C 75 52.03 0.88 19.21
CA LEU C 75 50.72 0.28 19.00
C LEU C 75 49.75 0.81 20.05
N ASN C 76 48.66 1.42 19.60
CA ASN C 76 47.65 2.00 20.47
C ASN C 76 46.29 1.43 20.11
N VAL C 77 45.54 0.98 21.11
CA VAL C 77 44.20 0.43 20.93
C VAL C 77 43.22 1.25 21.74
N SER C 78 42.15 1.70 21.09
CA SER C 78 41.10 2.50 21.73
C SER C 78 39.75 1.84 21.44
N VAL C 79 39.12 1.30 22.48
CA VAL C 79 37.84 0.62 22.36
C VAL C 79 36.74 1.55 22.87
N ASN C 80 35.83 1.95 21.99
CA ASN C 80 34.71 2.82 22.32
C ASN C 80 33.43 2.00 22.35
N ILE C 81 32.84 1.85 23.53
CA ILE C 81 31.57 1.16 23.68
C ILE C 81 30.47 2.20 23.66
N THR C 82 29.72 2.27 22.57
CA THR C 82 28.71 3.30 22.37
C THR C 82 27.59 3.17 23.39
N LYS C 83 26.85 4.27 23.58
CA LYS C 83 25.79 4.29 24.58
C LYS C 83 24.66 3.33 24.22
N PHE C 84 24.50 3.01 22.94
CA PHE C 84 23.42 2.13 22.49
C PHE C 84 23.90 0.69 22.29
N SER C 85 25.02 0.31 22.88
CA SER C 85 25.53 -1.05 22.71
C SER C 85 24.69 -2.05 23.50
N LYS C 86 24.21 -1.66 24.67
CA LYS C 86 23.37 -2.52 25.50
C LYS C 86 21.93 -2.04 25.47
N PHE C 87 21.02 -2.97 25.74
CA PHE C 87 19.60 -2.63 25.84
C PHE C 87 19.29 -1.78 27.07
N GLU C 88 20.24 -1.65 28.00
CA GLU C 88 20.09 -0.80 29.18
C GLU C 88 21.16 0.29 29.08
N ARG C 89 20.76 1.48 28.64
CA ARG C 89 21.69 2.60 28.48
C ARG C 89 22.34 2.92 29.83
N SER C 90 23.65 2.73 29.92
CA SER C 90 24.34 2.78 31.19
C SER C 90 24.46 4.21 31.71
N LYS C 91 25.11 4.36 32.85
CA LYS C 91 25.31 5.66 33.48
C LYS C 91 26.50 6.37 32.85
N SER C 92 26.66 7.65 33.22
CA SER C 92 27.70 8.48 32.62
C SER C 92 29.09 8.08 33.11
N SER C 93 29.33 8.19 34.41
CA SER C 93 30.66 7.92 34.96
C SER C 93 31.03 6.45 34.85
N HIS C 94 30.09 5.56 35.17
CA HIS C 94 30.25 4.11 35.03
C HIS C 94 31.36 3.55 35.91
N LYS C 95 32.55 4.17 35.84
CA LYS C 95 33.74 3.69 36.54
C LYS C 95 34.19 2.38 35.92
N ASN C 96 33.51 1.96 34.85
CA ASN C 96 33.92 0.80 34.09
C ASN C 96 35.04 1.13 33.11
N GLU C 97 35.49 2.38 33.08
CA GLU C 97 36.66 2.72 32.28
C GLU C 97 37.89 1.98 32.78
N ARG C 98 37.89 1.56 34.05
CA ARG C 98 38.94 0.70 34.55
C ARG C 98 38.87 -0.66 33.88
N ARG C 99 37.70 -1.05 33.38
CA ARG C 99 37.60 -2.32 32.68
C ARG C 99 37.91 -2.13 31.20
N VAL C 100 37.51 -1.00 30.62
CA VAL C 100 37.86 -0.72 29.23
C VAL C 100 39.37 -0.53 29.10
N LEU C 101 40.00 0.05 30.13
CA LEU C 101 41.46 0.16 30.13
C LEU C 101 42.12 -1.21 30.10
N GLU C 102 41.58 -2.17 30.85
CA GLU C 102 42.15 -3.52 30.86
C GLU C 102 42.03 -4.18 29.50
N ILE C 103 40.89 -4.00 28.82
CA ILE C 103 40.69 -4.60 27.51
C ILE C 103 41.71 -4.03 26.51
N GLN C 104 41.97 -2.73 26.58
CA GLN C 104 42.86 -2.09 25.62
C GLN C 104 44.30 -2.57 25.77
N THR C 105 44.86 -2.47 26.98
CA THR C 105 46.23 -2.91 27.20
C THR C 105 46.40 -4.40 26.95
N SER C 106 45.34 -5.19 27.15
CA SER C 106 45.42 -6.61 26.84
C SER C 106 45.51 -6.84 25.34
N LEU C 107 44.68 -6.14 24.56
CA LEU C 107 44.75 -6.25 23.11
C LEU C 107 46.10 -5.74 22.59
N VAL C 108 46.63 -4.67 23.18
CA VAL C 108 47.94 -4.17 22.79
C VAL C 108 49.01 -5.21 23.05
N ARG C 109 49.03 -5.77 24.26
CA ARG C 109 50.04 -6.77 24.62
C ARG C 109 49.95 -8.00 23.73
N MET C 110 48.75 -8.30 23.22
CA MET C 110 48.59 -9.45 22.32
C MET C 110 49.30 -9.21 20.99
N PHE C 111 48.85 -8.18 20.26
CA PHE C 111 49.36 -7.93 18.92
C PHE C 111 50.74 -7.28 18.92
N GLU C 112 51.27 -6.90 20.08
CA GLU C 112 52.68 -6.51 20.16
C GLU C 112 53.58 -7.64 19.67
N LYS C 113 53.31 -8.86 20.12
CA LYS C 113 54.12 -10.02 19.79
C LYS C 113 53.71 -10.69 18.48
N ASN C 114 52.68 -10.17 17.81
CA ASN C 114 52.23 -10.71 16.53
C ASN C 114 52.55 -9.78 15.38
N VAL C 115 52.26 -8.49 15.51
CA VAL C 115 52.58 -7.53 14.46
C VAL C 115 54.09 -7.30 14.45
N MET C 116 54.69 -7.34 13.27
CA MET C 116 56.11 -7.09 13.13
C MET C 116 56.39 -5.60 13.28
N LEU C 117 56.26 -5.08 14.51
CA LEU C 117 56.50 -3.67 14.76
C LEU C 117 57.96 -3.29 14.50
N ASN C 118 58.87 -4.26 14.56
CA ASN C 118 60.28 -3.96 14.36
C ASN C 118 60.56 -3.48 12.93
N ILE C 119 59.75 -3.91 11.96
CA ILE C 119 59.96 -3.50 10.58
C ILE C 119 59.26 -2.20 10.24
N TYR C 120 58.56 -1.59 11.19
CA TYR C 120 57.94 -0.28 11.00
C TYR C 120 58.44 0.69 12.07
N PRO C 121 59.73 0.98 12.10
CA PRO C 121 60.27 1.83 13.17
C PRO C 121 59.89 3.28 12.95
N ARG C 122 59.90 4.05 14.05
CA ARG C 122 59.61 5.47 14.05
C ARG C 122 58.19 5.78 13.57
N THR C 123 57.32 4.79 13.56
CA THR C 123 55.94 4.97 13.12
C THR C 123 54.98 4.68 14.27
N VAL C 124 53.69 4.86 14.01
CA VAL C 124 52.64 4.64 15.00
C VAL C 124 51.45 3.98 14.31
N ILE C 125 50.97 2.88 14.90
CA ILE C 125 49.80 2.17 14.40
C ILE C 125 48.68 2.38 15.41
N ASP C 126 47.68 3.16 15.02
CA ASP C 126 46.53 3.45 15.87
C ASP C 126 45.36 2.57 15.46
N ILE C 127 44.77 1.87 16.43
CA ILE C 127 43.59 1.04 16.22
C ILE C 127 42.41 1.71 16.90
N GLU C 128 41.33 1.91 16.15
CA GLU C 128 40.17 2.66 16.61
C GLU C 128 38.94 1.78 16.46
N ILE C 129 38.38 1.36 17.59
CA ILE C 129 37.28 0.40 17.63
C ILE C 129 36.02 1.07 18.13
N HIS C 130 34.88 0.72 17.52
CA HIS C 130 33.56 1.19 17.95
C HIS C 130 32.64 -0.01 18.08
N VAL C 131 32.21 -0.30 19.30
CA VAL C 131 31.31 -1.42 19.57
C VAL C 131 29.88 -0.93 19.43
N LEU C 132 29.21 -1.35 18.37
CA LEU C 132 27.84 -0.90 18.12
C LEU C 132 26.80 -1.72 18.88
N GLU C 133 27.09 -2.98 19.16
CA GLU C 133 26.10 -3.83 19.83
C GLU C 133 26.84 -4.93 20.58
N GLN C 134 26.48 -5.12 21.84
CA GLN C 134 27.18 -6.03 22.74
C GLN C 134 26.26 -7.15 23.18
N ASP C 135 26.77 -8.38 23.18
CA ASP C 135 25.98 -9.54 23.58
C ASP C 135 26.86 -10.75 23.84
N GLY C 136 27.75 -10.67 24.83
CA GLY C 136 28.57 -11.81 25.21
C GLY C 136 29.74 -12.08 24.30
N GLY C 137 30.86 -12.51 24.88
CA GLY C 137 32.05 -12.83 24.11
C GLY C 137 32.62 -11.63 23.38
N ILE C 138 32.54 -10.45 23.98
CA ILE C 138 32.97 -9.24 23.27
C ILE C 138 34.49 -9.18 23.18
N MET C 139 35.21 -9.79 24.13
CA MET C 139 36.66 -9.80 24.06
C MET C 139 37.15 -10.64 22.90
N GLY C 140 36.53 -11.80 22.68
CA GLY C 140 36.87 -12.61 21.52
C GLY C 140 36.49 -11.95 20.21
N SER C 141 35.32 -11.30 20.18
CA SER C 141 34.88 -10.62 18.96
C SER C 141 35.80 -9.44 18.63
N LEU C 142 36.28 -8.73 19.66
CA LEU C 142 37.25 -7.66 19.43
C LEU C 142 38.53 -8.19 18.80
N ILE C 143 39.00 -9.35 19.27
CA ILE C 143 40.24 -9.93 18.75
C ILE C 143 40.11 -10.22 17.26
N ASN C 144 38.99 -10.83 16.86
CA ASN C 144 38.81 -11.15 15.45
C ASN C 144 38.72 -9.90 14.59
N GLY C 145 38.07 -8.84 15.12
CA GLY C 145 38.01 -7.59 14.36
C GLY C 145 39.37 -6.96 14.16
N ILE C 146 40.26 -7.08 15.14
CA ILE C 146 41.59 -6.50 15.01
C ILE C 146 42.44 -7.29 14.03
N THR C 147 42.37 -8.62 14.08
CA THR C 147 43.17 -9.44 13.19
C THR C 147 42.82 -9.16 11.73
N LEU C 148 41.53 -9.09 11.41
CA LEU C 148 41.13 -8.79 10.04
C LEU C 148 41.49 -7.37 9.65
N ALA C 149 41.27 -6.40 10.55
CA ALA C 149 41.52 -5.01 10.22
C ALA C 149 43.01 -4.73 10.01
N LEU C 150 43.87 -5.38 10.79
CA LEU C 150 45.31 -5.21 10.59
C LEU C 150 45.76 -5.83 9.27
N ILE C 151 45.24 -7.01 8.94
CA ILE C 151 45.59 -7.66 7.69
C ILE C 151 45.11 -6.82 6.51
N ASP C 152 43.94 -6.18 6.65
CA ASP C 152 43.46 -5.30 5.58
C ASP C 152 44.37 -4.10 5.39
N ALA C 153 45.03 -3.63 6.46
CA ALA C 153 45.95 -2.52 6.36
C ALA C 153 47.28 -2.91 5.73
N GLY C 154 47.48 -4.18 5.40
CA GLY C 154 48.75 -4.61 4.84
C GLY C 154 49.89 -4.63 5.83
N ILE C 155 49.59 -4.62 7.13
CA ILE C 155 50.61 -4.57 8.17
C ILE C 155 51.08 -5.99 8.45
N SER C 156 52.40 -6.19 8.43
CA SER C 156 52.96 -7.53 8.57
C SER C 156 52.72 -8.09 9.96
N MET C 157 52.27 -9.34 10.02
CA MET C 157 52.08 -10.05 11.27
C MET C 157 52.41 -11.52 11.04
N PHE C 158 52.81 -12.20 12.11
CA PHE C 158 53.28 -13.58 11.98
C PHE C 158 52.16 -14.52 11.57
N ASP C 159 50.96 -14.37 12.14
CA ASP C 159 49.86 -15.29 11.89
C ASP C 159 48.56 -14.63 12.30
N TYR C 160 47.45 -15.33 12.04
CA TYR C 160 46.16 -14.94 12.56
C TYR C 160 46.14 -15.07 14.09
N ILE C 161 45.24 -14.29 14.71
CA ILE C 161 44.86 -14.51 16.09
C ILE C 161 43.32 -14.52 16.14
N SER C 162 42.76 -15.64 16.58
CA SER C 162 41.32 -15.82 16.64
C SER C 162 40.86 -15.83 18.09
N GLY C 163 39.72 -15.20 18.35
CA GLY C 163 39.17 -15.09 19.70
C GLY C 163 37.90 -15.92 19.82
N ILE C 164 37.74 -16.55 20.99
CA ILE C 164 36.58 -17.40 21.25
C ILE C 164 36.34 -17.43 22.76
N SER C 165 35.10 -17.68 23.15
CA SER C 165 34.70 -17.79 24.54
C SER C 165 33.96 -19.09 24.75
N VAL C 166 34.23 -19.76 25.86
CA VAL C 166 33.59 -21.03 26.20
C VAL C 166 33.17 -20.98 27.66
N GLY C 167 31.91 -21.32 27.91
CA GLY C 167 31.40 -21.45 29.26
C GLY C 167 31.31 -22.89 29.70
N LEU C 168 31.26 -23.10 31.01
CA LEU C 168 31.21 -24.43 31.60
C LEU C 168 29.87 -24.58 32.33
N TYR C 169 28.99 -25.41 31.77
CA TYR C 169 27.71 -25.73 32.39
C TYR C 169 27.83 -27.13 32.99
N ASP C 170 27.92 -27.19 34.32
CA ASP C 170 28.19 -28.43 35.02
C ASP C 170 29.47 -29.07 34.50
N THR C 171 29.33 -30.01 33.57
CA THR C 171 30.47 -30.63 32.90
C THR C 171 30.57 -30.26 31.42
N THR C 172 29.48 -29.78 30.82
CA THR C 172 29.43 -29.58 29.37
C THR C 172 29.97 -28.20 29.02
N PRO C 173 31.03 -28.11 28.21
CA PRO C 173 31.46 -26.80 27.71
C PRO C 173 30.48 -26.28 26.67
N LEU C 174 30.17 -25.00 26.76
CA LEU C 174 29.28 -24.33 25.81
C LEU C 174 30.11 -23.35 24.98
N LEU C 175 30.36 -23.71 23.73
CA LEU C 175 31.18 -22.89 22.86
C LEU C 175 30.43 -21.62 22.45
N ASP C 176 31.17 -20.51 22.39
CA ASP C 176 30.64 -19.21 21.97
C ASP C 176 29.47 -18.77 22.82
N THR C 177 29.75 -18.06 23.91
CA THR C 177 28.74 -17.67 24.88
C THR C 177 28.14 -16.32 24.53
N ASN C 178 26.84 -16.18 24.77
CA ASN C 178 26.17 -14.90 24.66
C ASN C 178 26.08 -14.24 26.04
N SER C 179 25.47 -13.05 26.07
CA SER C 179 25.47 -12.25 27.29
C SER C 179 24.82 -12.99 28.45
N LEU C 180 23.64 -13.58 28.20
CA LEU C 180 22.93 -14.29 29.27
C LEU C 180 23.71 -15.53 29.71
N GLU C 181 24.34 -16.24 28.77
CA GLU C 181 25.12 -17.40 29.13
C GLU C 181 26.35 -17.03 29.95
N GLU C 182 26.94 -15.87 29.68
CA GLU C 182 28.12 -15.44 30.45
C GLU C 182 27.76 -15.16 31.90
N ASN C 183 26.59 -14.56 32.15
CA ASN C 183 26.19 -14.22 33.51
C ASN C 183 25.75 -15.44 34.31
N ALA C 184 25.49 -16.57 33.65
CA ALA C 184 25.01 -17.76 34.33
C ALA C 184 26.15 -18.66 34.83
N MET C 185 27.18 -18.85 34.02
CA MET C 185 28.25 -19.79 34.33
C MET C 185 29.60 -19.12 34.18
N SER C 186 30.65 -19.83 34.61
CA SER C 186 32.01 -19.36 34.40
C SER C 186 32.38 -19.48 32.93
N THR C 187 33.28 -18.60 32.48
CA THR C 187 33.68 -18.54 31.10
C THR C 187 35.20 -18.47 30.97
N VAL C 188 35.69 -18.99 29.84
CA VAL C 188 37.09 -18.87 29.46
C VAL C 188 37.15 -18.17 28.11
N THR C 189 38.07 -17.21 27.97
CA THR C 189 38.29 -16.49 26.73
C THR C 189 39.66 -16.82 26.18
N LEU C 190 39.72 -17.25 24.93
CA LEU C 190 40.95 -17.69 24.30
C LEU C 190 41.33 -16.78 23.13
N GLY C 191 42.64 -16.56 22.98
CA GLY C 191 43.20 -15.98 21.78
C GLY C 191 44.25 -16.90 21.20
N VAL C 192 43.90 -17.63 20.14
CA VAL C 192 44.71 -18.72 19.63
C VAL C 192 45.48 -18.24 18.39
N VAL C 193 46.78 -18.51 18.37
CA VAL C 193 47.65 -18.07 17.29
C VAL C 193 47.49 -19.02 16.10
N GLY C 194 46.86 -18.53 15.05
CA GLY C 194 46.74 -19.31 13.81
C GLY C 194 46.01 -20.61 14.03
N LYS C 195 46.66 -21.71 13.65
CA LYS C 195 46.10 -23.05 13.77
C LYS C 195 46.78 -23.87 14.86
N SER C 196 47.58 -23.23 15.70
CA SER C 196 48.39 -23.94 16.69
C SER C 196 47.60 -24.11 17.99
N GLU C 197 48.28 -24.62 19.01
CA GLU C 197 47.77 -24.66 20.38
C GLU C 197 48.36 -23.54 21.24
N LYS C 198 49.15 -22.65 20.64
CA LYS C 198 49.70 -21.52 21.36
C LYS C 198 48.60 -20.52 21.67
N LEU C 199 48.54 -20.06 22.92
CA LEU C 199 47.51 -19.12 23.37
C LEU C 199 48.13 -17.75 23.52
N SER C 200 47.66 -16.79 22.71
CA SER C 200 48.07 -15.41 22.90
C SER C 200 47.39 -14.79 24.10
N LEU C 201 46.14 -15.17 24.36
CA LEU C 201 45.37 -14.67 25.48
C LEU C 201 44.63 -15.82 26.15
N LEU C 202 44.82 -15.96 27.46
CA LEU C 202 44.07 -16.91 28.27
C LEU C 202 43.41 -16.14 29.40
N LEU C 203 42.08 -16.24 29.48
CA LEU C 203 41.30 -15.41 30.40
C LEU C 203 40.24 -16.28 31.07
N VAL C 204 40.52 -16.69 32.30
CA VAL C 204 39.57 -17.41 33.14
C VAL C 204 39.01 -16.39 34.12
N GLU C 205 37.79 -15.92 33.86
CA GLU C 205 37.24 -14.79 34.60
C GLU C 205 36.54 -15.17 35.89
N ASP C 206 36.21 -16.46 36.08
CA ASP C 206 35.56 -16.89 37.30
C ASP C 206 35.92 -18.33 37.58
N LYS C 207 35.44 -18.84 38.72
CA LYS C 207 35.87 -20.13 39.23
C LYS C 207 35.56 -21.26 38.25
N ILE C 208 36.56 -22.11 38.04
CA ILE C 208 36.40 -23.35 37.28
C ILE C 208 37.22 -24.42 37.98
N PRO C 209 36.68 -25.62 38.18
CA PRO C 209 37.45 -26.67 38.85
C PRO C 209 38.69 -27.03 38.04
N LEU C 210 39.84 -27.10 38.74
CA LEU C 210 41.13 -27.33 38.08
C LEU C 210 41.11 -28.55 37.16
N ASP C 211 40.31 -29.56 37.49
CA ASP C 211 40.32 -30.79 36.72
C ASP C 211 39.47 -30.70 35.44
N ARG C 212 38.42 -29.89 35.46
CA ARG C 212 37.54 -29.71 34.30
C ARG C 212 38.04 -28.65 33.34
N LEU C 213 39.14 -27.96 33.63
CA LEU C 213 39.56 -26.83 32.82
C LEU C 213 40.19 -27.25 31.50
N GLU C 214 40.91 -28.37 31.47
CA GLU C 214 41.57 -28.79 30.24
C GLU C 214 40.57 -29.09 29.14
N ASN C 215 39.42 -29.67 29.50
CA ASN C 215 38.39 -29.95 28.50
C ASN C 215 37.83 -28.66 27.91
N VAL C 216 37.63 -27.63 28.75
CA VAL C 216 37.16 -26.35 28.25
C VAL C 216 38.17 -25.74 27.28
N LEU C 217 39.45 -25.75 27.67
CA LEU C 217 40.49 -25.22 26.80
C LEU C 217 40.51 -25.94 25.46
N ALA C 218 40.37 -27.27 25.48
CA ALA C 218 40.38 -28.04 24.24
C ALA C 218 39.23 -27.64 23.32
N ILE C 219 38.03 -27.47 23.90
CA ILE C 219 36.88 -27.07 23.09
C ILE C 219 37.07 -25.66 22.56
N GLY C 220 37.65 -24.77 23.37
CA GLY C 220 37.88 -23.40 22.92
C GLY C 220 38.87 -23.33 21.78
N ILE C 221 39.99 -24.04 21.91
CA ILE C 221 40.99 -24.07 20.84
C ILE C 221 40.36 -24.57 19.55
N ALA C 222 39.50 -25.58 19.63
CA ALA C 222 38.84 -26.10 18.44
C ALA C 222 37.90 -25.07 17.83
N GLY C 223 37.12 -24.38 18.66
CA GLY C 223 36.22 -23.37 18.13
C GLY C 223 36.97 -22.19 17.52
N ALA C 224 38.08 -21.79 18.14
CA ALA C 224 38.88 -20.69 17.60
C ALA C 224 39.43 -21.03 16.22
N HIS C 225 39.90 -22.27 16.05
CA HIS C 225 40.41 -22.69 14.74
C HIS C 225 39.32 -22.59 13.68
N ARG C 226 38.08 -22.92 14.03
CA ARG C 226 36.98 -22.73 13.09
C ARG C 226 36.80 -21.26 12.76
N VAL C 227 36.92 -20.39 13.77
CA VAL C 227 36.84 -18.95 13.54
C VAL C 227 37.97 -18.50 12.62
N ARG C 228 39.17 -19.07 12.81
CA ARG C 228 40.29 -18.74 11.93
C ARG C 228 39.97 -19.07 10.47
N ASP C 229 39.48 -20.29 10.22
CA ASP C 229 39.09 -20.67 8.87
C ASP C 229 37.98 -19.77 8.35
N LEU C 230 37.02 -19.40 9.21
CA LEU C 230 35.96 -18.51 8.79
C LEU C 230 36.49 -17.14 8.38
N MET C 231 37.46 -16.61 9.14
CA MET C 231 38.08 -15.35 8.75
C MET C 231 38.90 -15.50 7.48
N ASP C 232 39.78 -16.51 7.46
CA ASP C 232 40.60 -16.76 6.27
C ASP C 232 39.73 -16.95 5.04
N GLU C 233 38.67 -17.75 5.15
CA GLU C 233 37.75 -17.96 4.04
C GLU C 233 37.20 -16.64 3.52
N GLU C 234 36.68 -15.81 4.42
CA GLU C 234 36.14 -14.52 4.01
C GLU C 234 37.22 -13.62 3.44
N LEU C 235 38.43 -13.69 3.98
CA LEU C 235 39.52 -12.84 3.51
C LEU C 235 39.97 -13.22 2.11
N ARG C 236 40.13 -14.52 1.85
CA ARG C 236 40.52 -14.96 0.51
C ARG C 236 39.41 -14.66 -0.50
N LYS C 237 38.16 -14.77 -0.08
CA LYS C 237 37.04 -14.37 -0.94
C LYS C 237 37.17 -12.90 -1.34
N HIS C 238 37.43 -12.03 -0.37
CA HIS C 238 37.61 -10.61 -0.66
C HIS C 238 38.81 -10.38 -1.58
N ALA C 239 39.91 -11.09 -1.33
CA ALA C 239 41.11 -10.90 -2.15
C ALA C 239 40.88 -11.39 -3.57
N GLN C 240 40.21 -12.54 -3.73
CA GLN C 240 39.97 -13.06 -5.08
C GLN C 240 38.99 -12.20 -5.85
N LYS C 241 38.00 -11.60 -5.16
CA LYS C 241 37.10 -10.67 -5.83
C LYS C 241 37.81 -9.38 -6.19
N ARG C 242 38.85 -9.02 -5.43
CA ARG C 242 39.60 -7.80 -5.73
C ARG C 242 40.49 -7.99 -6.95
N VAL C 243 41.21 -9.12 -7.01
CA VAL C 243 42.10 -9.38 -8.14
C VAL C 243 41.34 -9.79 -9.39
N SER C 244 40.08 -10.24 -9.25
CA SER C 244 39.28 -10.55 -10.42
C SER C 244 38.64 -9.30 -11.00
N ASN C 245 38.24 -8.35 -10.14
CA ASN C 245 37.68 -7.10 -10.64
C ASN C 245 38.74 -6.27 -11.36
N ALA C 246 39.95 -6.21 -10.80
CA ALA C 246 41.05 -5.48 -11.43
C ALA C 246 41.60 -6.20 -12.66
N SER C 247 41.09 -7.36 -13.01
CA SER C 247 41.54 -8.09 -14.19
C SER C 247 40.44 -8.17 -15.24
N THR D 16 70.98 49.81 40.77
CA THR D 16 71.45 50.34 39.48
C THR D 16 70.39 50.18 38.40
N PHE D 17 69.29 49.51 38.75
CA PHE D 17 68.20 49.25 37.84
C PHE D 17 66.93 49.95 38.31
N PRO D 18 66.04 50.31 37.39
CA PRO D 18 64.79 50.98 37.78
C PRO D 18 63.95 50.09 38.69
N PRO D 19 63.05 50.68 39.49
CA PRO D 19 62.28 49.88 40.45
C PRO D 19 61.38 48.84 39.78
N GLU D 20 60.74 49.18 38.66
CA GLU D 20 59.86 48.22 38.01
C GLU D 20 60.63 47.04 37.45
N VAL D 21 61.89 47.24 37.06
CA VAL D 21 62.68 46.14 36.52
C VAL D 21 63.20 45.25 37.65
N LEU D 22 63.71 45.87 38.72
CA LEU D 22 64.28 45.11 39.83
C LEU D 22 63.27 44.18 40.47
N ALA D 23 61.98 44.52 40.42
CA ALA D 23 60.94 43.68 41.01
C ALA D 23 60.95 42.28 40.40
N ARG D 24 61.16 42.16 39.10
CA ARG D 24 61.24 40.85 38.47
C ARG D 24 62.64 40.26 38.54
N ILE D 25 63.68 41.09 38.40
CA ILE D 25 65.06 40.61 38.45
C ILE D 25 65.30 39.78 39.70
N SER D 26 64.98 40.38 40.87
CA SER D 26 65.16 39.68 42.14
C SER D 26 64.12 40.22 43.12
N PRO D 27 63.07 39.45 43.39
CA PRO D 27 62.12 39.88 44.44
C PRO D 27 62.76 39.95 45.81
N GLU D 28 63.83 39.17 46.04
CA GLU D 28 64.57 39.27 47.28
C GLU D 28 65.26 40.62 47.40
N LEU D 29 65.84 41.11 46.30
CA LEU D 29 66.52 42.40 46.32
C LEU D 29 65.53 43.55 46.40
N SER D 30 64.41 43.44 45.69
CA SER D 30 63.40 44.51 45.72
C SER D 30 62.87 44.73 47.13
N LEU D 31 62.70 43.65 47.89
CA LEU D 31 62.26 43.79 49.28
C LEU D 31 63.33 44.44 50.14
N GLN D 32 64.58 44.00 50.00
CA GLN D 32 65.65 44.53 50.84
C GLN D 32 65.91 46.00 50.55
N ARG D 33 65.75 46.43 49.28
CA ARG D 33 65.89 47.85 48.97
C ARG D 33 64.79 48.66 49.63
N HIS D 34 63.56 48.13 49.66
CA HIS D 34 62.46 48.81 50.34
C HIS D 34 62.73 48.89 51.84
N LEU D 35 63.19 47.78 52.43
CA LEU D 35 63.40 47.75 53.88
C LEU D 35 64.58 48.61 54.30
N SER D 36 65.58 48.77 53.43
CA SER D 36 66.69 49.66 53.73
C SER D 36 66.24 51.11 53.76
N LEU D 37 65.20 51.45 52.99
CA LEU D 37 64.62 52.79 53.01
C LEU D 37 63.59 52.98 54.12
N GLY D 38 63.24 51.91 54.83
CA GLY D 38 62.26 52.00 55.89
C GLY D 38 60.83 51.76 55.48
N ILE D 39 60.59 51.31 54.25
CA ILE D 39 59.23 51.08 53.77
C ILE D 39 59.09 49.63 53.29
N ARG D 40 57.88 49.27 52.87
CA ARG D 40 57.57 47.94 52.37
C ARG D 40 57.14 48.03 50.90
N PRO D 41 57.29 46.93 50.15
CA PRO D 41 56.87 46.97 48.73
C PRO D 41 55.40 47.30 48.55
N CYS D 42 54.53 46.87 49.46
CA CYS D 42 53.12 47.22 49.40
C CYS D 42 52.84 48.62 49.93
N LEU D 43 53.88 49.38 50.25
CA LEU D 43 53.83 50.78 50.68
C LEU D 43 53.19 50.96 52.05
N ARG D 44 52.89 49.87 52.76
CA ARG D 44 52.39 49.98 54.13
C ARG D 44 53.56 50.01 55.11
N LYS D 45 53.26 50.40 56.35
CA LYS D 45 54.27 50.39 57.38
C LYS D 45 54.46 48.96 57.90
N TYR D 46 55.52 48.79 58.70
CA TYR D 46 55.96 47.45 59.11
C TYR D 46 54.84 46.68 59.82
N GLU D 47 54.09 47.36 60.68
CA GLU D 47 53.02 46.71 61.45
C GLU D 47 51.64 47.21 61.03
N GLU D 48 51.49 47.62 59.77
CA GLU D 48 50.22 48.12 59.26
C GLU D 48 49.54 47.02 58.46
N PHE D 49 48.24 46.86 58.69
CA PHE D 49 47.44 45.85 58.00
C PHE D 49 46.74 46.45 56.78
N ARG D 50 46.29 45.56 55.89
CA ARG D 50 45.39 45.98 54.82
C ARG D 50 44.01 46.30 55.40
N ASP D 51 43.35 47.28 54.79
CA ASP D 51 41.99 47.63 55.20
C ASP D 51 41.00 46.70 54.53
N VAL D 52 40.03 46.21 55.30
CA VAL D 52 39.05 45.25 54.80
C VAL D 52 37.67 45.90 54.79
N ALA D 53 36.87 45.51 53.80
CA ALA D 53 35.49 45.94 53.68
C ALA D 53 34.65 44.76 53.23
N ILE D 54 33.50 44.55 53.87
CA ILE D 54 32.73 43.33 53.66
C ILE D 54 31.28 43.67 53.33
N GLU D 55 30.66 42.80 52.54
CA GLU D 55 29.22 42.80 52.30
C GLU D 55 28.69 41.42 52.69
N ASN D 56 27.73 41.38 53.60
CA ASN D 56 27.24 40.13 54.15
C ASN D 56 25.88 39.76 53.58
N ASN D 57 25.66 38.45 53.45
CA ASN D 57 24.36 37.86 53.09
C ASN D 57 23.83 38.38 51.77
N THR D 58 24.70 38.89 50.90
CA THR D 58 24.22 39.50 49.66
C THR D 58 23.72 38.46 48.66
N LEU D 59 24.39 37.31 48.57
CA LEU D 59 24.03 36.27 47.62
C LEU D 59 23.06 35.24 48.19
N SER D 60 22.57 35.46 49.41
CA SER D 60 21.69 34.50 50.06
C SER D 60 20.27 34.59 49.52
N ARG D 61 19.56 33.46 49.55
CA ARG D 61 18.14 33.49 49.23
C ARG D 61 17.33 34.16 50.33
N TYR D 62 17.88 34.28 51.53
CA TYR D 62 17.21 34.96 52.63
C TYR D 62 17.70 36.40 52.78
N ALA D 63 18.23 36.98 51.71
CA ALA D 63 18.68 38.37 51.74
C ALA D 63 17.49 39.31 51.92
N ASP D 64 16.59 39.32 50.94
CA ASP D 64 15.36 40.07 51.06
C ASP D 64 14.41 39.36 52.02
N ALA D 65 14.09 40.01 53.13
CA ALA D 65 13.24 39.39 54.14
C ALA D 65 11.88 38.99 53.56
N GLY D 66 11.35 39.80 52.65
CA GLY D 66 10.11 39.48 51.97
C GLY D 66 10.32 38.57 50.78
N ASN D 67 10.82 39.14 49.68
CA ASN D 67 11.03 38.38 48.45
C ASN D 67 12.15 37.37 48.59
N ILE D 68 11.80 36.16 49.02
CA ILE D 68 12.77 35.08 49.14
C ILE D 68 12.94 34.41 47.78
N ASP D 69 14.19 34.33 47.31
CA ASP D 69 14.48 33.74 46.01
C ASP D 69 14.21 32.24 46.07
N THR D 70 13.20 31.79 45.32
CA THR D 70 12.85 30.37 45.33
C THR D 70 13.85 29.54 44.55
N LYS D 71 14.54 30.14 43.58
CA LYS D 71 15.50 29.40 42.77
C LYS D 71 16.84 29.23 43.49
N ASN D 72 17.25 30.23 44.27
CA ASN D 72 18.56 30.21 44.90
C ASN D 72 18.64 29.15 45.99
N ASN D 73 19.84 28.60 46.17
CA ASN D 73 20.11 27.59 47.17
C ASN D 73 21.16 28.03 48.18
N ILE D 74 21.56 29.30 48.16
CA ILE D 74 22.62 29.80 49.03
C ILE D 74 22.03 30.19 50.37
N LEU D 75 22.61 29.66 51.46
CA LEU D 75 22.13 29.96 52.80
C LEU D 75 22.84 31.16 53.43
N GLY D 76 24.02 31.52 52.95
CA GLY D 76 24.75 32.65 53.49
C GLY D 76 25.91 33.00 52.60
N SER D 77 26.32 34.26 52.68
CA SER D 77 27.35 34.76 51.78
C SER D 77 28.17 35.85 52.46
N ASN D 78 29.35 36.11 51.90
CA ASN D 78 30.17 37.23 52.32
C ASN D 78 31.12 37.58 51.19
N VAL D 79 31.16 38.86 50.83
CA VAL D 79 32.15 39.40 49.90
C VAL D 79 33.13 40.23 50.70
N LEU D 80 34.41 39.94 50.55
CA LEU D 80 35.45 40.60 51.33
C LEU D 80 36.49 41.20 50.38
N LYS D 81 36.88 42.43 50.64
CA LYS D 81 37.89 43.13 49.85
C LYS D 81 38.93 43.70 50.79
N SER D 82 40.14 43.15 50.73
CA SER D 82 41.27 43.59 51.56
C SER D 82 42.41 43.91 50.60
N GLY D 83 42.67 45.20 50.40
CA GLY D 83 43.62 45.58 49.38
C GLY D 83 43.04 45.36 48.00
N LYS D 84 43.87 44.82 47.10
CA LYS D 84 43.41 44.52 45.75
C LYS D 84 42.64 43.21 45.66
N THR D 85 42.81 42.32 46.64
CA THR D 85 42.21 40.99 46.55
C THR D 85 40.71 41.07 46.83
N ILE D 86 39.94 40.30 46.06
CA ILE D 86 38.50 40.17 46.24
C ILE D 86 38.19 38.71 46.57
N VAL D 87 37.42 38.50 47.64
CA VAL D 87 37.06 37.16 48.09
C VAL D 87 35.53 37.08 48.20
N ILE D 88 34.95 36.02 47.63
CA ILE D 88 33.51 35.80 47.65
C ILE D 88 33.26 34.40 48.21
N THR D 89 32.43 34.31 49.24
CA THR D 89 32.10 33.05 49.89
C THR D 89 30.59 32.85 49.88
N SER D 90 30.15 31.63 49.55
CA SER D 90 28.74 31.28 49.54
C SER D 90 28.55 29.94 50.20
N ILE D 91 27.58 29.83 51.10
CA ILE D 91 27.31 28.62 51.85
C ILE D 91 26.07 27.95 51.28
N THR D 92 26.22 26.71 50.83
CA THR D 92 25.11 25.86 50.40
C THR D 92 24.90 24.74 51.40
N GLY D 93 23.76 24.06 51.29
CA GLY D 93 23.32 23.12 52.30
C GLY D 93 23.18 21.69 51.80
N GLY D 94 22.90 20.82 52.75
CA GLY D 94 22.68 19.41 52.47
C GLY D 94 22.29 18.70 53.75
N ILE D 95 21.59 17.57 53.58
CA ILE D 95 21.09 16.79 54.69
C ILE D 95 21.61 15.37 54.57
N ILE D 96 22.08 14.82 55.70
CA ILE D 96 22.55 13.45 55.77
C ILE D 96 21.73 12.72 56.83
N GLU D 97 21.50 11.43 56.59
CA GLU D 97 20.79 10.59 57.54
C GLU D 97 21.75 10.07 58.60
N GLU D 98 21.41 10.31 59.86
CA GLU D 98 22.29 9.90 60.96
C GLU D 98 22.21 8.39 61.16
N THR D 99 23.35 7.72 61.08
CA THR D 99 23.47 6.28 61.29
C THR D 99 24.40 6.13 62.49
N SER D 100 23.82 6.07 63.68
CA SER D 100 24.61 6.10 64.90
C SER D 100 25.15 4.72 65.26
N GLU D 121 30.71 17.72 76.45
CA GLU D 121 31.73 18.64 76.92
C GLU D 121 32.29 19.47 75.77
N ASP D 122 33.41 20.13 76.02
CA ASP D 122 34.11 20.91 75.01
C ASP D 122 35.07 20.06 74.19
N ILE D 123 34.98 18.73 74.31
CA ILE D 123 35.93 17.84 73.64
C ILE D 123 35.64 17.81 72.15
N ILE D 124 36.69 17.54 71.36
CA ILE D 124 36.64 17.74 69.91
C ILE D 124 35.59 16.85 69.26
N ALA D 125 35.25 15.71 69.87
CA ALA D 125 34.37 14.75 69.22
C ALA D 125 32.94 15.26 69.06
N ASN D 126 32.53 16.26 69.84
CA ASN D 126 31.17 16.78 69.78
C ASN D 126 31.02 17.99 68.87
N TYR D 127 32.01 18.24 68.00
CA TYR D 127 32.01 19.43 67.17
C TYR D 127 32.13 19.04 65.70
N ALA D 128 31.47 19.80 64.84
CA ALA D 128 31.45 19.59 63.40
C ALA D 128 32.30 20.66 62.72
N SER D 129 32.14 20.76 61.40
CA SER D 129 32.87 21.74 60.60
C SER D 129 32.13 21.94 59.28
N VAL D 130 32.74 22.69 58.37
CA VAL D 130 32.20 22.89 57.03
C VAL D 130 33.24 22.41 56.02
N TYR D 131 32.78 22.23 54.79
CA TYR D 131 33.61 21.65 53.72
C TYR D 131 33.82 22.66 52.62
N PRO D 132 34.97 23.34 52.57
CA PRO D 132 35.18 24.40 51.59
C PRO D 132 35.73 23.89 50.27
N VAL D 133 35.44 24.65 49.22
CA VAL D 133 35.98 24.43 47.87
C VAL D 133 36.58 25.76 47.45
N VAL D 134 37.90 25.88 47.54
CA VAL D 134 38.58 27.14 47.28
C VAL D 134 39.06 27.16 45.84
N GLU D 135 38.68 28.21 45.11
CA GLU D 135 39.14 28.43 43.74
C GLU D 135 39.84 29.78 43.69
N VAL D 136 41.17 29.75 43.60
CA VAL D 136 41.97 30.97 43.50
C VAL D 136 42.16 31.25 42.02
N GLU D 137 41.35 32.16 41.49
CA GLU D 137 41.32 32.42 40.05
C GLU D 137 42.63 33.05 39.59
N ARG D 138 43.39 32.31 38.80
CA ARG D 138 44.60 32.82 38.18
C ARG D 138 44.55 32.55 36.69
N GLY D 139 45.66 32.75 35.98
CA GLY D 139 45.67 32.58 34.53
C GLY D 139 45.62 31.15 34.04
N ARG D 140 45.75 30.17 34.93
CA ARG D 140 45.72 28.79 34.49
C ARG D 140 44.33 28.17 34.68
N VAL D 141 44.11 27.08 33.95
CA VAL D 141 42.87 26.31 34.03
C VAL D 141 43.23 24.84 34.10
N GLY D 142 42.62 24.12 35.04
CA GLY D 142 42.91 22.71 35.20
C GLY D 142 42.55 22.18 36.58
N ALA D 143 43.36 21.26 37.10
CA ALA D 143 43.03 20.59 38.34
C ALA D 143 43.26 21.54 39.52
N CYS D 144 42.84 21.08 40.71
CA CYS D 144 43.01 21.86 41.92
C CYS D 144 44.49 21.98 42.27
N THR D 145 44.94 23.22 42.46
CA THR D 145 46.33 23.46 42.83
C THR D 145 46.56 23.07 44.29
N ASP D 146 47.84 22.89 44.63
CA ASP D 146 48.19 22.61 46.02
C ASP D 146 47.77 23.74 46.94
N GLU D 147 47.82 24.97 46.46
CA GLU D 147 47.31 26.10 47.23
C GLU D 147 45.82 25.94 47.53
N GLU D 148 45.03 25.70 46.49
CA GLU D 148 43.58 25.56 46.65
C GLU D 148 43.24 24.42 47.62
N MET D 149 43.95 23.29 47.51
CA MET D 149 43.63 22.13 48.33
C MET D 149 44.01 22.36 49.79
N THR D 150 45.21 22.89 50.03
CA THR D 150 45.67 23.06 51.41
C THR D 150 44.83 24.07 52.16
N ILE D 151 44.44 25.16 51.49
CA ILE D 151 43.57 26.16 52.13
C ILE D 151 42.25 25.52 52.54
N SER D 152 41.65 24.75 51.63
CA SER D 152 40.37 24.10 51.94
C SER D 152 40.47 23.21 53.17
N GLN D 153 41.56 22.43 53.28
CA GLN D 153 41.72 21.58 54.44
C GLN D 153 42.05 22.40 55.69
N LYS D 154 42.92 23.41 55.55
CA LYS D 154 43.26 24.26 56.68
C LYS D 154 42.02 24.96 57.25
N LEU D 155 41.13 25.42 56.37
CA LEU D 155 39.89 26.03 56.83
C LEU D 155 39.04 25.03 57.60
N HIS D 156 38.83 23.85 57.02
CA HIS D 156 38.03 22.81 57.66
C HIS D 156 38.60 22.42 59.02
N ASP D 157 39.92 22.28 59.12
CA ASP D 157 40.53 21.79 60.35
C ASP D 157 40.41 22.81 61.48
N SER D 158 40.50 24.10 61.15
CA SER D 158 40.50 25.12 62.19
C SER D 158 39.09 25.46 62.68
N ILE D 159 38.08 25.34 61.82
CA ILE D 159 36.70 25.49 62.29
C ILE D 159 36.36 24.40 63.29
N LEU D 160 36.94 23.21 63.10
CA LEU D 160 36.72 22.11 64.04
C LEU D 160 37.49 22.35 65.34
N HIS D 161 38.79 22.66 65.24
CA HIS D 161 39.62 22.75 66.43
C HIS D 161 39.31 23.99 67.26
N SER D 162 38.80 25.05 66.64
CA SER D 162 38.37 26.22 67.40
C SER D 162 37.01 26.02 68.05
N ARG D 163 36.36 24.89 67.81
CA ARG D 163 35.07 24.56 68.41
C ARG D 163 33.99 25.59 68.07
N ILE D 164 34.06 26.13 66.84
CA ILE D 164 33.07 27.11 66.42
C ILE D 164 31.72 26.45 66.18
N LEU D 165 31.72 25.32 65.48
CA LEU D 165 30.47 24.68 65.08
C LEU D 165 30.26 23.39 65.87
N PRO D 166 29.34 23.38 66.84
CA PRO D 166 29.05 22.13 67.56
C PRO D 166 28.10 21.24 66.78
N LYS D 167 28.27 19.93 66.96
CA LYS D 167 27.43 18.96 66.26
C LYS D 167 25.95 19.15 66.61
N LYS D 168 25.66 19.56 67.85
CA LYS D 168 24.27 19.79 68.24
C LYS D 168 23.64 20.91 67.42
N ALA D 169 24.43 21.87 66.97
CA ALA D 169 23.91 23.00 66.20
C ALA D 169 23.46 22.62 64.80
N LEU D 170 23.76 21.39 64.35
CA LEU D 170 23.41 20.95 63.01
C LEU D 170 22.34 19.85 63.00
N LYS D 171 21.80 19.49 64.15
CA LYS D 171 20.72 18.51 64.21
C LYS D 171 19.45 19.12 63.63
N VAL D 172 18.74 18.34 62.82
CA VAL D 172 17.57 18.83 62.10
C VAL D 172 16.35 18.72 63.01
N LYS D 173 15.72 19.87 63.27
CA LYS D 173 14.41 19.89 63.94
C LYS D 173 13.35 19.74 62.86
N ALA D 174 13.11 18.48 62.49
CA ALA D 174 12.26 18.19 61.35
C ALA D 174 10.79 18.23 61.74
N GLY D 175 9.95 18.60 60.77
CA GLY D 175 8.52 18.64 60.94
C GLY D 175 7.82 17.55 60.15
N VAL D 176 6.53 17.78 59.91
CA VAL D 176 5.71 16.81 59.19
C VAL D 176 4.67 17.57 58.36
N ARG D 177 4.44 17.10 57.15
CA ARG D 177 3.47 17.72 56.23
C ARG D 177 2.30 16.77 56.06
N SER D 178 1.09 17.26 56.41
CA SER D 178 -0.14 16.51 56.26
C SER D 178 -1.16 17.35 55.50
N ALA D 179 -2.10 16.65 54.87
CA ALA D 179 -3.13 17.31 54.05
C ALA D 179 -4.24 17.80 54.98
N ASN D 180 -4.24 19.10 55.27
CA ASN D 180 -5.25 19.69 56.14
C ASN D 180 -6.54 19.95 55.36
N GLU D 181 -7.64 20.04 56.11
CA GLU D 181 -8.97 20.23 55.54
C GLU D 181 -9.30 19.15 54.52
N ASP D 182 -8.77 19.27 53.31
CA ASP D 182 -8.99 18.28 52.27
C ASP D 182 -7.89 18.33 51.21
N GLY D 183 -7.50 19.53 50.81
CA GLY D 183 -6.52 19.68 49.75
C GLY D 183 -5.18 20.25 50.18
N THR D 184 -5.20 21.45 50.74
CA THR D 184 -3.96 22.14 51.10
C THR D 184 -3.18 21.34 52.12
N PHE D 185 -1.86 21.29 51.93
CA PHE D 185 -0.95 20.59 52.82
C PHE D 185 -0.31 21.59 53.78
N SER D 186 -0.36 21.28 55.07
CA SER D 186 0.19 22.13 56.11
C SER D 186 1.39 21.44 56.75
N VAL D 187 2.43 22.21 57.03
CA VAL D 187 3.64 21.71 57.65
C VAL D 187 3.65 22.16 59.10
N LEU D 188 3.80 21.21 60.02
CA LEU D 188 3.81 21.48 61.45
C LEU D 188 5.17 21.09 62.03
N TYR D 189 5.84 22.07 62.62
CA TYR D 189 7.14 21.82 63.23
C TYR D 189 6.99 21.72 64.75
N PRO D 190 7.81 20.90 65.42
CA PRO D 190 7.66 20.75 66.86
C PRO D 190 8.29 21.90 67.62
N ASP D 191 7.63 22.29 68.71
CA ASP D 191 8.11 23.40 69.54
C ASP D 191 9.26 22.94 70.44
N LYS D 206 11.62 8.89 65.31
CA LYS D 206 11.90 8.05 64.16
C LYS D 206 13.33 8.25 63.66
N ARG D 207 13.49 8.30 62.35
CA ARG D 207 14.80 8.54 61.74
C ARG D 207 15.30 9.93 62.10
N LYS D 208 16.62 10.09 62.12
CA LYS D 208 17.26 11.31 62.56
C LYS D 208 18.18 11.83 61.46
N TRP D 209 18.19 13.15 61.28
CA TRP D 209 18.97 13.80 60.25
C TRP D 209 19.93 14.81 60.88
N SER D 210 20.81 15.36 60.03
CA SER D 210 21.76 16.38 60.44
C SER D 210 22.16 17.18 59.22
N TYR D 211 22.30 18.49 59.39
CA TYR D 211 22.69 19.35 58.28
C TYR D 211 24.16 19.16 57.92
N VAL D 212 24.47 19.43 56.67
CA VAL D 212 25.84 19.44 56.17
C VAL D 212 26.04 20.73 55.40
N LEU D 213 27.10 21.47 55.75
CA LEU D 213 27.36 22.78 55.18
C LEU D 213 28.52 22.70 54.19
N TYR D 214 28.34 23.31 53.02
CA TYR D 214 29.37 23.40 52.00
C TYR D 214 29.68 24.87 51.73
N ALA D 215 30.95 25.18 51.47
CA ALA D 215 31.39 26.53 51.24
C ALA D 215 32.17 26.60 49.95
N LYS D 216 31.87 27.60 49.12
CA LYS D 216 32.65 27.88 47.92
C LYS D 216 33.27 29.27 48.07
N ILE D 217 34.59 29.33 48.00
CA ILE D 217 35.34 30.56 48.22
C ILE D 217 36.18 30.81 46.98
N VAL D 218 35.84 31.86 46.24
CA VAL D 218 36.61 32.26 45.06
C VAL D 218 37.43 33.48 45.42
N VAL D 219 38.61 33.58 44.81
CA VAL D 219 39.56 34.65 45.10
C VAL D 219 39.99 35.28 43.79
N LEU D 220 39.72 36.57 43.64
CA LEU D 220 40.13 37.33 42.48
C LEU D 220 41.22 38.33 42.86
N SER D 221 42.11 38.60 41.90
CA SER D 221 43.20 39.54 42.08
C SER D 221 44.10 39.13 43.26
N ARG D 222 44.59 37.90 43.20
CA ARG D 222 45.48 37.39 44.24
C ARG D 222 46.84 38.05 44.13
N THR D 223 47.25 38.71 45.22
CA THR D 223 48.55 39.39 45.26
C THR D 223 49.52 38.80 46.26
N GLY D 224 49.05 38.00 47.22
CA GLY D 224 49.92 37.41 48.20
C GLY D 224 49.27 36.23 48.90
N PRO D 225 49.81 35.84 50.06
CA PRO D 225 49.17 34.78 50.85
C PRO D 225 47.71 35.10 51.11
N VAL D 226 46.84 34.13 50.84
CA VAL D 226 45.41 34.39 50.75
C VAL D 226 44.60 33.57 51.75
N PHE D 227 45.24 32.70 52.55
CA PHE D 227 44.49 31.92 53.53
C PHE D 227 43.75 32.82 54.50
N ASP D 228 44.42 33.86 55.00
CA ASP D 228 43.82 34.73 56.00
C ASP D 228 42.57 35.43 55.45
N LEU D 229 42.60 35.82 54.18
CA LEU D 229 41.42 36.41 53.56
C LEU D 229 40.28 35.40 53.46
N CYS D 230 40.61 34.15 53.12
CA CYS D 230 39.57 33.13 52.98
C CYS D 230 38.94 32.79 54.33
N TRP D 231 39.76 32.62 55.36
CA TRP D 231 39.24 32.32 56.69
C TRP D 231 38.36 33.44 57.20
N ASN D 232 38.86 34.69 57.14
CA ASN D 232 38.09 35.82 57.63
C ASN D 232 36.80 35.99 56.84
N SER D 233 36.85 35.73 55.53
CA SER D 233 35.63 35.79 54.72
C SER D 233 34.65 34.69 55.11
N LEU D 234 35.16 33.49 55.41
CA LEU D 234 34.29 32.40 55.81
C LEU D 234 33.67 32.67 57.18
N MET D 235 34.39 33.35 58.07
CA MET D 235 33.82 33.69 59.37
C MET D 235 32.62 34.62 59.24
N TYR D 236 32.73 35.64 58.38
CA TYR D 236 31.60 36.53 58.14
C TYR D 236 30.46 35.78 57.46
N ALA D 237 30.78 34.90 56.52
CA ALA D 237 29.75 34.15 55.81
C ALA D 237 28.99 33.22 56.75
N LEU D 238 29.72 32.53 57.65
CA LEU D 238 29.08 31.59 58.56
C LEU D 238 28.08 32.27 59.48
N GLN D 239 28.31 33.54 59.82
CA GLN D 239 27.41 34.24 60.72
C GLN D 239 26.09 34.64 60.06
N SER D 240 26.06 34.74 58.73
CA SER D 240 24.85 35.09 58.00
C SER D 240 24.07 33.87 57.53
N VAL D 241 24.52 32.66 57.88
CA VAL D 241 23.89 31.45 57.37
C VAL D 241 22.56 31.23 58.07
N LYS D 242 21.53 30.92 57.29
CA LYS D 242 20.22 30.53 57.81
C LYS D 242 19.91 29.13 57.34
N LEU D 243 19.58 28.25 58.29
CA LEU D 243 19.30 26.86 57.97
C LEU D 243 17.83 26.70 57.62
N PRO D 244 17.48 26.16 56.46
CA PRO D 244 16.07 25.96 56.12
C PRO D 244 15.47 24.85 56.97
N ARG D 245 14.18 25.00 57.26
CA ARG D 245 13.48 23.96 58.00
C ARG D 245 13.14 22.80 57.08
N ALA D 246 13.02 21.61 57.67
CA ALA D 246 12.82 20.38 56.92
C ALA D 246 11.60 19.65 57.45
N PHE D 247 11.04 18.79 56.61
CA PHE D 247 9.81 18.09 56.94
C PHE D 247 9.72 16.79 56.16
N ILE D 248 8.74 15.96 56.53
CA ILE D 248 8.45 14.70 55.86
C ILE D 248 6.94 14.49 55.87
N ASP D 249 6.44 13.78 54.88
CA ASP D 249 5.01 13.50 54.81
C ASP D 249 4.61 12.37 55.73
N LEU D 255 7.61 0.89 51.67
CA LEU D 255 8.94 1.48 51.67
C LEU D 255 9.73 0.80 50.54
N ARG D 256 11.05 0.69 50.70
CA ARG D 256 11.91 0.11 49.67
C ARG D 256 11.99 -1.42 49.77
N MET D 257 11.97 -1.96 50.99
CA MET D 257 12.09 -3.40 51.18
C MET D 257 10.77 -4.13 50.98
N THR D 258 9.64 -3.43 51.02
CA THR D 258 8.35 -4.08 50.90
C THR D 258 8.14 -4.64 49.51
N ILE D 259 7.49 -5.80 49.44
CA ILE D 259 7.23 -6.47 48.17
C ILE D 259 6.22 -5.67 47.35
N ARG D 260 6.45 -5.60 46.05
CA ARG D 260 5.61 -4.81 45.15
C ARG D 260 5.13 -5.70 44.00
N THR D 261 3.89 -5.46 43.58
CA THR D 261 3.32 -6.13 42.43
C THR D 261 3.83 -5.49 41.14
N ARG D 262 3.79 -6.26 40.06
CA ARG D 262 4.23 -5.76 38.77
C ARG D 262 3.05 -5.14 38.04
N GLY D 263 3.18 -3.88 37.62
CA GLY D 263 4.39 -3.10 37.83
C GLY D 263 4.13 -1.80 38.56
N ARG D 264 4.99 -1.49 39.53
CA ARG D 264 4.80 -0.33 40.38
C ARG D 264 5.07 0.97 39.62
N TYR D 272 9.51 8.99 51.11
CA TYR D 272 10.13 8.73 52.40
C TYR D 272 11.32 9.65 52.64
N GLU D 273 11.51 10.61 51.73
CA GLU D 273 12.62 11.53 51.81
C GLU D 273 12.25 12.77 52.62
N ILE D 274 13.28 13.48 53.08
CA ILE D 274 13.10 14.73 53.79
C ILE D 274 13.19 15.87 52.78
N ILE D 275 12.37 16.91 52.97
CA ILE D 275 12.25 18.02 52.04
C ILE D 275 12.45 19.32 52.79
N CYS D 276 13.07 20.28 52.11
CA CYS D 276 13.36 21.58 52.69
C CYS D 276 12.20 22.54 52.45
N ASP D 277 12.05 23.50 53.36
CA ASP D 277 10.99 24.49 53.26
C ASP D 277 11.41 25.62 52.33
N GLN D 278 10.50 26.03 51.44
CA GLN D 278 10.79 27.08 50.47
C GLN D 278 10.88 28.47 51.11
N THR D 279 10.55 28.61 52.40
CA THR D 279 10.54 29.92 53.01
C THR D 279 11.13 29.91 54.43
N LYS D 280 10.54 29.13 55.32
CA LYS D 280 10.93 29.17 56.73
C LYS D 280 12.39 28.74 56.90
N SER D 281 13.07 29.41 57.84
CA SER D 281 14.49 29.17 58.08
C SER D 281 14.82 29.53 59.52
N VAL D 282 15.85 28.88 60.06
CA VAL D 282 16.31 29.13 61.42
C VAL D 282 17.76 29.56 61.34
N PRO D 283 18.25 30.30 62.33
CA PRO D 283 19.65 30.74 62.31
C PRO D 283 20.61 29.65 62.78
N LEU D 284 21.78 29.61 62.16
CA LEU D 284 22.82 28.67 62.53
C LEU D 284 23.44 29.09 63.87
N MET D 285 23.35 28.22 64.87
CA MET D 285 23.72 28.57 66.24
C MET D 285 25.17 28.17 66.50
N ILE D 286 26.09 28.96 65.97
CA ILE D 286 27.51 28.78 66.22
C ILE D 286 27.89 29.42 67.55
N ASN D 287 28.89 28.86 68.21
CA ASN D 287 29.45 29.46 69.43
C ASN D 287 30.22 30.72 69.04
N ALA D 288 29.59 31.88 69.25
CA ALA D 288 30.19 33.14 68.81
C ALA D 288 31.47 33.45 69.57
N LYS D 289 31.59 32.98 70.82
CA LYS D 289 32.79 33.27 71.60
C LYS D 289 34.04 32.63 71.02
N ASN D 290 33.90 31.57 70.23
CA ASN D 290 35.04 30.86 69.67
C ASN D 290 35.42 31.34 68.27
N ILE D 291 34.69 32.31 67.71
CA ILE D 291 35.03 32.83 66.41
C ILE D 291 36.35 33.59 66.49
N ALA D 292 37.27 33.27 65.61
CA ALA D 292 38.58 33.90 65.55
C ALA D 292 38.75 34.63 64.23
N PHE D 293 39.83 35.40 64.13
CA PHE D 293 40.15 36.12 62.92
C PHE D 293 41.63 35.96 62.62
N ALA D 294 41.96 35.94 61.33
CA ALA D 294 43.28 35.53 60.86
C ALA D 294 44.18 36.73 60.63
N SER D 295 45.47 36.52 60.89
CA SER D 295 46.50 37.49 60.58
C SER D 295 47.81 36.73 60.39
N ASN D 296 48.62 37.20 59.43
CA ASN D 296 49.89 36.57 59.12
C ASN D 296 51.00 37.60 59.24
N TYR D 297 52.21 37.12 59.58
CA TYR D 297 53.34 38.00 59.84
C TYR D 297 54.60 37.38 59.26
N GLY D 298 55.61 38.24 59.08
CA GLY D 298 56.89 37.80 58.54
C GLY D 298 58.05 38.48 59.24
N ILE D 299 59.13 37.72 59.47
CA ILE D 299 60.34 38.23 60.11
C ILE D 299 61.43 38.27 59.06
N VAL D 300 61.90 39.48 58.72
CA VAL D 300 62.91 39.68 57.70
C VAL D 300 64.19 40.16 58.36
N GLU D 301 65.32 39.68 57.85
CA GLU D 301 66.64 40.09 58.33
C GLU D 301 67.20 41.13 57.38
N LEU D 302 67.60 42.28 57.91
CA LEU D 302 68.06 43.39 57.09
C LEU D 302 69.45 43.10 56.53
N ASP D 303 69.58 43.13 55.22
CA ASP D 303 70.85 42.85 54.58
C ASP D 303 71.78 44.05 54.77
N PRO D 304 73.01 43.84 55.23
CA PRO D 304 73.90 44.99 55.48
C PRO D 304 74.24 45.79 54.24
N GLU D 305 74.36 45.14 53.08
CA GLU D 305 74.75 45.86 51.87
C GLU D 305 73.57 46.59 51.25
N CYS D 306 72.39 45.97 51.23
CA CYS D 306 71.20 46.60 50.68
C CYS D 306 70.69 47.70 51.61
N LEU D 326 72.93 40.87 62.78
CA LEU D 326 71.99 41.43 61.82
C LEU D 326 70.61 41.60 62.44
N ASN D 327 70.18 42.85 62.59
CA ASN D 327 68.88 43.15 63.15
C ASN D 327 67.77 42.65 62.23
N THR D 328 66.59 42.43 62.83
CA THR D 328 65.43 41.93 62.12
C THR D 328 64.23 42.81 62.42
N VAL D 329 63.22 42.71 61.54
CA VAL D 329 61.98 43.47 61.68
C VAL D 329 60.80 42.53 61.56
N LEU D 330 59.67 42.94 62.12
CA LEU D 330 58.43 42.19 62.05
C LEU D 330 57.47 42.88 61.10
N ILE D 331 56.97 42.12 60.12
CA ILE D 331 56.11 42.64 59.08
C ILE D 331 54.72 42.04 59.27
N ALA D 332 53.70 42.89 59.16
CA ALA D 332 52.32 42.48 59.39
C ALA D 332 51.57 42.38 58.07
N ASP D 333 50.84 41.27 57.88
CA ASP D 333 50.01 41.04 56.71
C ASP D 333 50.83 41.10 55.42
N LEU D 334 51.41 39.97 55.03
CA LEU D 334 52.31 39.92 53.90
C LEU D 334 51.53 39.96 52.58
N ASP D 335 52.03 40.75 51.64
CA ASP D 335 51.41 40.86 50.32
C ASP D 335 52.49 41.14 49.29
N THR D 336 52.10 41.05 48.01
CA THR D 336 52.95 41.29 46.84
C THR D 336 54.02 40.22 46.69
N GLU D 337 54.50 40.03 45.46
CA GLU D 337 55.48 38.98 45.17
C GLU D 337 56.76 39.18 45.97
N ALA D 338 57.19 40.44 46.14
CA ALA D 338 58.46 40.70 46.82
C ALA D 338 58.46 40.14 48.24
N GLU D 339 57.37 40.33 48.98
CA GLU D 339 57.31 39.84 50.36
C GLU D 339 57.09 38.33 50.40
N GLU D 340 56.17 37.81 49.59
CA GLU D 340 55.82 36.40 49.66
C GLU D 340 56.99 35.50 49.25
N THR D 341 57.73 35.90 48.21
CA THR D 341 58.78 35.03 47.67
C THR D 341 59.99 34.98 48.59
N SER D 342 60.33 36.09 49.24
CA SER D 342 61.62 36.22 49.91
C SER D 342 61.55 36.01 51.42
N ILE D 343 60.38 36.13 52.04
CA ILE D 343 60.24 36.01 53.48
C ILE D 343 59.94 34.56 53.82
N HIS D 344 60.88 33.90 54.51
CA HIS D 344 60.77 32.48 54.80
C HIS D 344 60.59 32.21 56.29
N SER D 345 60.38 33.25 57.09
CA SER D 345 60.01 33.12 58.50
C SER D 345 58.64 33.77 58.67
N THR D 346 57.60 32.95 58.77
CA THR D 346 56.23 33.43 58.80
C THR D 346 55.56 33.03 60.11
N ILE D 347 54.56 33.82 60.50
CA ILE D 347 53.74 33.55 61.67
C ILE D 347 52.29 33.76 61.30
N SER D 348 51.47 32.71 61.43
CA SER D 348 50.05 32.77 61.15
C SER D 348 49.29 32.53 62.45
N ILE D 349 48.34 33.41 62.76
CA ILE D 349 47.63 33.37 64.04
C ILE D 349 46.13 33.47 63.78
N LEU D 350 45.37 32.66 64.51
CA LEU D 350 43.93 32.85 64.65
C LEU D 350 43.64 33.28 66.08
N ALA D 351 43.10 34.48 66.23
CA ALA D 351 42.85 35.07 67.54
C ALA D 351 41.37 35.38 67.68
N ALA D 352 40.81 35.01 68.82
CA ALA D 352 39.40 35.26 69.09
C ALA D 352 39.25 36.57 69.88
N PRO D 353 38.31 37.44 69.50
CA PRO D 353 38.11 38.68 70.26
C PRO D 353 37.73 38.45 71.72
N SER D 354 37.33 37.23 72.09
CA SER D 354 37.04 36.95 73.49
C SER D 354 38.30 36.99 74.33
N GLY D 355 39.45 36.61 73.78
CA GLY D 355 40.69 36.67 74.52
C GLY D 355 41.75 35.66 74.15
N ASN D 356 41.36 34.45 73.77
CA ASN D 356 42.33 33.38 73.55
C ASN D 356 42.65 33.20 72.08
N TYR D 357 43.74 32.48 71.82
CA TYR D 357 44.18 32.15 70.48
C TYR D 357 43.63 30.80 70.05
N LYS D 358 43.23 30.70 68.78
CA LYS D 358 42.69 29.46 68.25
C LYS D 358 43.65 28.70 67.36
N GLN D 359 44.69 29.37 66.84
CA GLN D 359 45.67 28.70 65.99
C GLN D 359 46.94 29.54 65.96
N LEU D 360 48.09 28.86 65.96
CA LEU D 360 49.37 29.51 65.85
C LEU D 360 50.29 28.66 64.98
N THR D 361 50.84 29.26 63.93
CA THR D 361 51.72 28.58 62.99
C THR D 361 53.03 29.33 62.90
N LEU D 362 54.11 28.69 63.34
CA LEU D 362 55.45 29.24 63.26
C LEU D 362 56.26 28.41 62.26
N MET D 363 56.94 29.09 61.34
CA MET D 363 57.80 28.43 60.36
C MET D 363 59.11 29.22 60.28
N GLY D 364 60.18 28.64 60.81
CA GLY D 364 61.46 29.33 60.88
C GLY D 364 62.42 28.96 59.77
N GLY D 365 61.97 29.11 58.52
CA GLY D 365 62.86 28.86 57.40
C GLY D 365 63.88 29.98 57.22
N GLY D 366 63.48 31.21 57.49
CA GLY D 366 64.36 32.35 57.35
C GLY D 366 65.03 32.77 58.65
N ALA D 367 64.81 34.02 59.05
CA ALA D 367 65.44 34.55 60.25
C ALA D 367 64.98 33.77 61.49
N LYS D 368 65.80 33.85 62.54
CA LYS D 368 65.48 33.19 63.79
C LYS D 368 64.24 33.80 64.41
N ILE D 369 63.25 32.95 64.68
CA ILE D 369 61.99 33.39 65.29
C ILE D 369 62.25 33.52 66.79
N THR D 370 62.48 34.75 67.24
CA THR D 370 62.76 35.00 68.64
C THR D 370 61.46 35.12 69.43
N PRO D 371 61.51 34.85 70.74
CA PRO D 371 60.28 34.99 71.56
C PRO D 371 59.69 36.39 71.52
N GLU D 372 60.52 37.41 71.25
CA GLU D 372 60.00 38.78 71.19
C GLU D 372 59.12 38.97 69.96
N MET D 373 59.50 38.33 68.84
CA MET D 373 58.65 38.38 67.65
C MET D 373 57.33 37.66 67.89
N ILE D 374 57.37 36.51 68.56
CA ILE D 374 56.15 35.77 68.88
C ILE D 374 55.23 36.63 69.74
N LYS D 375 55.77 37.19 70.82
CA LYS D 375 54.97 38.01 71.72
C LYS D 375 54.40 39.23 71.01
N ARG D 376 55.13 39.79 70.06
CA ARG D 376 54.63 40.94 69.31
C ARG D 376 53.56 40.51 68.30
N SER D 377 53.76 39.36 67.66
CA SER D 377 52.75 38.85 66.73
C SER D 377 51.46 38.50 67.45
N LEU D 378 51.56 37.85 68.61
CA LEU D 378 50.37 37.59 69.41
C LEU D 378 49.70 38.88 69.84
N LEU D 379 50.50 39.90 70.14
CA LEU D 379 49.95 41.19 70.57
C LEU D 379 49.21 41.88 69.43
N LEU D 380 49.79 41.85 68.22
CA LEU D 380 49.14 42.49 67.08
C LEU D 380 47.92 41.68 66.61
N SER D 381 47.96 40.36 66.76
CA SER D 381 46.84 39.54 66.33
C SER D 381 45.59 39.80 67.17
N ARG D 382 45.76 40.11 68.45
CA ARG D 382 44.60 40.42 69.30
C ARG D 382 43.91 41.69 68.82
N VAL D 383 44.68 42.75 68.57
CA VAL D 383 44.09 44.02 68.14
C VAL D 383 43.54 43.91 66.72
N ARG D 384 44.06 42.98 65.91
CA ARG D 384 43.48 42.78 64.59
C ARG D 384 42.14 42.08 64.67
N ALA D 385 42.03 41.06 65.52
CA ALA D 385 40.75 40.39 65.73
C ALA D 385 39.73 41.32 66.36
N ASP D 386 40.15 42.10 67.36
CA ASP D 386 39.26 43.08 67.97
C ASP D 386 38.72 44.06 66.93
N ASP D 387 39.57 44.45 65.97
CA ASP D 387 39.14 45.39 64.94
C ASP D 387 38.15 44.75 63.98
N LEU D 388 38.39 43.50 63.59
CA LEU D 388 37.59 42.89 62.53
C LEU D 388 36.18 42.55 63.00
N SER D 389 36.04 42.07 64.23
CA SER D 389 34.71 41.69 64.72
C SER D 389 33.85 42.92 65.00
N THR D 390 34.46 43.98 65.56
CA THR D 390 33.70 45.17 65.93
C THR D 390 33.33 46.02 64.72
N ARG D 391 34.25 46.14 63.75
CA ARG D 391 34.10 47.10 62.66
C ARG D 391 32.77 46.92 61.90
N PHE D 392 32.24 45.70 61.85
CA PHE D 392 31.03 45.41 61.08
C PHE D 392 29.98 44.83 62.03
N ASN D 393 29.09 45.70 62.50
CA ASN D 393 28.04 45.32 63.43
C ASN D 393 28.59 44.63 64.68
N SER E 5 59.75 7.75 74.74
CA SER E 5 60.58 6.65 74.28
C SER E 5 60.23 6.27 72.84
N VAL E 6 61.21 6.39 71.95
CA VAL E 6 61.02 6.10 70.53
C VAL E 6 62.02 5.04 70.09
N GLN E 7 61.63 4.26 69.09
CA GLN E 7 62.48 3.25 68.47
C GLN E 7 62.48 3.46 66.98
N ALA E 8 63.63 3.20 66.34
CA ALA E 8 63.76 3.50 64.92
C ALA E 8 64.79 2.57 64.29
N GLU E 9 64.67 2.42 62.97
CA GLU E 9 65.60 1.64 62.15
C GLU E 9 66.02 2.48 60.96
N ILE E 10 67.09 2.05 60.30
CA ILE E 10 67.69 2.81 59.21
C ILE E 10 68.13 1.86 58.12
N GLY E 11 67.91 2.25 56.86
CA GLY E 11 68.35 1.47 55.74
C GLY E 11 67.64 0.13 55.62
N ILE E 12 66.32 0.18 55.51
CA ILE E 12 65.50 -1.03 55.50
C ILE E 12 64.98 -1.38 54.12
N LEU E 13 64.87 -0.41 53.22
CA LEU E 13 64.41 -0.65 51.87
C LEU E 13 65.59 -0.76 50.92
N ASP E 14 65.46 -1.61 49.90
CA ASP E 14 66.58 -1.95 49.03
C ASP E 14 66.59 -1.18 47.71
N HIS E 15 65.45 -0.64 47.28
CA HIS E 15 65.35 0.01 45.98
C HIS E 15 65.18 1.52 46.09
N VAL E 16 65.68 2.11 47.18
CA VAL E 16 65.75 3.56 47.34
C VAL E 16 67.09 3.90 47.97
N ASP E 17 67.49 5.16 47.81
CA ASP E 17 68.80 5.60 48.32
C ASP E 17 68.81 5.69 49.84
N GLY E 18 67.67 5.94 50.45
CA GLY E 18 67.60 6.04 51.90
C GLY E 18 66.23 5.65 52.41
N SER E 19 66.21 5.03 53.57
CA SER E 19 64.96 4.55 54.16
C SER E 19 65.06 4.62 55.68
N SER E 20 63.91 4.75 56.33
CA SER E 20 63.85 4.82 57.78
C SER E 20 62.47 4.39 58.26
N GLU E 21 62.43 3.86 59.48
CA GLU E 21 61.20 3.50 60.16
C GLU E 21 61.22 4.12 61.56
N PHE E 22 60.15 4.83 61.91
CA PHE E 22 60.09 5.56 63.17
C PHE E 22 58.82 5.18 63.91
N VAL E 23 58.96 4.86 65.20
CA VAL E 23 57.84 4.42 66.04
C VAL E 23 57.84 5.26 67.31
N SER E 24 56.83 6.11 67.47
CA SER E 24 56.59 6.86 68.69
C SER E 24 55.27 6.34 69.30
N GLN E 25 55.38 5.67 70.45
CA GLN E 25 54.24 5.02 71.08
C GLN E 25 53.56 4.06 70.12
N ASP E 26 52.38 4.43 69.64
CA ASP E 26 51.64 3.63 68.67
C ASP E 26 51.74 4.17 67.25
N THR E 27 52.24 5.39 67.07
CA THR E 27 52.44 5.92 65.73
C THR E 27 53.64 5.27 65.08
N LYS E 28 53.51 4.92 63.80
CA LYS E 28 54.57 4.22 63.09
C LYS E 28 54.59 4.70 61.64
N VAL E 29 55.72 5.23 61.20
CA VAL E 29 55.89 5.73 59.84
C VAL E 29 57.16 5.16 59.25
N ILE E 30 57.07 4.69 58.01
CA ILE E 30 58.23 4.31 57.20
C ILE E 30 58.41 5.35 56.11
N CYS E 31 59.68 5.70 55.84
CA CYS E 31 59.97 6.79 54.92
C CYS E 31 61.10 6.41 53.98
N SER E 32 60.96 6.77 52.71
CA SER E 32 61.95 6.51 51.68
C SER E 32 62.47 7.81 51.11
N VAL E 33 63.76 7.83 50.76
CA VAL E 33 64.40 8.99 50.15
C VAL E 33 65.24 8.52 48.97
N THR E 34 65.07 9.18 47.82
CA THR E 34 65.83 8.89 46.61
C THR E 34 66.29 10.21 46.03
N GLY E 35 67.61 10.47 46.11
CA GLY E 35 68.17 11.70 45.59
C GLY E 35 69.65 11.84 45.87
N PRO E 36 70.33 12.69 45.07
CA PRO E 36 69.76 13.50 43.99
C PRO E 36 69.61 12.74 42.67
N ILE E 37 68.45 12.87 42.04
CA ILE E 37 68.15 12.22 40.77
C ILE E 37 67.65 13.26 39.78
N GLU E 38 67.62 12.87 38.52
CA GLU E 38 67.15 13.75 37.44
C GLU E 38 65.70 14.14 37.66
N PRO E 39 65.37 15.42 37.75
CA PRO E 39 63.98 15.84 37.97
C PRO E 39 63.19 15.88 36.68
N LYS E 40 61.88 15.94 36.83
CA LYS E 40 61.01 16.22 35.70
C LYS E 40 61.21 17.65 35.21
N ALA E 41 60.71 17.93 34.01
CA ALA E 41 60.80 19.29 33.47
C ALA E 41 60.00 20.26 34.32
N ARG E 42 58.82 19.85 34.78
CA ARG E 42 57.98 20.73 35.59
C ARG E 42 58.62 21.01 36.95
N GLN E 43 59.42 20.08 37.46
CA GLN E 43 60.00 20.20 38.80
C GLN E 43 61.32 20.94 38.82
N GLU E 44 61.95 21.14 37.66
CA GLU E 44 63.33 21.61 37.61
C GLU E 44 63.49 22.98 38.25
N LEU E 45 64.54 23.11 39.07
CA LEU E 45 64.93 24.39 39.67
C LEU E 45 66.37 24.69 39.28
N PRO E 46 66.65 25.83 38.63
CA PRO E 46 68.02 26.07 38.17
C PRO E 46 69.03 26.23 39.29
N THR E 47 68.69 26.98 40.34
CA THR E 47 69.68 27.35 41.35
C THR E 47 69.92 26.25 42.37
N GLN E 48 68.86 25.53 42.77
CA GLN E 48 68.97 24.65 43.93
C GLN E 48 68.19 23.36 43.66
N LEU E 49 68.06 22.56 44.71
CA LEU E 49 67.42 21.24 44.63
C LEU E 49 65.91 21.36 44.76
N ALA E 50 65.19 20.52 44.00
CA ALA E 50 63.75 20.42 44.10
C ALA E 50 63.36 19.22 44.94
N LEU E 51 62.25 19.37 45.67
CA LEU E 51 61.78 18.35 46.61
C LEU E 51 60.40 17.86 46.20
N GLU E 52 60.24 16.54 46.13
CA GLU E 52 58.95 15.90 45.93
C GLU E 52 58.57 15.17 47.23
N ILE E 53 57.62 15.74 47.98
CA ILE E 53 57.22 15.21 49.28
C ILE E 53 55.86 14.54 49.13
N ILE E 54 55.78 13.29 49.58
CA ILE E 54 54.57 12.47 49.48
C ILE E 54 54.29 11.88 50.85
N VAL E 55 53.04 11.99 51.30
CA VAL E 55 52.59 11.40 52.55
C VAL E 55 51.38 10.53 52.27
N ARG E 56 51.43 9.26 52.68
CA ARG E 56 50.36 8.31 52.47
C ARG E 56 49.67 7.97 53.78
N PRO E 57 48.34 7.92 53.80
CA PRO E 57 47.62 7.62 55.04
C PRO E 57 47.70 6.14 55.41
N ALA E 58 47.41 5.88 56.68
CA ALA E 58 47.40 4.51 57.17
C ALA E 58 46.24 3.71 56.62
N LYS E 59 45.12 4.38 56.33
CA LYS E 59 43.94 3.75 55.77
C LYS E 59 43.40 4.60 54.62
N GLY E 60 42.71 3.94 53.70
CA GLY E 60 42.13 4.64 52.57
C GLY E 60 43.17 5.20 51.61
N VAL E 61 42.67 6.00 50.67
CA VAL E 61 43.53 6.64 49.68
C VAL E 61 43.98 8.00 50.18
N ALA E 62 44.88 8.64 49.46
CA ALA E 62 45.38 9.95 49.87
C ALA E 62 44.33 11.02 49.60
N THR E 63 44.05 11.84 50.61
CA THR E 63 43.14 12.97 50.51
C THR E 63 43.89 14.27 50.76
N THR E 64 43.15 15.38 50.75
CA THR E 64 43.75 16.69 51.04
C THR E 64 44.32 16.75 52.44
N ARG E 65 43.83 15.91 53.36
CA ARG E 65 44.41 15.84 54.70
C ARG E 65 45.90 15.56 54.64
N GLU E 66 46.32 14.66 53.76
CA GLU E 66 47.75 14.40 53.59
C GLU E 66 48.43 15.49 52.78
N LYS E 67 47.69 16.19 51.91
CA LYS E 67 48.26 17.31 51.18
C LYS E 67 48.72 18.41 52.12
N VAL E 68 48.00 18.61 53.23
CA VAL E 68 48.43 19.59 54.22
C VAL E 68 49.62 19.07 55.02
N LEU E 69 49.60 17.78 55.36
CA LEU E 69 50.74 17.18 56.04
C LEU E 69 51.99 17.26 55.17
N GLU E 70 51.83 17.11 53.86
CA GLU E 70 52.97 17.30 52.96
C GLU E 70 53.45 18.75 52.99
N ASP E 71 52.52 19.70 53.06
CA ASP E 71 52.90 21.11 53.10
C ASP E 71 53.64 21.45 54.39
N LYS E 72 53.14 20.98 55.53
CA LYS E 72 53.82 21.23 56.80
C LYS E 72 55.18 20.55 56.83
N LEU E 73 55.26 19.32 56.30
CA LEU E 73 56.53 18.61 56.25
C LEU E 73 57.51 19.32 55.32
N ARG E 74 57.02 19.86 54.22
CA ARG E 74 57.88 20.61 53.30
C ARG E 74 58.51 21.81 54.00
N ALA E 75 57.73 22.46 54.88
CA ALA E 75 58.24 23.62 55.62
C ALA E 75 59.36 23.23 56.56
N VAL E 76 59.36 21.99 57.07
CA VAL E 76 60.41 21.56 57.98
C VAL E 76 61.65 21.11 57.22
N LEU E 77 61.47 20.36 56.14
CA LEU E 77 62.60 19.73 55.46
C LEU E 77 63.38 20.73 54.60
N THR E 78 62.69 21.66 53.95
CA THR E 78 63.33 22.58 53.00
C THR E 78 64.50 23.36 53.62
N PRO E 79 64.39 23.97 54.79
CA PRO E 79 65.57 24.63 55.37
C PRO E 79 66.59 23.66 55.96
N LEU E 80 66.27 22.37 56.05
CA LEU E 80 67.20 21.38 56.56
C LEU E 80 68.14 20.85 55.49
N ILE E 81 67.74 20.88 54.22
CA ILE E 81 68.54 20.34 53.13
C ILE E 81 69.36 21.47 52.52
N THR E 82 70.64 21.22 52.29
CA THR E 82 71.51 22.20 51.63
C THR E 82 71.22 22.17 50.13
N ARG E 83 70.05 22.73 49.78
CA ARG E 83 69.50 22.56 48.44
C ARG E 83 70.42 23.11 47.36
N HIS E 84 71.19 24.15 47.66
CA HIS E 84 72.05 24.75 46.66
C HIS E 84 73.24 23.86 46.28
N CYS E 85 73.46 22.77 47.01
CA CYS E 85 74.52 21.82 46.64
C CYS E 85 74.14 20.98 45.43
N TYR E 86 72.84 20.80 45.17
CA TYR E 86 72.36 19.94 44.09
C TYR E 86 71.50 20.78 43.14
N PRO E 87 72.11 21.66 42.35
CA PRO E 87 71.31 22.45 41.41
C PRO E 87 70.76 21.58 40.31
N ARG E 88 69.49 21.82 39.96
CA ARG E 88 68.82 21.11 38.87
C ARG E 88 68.65 19.62 39.17
N GLN E 89 68.30 19.30 40.41
CA GLN E 89 68.14 17.91 40.83
C GLN E 89 66.84 17.76 41.61
N LEU E 90 66.51 16.49 41.91
CA LEU E 90 65.26 16.13 42.57
C LEU E 90 65.54 15.19 43.74
N CYS E 91 64.68 15.27 44.75
CA CYS E 91 64.73 14.38 45.91
C CYS E 91 63.33 13.87 46.21
N GLN E 92 63.16 12.55 46.26
CA GLN E 92 61.86 11.92 46.51
C GLN E 92 61.77 11.50 47.97
N ILE E 93 61.10 12.32 48.77
CA ILE E 93 60.80 11.98 50.16
C ILE E 93 59.37 11.45 50.20
N THR E 94 59.22 10.16 50.45
CA THR E 94 57.91 9.51 50.48
C THR E 94 57.69 8.93 51.86
N CYS E 95 56.59 9.32 52.50
CA CYS E 95 56.23 8.85 53.82
C CYS E 95 54.99 7.97 53.74
N GLN E 96 55.10 6.76 54.27
CA GLN E 96 53.98 5.83 54.35
C GLN E 96 53.62 5.62 55.81
N ILE E 97 52.50 6.20 56.23
CA ILE E 97 52.01 6.01 57.59
C ILE E 97 51.44 4.61 57.70
N LEU E 98 51.95 3.83 58.66
CA LEU E 98 51.52 2.46 58.85
C LEU E 98 50.46 2.33 59.93
N GLU E 99 50.69 2.92 61.10
CA GLU E 99 49.70 3.00 62.16
C GLU E 99 49.66 4.45 62.64
N SER E 100 48.45 5.03 62.65
CA SER E 100 48.33 6.47 62.88
C SER E 100 48.62 6.84 64.33
N GLY E 101 48.29 5.96 65.27
CA GLY E 101 48.47 6.27 66.68
C GLY E 101 47.54 7.33 67.21
N GLU E 102 46.49 7.68 66.47
CA GLU E 102 45.54 8.70 66.88
C GLU E 102 44.26 8.51 66.07
N ASP E 103 43.17 9.08 66.57
CA ASP E 103 41.90 9.05 65.87
C ASP E 103 42.00 9.97 64.66
N GLU E 104 42.22 9.38 63.48
CA GLU E 104 42.44 10.16 62.27
C GLU E 104 41.29 11.11 61.97
N ALA E 105 40.09 10.85 62.50
CA ALA E 105 38.96 11.73 62.24
C ALA E 105 39.22 13.14 62.76
N GLU E 106 39.85 13.26 63.92
CA GLU E 106 40.06 14.56 64.55
C GLU E 106 41.51 15.03 64.54
N PHE E 107 42.48 14.12 64.57
CA PHE E 107 43.87 14.49 64.83
C PHE E 107 44.80 13.97 63.76
N SER E 108 45.90 14.70 63.57
CA SER E 108 46.97 14.27 62.67
C SER E 108 48.34 14.66 63.20
N LEU E 109 48.43 15.22 64.41
CA LEU E 109 49.70 15.75 64.89
C LEU E 109 50.70 14.64 65.21
N ARG E 110 50.23 13.49 65.70
CA ARG E 110 51.15 12.38 65.96
C ARG E 110 51.77 11.89 64.65
N GLU E 111 50.99 11.84 63.58
CA GLU E 111 51.54 11.42 62.29
C GLU E 111 52.48 12.48 61.73
N LEU E 112 52.11 13.76 61.86
CA LEU E 112 52.98 14.85 61.41
C LEU E 112 54.31 14.81 62.15
N SER E 113 54.26 14.76 63.48
CA SER E 113 55.50 14.70 64.26
C SER E 113 56.31 13.45 63.95
N CYS E 114 55.64 12.34 63.63
CA CYS E 114 56.34 11.10 63.30
C CYS E 114 56.92 11.17 61.89
N CYS E 115 56.20 11.75 60.94
CA CYS E 115 56.71 11.88 59.58
C CYS E 115 57.96 12.75 59.54
N ILE E 116 57.99 13.82 60.35
CA ILE E 116 59.16 14.69 60.38
C ILE E 116 60.39 13.91 60.83
N ASN E 117 60.26 13.12 61.90
CA ASN E 117 61.39 12.34 62.39
C ASN E 117 61.81 11.28 61.40
N ALA E 118 60.85 10.57 60.80
CA ALA E 118 61.18 9.55 59.82
C ALA E 118 61.84 10.14 58.58
N ALA E 119 61.32 11.27 58.09
CA ALA E 119 61.91 11.92 56.93
C ALA E 119 63.34 12.37 57.21
N PHE E 120 63.58 12.94 58.40
CA PHE E 120 64.92 13.36 58.77
C PHE E 120 65.87 12.17 58.79
N LEU E 121 65.46 11.07 59.42
CA LEU E 121 66.31 9.89 59.50
C LEU E 121 66.63 9.33 58.12
N ALA E 122 65.63 9.29 57.23
CA ALA E 122 65.86 8.78 55.88
C ALA E 122 66.79 9.68 55.08
N LEU E 123 66.73 10.99 55.31
CA LEU E 123 67.66 11.90 54.64
C LEU E 123 69.10 11.68 55.12
N VAL E 124 69.27 11.33 56.39
CA VAL E 124 70.60 10.98 56.89
C VAL E 124 71.09 9.70 56.24
N ASP E 125 70.21 8.70 56.14
CA ASP E 125 70.60 7.42 55.54
C ASP E 125 70.95 7.58 54.07
N ALA E 126 70.31 8.53 53.39
CA ALA E 126 70.59 8.78 51.97
C ALA E 126 71.86 9.57 51.75
N GLY E 127 72.45 10.15 52.79
CA GLY E 127 73.68 10.91 52.64
C GLY E 127 73.50 12.26 51.98
N ILE E 128 72.34 12.89 52.14
CA ILE E 128 72.07 14.21 51.57
C ILE E 128 72.59 15.28 52.51
N ALA E 129 73.19 16.32 51.93
CA ALA E 129 73.77 17.40 52.72
C ALA E 129 72.70 18.10 53.54
N LEU E 130 72.93 18.18 54.85
CA LEU E 130 72.00 18.80 55.78
C LEU E 130 72.69 19.92 56.55
N ASN E 131 72.03 21.08 56.63
CA ASN E 131 72.62 22.20 57.35
C ASN E 131 72.71 21.91 58.85
N SER E 132 71.72 21.22 59.39
CA SER E 132 71.64 21.00 60.84
C SER E 132 70.83 19.73 61.10
N MET E 133 70.45 19.53 62.35
CA MET E 133 69.65 18.38 62.77
C MET E 133 68.24 18.84 63.14
N CYS E 134 67.39 17.87 63.47
CA CYS E 134 65.98 18.16 63.69
C CYS E 134 65.32 17.03 64.47
N ALA E 135 64.40 17.40 65.35
CA ALA E 135 63.54 16.44 66.05
C ALA E 135 62.19 17.10 66.29
N SER E 136 61.14 16.29 66.24
CA SER E 136 59.77 16.78 66.37
C SER E 136 59.05 16.01 67.47
N ILE E 137 58.24 16.73 68.25
CA ILE E 137 57.44 16.11 69.31
C ILE E 137 56.01 16.62 69.22
N PRO E 138 55.02 15.78 69.47
CA PRO E 138 53.64 16.27 69.61
C PRO E 138 53.31 16.55 71.06
N ILE E 139 52.57 17.63 71.28
CA ILE E 139 52.18 18.04 72.63
C ILE E 139 50.69 18.36 72.63
N ALA E 140 50.04 18.07 73.76
CA ALA E 140 48.62 18.34 73.92
C ALA E 140 48.36 18.83 75.34
N ILE E 141 47.36 19.71 75.47
CA ILE E 141 46.92 20.23 76.77
C ILE E 141 45.58 19.57 77.10
N ILE E 142 45.55 18.84 78.21
CA ILE E 142 44.40 18.02 78.55
C ILE E 142 43.30 18.88 79.15
N LYS E 143 42.05 18.44 78.97
CA LYS E 143 40.86 19.21 79.31
C LYS E 143 40.85 19.73 80.74
N ASP E 144 40.40 18.92 81.69
CA ASP E 144 40.16 19.41 83.05
C ASP E 144 41.44 19.60 83.83
N THR E 145 42.47 18.78 83.57
CA THR E 145 43.71 18.90 84.32
C THR E 145 44.51 20.13 83.91
N SER E 146 44.31 20.61 82.67
CA SER E 146 45.04 21.75 82.12
C SER E 146 46.55 21.54 82.17
N ASP E 147 46.99 20.29 82.19
CA ASP E 147 48.39 19.95 82.18
C ASP E 147 48.91 19.86 80.75
N ILE E 148 50.19 20.13 80.56
CA ILE E 148 50.83 20.09 79.26
C ILE E 148 51.50 18.73 79.14
N ILE E 149 50.88 17.82 78.39
CA ILE E 149 51.36 16.45 78.24
C ILE E 149 52.17 16.37 76.96
N VAL E 150 53.47 16.10 77.09
CA VAL E 150 54.34 15.89 75.94
C VAL E 150 54.20 14.44 75.49
N ASP E 151 54.20 14.24 74.17
CA ASP E 151 54.00 12.93 73.56
C ASP E 151 52.73 12.29 74.09
N PRO E 152 51.56 12.85 73.78
CA PRO E 152 50.32 12.35 74.38
C PRO E 152 49.83 11.07 73.72
N THR E 153 49.14 10.26 74.51
CA THR E 153 48.56 9.04 73.99
C THR E 153 47.33 9.34 73.14
N ALA E 154 46.86 8.33 72.43
CA ALA E 154 45.66 8.50 71.61
C ALA E 154 44.45 8.77 72.48
N GLU E 155 44.40 8.21 73.69
CA GLU E 155 43.29 8.47 74.59
C GLU E 155 43.38 9.88 75.18
N GLN E 156 44.60 10.35 75.45
CA GLN E 156 44.78 11.70 75.98
C GLN E 156 44.33 12.75 74.98
N LEU E 157 44.60 12.53 73.69
CA LEU E 157 44.19 13.49 72.67
C LEU E 157 42.68 13.65 72.61
N LYS E 158 41.93 12.58 72.91
CA LYS E 158 40.48 12.66 72.86
C LYS E 158 39.93 13.71 73.81
N ILE E 159 40.63 13.97 74.91
CA ILE E 159 40.21 14.96 75.89
C ILE E 159 41.22 16.09 75.95
N SER E 160 41.81 16.43 74.80
CA SER E 160 42.77 17.52 74.71
C SER E 160 42.07 18.79 74.25
N LEU E 161 42.37 19.90 74.92
CA LEU E 161 41.82 21.20 74.55
C LEU E 161 42.66 21.94 73.53
N SER E 162 43.91 21.53 73.33
CA SER E 162 44.76 22.10 72.30
C SER E 162 45.87 21.10 71.98
N VAL E 163 46.25 21.04 70.70
CA VAL E 163 47.25 20.10 70.21
C VAL E 163 48.32 20.88 69.46
N HIS E 164 49.58 20.52 69.70
CA HIS E 164 50.71 21.29 69.16
C HIS E 164 51.78 20.35 68.63
N THR E 165 52.36 20.73 67.49
CA THR E 165 53.50 20.03 66.90
C THR E 165 54.69 20.97 66.90
N LEU E 166 55.79 20.56 67.53
CA LEU E 166 57.00 21.36 67.61
C LEU E 166 58.16 20.62 66.97
N ALA E 167 58.82 21.27 66.01
CA ALA E 167 59.99 20.72 65.33
C ALA E 167 61.09 21.78 65.32
N LEU E 168 62.21 21.47 65.95
CA LEU E 168 63.29 22.44 66.15
C LEU E 168 64.54 22.04 65.36
N GLU E 169 65.29 23.07 64.94
CA GLU E 169 66.57 22.88 64.26
C GLU E 169 67.68 22.93 65.31
N PHE E 170 68.48 21.87 65.37
CA PHE E 170 69.53 21.75 66.38
C PHE E 170 70.91 21.82 65.75
N VAL E 171 71.84 22.47 66.45
CA VAL E 171 73.22 22.61 66.01
C VAL E 171 74.13 22.44 67.23
N ASN E 172 75.42 22.28 66.94
CA ASN E 172 76.46 22.14 67.97
C ASN E 172 76.13 21.01 68.94
N GLY E 173 76.26 19.78 68.42
CA GLY E 173 76.03 18.60 69.22
C GLY E 173 74.62 18.45 69.75
N GLY E 174 73.64 19.08 69.12
CA GLY E 174 72.27 18.98 69.58
C GLY E 174 71.98 19.71 70.88
N LYS E 175 72.72 20.78 71.16
CA LYS E 175 72.50 21.58 72.36
C LYS E 175 71.99 22.99 72.07
N VAL E 176 72.19 23.49 70.86
CA VAL E 176 71.75 24.83 70.47
C VAL E 176 70.55 24.68 69.54
N VAL E 177 69.54 25.53 69.75
CA VAL E 177 68.33 25.54 68.94
C VAL E 177 68.49 26.65 67.91
N LYS E 178 68.83 26.29 66.68
CA LYS E 178 69.10 27.29 65.65
C LYS E 178 67.84 28.05 65.26
N ASN E 179 66.68 27.40 65.31
CA ASN E 179 65.41 28.01 64.91
C ASN E 179 64.29 27.03 65.23
N VAL E 180 63.07 27.54 65.19
CA VAL E 180 61.87 26.72 65.29
C VAL E 180 61.37 26.42 63.88
N LEU E 181 61.57 25.17 63.43
CA LEU E 181 61.24 24.82 62.06
C LEU E 181 59.74 24.85 61.82
N LEU E 182 58.97 24.30 62.76
CA LEU E 182 57.52 24.35 62.65
C LEU E 182 56.89 24.28 64.04
N LEU E 183 55.95 25.17 64.30
CA LEU E 183 55.08 25.09 65.48
C LEU E 183 53.65 25.15 64.98
N ASP E 184 52.92 24.04 65.09
CA ASP E 184 51.56 23.92 64.58
C ASP E 184 50.63 23.77 65.76
N SER E 185 50.09 24.89 66.23
CA SER E 185 49.21 24.93 67.39
C SER E 185 47.76 25.05 66.94
N ASN E 186 46.90 24.22 67.51
CA ASN E 186 45.48 24.21 67.17
C ASN E 186 44.67 23.95 68.44
N GLY E 187 43.63 24.75 68.64
CA GLY E 187 42.80 24.67 69.82
C GLY E 187 42.81 25.97 70.60
N ASP E 188 42.22 25.92 71.79
CA ASP E 188 42.11 27.10 72.64
C ASP E 188 43.29 27.17 73.59
N PHE E 189 44.00 28.30 73.57
CA PHE E 189 45.16 28.49 74.43
C PHE E 189 45.47 29.98 74.53
N ASN E 190 46.26 30.33 75.53
CA ASN E 190 46.64 31.70 75.81
C ASN E 190 48.15 31.87 75.70
N GLU E 191 48.60 33.11 75.86
CA GLU E 191 50.03 33.41 75.73
C GLU E 191 50.85 32.72 76.81
N ASP E 192 50.36 32.70 78.04
CA ASP E 192 51.10 32.06 79.13
C ASP E 192 51.17 30.55 78.91
N GLN E 193 50.08 29.94 78.41
CA GLN E 193 50.12 28.53 78.07
C GLN E 193 51.12 28.26 76.95
N LEU E 194 51.16 29.14 75.95
CA LEU E 194 51.97 28.91 74.76
C LEU E 194 53.45 28.86 75.10
N PHE E 195 53.92 29.78 75.95
CA PHE E 195 55.35 29.82 76.25
C PHE E 195 55.75 28.78 77.29
N SER E 196 54.84 28.38 78.17
CA SER E 196 55.08 27.19 78.99
C SER E 196 55.18 25.95 78.11
N LEU E 197 54.39 25.92 77.04
CA LEU E 197 54.46 24.82 76.08
C LEU E 197 55.81 24.81 75.35
N LEU E 198 56.25 25.98 74.88
CA LEU E 198 57.52 26.05 74.16
C LEU E 198 58.70 25.71 75.05
N GLU E 199 58.62 26.04 76.35
CA GLU E 199 59.71 25.73 77.27
C GLU E 199 59.85 24.22 77.45
N LEU E 200 58.81 23.57 77.97
CA LEU E 200 58.84 22.13 78.14
C LEU E 200 59.00 21.41 76.81
N GLY E 201 58.42 21.96 75.74
CA GLY E 201 58.57 21.34 74.43
C GLY E 201 60.00 21.35 73.95
N GLU E 202 60.71 22.46 74.16
CA GLU E 202 62.12 22.52 73.78
C GLU E 202 62.97 21.57 74.62
N GLN E 203 62.61 21.37 75.89
CA GLN E 203 63.33 20.44 76.73
C GLN E 203 63.21 19.01 76.21
N LYS E 204 61.99 18.58 75.90
CA LYS E 204 61.80 17.23 75.39
C LYS E 204 62.29 17.08 73.95
N CYS E 205 62.28 18.16 73.18
CA CYS E 205 62.87 18.13 71.85
C CYS E 205 64.38 17.89 71.92
N GLN E 206 65.06 18.56 72.85
CA GLN E 206 66.50 18.36 73.00
C GLN E 206 66.82 16.96 73.49
N GLU E 207 65.91 16.36 74.28
CA GLU E 207 66.08 14.97 74.66
C GLU E 207 65.98 14.04 73.45
N LEU E 208 65.22 14.45 72.43
CA LEU E 208 65.00 13.56 71.29
C LEU E 208 66.18 13.54 70.33
N VAL E 209 66.75 14.71 70.01
CA VAL E 209 67.94 14.73 69.15
C VAL E 209 69.07 13.94 69.79
N THR E 210 69.29 14.13 71.09
CA THR E 210 70.30 13.35 71.80
C THR E 210 70.03 11.86 71.66
N ASN E 211 68.75 11.47 71.75
CA ASN E 211 68.39 10.08 71.52
C ASN E 211 68.45 9.71 70.04
N ILE E 212 68.15 10.66 69.15
CA ILE E 212 68.21 10.38 67.72
C ILE E 212 69.65 10.26 67.26
N ARG E 213 70.53 11.12 67.77
CA ARG E 213 71.95 11.03 67.43
C ARG E 213 72.51 9.67 67.85
N ARG E 214 72.07 9.15 68.99
CA ARG E 214 72.51 7.82 69.43
C ARG E 214 72.06 6.75 68.46
N ILE E 215 70.81 6.84 67.98
CA ILE E 215 70.29 5.83 67.07
C ILE E 215 70.99 5.93 65.72
N ILE E 216 71.25 7.15 65.24
CA ILE E 216 71.94 7.32 63.96
C ILE E 216 73.34 6.74 64.02
N GLN E 217 74.06 6.96 65.12
CA GLN E 217 75.43 6.47 65.22
C GLN E 217 75.48 4.95 65.30
N ASP E 218 74.56 4.34 66.04
CA ASP E 218 74.55 2.89 66.17
C ASP E 218 74.28 2.19 64.84
N ASN E 219 73.68 2.88 63.88
CA ASN E 219 73.34 2.29 62.60
C ASN E 219 74.36 2.57 61.50
N ILE E 220 75.04 3.72 61.54
CA ILE E 220 75.92 4.13 60.46
C ILE E 220 77.37 3.77 60.77
N SER E 221 77.73 3.79 62.06
CA SER E 221 79.10 3.46 62.43
C SER E 221 79.57 2.08 61.98
N PRO E 222 78.78 1.00 62.06
CA PRO E 222 79.26 -0.29 61.54
C PRO E 222 79.40 -0.32 60.03
N ARG E 223 78.80 0.64 59.32
CA ARG E 223 78.88 0.68 57.87
C ARG E 223 80.22 1.22 57.37
N LEU E 224 80.92 2.00 58.18
CA LEU E 224 82.12 2.70 57.77
C LEU E 224 83.35 2.13 58.48
N VAL E 225 84.51 2.61 58.07
CA VAL E 225 85.78 2.24 58.68
C VAL E 225 86.35 3.49 59.35
N HIS F 3 41.12 20.43 2.53
CA HIS F 3 41.73 19.78 3.68
C HIS F 3 41.88 20.75 4.85
N MET F 4 42.26 20.23 6.01
CA MET F 4 42.48 21.09 7.17
C MET F 4 43.74 21.93 6.98
N SER F 5 44.82 21.31 6.52
CA SER F 5 46.09 21.99 6.27
C SER F 5 46.15 22.45 4.81
N LEU F 6 46.49 23.70 4.59
CA LEU F 6 46.64 24.24 3.24
C LEU F 6 47.76 25.27 3.20
N SER F 7 48.48 25.30 2.09
CA SER F 7 49.48 26.35 1.87
C SER F 7 48.77 27.67 1.64
N VAL F 8 49.46 28.77 1.98
CA VAL F 8 48.87 30.09 1.81
C VAL F 8 48.74 30.45 0.33
N ALA F 9 49.49 29.80 -0.55
CA ALA F 9 49.27 29.95 -1.98
C ALA F 9 48.01 29.19 -2.41
N GLU F 10 47.72 28.07 -1.75
CA GLU F 10 46.47 27.36 -1.99
C GLU F 10 45.28 28.18 -1.51
N LYS F 11 45.38 28.72 -0.29
CA LYS F 11 44.26 29.46 0.30
C LYS F 11 43.88 30.67 -0.55
N SER F 12 44.88 31.44 -0.98
CA SER F 12 44.60 32.65 -1.75
C SER F 12 43.98 32.31 -3.10
N TYR F 13 44.37 31.19 -3.71
CA TYR F 13 43.76 30.79 -4.97
C TYR F 13 42.31 30.35 -4.77
N LEU F 14 42.05 29.60 -3.70
CA LEU F 14 40.69 29.14 -3.43
C LEU F 14 39.76 30.30 -3.10
N TYR F 15 40.20 31.18 -2.19
CA TYR F 15 39.36 32.32 -1.81
C TYR F 15 39.05 33.21 -3.01
N ASP F 16 40.04 33.46 -3.86
CA ASP F 16 39.82 34.30 -5.03
C ASP F 16 38.79 33.65 -5.97
N SER F 17 38.81 32.33 -6.08
CA SER F 17 37.82 31.65 -6.92
C SER F 17 36.44 31.66 -6.27
N LEU F 18 36.38 31.46 -4.95
CA LEU F 18 35.10 31.43 -4.26
C LEU F 18 34.49 32.82 -4.16
N ALA F 19 35.28 33.80 -3.74
CA ALA F 19 34.77 35.17 -3.63
C ALA F 19 34.60 35.84 -4.98
N SER F 20 35.02 35.21 -6.08
CA SER F 20 34.83 35.80 -7.39
C SER F 20 33.35 35.83 -7.75
N THR F 21 32.99 36.81 -8.59
CA THR F 21 31.64 36.90 -9.13
C THR F 21 31.62 36.41 -10.58
N PRO F 22 31.00 35.25 -10.84
CA PRO F 22 30.28 34.34 -9.94
C PRO F 22 31.21 33.36 -9.25
N SER F 23 30.72 32.73 -8.20
CA SER F 23 31.53 31.82 -7.39
C SER F 23 31.98 30.63 -8.22
N ILE F 24 33.27 30.33 -8.17
CA ILE F 24 33.85 29.17 -8.84
C ILE F 24 34.27 28.20 -7.73
N ARG F 25 33.48 27.15 -7.56
CA ARG F 25 33.83 26.22 -6.49
C ARG F 25 34.77 25.13 -7.01
N PRO F 26 35.65 24.61 -6.16
CA PRO F 26 36.71 23.70 -6.64
C PRO F 26 36.19 22.43 -7.30
N ASP F 27 34.90 22.09 -7.13
CA ASP F 27 34.30 20.98 -7.83
C ASP F 27 33.21 21.42 -8.80
N GLY F 28 33.18 22.71 -9.13
CA GLY F 28 32.19 23.23 -10.05
C GLY F 28 30.78 23.30 -9.50
N ARG F 29 30.62 23.20 -8.19
CA ARG F 29 29.28 23.20 -7.60
C ARG F 29 28.65 24.59 -7.65
N LEU F 30 27.33 24.60 -7.64
CA LEU F 30 26.58 25.84 -7.53
C LEU F 30 26.49 26.25 -6.05
N PRO F 31 26.29 27.53 -5.77
CA PRO F 31 26.21 27.98 -4.37
C PRO F 31 25.11 27.29 -3.57
N HIS F 32 24.19 26.58 -4.21
CA HIS F 32 23.10 25.90 -3.54
C HIS F 32 23.13 24.39 -3.76
N GLN F 33 24.18 23.87 -4.38
CA GLN F 33 24.24 22.46 -4.75
C GLN F 33 24.85 21.64 -3.61
N PHE F 34 24.27 20.46 -3.39
CA PHE F 34 24.70 19.56 -2.32
C PHE F 34 25.55 18.42 -2.87
N ARG F 35 26.48 17.95 -2.06
CA ARG F 35 27.31 16.81 -2.40
C ARG F 35 26.53 15.52 -2.19
N PRO F 36 26.79 14.50 -3.01
CA PRO F 36 26.07 13.22 -2.85
C PRO F 36 26.45 12.54 -1.54
N ILE F 37 25.48 11.79 -1.00
CA ILE F 37 25.64 11.10 0.28
C ILE F 37 24.99 9.73 0.20
N GLU F 38 25.52 8.81 1.00
CA GLU F 38 24.98 7.46 1.13
C GLU F 38 24.24 7.33 2.45
N ILE F 39 23.03 6.78 2.41
CA ILE F 39 22.20 6.61 3.60
C ILE F 39 21.81 5.14 3.71
N PHE F 40 21.94 4.59 4.92
CA PHE F 40 21.46 3.26 5.25
C PHE F 40 20.58 3.34 6.48
N THR F 41 19.47 2.60 6.47
CA THR F 41 18.55 2.55 7.59
C THR F 41 18.20 1.12 7.93
N ASP F 42 17.76 0.93 9.18
CA ASP F 42 17.32 -0.37 9.71
C ASP F 42 18.42 -1.42 9.55
N PHE F 43 19.45 -1.27 10.37
CA PHE F 43 20.53 -2.25 10.46
C PHE F 43 20.92 -2.58 11.90
N LEU F 44 20.41 -1.85 12.89
CA LEU F 44 20.61 -2.16 14.31
C LEU F 44 19.31 -2.72 14.85
N PRO F 45 19.13 -4.04 14.89
CA PRO F 45 17.87 -4.60 15.38
C PRO F 45 17.61 -4.32 16.86
N SER F 46 18.65 -4.06 17.64
CA SER F 46 18.47 -3.75 19.06
C SER F 46 17.85 -2.38 19.30
N SER F 47 17.67 -1.58 18.26
CA SER F 47 17.15 -0.23 18.40
C SER F 47 15.83 -0.09 17.65
N ASN F 48 15.02 0.89 18.06
CA ASN F 48 13.76 1.16 17.39
C ASN F 48 13.98 1.74 16.00
N GLY F 49 15.11 2.40 15.79
CA GLY F 49 15.45 2.96 14.50
C GLY F 49 16.92 3.26 14.42
N SER F 50 17.48 3.09 13.22
CA SER F 50 18.90 3.30 13.01
C SER F 50 19.13 3.92 11.64
N SER F 51 20.20 4.69 11.53
CA SER F 51 20.57 5.32 10.28
C SER F 51 22.08 5.43 10.21
N ARG F 52 22.61 5.46 8.99
CA ARG F 52 24.03 5.58 8.75
C ARG F 52 24.22 6.41 7.49
N ILE F 53 24.97 7.50 7.60
CA ILE F 53 25.14 8.45 6.51
C ILE F 53 26.63 8.62 6.24
N ILE F 54 26.99 8.65 4.96
CA ILE F 54 28.39 8.74 4.51
C ILE F 54 28.50 9.92 3.56
N ALA F 55 29.24 10.95 3.97
CA ALA F 55 29.44 12.10 3.10
C ALA F 55 30.37 11.73 1.94
N SER F 56 30.47 12.64 0.97
CA SER F 56 31.32 12.37 -0.19
C SER F 56 32.80 12.45 0.15
N ASP F 57 33.16 13.18 1.20
CA ASP F 57 34.55 13.33 1.59
C ASP F 57 35.04 12.19 2.49
N GLY F 58 34.17 11.26 2.86
CA GLY F 58 34.52 10.19 3.77
C GLY F 58 33.94 10.34 5.16
N SER F 59 33.28 11.45 5.45
CA SER F 59 32.64 11.62 6.75
C SER F 59 31.50 10.63 6.91
N GLU F 60 31.45 9.94 8.05
CA GLU F 60 30.43 8.96 8.34
C GLU F 60 29.80 9.23 9.69
N CYS F 61 28.50 8.98 9.80
CA CYS F 61 27.76 9.20 11.04
C CYS F 61 26.69 8.13 11.18
N ILE F 62 26.59 7.56 12.39
CA ILE F 62 25.61 6.54 12.70
C ILE F 62 24.72 7.05 13.83
N VAL F 63 23.41 6.84 13.70
CA VAL F 63 22.44 7.28 14.68
C VAL F 63 21.58 6.08 15.09
N SER F 64 21.31 5.97 16.39
CA SER F 64 20.50 4.88 16.94
C SER F 64 19.38 5.48 17.77
N ILE F 65 18.15 5.09 17.46
CA ILE F 65 16.97 5.59 18.15
C ILE F 65 16.46 4.51 19.09
N LYS F 66 16.33 4.84 20.37
CA LYS F 66 15.84 3.91 21.38
C LYS F 66 14.80 4.62 22.24
N SER F 67 13.84 3.84 22.73
CA SER F 67 12.69 4.37 23.45
C SER F 67 12.70 3.92 24.90
N LYS F 68 11.75 4.47 25.67
CA LYS F 68 11.59 4.18 27.09
C LYS F 68 10.33 4.86 27.62
N VAL F 69 9.42 4.09 28.22
CA VAL F 69 8.19 4.66 28.76
C VAL F 69 8.50 5.46 30.02
N VAL F 70 7.97 6.68 30.09
CA VAL F 70 8.22 7.59 31.21
C VAL F 70 6.95 8.36 31.52
N ASP F 71 6.89 8.88 32.74
CA ASP F 71 5.80 9.75 33.18
C ASP F 71 6.07 11.16 32.67
N HIS F 72 5.29 11.61 31.69
CA HIS F 72 5.51 12.92 31.07
C HIS F 72 5.18 14.08 32.01
N HIS F 73 4.55 13.81 33.16
CA HIS F 73 4.33 14.86 34.15
C HIS F 73 5.57 15.16 34.96
N VAL F 74 6.53 14.24 35.01
CA VAL F 74 7.79 14.47 35.69
C VAL F 74 8.97 14.52 34.73
N GLU F 75 8.83 13.99 33.52
CA GLU F 75 9.88 14.05 32.50
C GLU F 75 9.53 15.22 31.58
N ASN F 76 10.18 16.36 31.80
CA ASN F 76 9.89 17.55 31.01
C ASN F 76 10.34 17.39 29.57
N GLU F 77 11.59 16.98 29.38
CA GLU F 77 12.15 16.77 28.05
C GLU F 77 12.01 15.30 27.69
N LEU F 78 11.22 15.00 26.67
CA LEU F 78 10.98 13.64 26.22
C LEU F 78 11.82 13.28 25.00
N LEU F 79 12.89 14.03 24.75
CA LEU F 79 13.80 13.75 23.64
C LEU F 79 15.18 14.21 24.07
N GLN F 80 16.16 13.31 24.03
CA GLN F 80 17.49 13.57 24.55
C GLN F 80 18.52 13.08 23.55
N VAL F 81 19.45 13.96 23.17
CA VAL F 81 20.48 13.65 22.18
C VAL F 81 21.82 13.57 22.89
N ASP F 82 22.58 12.51 22.59
CA ASP F 82 23.93 12.34 23.10
C ASP F 82 24.86 12.22 21.90
N VAL F 83 25.75 13.20 21.75
CA VAL F 83 26.69 13.24 20.64
C VAL F 83 28.01 12.63 21.11
N ASP F 84 28.53 11.69 20.33
CA ASP F 84 29.84 11.09 20.57
C ASP F 84 30.64 11.20 19.28
N ILE F 85 31.58 12.13 19.24
CA ILE F 85 32.44 12.34 18.08
C ILE F 85 33.73 11.59 18.28
N ALA F 86 34.09 10.75 17.30
CA ALA F 86 35.31 9.95 17.41
C ALA F 86 36.54 10.84 17.48
N GLY F 87 37.47 10.47 18.35
CA GLY F 87 38.67 11.27 18.55
C GLY F 87 38.39 12.65 19.13
N GLN F 88 37.44 12.74 20.06
CA GLN F 88 37.12 13.99 20.72
C GLN F 88 36.62 13.70 22.12
N ARG F 89 37.12 14.45 23.09
CA ARG F 89 36.70 14.28 24.48
C ARG F 89 35.20 14.45 24.61
N ASP F 90 34.61 13.72 25.57
CA ASP F 90 33.19 13.88 25.85
C ASP F 90 32.87 15.27 26.40
N ASP F 91 33.88 15.98 26.91
CA ASP F 91 33.73 17.36 27.37
C ASP F 91 34.32 18.36 26.39
N ALA F 92 34.75 17.91 25.20
CA ALA F 92 35.33 18.83 24.23
C ALA F 92 34.31 19.87 23.79
N LEU F 93 34.81 21.05 23.43
CA LEU F 93 33.93 22.18 23.13
C LEU F 93 32.97 21.87 21.98
N VAL F 94 33.48 21.25 20.91
CA VAL F 94 32.64 20.97 19.76
C VAL F 94 31.56 19.96 20.10
N VAL F 95 31.88 19.00 20.98
CA VAL F 95 30.89 18.01 21.41
C VAL F 95 29.81 18.69 22.24
N GLU F 96 30.21 19.44 23.26
CA GLU F 96 29.24 20.14 24.10
C GLU F 96 28.39 21.11 23.28
N THR F 97 29.01 21.82 22.34
CA THR F 97 28.28 22.76 21.51
C THR F 97 27.25 22.05 20.64
N ILE F 98 27.68 20.98 19.95
CA ILE F 98 26.78 20.27 19.05
C ILE F 98 25.67 19.59 19.84
N THR F 99 25.99 19.04 21.01
CA THR F 99 24.96 18.45 21.86
C THR F 99 23.94 19.50 22.31
N SER F 100 24.43 20.62 22.84
CA SER F 100 23.53 21.70 23.24
C SER F 100 22.73 22.22 22.06
N LEU F 101 23.37 22.35 20.90
CA LEU F 101 22.67 22.86 19.72
C LEU F 101 21.59 21.88 19.26
N LEU F 102 21.94 20.59 19.17
CA LEU F 102 20.99 19.60 18.66
C LEU F 102 19.79 19.44 19.59
N ASN F 103 20.03 19.39 20.90
CA ASN F 103 18.92 19.30 21.85
C ASN F 103 17.93 20.44 21.66
N LYS F 104 18.42 21.62 21.26
CA LYS F 104 17.53 22.72 20.95
C LYS F 104 16.77 22.47 19.65
N VAL F 105 17.44 21.86 18.67
CA VAL F 105 16.77 21.55 17.40
C VAL F 105 15.61 20.61 17.62
N LEU F 106 15.77 19.60 18.48
CA LEU F 106 14.66 18.68 18.70
C LEU F 106 13.70 19.19 19.77
N LYS F 107 14.24 19.57 20.93
CA LYS F 107 13.52 20.11 22.10
C LYS F 107 12.02 19.79 22.11
N SER F 108 11.58 19.03 23.11
CA SER F 108 10.29 18.33 23.05
C SER F 108 9.13 19.18 22.55
N GLY F 109 9.17 20.49 22.73
CA GLY F 109 8.07 21.32 22.28
C GLY F 109 8.33 22.32 21.18
N SER F 110 9.44 22.20 20.45
CA SER F 110 9.79 23.24 19.48
C SER F 110 9.84 22.68 18.06
N GLY F 111 10.93 21.99 17.72
CA GLY F 111 11.02 21.44 16.39
C GLY F 111 10.17 20.20 16.27
N VAL F 112 10.33 19.27 17.20
CA VAL F 112 9.56 18.03 17.18
C VAL F 112 8.26 18.24 17.95
N ASP F 113 7.22 17.50 17.57
CA ASP F 113 5.91 17.59 18.20
C ASP F 113 5.80 16.55 19.31
N SER F 114 5.79 17.02 20.56
CA SER F 114 5.78 16.10 21.71
C SER F 114 4.54 15.22 21.71
N SER F 115 3.41 15.72 21.22
CA SER F 115 2.16 14.96 21.28
C SER F 115 2.22 13.64 20.55
N LYS F 116 3.17 13.45 19.62
CA LYS F 116 3.26 12.18 18.89
C LYS F 116 3.83 11.05 19.73
N LEU F 117 4.44 11.35 20.88
CA LEU F 117 5.06 10.34 21.72
C LEU F 117 4.17 9.89 22.86
N GLN F 118 2.95 10.41 22.97
CA GLN F 118 2.10 10.12 24.11
C GLN F 118 1.48 8.73 23.99
N LEU F 119 1.35 8.04 25.14
CA LEU F 119 0.73 6.73 25.20
C LEU F 119 -0.55 6.77 26.02
N THR F 120 -0.45 7.05 27.31
CA THR F 120 -1.60 7.20 28.19
C THR F 120 -1.63 8.62 28.73
N LYS F 121 -2.66 8.93 29.53
CA LYS F 121 -2.71 10.20 30.22
C LYS F 121 -1.59 10.37 31.24
N LYS F 122 -0.88 9.29 31.57
CA LYS F 122 0.20 9.34 32.54
C LYS F 122 1.57 8.99 31.97
N TYR F 123 1.63 8.28 30.84
CA TYR F 123 2.89 7.77 30.32
C TYR F 123 3.07 8.17 28.86
N SER F 124 4.32 8.48 28.49
CA SER F 124 4.70 8.80 27.13
C SER F 124 6.05 8.16 26.83
N PHE F 125 6.50 8.30 25.59
CA PHE F 125 7.80 7.78 25.17
C PHE F 125 8.89 8.83 25.36
N LYS F 126 10.01 8.41 25.92
CA LYS F 126 11.24 9.18 25.89
C LYS F 126 12.14 8.57 24.82
N ILE F 127 12.61 9.40 23.89
CA ILE F 127 13.37 8.94 22.74
C ILE F 127 14.84 9.26 22.97
N PHE F 128 15.69 8.23 22.90
CA PHE F 128 17.13 8.39 23.07
C PHE F 128 17.77 8.43 21.69
N VAL F 129 18.16 9.62 21.25
CA VAL F 129 18.86 9.78 19.98
C VAL F 129 20.35 9.78 20.29
N ASP F 130 21.04 8.72 19.90
CA ASP F 130 22.47 8.58 20.14
C ASP F 130 23.20 8.76 18.81
N VAL F 131 24.13 9.70 18.78
CA VAL F 131 24.86 10.06 17.57
C VAL F 131 26.29 9.57 17.69
N LEU F 132 26.82 9.01 16.61
CA LEU F 132 28.21 8.56 16.55
C LEU F 132 28.79 9.02 15.22
N VAL F 133 29.79 9.89 15.28
CA VAL F 133 30.47 10.39 14.10
C VAL F 133 31.78 9.61 13.96
N ILE F 134 31.81 8.66 13.03
CA ILE F 134 32.98 7.83 12.86
C ILE F 134 34.13 8.64 12.26
N SER F 135 33.84 9.46 11.26
CA SER F 135 34.84 10.28 10.61
C SER F 135 34.22 11.63 10.26
N SER F 136 34.99 12.69 10.41
CA SER F 136 34.53 14.03 10.09
C SER F 136 35.70 14.87 9.60
N HIS F 137 35.44 15.73 8.62
CA HIS F 137 36.43 16.66 8.10
C HIS F 137 36.03 18.12 8.24
N SER F 138 34.82 18.40 8.69
CA SER F 138 34.36 19.76 8.92
C SER F 138 33.32 19.72 10.03
N HIS F 139 32.63 20.85 10.25
CA HIS F 139 31.59 20.94 11.25
C HIS F 139 30.48 19.95 10.91
N PRO F 140 30.27 18.91 11.72
CA PRO F 140 29.34 17.84 11.36
C PRO F 140 27.88 18.08 11.73
N ILE F 141 27.53 19.28 12.18
CA ILE F 141 26.16 19.54 12.64
C ILE F 141 25.15 19.25 11.54
N SER F 142 25.49 19.54 10.29
CA SER F 142 24.58 19.26 9.20
C SER F 142 24.53 17.77 8.87
N LEU F 143 25.69 17.10 8.88
CA LEU F 143 25.71 15.67 8.65
C LEU F 143 24.96 14.92 9.74
N ILE F 144 25.15 15.31 10.99
CA ILE F 144 24.41 14.71 12.10
C ILE F 144 22.92 14.95 11.94
N SER F 145 22.54 16.18 11.56
CA SER F 145 21.13 16.51 11.42
C SER F 145 20.45 15.62 10.39
N PHE F 146 21.12 15.35 9.27
CA PHE F 146 20.54 14.49 8.25
C PHE F 146 20.41 13.05 8.75
N ALA F 147 21.40 12.57 9.51
CA ALA F 147 21.35 11.21 10.01
C ALA F 147 20.26 11.04 11.06
N ILE F 148 20.13 12.02 11.97
CA ILE F 148 19.03 11.98 12.94
C ILE F 148 17.69 12.00 12.23
N TYR F 149 17.57 12.83 11.19
CA TYR F 149 16.33 12.91 10.42
C TYR F 149 15.96 11.58 9.81
N SER F 150 16.92 10.90 9.18
CA SER F 150 16.64 9.62 8.54
C SER F 150 16.33 8.54 9.55
N ALA F 151 16.95 8.59 10.73
CA ALA F 151 16.71 7.57 11.74
C ALA F 151 15.31 7.68 12.33
N LEU F 152 14.88 8.91 12.66
CA LEU F 152 13.56 9.09 13.28
C LEU F 152 12.44 8.69 12.33
N ASN F 153 12.66 8.80 11.02
CA ASN F 153 11.64 8.37 10.06
C ASN F 153 11.58 6.86 9.95
N SER F 154 12.73 6.19 9.95
CA SER F 154 12.79 4.74 9.92
C SER F 154 12.53 4.11 11.29
N THR F 155 12.08 4.91 12.26
CA THR F 155 11.85 4.44 13.62
C THR F 155 10.47 3.82 13.75
N TYR F 156 10.40 2.70 14.45
CA TYR F 156 9.15 2.01 14.72
C TYR F 156 9.07 1.71 16.22
N LEU F 157 7.90 1.94 16.80
CA LEU F 157 7.67 1.79 18.22
C LEU F 157 6.57 0.77 18.48
N PRO F 158 6.54 0.17 19.67
CA PRO F 158 5.53 -0.85 19.94
C PRO F 158 4.13 -0.27 20.02
N LYS F 159 3.16 -1.09 19.63
CA LYS F 159 1.76 -0.67 19.64
C LYS F 159 1.16 -0.86 21.05
N LEU F 160 0.38 0.13 21.47
CA LEU F 160 -0.21 0.11 22.80
C LEU F 160 -1.47 -0.74 22.83
N ILE F 161 -1.72 -1.35 23.98
CA ILE F 161 -2.94 -2.13 24.23
C ILE F 161 -3.83 -1.45 25.26
N SER F 162 -3.25 -1.06 26.40
CA SER F 162 -4.03 -0.50 27.50
C SER F 162 -4.67 0.84 27.10
N ALA F 163 -5.62 1.26 27.93
CA ALA F 163 -6.44 2.43 27.66
C ALA F 163 -5.65 3.73 27.81
N PHE F 164 -5.56 4.50 26.73
CA PHE F 164 -4.95 5.84 26.74
C PHE F 164 -5.26 6.61 28.03
N LEU F 172 3.26 0.94 33.59
CA LEU F 172 1.82 0.69 33.61
C LEU F 172 1.23 0.24 32.26
N PRO F 173 1.56 0.92 31.15
CA PRO F 173 0.97 0.52 29.86
C PRO F 173 1.41 -0.89 29.45
N THR F 174 0.64 -1.45 28.52
CA THR F 174 0.88 -2.79 28.00
C THR F 174 0.95 -2.72 26.49
N PHE F 175 1.96 -3.37 25.90
CA PHE F 175 2.25 -3.24 24.48
C PHE F 175 1.98 -4.55 23.74
N HIS F 176 1.66 -4.42 22.45
CA HIS F 176 1.44 -5.57 21.59
C HIS F 176 2.75 -6.34 21.43
N ASP F 177 2.64 -7.67 21.38
CA ASP F 177 3.84 -8.51 21.30
C ASP F 177 4.48 -8.45 19.92
N TYR F 178 3.68 -8.34 18.87
CA TYR F 178 4.17 -8.40 17.49
C TYR F 178 4.02 -7.05 16.79
N ASP F 179 2.80 -6.59 16.57
CA ASP F 179 2.58 -5.40 15.74
C ASP F 179 3.28 -4.17 16.31
N MET F 180 3.62 -3.25 15.42
CA MET F 180 4.32 -2.02 15.79
C MET F 180 3.84 -0.89 14.91
N VAL F 181 3.89 0.33 15.46
CA VAL F 181 3.45 1.53 14.77
C VAL F 181 4.67 2.35 14.38
N LYS F 182 4.60 3.00 13.22
CA LYS F 182 5.67 3.85 12.75
C LYS F 182 5.66 5.18 13.47
N LEU F 183 6.85 5.72 13.71
CA LEU F 183 7.00 7.04 14.32
C LEU F 183 6.93 8.08 13.21
N ASP F 184 5.88 8.89 13.23
CA ASP F 184 5.64 9.90 12.20
C ASP F 184 5.87 11.31 12.74
N ILE F 185 6.83 11.46 13.66
CA ILE F 185 7.20 12.79 14.13
C ILE F 185 7.86 13.55 12.98
N ASN F 186 7.74 14.88 13.01
CA ASN F 186 8.34 15.71 11.98
C ASN F 186 9.73 16.17 12.42
N PRO F 187 10.79 15.52 11.97
CA PRO F 187 12.13 15.87 12.45
C PRO F 187 12.68 17.06 11.70
N PRO F 188 13.39 17.96 12.38
CA PRO F 188 13.94 19.14 11.71
C PRO F 188 15.22 18.80 10.96
N LEU F 189 15.66 19.76 10.15
CA LEU F 189 16.91 19.67 9.41
C LEU F 189 17.76 20.90 9.72
N VAL F 190 19.05 20.68 9.94
CA VAL F 190 20.00 21.74 10.23
C VAL F 190 20.93 21.87 9.04
N PHE F 191 21.00 23.07 8.46
CA PHE F 191 21.86 23.36 7.33
C PHE F 191 23.01 24.26 7.77
N ILE F 192 24.20 24.00 7.25
CA ILE F 192 25.37 24.80 7.52
C ILE F 192 25.78 25.49 6.21
N LEU F 193 26.17 26.75 6.32
CA LEU F 193 26.48 27.58 5.16
C LEU F 193 27.84 28.24 5.34
N ALA F 194 28.46 28.59 4.22
CA ALA F 194 29.75 29.26 4.21
C ALA F 194 29.60 30.67 3.68
N VAL F 195 30.24 31.62 4.36
CA VAL F 195 30.24 33.02 3.96
C VAL F 195 31.65 33.33 3.46
N VAL F 196 31.84 33.31 2.15
CA VAL F 196 33.13 33.60 1.53
C VAL F 196 32.97 34.89 0.74
N GLY F 197 33.54 35.97 1.27
CA GLY F 197 33.40 37.27 0.61
C GLY F 197 31.94 37.70 0.62
N ASN F 198 31.40 37.92 -0.57
CA ASN F 198 30.01 38.32 -0.74
C ASN F 198 29.12 37.18 -1.22
N ASN F 199 29.60 35.94 -1.14
CA ASN F 199 28.88 34.78 -1.63
C ASN F 199 28.49 33.86 -0.48
N MET F 200 27.36 33.18 -0.65
CA MET F 200 26.91 32.15 0.28
C MET F 200 27.05 30.80 -0.38
N LEU F 201 27.40 29.78 0.42
CA LEU F 201 27.64 28.44 -0.09
C LEU F 201 26.92 27.43 0.80
N LEU F 202 26.00 26.68 0.20
CA LEU F 202 25.36 25.56 0.89
C LEU F 202 26.29 24.35 0.86
N ASP F 203 26.23 23.56 1.93
CA ASP F 203 27.03 22.35 2.08
C ASP F 203 28.50 22.66 1.86
N PRO F 204 29.15 23.39 2.77
CA PRO F 204 30.56 23.76 2.56
C PRO F 204 31.46 22.54 2.68
N ALA F 205 32.39 22.42 1.74
CA ALA F 205 33.37 21.34 1.76
C ALA F 205 34.47 21.65 2.77
N ALA F 206 35.38 20.69 2.94
CA ALA F 206 36.46 20.84 3.91
C ALA F 206 37.33 22.05 3.57
N ASN F 207 37.91 22.06 2.35
CA ASN F 207 38.77 23.16 1.95
C ASN F 207 38.01 24.47 1.83
N GLU F 208 36.73 24.41 1.44
CA GLU F 208 35.93 25.63 1.35
C GLU F 208 35.79 26.31 2.71
N SER F 209 35.59 25.51 3.76
CA SER F 209 35.46 26.08 5.11
C SER F 209 36.77 26.65 5.62
N GLU F 210 37.91 26.20 5.10
CA GLU F 210 39.20 26.68 5.57
C GLU F 210 39.47 28.13 5.17
N VAL F 211 38.76 28.65 4.17
CA VAL F 211 38.96 30.00 3.68
C VAL F 211 37.74 30.89 3.84
N ALA F 212 36.64 30.36 4.37
CA ALA F 212 35.41 31.14 4.49
C ALA F 212 35.57 32.23 5.54
N ASN F 213 34.92 33.36 5.28
CA ASN F 213 34.98 34.48 6.22
C ASN F 213 34.09 34.25 7.42
N ASN F 214 32.98 33.53 7.25
CA ASN F 214 32.08 33.21 8.34
C ASN F 214 31.20 32.03 7.91
N GLY F 215 30.33 31.60 8.81
CA GLY F 215 29.45 30.49 8.53
C GLY F 215 28.11 30.71 9.20
N LEU F 216 27.12 29.94 8.73
CA LEU F 216 25.77 30.03 9.25
C LEU F 216 25.22 28.64 9.51
N ILE F 217 24.60 28.47 10.68
CA ILE F 217 23.88 27.26 11.02
C ILE F 217 22.40 27.63 11.08
N ILE F 218 21.62 27.06 10.17
CA ILE F 218 20.21 27.42 10.00
C ILE F 218 19.37 26.14 10.13
N SER F 219 18.37 26.18 11.00
CA SER F 219 17.48 25.05 11.22
C SER F 219 16.24 25.19 10.34
N TRP F 220 15.55 24.07 10.14
CA TRP F 220 14.43 24.00 9.21
C TRP F 220 13.49 22.89 9.66
N SER F 221 12.19 23.22 9.73
CA SER F 221 11.20 22.25 10.17
C SER F 221 9.83 22.66 9.67
N ASN F 222 9.02 21.67 9.29
CA ASN F 222 7.64 21.86 8.85
C ASN F 222 7.53 22.89 7.72
N GLY F 223 8.53 22.94 6.86
CA GLY F 223 8.48 23.84 5.72
C GLY F 223 8.84 25.28 6.00
N LYS F 224 9.34 25.58 7.20
CA LYS F 224 9.66 26.94 7.57
C LYS F 224 11.03 26.98 8.25
N ILE F 225 11.65 28.15 8.22
CA ILE F 225 12.91 28.36 8.93
C ILE F 225 12.62 28.41 10.43
N THR F 226 13.31 27.57 11.19
CA THR F 226 13.12 27.50 12.63
C THR F 226 14.46 27.71 13.34
N SER F 227 14.36 27.92 14.65
CA SER F 227 15.55 28.07 15.50
C SER F 227 16.03 26.69 15.95
N PRO F 228 17.30 26.58 16.39
CA PRO F 228 18.33 27.61 16.56
C PRO F 228 18.98 28.06 15.25
N ILE F 229 19.47 29.30 15.25
CA ILE F 229 20.21 29.86 14.12
C ILE F 229 21.44 30.56 14.69
N ARG F 230 22.62 30.15 14.22
CA ARG F 230 23.89 30.67 14.73
C ARG F 230 24.78 31.10 13.57
N SER F 231 25.71 32.00 13.88
CA SER F 231 26.78 32.39 12.96
C SER F 231 28.05 31.74 13.48
N VAL F 232 28.38 30.58 12.93
CA VAL F 232 29.52 29.79 13.38
C VAL F 232 30.75 30.17 12.57
N ALA F 233 31.92 30.06 13.19
CA ALA F 233 33.19 30.30 12.53
C ALA F 233 33.74 28.95 12.06
N LEU F 234 33.73 28.74 10.74
CA LEU F 234 34.19 27.48 10.18
C LEU F 234 35.70 27.31 10.24
N ASN F 235 36.42 28.35 10.64
CA ASN F 235 37.86 28.25 10.90
C ASN F 235 38.21 29.34 11.91
N ASP F 236 39.48 29.72 11.96
CA ASP F 236 39.94 30.79 12.83
C ASP F 236 40.89 31.78 12.16
N SER F 237 41.46 31.43 11.00
CA SER F 237 42.44 32.29 10.37
C SER F 237 41.78 33.47 9.65
N ASN F 238 40.76 33.19 8.84
CA ASN F 238 40.16 34.19 7.96
C ASN F 238 38.73 34.54 8.38
N VAL F 239 38.49 34.67 9.67
CA VAL F 239 37.16 35.03 10.18
C VAL F 239 37.02 36.54 10.15
N LYS F 240 35.98 37.03 9.46
CA LYS F 240 35.73 38.45 9.33
C LYS F 240 34.22 38.70 9.41
N SER F 241 33.86 39.93 9.75
CA SER F 241 32.46 40.31 9.82
C SER F 241 31.81 40.24 8.44
N PHE F 242 30.49 40.07 8.44
CA PHE F 242 29.72 39.98 7.21
C PHE F 242 28.56 40.98 7.26
N LYS F 243 28.17 41.45 6.08
CA LYS F 243 27.10 42.43 5.99
C LYS F 243 25.75 41.77 6.23
N PRO F 244 24.78 42.52 6.77
CA PRO F 244 23.48 41.90 7.13
C PRO F 244 22.77 41.23 5.96
N HIS F 245 22.90 41.75 4.74
CA HIS F 245 22.21 41.16 3.61
C HIS F 245 22.64 39.71 3.36
N LEU F 246 23.88 39.38 3.70
CA LEU F 246 24.35 38.00 3.53
C LEU F 246 23.57 37.04 4.44
N LEU F 247 23.17 37.51 5.63
CA LEU F 247 22.38 36.66 6.50
C LEU F 247 21.00 36.39 5.90
N LYS F 248 20.37 37.42 5.34
CA LYS F 248 19.13 37.21 4.60
C LYS F 248 19.34 36.26 3.44
N GLN F 249 20.44 36.43 2.71
CA GLN F 249 20.73 35.56 1.56
C GLN F 249 20.86 34.11 2.00
N GLY F 250 21.55 33.86 3.11
CA GLY F 250 21.65 32.50 3.60
C GLY F 250 20.32 31.95 4.08
N LEU F 251 19.52 32.78 4.75
CA LEU F 251 18.20 32.33 5.19
C LEU F 251 17.27 32.07 4.00
N ALA F 252 17.28 32.98 3.02
CA ALA F 252 16.49 32.76 1.82
C ALA F 252 16.99 31.56 1.02
N MET F 253 18.30 31.28 1.07
CA MET F 253 18.84 30.12 0.37
C MET F 253 18.31 28.82 0.96
N VAL F 254 18.21 28.74 2.28
CA VAL F 254 17.69 27.54 2.92
C VAL F 254 16.21 27.34 2.60
N GLU F 255 15.40 28.38 2.79
CA GLU F 255 13.97 28.26 2.55
C GLU F 255 13.63 27.91 1.11
N LYS F 256 14.54 28.16 0.18
CA LYS F 256 14.30 27.88 -1.23
C LYS F 256 14.68 26.45 -1.60
N TYR F 257 15.80 25.95 -1.09
CA TYR F 257 16.34 24.66 -1.50
C TYR F 257 16.19 23.56 -0.46
N ALA F 258 15.81 23.89 0.78
CA ALA F 258 15.58 22.85 1.77
C ALA F 258 14.45 21.88 1.38
N PRO F 259 13.30 22.33 0.85
CA PRO F 259 12.28 21.35 0.42
C PRO F 259 12.81 20.30 -0.54
N ASP F 260 13.71 20.69 -1.44
CA ASP F 260 14.35 19.71 -2.33
C ASP F 260 15.19 18.71 -1.52
N VAL F 261 15.86 19.19 -0.47
CA VAL F 261 16.63 18.30 0.38
C VAL F 261 15.72 17.35 1.15
N VAL F 262 14.56 17.84 1.60
CA VAL F 262 13.64 17.02 2.37
C VAL F 262 13.11 15.86 1.52
N ARG F 263 12.60 16.17 0.33
CA ARG F 263 12.02 15.13 -0.52
C ARG F 263 13.07 14.15 -1.02
N SER F 264 14.31 14.60 -1.19
CA SER F 264 15.39 13.68 -1.54
C SER F 264 15.65 12.68 -0.41
N LEU F 265 15.58 13.14 0.84
CA LEU F 265 15.78 12.24 1.96
C LEU F 265 14.56 11.34 2.17
N GLU F 266 13.37 11.87 1.98
CA GLU F 266 12.13 11.14 2.23
C GLU F 266 11.94 9.97 1.27
N ARG G 6 40.54 12.33 47.28
CA ARG G 6 40.09 13.25 46.23
C ARG G 6 40.69 14.63 46.45
N ARG G 7 40.82 15.40 45.37
CA ARG G 7 41.38 16.75 45.43
C ARG G 7 40.39 17.79 45.96
N ARG G 8 39.36 17.36 46.67
CA ARG G 8 38.38 18.27 47.24
C ARG G 8 37.83 17.68 48.53
N LEU G 9 37.16 18.53 49.31
CA LEU G 9 36.41 18.11 50.49
C LEU G 9 34.93 18.19 50.16
N LEU G 10 34.34 17.07 49.78
CA LEU G 10 32.94 17.00 49.42
C LEU G 10 32.07 16.47 50.55
N GLY G 11 32.63 16.36 51.76
CA GLY G 11 31.88 15.90 52.91
C GLY G 11 31.47 14.45 52.80
N PRO G 12 30.45 14.06 53.57
CA PRO G 12 29.98 12.68 53.52
C PRO G 12 29.23 12.40 52.23
N ALA G 13 29.41 11.19 51.71
CA ALA G 13 28.68 10.78 50.50
C ALA G 13 27.21 10.51 50.81
N ALA G 14 26.90 10.06 52.03
CA ALA G 14 25.52 9.80 52.41
C ALA G 14 24.67 11.07 52.49
N ALA G 15 25.27 12.24 52.36
CA ALA G 15 24.53 13.50 52.40
C ALA G 15 23.99 13.83 51.02
N LYS G 16 22.74 14.29 50.97
CA LYS G 16 22.12 14.67 49.71
C LYS G 16 21.85 16.16 49.68
N PRO G 17 21.98 16.80 48.51
CA PRO G 17 21.75 18.25 48.42
C PRO G 17 20.34 18.64 48.84
N MET G 18 20.15 19.95 49.01
CA MET G 18 18.90 20.50 49.49
C MET G 18 17.94 20.74 48.33
N ALA G 19 16.72 20.22 48.47
CA ALA G 19 15.65 20.43 47.50
C ALA G 19 14.51 21.16 48.19
N PHE G 20 14.19 22.35 47.69
CA PHE G 20 13.14 23.18 48.29
C PHE G 20 11.79 22.87 47.65
N SER G 21 10.74 22.98 48.46
CA SER G 21 9.38 22.72 48.00
C SER G 21 8.84 23.90 47.20
N GLN G 44 18.36 49.69 30.36
CA GLN G 44 19.17 49.02 31.36
C GLN G 44 20.35 49.90 31.78
N GLU G 45 20.37 50.29 33.06
CA GLU G 45 21.46 51.10 33.58
C GLU G 45 22.73 50.28 33.65
N LEU G 46 23.84 50.85 33.21
CA LEU G 46 25.11 50.16 33.13
C LEU G 46 26.14 50.79 34.08
N SER G 47 27.12 49.98 34.46
CA SER G 47 28.20 50.42 35.32
C SER G 47 29.45 49.65 34.93
N LEU G 48 30.44 50.34 34.38
CA LEU G 48 31.63 49.72 33.82
C LEU G 48 32.88 50.18 34.57
N HIS G 49 33.79 49.23 34.79
CA HIS G 49 35.10 49.53 35.38
C HIS G 49 36.14 48.64 34.72
N THR G 50 37.39 49.10 34.74
CA THR G 50 38.49 48.35 34.14
C THR G 50 39.70 48.40 35.07
N GLY G 51 40.58 47.42 34.89
CA GLY G 51 41.89 47.42 35.53
C GLY G 51 41.89 47.29 37.04
N PHE G 52 41.04 46.43 37.60
CA PHE G 52 40.95 46.25 39.04
C PHE G 52 41.47 44.90 39.51
N ILE G 53 41.97 44.07 38.60
CA ILE G 53 42.53 42.77 38.94
C ILE G 53 44.02 42.80 38.61
N GLU G 54 44.85 42.35 39.56
CA GLU G 54 46.28 42.62 39.50
C GLU G 54 47.09 41.50 38.83
N ASN G 55 46.59 40.26 38.83
CA ASN G 55 47.37 39.17 38.27
C ASN G 55 47.26 39.06 36.75
N CYS G 56 46.18 39.58 36.15
CA CYS G 56 45.94 39.43 34.73
C CYS G 56 46.45 40.66 33.97
N ASN G 57 46.35 40.60 32.64
CA ASN G 57 46.78 41.72 31.80
C ASN G 57 45.70 42.78 31.67
N GLY G 58 44.43 42.40 31.81
CA GLY G 58 43.33 43.34 31.70
C GLY G 58 42.03 42.77 32.22
N SER G 59 41.31 43.56 33.02
CA SER G 59 40.06 43.13 33.62
C SER G 59 38.97 44.14 33.30
N ALA G 60 37.73 43.75 33.63
CA ALA G 60 36.58 44.61 33.42
C ALA G 60 35.41 44.10 34.26
N LEU G 61 34.57 45.03 34.69
CA LEU G 61 33.37 44.70 35.46
C LEU G 61 32.17 45.37 34.81
N VAL G 62 31.15 44.58 34.48
CA VAL G 62 29.93 45.08 33.88
C VAL G 62 28.77 44.75 34.82
N GLU G 63 28.11 45.79 35.32
CA GLU G 63 26.93 45.64 36.18
C GLU G 63 25.76 46.33 35.50
N ALA G 64 24.75 45.55 35.14
CA ALA G 64 23.57 46.04 34.43
C ALA G 64 22.34 45.81 35.29
N ARG G 65 21.59 46.89 35.53
CA ARG G 65 20.38 46.84 36.36
C ARG G 65 19.19 47.26 35.50
N SER G 66 18.33 46.30 35.19
CA SER G 66 17.07 46.56 34.50
C SER G 66 15.91 46.30 35.46
N LEU G 67 14.73 46.79 35.05
CA LEU G 67 13.55 46.65 35.90
C LEU G 67 13.17 45.20 36.17
N GLY G 68 13.66 44.27 35.36
CA GLY G 68 13.28 42.87 35.52
C GLY G 68 14.43 41.93 35.80
N HIS G 69 15.66 42.43 35.75
CA HIS G 69 16.82 41.58 35.97
C HIS G 69 18.03 42.44 36.30
N GLN G 70 18.86 41.95 37.22
CA GLN G 70 20.11 42.58 37.56
C GLN G 70 21.24 41.58 37.36
N THR G 71 22.32 42.02 36.72
CA THR G 71 23.41 41.12 36.36
C THR G 71 24.74 41.84 36.58
N SER G 72 25.69 41.10 37.18
CA SER G 72 27.05 41.59 37.38
C SER G 72 28.02 40.48 36.99
N LEU G 73 29.06 40.84 36.26
CA LEU G 73 30.05 39.85 35.83
C LEU G 73 31.41 40.54 35.65
N ILE G 74 32.46 39.75 35.86
CA ILE G 74 33.83 40.23 35.79
C ILE G 74 34.57 39.43 34.72
N THR G 75 35.38 40.12 33.92
CA THR G 75 36.23 39.48 32.93
C THR G 75 37.70 39.64 33.31
N ALA G 76 38.50 38.66 32.91
CA ALA G 76 39.94 38.68 33.11
C ALA G 76 40.61 38.20 31.83
N VAL G 77 41.56 38.98 31.33
CA VAL G 77 42.28 38.66 30.11
C VAL G 77 43.73 38.39 30.48
N TYR G 78 44.18 37.16 30.29
CA TYR G 78 45.57 36.78 30.47
C TYR G 78 46.17 36.54 29.10
N GLY G 79 47.19 37.33 28.76
CA GLY G 79 47.84 37.18 27.47
C GLY G 79 48.31 38.45 26.81
N PRO G 80 49.04 38.31 25.69
CA PRO G 80 49.41 37.05 25.03
C PRO G 80 50.45 36.23 25.80
N ARG G 81 50.20 34.92 25.86
CA ARG G 81 51.04 33.96 26.56
C ARG G 81 51.71 33.08 25.52
N SER G 82 53.04 33.07 25.52
CA SER G 82 53.77 32.34 24.49
C SER G 82 53.55 30.84 24.67
N ILE G 83 53.14 30.16 23.61
CA ILE G 83 52.92 28.72 23.62
C ILE G 83 54.22 28.02 23.24
N ARG G 84 54.61 27.03 24.03
CA ARG G 84 55.86 26.30 23.83
C ARG G 84 55.88 25.60 22.48
N GLY G 85 56.77 26.03 21.58
CA GLY G 85 56.90 25.42 20.28
C GLY G 85 55.68 25.57 19.40
N SER G 86 55.26 26.81 19.16
CA SER G 86 54.09 27.12 18.36
C SER G 86 54.50 27.81 17.08
N PHE G 87 54.23 27.18 15.94
CA PHE G 87 54.46 27.80 14.64
C PHE G 87 53.27 28.61 14.14
N THR G 88 52.23 28.76 14.97
CA THR G 88 51.03 29.46 14.55
C THR G 88 51.35 30.89 14.11
N SER G 89 50.86 31.27 12.93
CA SER G 89 51.10 32.59 12.38
C SER G 89 50.33 33.69 13.12
N GLN G 90 49.35 33.32 13.94
CA GLN G 90 48.52 34.31 14.64
C GLN G 90 48.15 33.76 16.01
N GLY G 91 47.41 34.57 16.77
CA GLY G 91 47.06 34.21 18.13
C GLY G 91 45.94 33.19 18.20
N THR G 92 45.82 32.57 19.38
CA THR G 92 44.81 31.56 19.67
C THR G 92 43.99 32.05 20.85
N ILE G 93 42.74 32.43 20.59
CA ILE G 93 41.86 32.98 21.62
C ILE G 93 41.20 31.86 22.39
N SER G 94 41.18 31.98 23.72
CA SER G 94 40.46 31.07 24.59
C SER G 94 39.54 31.90 25.48
N ILE G 95 38.27 31.50 25.56
CA ILE G 95 37.28 32.19 26.38
C ILE G 95 36.57 31.12 27.19
N GLN G 96 36.81 31.12 28.49
CA GLN G 96 36.16 30.19 29.42
C GLN G 96 35.12 30.97 30.22
N LEU G 97 33.85 30.62 30.04
CA LEU G 97 32.75 31.25 30.75
C LEU G 97 32.47 30.45 32.01
N LYS G 98 32.84 30.99 33.16
CA LYS G 98 32.68 30.31 34.44
C LYS G 98 31.42 30.77 35.17
N ASN G 99 30.87 29.88 35.98
CA ASN G 99 29.70 30.15 36.80
C ASN G 99 30.13 30.54 38.21
N GLY G 100 29.26 31.29 38.89
CA GLY G 100 29.58 31.73 40.23
C GLY G 100 29.09 30.82 41.34
N LEU G 101 28.63 31.46 42.42
CA LEU G 101 28.12 30.73 43.58
C LEU G 101 26.99 29.81 43.18
N LEU G 102 25.89 30.38 42.69
CA LEU G 102 24.74 29.61 42.26
C LEU G 102 25.00 29.13 40.83
N GLU G 103 25.18 27.82 40.66
CA GLU G 103 25.48 27.21 39.37
C GLU G 103 24.17 27.04 38.59
N LYS G 104 23.69 28.19 38.09
CA LYS G 104 22.36 28.25 37.50
C LYS G 104 22.34 27.78 36.06
N TYR G 105 23.42 27.97 35.31
CA TYR G 105 23.41 27.65 33.89
C TYR G 105 24.12 26.33 33.65
N ASN G 106 23.63 25.58 32.67
CA ASN G 106 24.14 24.24 32.40
C ASN G 106 25.48 24.32 31.68
N THR G 107 26.33 23.32 31.93
CA THR G 107 27.65 23.29 31.30
C THR G 107 27.55 23.19 29.78
N ASN G 108 26.53 22.50 29.28
CA ASN G 108 26.33 22.41 27.83
C ASN G 108 26.17 23.79 27.21
N GLU G 109 25.30 24.62 27.79
CA GLU G 109 25.00 25.92 27.21
C GLU G 109 26.14 26.92 27.44
N LEU G 110 26.83 26.82 28.56
CA LEU G 110 27.94 27.75 28.82
C LEU G 110 29.06 27.57 27.80
N LYS G 111 29.41 26.32 27.48
CA LYS G 111 30.44 26.08 26.48
C LYS G 111 29.96 26.46 25.08
N GLU G 112 28.64 26.38 24.84
CA GLU G 112 28.11 26.84 23.57
C GLU G 112 28.22 28.36 23.44
N VAL G 113 27.96 29.08 24.52
CA VAL G 113 28.14 30.53 24.50
C VAL G 113 29.62 30.88 24.39
N SER G 114 30.47 30.13 25.10
CA SER G 114 31.92 30.32 24.94
C SER G 114 32.34 30.08 23.50
N SER G 115 31.79 29.05 22.86
CA SER G 115 32.04 28.83 21.45
C SER G 115 31.57 30.02 20.62
N PHE G 116 30.35 30.49 20.88
CA PHE G 116 29.84 31.66 20.18
C PHE G 116 30.69 32.90 20.45
N LEU G 117 31.07 33.11 21.72
CA LEU G 117 31.88 34.28 22.05
C LEU G 117 33.23 34.24 21.37
N MET G 118 33.86 33.06 21.32
CA MET G 118 35.14 32.95 20.64
C MET G 118 35.02 33.20 19.14
N GLY G 119 33.89 32.84 18.54
CA GLY G 119 33.69 33.14 17.14
C GLY G 119 33.64 34.63 16.86
N ILE G 120 33.03 35.41 17.76
CA ILE G 120 32.97 36.85 17.59
C ILE G 120 34.36 37.46 17.65
N PHE G 121 35.04 37.27 18.78
CA PHE G 121 36.30 37.98 19.00
C PHE G 121 37.45 37.42 18.16
N ASN G 122 37.30 36.23 17.58
CA ASN G 122 38.29 35.78 16.61
C ASN G 122 38.19 36.57 15.31
N SER G 123 37.17 37.41 15.16
CA SER G 123 37.06 38.33 14.03
C SER G 123 37.13 39.79 14.48
N VAL G 124 37.45 40.03 15.75
CA VAL G 124 37.62 41.37 16.29
C VAL G 124 39.05 41.62 16.75
N VAL G 125 39.67 40.63 17.39
CA VAL G 125 41.06 40.74 17.80
C VAL G 125 41.95 40.67 16.56
N ASN G 126 42.89 41.61 16.45
CA ASN G 126 43.88 41.63 15.38
C ASN G 126 44.89 40.53 15.66
N LEU G 127 44.48 39.29 15.42
CA LEU G 127 45.27 38.13 15.79
C LEU G 127 46.62 38.09 15.08
N SER G 128 46.75 38.75 13.92
CA SER G 128 48.02 38.72 13.20
C SER G 128 49.16 39.33 14.00
N ARG G 129 48.86 40.21 14.96
CA ARG G 129 49.88 40.89 15.74
C ARG G 129 50.44 40.05 16.87
N TYR G 130 49.89 38.87 17.13
CA TYR G 130 50.29 38.03 18.26
C TYR G 130 50.53 36.60 17.80
N PRO G 131 51.58 36.38 17.00
CA PRO G 131 51.86 35.02 16.52
C PRO G 131 52.52 34.18 17.60
N LYS G 132 52.34 32.86 17.47
CA LYS G 132 52.92 31.85 18.36
C LYS G 132 52.46 31.98 19.80
N SER G 133 51.49 32.86 20.08
CA SER G 133 51.00 33.10 21.42
C SER G 133 49.52 32.76 21.51
N GLY G 134 48.97 32.98 22.70
CA GLY G 134 47.56 32.72 22.95
C GLY G 134 47.03 33.68 23.99
N ILE G 135 45.74 33.98 23.90
CA ILE G 135 45.07 34.91 24.81
C ILE G 135 43.93 34.16 25.48
N ASP G 136 43.94 34.11 26.82
CA ASP G 136 42.95 33.39 27.60
C ASP G 136 42.05 34.40 28.32
N ILE G 137 40.75 34.31 28.06
CA ILE G 137 39.76 35.21 28.64
C ILE G 137 38.87 34.42 29.58
N PHE G 138 38.58 34.98 30.74
CA PHE G 138 37.69 34.37 31.72
C PHE G 138 36.55 35.33 32.02
N VAL G 139 35.33 34.82 32.01
CA VAL G 139 34.14 35.60 32.34
C VAL G 139 33.50 34.97 33.56
N TYR G 140 33.63 35.64 34.70
CA TYR G 140 33.05 35.17 35.96
C TYR G 140 31.69 35.83 36.18
N LEU G 141 30.64 35.03 36.28
CA LEU G 141 29.35 35.53 36.71
C LEU G 141 29.36 35.70 38.23
N THR G 142 29.01 36.90 38.69
CA THR G 142 29.02 37.20 40.11
C THR G 142 27.65 37.58 40.67
N TYR G 143 26.68 37.89 39.81
CA TYR G 143 25.34 38.22 40.28
C TYR G 143 24.37 38.08 39.10
N ASP G 144 23.23 37.45 39.36
CA ASP G 144 22.21 37.26 38.33
C ASP G 144 20.89 36.94 39.03
N LYS G 145 20.00 37.93 39.06
CA LYS G 145 18.69 37.76 39.68
C LYS G 145 17.63 38.37 38.77
N ASP G 146 16.59 37.59 38.46
CA ASP G 146 15.52 38.00 37.56
C ASP G 146 14.32 38.42 38.40
N LEU G 147 14.10 39.73 38.51
CA LEU G 147 12.99 40.27 39.29
C LEU G 147 11.68 40.18 38.53
N THR G 148 11.40 39.02 37.93
CA THR G 148 10.20 38.80 37.12
C THR G 148 9.36 37.72 37.78
N ASN G 149 8.23 38.11 38.36
CA ASN G 149 7.33 37.17 39.00
C ASN G 149 5.89 37.39 38.55
N SER G 163 15.49 29.86 27.72
CA SER G 163 16.61 30.07 28.63
C SER G 163 16.90 31.55 28.82
N GLN G 164 17.47 31.90 29.97
CA GLN G 164 17.89 33.27 30.25
C GLN G 164 19.26 33.59 29.68
N ILE G 165 19.99 32.59 29.18
CA ILE G 165 21.37 32.80 28.72
C ILE G 165 21.44 33.73 27.52
N SER G 166 20.35 33.86 26.77
CA SER G 166 20.36 34.72 25.58
C SER G 166 20.61 36.17 25.95
N SER G 167 19.89 36.68 26.95
CA SER G 167 20.04 38.06 27.37
C SER G 167 21.35 38.31 28.12
N LEU G 168 22.09 37.26 28.47
CA LEU G 168 23.36 37.44 29.17
C LEU G 168 24.52 37.69 28.20
N ILE G 169 24.39 37.23 26.96
CA ILE G 169 25.50 37.33 26.01
C ILE G 169 25.93 38.78 25.76
N PRO G 170 25.03 39.74 25.50
CA PRO G 170 25.49 41.09 25.19
C PRO G 170 26.35 41.71 26.28
N HIS G 171 26.11 41.39 27.55
CA HIS G 171 26.94 41.94 28.62
C HIS G 171 28.28 41.23 28.75
N CYS G 172 28.37 39.97 28.30
CA CYS G 172 29.68 39.33 28.21
C CYS G 172 30.52 39.94 27.10
N ILE G 173 29.91 40.18 25.93
CA ILE G 173 30.62 40.83 24.84
C ILE G 173 31.09 42.21 25.26
N THR G 174 30.23 42.96 25.95
CA THR G 174 30.63 44.26 26.49
C THR G 174 31.84 44.13 27.40
N SER G 175 31.85 43.10 28.25
CA SER G 175 32.93 42.96 29.23
C SER G 175 34.23 42.48 28.59
N ILE G 176 34.14 41.56 27.63
CA ILE G 176 35.35 41.02 27.02
C ILE G 176 36.03 42.08 26.16
N THR G 177 35.25 42.88 25.44
CA THR G 177 35.84 43.98 24.67
C THR G 177 36.51 44.98 25.60
N LEU G 178 35.86 45.32 26.71
CA LEU G 178 36.47 46.21 27.70
C LEU G 178 37.75 45.61 28.25
N ALA G 179 37.71 44.32 28.61
CA ALA G 179 38.89 43.68 29.20
C ALA G 179 40.00 43.49 28.17
N LEU G 180 39.65 43.24 26.91
CA LEU G 180 40.68 43.14 25.87
C LEU G 180 41.33 44.49 25.60
N ALA G 181 40.54 45.56 25.63
CA ALA G 181 41.11 46.90 25.45
C ALA G 181 41.99 47.27 26.64
N ASP G 182 41.57 46.92 27.86
CA ASP G 182 42.38 47.24 29.03
C ASP G 182 43.69 46.45 29.04
N ALA G 183 43.69 45.26 28.45
CA ALA G 183 44.91 44.45 28.36
C ALA G 183 45.83 44.90 27.24
N GLY G 184 45.46 45.92 26.48
CA GLY G 184 46.31 46.41 25.41
C GLY G 184 46.33 45.53 24.18
N ILE G 185 45.27 44.77 23.94
CA ILE G 185 45.17 43.90 22.78
C ILE G 185 44.56 44.68 21.61
N GLU G 186 45.16 44.54 20.43
CA GLU G 186 44.69 45.28 19.27
C GLU G 186 43.34 44.74 18.82
N LEU G 187 42.35 45.63 18.70
CA LEU G 187 41.03 45.30 18.23
C LEU G 187 40.73 46.08 16.96
N VAL G 188 40.19 45.39 15.95
CA VAL G 188 39.86 46.08 14.70
C VAL G 188 38.67 47.00 14.87
N ASP G 189 37.82 46.76 15.86
CA ASP G 189 36.67 47.61 16.13
C ASP G 189 36.18 47.33 17.54
N MET G 190 35.27 48.17 18.01
CA MET G 190 34.63 48.00 19.31
C MET G 190 33.44 47.06 19.15
N ALA G 191 33.56 45.84 19.67
CA ALA G 191 32.53 44.82 19.52
C ALA G 191 31.47 44.98 20.61
N GLY G 192 30.22 45.18 20.20
CA GLY G 192 29.11 45.22 21.12
C GLY G 192 27.93 44.47 20.54
N ALA G 193 26.90 44.28 21.38
CA ALA G 193 25.77 43.45 20.98
C ALA G 193 24.51 43.90 21.70
N GLY G 194 23.37 43.40 21.19
CA GLY G 194 22.09 43.61 21.82
C GLY G 194 21.24 42.35 21.73
N GLU G 195 20.16 42.34 22.49
CA GLU G 195 19.27 41.18 22.58
C GLU G 195 17.83 41.61 22.40
N ALA G 196 17.05 40.78 21.71
CA ALA G 196 15.64 41.09 21.46
C ALA G 196 14.90 39.80 21.11
N ASN G 197 14.08 39.32 22.04
CA ASN G 197 13.20 38.16 21.81
C ASN G 197 13.99 36.93 21.39
N GLY G 198 15.04 36.63 22.15
CA GLY G 198 15.87 35.47 21.90
C GLY G 198 16.95 35.68 20.86
N THR G 199 16.86 36.71 20.04
CA THR G 199 17.86 36.99 19.02
C THR G 199 18.93 37.90 19.60
N VAL G 200 20.19 37.50 19.42
CA VAL G 200 21.35 38.27 19.89
C VAL G 200 22.25 38.53 18.68
N VAL G 201 22.51 39.80 18.40
CA VAL G 201 23.34 40.21 17.27
C VAL G 201 24.46 41.10 17.79
N SER G 202 25.69 40.77 17.44
CA SER G 202 26.86 41.57 17.79
C SER G 202 27.37 42.29 16.55
N PHE G 203 27.66 43.58 16.69
CA PHE G 203 28.02 44.43 15.55
C PHE G 203 29.42 45.00 15.71
N ILE G 204 29.96 45.44 14.58
CA ILE G 204 31.12 46.32 14.51
C ILE G 204 30.86 47.32 13.40
N LYS G 205 31.71 48.34 13.32
CA LYS G 205 31.62 49.38 12.28
C LYS G 205 30.27 50.08 12.31
N ASN G 206 29.85 50.49 13.51
CA ASN G 206 28.60 51.23 13.71
C ASN G 206 27.38 50.47 13.17
N GLY G 207 27.37 49.15 13.38
CA GLY G 207 26.27 48.33 12.93
C GLY G 207 26.22 48.06 11.45
N GLU G 208 27.25 48.43 10.70
CA GLU G 208 27.26 48.15 9.26
C GLU G 208 27.52 46.68 8.98
N GLU G 209 28.22 45.99 9.87
CA GLU G 209 28.55 44.59 9.66
C GLU G 209 28.38 43.83 10.98
N ILE G 210 28.13 42.54 10.87
CA ILE G 210 27.80 41.68 12.01
C ILE G 210 28.98 40.77 12.30
N VAL G 211 29.34 40.66 13.58
CA VAL G 211 30.38 39.74 14.02
C VAL G 211 29.82 38.53 14.75
N GLY G 212 28.52 38.50 15.04
CA GLY G 212 27.91 37.36 15.68
C GLY G 212 26.39 37.39 15.64
N PHE G 213 25.77 36.23 15.42
CA PHE G 213 24.32 36.14 15.35
C PHE G 213 23.85 34.90 16.09
N TRP G 214 22.81 35.07 16.92
CA TRP G 214 22.31 34.03 17.79
C TRP G 214 20.81 34.19 17.89
N LYS G 215 20.07 33.10 17.69
CA LYS G 215 18.60 33.14 17.79
C LYS G 215 18.11 31.81 18.35
N ASP G 216 17.43 31.88 19.50
CA ASP G 216 16.82 30.72 20.12
C ASP G 216 15.34 31.03 20.36
N ASP G 217 14.48 30.10 19.95
CA ASP G 217 13.02 30.25 20.06
C ASP G 217 12.64 31.50 19.28
N GLY G 218 11.90 32.44 19.88
CA GLY G 218 11.54 33.65 19.17
C GLY G 218 10.39 33.43 18.20
N ASP G 219 10.06 34.50 17.48
CA ASP G 219 8.99 34.49 16.50
C ASP G 219 9.56 34.41 15.09
N ASP G 220 8.65 34.27 14.12
CA ASP G 220 9.01 34.21 12.72
C ASP G 220 9.01 35.61 12.12
N GLU G 221 9.80 35.79 11.06
CA GLU G 221 9.98 37.09 10.41
C GLU G 221 10.52 38.13 11.38
N ASP G 222 11.21 37.67 12.42
CA ASP G 222 11.74 38.53 13.48
C ASP G 222 12.99 39.29 13.08
N LEU G 223 13.67 38.85 12.01
CA LEU G 223 14.99 39.37 11.65
C LEU G 223 15.03 40.90 11.60
N LEU G 224 14.17 41.51 10.79
CA LEU G 224 14.24 42.94 10.54
C LEU G 224 14.01 43.76 11.81
N GLU G 225 13.00 43.39 12.60
CA GLU G 225 12.72 44.16 13.81
C GLU G 225 13.75 43.90 14.91
N CYS G 226 14.35 42.70 14.92
CA CYS G 226 15.34 42.38 15.95
C CYS G 226 16.65 43.12 15.71
N LEU G 227 17.14 43.11 14.46
CA LEU G 227 18.37 43.83 14.14
C LEU G 227 18.27 45.30 14.51
N ASP G 228 17.08 45.88 14.44
CA ASP G 228 16.91 47.28 14.82
C ASP G 228 17.09 47.46 16.32
N ARG G 229 16.40 46.64 17.13
CA ARG G 229 16.54 46.77 18.58
C ARG G 229 17.93 46.41 19.06
N CYS G 230 18.58 45.46 18.40
CA CYS G 230 19.93 45.06 18.82
C CYS G 230 20.96 46.13 18.48
N LYS G 231 20.82 46.78 17.30
CA LYS G 231 21.73 47.87 16.96
C LYS G 231 21.57 49.05 17.90
N GLU G 232 20.36 49.25 18.44
CA GLU G 232 20.15 50.31 19.42
C GLU G 232 20.97 50.06 20.68
N GLN G 233 20.88 48.83 21.22
CA GLN G 233 21.70 48.48 22.38
C GLN G 233 23.19 48.47 22.03
N TYR G 234 23.53 48.08 20.80
CA TYR G 234 24.93 48.09 20.39
C TYR G 234 25.53 49.49 20.45
N ASN G 235 24.83 50.46 19.86
CA ASN G 235 25.33 51.84 19.90
C ASN G 235 25.39 52.37 21.32
N ARG G 236 24.35 52.09 22.12
CA ARG G 236 24.36 52.53 23.52
C ARG G 236 25.52 51.94 24.29
N TYR G 237 25.72 50.62 24.15
CA TYR G 237 26.82 49.97 24.87
C TYR G 237 28.17 50.44 24.33
N ARG G 238 28.28 50.65 23.02
CA ARG G 238 29.55 51.07 22.43
C ARG G 238 29.93 52.48 22.91
N ASP G 239 28.96 53.39 22.95
CA ASP G 239 29.22 54.73 23.46
C ASP G 239 29.68 54.68 24.92
N LEU G 240 28.95 53.92 25.75
CA LEU G 240 29.35 53.77 27.14
C LEU G 240 30.72 53.09 27.25
N MET G 241 31.00 52.13 26.36
CA MET G 241 32.27 51.42 26.39
C MET G 241 33.43 52.36 26.06
N ILE G 242 33.28 53.15 24.98
CA ILE G 242 34.32 54.10 24.61
C ILE G 242 34.47 55.17 25.69
N SER G 243 33.34 55.67 26.21
CA SER G 243 33.40 56.68 27.27
C SER G 243 34.05 56.13 28.53
N CYS G 244 33.96 54.82 28.76
CA CYS G 244 34.60 54.23 29.93
C CYS G 244 36.12 54.19 29.77
N LEU G 245 36.60 53.79 28.60
CA LEU G 245 38.04 53.65 28.39
C LEU G 245 38.76 54.99 28.40
N MET G 246 38.04 56.08 28.06
CA MET G 246 38.68 57.39 28.03
C MET G 246 38.77 58.00 29.42
N ASN G 247 37.66 58.00 30.15
CA ASN G 247 37.62 58.60 31.48
C ASN G 247 38.16 57.61 32.52
N SER H 4 96.51 10.85 62.85
CA SER H 4 95.33 10.57 62.05
C SER H 4 94.08 10.48 62.92
N MET H 5 93.60 11.64 63.37
CA MET H 5 92.40 11.68 64.21
C MET H 5 91.16 11.42 63.37
N SER H 6 90.19 10.71 63.96
CA SER H 6 88.98 10.32 63.25
C SER H 6 87.84 10.20 64.26
N THR H 7 86.99 11.21 64.32
CA THR H 7 85.84 11.23 65.21
C THR H 7 84.54 11.27 64.41
N PHE H 8 83.47 10.76 65.03
CA PHE H 8 82.15 10.79 64.41
C PHE H 8 81.55 12.18 64.47
N ILE H 9 80.94 12.61 63.38
CA ILE H 9 80.44 13.97 63.24
C ILE H 9 79.03 13.95 62.67
N PHE H 10 78.20 14.87 63.14
CA PHE H 10 76.84 15.09 62.67
C PHE H 10 76.73 16.44 61.97
N PRO H 11 75.75 16.61 61.07
CA PRO H 11 75.59 17.91 60.43
C PRO H 11 75.20 18.99 61.43
N GLY H 12 75.83 20.15 61.30
CA GLY H 12 75.64 21.24 62.24
C GLY H 12 76.53 21.20 63.45
N ASP H 13 77.39 20.19 63.59
CA ASP H 13 78.30 20.12 64.72
C ASP H 13 79.47 21.07 64.53
N SER H 14 80.13 21.37 65.65
CA SER H 14 81.29 22.26 65.61
C SER H 14 82.48 21.57 64.97
N PHE H 15 83.12 22.26 64.02
CA PHE H 15 84.21 21.65 63.27
C PHE H 15 85.49 21.68 64.10
N PRO H 16 86.15 20.55 64.32
CA PRO H 16 87.31 20.54 65.24
C PRO H 16 88.52 21.30 64.71
N VAL H 17 88.77 21.26 63.40
CA VAL H 17 89.98 21.85 62.85
C VAL H 17 89.95 23.36 63.03
N ASP H 18 91.14 23.94 63.34
CA ASP H 18 91.25 25.38 63.60
C ASP H 18 91.43 26.15 62.30
N PRO H 19 90.82 27.32 62.19
CA PRO H 19 90.96 28.10 60.95
C PRO H 19 92.39 28.58 60.71
N THR H 20 93.22 28.65 61.75
CA THR H 20 94.61 29.04 61.56
C THR H 20 95.41 28.00 60.79
N THR H 21 94.91 26.77 60.71
CA THR H 21 95.60 25.73 59.96
C THR H 21 95.05 25.66 58.55
N PRO H 22 95.92 25.67 57.53
CA PRO H 22 95.43 25.55 56.15
C PRO H 22 94.91 24.14 55.88
N VAL H 23 93.68 24.05 55.40
CA VAL H 23 93.00 22.78 55.20
C VAL H 23 92.40 22.75 53.80
N LYS H 24 92.53 21.60 53.14
CA LYS H 24 91.84 21.34 51.89
C LYS H 24 90.59 20.53 52.22
N LEU H 25 89.43 21.04 51.83
CA LEU H 25 88.15 20.46 52.23
C LEU H 25 87.77 19.35 51.27
N GLY H 26 87.38 18.20 51.81
CA GLY H 26 86.96 17.08 51.00
C GLY H 26 85.47 16.87 51.04
N PRO H 27 85.03 15.65 50.72
CA PRO H 27 83.59 15.35 50.77
C PRO H 27 83.06 15.44 52.19
N GLY H 28 81.85 15.97 52.31
CA GLY H 28 81.17 16.07 53.58
C GLY H 28 81.27 17.43 54.24
N ILE H 29 82.30 18.21 53.90
CA ILE H 29 82.54 19.52 54.50
C ILE H 29 82.07 20.59 53.54
N TYR H 30 81.39 21.60 54.07
CA TYR H 30 80.78 22.65 53.26
C TYR H 30 81.25 24.02 53.76
N CYS H 31 81.48 24.93 52.82
CA CYS H 31 81.87 26.30 53.13
C CYS H 31 80.70 27.22 52.83
N ASP H 32 80.17 27.85 53.87
CA ASP H 32 79.00 28.71 53.74
C ASP H 32 79.31 29.88 52.82
N PRO H 33 78.53 30.10 51.75
CA PRO H 33 78.80 31.26 50.89
C PRO H 33 78.54 32.59 51.57
N ASN H 34 77.67 32.63 52.57
CA ASN H 34 77.35 33.88 53.27
C ASN H 34 78.28 34.13 54.45
N THR H 35 78.36 33.17 55.38
CA THR H 35 79.13 33.35 56.60
C THR H 35 80.58 32.90 56.48
N GLN H 36 80.95 32.25 55.37
CA GLN H 36 82.31 31.75 55.14
C GLN H 36 82.76 30.76 56.21
N GLU H 37 81.81 30.16 56.92
CA GLU H 37 82.12 29.17 57.95
C GLU H 37 82.24 27.78 57.34
N ILE H 38 83.22 27.02 57.82
CA ILE H 38 83.44 25.64 57.39
C ILE H 38 82.66 24.75 58.34
N ARG H 39 81.65 24.06 57.82
CA ARG H 39 80.76 23.24 58.65
C ARG H 39 80.47 21.92 57.95
N PRO H 40 80.17 20.87 58.72
CA PRO H 40 79.82 19.59 58.12
C PRO H 40 78.35 19.52 57.73
N VAL H 41 78.07 18.72 56.69
CA VAL H 41 76.71 18.55 56.20
C VAL H 41 76.34 17.08 56.10
N ASN H 42 77.30 16.19 56.28
CA ASN H 42 77.08 14.76 56.18
C ASN H 42 77.42 14.07 57.49
N THR H 43 76.76 12.94 57.74
CA THR H 43 76.91 12.17 58.96
C THR H 43 77.88 11.01 58.71
N GLY H 44 78.97 10.98 59.47
CA GLY H 44 79.94 9.90 59.30
C GLY H 44 81.19 10.14 60.14
N VAL H 45 82.30 9.61 59.64
CA VAL H 45 83.59 9.69 60.31
C VAL H 45 84.41 10.81 59.66
N LEU H 46 84.84 11.77 60.47
CA LEU H 46 85.64 12.89 60.01
C LEU H 46 87.11 12.53 60.07
N HIS H 47 87.77 12.46 58.92
CA HIS H 47 89.19 12.14 58.86
C HIS H 47 90.00 13.41 58.57
N VAL H 48 91.11 13.56 59.27
CA VAL H 48 91.99 14.72 59.12
C VAL H 48 93.42 14.23 58.96
N SER H 49 94.13 14.78 57.99
CA SER H 49 95.52 14.42 57.76
C SER H 49 96.41 15.03 58.85
N ALA H 50 97.70 14.72 58.77
CA ALA H 50 98.66 15.23 59.75
C ALA H 50 99.23 16.57 59.30
N VAL H 56 99.59 20.94 55.19
CA VAL H 56 98.77 20.33 54.16
C VAL H 56 97.84 19.29 54.78
N GLN H 57 96.89 19.75 55.59
CA GLN H 57 95.94 18.86 56.24
C GLN H 57 94.74 18.69 55.33
N THR H 58 94.43 17.44 54.99
CA THR H 58 93.26 17.12 54.19
C THR H 58 92.17 16.57 55.11
N ALA H 59 91.01 17.22 55.12
CA ALA H 59 89.91 16.84 55.98
C ALA H 59 88.68 16.50 55.14
N TYR H 60 87.99 15.43 55.51
CA TYR H 60 86.78 15.01 54.83
C TYR H 60 85.96 14.14 55.77
N ILE H 61 84.75 13.81 55.35
CA ILE H 61 83.84 12.97 56.11
C ILE H 61 83.48 11.76 55.26
N ASP H 62 83.69 10.57 55.80
CA ASP H 62 83.29 9.33 55.15
C ASP H 62 81.87 9.01 55.57
N TYR H 63 80.93 9.09 54.63
CA TYR H 63 79.51 8.89 54.91
C TYR H 63 78.93 7.86 53.95
N SER H 64 77.90 7.16 54.42
CA SER H 64 77.29 6.08 53.66
C SER H 64 76.31 6.64 52.63
N SER H 65 76.39 6.13 51.41
CA SER H 65 75.49 6.55 50.35
C SER H 65 75.46 5.48 49.26
N LYS H 66 74.34 5.42 48.54
CA LYS H 66 74.20 4.52 47.41
C LYS H 66 74.03 5.22 46.08
N ARG H 67 73.63 6.49 46.08
CA ARG H 67 73.47 7.27 44.86
C ARG H 67 74.75 8.03 44.56
N TYR H 68 75.34 7.75 43.41
CA TYR H 68 76.62 8.36 43.03
C TYR H 68 76.42 9.78 42.50
N ILE H 69 77.37 10.65 42.82
CA ILE H 69 77.42 12.01 42.32
C ILE H 69 78.75 12.18 41.58
N PRO H 70 78.74 12.59 40.31
CA PRO H 70 79.99 12.62 39.53
C PRO H 70 81.01 13.59 40.09
N SER H 71 82.23 13.10 40.30
CA SER H 71 83.38 13.91 40.69
C SER H 71 84.55 13.56 39.79
N VAL H 72 85.41 14.56 39.56
CA VAL H 72 86.51 14.39 38.60
C VAL H 72 87.49 13.33 39.11
N ASN H 73 88.18 12.70 38.16
CA ASN H 73 89.19 11.67 38.45
C ASN H 73 88.56 10.46 39.14
N ASP H 74 87.34 10.11 38.74
CA ASP H 74 86.65 8.94 39.24
C ASP H 74 86.54 7.88 38.15
N PHE H 75 86.78 6.63 38.51
CA PHE H 75 86.61 5.50 37.61
C PHE H 75 85.16 5.05 37.69
N VAL H 76 84.47 5.02 36.55
CA VAL H 76 83.04 4.73 36.53
C VAL H 76 82.73 3.74 35.42
N ILE H 77 81.67 2.97 35.61
CA ILE H 77 81.14 2.04 34.62
C ILE H 77 79.79 2.57 34.19
N GLY H 78 79.62 2.81 32.89
CA GLY H 78 78.39 3.31 32.34
C GLY H 78 77.83 2.40 31.27
N VAL H 79 76.64 2.77 30.80
CA VAL H 79 75.93 2.06 29.73
C VAL H 79 75.45 3.09 28.72
N ILE H 80 75.79 2.88 27.46
CA ILE H 80 75.37 3.81 26.40
C ILE H 80 73.85 3.71 26.25
N ILE H 81 73.17 4.84 26.41
CA ILE H 81 71.71 4.90 26.30
C ILE H 81 71.24 5.77 25.16
N GLY H 82 72.15 6.42 24.44
CA GLY H 82 71.76 7.27 23.33
C GLY H 82 72.92 7.81 22.54
N THR H 83 72.77 7.92 21.22
CA THR H 83 73.81 8.40 20.33
C THR H 83 73.38 9.76 19.78
N PHE H 84 74.22 10.78 19.96
CA PHE H 84 73.93 12.12 19.53
C PHE H 84 74.84 12.50 18.36
N SER H 85 74.95 13.80 18.09
CA SER H 85 75.75 14.26 16.95
C SER H 85 77.23 14.03 17.21
N ASP H 86 77.75 14.52 18.33
CA ASP H 86 79.17 14.46 18.62
C ASP H 86 79.53 13.68 19.87
N SER H 87 78.57 13.17 20.62
CA SER H 87 78.85 12.52 21.89
C SER H 87 77.91 11.35 22.12
N TYR H 88 78.17 10.62 23.21
CA TYR H 88 77.32 9.55 23.69
C TYR H 88 76.58 10.01 24.94
N LYS H 89 75.31 9.63 25.05
CA LYS H 89 74.58 9.80 26.30
C LYS H 89 74.76 8.54 27.13
N VAL H 90 75.41 8.67 28.28
CA VAL H 90 75.73 7.53 29.12
C VAL H 90 75.00 7.68 30.45
N SER H 91 74.61 6.54 31.02
CA SER H 91 73.96 6.48 32.32
C SER H 91 74.87 5.77 33.30
N LEU H 92 75.24 6.45 34.38
CA LEU H 92 76.07 5.86 35.41
C LEU H 92 75.26 5.19 36.51
N GLN H 93 73.97 5.48 36.59
CA GLN H 93 73.09 4.91 37.59
C GLN H 93 71.65 5.16 37.18
N ASN H 94 70.76 4.22 37.51
CA ASN H 94 69.37 4.37 37.14
C ASN H 94 68.75 5.57 37.84
N PHE H 95 67.89 6.29 37.11
CA PHE H 95 67.15 7.45 37.59
C PHE H 95 68.04 8.67 37.75
N SER H 96 69.36 8.48 37.70
CA SER H 96 70.28 9.60 37.81
C SER H 96 70.37 10.37 36.50
N SER H 97 70.98 11.55 36.57
CA SER H 97 71.13 12.39 35.39
C SER H 97 72.18 11.81 34.44
N SER H 98 71.97 12.04 33.15
CA SER H 98 72.82 11.46 32.13
C SER H 98 74.20 12.11 32.12
N VAL H 99 75.14 11.43 31.46
CA VAL H 99 76.54 11.84 31.38
C VAL H 99 76.95 11.87 29.92
N SER H 100 77.86 12.78 29.60
CA SER H 100 78.32 13.01 28.23
C SER H 100 79.63 12.26 27.98
N LEU H 101 79.69 11.54 26.87
CA LEU H 101 80.91 10.84 26.45
C LEU H 101 81.20 11.27 25.01
N SER H 102 82.21 12.11 24.84
CA SER H 102 82.51 12.65 23.52
C SER H 102 83.11 11.57 22.62
N TYR H 103 82.82 11.68 21.32
CA TYR H 103 83.44 10.78 20.35
C TYR H 103 84.95 10.99 20.30
N MET H 104 85.40 12.21 20.54
CA MET H 104 86.82 12.54 20.57
C MET H 104 87.50 12.08 21.86
N ALA H 105 86.75 11.51 22.80
CA ALA H 105 87.29 11.04 24.06
C ALA H 105 87.66 9.57 24.00
N PHE H 106 88.41 9.20 22.98
CA PHE H 106 88.85 7.83 22.74
C PHE H 106 90.30 7.85 22.27
N PRO H 107 91.03 6.76 22.46
CA PRO H 107 92.40 6.68 21.91
C PRO H 107 92.35 6.64 20.39
N ASN H 108 93.30 7.35 19.78
CA ASN H 108 93.38 7.48 18.32
C ASN H 108 92.09 8.06 17.74
N ALA H 109 91.62 9.14 18.36
CA ALA H 109 90.39 9.80 17.92
C ALA H 109 90.67 10.77 16.77
N LYS H 112 88.42 11.70 12.77
CA LYS H 112 87.98 11.26 11.46
C LYS H 112 87.15 9.97 11.56
N ASN H 113 87.44 9.17 12.57
CA ASN H 113 86.80 7.89 12.80
C ASN H 113 86.00 7.95 14.10
N ARG H 114 84.67 7.76 14.01
CA ARG H 114 83.83 7.76 15.18
C ARG H 114 83.79 6.38 15.83
N PRO H 115 83.59 6.32 17.15
CA PRO H 115 83.61 5.03 17.85
C PRO H 115 82.45 4.13 17.44
N THR H 116 82.67 2.83 17.60
CA THR H 116 81.74 1.80 17.15
C THR H 116 80.77 1.36 18.24
N LEU H 117 80.69 2.09 19.36
CA LEU H 117 79.82 1.69 20.45
C LEU H 117 78.36 1.86 20.06
N GLN H 118 77.53 0.92 20.51
CA GLN H 118 76.10 0.95 20.26
C GLN H 118 75.35 1.10 21.58
N VAL H 119 74.06 1.42 21.47
CA VAL H 119 73.24 1.63 22.66
C VAL H 119 73.13 0.32 23.43
N GLY H 120 73.43 0.38 24.72
CA GLY H 120 73.38 -0.78 25.59
C GLY H 120 74.72 -1.37 25.96
N ASP H 121 75.81 -0.86 25.42
CA ASP H 121 77.14 -1.40 25.69
C ASP H 121 77.68 -0.87 27.01
N LEU H 122 78.45 -1.70 27.69
CA LEU H 122 79.12 -1.32 28.93
C LEU H 122 80.44 -0.63 28.61
N VAL H 123 80.64 0.55 29.19
CA VAL H 123 81.82 1.36 28.94
C VAL H 123 82.45 1.69 30.29
N TYR H 124 83.76 1.49 30.38
CA TYR H 124 84.53 1.83 31.57
C TYR H 124 85.30 3.11 31.24
N ALA H 125 85.09 4.16 32.04
CA ALA H 125 85.60 5.46 31.68
C ALA H 125 86.00 6.22 32.94
N ARG H 126 86.54 7.42 32.73
CA ARG H 126 86.99 8.30 33.80
C ARG H 126 86.29 9.64 33.68
N VAL H 127 85.90 10.20 34.83
CA VAL H 127 85.22 11.49 34.85
C VAL H 127 86.27 12.59 34.73
N CYS H 128 86.11 13.47 33.74
CA CYS H 128 87.04 14.55 33.47
C CYS H 128 86.52 15.91 33.94
N THR H 129 85.34 16.30 33.49
CA THR H 129 84.70 17.55 33.90
C THR H 129 83.40 17.22 34.61
N ALA H 130 83.31 17.62 35.88
CA ALA H 130 82.11 17.39 36.69
C ALA H 130 81.65 18.69 37.33
N GLU H 131 81.29 19.66 36.48
CA GLU H 131 80.79 20.94 36.96
C GLU H 131 79.37 20.77 37.46
N LYS H 132 79.07 21.34 38.63
CA LYS H 132 77.74 21.20 39.22
C LYS H 132 76.67 21.87 38.39
N GLU H 133 77.02 22.87 37.58
CA GLU H 133 76.04 23.59 36.77
C GLU H 133 76.02 23.12 35.32
N LEU H 134 76.70 22.03 35.01
CA LEU H 134 76.78 21.50 33.66
C LEU H 134 76.64 19.98 33.69
N GLU H 135 76.40 19.40 32.52
CA GLU H 135 76.37 17.94 32.41
C GLU H 135 77.77 17.37 32.57
N ALA H 136 77.90 16.36 33.44
CA ALA H 136 79.19 15.72 33.64
C ALA H 136 79.67 15.06 32.35
N GLU H 137 80.98 14.83 32.27
CA GLU H 137 81.58 14.27 31.07
C GLU H 137 82.58 13.18 31.46
N ILE H 138 82.63 12.14 30.63
CA ILE H 138 83.54 11.02 30.83
C ILE H 138 84.38 10.85 29.57
N GLU H 139 85.48 10.14 29.72
CA GLU H 139 86.42 9.90 28.63
C GLU H 139 86.96 8.47 28.73
N CYS H 140 87.28 7.90 27.58
CA CYS H 140 87.76 6.53 27.51
C CYS H 140 89.28 6.44 27.36
N PHE H 141 89.98 7.55 27.54
CA PHE H 141 91.43 7.52 27.62
C PHE H 141 91.87 8.18 28.92
N ASP H 142 92.97 7.67 29.47
CA ASP H 142 93.56 8.24 30.66
C ASP H 142 94.25 9.55 30.32
N SER H 143 94.19 10.53 31.23
CA SER H 143 94.84 11.80 30.94
C SER H 143 96.34 11.63 30.75
N THR H 144 96.90 10.52 31.23
CA THR H 144 98.25 10.11 30.90
C THR H 144 98.34 9.75 29.43
N THR H 145 99.50 9.98 28.83
CA THR H 145 99.59 10.03 27.38
C THR H 145 99.50 8.64 26.77
N GLY H 146 100.05 7.63 27.47
CA GLY H 146 100.26 6.29 27.00
C GLY H 146 99.26 5.75 26.00
N ARG H 147 98.19 5.13 26.49
CA ARG H 147 97.11 4.63 25.66
C ARG H 147 95.86 4.50 26.53
N ASP H 148 94.84 3.82 26.03
CA ASP H 148 93.66 3.54 26.82
C ASP H 148 94.05 2.73 28.05
N ALA H 149 93.82 3.28 29.23
CA ALA H 149 94.24 2.65 30.49
C ALA H 149 93.11 1.77 31.01
N GLY H 150 92.88 0.67 30.28
CA GLY H 150 91.82 -0.25 30.63
C GLY H 150 90.42 0.23 30.34
N PHE H 151 90.26 1.39 29.72
CA PHE H 151 88.94 1.88 29.39
C PHE H 151 88.46 1.29 28.06
N GLY H 152 87.16 1.42 27.83
CA GLY H 152 86.55 0.93 26.60
C GLY H 152 85.36 0.06 26.90
N ILE H 153 84.90 -0.66 25.87
CA ILE H 153 83.73 -1.49 25.99
C ILE H 153 84.03 -2.70 26.87
N LEU H 154 83.07 -3.10 27.69
CA LEU H 154 83.16 -4.28 28.54
C LEU H 154 82.27 -5.35 27.93
N GLU H 155 82.87 -6.25 27.14
CA GLU H 155 82.11 -7.26 26.42
C GLU H 155 81.61 -8.34 27.36
N ASP H 156 80.33 -8.66 27.25
CA ASP H 156 79.68 -9.75 28.01
C ASP H 156 79.86 -9.49 29.51
N GLY H 157 79.96 -10.56 30.29
CA GLY H 157 80.12 -10.43 31.73
C GLY H 157 78.81 -10.11 32.43
N MET H 158 78.94 -9.80 33.72
CA MET H 158 77.80 -9.44 34.55
C MET H 158 78.17 -8.23 35.41
N ILE H 159 77.22 -7.31 35.53
CA ILE H 159 77.40 -6.09 36.33
C ILE H 159 76.71 -6.29 37.66
N ILE H 160 77.29 -5.72 38.72
CA ILE H 160 76.80 -5.88 40.08
C ILE H 160 76.52 -4.52 40.67
N ASP H 161 75.36 -4.38 41.31
CA ASP H 161 75.00 -3.15 42.01
C ASP H 161 75.55 -3.22 43.43
N VAL H 162 76.20 -2.14 43.85
CA VAL H 162 76.97 -2.11 45.09
C VAL H 162 76.93 -0.70 45.65
N ASN H 163 76.96 -0.57 46.97
CA ASN H 163 76.96 0.74 47.59
C ASN H 163 78.31 1.43 47.37
N LEU H 164 78.28 2.77 47.41
CA LEU H 164 79.45 3.55 46.99
C LEU H 164 80.64 3.34 47.93
N ASN H 165 80.40 3.04 49.20
CA ASN H 165 81.49 2.82 50.13
C ASN H 165 82.21 1.51 49.83
N PHE H 166 81.46 0.48 49.47
CA PHE H 166 82.06 -0.81 49.10
C PHE H 166 82.90 -0.69 47.84
N ALA H 167 82.49 0.16 46.89
CA ALA H 167 83.25 0.33 45.66
C ALA H 167 84.53 1.13 45.91
N ARG H 168 84.45 2.15 46.75
CA ARG H 168 85.66 2.90 47.11
C ARG H 168 86.62 2.04 47.92
N GLN H 169 86.08 1.18 48.79
CA GLN H 169 86.93 0.27 49.57
C GLN H 169 87.57 -0.78 48.68
N LEU H 170 86.90 -1.16 47.59
CA LEU H 170 87.43 -2.20 46.70
C LEU H 170 88.52 -1.66 45.78
N LEU H 171 88.48 -0.36 45.47
CA LEU H 171 89.43 0.23 44.53
C LEU H 171 90.68 0.79 45.20
N PHE H 172 90.52 1.38 46.39
CA PHE H 172 91.62 2.08 47.03
C PHE H 172 92.30 1.30 48.15
N ASN H 173 91.56 0.47 48.88
CA ASN H 173 92.13 -0.34 49.95
C ASN H 173 92.67 -1.62 49.33
N ASN H 174 93.99 -1.77 49.31
CA ASN H 174 94.61 -2.98 48.78
C ASN H 174 94.53 -4.15 49.75
N ASP H 175 94.16 -3.91 51.01
CA ASP H 175 93.97 -4.96 52.00
C ASP H 175 92.53 -5.50 52.01
N PHE H 176 91.70 -5.09 51.06
CA PHE H 176 90.33 -5.59 51.01
C PHE H 176 90.32 -7.02 50.49
N PRO H 177 89.89 -7.99 51.30
CA PRO H 177 90.08 -9.41 50.93
C PRO H 177 89.17 -9.89 49.80
N LEU H 178 88.21 -9.08 49.35
CA LEU H 178 87.27 -9.56 48.33
C LEU H 178 88.01 -9.98 47.07
N LEU H 179 88.94 -9.16 46.61
CA LEU H 179 89.68 -9.49 45.39
C LEU H 179 90.61 -10.67 45.62
N LYS H 180 91.05 -10.88 46.85
CA LYS H 180 91.95 -12.00 47.15
C LYS H 180 91.18 -13.31 47.29
N VAL H 181 90.06 -13.31 48.01
CA VAL H 181 89.27 -14.52 48.19
C VAL H 181 88.62 -14.96 46.88
N LEU H 182 88.42 -14.03 45.93
CA LEU H 182 87.85 -14.41 44.65
C LEU H 182 88.89 -15.05 43.74
N ALA H 183 90.12 -14.53 43.77
CA ALA H 183 91.20 -15.13 42.98
C ALA H 183 91.54 -16.54 43.45
N ALA H 184 91.31 -16.83 44.73
CA ALA H 184 91.60 -18.16 45.26
C ALA H 184 90.64 -19.22 44.74
N HIS H 185 89.52 -18.83 44.14
CA HIS H 185 88.56 -19.76 43.59
C HIS H 185 88.58 -19.81 42.06
N THR H 186 88.61 -18.66 41.40
CA THR H 186 88.54 -18.63 39.94
C THR H 186 89.44 -17.51 39.42
N LYS H 187 89.81 -17.63 38.14
CA LYS H 187 90.45 -16.55 37.41
C LYS H 187 89.35 -15.67 36.80
N PHE H 188 89.39 -14.37 37.11
CA PHE H 188 88.31 -13.47 36.74
C PHE H 188 88.86 -12.11 36.34
N GLU H 189 88.14 -11.46 35.43
CA GLU H 189 88.44 -10.08 35.03
C GLU H 189 87.42 -9.17 35.69
N VAL H 190 87.90 -8.17 36.43
CA VAL H 190 87.04 -7.29 37.21
C VAL H 190 87.33 -5.85 36.81
N ALA H 191 86.25 -5.07 36.70
CA ALA H 191 86.33 -3.63 36.50
C ALA H 191 85.55 -2.94 37.61
N ILE H 192 86.23 -2.08 38.37
CA ILE H 192 85.64 -1.45 39.55
C ILE H 192 85.23 -0.04 39.18
N GLY H 193 83.96 0.28 39.37
CA GLY H 193 83.43 1.61 39.15
C GLY H 193 83.09 2.26 40.48
N LEU H 194 83.44 3.54 40.61
CA LEU H 194 83.16 4.29 41.83
C LEU H 194 81.72 4.78 41.89
N ASN H 195 80.85 4.32 40.99
CA ASN H 195 79.44 4.68 40.99
C ASN H 195 78.55 3.53 41.42
N GLY H 196 79.12 2.50 42.03
CA GLY H 196 78.35 1.37 42.51
C GLY H 196 78.23 0.22 41.55
N LYS H 197 79.01 0.19 40.48
CA LYS H 197 78.98 -0.88 39.49
C LYS H 197 80.29 -1.63 39.53
N ILE H 198 80.23 -2.93 39.75
CA ILE H 198 81.40 -3.80 39.72
C ILE H 198 81.15 -4.84 38.63
N TRP H 199 82.04 -4.89 37.65
CA TRP H 199 81.89 -5.75 36.49
C TRP H 199 82.78 -6.97 36.63
N VAL H 200 82.19 -8.16 36.43
CA VAL H 200 82.89 -9.42 36.59
C VAL H 200 82.65 -10.27 35.35
N LYS H 201 83.71 -10.94 34.89
CA LYS H 201 83.59 -11.86 33.76
C LYS H 201 84.58 -12.99 33.93
N CYS H 202 84.11 -14.22 33.77
CA CYS H 202 84.95 -15.41 33.85
C CYS H 202 84.86 -16.17 32.53
N GLU H 203 85.56 -17.30 32.46
CA GLU H 203 85.50 -18.12 31.26
C GLU H 203 84.19 -18.89 31.18
N GLU H 204 83.74 -19.44 32.29
CA GLU H 204 82.48 -20.16 32.37
C GLU H 204 81.46 -19.35 33.16
N LEU H 205 80.18 -19.51 32.80
CA LEU H 205 79.13 -18.74 33.45
C LEU H 205 78.96 -19.11 34.91
N SER H 206 79.23 -20.38 35.26
CA SER H 206 79.10 -20.79 36.66
C SER H 206 80.09 -20.07 37.55
N ASN H 207 81.25 -19.67 37.01
CA ASN H 207 82.22 -18.93 37.80
C ASN H 207 81.82 -17.46 37.94
N THR H 208 81.35 -16.85 36.84
CA THR H 208 80.86 -15.47 36.92
C THR H 208 79.69 -15.37 37.87
N LEU H 209 78.77 -16.35 37.82
CA LEU H 209 77.62 -16.36 38.71
C LEU H 209 78.05 -16.51 40.17
N ALA H 210 79.09 -17.32 40.41
CA ALA H 210 79.59 -17.46 41.78
C ALA H 210 80.27 -16.20 42.27
N CYS H 211 80.87 -15.43 41.37
CA CYS H 211 81.47 -14.15 41.76
C CYS H 211 80.39 -13.09 41.97
N TYR H 212 79.32 -13.13 41.18
CA TYR H 212 78.20 -12.21 41.39
C TYR H 212 77.59 -12.42 42.77
N ARG H 213 77.32 -13.68 43.14
CA ARG H 213 76.65 -13.97 44.39
C ARG H 213 77.53 -13.63 45.59
N THR H 214 78.85 -13.85 45.47
CA THR H 214 79.74 -13.56 46.59
C THR H 214 79.86 -12.06 46.82
N ILE H 215 79.97 -11.29 45.75
CA ILE H 215 80.04 -9.84 45.90
C ILE H 215 78.71 -9.30 46.41
N MET H 216 77.59 -9.91 45.99
CA MET H 216 76.28 -9.51 46.48
C MET H 216 76.15 -9.75 47.99
N GLU H 217 76.57 -10.93 48.45
CA GLU H 217 76.44 -11.24 49.87
C GLU H 217 77.46 -10.49 50.71
N CYS H 218 78.69 -10.35 50.20
CA CYS H 218 79.70 -9.59 50.93
C CYS H 218 79.35 -8.13 51.01
N CYS H 219 78.64 -7.59 50.01
CA CYS H 219 78.21 -6.20 50.06
C CYS H 219 77.17 -5.97 51.14
N GLN H 220 76.35 -6.98 51.44
CA GLN H 220 75.31 -6.82 52.45
C GLN H 220 75.86 -6.97 53.86
N LYS H 221 76.91 -7.77 54.05
CA LYS H 221 77.48 -7.99 55.37
C LYS H 221 78.59 -6.98 55.63
N ASN H 222 78.53 -6.35 56.80
CA ASN H 222 79.52 -5.34 57.16
C ASN H 222 80.80 -5.95 57.73
N ASP H 223 80.87 -7.26 57.89
CA ASP H 223 82.03 -7.92 58.48
C ASP H 223 82.97 -8.37 57.36
N THR H 224 84.15 -7.76 57.29
CA THR H 224 85.14 -8.16 56.31
C THR H 224 85.64 -9.58 56.56
N ALA H 225 85.72 -9.99 57.83
CA ALA H 225 86.23 -11.30 58.21
C ALA H 225 85.32 -12.45 57.79
N ALA H 226 84.25 -12.17 57.06
CA ALA H 226 83.33 -13.20 56.59
C ALA H 226 83.43 -13.42 55.09
N PHE H 227 84.32 -12.69 54.40
CA PHE H 227 84.43 -12.82 52.95
C PHE H 227 84.93 -14.21 52.56
N LYS H 228 85.86 -14.77 53.34
CA LYS H 228 86.41 -16.07 53.02
C LYS H 228 85.36 -17.17 53.18
N ASP H 229 84.54 -17.07 54.23
CA ASP H 229 83.50 -18.07 54.44
C ASP H 229 82.40 -17.95 53.40
N ILE H 230 82.10 -16.73 52.95
CA ILE H 230 81.08 -16.54 51.93
C ILE H 230 81.55 -17.11 50.58
N ALA H 231 82.81 -16.83 50.22
CA ALA H 231 83.34 -17.36 48.96
C ALA H 231 83.39 -18.87 48.97
N LYS H 232 83.75 -19.47 50.12
CA LYS H 232 83.83 -20.92 50.19
C LYS H 232 82.45 -21.56 50.09
N ARG H 233 81.44 -20.93 50.68
CA ARG H 233 80.10 -21.51 50.69
C ARG H 233 79.36 -21.25 49.39
N GLN H 234 79.65 -20.15 48.70
CA GLN H 234 78.95 -19.83 47.46
C GLN H 234 79.44 -20.72 46.32
N PHE H 235 80.76 -20.85 46.16
CA PHE H 235 81.32 -21.72 45.13
C PHE H 235 81.01 -23.18 45.38
N LYS H 236 80.75 -23.57 46.64
CA LYS H 236 80.34 -24.94 46.91
C LYS H 236 78.92 -25.21 46.43
N GLU H 237 78.04 -24.19 46.49
CA GLU H 237 76.69 -24.37 45.98
C GLU H 237 76.64 -24.37 44.46
N ILE H 238 77.58 -23.67 43.81
CA ILE H 238 77.62 -23.67 42.36
C ILE H 238 78.05 -25.04 41.82
N LEU H 239 78.97 -25.71 42.53
CA LEU H 239 79.43 -27.02 42.08
C LEU H 239 78.35 -28.08 42.23
N THR H 240 77.41 -27.89 43.16
CA THR H 240 76.32 -28.85 43.31
C THR H 240 75.32 -28.72 42.18
N VAL H 241 74.81 -27.50 41.95
CA VAL H 241 73.88 -27.21 40.88
C VAL H 241 72.65 -28.12 40.94
N SER I 9 51.70 -15.11 -8.23
CA SER I 9 50.54 -15.58 -9.00
C SER I 9 49.54 -16.26 -8.08
N GLN I 10 49.91 -16.35 -6.81
CA GLN I 10 49.14 -17.08 -5.80
C GLN I 10 48.81 -16.16 -4.64
N ILE I 11 47.56 -16.24 -4.17
CA ILE I 11 47.10 -15.41 -3.06
C ILE I 11 47.37 -16.15 -1.76
N VAL I 12 48.12 -15.52 -0.85
CA VAL I 12 48.47 -16.11 0.42
C VAL I 12 48.05 -15.15 1.52
N THR I 13 47.85 -15.71 2.72
CA THR I 13 47.45 -14.97 3.90
C THR I 13 48.51 -15.12 4.98
N PRO I 14 48.51 -14.23 5.99
CA PRO I 14 49.51 -14.34 7.06
C PRO I 14 49.51 -15.71 7.71
N GLY I 15 50.71 -16.25 7.92
CA GLY I 15 50.88 -17.56 8.52
C GLY I 15 50.96 -18.70 7.53
N GLU I 16 50.55 -18.50 6.28
CA GLU I 16 50.56 -19.57 5.30
C GLU I 16 51.98 -19.89 4.85
N LEU I 17 52.23 -21.17 4.61
CA LEU I 17 53.53 -21.61 4.11
C LEU I 17 53.65 -21.30 2.62
N VAL I 18 54.70 -20.58 2.26
CA VAL I 18 54.89 -20.18 0.86
C VAL I 18 55.78 -21.16 0.11
N THR I 19 56.81 -21.69 0.77
CA THR I 19 57.67 -22.69 0.17
C THR I 19 58.50 -23.36 1.26
N ASP I 20 58.75 -24.66 1.07
CA ASP I 20 59.66 -25.41 1.93
C ASP I 20 61.09 -25.41 1.39
N ASP I 21 61.31 -24.79 0.24
CA ASP I 21 62.65 -24.74 -0.36
C ASP I 21 63.47 -23.68 0.35
N PRO I 22 64.59 -24.05 1.00
CA PRO I 22 65.41 -23.02 1.66
C PRO I 22 66.35 -22.29 0.71
N ILE I 23 66.62 -22.83 -0.47
CA ILE I 23 67.50 -22.18 -1.44
C ILE I 23 66.74 -21.05 -2.12
N TRP I 24 66.30 -20.07 -1.34
CA TRP I 24 65.62 -18.89 -1.86
C TRP I 24 66.09 -17.67 -1.08
N MET I 25 66.05 -16.51 -1.74
CA MET I 25 66.35 -15.24 -1.08
C MET I 25 65.06 -14.65 -0.54
N ARG I 26 65.00 -14.46 0.77
CA ARG I 26 63.78 -14.00 1.42
C ARG I 26 63.56 -12.51 1.12
N GLY I 27 62.40 -12.19 0.56
CA GLY I 27 62.04 -10.84 0.20
C GLY I 27 61.12 -10.20 1.23
N HIS I 28 60.33 -9.24 0.77
CA HIS I 28 59.40 -8.52 1.65
C HIS I 28 58.12 -9.33 1.86
N GLY I 29 57.44 -9.02 2.95
CA GLY I 29 56.23 -9.74 3.31
C GLY I 29 56.43 -11.19 3.66
N THR I 30 57.65 -11.56 4.06
CA THR I 30 57.97 -12.94 4.38
C THR I 30 58.75 -13.02 5.68
N TYR I 31 58.82 -14.23 6.21
CA TYR I 31 59.66 -14.58 7.35
C TYR I 31 59.81 -16.09 7.34
N PHE I 32 60.83 -16.59 8.00
CA PHE I 32 61.10 -18.02 7.88
C PHE I 32 61.74 -18.56 9.15
N LEU I 33 61.54 -19.87 9.35
CA LEU I 33 62.17 -20.65 10.41
C LEU I 33 62.70 -21.91 9.76
N ASP I 34 64.02 -22.02 9.67
CA ASP I 34 64.70 -23.15 8.99
C ASP I 34 64.26 -23.12 7.52
N ASN I 35 63.92 -24.27 6.94
CA ASN I 35 63.57 -24.31 5.51
C ASN I 35 62.22 -23.69 5.20
N MET I 36 61.32 -23.59 6.18
CA MET I 36 59.96 -23.14 5.92
C MET I 36 59.91 -21.62 5.84
N THR I 37 59.41 -21.10 4.72
CA THR I 37 59.25 -19.67 4.50
C THR I 37 57.76 -19.34 4.47
N TYR I 38 57.33 -18.49 5.40
CA TYR I 38 55.92 -18.12 5.53
C TYR I 38 55.70 -16.70 5.04
N SER I 39 54.42 -16.36 4.88
CA SER I 39 54.02 -15.01 4.47
C SER I 39 53.53 -14.23 5.69
N SER I 40 53.91 -12.96 5.75
CA SER I 40 53.52 -12.08 6.85
C SER I 40 52.32 -11.20 6.51
N VAL I 41 51.93 -11.11 5.24
CA VAL I 41 50.83 -10.27 4.82
C VAL I 41 49.89 -11.10 3.94
N ALA I 42 48.73 -10.52 3.65
CA ALA I 42 47.80 -11.08 2.67
C ALA I 42 48.10 -10.45 1.32
N GLY I 43 48.71 -11.20 0.43
CA GLY I 43 49.11 -10.67 -0.86
C GLY I 43 49.34 -11.75 -1.88
N THR I 44 50.13 -11.40 -2.89
CA THR I 44 50.44 -12.29 -4.00
C THR I 44 51.91 -12.67 -3.96
N VAL I 45 52.19 -13.94 -4.29
CA VAL I 45 53.55 -14.44 -4.26
C VAL I 45 54.30 -13.93 -5.49
N SER I 46 55.49 -13.40 -5.28
CA SER I 46 56.33 -12.87 -6.35
C SER I 46 57.64 -13.65 -6.37
N ARG I 47 57.94 -14.26 -7.51
CA ARG I 47 59.19 -14.98 -7.73
C ARG I 47 59.99 -14.23 -8.78
N VAL I 48 61.08 -13.59 -8.36
CA VAL I 48 61.94 -12.82 -9.25
C VAL I 48 63.37 -13.34 -9.08
N ASN I 49 63.93 -13.91 -10.15
CA ASN I 49 65.25 -14.52 -10.12
C ASN I 49 65.33 -15.57 -9.02
N ARG I 50 65.94 -15.20 -7.89
CA ARG I 50 66.01 -16.07 -6.72
C ARG I 50 65.39 -15.42 -5.49
N LEU I 51 64.62 -14.36 -5.68
CA LEU I 51 64.06 -13.56 -4.59
C LEU I 51 62.57 -13.88 -4.46
N LEU I 52 62.23 -14.72 -3.47
CA LEU I 52 60.85 -15.00 -3.16
C LEU I 52 60.30 -13.90 -2.25
N SER I 53 59.21 -13.26 -2.68
CA SER I 53 58.61 -12.18 -1.90
C SER I 53 57.10 -12.20 -2.11
N VAL I 54 56.40 -11.52 -1.21
CA VAL I 54 54.94 -11.41 -1.27
C VAL I 54 54.60 -9.92 -1.41
N ILE I 55 53.94 -9.58 -2.52
CA ILE I 55 53.50 -8.21 -2.77
C ILE I 55 52.16 -8.01 -2.07
N PRO I 56 52.08 -7.18 -1.03
CA PRO I 56 50.81 -7.02 -0.31
C PRO I 56 49.75 -6.37 -1.19
N LEU I 57 48.49 -6.73 -0.92
CA LEU I 57 47.37 -6.15 -1.63
C LEU I 57 47.07 -4.73 -1.17
N LYS I 58 47.46 -4.37 0.04
CA LYS I 58 47.33 -3.01 0.57
C LYS I 58 48.65 -2.57 1.17
N GLY I 59 48.74 -1.29 1.47
CA GLY I 59 49.92 -0.71 2.06
C GLY I 59 50.15 0.70 1.53
N ARG I 60 50.77 1.53 2.36
CA ARG I 60 51.03 2.92 1.99
C ARG I 60 52.08 3.00 0.89
N TYR I 61 52.21 4.19 0.32
CA TYR I 61 53.22 4.45 -0.69
C TYR I 61 54.61 4.22 -0.13
N ALA I 62 55.38 3.36 -0.81
CA ALA I 62 56.76 3.11 -0.42
C ALA I 62 57.68 3.87 -1.36
N PRO I 63 58.45 4.83 -0.88
CA PRO I 63 59.27 5.63 -1.78
C PRO I 63 60.49 4.87 -2.28
N GLU I 64 60.85 5.11 -3.54
CA GLU I 64 62.03 4.54 -4.15
C GLU I 64 62.86 5.66 -4.76
N THR I 65 64.16 5.42 -4.86
CA THR I 65 65.08 6.42 -5.42
C THR I 65 64.68 6.77 -6.85
N GLY I 66 64.49 8.06 -7.11
CA GLY I 66 64.12 8.56 -8.42
C GLY I 66 62.68 8.98 -8.57
N ASP I 67 61.83 8.73 -7.56
CA ASP I 67 60.42 9.07 -7.66
C ASP I 67 60.21 10.58 -7.69
N HIS I 68 59.34 11.03 -8.59
CA HIS I 68 58.94 12.44 -8.64
C HIS I 68 57.69 12.58 -7.77
N VAL I 69 57.85 13.23 -6.63
CA VAL I 69 56.81 13.29 -5.60
C VAL I 69 56.40 14.73 -5.34
N VAL I 70 55.18 14.88 -4.85
CA VAL I 70 54.66 16.15 -4.34
C VAL I 70 54.40 15.97 -2.86
N GLY I 71 54.89 16.90 -2.04
CA GLY I 71 54.83 16.75 -0.61
C GLY I 71 54.48 18.05 0.08
N ARG I 72 54.00 17.91 1.31
CA ARG I 72 53.64 19.03 2.16
C ARG I 72 54.64 19.14 3.31
N ILE I 73 55.15 20.34 3.54
CA ILE I 73 56.09 20.57 4.63
C ILE I 73 55.38 20.31 5.95
N ALA I 74 55.92 19.40 6.76
CA ALA I 74 55.31 19.02 8.02
C ALA I 74 55.90 19.75 9.23
N GLU I 75 57.22 19.87 9.28
CA GLU I 75 57.85 20.60 10.38
C GLU I 75 59.19 21.16 9.91
N VAL I 76 59.65 22.20 10.60
CA VAL I 76 60.89 22.89 10.30
C VAL I 76 61.84 22.67 11.47
N GLY I 77 62.97 22.02 11.22
CA GLY I 77 63.84 21.69 12.34
C GLY I 77 65.29 21.36 12.03
N ASN I 78 66.19 22.28 12.39
CA ASN I 78 67.64 22.10 12.31
C ASN I 78 68.14 21.70 10.93
N LYS I 79 68.34 22.69 10.06
CA LYS I 79 68.95 22.51 8.73
C LYS I 79 68.28 21.41 7.91
N ARG I 80 67.00 21.15 8.16
CA ARG I 80 66.27 20.18 7.36
C ARG I 80 64.78 20.44 7.53
N TRP I 81 64.02 19.99 6.54
CA TRP I 81 62.56 19.94 6.62
C TRP I 81 62.10 18.49 6.66
N LYS I 82 61.02 18.24 7.38
CA LYS I 82 60.32 16.97 7.31
C LYS I 82 59.07 17.20 6.47
N VAL I 83 58.96 16.45 5.37
CA VAL I 83 57.90 16.64 4.40
C VAL I 83 56.94 15.46 4.47
N ASP I 84 55.65 15.77 4.47
CA ASP I 84 54.63 14.73 4.38
C ASP I 84 54.55 14.26 2.94
N ILE I 85 54.99 13.03 2.69
CA ILE I 85 55.00 12.49 1.34
C ILE I 85 53.85 11.52 1.08
N GLY I 86 53.17 11.08 2.14
CA GLY I 86 52.10 10.10 2.01
C GLY I 86 52.50 8.68 2.33
N GLY I 87 53.66 8.47 2.96
CA GLY I 87 54.11 7.15 3.32
C GLY I 87 54.04 6.89 4.81
N LYS I 88 54.73 5.82 5.22
CA LYS I 88 54.73 5.45 6.64
C LYS I 88 55.42 6.52 7.49
N GLN I 89 56.49 7.10 6.99
CA GLN I 89 57.25 8.11 7.71
C GLN I 89 57.27 9.42 6.93
N HIS I 90 57.68 10.48 7.62
CA HIS I 90 57.97 11.74 6.96
C HIS I 90 59.26 11.61 6.17
N ALA I 91 59.32 12.31 5.04
CA ALA I 91 60.55 12.39 4.27
C ALA I 91 61.35 13.60 4.71
N VAL I 92 62.67 13.48 4.66
CA VAL I 92 63.56 14.55 5.08
C VAL I 92 64.02 15.32 3.85
N LEU I 93 64.17 16.63 4.01
CA LEU I 93 64.67 17.51 2.95
C LEU I 93 65.79 18.33 3.57
N MET I 94 67.02 17.87 3.41
CA MET I 94 68.16 18.53 4.03
C MET I 94 68.36 19.91 3.41
N LEU I 95 68.79 20.87 4.23
CA LEU I 95 69.01 22.23 3.76
C LEU I 95 70.03 22.27 2.62
N GLY I 96 71.01 21.37 2.63
CA GLY I 96 71.96 21.28 1.55
C GLY I 96 71.40 20.73 0.26
N SER I 97 70.18 20.18 0.29
CA SER I 97 69.56 19.58 -0.88
C SER I 97 68.53 20.49 -1.55
N VAL I 98 68.52 21.78 -1.22
CA VAL I 98 67.59 22.74 -1.81
C VAL I 98 68.38 23.87 -2.45
N ASN I 99 67.82 24.41 -3.53
CA ASN I 99 68.39 25.56 -4.21
C ASN I 99 67.88 26.84 -3.56
N LEU I 100 68.73 27.51 -2.80
CA LEU I 100 68.35 28.78 -2.21
C LEU I 100 68.31 29.85 -3.31
N PRO I 101 67.39 30.80 -3.23
CA PRO I 101 67.22 31.75 -4.34
C PRO I 101 68.46 32.59 -4.56
N GLY I 102 68.93 32.60 -5.81
CA GLY I 102 70.17 33.27 -6.16
C GLY I 102 71.08 32.39 -7.00
N GLY I 103 72.37 32.47 -6.77
CA GLY I 103 73.33 31.65 -7.50
C GLY I 103 74.73 32.22 -7.48
N SER I 109 75.49 31.07 2.96
CA SER I 109 75.36 31.94 4.12
C SER I 109 74.73 31.18 5.29
N GLU I 110 75.45 31.13 6.41
CA GLU I 110 74.94 30.44 7.59
C GLU I 110 73.73 31.14 8.20
N SER I 111 73.52 32.42 7.89
CA SER I 111 72.31 33.11 8.34
C SER I 111 71.05 32.52 7.72
N ASP I 112 71.15 31.89 6.54
CA ASP I 112 70.02 31.20 5.94
C ASP I 112 69.64 29.93 6.68
N GLU I 113 70.58 29.30 7.40
CA GLU I 113 70.29 28.09 8.16
C GLU I 113 69.31 28.34 9.31
N LEU I 114 69.18 29.59 9.76
CA LEU I 114 68.13 30.03 10.68
C LEU I 114 66.81 30.22 9.93
N GLN I 115 66.56 31.46 9.50
CA GLN I 115 65.37 31.82 8.73
C GLN I 115 64.96 30.78 7.68
N MET I 116 64.76 29.53 8.08
CA MET I 116 64.33 28.52 7.11
C MET I 116 62.88 28.71 6.70
N ARG I 117 62.06 29.26 7.59
CA ARG I 117 60.65 29.50 7.29
C ARG I 117 60.45 30.57 6.23
N SER I 118 61.51 31.24 5.78
CA SER I 118 61.39 32.19 4.69
C SER I 118 61.33 31.51 3.33
N PHE I 119 61.77 30.25 3.24
CA PHE I 119 61.65 29.47 2.01
C PHE I 119 60.47 28.52 2.13
N LEU I 120 60.60 27.49 2.96
CA LEU I 120 59.56 26.50 3.16
C LEU I 120 59.07 26.58 4.60
N LYS I 121 57.80 26.91 4.77
CA LYS I 121 57.14 26.90 6.06
C LYS I 121 56.18 25.72 6.13
N GLU I 122 55.69 25.43 7.34
CA GLU I 122 54.74 24.34 7.51
C GLU I 122 53.50 24.57 6.66
N GLY I 123 53.07 23.52 5.98
CA GLY I 123 51.91 23.59 5.10
C GLY I 123 52.21 23.94 3.66
N ASP I 124 53.45 24.31 3.34
CA ASP I 124 53.79 24.62 1.95
C ASP I 124 53.79 23.38 1.09
N LEU I 125 53.35 23.52 -0.16
CA LEU I 125 53.36 22.45 -1.13
C LEU I 125 54.53 22.62 -2.10
N LEU I 126 55.20 21.53 -2.41
CA LEU I 126 56.33 21.56 -3.33
C LEU I 126 56.40 20.24 -4.08
N ASN I 127 57.28 20.19 -5.07
CA ASN I 127 57.54 18.98 -5.84
C ASN I 127 59.04 18.73 -5.82
N ALA I 128 59.42 17.48 -5.55
CA ALA I 128 60.83 17.13 -5.37
C ALA I 128 61.06 15.74 -5.93
N GLU I 129 62.32 15.30 -5.81
CA GLU I 129 62.73 13.97 -6.28
C GLU I 129 63.35 13.22 -5.11
N VAL I 130 63.07 11.92 -5.03
CA VAL I 130 63.63 11.07 -3.99
C VAL I 130 65.10 10.80 -4.32
N GLN I 131 65.99 11.28 -3.46
CA GLN I 131 67.43 11.17 -3.68
C GLN I 131 67.97 9.84 -3.18
N SER I 132 67.46 9.34 -2.05
CA SER I 132 67.92 8.09 -1.46
C SER I 132 66.90 7.65 -0.43
N LEU I 133 67.18 6.51 0.21
CA LEU I 133 66.35 5.99 1.28
C LEU I 133 67.22 5.66 2.48
N PHE I 134 66.68 5.88 3.68
CA PHE I 134 67.38 5.55 4.90
C PHE I 134 67.27 4.05 5.20
N GLN I 135 67.81 3.66 6.35
CA GLN I 135 67.73 2.25 6.76
C GLN I 135 66.29 1.86 7.06
N ASP I 136 65.51 2.77 7.66
CA ASP I 136 64.13 2.44 8.02
C ASP I 136 63.22 2.40 6.81
N GLY I 137 63.61 3.02 5.70
CA GLY I 137 62.80 3.06 4.50
C GLY I 137 62.32 4.44 4.12
N SER I 138 62.46 5.43 5.00
CA SER I 138 62.05 6.78 4.67
C SER I 138 62.96 7.37 3.60
N ALA I 139 62.44 8.38 2.90
CA ALA I 139 63.11 8.93 1.73
C ALA I 139 63.80 10.25 2.06
N SER I 140 64.92 10.48 1.40
CA SER I 140 65.60 11.77 1.40
C SER I 140 65.30 12.47 0.07
N LEU I 141 64.84 13.72 0.16
CA LEU I 141 64.40 14.46 -1.01
C LEU I 141 65.43 15.53 -1.40
N HIS I 142 65.30 16.01 -2.63
CA HIS I 142 66.16 17.07 -3.12
C HIS I 142 65.40 17.87 -4.18
N THR I 143 65.68 19.17 -4.23
CA THR I 143 65.10 20.07 -5.22
C THR I 143 66.20 20.80 -5.99
N ARG I 144 67.33 20.13 -6.21
CA ARG I 144 68.49 20.75 -6.84
C ARG I 144 68.30 20.89 -8.36
N SER I 145 67.19 21.47 -8.78
CA SER I 145 66.93 21.69 -10.20
C SER I 145 65.88 22.77 -10.35
N LEU I 146 65.72 23.25 -11.59
CA LEU I 146 64.71 24.26 -11.87
C LEU I 146 63.32 23.66 -11.90
N LYS I 147 63.20 22.37 -12.27
CA LYS I 147 61.91 21.71 -12.35
C LYS I 147 61.32 21.41 -10.97
N TYR I 148 62.12 21.49 -9.92
CA TYR I 148 61.67 21.24 -8.55
C TYR I 148 61.60 22.55 -7.78
N GLY I 149 60.55 22.71 -6.98
CA GLY I 149 60.37 23.91 -6.20
C GLY I 149 58.99 23.97 -5.61
N LYS I 150 58.68 25.14 -5.04
CA LYS I 150 57.37 25.34 -4.43
C LYS I 150 56.28 25.44 -5.50
N LEU I 151 55.12 24.87 -5.21
CA LEU I 151 53.99 24.84 -6.14
C LEU I 151 53.04 26.00 -5.85
N ARG I 152 52.48 26.55 -6.91
CA ARG I 152 51.55 27.68 -6.81
C ARG I 152 50.70 27.71 -8.07
N ASN I 153 49.89 28.77 -8.20
CA ASN I 153 49.05 28.99 -9.37
C ASN I 153 48.06 27.85 -9.60
N GLY I 154 47.56 27.24 -8.52
CA GLY I 154 46.65 26.13 -8.70
C GLY I 154 46.05 25.53 -7.45
N MET I 155 45.73 24.24 -7.52
CA MET I 155 44.96 23.55 -6.50
C MET I 155 45.49 22.13 -6.33
N PHE I 156 45.34 21.59 -5.13
CA PHE I 156 45.81 20.25 -4.79
C PHE I 156 44.64 19.27 -4.70
N CYS I 157 44.94 18.01 -4.99
CA CYS I 157 44.03 16.88 -4.83
C CYS I 157 44.87 15.61 -4.91
N GLN I 158 44.41 14.56 -4.23
CA GLN I 158 45.21 13.36 -4.08
C GLN I 158 44.37 12.11 -4.35
N VAL I 159 45.02 11.11 -4.96
CA VAL I 159 44.43 9.82 -5.24
C VAL I 159 45.32 8.78 -4.59
N PRO I 160 44.92 7.50 -4.51
CA PRO I 160 45.84 6.49 -3.95
C PRO I 160 47.06 6.30 -4.84
N SER I 161 48.20 6.05 -4.20
CA SER I 161 49.47 5.97 -4.91
C SER I 161 49.51 4.84 -5.93
N SER I 162 48.68 3.81 -5.75
CA SER I 162 48.68 2.67 -6.68
C SER I 162 48.13 3.04 -8.06
N LEU I 163 47.39 4.14 -8.17
CA LEU I 163 46.82 4.54 -9.45
C LEU I 163 47.76 5.39 -10.29
N ILE I 164 48.82 5.94 -9.71
CA ILE I 164 49.81 6.70 -10.46
C ILE I 164 50.89 5.74 -10.94
N VAL I 165 50.94 5.52 -12.25
CA VAL I 165 51.89 4.59 -12.85
C VAL I 165 53.21 5.31 -13.07
N ARG I 166 54.29 4.77 -12.50
CA ARG I 166 55.62 5.33 -12.69
C ARG I 166 55.99 5.34 -14.17
N ALA I 167 56.32 6.51 -14.70
CA ALA I 167 56.61 6.67 -16.11
C ALA I 167 57.82 7.58 -16.27
N LYS I 168 58.28 7.76 -17.51
CA LYS I 168 59.45 8.58 -17.77
C LYS I 168 59.23 10.03 -17.35
N ASN I 169 58.04 10.56 -17.63
CA ASN I 169 57.70 11.93 -17.30
C ASN I 169 56.45 11.96 -16.43
N HIS I 170 56.35 12.98 -15.57
CA HIS I 170 55.24 13.11 -14.65
C HIS I 170 54.66 14.51 -14.58
N THR I 171 55.18 15.47 -15.34
CA THR I 171 54.62 16.81 -15.44
C THR I 171 54.21 17.03 -16.88
N HIS I 172 52.90 17.00 -17.14
CA HIS I 172 52.36 17.03 -18.49
C HIS I 172 51.53 18.29 -18.69
N ASN I 173 51.66 18.90 -19.86
CA ASN I 173 50.87 20.06 -20.24
C ASN I 173 49.62 19.58 -20.97
N LEU I 174 48.46 20.00 -20.47
CA LEU I 174 47.17 19.54 -20.95
C LEU I 174 46.48 20.64 -21.76
N PRO I 175 45.54 20.27 -22.64
CA PRO I 175 44.81 21.29 -23.39
C PRO I 175 43.98 22.16 -22.44
N GLY I 176 43.87 23.44 -22.79
CA GLY I 176 43.25 24.42 -21.93
C GLY I 176 44.21 25.24 -21.11
N ASN I 177 45.52 25.16 -21.39
CA ASN I 177 46.55 25.91 -20.67
C ASN I 177 46.62 25.49 -19.20
N ILE I 178 46.56 24.18 -18.96
CA ILE I 178 46.71 23.61 -17.63
C ILE I 178 47.84 22.60 -17.66
N THR I 179 48.66 22.60 -16.62
CA THR I 179 49.76 21.65 -16.46
C THR I 179 49.54 20.87 -15.17
N VAL I 180 49.72 19.56 -15.24
CA VAL I 180 49.49 18.67 -14.11
C VAL I 180 50.82 18.09 -13.65
N VAL I 181 50.94 17.87 -12.34
CA VAL I 181 52.09 17.20 -11.74
C VAL I 181 51.54 15.95 -11.06
N LEU I 182 51.77 14.79 -11.67
CA LEU I 182 51.24 13.52 -11.16
C LEU I 182 52.31 12.90 -10.28
N GLY I 183 52.27 13.21 -8.99
CA GLY I 183 53.20 12.64 -8.04
C GLY I 183 53.05 11.14 -7.91
N VAL I 184 54.17 10.42 -7.98
CA VAL I 184 54.15 8.96 -7.85
C VAL I 184 53.51 8.55 -6.52
N ASN I 185 53.65 9.39 -5.49
CA ASN I 185 53.02 9.12 -4.20
C ASN I 185 51.52 9.38 -4.21
N GLY I 186 50.95 9.84 -5.32
CA GLY I 186 49.54 10.13 -5.42
C GLY I 186 49.15 11.55 -5.10
N TYR I 187 50.10 12.44 -4.87
CA TYR I 187 49.82 13.85 -4.59
C TYR I 187 49.87 14.61 -5.91
N ILE I 188 48.71 15.02 -6.40
CA ILE I 188 48.59 15.67 -7.71
C ILE I 188 48.48 17.17 -7.51
N TRP I 189 49.14 17.93 -8.39
CA TRP I 189 49.04 19.39 -8.42
C TRP I 189 48.62 19.83 -9.80
N LEU I 190 47.52 20.58 -9.88
CA LEU I 190 47.04 21.17 -11.12
C LEU I 190 47.26 22.67 -11.04
N ARG I 191 47.86 23.25 -12.08
CA ARG I 191 48.20 24.66 -12.07
C ARG I 191 48.04 25.25 -13.46
N LYS I 192 48.13 26.58 -13.51
CA LYS I 192 48.21 27.29 -14.78
C LYS I 192 49.56 27.03 -15.42
N THR I 193 49.55 26.68 -16.72
CA THR I 193 50.79 26.39 -17.43
C THR I 193 51.75 27.57 -17.37
N SER I 194 52.81 27.43 -16.59
CA SER I 194 53.79 28.50 -16.42
C SER I 194 54.73 28.56 -17.63
N GLN I 195 55.52 29.63 -17.68
CA GLN I 195 56.49 29.78 -18.77
C GLN I 195 57.50 28.65 -18.76
N MET I 196 57.93 28.21 -17.57
CA MET I 196 58.85 27.07 -17.49
C MET I 196 58.21 25.80 -18.03
N ASP I 197 56.90 25.63 -17.83
CA ASP I 197 56.22 24.45 -18.35
C ASP I 197 56.24 24.41 -19.87
N LEU I 198 56.23 25.58 -20.52
CA LEU I 198 56.33 25.62 -21.96
C LEU I 198 57.75 25.36 -22.44
N ALA I 199 58.75 25.65 -21.60
CA ALA I 199 60.14 25.39 -21.99
C ALA I 199 60.41 23.90 -22.13
N ARG I 200 59.61 23.05 -21.48
CA ARG I 200 59.74 21.60 -21.59
C ARG I 200 59.35 21.09 -22.97
N ASP I 201 59.42 21.94 -23.98
CA ASP I 201 59.01 21.58 -25.34
C ASP I 201 59.94 20.52 -25.94
N SER I 234 63.38 34.36 -12.61
CA SER I 234 62.59 34.04 -11.43
C SER I 234 63.46 33.96 -10.19
N TRP I 235 63.80 35.14 -9.63
CA TRP I 235 64.63 35.17 -8.43
C TRP I 235 63.87 34.61 -7.24
N GLN I 236 62.63 35.03 -7.06
CA GLN I 236 61.78 34.56 -5.95
C GLN I 236 61.09 33.27 -6.37
N ILE I 237 61.75 32.15 -6.12
CA ILE I 237 61.18 30.84 -6.43
C ILE I 237 60.36 30.27 -5.29
N TYR I 238 60.40 30.89 -4.10
CA TYR I 238 59.60 30.47 -2.96
C TYR I 238 58.51 31.47 -2.63
N SER I 239 58.15 32.33 -3.59
CA SER I 239 57.11 33.32 -3.37
C SER I 239 55.78 32.64 -3.14
N ASP I 240 55.07 33.07 -2.09
CA ASP I 240 53.75 32.54 -1.79
C ASP I 240 52.64 33.22 -2.57
N GLU I 241 52.98 34.13 -3.48
CA GLU I 241 52.00 34.80 -4.30
C GLU I 241 51.73 33.99 -5.57
N ASN I 242 50.46 33.96 -5.97
CA ASN I 242 50.08 33.32 -7.22
C ASN I 242 50.09 34.35 -8.35
N ASP I 243 50.30 33.86 -9.57
CA ASP I 243 50.23 34.69 -10.76
C ASP I 243 48.87 35.38 -10.81
N PRO I 244 48.81 36.69 -10.60
CA PRO I 244 47.51 37.35 -10.43
C PRO I 244 46.74 37.54 -11.72
N SER I 245 47.03 36.72 -12.73
CA SER I 245 46.35 36.79 -14.02
C SER I 245 45.72 35.46 -14.40
N ILE I 246 45.34 34.66 -13.41
CA ILE I 246 44.72 33.36 -13.65
C ILE I 246 43.27 33.61 -14.07
N SER I 247 42.96 33.36 -15.34
CA SER I 247 41.65 33.66 -15.89
C SER I 247 40.61 32.69 -15.34
N ASN I 248 39.33 33.04 -15.54
CA ASN I 248 38.25 32.16 -15.14
C ASN I 248 38.19 30.90 -15.98
N ASN I 249 38.57 31.00 -17.27
CA ASN I 249 38.62 29.81 -18.11
C ASN I 249 39.66 28.81 -17.58
N ILE I 250 40.83 29.33 -17.18
CA ILE I 250 41.85 28.47 -16.60
C ILE I 250 41.38 27.91 -15.27
N ARG I 251 40.71 28.72 -14.46
CA ARG I 251 40.23 28.26 -13.16
C ARG I 251 39.16 27.18 -13.30
N GLN I 252 38.26 27.33 -14.28
CA GLN I 252 37.21 26.33 -14.47
C GLN I 252 37.76 25.03 -15.05
N ALA I 253 38.81 25.12 -15.88
CA ALA I 253 39.42 23.90 -16.40
C ALA I 253 40.13 23.11 -15.30
N ILE I 254 40.69 23.82 -14.31
CA ILE I 254 41.27 23.13 -13.15
C ILE I 254 40.22 22.29 -12.45
N CYS I 255 39.02 22.84 -12.27
CA CYS I 255 37.93 22.08 -11.65
C CYS I 255 37.59 20.84 -12.46
N ARG I 256 37.40 21.01 -13.77
CA ARG I 256 37.02 19.89 -14.63
C ARG I 256 38.08 18.80 -14.61
N TYR I 257 39.36 19.20 -14.69
CA TYR I 257 40.44 18.21 -14.60
C TYR I 257 40.46 17.54 -13.23
N ALA I 258 40.18 18.30 -12.18
CA ALA I 258 40.14 17.73 -10.84
C ALA I 258 39.05 16.66 -10.72
N ASN I 259 37.86 16.94 -11.25
CA ASN I 259 36.74 16.01 -11.10
C ASN I 259 36.97 14.73 -11.90
N VAL I 260 37.53 14.84 -13.11
CA VAL I 260 37.76 13.64 -13.90
C VAL I 260 38.87 12.80 -13.29
N ILE I 261 39.88 13.44 -12.69
CA ILE I 261 40.88 12.69 -11.93
C ILE I 261 40.22 12.02 -10.73
N LYS I 262 39.33 12.73 -10.05
CA LYS I 262 38.56 12.12 -8.95
C LYS I 262 37.66 11.01 -9.48
N ALA I 263 37.07 11.22 -10.66
CA ALA I 263 36.19 10.20 -11.24
C ALA I 263 36.99 8.96 -11.64
N LEU I 264 38.14 9.17 -12.29
CA LEU I 264 39.00 8.03 -12.64
C LEU I 264 39.46 7.29 -11.39
N ALA I 265 39.74 8.02 -10.32
CA ALA I 265 40.12 7.37 -9.07
C ALA I 265 38.95 6.60 -8.46
N PHE I 266 37.74 7.17 -8.56
CA PHE I 266 36.56 6.47 -8.03
C PHE I 266 36.32 5.15 -8.76
N CYS I 267 36.63 5.09 -10.05
CA CYS I 267 36.52 3.86 -10.80
C CYS I 267 37.76 2.97 -10.67
N GLU I 268 38.75 3.40 -9.89
CA GLU I 268 39.98 2.65 -9.69
C GLU I 268 40.72 2.41 -11.00
N ILE I 269 40.66 3.39 -11.90
CA ILE I 269 41.38 3.36 -13.16
C ILE I 269 42.72 4.04 -12.99
N GLY I 270 43.77 3.47 -13.59
CA GLY I 270 45.08 4.07 -13.52
C GLY I 270 45.16 5.43 -14.16
N ILE I 271 45.68 6.42 -13.44
CA ILE I 271 45.77 7.78 -13.94
C ILE I 271 47.00 7.91 -14.85
N THR I 272 46.78 8.33 -16.08
CA THR I 272 47.85 8.61 -17.03
C THR I 272 47.56 9.93 -17.72
N GLN I 273 48.56 10.44 -18.45
CA GLN I 273 48.37 11.68 -19.20
C GLN I 273 47.31 11.49 -20.29
N GLN I 274 47.31 10.33 -20.95
CA GLN I 274 46.35 10.10 -22.03
C GLN I 274 44.93 10.01 -21.48
N ARG I 275 44.75 9.35 -20.34
CA ARG I 275 43.40 9.15 -19.81
C ARG I 275 42.81 10.42 -19.24
N ILE I 276 43.64 11.31 -18.67
CA ILE I 276 43.12 12.55 -18.11
C ILE I 276 42.55 13.44 -19.22
N VAL I 277 43.26 13.53 -20.35
CA VAL I 277 42.76 14.35 -21.46
C VAL I 277 41.57 13.68 -22.13
N SER I 278 41.54 12.35 -22.18
CA SER I 278 40.41 11.65 -22.76
C SER I 278 39.15 11.87 -21.92
N ALA I 279 39.28 11.78 -20.59
CA ALA I 279 38.13 12.06 -19.73
C ALA I 279 37.75 13.54 -19.79
N TYR I 280 38.74 14.43 -19.85
CA TYR I 280 38.46 15.85 -19.91
C TYR I 280 37.69 16.20 -21.18
N GLU I 281 38.07 15.60 -22.30
CA GLU I 281 37.33 15.82 -23.55
C GLU I 281 35.97 15.14 -23.50
N ALA I 282 35.88 13.96 -22.88
CA ALA I 282 34.61 13.26 -22.79
C ALA I 282 33.65 13.99 -21.85
N SER I 283 34.17 14.59 -20.78
CA SER I 283 33.32 15.25 -19.80
C SER I 283 32.64 16.50 -20.35
N MET I 284 33.08 17.01 -21.51
CA MET I 284 32.48 18.20 -22.09
C MET I 284 31.00 18.01 -22.41
N VAL I 285 30.52 16.77 -22.45
CA VAL I 285 29.09 16.52 -22.65
C VAL I 285 28.25 17.23 -21.60
N TYR I 286 28.73 17.26 -20.36
CA TYR I 286 28.03 17.91 -19.26
C TYR I 286 28.37 19.40 -19.25
N SER I 287 27.34 20.25 -19.30
CA SER I 287 27.57 21.68 -19.37
C SER I 287 28.20 22.22 -18.09
N ASN I 288 27.61 21.91 -16.94
CA ASN I 288 28.10 22.40 -15.66
C ASN I 288 29.09 21.41 -15.05
N VAL I 289 30.20 21.94 -14.55
CA VAL I 289 31.22 21.10 -13.92
C VAL I 289 30.66 20.39 -12.70
N GLY I 290 29.66 20.98 -12.04
CA GLY I 290 29.11 20.37 -10.84
C GLY I 290 28.48 19.01 -11.07
N GLU I 291 27.95 18.78 -12.28
CA GLU I 291 27.29 17.51 -12.59
C GLU I 291 28.23 16.31 -12.48
N LEU I 292 29.55 16.54 -12.54
CA LEU I 292 30.52 15.46 -12.58
C LEU I 292 30.75 14.80 -11.21
N ILE I 293 30.07 15.26 -10.16
CA ILE I 293 30.29 14.70 -8.83
C ILE I 293 29.42 13.49 -8.54
N GLU I 294 28.31 13.31 -9.27
CA GLU I 294 27.39 12.23 -8.96
C GLU I 294 27.99 10.89 -9.35
N LYS I 295 27.55 9.84 -8.65
CA LYS I 295 28.14 8.51 -8.81
C LYS I 295 27.97 7.99 -10.23
N ASN I 296 26.73 8.08 -10.76
CA ASN I 296 26.46 7.53 -12.09
C ASN I 296 27.31 8.22 -13.15
N VAL I 297 27.53 9.53 -13.00
CA VAL I 297 28.35 10.25 -13.98
C VAL I 297 29.80 9.81 -13.92
N MET I 298 30.34 9.67 -12.70
CA MET I 298 31.72 9.24 -12.55
C MET I 298 31.92 7.83 -13.09
N GLU I 299 31.01 6.91 -12.73
CA GLU I 299 31.10 5.54 -13.25
C GLU I 299 30.96 5.50 -14.76
N SER I 300 30.23 6.45 -15.35
CA SER I 300 30.11 6.52 -16.79
C SER I 300 31.42 6.96 -17.43
N ILE I 301 32.04 8.01 -16.89
CA ILE I 301 33.31 8.51 -17.42
C ILE I 301 34.35 7.40 -17.44
N GLY I 302 34.47 6.66 -16.33
CA GLY I 302 35.43 5.57 -16.28
C GLY I 302 35.08 4.44 -17.24
N SER I 303 33.79 4.11 -17.35
CA SER I 303 33.37 3.03 -18.25
C SER I 303 33.62 3.41 -19.71
N ASP I 304 33.35 4.66 -20.08
CA ASP I 304 33.58 5.09 -21.45
C ASP I 304 35.07 5.13 -21.80
N ILE I 305 35.95 5.26 -20.82
CA ILE I 305 37.38 5.23 -21.11
C ILE I 305 37.86 3.79 -21.29
N LEU I 306 37.43 2.88 -20.41
CA LEU I 306 37.88 1.49 -20.51
C LEU I 306 37.34 0.83 -21.77
N THR I 307 36.04 1.02 -22.06
CA THR I 307 35.46 0.41 -23.24
C THR I 307 36.00 1.01 -24.54
N ALA I 308 36.46 2.26 -24.49
CA ALA I 308 37.07 2.87 -25.68
C ALA I 308 38.46 2.30 -25.94
N GLU I 309 39.22 2.05 -24.88
CA GLU I 309 40.55 1.47 -25.04
C GLU I 309 40.48 0.00 -25.44
N LYS I 310 39.38 -0.68 -25.14
CA LYS I 310 39.18 -2.04 -25.63
C LYS I 310 39.04 -2.06 -27.14
N MET I 311 38.35 -1.07 -27.70
CA MET I 311 38.26 -0.96 -29.16
C MET I 311 39.62 -0.65 -29.77
N ARG I 312 40.37 0.26 -29.15
CA ARG I 312 41.68 0.66 -29.64
C ARG I 312 42.76 -0.35 -29.28
N ALA J 14 42.30 57.97 20.65
CA ALA J 14 41.90 56.99 19.65
C ALA J 14 41.31 55.74 20.31
N TYR J 15 40.37 55.11 19.62
CA TYR J 15 39.75 53.87 20.04
C TYR J 15 39.77 52.90 18.86
N PRO J 16 39.65 51.60 19.12
CA PRO J 16 39.65 50.62 18.02
C PRO J 16 38.56 50.91 17.00
N GLY J 17 38.97 51.14 15.75
CA GLY J 17 38.05 51.42 14.67
C GLY J 17 37.99 52.86 14.23
N LYS J 18 38.70 53.77 14.91
CA LYS J 18 38.64 55.18 14.57
C LYS J 18 39.60 55.52 13.43
N LEU J 19 39.10 56.31 12.48
CA LEU J 19 39.94 56.75 11.37
C LEU J 19 40.94 57.81 11.85
N ILE J 20 42.12 57.79 11.26
CA ILE J 20 43.20 58.71 11.63
C ILE J 20 43.55 59.65 10.49
N CYS J 21 44.05 59.12 9.38
CA CYS J 21 44.52 59.95 8.27
C CYS J 21 44.52 59.10 7.01
N PRO J 22 44.45 59.74 5.83
CA PRO J 22 44.56 59.02 4.55
C PRO J 22 45.93 58.36 4.36
N PRO J 40 51.00 52.25 8.39
CA PRO J 40 50.37 51.49 9.47
C PRO J 40 51.39 50.92 10.45
N GLY J 41 51.42 51.47 11.66
CA GLY J 41 52.40 51.07 12.66
C GLY J 41 51.80 50.26 13.79
N PRO J 42 52.59 50.04 14.84
CA PRO J 42 52.10 49.27 16.00
C PRO J 42 50.91 49.94 16.68
N GLY J 43 49.71 49.68 16.17
CA GLY J 43 48.51 50.26 16.73
C GLY J 43 47.54 50.78 15.68
N THR J 44 47.89 50.61 14.41
CA THR J 44 47.06 51.05 13.31
C THR J 44 47.03 49.97 12.22
N LYS J 45 45.90 49.86 11.54
CA LYS J 45 45.72 48.88 10.48
C LYS J 45 44.72 49.41 9.47
N LEU J 46 45.00 49.18 8.19
CA LEU J 46 44.18 49.70 7.11
C LEU J 46 42.90 48.88 6.95
N ILE J 47 41.79 49.58 6.72
CA ILE J 47 40.52 48.94 6.37
C ILE J 47 39.89 49.65 5.18
N ILE J 59 44.15 54.71 6.90
CA ILE J 59 44.67 54.28 8.19
C ILE J 59 43.52 54.22 9.21
N THR J 60 43.53 53.18 10.05
CA THR J 60 42.54 53.03 11.10
C THR J 60 43.23 52.55 12.36
N ALA J 61 42.92 53.18 13.49
CA ALA J 61 43.54 52.82 14.75
C ALA J 61 42.99 51.50 15.26
N THR J 62 43.87 50.68 15.86
CA THR J 62 43.48 49.39 16.40
C THR J 62 43.62 49.28 17.91
N LEU J 63 44.26 50.25 18.56
CA LEU J 63 44.41 50.27 20.00
C LEU J 63 43.62 51.44 20.59
N VAL J 64 43.55 51.47 21.91
CA VAL J 64 42.98 52.59 22.65
C VAL J 64 44.14 53.35 23.28
N GLY J 65 44.38 54.56 22.79
CA GLY J 65 45.49 55.34 23.29
C GLY J 65 45.70 56.59 22.45
N THR J 66 46.92 57.12 22.52
CA THR J 66 47.26 58.35 21.83
C THR J 66 47.88 58.05 20.46
N VAL J 67 47.68 58.98 19.53
CA VAL J 67 48.17 58.86 18.16
C VAL J 67 49.40 59.73 17.99
N ARG J 68 50.44 59.18 17.35
CA ARG J 68 51.67 59.92 17.10
C ARG J 68 52.15 59.63 15.69
N CYS J 69 52.64 60.67 15.01
CA CYS J 69 53.08 60.57 13.63
C CYS J 69 54.60 60.57 13.56
N GLU J 70 55.16 59.67 12.75
CA GLU J 70 56.59 59.61 12.52
C GLU J 70 56.84 59.25 11.07
N GLU J 71 57.91 59.81 10.50
CA GLU J 71 58.27 59.58 9.11
C GLU J 71 59.33 58.49 9.03
N GLU J 72 59.08 57.49 8.20
CA GLU J 72 60.00 56.38 8.02
C GLU J 72 61.28 56.83 7.32
N ILE J 109 54.17 57.67 5.45
CA ILE J 109 54.27 58.05 6.84
C ILE J 109 53.75 56.93 7.73
N LEU J 110 54.46 56.66 8.82
CA LEU J 110 54.12 55.58 9.74
C LEU J 110 53.39 56.18 10.95
N VAL J 111 52.18 55.70 11.21
CA VAL J 111 51.37 56.16 12.33
C VAL J 111 51.18 55.01 13.30
N SER J 112 51.47 55.26 14.58
CA SER J 112 51.35 54.26 15.62
C SER J 112 50.54 54.83 16.79
N VAL J 113 50.01 53.92 17.59
CA VAL J 113 49.22 54.28 18.77
C VAL J 113 49.88 53.70 20.00
N LEU J 114 50.14 54.54 21.00
CA LEU J 114 50.72 54.12 22.25
C LEU J 114 49.66 54.16 23.34
N PRO J 115 49.39 53.05 24.02
CA PRO J 115 48.30 53.03 25.02
C PRO J 115 48.54 54.02 26.13
N GLY J 116 47.55 54.89 26.37
CA GLY J 116 47.64 55.90 27.40
C GLY J 116 46.88 57.16 27.06
N ASN J 129 55.39 50.19 28.50
CA ASN J 129 54.13 50.00 29.21
C ASN J 129 53.74 48.53 29.24
N ASP J 130 53.57 47.95 28.05
CA ASP J 130 53.18 46.55 27.90
C ASP J 130 54.23 45.83 27.06
N PHE J 131 54.86 44.81 27.64
CA PHE J 131 55.79 43.96 26.89
C PHE J 131 55.10 43.28 25.72
N ALA J 132 53.78 43.10 25.80
CA ALA J 132 53.05 42.45 24.71
C ALA J 132 53.02 43.32 23.47
N ASN J 133 52.78 44.62 23.63
CA ASN J 133 52.63 45.51 22.49
C ASN J 133 53.92 45.62 21.68
N ASN J 134 55.06 45.61 22.36
CA ASN J 134 56.37 45.78 21.73
C ASN J 134 57.13 44.46 21.78
N LEU J 135 57.28 43.81 20.63
CA LEU J 135 58.01 42.57 20.51
C LEU J 135 59.49 42.85 20.26
N PRO J 136 60.40 42.21 20.97
CA PRO J 136 61.83 42.40 20.71
C PRO J 136 62.20 41.99 19.29
N LYS J 137 63.20 42.67 18.73
CA LYS J 137 63.61 42.46 17.37
C LYS J 137 65.13 42.45 17.30
N GLU J 138 65.66 42.06 16.13
CA GLU J 138 67.10 42.02 15.92
C GLU J 138 67.71 43.39 16.14
N GLY J 139 68.70 43.45 17.03
CA GLY J 139 69.37 44.68 17.38
C GLY J 139 69.02 45.22 18.76
N ASP J 140 67.89 44.81 19.31
CA ASP J 140 67.48 45.30 20.63
C ASP J 140 68.33 44.67 21.72
N ILE J 141 68.56 45.45 22.78
CA ILE J 141 69.27 44.99 23.97
C ILE J 141 68.23 44.56 24.99
N VAL J 142 68.44 43.40 25.60
CA VAL J 142 67.47 42.82 26.52
C VAL J 142 68.17 42.36 27.79
N LEU J 143 67.41 42.35 28.89
CA LEU J 143 67.88 41.83 30.17
C LEU J 143 67.34 40.42 30.34
N THR J 144 68.23 39.45 30.47
CA THR J 144 67.89 38.04 30.54
C THR J 144 68.36 37.45 31.86
N ARG J 145 67.86 36.24 32.14
CA ARG J 145 68.26 35.48 33.32
C ARG J 145 68.67 34.08 32.89
N VAL J 146 69.86 33.66 33.29
CA VAL J 146 70.40 32.37 32.88
C VAL J 146 69.61 31.25 33.56
N THR J 147 69.14 30.29 32.76
CA THR J 147 68.36 29.18 33.27
C THR J 147 69.08 27.83 33.17
N ARG J 148 69.96 27.65 32.19
CA ARG J 148 70.65 26.39 32.01
C ARG J 148 71.94 26.63 31.26
N LEU J 149 73.05 26.11 31.79
CA LEU J 149 74.35 26.20 31.15
C LEU J 149 74.71 24.85 30.53
N SER J 150 75.21 24.89 29.30
CA SER J 150 75.67 23.71 28.59
C SER J 150 77.11 23.92 28.15
N LEU J 151 77.70 22.86 27.60
CA LEU J 151 79.11 22.90 27.22
C LEU J 151 79.37 23.80 26.01
N GLN J 152 78.32 24.13 25.23
CA GLN J 152 78.49 24.90 24.01
C GLN J 152 77.66 26.17 23.95
N ARG J 153 76.68 26.35 24.85
CA ARG J 153 75.82 27.51 24.80
C ARG J 153 75.31 27.80 26.21
N ALA J 154 74.51 28.87 26.31
CA ALA J 154 73.90 29.27 27.58
C ALA J 154 72.46 29.67 27.32
N ASN J 155 71.52 28.94 27.92
CA ASN J 155 70.10 29.17 27.71
C ASN J 155 69.59 30.18 28.74
N VAL J 156 68.85 31.18 28.26
CA VAL J 156 68.33 32.26 29.10
C VAL J 156 66.85 32.48 28.78
N GLU J 157 66.23 33.34 29.58
CA GLU J 157 64.86 33.79 29.34
C GLU J 157 64.82 35.30 29.38
N ILE J 158 64.10 35.90 28.43
CA ILE J 158 64.02 37.35 28.34
C ILE J 158 63.04 37.86 29.38
N LEU J 159 63.50 38.79 30.21
CA LEU J 159 62.64 39.42 31.23
C LEU J 159 62.31 40.86 30.91
N ALA J 160 63.14 41.55 30.14
CA ALA J 160 62.87 42.94 29.78
C ALA J 160 63.64 43.27 28.51
N VAL J 161 63.18 44.33 27.83
CA VAL J 161 63.81 44.80 26.61
C VAL J 161 64.11 46.28 26.77
N GLU J 162 65.31 46.68 26.35
CA GLU J 162 65.75 48.07 26.50
C GLU J 162 65.16 48.94 25.40
N ASP J 163 64.69 50.12 25.77
CA ASP J 163 64.11 51.05 24.81
C ASP J 163 65.12 52.13 24.42
N THR J 190 65.26 53.72 29.78
CA THR J 190 63.97 53.12 30.14
C THR J 190 63.92 51.66 29.74
N PHE J 191 63.00 50.92 30.34
CA PHE J 191 62.87 49.48 30.11
C PHE J 191 61.41 49.12 29.90
N SER J 192 61.18 47.93 29.36
CA SER J 192 59.86 47.35 29.19
C SER J 192 59.89 45.96 29.80
N VAL J 193 59.23 45.78 30.94
CA VAL J 193 59.31 44.56 31.72
C VAL J 193 58.27 43.56 31.24
N SER J 194 58.69 42.31 31.09
CA SER J 194 57.78 41.23 30.69
C SER J 194 56.94 40.81 31.89
N GLN J 195 55.62 40.88 31.73
CA GLN J 195 54.71 40.47 32.80
C GLN J 195 54.42 38.97 32.77
N ALA J 196 54.91 38.25 31.77
CA ALA J 196 54.70 36.82 31.68
C ALA J 196 55.42 36.11 32.83
N SER J 197 54.88 34.97 33.23
CA SER J 197 55.37 34.23 34.38
C SER J 197 56.51 33.30 33.97
N SER J 198 57.62 33.36 34.71
CA SER J 198 58.73 32.44 34.52
C SER J 198 58.48 31.08 35.15
N ASP J 199 57.35 30.92 35.85
CA ASP J 199 57.01 29.64 36.47
C ASP J 199 56.28 28.70 35.54
N LEU J 200 55.69 29.21 34.46
CA LEU J 200 54.93 28.40 33.51
C LEU J 200 55.60 28.33 32.15
N GLY J 201 56.85 28.76 32.04
CA GLY J 201 57.51 28.78 30.75
C GLY J 201 56.93 29.80 29.78
N GLU J 202 56.30 30.85 30.32
CA GLU J 202 55.61 31.82 29.49
C GLU J 202 56.54 32.87 28.89
N THR J 203 57.73 33.05 29.45
CA THR J 203 58.66 34.05 28.94
C THR J 203 59.39 33.54 27.70
N PHE J 204 59.70 34.47 26.80
CA PHE J 204 60.46 34.13 25.60
C PHE J 204 61.87 33.70 25.99
N ARG J 205 62.28 32.52 25.55
CA ARG J 205 63.60 32.00 25.88
C ARG J 205 64.60 32.33 24.79
N GLY J 206 65.88 32.39 25.17
CA GLY J 206 66.94 32.72 24.26
C GLY J 206 68.15 31.83 24.46
N ILE J 207 69.16 32.04 23.61
CA ILE J 207 70.40 31.26 23.64
C ILE J 207 71.57 32.19 23.35
N ILE J 208 72.62 32.07 24.16
CA ILE J 208 73.87 32.80 23.94
C ILE J 208 74.94 31.76 23.63
N ARG J 209 75.34 31.68 22.36
CA ARG J 209 76.31 30.69 21.94
C ARG J 209 77.70 31.01 22.47
N SER J 210 78.56 29.99 22.49
CA SER J 210 79.89 30.15 23.07
C SER J 210 80.76 31.11 22.26
N GLN J 211 80.58 31.16 20.95
CA GLN J 211 81.34 32.08 20.12
C GLN J 211 80.78 33.50 20.14
N ASP J 212 79.66 33.73 20.83
CA ASP J 212 79.06 35.06 20.92
C ASP J 212 79.15 35.63 22.33
N VAL J 213 79.99 35.06 23.19
CA VAL J 213 80.11 35.56 24.56
C VAL J 213 80.95 36.83 24.59
N ARG J 214 82.15 36.78 24.02
CA ARG J 214 83.04 37.94 23.96
C ARG J 214 83.57 38.08 22.54
N SER J 215 84.24 39.21 22.31
CA SER J 215 84.72 39.55 20.97
C SER J 215 86.09 38.94 20.68
N THR J 216 86.99 38.94 21.65
CA THR J 216 88.34 38.42 21.47
C THR J 216 88.41 36.97 21.94
N ASP J 217 89.10 36.14 21.16
CA ASP J 217 89.30 34.72 21.47
C ASP J 217 87.94 34.01 21.63
N ARG J 218 87.24 33.92 20.51
CA ARG J 218 85.94 33.28 20.46
C ARG J 218 86.00 31.77 20.25
N ASP J 219 87.20 31.22 20.03
CA ASP J 219 87.32 29.79 19.78
C ASP J 219 87.36 29.00 21.08
N ARG J 220 88.16 29.45 22.05
CA ARG J 220 88.31 28.78 23.34
C ARG J 220 87.59 29.62 24.39
N VAL J 221 86.31 29.35 24.60
CA VAL J 221 85.47 30.06 25.55
C VAL J 221 84.83 29.05 26.48
N LYS J 222 85.11 29.17 27.77
CA LYS J 222 84.48 28.32 28.79
C LYS J 222 83.20 28.99 29.26
N VAL J 223 82.06 28.32 29.05
CA VAL J 223 80.78 28.90 29.43
C VAL J 223 80.64 28.94 30.95
N ILE J 224 81.25 27.99 31.65
CA ILE J 224 81.14 27.96 33.11
C ILE J 224 81.86 29.13 33.76
N GLU J 225 82.78 29.78 33.04
CA GLU J 225 83.53 30.91 33.55
C GLU J 225 82.99 32.25 33.07
N CYS J 226 81.94 32.26 32.26
CA CYS J 226 81.32 33.48 31.77
C CYS J 226 79.96 33.76 32.39
N PHE J 227 79.12 32.73 32.55
CA PHE J 227 77.81 32.87 33.16
C PHE J 227 77.62 31.76 34.19
N LYS J 228 76.61 31.94 35.03
CA LYS J 228 76.21 30.99 36.05
C LYS J 228 74.70 31.01 36.18
N PRO J 229 74.09 29.90 36.61
CA PRO J 229 72.62 29.86 36.74
C PRO J 229 72.13 30.91 37.73
N GLY J 230 71.25 31.78 37.25
CA GLY J 230 70.65 32.83 38.05
C GLY J 230 71.16 34.21 37.74
N ASP J 231 72.27 34.32 37.01
CA ASP J 231 72.83 35.62 36.68
C ASP J 231 71.88 36.39 35.76
N ILE J 232 71.98 37.71 35.82
CA ILE J 232 71.17 38.61 35.01
C ILE J 232 72.09 39.22 33.96
N VAL J 233 71.95 38.75 32.72
CA VAL J 233 72.88 39.07 31.64
C VAL J 233 72.23 40.07 30.70
N ARG J 234 72.95 41.14 30.39
CA ARG J 234 72.51 42.13 29.41
C ARG J 234 73.08 41.73 28.05
N ALA J 235 72.19 41.29 27.15
CA ALA J 235 72.59 40.79 25.84
C ALA J 235 71.89 41.58 24.75
N GLN J 236 72.32 41.34 23.52
CA GLN J 236 71.76 41.98 22.34
C GLN J 236 71.27 40.92 21.36
N VAL J 237 70.08 41.14 20.80
CA VAL J 237 69.47 40.15 19.92
C VAL J 237 70.20 40.15 18.58
N LEU J 238 70.61 38.95 18.14
CA LEU J 238 71.23 38.75 16.84
C LEU J 238 70.23 38.37 15.75
N SER J 239 69.27 37.48 16.05
CA SER J 239 68.24 37.09 15.10
C SER J 239 67.06 36.54 15.89
N LEU J 240 65.92 36.42 15.20
CA LEU J 240 64.74 35.85 15.84
C LEU J 240 64.86 34.34 16.01
N GLY J 241 65.62 33.67 15.15
CA GLY J 241 65.76 32.23 15.25
C GLY J 241 64.47 31.51 14.96
N ASP J 242 64.23 30.44 15.70
CA ASP J 242 62.99 29.69 15.61
C ASP J 242 62.02 30.17 16.68
N GLY J 243 60.87 29.52 16.76
CA GLY J 243 59.87 29.88 17.75
C GLY J 243 60.24 29.55 19.18
N THR J 244 61.30 28.76 19.38
CA THR J 244 61.70 28.34 20.72
C THR J 244 62.69 29.30 21.36
N ASN J 245 63.79 29.60 20.67
CA ASN J 245 64.90 30.35 21.26
C ASN J 245 65.24 31.56 20.41
N TYR J 246 65.41 32.70 21.06
CA TYR J 246 66.12 33.81 20.44
C TYR J 246 67.60 33.48 20.33
N TYR J 247 68.34 34.35 19.65
CA TYR J 247 69.79 34.24 19.56
C TYR J 247 70.41 35.57 19.97
N LEU J 248 71.16 35.57 21.06
CA LEU J 248 71.67 36.78 21.67
C LEU J 248 73.19 36.79 21.64
N THR J 249 73.78 37.90 22.07
CA THR J 249 75.21 38.06 22.11
C THR J 249 75.59 39.05 23.20
N THR J 250 76.82 38.92 23.71
CA THR J 250 77.35 39.83 24.72
C THR J 250 78.78 40.25 24.40
N ALA J 251 79.14 40.24 23.12
CA ALA J 251 80.51 40.54 22.69
C ALA J 251 80.82 42.03 22.66
N ARG J 252 80.36 42.78 23.65
CA ARG J 252 80.65 44.20 23.76
C ARG J 252 81.01 44.52 25.20
N ASN J 253 81.50 45.75 25.42
CA ASN J 253 81.97 46.13 26.76
C ASN J 253 80.81 46.35 27.72
N ASP J 254 79.70 46.91 27.22
CA ASP J 254 78.53 47.18 28.06
C ASP J 254 77.58 45.99 28.14
N LEU J 255 78.02 44.80 27.73
CA LEU J 255 77.21 43.61 27.77
C LEU J 255 77.89 42.53 28.61
N GLY J 256 77.09 41.69 29.24
CA GLY J 256 77.57 40.62 30.07
C GLY J 256 76.76 40.51 31.34
N VAL J 257 77.33 39.85 32.34
CA VAL J 257 76.66 39.66 33.62
C VAL J 257 76.52 41.01 34.31
N VAL J 258 75.27 41.41 34.57
CA VAL J 258 75.01 42.72 35.17
C VAL J 258 74.78 42.55 36.67
N PHE J 259 73.82 41.70 37.03
CA PHE J 259 73.54 41.39 38.42
C PHE J 259 73.77 39.91 38.67
N ALA J 260 74.51 39.60 39.73
CA ALA J 260 74.81 38.21 40.08
C ALA J 260 75.00 38.10 41.59
N ARG J 261 74.78 36.90 42.09
CA ARG J 261 74.91 36.60 43.51
C ARG J 261 75.90 35.46 43.69
N ALA J 262 76.62 35.47 44.80
CA ALA J 262 77.63 34.46 45.05
C ALA J 262 77.00 33.09 45.24
N ALA J 263 77.63 32.08 44.64
CA ALA J 263 77.20 30.67 44.77
C ALA J 263 75.76 30.49 44.32
N ASN J 264 75.41 31.09 43.18
CA ASN J 264 74.12 30.89 42.53
C ASN J 264 72.96 31.30 43.45
N GLY J 265 73.04 32.51 43.98
CA GLY J 265 72.01 33.03 44.84
C GLY J 265 72.08 32.59 46.29
N ALA J 266 73.04 31.73 46.64
CA ALA J 266 73.18 31.27 48.02
C ALA J 266 74.14 32.12 48.84
N GLY J 267 74.81 33.09 48.22
CA GLY J 267 75.73 33.95 48.93
C GLY J 267 75.32 35.41 48.91
N GLY J 268 76.28 36.32 49.03
CA GLY J 268 76.00 37.73 49.03
C GLY J 268 76.01 38.34 47.64
N LEU J 269 75.66 39.62 47.59
CA LEU J 269 75.66 40.35 46.32
C LEU J 269 77.08 40.48 45.77
N MET J 270 77.19 40.45 44.45
CA MET J 270 78.46 40.60 43.76
C MET J 270 78.36 41.74 42.77
N TYR J 271 79.33 42.65 42.81
CA TYR J 271 79.43 43.74 41.87
C TYR J 271 80.61 43.51 40.93
N ALA J 272 80.54 44.09 39.74
CA ALA J 272 81.57 43.92 38.71
C ALA J 272 82.69 44.89 38.97
N THR J 273 83.67 44.46 39.77
CA THR J 273 84.87 45.28 39.99
C THR J 273 85.74 45.29 38.75
N ASP J 274 86.08 44.13 38.23
CA ASP J 274 86.80 43.97 36.97
C ASP J 274 85.82 43.54 35.88
N TRP J 275 86.22 43.77 34.63
CA TRP J 275 85.40 43.33 33.51
C TRP J 275 85.36 41.81 33.37
N GLN J 276 86.24 41.10 34.08
CA GLN J 276 86.26 39.64 34.04
C GLN J 276 86.19 39.03 35.44
N MET J 277 85.93 39.83 36.47
CA MET J 277 85.90 39.34 37.83
C MET J 277 84.83 40.08 38.62
N MET J 278 84.02 39.33 39.38
CA MET J 278 83.00 39.90 40.25
C MET J 278 83.37 39.60 41.69
N THR J 279 83.34 40.63 42.54
CA THR J 279 83.69 40.50 43.94
C THR J 279 82.51 40.85 44.82
N SER J 280 82.53 40.33 46.05
CA SER J 280 81.49 40.59 47.03
C SER J 280 82.02 41.52 48.11
N PRO J 281 81.37 42.67 48.35
CA PRO J 281 81.91 43.61 49.34
C PRO J 281 81.92 43.09 50.77
N VAL J 282 81.03 42.15 51.09
CA VAL J 282 80.92 41.66 52.47
C VAL J 282 81.89 40.51 52.69
N THR J 283 81.79 39.47 51.87
CA THR J 283 82.61 38.28 52.06
C THR J 283 84.02 38.47 51.51
N GLY J 284 84.16 39.14 50.37
CA GLY J 284 85.44 39.32 49.73
C GLY J 284 85.77 38.26 48.68
N ALA J 285 85.07 37.13 48.70
CA ALA J 285 85.31 36.10 47.70
C ALA J 285 84.88 36.59 46.32
N THR J 286 85.64 36.20 45.30
CA THR J 286 85.40 36.63 43.93
C THR J 286 85.07 35.43 43.05
N GLU J 287 84.28 35.68 42.01
CA GLU J 287 83.94 34.67 41.02
C GLU J 287 84.23 35.22 39.64
N LYS J 288 84.54 34.31 38.71
CA LYS J 288 84.91 34.69 37.36
C LYS J 288 83.67 34.71 36.46
N ARG J 289 83.33 35.89 35.96
CA ARG J 289 82.16 36.06 35.09
C ARG J 289 82.54 37.00 33.95
N LYS J 290 81.78 36.91 32.86
CA LYS J 290 81.90 37.86 31.75
C LYS J 290 81.05 39.07 32.12
N CYS J 291 81.67 40.02 32.81
CA CYS J 291 80.96 41.17 33.34
C CYS J 291 80.95 42.32 32.33
N ALA J 292 80.07 43.28 32.56
CA ALA J 292 80.01 44.50 31.76
C ALA J 292 81.00 45.52 32.30
N LYS J 293 81.63 46.25 31.39
CA LYS J 293 82.64 47.24 31.76
C LYS J 293 82.05 48.36 32.59
N PRO K 94 90.87 31.73 52.14
CA PRO K 94 91.94 31.04 52.88
C PRO K 94 91.78 29.52 52.88
N ASN K 95 90.85 29.04 52.06
CA ASN K 95 90.53 27.61 51.98
C ASN K 95 90.79 27.11 50.58
N LEU K 96 91.53 26.02 50.47
CA LEU K 96 91.75 25.40 49.17
C LEU K 96 90.43 24.88 48.60
N ILE K 97 90.38 24.81 47.27
CA ILE K 97 89.16 24.38 46.59
C ILE K 97 88.83 22.95 47.00
N ILE K 98 87.53 22.68 47.18
CA ILE K 98 87.08 21.38 47.64
C ILE K 98 87.34 20.33 46.57
N SER K 99 87.88 19.19 46.99
CA SER K 99 88.13 18.05 46.11
C SER K 99 87.63 16.78 46.79
N ASN K 100 87.23 15.82 45.99
CA ASN K 100 86.69 14.54 46.46
C ASN K 100 87.66 13.42 46.13
N VAL K 101 87.93 12.58 47.14
CA VAL K 101 88.83 11.43 47.08
C VAL K 101 90.06 11.70 46.21
N GLY K 102 90.54 12.94 46.21
CA GLY K 102 91.76 13.29 45.51
C GLY K 102 92.99 12.91 46.29
N TYR K 103 93.25 11.61 46.40
CA TYR K 103 94.34 11.10 47.23
C TYR K 103 95.70 11.62 46.76
N VAL K 112 99.01 5.72 41.21
CA VAL K 112 99.41 4.42 40.70
C VAL K 112 98.44 3.36 41.21
N ILE K 113 97.17 3.49 40.81
CA ILE K 113 96.10 2.59 41.25
C ILE K 113 95.41 2.03 40.02
N SER K 114 95.25 0.71 39.98
CA SER K 114 94.65 0.02 38.86
C SER K 114 93.17 -0.23 39.11
N GLY K 115 92.36 -0.07 38.06
CA GLY K 115 90.92 -0.22 38.18
C GLY K 115 90.39 -1.48 37.52
N ARG K 116 90.94 -1.84 36.37
CA ARG K 116 90.54 -3.04 35.63
C ARG K 116 91.74 -3.99 35.58
N LYS K 117 91.58 -5.18 36.14
CA LYS K 117 92.69 -6.10 36.28
C LYS K 117 92.17 -7.52 36.38
N THR K 118 92.92 -8.46 35.82
CA THR K 118 92.57 -9.88 35.88
C THR K 118 93.31 -10.53 37.05
N PHE K 119 92.60 -11.31 37.84
CA PHE K 119 93.17 -11.99 39.00
C PHE K 119 93.15 -13.50 38.79
N GLY K 120 93.98 -14.19 39.56
CA GLY K 120 94.04 -15.65 39.52
C GLY K 120 94.61 -16.22 38.25
N ASP K 121 95.60 -15.56 37.65
CA ASP K 121 96.20 -16.03 36.41
C ASP K 121 96.94 -17.35 36.62
N LYS L 3 -21.10 -5.11 -64.24
CA LYS L 3 -21.79 -3.83 -64.33
C LYS L 3 -23.20 -3.94 -63.77
N ASP L 4 -23.63 -2.91 -63.05
CA ASP L 4 -24.91 -2.89 -62.35
C ASP L 4 -25.94 -2.07 -63.12
N ILE L 5 -27.20 -2.42 -62.93
CA ILE L 5 -28.32 -1.65 -63.46
C ILE L 5 -28.83 -0.77 -62.33
N GLU L 6 -28.59 0.53 -62.42
CA GLU L 6 -29.04 1.47 -61.39
C GLU L 6 -30.51 1.81 -61.61
N ILE L 7 -31.32 1.57 -60.58
CA ILE L 7 -32.74 1.88 -60.60
C ILE L 7 -32.99 3.04 -59.64
N SER L 8 -33.68 4.07 -60.13
CA SER L 8 -33.98 5.22 -59.30
C SER L 8 -35.06 4.88 -58.29
N ALA L 9 -35.07 5.62 -57.18
CA ALA L 9 -36.10 5.42 -56.17
C ALA L 9 -37.48 5.75 -56.73
N SER L 10 -37.57 6.74 -57.63
CA SER L 10 -38.83 7.04 -58.28
C SER L 10 -39.29 5.89 -59.17
N GLU L 11 -38.36 5.18 -59.79
CA GLU L 11 -38.74 4.06 -60.65
C GLU L 11 -39.16 2.87 -59.81
N SER L 12 -38.44 2.58 -58.72
CA SER L 12 -38.83 1.52 -57.81
C SER L 12 -40.19 1.81 -57.18
N LYS L 13 -40.43 3.09 -56.84
CA LYS L 13 -41.70 3.45 -56.20
C LYS L 13 -42.86 3.38 -57.19
N PHE L 14 -42.66 3.88 -58.42
CA PHE L 14 -43.76 3.94 -59.38
C PHE L 14 -44.22 2.55 -59.79
N ILE L 15 -43.27 1.67 -60.11
CA ILE L 15 -43.61 0.33 -60.60
C ILE L 15 -44.33 -0.47 -59.52
N LEU L 16 -43.86 -0.37 -58.27
CA LEU L 16 -44.51 -1.10 -57.19
C LEU L 16 -45.90 -0.54 -56.89
N GLU L 17 -46.04 0.79 -56.93
CA GLU L 17 -47.35 1.40 -56.73
C GLU L 17 -48.29 1.08 -57.90
N ALA L 18 -47.73 0.90 -59.11
CA ALA L 18 -48.55 0.48 -60.23
C ALA L 18 -49.04 -0.95 -60.04
N LEU L 19 -48.24 -1.81 -59.43
CA LEU L 19 -48.69 -3.16 -59.11
C LEU L 19 -49.81 -3.13 -58.08
N ARG L 20 -49.73 -2.21 -57.11
CA ARG L 20 -50.80 -2.07 -56.13
C ARG L 20 -52.08 -1.53 -56.73
N GLN L 21 -52.01 -0.89 -57.90
CA GLN L 21 -53.20 -0.46 -58.63
C GLN L 21 -53.56 -1.41 -59.76
N ASN L 22 -53.04 -2.64 -59.72
CA ASN L 22 -53.31 -3.66 -60.74
C ASN L 22 -52.93 -3.16 -62.13
N TYR L 23 -51.75 -2.55 -62.23
CA TYR L 23 -51.24 -2.03 -63.48
C TYR L 23 -49.86 -2.64 -63.76
N ARG L 24 -49.66 -3.09 -65.00
CA ARG L 24 -48.37 -3.51 -65.48
C ARG L 24 -47.97 -2.60 -66.64
N LEU L 25 -46.70 -2.20 -66.66
CA LEU L 25 -46.25 -1.19 -67.63
C LEU L 25 -46.55 -1.59 -69.06
N ASP L 26 -46.31 -2.85 -69.42
CA ASP L 26 -46.52 -3.33 -70.77
C ASP L 26 -47.99 -3.62 -71.07
N GLY L 27 -48.91 -3.20 -70.20
CA GLY L 27 -50.33 -3.37 -70.45
C GLY L 27 -50.87 -4.75 -70.21
N ARG L 28 -50.06 -5.68 -69.73
CA ARG L 28 -50.54 -7.03 -69.48
C ARG L 28 -51.30 -7.09 -68.15
N SER L 29 -52.03 -8.18 -67.96
CA SER L 29 -52.64 -8.47 -66.68
C SER L 29 -51.69 -9.33 -65.85
N PHE L 30 -52.02 -9.50 -64.57
CA PHE L 30 -51.13 -10.22 -63.67
C PHE L 30 -50.99 -11.69 -64.03
N ASP L 31 -52.01 -12.28 -64.66
CA ASP L 31 -52.01 -13.69 -65.01
C ASP L 31 -51.77 -13.93 -66.50
N GLN L 32 -51.25 -12.93 -67.22
CA GLN L 32 -51.09 -13.02 -68.67
C GLN L 32 -49.66 -13.38 -69.03
N PHE L 33 -49.49 -14.55 -69.65
CA PHE L 33 -48.21 -14.92 -70.23
C PHE L 33 -48.03 -14.22 -71.58
N ARG L 34 -46.80 -13.82 -71.88
CA ARG L 34 -46.54 -13.12 -73.13
C ARG L 34 -46.83 -14.01 -74.33
N ASP L 35 -47.15 -13.37 -75.45
CA ASP L 35 -47.38 -14.09 -76.70
C ASP L 35 -46.07 -14.68 -77.21
N VAL L 36 -46.06 -15.97 -77.49
CA VAL L 36 -44.88 -16.68 -77.93
C VAL L 36 -44.88 -16.75 -79.45
N GLU L 37 -43.85 -16.18 -80.08
CA GLU L 37 -43.65 -16.25 -81.52
C GLU L 37 -42.50 -17.19 -81.78
N ILE L 38 -42.73 -18.22 -82.59
CA ILE L 38 -41.73 -19.24 -82.87
C ILE L 38 -41.46 -19.26 -84.37
N THR L 39 -40.19 -19.10 -84.74
CA THR L 39 -39.76 -19.10 -86.12
C THR L 39 -38.78 -20.24 -86.33
N PHE L 40 -38.94 -20.96 -87.44
CA PHE L 40 -38.09 -22.09 -87.77
C PHE L 40 -37.22 -21.73 -88.97
N GLY L 41 -35.93 -22.06 -88.87
CA GLY L 41 -35.00 -21.81 -89.94
C GLY L 41 -35.04 -22.89 -91.01
N LYS L 42 -34.09 -22.78 -91.95
CA LYS L 42 -34.01 -23.76 -93.03
C LYS L 42 -33.60 -25.13 -92.51
N GLU L 43 -32.63 -25.17 -91.59
CA GLU L 43 -32.19 -26.44 -91.03
C GLU L 43 -33.15 -26.91 -89.95
N PHE L 44 -33.23 -28.24 -89.79
CA PHE L 44 -34.00 -28.80 -88.70
C PHE L 44 -33.24 -28.61 -87.38
N GLY L 45 -33.94 -28.09 -86.37
CA GLY L 45 -33.32 -27.76 -85.11
C GLY L 45 -32.95 -26.30 -84.96
N ASP L 46 -33.17 -25.48 -85.98
CA ASP L 46 -32.94 -24.04 -85.91
C ASP L 46 -34.28 -23.39 -85.59
N VAL L 47 -34.40 -22.84 -84.38
CA VAL L 47 -35.65 -22.29 -83.89
C VAL L 47 -35.36 -20.98 -83.16
N SER L 48 -36.25 -19.99 -83.34
CA SER L 48 -36.10 -18.68 -82.73
C SER L 48 -37.40 -18.31 -82.03
N VAL L 49 -37.34 -18.07 -80.73
CA VAL L 49 -38.51 -17.77 -79.91
C VAL L 49 -38.44 -16.31 -79.49
N LYS L 50 -39.60 -15.65 -79.49
CA LYS L 50 -39.71 -14.25 -79.11
C LYS L 50 -40.87 -14.06 -78.15
N MET L 51 -40.64 -13.29 -77.08
CA MET L 51 -41.67 -12.94 -76.10
C MET L 51 -41.58 -11.43 -75.89
N GLY L 52 -42.39 -10.68 -76.65
CA GLY L 52 -42.31 -9.23 -76.61
C GLY L 52 -40.99 -8.72 -77.12
N ASN L 53 -40.10 -8.32 -76.21
CA ASN L 53 -38.75 -7.93 -76.58
C ASN L 53 -37.72 -9.01 -76.33
N THR L 54 -38.02 -9.99 -75.48
CA THR L 54 -37.08 -11.07 -75.21
C THR L 54 -36.95 -11.96 -76.43
N LYS L 55 -35.71 -12.24 -76.83
CA LYS L 55 -35.41 -13.05 -77.99
C LYS L 55 -34.39 -14.11 -77.63
N VAL L 56 -34.69 -15.36 -77.94
CA VAL L 56 -33.75 -16.46 -77.75
C VAL L 56 -33.66 -17.26 -79.04
N HIS L 57 -32.55 -17.96 -79.19
CA HIS L 57 -32.32 -18.83 -80.34
C HIS L 57 -31.70 -20.13 -79.85
N CYS L 58 -32.19 -21.24 -80.40
CA CYS L 58 -31.70 -22.56 -80.04
C CYS L 58 -31.26 -23.30 -81.29
N ARG L 59 -30.23 -24.14 -81.14
CA ARG L 59 -29.65 -24.89 -82.24
C ARG L 59 -29.43 -26.32 -81.77
N ILE L 60 -30.19 -27.25 -82.33
CA ILE L 60 -30.06 -28.66 -81.99
C ILE L 60 -29.07 -29.31 -82.93
N SER L 61 -28.13 -30.07 -82.38
CA SER L 61 -27.11 -30.76 -83.16
C SER L 61 -26.82 -32.10 -82.50
N CYS L 62 -26.29 -33.02 -83.32
CA CYS L 62 -25.99 -34.36 -82.84
C CYS L 62 -24.76 -34.90 -83.56
N GLN L 63 -23.95 -35.62 -82.81
CA GLN L 63 -22.79 -36.32 -83.34
C GLN L 63 -22.74 -37.71 -82.72
N ILE L 64 -22.11 -38.65 -83.43
CA ILE L 64 -22.04 -40.03 -82.98
C ILE L 64 -20.97 -40.14 -81.91
N ALA L 65 -21.34 -40.74 -80.77
CA ALA L 65 -20.44 -40.94 -79.66
C ALA L 65 -20.75 -42.29 -79.04
N GLN L 66 -20.05 -42.62 -77.96
CA GLN L 66 -20.28 -43.91 -77.33
C GLN L 66 -21.06 -43.77 -76.03
N PRO L 67 -22.04 -44.63 -75.79
CA PRO L 67 -22.81 -44.54 -74.55
C PRO L 67 -21.99 -45.01 -73.36
N TYR L 68 -22.32 -44.45 -72.19
CA TYR L 68 -21.66 -44.87 -70.96
C TYR L 68 -21.93 -46.34 -70.69
N GLU L 69 -20.93 -47.01 -70.12
CA GLU L 69 -21.08 -48.44 -69.80
C GLU L 69 -22.18 -48.67 -68.77
N ASP L 70 -22.45 -47.68 -67.92
CA ASP L 70 -23.48 -47.84 -66.89
C ASP L 70 -24.87 -47.88 -67.49
N ARG L 71 -25.13 -47.09 -68.53
CA ARG L 71 -26.41 -47.04 -69.22
C ARG L 71 -26.19 -47.39 -70.69
N PRO L 72 -26.00 -48.68 -71.00
CA PRO L 72 -25.56 -49.05 -72.36
C PRO L 72 -26.65 -48.94 -73.42
N PHE L 73 -27.92 -48.82 -73.03
CA PHE L 73 -29.02 -48.71 -73.99
C PHE L 73 -29.48 -47.27 -74.16
N GLU L 74 -28.64 -46.30 -73.83
CA GLU L 74 -29.04 -44.91 -73.70
C GLU L 74 -28.12 -44.00 -74.51
N GLY L 75 -28.72 -43.06 -75.24
CA GLY L 75 -27.97 -42.00 -75.89
C GLY L 75 -27.59 -40.90 -74.90
N LEU L 76 -26.95 -39.86 -75.44
CA LEU L 76 -26.47 -38.75 -74.65
C LEU L 76 -27.23 -37.47 -75.02
N PHE L 77 -27.37 -36.57 -74.04
CA PHE L 77 -28.09 -35.32 -74.24
C PHE L 77 -27.59 -34.29 -73.23
N VAL L 78 -27.24 -33.10 -73.72
CA VAL L 78 -26.75 -32.00 -72.88
C VAL L 78 -27.30 -30.68 -73.42
N ILE L 79 -27.43 -29.71 -72.52
CA ILE L 79 -27.97 -28.40 -72.85
C ILE L 79 -26.96 -27.34 -72.40
N SER L 80 -26.73 -26.34 -73.25
CA SER L 80 -25.81 -25.25 -72.97
C SER L 80 -26.57 -23.93 -73.02
N THR L 81 -26.42 -23.14 -71.96
CA THR L 81 -27.11 -21.86 -71.80
C THR L 81 -26.13 -20.80 -71.32
N GLU L 82 -25.02 -20.63 -72.05
CA GLU L 82 -24.01 -19.67 -71.68
C GLU L 82 -24.46 -18.26 -72.04
N ILE L 83 -24.29 -17.33 -71.11
CA ILE L 83 -24.77 -15.96 -71.27
C ILE L 83 -23.66 -15.11 -71.89
N SER L 84 -24.07 -14.10 -72.63
CA SER L 84 -23.16 -13.18 -73.32
C SER L 84 -23.65 -11.77 -73.16
N PRO L 85 -22.76 -10.77 -73.28
CA PRO L 85 -23.19 -9.37 -73.19
C PRO L 85 -24.10 -8.92 -74.33
N MET L 86 -24.43 -9.78 -75.29
CA MET L 86 -25.31 -9.37 -76.38
C MET L 86 -26.71 -9.08 -75.89
N ALA L 87 -27.20 -9.85 -74.91
CA ALA L 87 -28.52 -9.63 -74.33
C ALA L 87 -28.55 -8.43 -73.40
N GLY L 88 -27.42 -7.74 -73.22
CA GLY L 88 -27.32 -6.61 -72.31
C GLY L 88 -26.01 -6.61 -71.56
N SER L 89 -25.39 -5.44 -71.40
CA SER L 89 -24.08 -5.34 -70.78
C SER L 89 -24.09 -5.75 -69.30
N GLN L 90 -25.26 -6.00 -68.71
CA GLN L 90 -25.33 -6.45 -67.33
C GLN L 90 -24.73 -7.84 -67.16
N PHE L 91 -24.65 -8.63 -68.23
CA PHE L 91 -24.16 -10.00 -68.16
C PHE L 91 -22.66 -10.03 -68.43
N GLU L 92 -21.92 -10.72 -67.57
CA GLU L 92 -20.50 -10.95 -67.81
C GLU L 92 -20.33 -12.09 -68.82
N ASN L 93 -19.23 -12.03 -69.56
CA ASN L 93 -19.00 -12.97 -70.65
C ASN L 93 -18.73 -14.36 -70.09
N GLY L 94 -19.73 -15.21 -70.16
CA GLY L 94 -19.56 -16.63 -69.86
C GLY L 94 -19.18 -16.96 -68.43
N ASN L 95 -19.77 -16.28 -67.46
CA ASN L 95 -19.61 -16.65 -66.05
C ASN L 95 -20.68 -17.70 -65.74
N ILE L 96 -20.26 -18.96 -65.73
CA ILE L 96 -21.16 -20.10 -65.54
C ILE L 96 -21.23 -20.44 -64.05
N THR L 97 -20.84 -19.49 -63.21
CA THR L 97 -20.84 -19.69 -61.77
C THR L 97 -21.67 -18.64 -61.03
N GLY L 98 -22.22 -17.66 -61.73
CA GLY L 98 -23.03 -16.66 -61.06
C GLY L 98 -24.29 -17.22 -60.45
N GLU L 99 -24.83 -16.48 -59.48
CA GLU L 99 -26.01 -16.92 -58.76
C GLU L 99 -27.16 -17.21 -59.71
N ASP L 100 -27.61 -16.19 -60.44
CA ASP L 100 -28.74 -16.38 -61.35
C ASP L 100 -28.37 -17.30 -62.52
N GLU L 101 -27.12 -17.26 -62.97
CA GLU L 101 -26.72 -18.13 -64.07
C GLU L 101 -26.77 -19.60 -63.66
N VAL L 102 -26.32 -19.93 -62.46
CA VAL L 102 -26.36 -21.32 -62.01
C VAL L 102 -27.80 -21.77 -61.81
N LEU L 103 -28.59 -20.98 -61.08
CA LEU L 103 -29.98 -21.36 -60.82
C LEU L 103 -30.76 -21.52 -62.12
N CYS L 104 -30.74 -20.50 -62.97
CA CYS L 104 -31.50 -20.55 -64.22
C CYS L 104 -31.06 -21.73 -65.08
N SER L 105 -29.76 -22.04 -65.10
CA SER L 105 -29.29 -23.18 -65.87
C SER L 105 -29.82 -24.49 -65.30
N ARG L 106 -29.80 -24.63 -63.96
CA ARG L 106 -30.28 -25.86 -63.34
C ARG L 106 -31.77 -26.06 -63.54
N ILE L 107 -32.52 -24.97 -63.71
CA ILE L 107 -33.96 -25.10 -63.96
C ILE L 107 -34.21 -25.71 -65.33
N ILE L 108 -33.49 -25.24 -66.35
CA ILE L 108 -33.65 -25.77 -67.69
C ILE L 108 -33.18 -27.22 -67.74
N GLU L 109 -32.12 -27.55 -66.99
CA GLU L 109 -31.65 -28.93 -66.95
C GLU L 109 -32.68 -29.85 -66.32
N LYS L 110 -33.31 -29.41 -65.23
CA LYS L 110 -34.32 -30.23 -64.58
C LYS L 110 -35.62 -30.29 -65.37
N SER L 111 -35.89 -29.29 -66.21
CA SER L 111 -37.15 -29.25 -66.93
C SER L 111 -37.12 -30.07 -68.21
N VAL L 112 -35.96 -30.19 -68.85
CA VAL L 112 -35.84 -30.83 -70.16
C VAL L 112 -35.00 -32.11 -70.07
N ARG L 113 -33.82 -32.02 -69.45
CA ARG L 113 -32.93 -33.17 -69.36
C ARG L 113 -33.40 -34.17 -68.31
N ARG L 114 -33.49 -33.74 -67.05
CA ARG L 114 -33.82 -34.66 -65.96
C ARG L 114 -35.21 -35.25 -66.12
N SER L 115 -36.14 -34.51 -66.72
CA SER L 115 -37.51 -34.97 -66.89
C SER L 115 -37.64 -36.08 -67.92
N GLY L 116 -36.62 -36.28 -68.74
CA GLY L 116 -36.72 -37.27 -69.81
C GLY L 116 -37.70 -36.89 -70.90
N ALA L 117 -37.75 -35.61 -71.26
CA ALA L 117 -38.59 -35.19 -72.38
C ALA L 117 -38.10 -35.79 -73.70
N LEU L 118 -36.79 -35.98 -73.83
CA LEU L 118 -36.22 -36.63 -75.00
C LEU L 118 -36.11 -38.12 -74.76
N ASP L 119 -36.49 -38.90 -75.77
CA ASP L 119 -36.42 -40.36 -75.67
C ASP L 119 -34.96 -40.74 -75.92
N VAL L 120 -34.19 -40.83 -74.85
CA VAL L 120 -32.77 -41.17 -74.94
C VAL L 120 -32.55 -42.61 -75.35
N GLU L 121 -33.60 -43.43 -75.33
CA GLU L 121 -33.48 -44.81 -75.80
C GLU L 121 -33.42 -44.86 -77.32
N GLY L 122 -34.12 -43.95 -78.01
CA GLY L 122 -34.06 -43.90 -79.47
C GLY L 122 -32.74 -43.41 -80.02
N LEU L 123 -31.96 -42.68 -79.22
CA LEU L 123 -30.66 -42.21 -79.68
C LEU L 123 -29.66 -43.35 -79.79
N CYS L 124 -29.84 -44.43 -79.03
CA CYS L 124 -28.91 -45.54 -79.06
C CYS L 124 -28.92 -46.21 -80.43
N ILE L 125 -27.72 -46.37 -81.01
CA ILE L 125 -27.58 -46.97 -82.33
C ILE L 125 -27.35 -48.46 -82.16
N VAL L 126 -26.21 -48.83 -81.56
CA VAL L 126 -25.98 -50.20 -81.13
C VAL L 126 -25.64 -50.18 -79.64
N ALA L 127 -26.13 -51.18 -78.92
CA ALA L 127 -26.06 -51.17 -77.47
C ALA L 127 -24.63 -51.32 -76.97
N GLY L 128 -24.23 -50.42 -76.08
CA GLY L 128 -22.89 -50.42 -75.49
C GLY L 128 -21.74 -50.14 -76.43
N SER L 129 -22.00 -49.82 -77.70
CA SER L 129 -20.93 -49.47 -78.63
C SER L 129 -21.09 -48.06 -79.19
N LYS L 130 -22.14 -47.78 -79.95
CA LYS L 130 -22.31 -46.49 -80.60
C LYS L 130 -23.70 -45.93 -80.35
N CYS L 131 -23.79 -44.60 -80.19
CA CYS L 131 -25.08 -43.95 -80.02
C CYS L 131 -24.99 -42.50 -80.51
N TRP L 132 -26.14 -41.81 -80.46
CA TRP L 132 -26.23 -40.40 -80.79
C TRP L 132 -26.06 -39.55 -79.53
N ALA L 133 -25.34 -38.44 -79.67
CA ALA L 133 -25.15 -37.47 -78.59
C ALA L 133 -25.80 -36.16 -79.03
N VAL L 134 -27.00 -35.89 -78.53
CA VAL L 134 -27.76 -34.71 -78.90
C VAL L 134 -27.34 -33.54 -78.03
N ARG L 135 -27.36 -32.35 -78.61
CA ARG L 135 -26.91 -31.14 -77.94
C ARG L 135 -27.88 -30.01 -78.25
N ALA L 136 -28.26 -29.27 -77.21
CA ALA L 136 -29.17 -28.14 -77.32
C ALA L 136 -28.45 -26.90 -76.84
N ASP L 137 -28.06 -26.01 -77.75
CA ASP L 137 -27.35 -24.79 -77.41
C ASP L 137 -28.32 -23.62 -77.47
N VAL L 138 -28.39 -22.86 -76.38
CA VAL L 138 -29.31 -21.73 -76.26
C VAL L 138 -28.50 -20.45 -76.35
N HIS L 139 -28.95 -19.52 -77.19
CA HIS L 139 -28.28 -18.25 -77.39
C HIS L 139 -29.25 -17.15 -76.98
N PHE L 140 -29.01 -16.54 -75.82
CA PHE L 140 -29.84 -15.44 -75.33
C PHE L 140 -29.47 -14.18 -76.12
N LEU L 141 -30.35 -13.77 -77.02
CA LEU L 141 -30.05 -12.64 -77.91
C LEU L 141 -30.42 -11.30 -77.29
N ASP L 142 -31.63 -11.20 -76.73
CA ASP L 142 -32.09 -9.95 -76.14
C ASP L 142 -32.84 -10.28 -74.85
N CYS L 143 -32.49 -9.59 -73.77
CA CYS L 143 -33.03 -9.88 -72.44
C CYS L 143 -34.05 -8.82 -72.05
N ASP L 144 -35.31 -9.23 -71.94
CA ASP L 144 -36.36 -8.45 -71.31
C ASP L 144 -37.10 -9.31 -70.28
N GLY L 145 -36.34 -10.12 -69.55
CA GLY L 145 -36.92 -11.04 -68.59
C GLY L 145 -37.43 -12.31 -69.23
N GLY L 146 -37.71 -13.29 -68.39
CA GLY L 146 -38.24 -14.56 -68.83
C GLY L 146 -37.26 -15.42 -69.61
N PHE L 147 -35.98 -15.40 -69.23
CA PHE L 147 -35.00 -16.25 -69.91
C PHE L 147 -35.28 -17.72 -69.62
N ILE L 148 -35.72 -18.04 -68.41
CA ILE L 148 -36.03 -19.42 -68.05
C ILE L 148 -37.19 -19.93 -68.90
N ASP L 149 -38.28 -19.16 -68.95
CA ASP L 149 -39.45 -19.59 -69.70
C ASP L 149 -39.17 -19.64 -71.20
N ALA L 150 -38.39 -18.68 -71.72
CA ALA L 150 -38.11 -18.65 -73.15
C ALA L 150 -37.18 -19.78 -73.58
N SER L 151 -36.17 -20.10 -72.76
CA SER L 151 -35.26 -21.19 -73.10
C SER L 151 -36.00 -22.52 -73.18
N CYS L 152 -36.89 -22.78 -72.22
CA CYS L 152 -37.61 -24.05 -72.20
C CYS L 152 -38.41 -24.25 -73.48
N ILE L 153 -39.05 -23.19 -73.97
CA ILE L 153 -39.81 -23.29 -75.22
C ILE L 153 -38.87 -23.48 -76.40
N ALA L 154 -37.75 -22.76 -76.41
CA ALA L 154 -36.81 -22.86 -77.53
C ALA L 154 -36.20 -24.26 -77.61
N VAL L 155 -35.84 -24.84 -76.48
CA VAL L 155 -35.25 -26.17 -76.48
C VAL L 155 -36.27 -27.21 -76.92
N MET L 156 -37.49 -27.14 -76.39
CA MET L 156 -38.49 -28.15 -76.72
C MET L 156 -38.95 -28.03 -78.16
N ALA L 157 -39.23 -26.80 -78.62
CA ALA L 157 -39.57 -26.61 -80.02
C ALA L 157 -38.44 -27.05 -80.94
N GLY L 158 -37.19 -26.85 -80.51
CA GLY L 158 -36.07 -27.30 -81.32
C GLY L 158 -35.96 -28.81 -81.37
N LEU L 159 -36.06 -29.48 -80.21
CA LEU L 159 -35.95 -30.93 -80.16
C LEU L 159 -37.03 -31.60 -81.00
N MET L 160 -38.23 -31.01 -81.02
CA MET L 160 -39.32 -31.57 -81.83
C MET L 160 -39.08 -31.30 -83.31
N HIS L 161 -38.60 -30.11 -83.65
CA HIS L 161 -38.34 -29.76 -85.04
C HIS L 161 -37.13 -30.50 -85.61
N PHE L 162 -36.15 -30.83 -84.77
CA PHE L 162 -34.91 -31.43 -85.24
C PHE L 162 -35.17 -32.82 -85.82
N LYS L 163 -34.38 -33.16 -86.83
CA LYS L 163 -34.41 -34.48 -87.45
C LYS L 163 -32.98 -34.98 -87.57
N LYS L 164 -32.70 -36.14 -86.97
CA LYS L 164 -31.34 -36.67 -87.04
C LYS L 164 -31.14 -37.47 -88.32
N PRO L 165 -29.92 -37.51 -88.85
CA PRO L 165 -29.70 -38.21 -90.12
C PRO L 165 -29.90 -39.71 -89.98
N ASP L 166 -30.46 -40.32 -91.02
CA ASP L 166 -30.69 -41.76 -91.03
C ASP L 166 -29.37 -42.49 -91.11
N ILE L 167 -29.26 -43.60 -90.36
CA ILE L 167 -28.04 -44.37 -90.28
C ILE L 167 -28.36 -45.83 -90.57
N THR L 168 -27.44 -46.51 -91.25
CA THR L 168 -27.53 -47.94 -91.51
C THR L 168 -26.28 -48.62 -90.99
N VAL L 169 -26.46 -49.66 -90.18
CA VAL L 169 -25.36 -50.34 -89.50
C VAL L 169 -25.14 -51.69 -90.15
N HIS L 170 -23.88 -52.00 -90.46
CA HIS L 170 -23.45 -53.30 -90.98
C HIS L 170 -22.50 -53.91 -89.96
N GLY L 171 -23.06 -54.43 -88.87
CA GLY L 171 -22.28 -54.98 -87.78
C GLY L 171 -21.54 -53.92 -87.00
N GLU L 172 -20.24 -53.77 -87.24
CA GLU L 172 -19.46 -52.71 -86.62
C GLU L 172 -19.41 -51.44 -87.46
N GLN L 173 -19.93 -51.50 -88.68
CA GLN L 173 -19.90 -50.37 -89.62
C GLN L 173 -21.18 -49.56 -89.48
N ILE L 174 -21.06 -48.31 -89.05
CA ILE L 174 -22.18 -47.38 -88.98
C ILE L 174 -22.06 -46.41 -90.15
N ILE L 175 -22.97 -46.51 -91.11
CA ILE L 175 -22.96 -45.65 -92.29
C ILE L 175 -23.96 -44.52 -92.04
N VAL L 176 -23.45 -43.33 -91.73
CA VAL L 176 -24.29 -42.16 -91.48
C VAL L 176 -24.62 -41.50 -92.83
N HIS L 177 -25.89 -41.64 -93.25
CA HIS L 177 -26.33 -41.11 -94.53
C HIS L 177 -26.51 -39.60 -94.46
N PRO L 178 -26.03 -38.87 -95.47
CA PRO L 178 -26.31 -37.44 -95.54
C PRO L 178 -27.77 -37.18 -95.90
N VAL L 179 -28.18 -35.93 -95.72
CA VAL L 179 -29.58 -35.57 -95.97
C VAL L 179 -29.92 -35.72 -97.46
N ASN L 180 -28.92 -35.62 -98.34
CA ASN L 180 -29.18 -35.76 -99.77
C ASN L 180 -29.38 -37.22 -100.16
N GLU L 181 -28.80 -38.15 -99.41
CA GLU L 181 -28.97 -39.58 -99.71
C GLU L 181 -30.34 -40.07 -99.26
N ARG L 182 -30.56 -40.11 -97.95
CA ARG L 182 -31.83 -40.52 -97.36
C ARG L 182 -32.32 -39.46 -96.40
N GLU L 183 -33.65 -39.34 -96.31
CA GLU L 183 -34.23 -38.30 -95.48
C GLU L 183 -33.95 -38.57 -94.00
N PRO L 184 -33.86 -37.53 -93.19
CA PRO L 184 -33.57 -37.72 -91.77
C PRO L 184 -34.81 -38.16 -90.99
N VAL L 185 -34.55 -38.75 -89.82
CA VAL L 185 -35.61 -39.23 -88.95
C VAL L 185 -35.75 -38.27 -87.77
N PRO L 186 -36.96 -37.97 -87.33
CA PRO L 186 -37.14 -37.03 -86.21
C PRO L 186 -36.80 -37.69 -84.87
N LEU L 187 -36.77 -36.85 -83.84
CA LEU L 187 -36.48 -37.29 -82.49
C LEU L 187 -37.76 -37.79 -81.81
N GLY L 188 -37.56 -38.58 -80.75
CA GLY L 188 -38.66 -39.10 -79.96
C GLY L 188 -38.88 -38.25 -78.72
N ILE L 189 -40.07 -37.65 -78.64
CA ILE L 189 -40.44 -36.79 -77.52
C ILE L 189 -41.47 -37.53 -76.67
N LEU L 190 -41.16 -37.72 -75.39
CA LEU L 190 -42.09 -38.40 -74.50
C LEU L 190 -43.12 -37.45 -73.91
N HIS L 191 -42.73 -36.21 -73.66
CA HIS L 191 -43.65 -35.20 -73.15
C HIS L 191 -43.06 -33.83 -73.41
N ILE L 192 -43.93 -32.82 -73.38
CA ILE L 192 -43.53 -31.45 -73.69
C ILE L 192 -43.57 -30.60 -72.43
N PRO L 193 -42.45 -30.41 -71.73
CA PRO L 193 -42.46 -29.55 -70.54
C PRO L 193 -42.39 -28.08 -70.93
N ILE L 194 -43.15 -27.26 -70.19
CA ILE L 194 -43.18 -25.82 -70.38
C ILE L 194 -42.97 -25.16 -69.03
N CYS L 195 -42.11 -24.15 -68.98
CA CYS L 195 -41.81 -23.43 -67.75
C CYS L 195 -42.60 -22.14 -67.68
N VAL L 196 -43.24 -21.92 -66.52
CA VAL L 196 -43.93 -20.66 -66.23
C VAL L 196 -43.36 -20.12 -64.93
N THR L 197 -42.85 -18.90 -64.97
CA THR L 197 -42.12 -18.29 -63.85
C THR L 197 -42.95 -17.17 -63.24
N PHE L 198 -43.20 -17.27 -61.94
CA PHE L 198 -43.96 -16.29 -61.17
C PHE L 198 -43.02 -15.39 -60.39
N SER L 199 -43.29 -14.09 -60.41
CA SER L 199 -42.52 -13.09 -59.68
C SER L 199 -43.37 -12.49 -58.57
N PHE L 200 -42.85 -12.49 -57.34
CA PHE L 200 -43.55 -12.03 -56.16
C PHE L 200 -43.05 -10.67 -55.72
N PHE L 201 -43.97 -9.85 -55.22
CA PHE L 201 -43.66 -8.50 -54.76
C PHE L 201 -44.29 -8.28 -53.38
N ASN L 202 -43.49 -7.79 -52.44
CA ASN L 202 -43.97 -7.52 -51.09
C ASN L 202 -44.37 -6.06 -50.96
N PRO L 203 -45.66 -5.73 -50.97
CA PRO L 203 -46.07 -4.32 -50.82
C PRO L 203 -45.96 -3.79 -49.41
N GLN L 204 -45.61 -4.63 -48.44
CA GLN L 204 -45.51 -4.20 -47.05
C GLN L 204 -44.13 -4.54 -46.49
N ASP L 205 -44.06 -4.82 -45.20
CA ASP L 205 -42.78 -5.07 -44.53
C ASP L 205 -42.54 -6.57 -44.41
N THR L 206 -41.34 -6.91 -43.97
CA THR L 206 -40.99 -8.30 -43.73
C THR L 206 -41.70 -8.84 -42.49
N GLU L 207 -42.01 -7.96 -41.54
CA GLU L 207 -42.72 -8.40 -40.33
C GLU L 207 -44.13 -8.88 -40.66
N GLU L 208 -44.81 -8.22 -41.59
CA GLU L 208 -46.14 -8.65 -41.99
C GLU L 208 -46.11 -9.85 -42.93
N ASN L 209 -44.95 -10.26 -43.40
CA ASN L 209 -44.83 -11.46 -44.21
C ASN L 209 -44.53 -12.69 -43.37
N ILE L 210 -43.80 -12.52 -42.27
CA ILE L 210 -43.48 -13.64 -41.39
C ILE L 210 -44.62 -13.90 -40.40
N LYS L 211 -45.23 -12.84 -39.87
CA LYS L 211 -46.24 -12.96 -38.82
C LYS L 211 -47.59 -12.34 -39.20
N GLY L 212 -47.79 -12.02 -40.48
CA GLY L 212 -49.02 -11.35 -40.88
C GLY L 212 -50.18 -12.32 -41.05
N GLU L 213 -51.37 -11.88 -40.65
CA GLU L 213 -52.56 -12.70 -40.79
C GLU L 213 -53.01 -12.78 -42.24
N THR L 214 -53.31 -11.63 -42.84
CA THR L 214 -53.78 -11.57 -44.22
C THR L 214 -52.58 -11.38 -45.15
N ASN L 215 -52.37 -12.35 -46.03
CA ASN L 215 -51.25 -12.32 -46.97
C ASN L 215 -51.58 -11.35 -48.12
N SER L 216 -50.70 -10.37 -48.33
CA SER L 216 -50.91 -9.32 -49.32
C SER L 216 -49.88 -9.35 -50.45
N GLU L 217 -49.15 -10.46 -50.59
CA GLU L 217 -48.09 -10.54 -51.59
C GLU L 217 -48.68 -10.61 -53.00
N ILE L 218 -48.14 -9.80 -53.90
CA ILE L 218 -48.60 -9.71 -55.28
C ILE L 218 -47.85 -10.71 -56.15
N SER L 219 -48.58 -11.41 -57.02
CA SER L 219 -48.01 -12.40 -57.93
C SER L 219 -48.32 -12.03 -59.37
N ILE L 220 -47.29 -12.00 -60.21
CA ILE L 220 -47.45 -11.79 -61.64
C ILE L 220 -46.72 -12.89 -62.40
N ILE L 221 -47.18 -13.14 -63.63
CA ILE L 221 -46.65 -14.21 -64.47
C ILE L 221 -45.75 -13.61 -65.53
N ASP L 222 -44.57 -14.20 -65.71
CA ASP L 222 -43.63 -13.84 -66.77
C ASP L 222 -43.27 -12.36 -66.70
N ALA L 223 -42.39 -12.01 -65.78
CA ALA L 223 -42.06 -10.62 -65.56
C ALA L 223 -41.09 -10.10 -66.62
N THR L 224 -41.23 -8.81 -66.94
CA THR L 224 -40.29 -8.12 -67.81
C THR L 224 -39.02 -7.81 -67.02
N LEU L 225 -38.06 -7.17 -67.71
CA LEU L 225 -36.77 -6.87 -67.08
C LEU L 225 -36.95 -5.93 -65.89
N LYS L 226 -37.74 -4.86 -66.06
CA LYS L 226 -37.97 -3.93 -64.97
C LYS L 226 -38.70 -4.60 -63.81
N GLU L 227 -39.70 -5.43 -64.13
CA GLU L 227 -40.42 -6.16 -63.09
C GLU L 227 -39.52 -7.19 -62.40
N GLU L 228 -38.66 -7.87 -63.17
CA GLU L 228 -37.79 -8.89 -62.61
C GLU L 228 -36.79 -8.29 -61.62
N LEU L 229 -36.28 -7.09 -61.93
CA LEU L 229 -35.27 -6.48 -61.08
C LEU L 229 -35.83 -6.00 -59.74
N LEU L 230 -37.13 -5.78 -59.65
CA LEU L 230 -37.75 -5.24 -58.44
C LEU L 230 -38.44 -6.30 -57.58
N ARG L 231 -38.47 -7.55 -58.02
CA ARG L 231 -39.20 -8.58 -57.29
C ARG L 231 -38.47 -9.00 -56.02
N ASP L 232 -39.24 -9.49 -55.05
CA ASP L 232 -38.72 -9.99 -53.79
C ASP L 232 -38.67 -11.51 -53.73
N GLY L 233 -39.26 -12.20 -54.70
CA GLY L 233 -39.24 -13.64 -54.75
C GLY L 233 -39.63 -14.12 -56.13
N VAL L 234 -39.25 -15.37 -56.43
CA VAL L 234 -39.47 -15.96 -57.74
C VAL L 234 -39.86 -17.42 -57.56
N LEU L 235 -40.76 -17.89 -58.42
CA LEU L 235 -41.19 -19.28 -58.42
C LEU L 235 -41.33 -19.75 -59.86
N THR L 236 -40.60 -20.80 -60.23
CA THR L 236 -40.66 -21.38 -61.57
C THR L 236 -41.26 -22.77 -61.47
N VAL L 237 -42.40 -22.96 -62.13
CA VAL L 237 -43.10 -24.25 -62.13
C VAL L 237 -43.12 -24.78 -63.56
N THR L 238 -42.95 -26.08 -63.70
CA THR L 238 -42.88 -26.72 -65.01
C THR L 238 -43.90 -27.85 -65.08
N LEU L 239 -44.75 -27.82 -66.10
CA LEU L 239 -45.81 -28.81 -66.26
C LEU L 239 -45.86 -29.27 -67.72
N ASN L 240 -46.64 -30.33 -67.94
CA ASN L 240 -46.96 -30.81 -69.28
C ASN L 240 -48.45 -31.09 -69.34
N LYS L 241 -48.97 -31.29 -70.56
CA LYS L 241 -50.40 -31.49 -70.73
C LYS L 241 -50.92 -32.74 -70.04
N ASN L 242 -50.04 -33.64 -69.59
CA ASN L 242 -50.44 -34.83 -68.86
C ASN L 242 -50.77 -34.55 -67.40
N ARG L 243 -50.97 -33.28 -67.03
CA ARG L 243 -51.24 -32.88 -65.65
C ARG L 243 -50.15 -33.34 -64.69
N GLU L 244 -48.91 -33.31 -65.17
CA GLU L 244 -47.74 -33.64 -64.37
C GLU L 244 -47.02 -32.36 -63.97
N VAL L 245 -46.68 -32.24 -62.69
CA VAL L 245 -45.79 -31.18 -62.24
C VAL L 245 -44.36 -31.69 -62.45
N VAL L 246 -43.71 -31.21 -63.51
CA VAL L 246 -42.39 -31.71 -63.87
C VAL L 246 -41.37 -31.30 -62.81
N GLN L 247 -41.33 -30.04 -62.45
CA GLN L 247 -40.45 -29.57 -61.38
C GLN L 247 -40.95 -28.21 -60.89
N VAL L 248 -40.65 -27.92 -59.63
CA VAL L 248 -40.95 -26.64 -59.02
C VAL L 248 -39.69 -26.18 -58.29
N SER L 249 -39.37 -24.89 -58.41
CA SER L 249 -38.17 -24.34 -57.80
C SER L 249 -38.49 -22.95 -57.23
N LYS L 250 -38.51 -22.86 -55.90
CA LYS L 250 -38.63 -21.59 -55.18
C LYS L 250 -37.48 -21.54 -54.18
N ALA L 251 -36.29 -21.18 -54.68
CA ALA L 251 -35.09 -21.16 -53.86
C ALA L 251 -35.00 -19.81 -53.17
N GLY L 252 -35.32 -19.78 -51.87
CA GLY L 252 -35.23 -18.56 -51.10
C GLY L 252 -36.22 -17.50 -51.56
N GLY L 253 -35.93 -16.27 -51.15
CA GLY L 253 -36.78 -15.14 -51.47
C GLY L 253 -37.91 -14.96 -50.48
N LEU L 254 -38.84 -14.08 -50.87
CA LEU L 254 -40.00 -13.75 -50.07
C LEU L 254 -40.79 -15.01 -49.69
N PRO L 255 -40.89 -15.34 -48.41
CA PRO L 255 -41.69 -16.51 -48.01
C PRO L 255 -43.14 -16.40 -48.47
N MET L 256 -43.64 -17.46 -49.09
CA MET L 256 -44.96 -17.48 -49.70
C MET L 256 -45.83 -18.55 -49.04
N ASP L 257 -47.11 -18.23 -48.87
CA ASP L 257 -48.07 -19.20 -48.36
C ASP L 257 -48.15 -20.40 -49.30
N ALA L 258 -48.21 -21.60 -48.71
CA ALA L 258 -48.15 -22.83 -49.51
C ALA L 258 -49.31 -22.92 -50.48
N LEU L 259 -50.52 -22.59 -50.03
CA LEU L 259 -51.68 -22.66 -50.92
C LEU L 259 -51.57 -21.63 -52.05
N THR L 260 -50.97 -20.47 -51.77
CA THR L 260 -50.75 -19.49 -52.82
C THR L 260 -49.84 -20.05 -53.92
N LEU L 261 -48.77 -20.73 -53.52
CA LEU L 261 -47.91 -21.39 -54.51
C LEU L 261 -48.64 -22.52 -55.21
N MET L 262 -49.54 -23.21 -54.50
CA MET L 262 -50.31 -24.28 -55.12
C MET L 262 -51.22 -23.75 -56.21
N LYS L 263 -51.89 -22.63 -55.95
CA LYS L 263 -52.76 -22.03 -56.96
C LYS L 263 -51.97 -21.56 -58.17
N CYS L 264 -50.67 -21.24 -57.98
CA CYS L 264 -49.82 -20.89 -59.11
C CYS L 264 -49.64 -22.08 -60.05
N CYS L 265 -49.43 -23.27 -59.51
CA CYS L 265 -49.29 -24.48 -60.33
C CYS L 265 -50.55 -24.71 -61.16
N HIS L 266 -51.72 -24.55 -60.56
CA HIS L 266 -52.96 -24.70 -61.31
C HIS L 266 -53.18 -23.55 -62.27
N GLU L 267 -52.75 -22.34 -61.90
CA GLU L 267 -52.78 -21.22 -62.85
C GLU L 267 -51.95 -21.52 -64.09
N ALA L 268 -50.76 -22.09 -63.90
CA ALA L 268 -49.84 -22.28 -65.01
C ALA L 268 -50.34 -23.34 -65.99
N TYR L 269 -51.15 -24.29 -65.51
CA TYR L 269 -51.62 -25.35 -66.40
C TYR L 269 -52.50 -24.80 -67.51
N SER L 270 -53.24 -23.72 -67.24
CA SER L 270 -54.00 -23.06 -68.29
C SER L 270 -53.09 -22.53 -69.39
N ILE L 271 -51.90 -22.06 -69.03
CA ILE L 271 -50.99 -21.47 -70.01
C ILE L 271 -50.27 -22.54 -70.82
N ILE L 272 -49.74 -23.57 -70.14
CA ILE L 272 -48.96 -24.59 -70.81
C ILE L 272 -49.81 -25.42 -71.77
N GLU L 273 -51.13 -25.43 -71.62
CA GLU L 273 -51.99 -26.02 -72.64
C GLU L 273 -52.02 -25.16 -73.89
N LYS L 274 -52.17 -23.85 -73.73
CA LYS L 274 -52.16 -22.95 -74.87
C LYS L 274 -50.81 -22.98 -75.60
N ILE L 275 -49.72 -23.10 -74.85
CA ILE L 275 -48.39 -23.08 -75.46
C ILE L 275 -48.07 -24.40 -76.13
N THR L 276 -48.41 -25.52 -75.48
CA THR L 276 -48.14 -26.84 -76.08
C THR L 276 -48.88 -26.99 -77.40
N ASP L 277 -50.17 -26.68 -77.42
CA ASP L 277 -50.94 -26.72 -78.67
C ASP L 277 -50.41 -25.72 -79.68
N GLN L 278 -49.87 -24.58 -79.21
CA GLN L 278 -49.34 -23.57 -80.12
C GLN L 278 -48.07 -24.06 -80.81
N ILE L 279 -47.20 -24.74 -80.06
CA ILE L 279 -45.97 -25.27 -80.65
C ILE L 279 -46.29 -26.32 -81.70
N LEU L 280 -47.18 -27.25 -81.37
CA LEU L 280 -47.55 -28.32 -82.30
C LEU L 280 -48.18 -27.77 -83.57
N GLN L 281 -48.91 -26.66 -83.47
CA GLN L 281 -49.55 -26.08 -84.66
C GLN L 281 -48.51 -25.45 -85.57
N LEU L 282 -47.62 -24.63 -85.01
CA LEU L 282 -46.57 -24.01 -85.83
C LEU L 282 -45.65 -25.05 -86.44
N LEU L 283 -45.53 -26.23 -85.80
CA LEU L 283 -44.78 -27.32 -86.40
C LEU L 283 -45.52 -27.92 -87.58
N LYS L 284 -46.82 -28.15 -87.43
CA LYS L 284 -47.61 -28.69 -88.54
C LYS L 284 -47.62 -27.75 -89.73
N GLU L 285 -47.77 -26.45 -89.49
CA GLU L 285 -47.74 -25.49 -90.59
C GLU L 285 -46.37 -25.48 -91.25
N ASP L 286 -45.30 -25.54 -90.47
CA ASP L 286 -43.96 -25.59 -91.04
C ASP L 286 -43.74 -26.88 -91.83
N SER L 287 -44.25 -28.00 -91.30
CA SER L 287 -44.13 -29.26 -92.02
C SER L 287 -44.90 -29.23 -93.33
N GLU L 288 -46.11 -28.65 -93.31
CA GLU L 288 -46.89 -28.51 -94.53
C GLU L 288 -46.20 -27.58 -95.53
N LYS L 289 -45.47 -26.58 -95.03
CA LYS L 289 -44.76 -25.67 -95.94
C LYS L 289 -43.60 -26.37 -96.63
N ARG L 290 -42.91 -27.27 -95.93
CA ARG L 290 -41.80 -27.99 -96.55
C ARG L 290 -42.28 -29.04 -97.53
N ASN L 291 -43.46 -29.62 -97.29
CA ASN L 291 -44.02 -30.57 -98.24
C ASN L 291 -44.51 -29.86 -99.51
N LYS L 292 -44.90 -28.59 -99.41
CA LYS L 292 -45.29 -27.84 -100.60
C LYS L 292 -44.07 -27.47 -101.44
N TYR L 293 -42.95 -27.17 -100.79
CA TYR L 293 -41.72 -26.87 -101.49
C TYR L 293 -40.93 -28.13 -101.87
N ALA L 294 -41.21 -29.26 -101.23
CA ALA L 294 -40.58 -30.51 -101.66
C ALA L 294 -41.20 -31.03 -102.96
N ALA L 295 -42.46 -30.67 -103.22
CA ALA L 295 -43.07 -30.99 -104.50
C ALA L 295 -42.56 -30.08 -105.61
N MET L 296 -42.26 -28.82 -105.27
CA MET L 296 -41.66 -27.88 -106.21
C MET L 296 -40.19 -28.14 -106.46
N LEU L 297 -39.54 -28.96 -105.66
CA LEU L 297 -38.13 -29.28 -105.88
C LEU L 297 -37.95 -30.66 -106.50
N SER M 5 -31.01 -59.96 -47.05
CA SER M 5 -32.22 -59.59 -46.33
C SER M 5 -33.28 -59.04 -47.28
N ARG M 6 -34.55 -59.29 -46.95
CA ARG M 6 -35.66 -58.84 -47.77
C ARG M 6 -36.14 -57.47 -47.32
N LEU M 7 -36.51 -56.63 -48.29
CA LEU M 7 -36.98 -55.29 -47.99
C LEU M 7 -38.02 -54.87 -49.02
N GLU M 8 -38.82 -53.89 -48.63
CA GLU M 8 -39.78 -53.25 -49.53
C GLU M 8 -39.73 -51.75 -49.30
N ILE M 9 -40.19 -50.99 -50.30
CA ILE M 9 -40.27 -49.54 -50.15
C ILE M 9 -41.41 -49.17 -49.22
N TYR M 10 -42.62 -49.65 -49.52
CA TYR M 10 -43.79 -49.45 -48.68
C TYR M 10 -44.58 -50.76 -48.70
N SER M 11 -44.46 -51.54 -47.64
CA SER M 11 -45.06 -52.86 -47.59
C SER M 11 -46.58 -52.77 -47.59
N PRO M 12 -47.27 -53.89 -47.88
CA PRO M 12 -48.74 -53.86 -47.83
C PRO M 12 -49.30 -53.54 -46.44
N GLU M 13 -48.57 -53.89 -45.38
CA GLU M 13 -48.98 -53.56 -44.03
C GLU M 13 -48.76 -52.10 -43.67
N GLY M 14 -48.09 -51.34 -44.53
CA GLY M 14 -47.82 -49.94 -44.28
C GLY M 14 -46.49 -49.62 -43.65
N LEU M 15 -45.49 -50.48 -43.81
CA LEU M 15 -44.17 -50.29 -43.22
C LEU M 15 -43.15 -50.01 -44.30
N ARG M 16 -42.24 -49.07 -44.03
CA ARG M 16 -41.19 -48.78 -44.99
C ARG M 16 -39.98 -49.68 -44.70
N LEU M 17 -38.92 -49.49 -45.49
CA LEU M 17 -37.76 -50.38 -45.38
C LEU M 17 -37.16 -50.34 -43.98
N ASP M 18 -37.11 -49.17 -43.35
CA ASP M 18 -36.58 -49.08 -41.99
C ASP M 18 -37.59 -49.48 -40.94
N GLY M 19 -38.83 -49.78 -41.32
CA GLY M 19 -39.87 -50.12 -40.38
C GLY M 19 -40.75 -48.97 -39.95
N ARG M 20 -40.65 -47.81 -40.60
CA ARG M 20 -41.47 -46.66 -40.27
C ARG M 20 -42.79 -46.70 -41.02
N ARG M 21 -43.79 -46.05 -40.44
CA ARG M 21 -45.02 -45.78 -41.16
C ARG M 21 -44.87 -44.50 -41.98
N TRP M 22 -45.90 -44.21 -42.79
CA TRP M 22 -45.80 -43.15 -43.79
C TRP M 22 -45.58 -41.77 -43.15
N ASN M 23 -46.14 -41.54 -41.96
CA ASN M 23 -46.07 -40.25 -41.29
C ASN M 23 -45.09 -40.25 -40.12
N GLU M 24 -44.04 -41.06 -40.22
CA GLU M 24 -43.02 -41.17 -39.19
C GLU M 24 -41.75 -40.45 -39.61
N LEU M 25 -41.17 -39.69 -38.69
CA LEU M 25 -39.89 -39.04 -38.92
C LEU M 25 -38.75 -40.02 -38.65
N ARG M 26 -37.54 -39.61 -39.03
CA ARG M 26 -36.34 -40.34 -38.64
C ARG M 26 -35.86 -39.85 -37.28
N ARG M 27 -34.92 -40.60 -36.71
CA ARG M 27 -34.33 -40.22 -35.42
C ARG M 27 -33.69 -38.84 -35.53
N PHE M 28 -34.25 -37.87 -34.82
CA PHE M 28 -33.85 -36.47 -34.92
C PHE M 28 -33.10 -36.09 -33.65
N GLU M 29 -31.83 -35.72 -33.79
CA GLU M 29 -31.02 -35.32 -32.65
C GLU M 29 -30.19 -34.11 -33.07
N SER M 30 -30.38 -32.99 -32.39
CA SER M 30 -29.67 -31.76 -32.70
C SER M 30 -28.77 -31.36 -31.54
N SER M 31 -27.73 -30.59 -31.86
CA SER M 31 -26.78 -30.14 -30.87
C SER M 31 -26.39 -28.70 -31.15
N ILE M 32 -26.12 -27.96 -30.08
CA ILE M 32 -25.81 -26.53 -30.16
C ILE M 32 -24.49 -26.28 -29.43
N ASN M 33 -23.72 -25.32 -29.95
CA ASN M 33 -22.43 -24.94 -29.37
C ASN M 33 -21.45 -26.12 -29.41
N THR M 34 -21.40 -26.78 -30.57
CA THR M 34 -20.59 -27.99 -30.72
C THR M 34 -19.13 -27.68 -31.02
N HIS M 35 -18.84 -26.51 -31.58
CA HIS M 35 -17.47 -26.12 -31.91
C HIS M 35 -17.26 -24.67 -31.46
N PRO M 36 -17.11 -24.45 -30.15
CA PRO M 36 -16.94 -23.08 -29.65
C PRO M 36 -15.63 -22.44 -30.06
N HIS M 37 -14.56 -23.23 -30.18
CA HIS M 37 -13.24 -22.71 -30.50
C HIS M 37 -13.00 -22.62 -32.00
N ALA M 38 -14.04 -22.72 -32.83
CA ALA M 38 -13.90 -22.66 -34.27
C ALA M 38 -14.90 -21.74 -34.97
N ALA M 39 -15.95 -21.29 -34.28
CA ALA M 39 -16.94 -20.41 -34.89
C ALA M 39 -17.77 -19.76 -33.78
N ASP M 40 -18.40 -18.64 -34.13
CA ASP M 40 -19.30 -17.97 -33.20
C ASP M 40 -20.47 -18.88 -32.84
N GLY M 41 -21.09 -19.49 -33.84
CA GLY M 41 -22.16 -20.44 -33.61
C GLY M 41 -21.92 -21.73 -34.36
N SER M 42 -22.30 -22.84 -33.73
CA SER M 42 -22.06 -24.15 -34.30
C SER M 42 -23.26 -25.05 -34.01
N SER M 43 -23.43 -26.06 -34.84
CA SER M 43 -24.54 -27.01 -34.70
C SER M 43 -24.14 -28.33 -35.32
N TYR M 44 -24.53 -29.42 -34.65
CA TYR M 44 -24.30 -30.77 -35.15
C TYR M 44 -25.65 -31.43 -35.44
N MET M 45 -25.86 -31.79 -36.70
CA MET M 45 -27.14 -32.32 -37.17
C MET M 45 -27.08 -33.84 -37.29
N GLU M 46 -28.08 -34.51 -36.69
CA GLU M 46 -28.21 -35.97 -36.77
C GLU M 46 -29.66 -36.32 -37.12
N GLN M 47 -30.04 -36.06 -38.37
CA GLN M 47 -31.38 -36.37 -38.87
C GLN M 47 -31.30 -37.70 -39.62
N GLY M 48 -31.72 -38.78 -38.97
CA GLY M 48 -31.57 -40.09 -39.54
C GLY M 48 -30.11 -40.49 -39.52
N ASN M 49 -29.61 -40.98 -40.67
CA ASN M 49 -28.20 -41.28 -40.80
C ASN M 49 -27.36 -40.04 -41.10
N ASN M 50 -28.00 -38.93 -41.47
CA ASN M 50 -27.27 -37.71 -41.82
C ASN M 50 -26.45 -37.19 -40.66
N LYS M 51 -25.28 -36.63 -40.98
CA LYS M 51 -24.39 -36.01 -40.01
C LYS M 51 -23.81 -34.76 -40.65
N ILE M 52 -24.18 -33.60 -40.14
CA ILE M 52 -23.81 -32.32 -40.74
C ILE M 52 -23.25 -31.41 -39.65
N ILE M 53 -22.06 -30.88 -39.88
CA ILE M 53 -21.47 -29.85 -39.04
C ILE M 53 -21.72 -28.51 -39.70
N THR M 54 -22.27 -27.56 -38.95
CA THR M 54 -22.55 -26.22 -39.44
C THR M 54 -21.83 -25.21 -38.56
N LEU M 55 -20.99 -24.39 -39.17
CA LEU M 55 -20.21 -23.38 -38.47
C LEU M 55 -20.60 -22.01 -38.98
N VAL M 56 -20.99 -21.11 -38.06
CA VAL M 56 -21.31 -19.73 -38.39
C VAL M 56 -20.19 -18.85 -37.84
N LYS M 57 -19.51 -18.16 -38.73
CA LYS M 57 -18.40 -17.28 -38.38
C LYS M 57 -18.83 -15.85 -38.66
N GLY M 58 -18.98 -15.06 -37.60
CA GLY M 58 -19.39 -13.67 -37.75
C GLY M 58 -20.50 -13.23 -36.81
N PRO M 59 -21.06 -12.03 -37.04
CA PRO M 59 -20.65 -11.07 -38.08
C PRO M 59 -19.25 -10.50 -37.82
N LYS M 60 -18.43 -10.39 -38.87
CA LYS M 60 -17.05 -9.99 -38.73
C LYS M 60 -16.67 -9.04 -39.85
N GLU M 61 -15.49 -8.43 -39.71
CA GLU M 61 -14.98 -7.51 -40.71
C GLU M 61 -14.61 -8.25 -41.98
N PRO M 62 -14.99 -7.76 -43.16
CA PRO M 62 -14.68 -8.47 -44.40
C PRO M 62 -13.19 -8.52 -44.66
N ARG M 63 -12.79 -9.53 -45.45
CA ARG M 63 -11.38 -9.74 -45.76
C ARG M 63 -10.89 -8.74 -46.81
N LEU M 64 -11.64 -8.58 -47.90
CA LEU M 64 -11.34 -7.60 -48.92
C LEU M 64 -12.27 -6.42 -48.76
N LYS M 65 -11.70 -5.22 -48.58
CA LYS M 65 -12.52 -4.02 -48.45
C LYS M 65 -13.41 -3.77 -49.65
N SER M 66 -13.06 -4.31 -50.82
CA SER M 66 -13.94 -4.20 -51.98
C SER M 66 -15.27 -4.89 -51.75
N GLN M 67 -15.23 -6.17 -51.36
CA GLN M 67 -16.44 -6.95 -51.14
C GLN M 67 -17.01 -6.59 -49.77
N MET M 68 -17.73 -5.47 -49.73
CA MET M 68 -18.33 -4.99 -48.49
C MET M 68 -19.52 -4.11 -48.79
N ASP M 69 -20.64 -4.40 -48.13
CA ASP M 69 -21.89 -3.66 -48.31
C ASP M 69 -22.10 -2.72 -47.13
N THR M 70 -22.32 -1.43 -47.43
CA THR M 70 -22.57 -0.47 -46.37
C THR M 70 -23.97 -0.58 -45.79
N SER M 71 -24.89 -1.23 -46.51
CA SER M 71 -26.30 -1.30 -46.12
C SER M 71 -26.67 -2.58 -45.39
N LYS M 72 -25.96 -3.68 -45.60
CA LYS M 72 -26.31 -4.93 -44.96
C LYS M 72 -25.09 -5.84 -44.91
N ALA M 73 -25.22 -6.92 -44.16
CA ALA M 73 -24.15 -7.90 -44.04
C ALA M 73 -24.11 -8.80 -45.27
N LEU M 74 -22.92 -9.32 -45.56
CA LEU M 74 -22.76 -10.29 -46.62
C LEU M 74 -22.89 -11.69 -46.03
N LEU M 75 -23.70 -12.52 -46.65
CA LEU M 75 -23.97 -13.87 -46.19
C LEU M 75 -23.39 -14.85 -47.20
N ASN M 76 -22.49 -15.72 -46.73
CA ASN M 76 -21.82 -16.68 -47.58
C ASN M 76 -22.01 -18.08 -47.01
N VAL M 77 -22.38 -19.01 -47.88
CA VAL M 77 -22.59 -20.40 -47.49
C VAL M 77 -21.66 -21.27 -48.33
N SER M 78 -20.88 -22.12 -47.64
CA SER M 78 -19.96 -23.03 -48.29
C SER M 78 -20.26 -24.43 -47.76
N VAL M 79 -20.77 -25.29 -48.63
CA VAL M 79 -21.15 -26.65 -48.26
C VAL M 79 -20.05 -27.57 -48.75
N ASN M 80 -19.36 -28.22 -47.81
CA ASN M 80 -18.30 -29.16 -48.13
C ASN M 80 -18.84 -30.57 -47.88
N ILE M 81 -19.03 -31.32 -48.95
CA ILE M 81 -19.45 -32.71 -48.86
C ILE M 81 -18.19 -33.56 -48.90
N THR M 82 -17.82 -34.11 -47.74
CA THR M 82 -16.56 -34.82 -47.61
C THR M 82 -16.58 -36.08 -48.47
N LYS M 83 -15.38 -36.57 -48.78
CA LYS M 83 -15.25 -37.73 -49.66
C LYS M 83 -15.87 -38.97 -49.05
N PHE M 84 -16.00 -39.03 -47.73
CA PHE M 84 -16.56 -40.19 -47.04
C PHE M 84 -18.03 -40.00 -46.69
N SER M 85 -18.71 -39.05 -47.33
CA SER M 85 -20.12 -38.80 -47.03
C SER M 85 -21.00 -39.94 -47.54
N LYS M 86 -20.63 -40.52 -48.68
CA LYS M 86 -21.36 -41.63 -49.28
C LYS M 86 -20.54 -42.91 -49.12
N PHE M 87 -21.24 -44.01 -48.87
CA PHE M 87 -20.57 -45.31 -48.83
C PHE M 87 -19.98 -45.69 -50.18
N GLU M 88 -20.53 -45.14 -51.27
CA GLU M 88 -19.98 -45.33 -52.61
C GLU M 88 -19.13 -44.11 -52.94
N ARG M 89 -17.90 -44.14 -52.45
CA ARG M 89 -16.96 -43.03 -52.62
C ARG M 89 -16.80 -42.67 -54.10
N SER M 90 -16.70 -41.37 -54.36
CA SER M 90 -16.61 -40.87 -55.73
C SER M 90 -15.47 -39.86 -55.83
N LYS M 91 -14.85 -39.82 -57.01
CA LYS M 91 -13.74 -38.91 -57.27
C LYS M 91 -14.25 -37.61 -57.88
N HIS M 94 -16.94 -30.70 -61.89
CA HIS M 94 -17.82 -30.94 -63.04
C HIS M 94 -19.09 -31.68 -62.61
N LYS M 95 -20.25 -31.10 -62.95
CA LYS M 95 -21.55 -31.67 -62.66
C LYS M 95 -21.81 -31.79 -61.16
N ASN M 96 -20.89 -32.41 -60.42
CA ASN M 96 -21.05 -32.53 -58.98
C ASN M 96 -20.86 -31.19 -58.28
N GLU M 97 -19.96 -30.35 -58.77
CA GLU M 97 -19.78 -29.02 -58.19
C GLU M 97 -20.86 -28.05 -58.63
N ARG M 98 -21.40 -28.23 -59.84
CA ARG M 98 -22.49 -27.37 -60.30
C ARG M 98 -23.75 -27.57 -59.47
N ARG M 99 -23.90 -28.74 -58.85
CA ARG M 99 -25.05 -28.99 -57.99
C ARG M 99 -24.82 -28.46 -56.59
N VAL M 100 -23.59 -28.55 -56.09
CA VAL M 100 -23.28 -27.98 -54.78
C VAL M 100 -23.39 -26.46 -54.84
N LEU M 101 -23.03 -25.86 -55.98
CA LEU M 101 -23.21 -24.42 -56.14
C LEU M 101 -24.69 -24.05 -56.04
N GLU M 102 -25.58 -24.88 -56.60
CA GLU M 102 -27.01 -24.61 -56.49
C GLU M 102 -27.48 -24.67 -55.04
N ILE M 103 -26.98 -25.64 -54.28
CA ILE M 103 -27.36 -25.76 -52.87
C ILE M 103 -26.92 -24.54 -52.10
N GLN M 104 -25.73 -24.03 -52.39
CA GLN M 104 -25.20 -22.89 -51.64
C GLN M 104 -26.00 -21.63 -51.92
N THR M 105 -26.16 -21.26 -53.19
CA THR M 105 -26.91 -20.05 -53.52
C THR M 105 -28.38 -20.16 -53.09
N SER M 106 -28.92 -21.38 -53.04
CA SER M 106 -30.28 -21.55 -52.54
C SER M 106 -30.35 -21.30 -51.05
N LEU M 107 -29.39 -21.85 -50.30
CA LEU M 107 -29.34 -21.61 -48.85
C LEU M 107 -29.08 -20.13 -48.57
N VAL M 108 -28.23 -19.49 -49.37
CA VAL M 108 -27.98 -18.06 -49.22
C VAL M 108 -29.27 -17.27 -49.45
N ARG M 109 -29.94 -17.56 -50.57
CA ARG M 109 -31.17 -16.84 -50.89
C ARG M 109 -32.25 -17.05 -49.84
N MET M 110 -32.25 -18.19 -49.15
CA MET M 110 -33.24 -18.44 -48.11
C MET M 110 -33.05 -17.52 -46.92
N PHE M 111 -31.89 -17.63 -46.26
CA PHE M 111 -31.64 -16.90 -45.02
C PHE M 111 -31.34 -15.42 -45.24
N GLU M 112 -31.19 -14.98 -46.49
CA GLU M 112 -31.15 -13.56 -46.78
C GLU M 112 -32.39 -12.86 -46.25
N LYS M 113 -33.56 -13.43 -46.49
CA LYS M 113 -34.84 -12.85 -46.08
C LYS M 113 -35.24 -13.21 -44.66
N ASN M 114 -34.44 -14.01 -43.96
CA ASN M 114 -34.70 -14.38 -42.57
C ASN M 114 -33.72 -13.72 -41.60
N VAL M 115 -32.43 -13.76 -41.89
CA VAL M 115 -31.45 -13.11 -41.05
C VAL M 115 -31.54 -11.60 -41.24
N MET M 116 -31.57 -10.86 -40.14
CA MET M 116 -31.62 -9.40 -40.20
C MET M 116 -30.26 -8.84 -40.60
N LEU M 117 -29.89 -9.04 -41.86
CA LEU M 117 -28.63 -8.53 -42.37
C LEU M 117 -28.55 -7.02 -42.33
N ASN M 118 -29.71 -6.35 -42.32
CA ASN M 118 -29.72 -4.89 -42.31
C ASN M 118 -29.16 -4.31 -41.02
N ILE M 119 -29.28 -5.05 -39.90
CA ILE M 119 -28.80 -4.55 -38.62
C ILE M 119 -27.34 -4.89 -38.37
N TYR M 120 -26.68 -5.59 -39.30
CA TYR M 120 -25.25 -5.89 -39.21
C TYR M 120 -24.53 -5.35 -40.45
N PRO M 121 -24.55 -4.04 -40.67
CA PRO M 121 -23.95 -3.50 -41.89
C PRO M 121 -22.44 -3.53 -41.85
N ARG M 122 -21.83 -3.52 -43.04
CA ARG M 122 -20.39 -3.51 -43.22
C ARG M 122 -19.71 -4.75 -42.63
N THR M 123 -20.47 -5.81 -42.36
CA THR M 123 -19.95 -7.04 -41.79
C THR M 123 -20.13 -8.19 -42.78
N VAL M 124 -19.65 -9.36 -42.40
CA VAL M 124 -19.73 -10.57 -43.23
C VAL M 124 -20.06 -11.74 -42.31
N ILE M 125 -21.07 -12.52 -42.67
CA ILE M 125 -21.47 -13.70 -41.92
C ILE M 125 -21.13 -14.90 -42.79
N ASP M 126 -20.11 -15.66 -42.38
CA ASP M 126 -19.66 -16.84 -43.10
C ASP M 126 -20.23 -18.09 -42.46
N ILE M 127 -20.91 -18.92 -43.26
CA ILE M 127 -21.42 -20.21 -42.83
C ILE M 127 -20.61 -21.29 -43.51
N GLU M 128 -20.07 -22.22 -42.71
CA GLU M 128 -19.15 -23.24 -43.19
C GLU M 128 -19.73 -24.60 -42.79
N ILE M 129 -20.15 -25.38 -43.78
CA ILE M 129 -20.85 -26.63 -43.56
C ILE M 129 -19.97 -27.79 -43.99
N HIS M 130 -19.98 -28.86 -43.20
CA HIS M 130 -19.26 -30.09 -43.51
C HIS M 130 -20.22 -31.26 -43.35
N VAL M 131 -20.52 -31.95 -44.45
CA VAL M 131 -21.42 -33.09 -44.44
C VAL M 131 -20.58 -34.35 -44.19
N LEU M 132 -20.72 -34.93 -42.99
CA LEU M 132 -19.93 -36.11 -42.67
C LEU M 132 -20.60 -37.38 -43.20
N GLU M 133 -21.92 -37.41 -43.27
CA GLU M 133 -22.64 -38.59 -43.76
C GLU M 133 -24.00 -38.16 -44.26
N GLN M 134 -24.34 -38.56 -45.48
CA GLN M 134 -25.60 -38.20 -46.12
C GLN M 134 -26.39 -39.46 -46.45
N ASP M 135 -27.72 -39.36 -46.30
CA ASP M 135 -28.60 -40.50 -46.52
C ASP M 135 -30.03 -40.00 -46.75
N GLY M 136 -30.22 -39.26 -47.84
CA GLY M 136 -31.53 -38.78 -48.23
C GLY M 136 -31.99 -37.58 -47.42
N GLY M 137 -32.69 -36.65 -48.07
CA GLY M 137 -33.18 -35.46 -47.40
C GLY M 137 -32.07 -34.57 -46.86
N ILE M 138 -30.94 -34.49 -47.57
CA ILE M 138 -29.81 -33.73 -47.06
C ILE M 138 -30.05 -32.24 -47.18
N MET M 139 -30.87 -31.79 -48.15
CA MET M 139 -31.14 -30.37 -48.28
C MET M 139 -31.94 -29.85 -47.09
N GLY M 140 -32.92 -30.64 -46.63
CA GLY M 140 -33.66 -30.24 -45.44
C GLY M 140 -32.81 -30.25 -44.19
N SER M 141 -31.92 -31.24 -44.07
CA SER M 141 -31.03 -31.30 -42.92
C SER M 141 -30.05 -30.14 -42.93
N LEU M 142 -29.60 -29.72 -44.12
CA LEU M 142 -28.76 -28.53 -44.21
C LEU M 142 -29.49 -27.29 -43.71
N ILE M 143 -30.77 -27.17 -44.05
CA ILE M 143 -31.56 -26.01 -43.61
C ILE M 143 -31.64 -25.97 -42.09
N ASN M 144 -31.95 -27.10 -41.47
CA ASN M 144 -32.07 -27.16 -40.01
C ASN M 144 -30.73 -26.88 -39.33
N GLY M 145 -29.63 -27.40 -39.90
CA GLY M 145 -28.32 -27.14 -39.33
C GLY M 145 -27.95 -25.67 -39.35
N ILE M 146 -28.34 -24.96 -40.40
CA ILE M 146 -28.01 -23.53 -40.50
C ILE M 146 -28.83 -22.72 -39.51
N THR M 147 -30.12 -23.05 -39.36
CA THR M 147 -30.98 -22.31 -38.45
C THR M 147 -30.48 -22.40 -37.02
N LEU M 148 -30.11 -23.61 -36.57
CA LEU M 148 -29.59 -23.77 -35.22
C LEU M 148 -28.25 -23.08 -35.06
N ALA M 149 -27.36 -23.21 -36.05
CA ALA M 149 -26.03 -22.63 -35.93
C ALA M 149 -26.09 -21.11 -35.91
N LEU M 150 -27.01 -20.52 -36.68
CA LEU M 150 -27.17 -19.07 -36.64
C LEU M 150 -27.75 -18.59 -35.32
N ILE M 151 -28.75 -19.31 -34.79
CA ILE M 151 -29.32 -18.92 -33.50
C ILE M 151 -28.29 -19.06 -32.39
N ASP M 152 -27.43 -20.08 -32.47
CA ASP M 152 -26.37 -20.23 -31.49
C ASP M 152 -25.35 -19.10 -31.59
N ALA M 153 -25.17 -18.53 -32.78
CA ALA M 153 -24.26 -17.41 -32.98
C ALA M 153 -24.81 -16.09 -32.45
N GLY M 154 -26.05 -16.09 -31.94
CA GLY M 154 -26.65 -14.86 -31.46
C GLY M 154 -27.05 -13.90 -32.55
N ILE M 155 -27.16 -14.38 -33.78
CA ILE M 155 -27.49 -13.55 -34.93
C ILE M 155 -29.00 -13.43 -35.03
N SER M 156 -29.48 -12.20 -35.16
CA SER M 156 -30.92 -11.93 -35.18
C SER M 156 -31.56 -12.46 -36.44
N MET M 157 -32.68 -13.17 -36.28
CA MET M 157 -33.47 -13.64 -37.41
C MET M 157 -34.95 -13.59 -37.03
N PHE M 158 -35.80 -13.50 -38.06
CA PHE M 158 -37.23 -13.32 -37.81
C PHE M 158 -37.84 -14.55 -37.14
N ASP M 159 -37.47 -15.75 -37.59
CA ASP M 159 -38.08 -16.97 -37.09
C ASP M 159 -37.17 -18.14 -37.42
N TYR M 160 -37.56 -19.32 -36.94
CA TYR M 160 -36.93 -20.56 -37.38
C TYR M 160 -37.23 -20.79 -38.86
N ILE M 161 -36.35 -21.55 -39.51
CA ILE M 161 -36.63 -22.14 -40.80
C ILE M 161 -36.32 -23.63 -40.70
N SER M 162 -37.34 -24.46 -40.92
CA SER M 162 -37.22 -25.90 -40.78
C SER M 162 -37.26 -26.57 -42.14
N GLY M 163 -36.42 -27.59 -42.32
CA GLY M 163 -36.32 -28.32 -43.57
C GLY M 163 -36.84 -29.73 -43.42
N ILE M 164 -37.52 -30.21 -44.45
CA ILE M 164 -38.10 -31.56 -44.46
C ILE M 164 -38.22 -32.03 -45.89
N SER M 165 -38.21 -33.34 -46.07
CA SER M 165 -38.37 -33.96 -47.39
C SER M 165 -39.49 -34.97 -47.34
N VAL M 166 -40.31 -35.00 -48.38
CA VAL M 166 -41.45 -35.93 -48.46
C VAL M 166 -41.47 -36.55 -49.86
N GLY M 167 -41.57 -37.88 -49.90
CA GLY M 167 -41.72 -38.60 -51.14
C GLY M 167 -43.16 -39.03 -51.37
N LEU M 168 -43.48 -39.32 -52.63
CA LEU M 168 -44.82 -39.74 -53.03
C LEU M 168 -44.78 -41.18 -53.53
N TYR M 169 -45.34 -42.10 -52.74
CA TYR M 169 -45.48 -43.50 -53.13
C TYR M 169 -46.93 -43.73 -53.54
N ASP M 170 -47.15 -43.89 -54.85
CA ASP M 170 -48.49 -43.96 -55.42
C ASP M 170 -49.29 -42.72 -55.04
N THR M 171 -50.11 -42.83 -53.99
CA THR M 171 -50.84 -41.71 -53.44
C THR M 171 -50.35 -41.31 -52.05
N THR M 172 -49.63 -42.18 -51.36
CA THR M 172 -49.28 -41.97 -49.97
C THR M 172 -48.00 -41.15 -49.85
N PRO M 173 -48.03 -39.98 -49.22
CA PRO M 173 -46.76 -39.27 -48.94
C PRO M 173 -45.98 -39.98 -47.85
N LEU M 174 -44.66 -40.07 -48.06
CA LEU M 174 -43.75 -40.68 -47.11
C LEU M 174 -42.87 -39.59 -46.53
N LEU M 175 -43.12 -39.24 -45.27
CA LEU M 175 -42.40 -38.15 -44.62
C LEU M 175 -40.95 -38.56 -44.33
N ASP M 176 -40.04 -37.61 -44.53
CA ASP M 176 -38.62 -37.79 -44.25
C ASP M 176 -38.03 -38.97 -45.00
N THR M 177 -37.54 -38.72 -46.21
CA THR M 177 -37.05 -39.78 -47.09
C THR M 177 -35.56 -40.02 -46.90
N ASN M 178 -35.16 -41.29 -46.97
CA ASN M 178 -33.77 -41.67 -46.95
C ASN M 178 -33.27 -41.88 -48.39
N SER M 179 -31.99 -42.25 -48.52
CA SER M 179 -31.35 -42.31 -49.83
C SER M 179 -32.09 -43.24 -50.78
N LEU M 180 -32.42 -44.45 -50.31
CA LEU M 180 -33.11 -45.39 -51.19
C LEU M 180 -34.53 -44.91 -51.51
N GLU M 181 -35.21 -44.33 -50.52
CA GLU M 181 -36.56 -43.82 -50.77
C GLU M 181 -36.55 -42.64 -51.74
N GLU M 182 -35.50 -41.81 -51.69
CA GLU M 182 -35.41 -40.70 -52.64
C GLU M 182 -35.18 -41.21 -54.06
N ASN M 183 -34.37 -42.26 -54.21
CA ASN M 183 -34.08 -42.79 -55.54
C ASN M 183 -35.24 -43.57 -56.14
N ALA M 184 -36.23 -43.95 -55.34
CA ALA M 184 -37.35 -44.74 -55.82
C ALA M 184 -38.50 -43.88 -56.36
N MET M 185 -38.85 -42.81 -55.65
CA MET M 185 -40.01 -41.99 -55.98
C MET M 185 -39.62 -40.52 -56.03
N SER M 186 -40.56 -39.71 -56.51
CA SER M 186 -40.37 -38.26 -56.50
C SER M 186 -40.46 -37.71 -55.08
N THR M 187 -39.73 -36.62 -54.85
CA THR M 187 -39.66 -36.01 -53.53
C THR M 187 -39.87 -34.51 -53.61
N VAL M 188 -40.39 -33.95 -52.52
CA VAL M 188 -40.52 -32.51 -52.35
C VAL M 188 -39.75 -32.12 -51.10
N THR M 189 -38.98 -31.03 -51.19
CA THR M 189 -38.21 -30.50 -50.07
C THR M 189 -38.79 -29.14 -49.68
N LEU M 190 -39.13 -28.99 -48.40
CA LEU M 190 -39.77 -27.79 -47.91
C LEU M 190 -38.86 -27.06 -46.93
N GLY M 191 -38.90 -25.73 -46.98
CA GLY M 191 -38.32 -24.91 -45.94
C GLY M 191 -39.39 -24.01 -45.37
N VAL M 192 -39.90 -24.36 -44.19
CA VAL M 192 -41.09 -23.73 -43.62
C VAL M 192 -40.65 -22.72 -42.57
N VAL M 193 -41.19 -21.51 -42.66
CA VAL M 193 -40.82 -20.42 -41.77
C VAL M 193 -41.56 -20.59 -40.44
N GLY M 194 -40.82 -20.97 -39.40
CA GLY M 194 -41.39 -21.06 -38.07
C GLY M 194 -42.53 -22.05 -38.01
N LYS M 195 -43.69 -21.57 -37.54
CA LYS M 195 -44.89 -22.39 -37.43
C LYS M 195 -45.94 -22.04 -38.46
N SER M 196 -45.60 -21.25 -39.46
CA SER M 196 -46.58 -20.76 -40.42
C SER M 196 -46.70 -21.73 -41.58
N GLU M 197 -47.45 -21.34 -42.60
CA GLU M 197 -47.51 -22.06 -43.86
C GLU M 197 -46.65 -21.40 -44.93
N LYS M 198 -45.91 -20.36 -44.57
CA LYS M 198 -45.02 -19.70 -45.52
C LYS M 198 -43.83 -20.59 -45.82
N LEU M 199 -43.51 -20.74 -47.11
CA LEU M 199 -42.44 -21.61 -47.56
C LEU M 199 -41.25 -20.74 -47.98
N SER M 200 -40.13 -20.89 -47.27
CA SER M 200 -38.91 -20.25 -47.71
C SER M 200 -38.31 -20.98 -48.91
N LEU M 201 -38.46 -22.30 -48.95
CA LEU M 201 -37.95 -23.12 -50.05
C LEU M 201 -38.99 -24.16 -50.43
N LEU M 202 -39.35 -24.20 -51.72
CA LEU M 202 -40.20 -25.24 -52.28
C LEU M 202 -39.45 -25.86 -53.44
N LEU M 203 -39.22 -27.18 -53.37
CA LEU M 203 -38.34 -27.87 -54.31
C LEU M 203 -38.98 -29.20 -54.73
N VAL M 204 -39.56 -29.23 -55.92
CA VAL M 204 -40.07 -30.44 -56.52
C VAL M 204 -39.04 -30.90 -57.55
N GLU M 205 -38.26 -31.92 -57.20
CA GLU M 205 -37.12 -32.33 -57.99
C GLU M 205 -37.46 -33.29 -59.12
N ASP M 206 -38.65 -33.90 -59.10
CA ASP M 206 -39.06 -34.80 -60.17
C ASP M 206 -40.58 -34.79 -60.30
N LYS M 207 -41.08 -35.52 -61.30
CA LYS M 207 -42.48 -35.46 -61.69
C LYS M 207 -43.40 -35.84 -60.54
N ILE M 208 -44.45 -35.03 -60.35
CA ILE M 208 -45.53 -35.33 -59.40
C ILE M 208 -46.84 -34.90 -60.05
N PRO M 209 -47.89 -35.72 -59.99
CA PRO M 209 -49.18 -35.30 -60.57
C PRO M 209 -49.74 -34.09 -59.85
N LEU M 210 -50.18 -33.10 -60.64
CA LEU M 210 -50.65 -31.83 -60.10
C LEU M 210 -51.70 -32.02 -59.01
N ASP M 211 -52.50 -33.09 -59.10
CA ASP M 211 -53.59 -33.28 -58.16
C ASP M 211 -53.12 -33.90 -56.85
N ARG M 212 -52.09 -34.73 -56.88
CA ARG M 212 -51.57 -35.35 -55.66
C ARG M 212 -50.54 -34.50 -54.95
N LEU M 213 -50.19 -33.33 -55.49
CA LEU M 213 -49.08 -32.55 -54.91
C LEU M 213 -49.51 -31.82 -53.64
N GLU M 214 -50.76 -31.38 -53.55
CA GLU M 214 -51.21 -30.63 -52.37
C GLU M 214 -51.13 -31.49 -51.11
N ASN M 215 -51.44 -32.78 -51.24
CA ASN M 215 -51.35 -33.68 -50.08
C ASN M 215 -49.91 -33.80 -49.59
N VAL M 216 -48.96 -33.86 -50.53
CA VAL M 216 -47.54 -33.94 -50.17
C VAL M 216 -47.12 -32.69 -49.41
N LEU M 217 -47.50 -31.52 -49.92
CA LEU M 217 -47.17 -30.27 -49.23
C LEU M 217 -47.74 -30.24 -47.82
N ALA M 218 -48.98 -30.72 -47.65
CA ALA M 218 -49.59 -30.72 -46.33
C ALA M 218 -48.81 -31.59 -45.35
N ILE M 219 -48.40 -32.79 -45.79
CA ILE M 219 -47.62 -33.67 -44.91
C ILE M 219 -46.25 -33.07 -44.63
N GLY M 220 -45.65 -32.44 -45.64
CA GLY M 220 -44.34 -31.83 -45.43
C GLY M 220 -44.38 -30.68 -44.45
N ILE M 221 -45.35 -29.77 -44.63
CA ILE M 221 -45.51 -28.66 -43.69
C ILE M 221 -45.72 -29.18 -42.27
N ALA M 222 -46.49 -30.25 -42.14
CA ALA M 222 -46.73 -30.85 -40.82
C ALA M 222 -45.44 -31.42 -40.24
N GLY M 223 -44.66 -32.13 -41.05
CA GLY M 223 -43.40 -32.67 -40.57
C GLY M 223 -42.40 -31.60 -40.20
N ALA M 224 -42.34 -30.52 -40.97
CA ALA M 224 -41.41 -29.44 -40.67
C ALA M 224 -41.72 -28.78 -39.33
N HIS M 225 -43.02 -28.56 -39.05
CA HIS M 225 -43.40 -27.98 -37.76
C HIS M 225 -42.94 -28.84 -36.59
N ARG M 226 -43.04 -30.17 -36.75
CA ARG M 226 -42.50 -31.07 -35.73
C ARG M 226 -40.98 -30.91 -35.61
N VAL M 227 -40.30 -30.78 -36.75
CA VAL M 227 -38.86 -30.52 -36.73
C VAL M 227 -38.56 -29.21 -36.04
N ARG M 228 -39.39 -28.18 -36.28
CA ARG M 228 -39.22 -26.91 -35.61
C ARG M 228 -39.32 -27.07 -34.10
N ASP M 229 -40.36 -27.77 -33.63
CA ASP M 229 -40.51 -28.01 -32.19
C ASP M 229 -39.34 -28.82 -31.65
N LEU M 230 -38.88 -29.82 -32.39
CA LEU M 230 -37.73 -30.60 -31.94
C LEU M 230 -36.49 -29.73 -31.79
N MET M 231 -36.28 -28.81 -32.74
CA MET M 231 -35.17 -27.88 -32.65
C MET M 231 -35.36 -26.90 -31.50
N ASP M 232 -36.54 -26.27 -31.44
CA ASP M 232 -36.84 -25.33 -30.36
C ASP M 232 -36.69 -26.00 -28.99
N GLU M 233 -37.26 -27.21 -28.85
CA GLU M 233 -37.14 -27.95 -27.60
C GLU M 233 -35.68 -28.14 -27.20
N GLU M 234 -34.86 -28.61 -28.14
CA GLU M 234 -33.45 -28.84 -27.84
C GLU M 234 -32.74 -27.55 -27.48
N LEU M 235 -33.14 -26.45 -28.11
CA LEU M 235 -32.48 -25.16 -27.84
C LEU M 235 -32.84 -24.64 -26.46
N ARG M 236 -34.12 -24.72 -26.09
CA ARG M 236 -34.53 -24.27 -24.75
C ARG M 236 -33.91 -25.14 -23.67
N LYS M 237 -33.79 -26.45 -23.93
CA LYS M 237 -33.11 -27.33 -23.00
C LYS M 237 -31.65 -26.90 -22.80
N HIS M 238 -30.95 -26.62 -23.91
CA HIS M 238 -29.57 -26.16 -23.82
C HIS M 238 -29.49 -24.81 -23.11
N ALA M 239 -30.42 -23.91 -23.41
CA ALA M 239 -30.39 -22.58 -22.80
C ALA M 239 -30.63 -22.63 -21.30
N GLN M 240 -31.56 -23.49 -20.86
CA GLN M 240 -31.86 -23.58 -19.43
C GLN M 240 -30.69 -24.18 -18.65
N LYS M 241 -29.96 -25.13 -19.26
CA LYS M 241 -28.78 -25.68 -18.60
C LYS M 241 -27.63 -24.68 -18.57
N ARG M 242 -27.57 -23.76 -19.55
CA ARG M 242 -26.49 -22.78 -19.59
C ARG M 242 -26.68 -21.70 -18.52
N VAL M 243 -27.90 -21.18 -18.39
CA VAL M 243 -28.17 -20.13 -17.41
C VAL M 243 -28.28 -20.65 -15.99
N SER M 244 -28.23 -21.97 -15.80
CA SER M 244 -28.31 -22.54 -14.45
C SER M 244 -26.93 -22.60 -13.82
N PRO N 19 18.75 8.88 -74.62
CA PRO N 19 19.22 7.83 -73.70
C PRO N 19 18.48 6.51 -73.89
N GLU N 20 18.76 5.54 -73.02
CA GLU N 20 18.06 4.25 -73.04
C GLU N 20 16.65 4.37 -72.51
N VAL N 21 16.32 5.48 -71.83
CA VAL N 21 14.98 5.71 -71.32
C VAL N 21 13.95 5.63 -72.45
N LEU N 22 14.31 6.11 -73.64
CA LEU N 22 13.38 6.18 -74.77
C LEU N 22 12.73 4.84 -75.08
N ALA N 23 13.41 3.73 -74.80
CA ALA N 23 12.80 2.42 -75.03
C ALA N 23 11.52 2.24 -74.22
N ARG N 24 11.52 2.70 -72.97
CA ARG N 24 10.33 2.62 -72.13
C ARG N 24 9.40 3.81 -72.34
N ILE N 25 9.98 5.01 -72.50
CA ILE N 25 9.18 6.22 -72.68
C ILE N 25 8.21 6.04 -73.85
N SER N 26 8.72 5.68 -75.02
CA SER N 26 7.86 5.47 -76.17
C SER N 26 8.49 4.46 -77.13
N PRO N 27 7.98 3.22 -77.17
CA PRO N 27 8.48 2.27 -78.17
C PRO N 27 8.18 2.72 -79.59
N GLU N 28 7.15 3.52 -79.80
CA GLU N 28 6.87 4.04 -81.13
C GLU N 28 7.97 5.02 -81.58
N LEU N 29 8.39 5.90 -80.66
CA LEU N 29 9.45 6.85 -80.99
C LEU N 29 10.81 6.16 -81.05
N SER N 30 11.05 5.20 -80.16
CA SER N 30 12.33 4.49 -80.15
C SER N 30 12.58 3.78 -81.47
N LEU N 31 11.52 3.24 -82.08
CA LEU N 31 11.68 2.59 -83.39
C LEU N 31 12.01 3.61 -84.47
N GLN N 32 11.28 4.73 -84.49
CA GLN N 32 11.48 5.73 -85.54
C GLN N 32 12.85 6.36 -85.47
N ARG N 33 13.40 6.52 -84.25
CA ARG N 33 14.75 7.04 -84.11
C ARG N 33 15.78 6.07 -84.70
N HIS N 34 15.58 4.77 -84.50
CA HIS N 34 16.47 3.78 -85.11
C HIS N 34 16.37 3.81 -86.63
N LEU N 35 15.15 3.89 -87.15
CA LEU N 35 14.95 3.86 -88.60
C LEU N 35 15.46 5.12 -89.28
N SER N 36 15.46 6.25 -88.58
CA SER N 36 16.04 7.46 -89.14
C SER N 36 17.55 7.33 -89.31
N LEU N 37 18.18 6.50 -88.47
CA LEU N 37 19.59 6.20 -88.58
C LEU N 37 19.89 5.08 -89.56
N GLY N 38 18.88 4.39 -90.07
CA GLY N 38 19.07 3.30 -91.00
C GLY N 38 19.22 1.93 -90.38
N ILE N 39 18.98 1.79 -89.08
CA ILE N 39 19.12 0.51 -88.40
C ILE N 39 17.81 0.15 -87.72
N ARG N 40 17.77 -1.02 -87.10
CA ARG N 40 16.61 -1.53 -86.39
C ARG N 40 16.91 -1.69 -84.90
N PRO N 41 15.89 -1.66 -84.05
CA PRO N 41 16.13 -1.85 -82.61
C PRO N 41 16.83 -3.15 -82.26
N CYS N 42 16.57 -4.22 -83.03
CA CYS N 42 17.23 -5.51 -82.86
C CYS N 42 18.64 -5.54 -83.44
N LEU N 43 19.16 -4.40 -83.91
CA LEU N 43 20.50 -4.22 -84.44
C LEU N 43 20.70 -4.94 -85.78
N ARG N 44 19.68 -5.58 -86.32
CA ARG N 44 19.77 -6.26 -87.60
C ARG N 44 19.43 -5.31 -88.74
N LYS N 45 19.79 -5.70 -89.95
CA LYS N 45 19.48 -4.90 -91.12
C LYS N 45 18.02 -5.11 -91.52
N TYR N 46 17.55 -4.25 -92.44
CA TYR N 46 16.13 -4.18 -92.75
C TYR N 46 15.57 -5.53 -93.20
N GLU N 47 16.30 -6.26 -94.04
CA GLU N 47 15.83 -7.53 -94.57
C GLU N 47 16.65 -8.70 -94.04
N GLU N 48 17.19 -8.57 -92.83
CA GLU N 48 18.00 -9.61 -92.21
C GLU N 48 17.15 -10.40 -91.22
N PHE N 49 17.28 -11.72 -91.25
CA PHE N 49 16.56 -12.61 -90.36
C PHE N 49 17.40 -12.97 -89.14
N ARG N 50 16.74 -13.46 -88.10
CA ARG N 50 17.46 -14.08 -86.99
C ARG N 50 18.01 -15.44 -87.41
N ASP N 51 19.17 -15.78 -86.87
CA ASP N 51 19.77 -17.07 -87.14
C ASP N 51 19.16 -18.14 -86.24
N VAL N 52 18.84 -19.29 -86.82
CA VAL N 52 18.20 -20.39 -86.11
C VAL N 52 19.16 -21.57 -86.01
N ALA N 53 19.08 -22.29 -84.90
CA ALA N 53 19.84 -23.52 -84.68
C ALA N 53 18.94 -24.53 -84.01
N ILE N 54 18.98 -25.78 -84.49
CA ILE N 54 18.01 -26.78 -84.05
C ILE N 54 18.71 -28.03 -83.55
N GLU N 55 18.08 -28.68 -82.57
CA GLU N 55 18.43 -30.02 -82.12
C GLU N 55 17.18 -30.88 -82.24
N ASN N 56 17.28 -31.97 -82.99
CA ASN N 56 16.13 -32.80 -83.30
C ASN N 56 16.16 -34.11 -82.52
N ASN N 57 14.97 -34.63 -82.21
CA ASN N 57 14.76 -35.94 -81.61
C ASN N 57 15.49 -36.10 -80.27
N THR N 58 15.81 -34.99 -79.61
CA THR N 58 16.58 -35.08 -78.37
C THR N 58 15.72 -35.62 -77.23
N LEU N 59 14.45 -35.23 -77.19
CA LEU N 59 13.55 -35.65 -76.12
C LEU N 59 12.76 -36.92 -76.45
N SER N 60 13.02 -37.54 -77.60
CA SER N 60 12.24 -38.68 -78.03
C SER N 60 12.70 -39.95 -77.32
N ARG N 61 11.77 -40.88 -77.12
CA ARG N 61 12.11 -42.20 -76.62
C ARG N 61 12.83 -43.05 -77.67
N TYR N 62 12.74 -42.67 -78.94
CA TYR N 62 13.44 -43.35 -80.03
C TYR N 62 14.72 -42.64 -80.44
N ALA N 63 15.34 -41.90 -79.52
CA ALA N 63 16.57 -41.19 -79.85
C ALA N 63 17.71 -42.17 -80.13
N ASP N 64 18.13 -42.93 -79.12
CA ASP N 64 19.10 -43.99 -79.31
C ASP N 64 18.41 -45.19 -79.94
N ALA N 65 18.84 -45.56 -81.16
CA ALA N 65 18.21 -46.67 -81.86
C ALA N 65 18.28 -47.96 -81.05
N GLY N 66 19.37 -48.16 -80.32
CA GLY N 66 19.49 -49.32 -79.47
C GLY N 66 18.80 -49.11 -78.14
N ASN N 67 19.42 -48.31 -77.26
CA ASN N 67 18.86 -48.05 -75.94
C ASN N 67 17.61 -47.19 -76.05
N ILE N 68 16.45 -47.81 -76.18
CA ILE N 68 15.19 -47.10 -76.26
C ILE N 68 14.71 -46.79 -74.85
N ASP N 69 14.47 -45.50 -74.58
CA ASP N 69 14.00 -45.07 -73.27
C ASP N 69 12.56 -45.57 -73.05
N THR N 70 12.38 -46.51 -72.12
CA THR N 70 11.06 -47.04 -71.85
C THR N 70 10.20 -46.07 -71.05
N LYS N 71 10.81 -45.14 -70.31
CA LYS N 71 10.04 -44.21 -69.49
C LYS N 71 9.44 -43.08 -70.32
N ASN N 72 10.17 -42.60 -71.32
CA ASN N 72 9.71 -41.47 -72.12
C ASN N 72 8.53 -41.87 -73.00
N ASN N 73 7.63 -40.92 -73.25
CA ASN N 73 6.47 -41.12 -74.09
C ASN N 73 6.47 -40.21 -75.30
N ILE N 74 7.56 -39.49 -75.55
CA ILE N 74 7.66 -38.52 -76.63
C ILE N 74 8.07 -39.24 -77.90
N LEU N 75 7.32 -39.03 -78.98
CA LEU N 75 7.62 -39.66 -80.26
C LEU N 75 8.55 -38.83 -81.13
N GLY N 76 8.64 -37.52 -80.86
CA GLY N 76 9.53 -36.66 -81.61
C GLY N 76 9.64 -35.32 -80.93
N SER N 77 10.77 -34.65 -81.17
CA SER N 77 11.06 -33.41 -80.47
C SER N 77 11.87 -32.50 -81.36
N ASN N 78 11.91 -31.22 -80.99
CA ASN N 78 12.77 -30.25 -81.65
C ASN N 78 13.03 -29.10 -80.70
N VAL N 79 14.30 -28.74 -80.53
CA VAL N 79 14.71 -27.56 -79.80
C VAL N 79 15.18 -26.53 -80.81
N LEU N 80 14.63 -25.33 -80.73
CA LEU N 80 14.92 -24.24 -81.67
C LEU N 80 15.37 -23.02 -80.88
N LYS N 81 16.45 -22.41 -81.34
CA LYS N 81 17.00 -21.22 -80.70
C LYS N 81 17.25 -20.20 -81.80
N SER N 82 16.44 -19.14 -81.80
CA SER N 82 16.52 -18.07 -82.80
C SER N 82 16.63 -16.74 -82.07
N GLY N 83 17.82 -16.14 -82.11
CA GLY N 83 18.05 -14.97 -81.29
C GLY N 83 18.14 -15.37 -79.83
N LYS N 84 17.52 -14.57 -78.98
CA LYS N 84 17.46 -14.87 -77.55
C LYS N 84 16.40 -15.90 -77.21
N THR N 85 15.42 -16.09 -78.10
CA THR N 85 14.28 -16.96 -77.82
C THR N 85 14.67 -18.43 -77.91
N ILE N 86 14.16 -19.24 -76.99
CA ILE N 86 14.34 -20.69 -76.98
C ILE N 86 12.97 -21.33 -77.13
N VAL N 87 12.85 -22.28 -78.07
CA VAL N 87 11.60 -22.98 -78.33
C VAL N 87 11.86 -24.48 -78.22
N ILE N 88 11.02 -25.18 -77.45
CA ILE N 88 11.13 -26.62 -77.26
C ILE N 88 9.78 -27.24 -77.56
N THR N 89 9.77 -28.25 -78.44
CA THR N 89 8.56 -28.93 -78.86
C THR N 89 8.70 -30.43 -78.60
N SER N 90 7.63 -31.03 -78.08
CA SER N 90 7.59 -32.47 -77.84
C SER N 90 6.27 -33.02 -78.33
N ILE N 91 6.33 -34.12 -79.09
CA ILE N 91 5.16 -34.73 -79.69
C ILE N 91 4.82 -35.98 -78.89
N THR N 92 3.61 -36.03 -78.33
CA THR N 92 3.08 -37.21 -77.67
C THR N 92 1.95 -37.79 -78.51
N GLY N 93 1.58 -39.03 -78.19
CA GLY N 93 0.67 -39.80 -79.01
C GLY N 93 -0.59 -40.20 -78.28
N GLY N 94 -1.50 -40.80 -79.04
CA GLY N 94 -2.75 -41.32 -78.54
C GLY N 94 -3.52 -42.00 -79.65
N ILE N 95 -4.38 -42.94 -79.30
CA ILE N 95 -5.13 -43.73 -80.27
C ILE N 95 -6.61 -43.60 -79.97
N ILE N 96 -7.41 -43.40 -81.02
CA ILE N 96 -8.85 -43.33 -80.94
C ILE N 96 -9.43 -44.43 -81.82
N GLU N 97 -10.58 -44.95 -81.40
CA GLU N 97 -11.27 -45.97 -82.18
C GLU N 97 -12.07 -45.31 -83.29
N GLU N 98 -11.87 -45.77 -84.52
CA GLU N 98 -12.55 -45.18 -85.66
C GLU N 98 -14.02 -45.55 -85.63
N THR N 99 -14.88 -44.54 -85.64
CA THR N 99 -16.33 -44.70 -85.56
C THR N 99 -16.94 -44.15 -86.85
N SER N 100 -17.14 -45.05 -87.81
CA SER N 100 -17.64 -44.75 -89.17
C SER N 100 -16.55 -44.13 -90.03
N GLU N 121 -8.42 -37.66 -102.98
CA GLU N 121 -7.85 -36.52 -103.69
C GLU N 121 -7.09 -35.60 -102.73
N ASP N 122 -6.77 -34.40 -103.19
CA ASP N 122 -6.11 -33.39 -102.36
C ASP N 122 -7.11 -32.58 -101.54
N ILE N 123 -8.37 -33.03 -101.46
CA ILE N 123 -9.41 -32.27 -100.80
C ILE N 123 -9.21 -32.30 -99.29
N ILE N 124 -9.68 -31.24 -98.63
CA ILE N 124 -9.36 -31.00 -97.23
C ILE N 124 -9.91 -32.10 -96.32
N ALA N 125 -10.96 -32.81 -96.76
CA ALA N 125 -11.65 -33.73 -95.88
C ALA N 125 -10.81 -34.97 -95.52
N ASN N 126 -9.82 -35.33 -96.34
CA ASN N 126 -9.01 -36.52 -96.09
C ASN N 126 -7.71 -36.22 -95.36
N TYR N 127 -7.59 -35.06 -94.73
CA TYR N 127 -6.36 -34.64 -94.07
C TYR N 127 -6.61 -34.36 -92.60
N ALA N 128 -5.61 -34.68 -91.78
CA ALA N 128 -5.67 -34.53 -90.34
C ALA N 128 -4.74 -33.37 -89.92
N SER N 129 -4.45 -33.30 -88.62
CA SER N 129 -3.59 -32.25 -88.05
C SER N 129 -3.08 -32.76 -86.70
N VAL N 130 -2.40 -31.89 -85.96
CA VAL N 130 -1.96 -32.19 -84.61
C VAL N 130 -2.57 -31.15 -83.68
N TYR N 131 -2.54 -31.45 -82.38
CA TYR N 131 -3.20 -30.63 -81.37
C TYR N 131 -2.16 -30.01 -80.44
N PRO N 132 -1.80 -28.75 -80.65
CA PRO N 132 -0.72 -28.15 -79.86
C PRO N 132 -1.19 -27.54 -78.55
N VAL N 133 -0.26 -27.48 -77.60
CA VAL N 133 -0.45 -26.83 -76.32
C VAL N 133 0.71 -25.86 -76.15
N VAL N 134 0.47 -24.58 -76.40
CA VAL N 134 1.53 -23.57 -76.41
C VAL N 134 1.60 -22.91 -75.05
N GLU N 135 2.80 -22.90 -74.46
CA GLU N 135 3.06 -22.23 -73.19
C GLU N 135 4.16 -21.20 -73.41
N VAL N 136 3.79 -19.91 -73.44
CA VAL N 136 4.74 -18.83 -73.60
C VAL N 136 5.11 -18.33 -72.21
N GLU N 137 6.25 -18.79 -71.70
CA GLU N 137 6.68 -18.46 -70.34
C GLU N 137 7.05 -16.98 -70.27
N ARG N 138 6.27 -16.19 -69.51
CA ARG N 138 6.57 -14.78 -69.32
C ARG N 138 6.64 -14.40 -67.83
N GLY N 139 6.84 -15.39 -66.95
CA GLY N 139 6.97 -15.16 -65.53
C GLY N 139 5.69 -15.16 -64.72
N ARG N 140 4.53 -15.19 -65.36
CA ARG N 140 3.27 -15.19 -64.63
C ARG N 140 2.67 -16.59 -64.58
N VAL N 141 1.71 -16.76 -63.69
CA VAL N 141 1.02 -18.04 -63.51
C VAL N 141 -0.48 -17.78 -63.49
N GLY N 142 -1.22 -18.60 -64.24
CA GLY N 142 -2.66 -18.47 -64.32
C GLY N 142 -3.20 -19.15 -65.56
N ALA N 143 -4.25 -18.58 -66.12
CA ALA N 143 -4.96 -19.20 -67.22
C ALA N 143 -4.19 -19.07 -68.53
N CYS N 144 -4.70 -19.74 -69.56
CA CYS N 144 -4.10 -19.65 -70.89
C CYS N 144 -4.34 -18.26 -71.47
N THR N 145 -3.26 -17.60 -71.89
CA THR N 145 -3.38 -16.28 -72.49
C THR N 145 -3.96 -16.38 -73.91
N ASP N 146 -4.46 -15.23 -74.39
CA ASP N 146 -4.97 -15.18 -75.75
C ASP N 146 -3.89 -15.49 -76.77
N GLU N 147 -2.64 -15.12 -76.49
CA GLU N 147 -1.53 -15.50 -77.37
C GLU N 147 -1.39 -17.00 -77.45
N GLU N 148 -1.32 -17.67 -76.30
CA GLU N 148 -1.13 -19.13 -76.28
C GLU N 148 -2.27 -19.84 -77.00
N MET N 149 -3.50 -19.37 -76.81
CA MET N 149 -4.65 -20.05 -77.42
C MET N 149 -4.67 -19.86 -78.93
N THR N 150 -4.45 -18.62 -79.39
CA THR N 150 -4.50 -18.36 -80.83
C THR N 150 -3.39 -19.07 -81.57
N ILE N 151 -2.18 -19.10 -81.01
CA ILE N 151 -1.08 -19.83 -81.64
C ILE N 151 -1.42 -21.30 -81.79
N SER N 152 -1.95 -21.91 -80.71
CA SER N 152 -2.32 -23.33 -80.76
C SER N 152 -3.32 -23.59 -81.89
N GLN N 153 -4.32 -22.72 -82.03
CA GLN N 153 -5.30 -22.89 -83.10
C GLN N 153 -4.69 -22.59 -84.47
N LYS N 154 -3.90 -21.53 -84.57
CA LYS N 154 -3.26 -21.20 -85.85
C LYS N 154 -2.37 -22.34 -86.33
N LEU N 155 -1.64 -22.97 -85.41
CA LEU N 155 -0.81 -24.12 -85.79
C LEU N 155 -1.67 -25.27 -86.30
N HIS N 156 -2.70 -25.64 -85.54
CA HIS N 156 -3.58 -26.73 -85.95
C HIS N 156 -4.23 -26.45 -87.29
N ASP N 157 -4.69 -25.21 -87.51
CA ASP N 157 -5.41 -24.89 -88.73
C ASP N 157 -4.50 -24.92 -89.94
N SER N 158 -3.22 -24.53 -89.79
CA SER N 158 -2.32 -24.47 -90.93
C SER N 158 -1.73 -25.83 -91.26
N ILE N 159 -1.55 -26.71 -90.27
CA ILE N 159 -1.14 -28.08 -90.57
C ILE N 159 -2.22 -28.80 -91.37
N LEU N 160 -3.49 -28.47 -91.12
CA LEU N 160 -4.58 -29.06 -91.88
C LEU N 160 -4.64 -28.47 -93.29
N HIS N 161 -4.65 -27.15 -93.40
CA HIS N 161 -4.89 -26.51 -94.68
C HIS N 161 -3.72 -26.67 -95.64
N SER N 162 -2.50 -26.82 -95.10
CA SER N 162 -1.34 -27.09 -95.95
C SER N 162 -1.23 -28.55 -96.38
N ARG N 163 -2.15 -29.41 -95.92
CA ARG N 163 -2.18 -30.81 -96.32
C ARG N 163 -0.89 -31.54 -95.95
N ILE N 164 -0.32 -31.18 -94.81
CA ILE N 164 0.93 -31.82 -94.36
C ILE N 164 0.66 -33.26 -93.93
N LEU N 165 -0.37 -33.46 -93.11
CA LEU N 165 -0.66 -34.75 -92.52
C LEU N 165 -1.93 -35.33 -93.11
N PRO N 166 -1.85 -36.34 -93.98
CA PRO N 166 -3.05 -36.99 -94.48
C PRO N 166 -3.60 -38.00 -93.48
N LYS N 167 -4.93 -38.15 -93.49
CA LYS N 167 -5.58 -39.08 -92.56
C LYS N 167 -5.07 -40.50 -92.75
N LYS N 168 -4.73 -40.87 -93.99
CA LYS N 168 -4.19 -42.21 -94.25
C LYS N 168 -2.89 -42.44 -93.50
N ALA N 169 -2.11 -41.38 -93.27
CA ALA N 169 -0.83 -41.52 -92.57
C ALA N 169 -1.00 -41.82 -91.09
N LEU N 170 -2.22 -41.73 -90.55
CA LEU N 170 -2.47 -41.96 -89.14
C LEU N 170 -3.29 -43.21 -88.86
N LYS N 171 -3.66 -43.98 -89.90
CA LYS N 171 -4.37 -45.22 -89.67
C LYS N 171 -3.45 -46.26 -89.05
N VAL N 172 -3.99 -46.98 -88.05
CA VAL N 172 -3.20 -47.92 -87.27
C VAL N 172 -3.16 -49.27 -87.99
N LYS N 173 -1.96 -49.70 -88.37
CA LYS N 173 -1.74 -51.06 -88.88
C LYS N 173 -1.46 -51.96 -87.68
N ALA N 174 -2.54 -52.41 -87.04
CA ALA N 174 -2.44 -53.14 -85.79
C ALA N 174 -2.15 -54.61 -86.02
N GLY N 175 -1.46 -55.23 -85.05
CA GLY N 175 -1.16 -56.65 -85.06
C GLY N 175 -1.96 -57.42 -84.03
N VAL N 176 -1.44 -58.59 -83.66
CA VAL N 176 -2.10 -59.46 -82.69
C VAL N 176 -1.04 -60.17 -81.86
N ARG N 177 -1.30 -60.30 -80.57
CA ARG N 177 -0.38 -60.96 -79.63
C ARG N 177 -1.00 -62.28 -79.20
N SER N 178 -0.29 -63.37 -79.42
CA SER N 178 -0.72 -64.70 -79.00
C SER N 178 0.38 -65.36 -78.18
N ALA N 179 -0.04 -66.26 -77.30
CA ALA N 179 0.89 -66.97 -76.42
C ALA N 179 1.45 -68.17 -77.17
N ASN N 180 2.67 -68.05 -77.67
CA ASN N 180 3.30 -69.13 -78.39
C ASN N 180 3.90 -70.15 -77.42
N GLU N 181 4.08 -71.37 -77.93
CA GLU N 181 4.60 -72.50 -77.15
C GLU N 181 3.75 -72.78 -75.92
N ASP N 182 3.96 -72.01 -74.85
CA ASP N 182 3.22 -72.19 -73.61
C ASP N 182 3.22 -70.91 -72.79
N GLY N 183 4.37 -70.25 -72.71
CA GLY N 183 4.53 -69.07 -71.89
C GLY N 183 4.72 -67.78 -72.65
N THR N 184 5.77 -67.72 -73.48
CA THR N 184 6.11 -66.50 -74.19
C THR N 184 5.00 -66.06 -75.12
N PHE N 185 4.71 -64.75 -75.12
CA PHE N 185 3.72 -64.15 -76.00
C PHE N 185 4.42 -63.50 -77.19
N SER N 186 3.96 -63.82 -78.40
CA SER N 186 4.55 -63.31 -79.62
C SER N 186 3.57 -62.35 -80.32
N VAL N 187 4.11 -61.26 -80.85
CA VAL N 187 3.34 -60.25 -81.58
C VAL N 187 3.62 -60.38 -83.07
N LEU N 188 2.57 -60.53 -83.87
CA LEU N 188 2.65 -60.64 -85.31
C LEU N 188 1.87 -59.50 -85.96
N TYR N 189 2.58 -58.66 -86.79
CA TYR N 189 1.99 -57.53 -87.52
C TYR N 189 1.78 -57.87 -89.00
N PRO N 190 0.77 -57.27 -89.62
CA PRO N 190 0.48 -57.57 -91.02
C PRO N 190 1.42 -56.86 -91.98
N ASP N 191 1.70 -57.54 -93.09
CA ASP N 191 2.61 -56.99 -94.11
C ASP N 191 1.93 -55.91 -94.92
N LYS N 206 -11.43 -56.49 -88.36
CA LYS N 206 -12.39 -56.19 -87.30
C LYS N 206 -12.43 -54.69 -87.04
N ARG N 207 -12.31 -54.32 -85.76
CA ARG N 207 -12.30 -52.92 -85.36
C ARG N 207 -11.12 -52.18 -85.95
N LYS N 208 -11.30 -50.86 -86.12
CA LYS N 208 -10.31 -50.00 -86.77
C LYS N 208 -9.96 -48.83 -85.85
N TRP N 209 -8.69 -48.45 -85.85
CA TRP N 209 -8.15 -47.38 -85.03
C TRP N 209 -7.51 -46.31 -85.90
N SER N 210 -7.11 -45.22 -85.24
CA SER N 210 -6.40 -44.12 -85.91
C SER N 210 -5.58 -43.38 -84.85
N TYR N 211 -4.35 -42.99 -85.21
CA TYR N 211 -3.49 -42.28 -84.28
C TYR N 211 -3.96 -40.84 -84.08
N VAL N 212 -3.62 -40.29 -82.90
CA VAL N 212 -3.87 -38.89 -82.58
C VAL N 212 -2.57 -38.31 -82.04
N LEU N 213 -2.14 -37.18 -82.60
CA LEU N 213 -0.87 -36.56 -82.24
C LEU N 213 -1.12 -35.31 -81.42
N TYR N 214 -0.36 -35.17 -80.33
CA TYR N 214 -0.40 -34.01 -79.46
C TYR N 214 0.98 -33.36 -79.42
N ALA N 215 1.02 -32.04 -79.32
CA ALA N 215 2.26 -31.27 -79.30
C ALA N 215 2.27 -30.34 -78.10
N LYS N 216 3.40 -30.31 -77.39
CA LYS N 216 3.62 -29.36 -76.31
C LYS N 216 4.78 -28.46 -76.71
N ILE N 217 4.52 -27.15 -76.80
CA ILE N 217 5.51 -26.18 -77.26
C ILE N 217 5.65 -25.11 -76.20
N VAL N 218 6.83 -25.06 -75.56
CA VAL N 218 7.14 -24.03 -74.56
C VAL N 218 8.08 -23.02 -75.19
N VAL N 219 7.96 -21.77 -74.76
CA VAL N 219 8.73 -20.65 -75.31
C VAL N 219 9.40 -19.92 -74.17
N LEU N 220 10.73 -19.84 -74.20
CA LEU N 220 11.50 -19.11 -73.21
C LEU N 220 12.12 -17.87 -73.83
N SER N 221 12.25 -16.83 -73.01
CA SER N 221 12.86 -15.56 -73.42
C SER N 221 12.14 -14.97 -74.64
N ARG N 222 10.82 -14.78 -74.48
CA ARG N 222 10.02 -14.21 -75.55
C ARG N 222 10.35 -12.73 -75.71
N THR N 223 10.81 -12.35 -76.90
CA THR N 223 11.18 -10.98 -77.20
C THR N 223 10.28 -10.31 -78.23
N GLY N 224 9.52 -11.08 -79.00
CA GLY N 224 8.62 -10.54 -79.99
C GLY N 224 7.56 -11.55 -80.40
N PRO N 225 6.93 -11.31 -81.54
CA PRO N 225 5.98 -12.29 -82.08
C PRO N 225 6.64 -13.66 -82.22
N VAL N 226 5.96 -14.69 -81.70
CA VAL N 226 6.57 -16.00 -81.49
C VAL N 226 5.88 -17.11 -82.27
N PHE N 227 4.81 -16.81 -83.01
CA PHE N 227 4.13 -17.85 -83.77
C PHE N 227 5.06 -18.53 -84.78
N ASP N 228 5.83 -17.74 -85.52
CA ASP N 228 6.69 -18.30 -86.54
C ASP N 228 7.73 -19.25 -85.96
N LEU N 229 8.24 -18.93 -84.76
CA LEU N 229 9.18 -19.83 -84.10
C LEU N 229 8.50 -21.14 -83.72
N CYS N 230 7.24 -21.07 -83.27
CA CYS N 230 6.54 -22.29 -82.88
C CYS N 230 6.24 -23.17 -84.09
N TRP N 231 5.76 -22.57 -85.18
CA TRP N 231 5.48 -23.35 -86.39
C TRP N 231 6.73 -24.00 -86.94
N ASN N 232 7.81 -23.23 -87.11
CA ASN N 232 9.04 -23.78 -87.67
C ASN N 232 9.60 -24.88 -86.78
N SER N 233 9.48 -24.72 -85.46
CA SER N 233 9.92 -25.76 -84.54
C SER N 233 9.04 -27.00 -84.66
N LEU N 234 7.72 -26.80 -84.83
CA LEU N 234 6.81 -27.93 -84.97
C LEU N 234 7.06 -28.68 -86.27
N MET N 235 7.45 -27.97 -87.33
CA MET N 235 7.78 -28.63 -88.60
C MET N 235 8.97 -29.55 -88.44
N TYR N 236 10.01 -29.10 -87.74
CA TYR N 236 11.16 -29.96 -87.49
C TYR N 236 10.78 -31.13 -86.59
N ALA N 237 9.93 -30.89 -85.59
CA ALA N 237 9.51 -31.96 -84.70
C ALA N 237 8.69 -33.02 -85.43
N LEU N 238 7.78 -32.58 -86.30
CA LEU N 238 6.93 -33.54 -87.03
C LEU N 238 7.74 -34.47 -87.92
N GLN N 239 8.89 -34.01 -88.40
CA GLN N 239 9.73 -34.85 -89.25
C GLN N 239 10.44 -35.95 -88.46
N SER N 240 10.60 -35.78 -87.15
CA SER N 240 11.26 -36.75 -86.30
C SER N 240 10.30 -37.71 -85.61
N VAL N 241 8.99 -37.62 -85.88
CA VAL N 241 8.02 -38.42 -85.15
C VAL N 241 8.09 -39.86 -85.63
N LYS N 242 8.11 -40.80 -84.68
CA LYS N 242 8.02 -42.22 -84.97
C LYS N 242 6.78 -42.77 -84.28
N LEU N 243 5.91 -43.42 -85.04
CA LEU N 243 4.66 -43.94 -84.50
C LEU N 243 4.85 -45.35 -83.96
N PRO N 244 4.51 -45.60 -82.70
CA PRO N 244 4.64 -46.97 -82.17
C PRO N 244 3.58 -47.89 -82.77
N ARG N 245 3.97 -49.15 -82.90
CA ARG N 245 3.05 -50.17 -83.40
C ARG N 245 2.09 -50.60 -82.31
N ALA N 246 0.90 -51.07 -82.72
CA ALA N 246 -0.16 -51.42 -81.80
C ALA N 246 -0.63 -52.84 -82.07
N PHE N 247 -1.22 -53.46 -81.05
CA PHE N 247 -1.67 -54.85 -81.15
C PHE N 247 -2.77 -55.09 -80.13
N ILE N 248 -3.38 -56.27 -80.24
CA ILE N 248 -4.39 -56.73 -79.29
C ILE N 248 -4.23 -58.24 -79.13
N ASP N 249 -4.82 -58.78 -78.07
CA ASP N 249 -4.75 -60.23 -77.84
C ASP N 249 -5.76 -60.97 -78.71
N LEU N 255 -17.09 -60.22 -73.00
CA LEU N 255 -17.30 -58.81 -73.30
C LEU N 255 -18.14 -58.18 -72.17
N ARG N 256 -18.14 -56.85 -72.11
CA ARG N 256 -18.92 -56.13 -71.10
C ARG N 256 -20.42 -56.43 -71.20
N MET N 257 -20.94 -56.65 -72.41
CA MET N 257 -22.38 -56.82 -72.57
C MET N 257 -22.88 -58.21 -72.20
N THR N 258 -22.00 -59.21 -72.19
CA THR N 258 -22.44 -60.57 -71.87
C THR N 258 -22.78 -60.69 -70.39
N ILE N 259 -23.80 -61.51 -70.11
CA ILE N 259 -24.26 -61.73 -68.74
C ILE N 259 -23.21 -62.49 -67.95
N ARG N 260 -23.03 -62.10 -66.69
CA ARG N 260 -22.01 -62.68 -65.83
C ARG N 260 -22.66 -63.17 -64.53
N THR N 261 -22.15 -64.29 -64.02
CA THR N 261 -22.57 -64.81 -62.73
C THR N 261 -21.91 -64.02 -61.60
N ARG N 262 -22.55 -64.04 -60.44
CA ARG N 262 -22.03 -63.30 -59.29
C ARG N 262 -21.09 -64.16 -58.45
N GLY N 263 -19.84 -63.69 -58.30
CA GLY N 263 -19.38 -62.48 -58.96
C GLY N 263 -18.12 -62.73 -59.76
N ARG N 264 -18.10 -62.25 -61.00
CA ARG N 264 -16.96 -62.50 -61.88
C ARG N 264 -15.77 -61.63 -61.49
N TYR N 272 -9.56 -56.96 -75.06
CA TYR N 272 -9.84 -55.69 -74.40
C TYR N 272 -9.38 -54.51 -75.26
N GLU N 273 -8.62 -53.62 -74.65
CA GLU N 273 -8.15 -52.41 -75.32
C GLU N 273 -6.84 -52.66 -76.06
N ILE N 274 -6.50 -51.73 -76.95
CA ILE N 274 -5.31 -51.85 -77.79
C ILE N 274 -4.09 -51.38 -77.00
N ILE N 275 -2.96 -52.02 -77.25
CA ILE N 275 -1.73 -51.76 -76.51
C ILE N 275 -0.60 -51.45 -77.49
N CYS N 276 0.28 -50.55 -77.07
CA CYS N 276 1.41 -50.11 -77.88
C CYS N 276 2.64 -50.97 -77.62
N ASP N 277 3.49 -51.07 -78.64
CA ASP N 277 4.74 -51.82 -78.52
C ASP N 277 5.80 -50.92 -77.88
N GLN N 278 6.52 -51.45 -76.90
CA GLN N 278 7.54 -50.71 -76.17
C GLN N 278 8.81 -50.47 -76.98
N THR N 279 8.92 -51.02 -78.19
CA THR N 279 10.15 -50.90 -78.96
C THR N 279 9.88 -50.59 -80.43
N LYS N 280 9.13 -51.46 -81.10
CA LYS N 280 8.91 -51.32 -82.54
C LYS N 280 8.20 -50.01 -82.86
N SER N 281 8.59 -49.41 -83.99
CA SER N 281 8.04 -48.12 -84.40
C SER N 281 8.12 -47.98 -85.90
N VAL N 282 7.21 -47.19 -86.46
CA VAL N 282 7.18 -46.92 -87.89
C VAL N 282 7.27 -45.41 -88.07
N PRO N 283 7.73 -44.93 -89.23
CA PRO N 283 7.85 -43.49 -89.44
C PRO N 283 6.54 -42.83 -89.81
N LEU N 284 6.34 -41.61 -89.32
CA LEU N 284 5.15 -40.83 -89.66
C LEU N 284 5.25 -40.32 -91.09
N MET N 285 4.30 -40.73 -91.93
CA MET N 285 4.38 -40.47 -93.38
C MET N 285 3.63 -39.18 -93.73
N ILE N 286 4.26 -38.06 -93.40
CA ILE N 286 3.74 -36.75 -93.79
C ILE N 286 4.16 -36.45 -95.22
N ASN N 287 3.33 -35.69 -95.93
CA ASN N 287 3.71 -35.23 -97.27
C ASN N 287 4.81 -34.20 -97.13
N ALA N 288 6.05 -34.63 -97.39
CA ALA N 288 7.20 -33.74 -97.21
C ALA N 288 7.13 -32.55 -98.17
N LYS N 289 6.51 -32.73 -99.34
CA LYS N 289 6.42 -31.64 -100.30
C LYS N 289 5.58 -30.48 -99.80
N ASN N 290 4.65 -30.74 -98.86
CA ASN N 290 3.74 -29.73 -98.36
C ASN N 290 4.24 -29.05 -97.09
N ILE N 291 5.39 -29.44 -96.57
CA ILE N 291 5.94 -28.79 -95.38
C ILE N 291 6.36 -27.37 -95.76
N ALA N 292 5.92 -26.40 -94.97
CA ALA N 292 6.23 -25.00 -95.19
C ALA N 292 7.02 -24.44 -94.02
N PHE N 293 7.51 -23.22 -94.18
CA PHE N 293 8.25 -22.53 -93.13
C PHE N 293 7.76 -21.10 -93.03
N ALA N 294 7.79 -20.57 -91.81
CA ALA N 294 7.14 -19.32 -91.47
C ALA N 294 8.11 -18.15 -91.50
N SER N 295 7.60 -16.99 -91.90
CA SER N 295 8.34 -15.74 -91.84
C SER N 295 7.32 -14.60 -91.74
N ASN N 296 7.65 -13.59 -90.96
CA ASN N 296 6.78 -12.44 -90.76
C ASN N 296 7.51 -11.15 -91.13
N TYR N 297 6.75 -10.15 -91.55
CA TYR N 297 7.33 -8.91 -92.03
C TYR N 297 6.49 -7.74 -91.54
N GLY N 298 7.09 -6.55 -91.55
CA GLY N 298 6.41 -5.35 -91.11
C GLY N 298 6.69 -4.16 -91.98
N ILE N 299 5.68 -3.33 -92.21
CA ILE N 299 5.80 -2.12 -93.03
C ILE N 299 5.72 -0.92 -92.11
N VAL N 300 6.81 -0.16 -92.02
CA VAL N 300 6.89 1.01 -91.15
C VAL N 300 6.94 2.25 -92.02
N GLU N 301 6.23 3.29 -91.60
CA GLU N 301 6.23 4.57 -92.29
C GLU N 301 7.19 5.51 -91.57
N LEU N 302 8.15 6.06 -92.31
CA LEU N 302 9.15 6.93 -91.70
C LEU N 302 8.49 8.27 -91.39
N ASP N 303 8.52 8.65 -90.11
CA ASP N 303 7.86 9.88 -89.71
C ASP N 303 8.68 11.09 -90.17
N PRO N 304 8.03 12.16 -90.61
CA PRO N 304 8.77 13.34 -91.09
C PRO N 304 9.46 14.11 -89.98
N GLU N 305 9.04 13.92 -88.73
CA GLU N 305 9.69 14.62 -87.62
C GLU N 305 11.05 14.05 -87.26
N CYS N 306 11.51 13.02 -87.96
CA CYS N 306 12.81 12.41 -87.69
C CYS N 306 13.93 13.28 -88.25
N LEU N 326 9.04 10.82 -97.32
CA LEU N 326 7.70 10.34 -97.00
C LEU N 326 7.57 8.86 -97.33
N ASN N 327 8.68 8.15 -97.22
CA ASN N 327 8.82 6.77 -97.63
C ASN N 327 8.46 5.79 -96.52
N THR N 328 8.33 4.52 -96.91
CA THR N 328 8.05 3.41 -96.01
C THR N 328 9.12 2.36 -96.24
N VAL N 329 9.28 1.47 -95.25
CA VAL N 329 10.30 0.43 -95.34
C VAL N 329 9.68 -0.92 -95.01
N LEU N 330 10.30 -1.97 -95.50
CA LEU N 330 9.88 -3.35 -95.23
C LEU N 330 10.89 -3.99 -94.29
N ILE N 331 10.39 -4.52 -93.18
CA ILE N 331 11.21 -5.10 -92.13
C ILE N 331 10.97 -6.60 -92.07
N ALA N 332 12.03 -7.38 -91.93
CA ALA N 332 11.95 -8.84 -91.92
C ALA N 332 12.16 -9.35 -90.50
N ASP N 333 11.28 -10.26 -90.07
CA ASP N 333 11.35 -10.92 -88.77
C ASP N 333 11.35 -9.91 -87.63
N LEU N 334 10.15 -9.54 -87.16
CA LEU N 334 10.02 -8.51 -86.14
C LEU N 334 10.40 -9.04 -84.77
N ASP N 335 11.13 -8.23 -84.01
CA ASP N 335 11.55 -8.59 -82.66
C ASP N 335 11.63 -7.33 -81.81
N THR N 336 11.79 -7.53 -80.49
CA THR N 336 11.90 -6.46 -79.49
C THR N 336 10.59 -5.69 -79.32
N GLU N 337 10.43 -5.08 -78.14
CA GLU N 337 9.20 -4.35 -77.84
C GLU N 337 8.97 -3.20 -78.83
N ALA N 338 10.04 -2.52 -79.24
CA ALA N 338 9.91 -1.35 -80.11
C ALA N 338 9.22 -1.71 -81.42
N GLU N 339 9.61 -2.82 -82.03
CA GLU N 339 9.04 -3.21 -83.31
C GLU N 339 7.63 -3.77 -83.13
N GLU N 340 7.44 -4.64 -82.14
CA GLU N 340 6.15 -5.31 -81.97
C GLU N 340 5.06 -4.34 -81.58
N THR N 341 5.36 -3.37 -80.71
CA THR N 341 4.34 -2.48 -80.19
C THR N 341 3.88 -1.47 -81.24
N SER N 342 4.81 -1.00 -82.08
CA SER N 342 4.56 0.16 -82.94
C SER N 342 4.21 -0.19 -84.38
N ILE N 343 4.55 -1.38 -84.86
CA ILE N 343 4.31 -1.76 -86.24
C ILE N 343 2.97 -2.47 -86.34
N HIS N 344 2.01 -1.85 -87.03
CA HIS N 344 0.66 -2.38 -87.14
C HIS N 344 0.30 -2.79 -88.56
N SER N 345 1.26 -2.83 -89.48
CA SER N 345 1.06 -3.37 -90.82
C SER N 345 2.00 -4.57 -90.97
N THR N 346 1.44 -5.77 -90.87
CA THR N 346 2.21 -7.01 -90.83
C THR N 346 1.83 -7.91 -91.99
N ILE N 347 2.77 -8.78 -92.36
CA ILE N 347 2.57 -9.81 -93.38
C ILE N 347 3.15 -11.11 -92.84
N SER N 348 2.32 -12.14 -92.73
CA SER N 348 2.74 -13.45 -92.26
C SER N 348 2.60 -14.46 -93.40
N ILE N 349 3.65 -15.24 -93.64
CA ILE N 349 3.71 -16.14 -94.78
C ILE N 349 4.16 -17.53 -94.33
N LEU N 350 3.50 -18.55 -94.86
CA LEU N 350 3.98 -19.93 -94.84
C LEU N 350 4.33 -20.33 -96.26
N ALA N 351 5.62 -20.60 -96.50
CA ALA N 351 6.12 -20.93 -97.83
C ALA N 351 6.80 -22.28 -97.82
N ALA N 352 6.48 -23.11 -98.82
CA ALA N 352 7.06 -24.43 -98.96
C ALA N 352 8.29 -24.36 -99.86
N PRO N 353 9.41 -24.99 -99.46
CA PRO N 353 10.60 -24.99 -100.34
C PRO N 353 10.34 -25.62 -101.69
N SER N 354 9.25 -26.39 -101.85
CA SER N 354 8.95 -26.93 -103.17
C SER N 354 8.57 -25.82 -104.14
N GLY N 355 7.94 -24.76 -103.65
CA GLY N 355 7.61 -23.65 -104.51
C GLY N 355 6.39 -22.81 -104.15
N ASN N 356 5.30 -23.41 -103.68
CA ASN N 356 4.09 -22.64 -103.48
C ASN N 356 3.92 -22.22 -102.03
N TYR N 357 3.04 -21.25 -101.83
CA TYR N 357 2.72 -20.71 -100.52
C TYR N 357 1.55 -21.47 -99.89
N LYS N 358 1.65 -21.69 -98.57
CA LYS N 358 0.61 -22.39 -97.84
C LYS N 358 -0.25 -21.47 -97.00
N GLN N 359 0.22 -20.26 -96.70
CA GLN N 359 -0.55 -19.33 -95.89
C GLN N 359 -0.03 -17.92 -96.10
N LEU N 360 -0.95 -16.95 -96.13
CA LEU N 360 -0.60 -15.54 -96.22
C LEU N 360 -1.57 -14.74 -95.37
N THR N 361 -1.03 -13.94 -94.45
CA THR N 361 -1.84 -13.13 -93.54
C THR N 361 -1.41 -11.68 -93.67
N LEU N 362 -2.32 -10.83 -94.14
CA LEU N 362 -2.09 -9.40 -94.28
C LEU N 362 -2.95 -8.65 -93.28
N MET N 363 -2.35 -7.73 -92.53
CA MET N 363 -3.07 -6.88 -91.59
C MET N 363 -2.60 -5.45 -91.77
N GLY N 364 -3.43 -4.62 -92.36
CA GLY N 364 -3.05 -3.26 -92.69
C GLY N 364 -3.52 -2.23 -91.67
N GLY N 365 -3.16 -2.43 -90.40
CA GLY N 365 -3.50 -1.44 -89.39
C GLY N 365 -2.67 -0.18 -89.50
N GLY N 366 -1.40 -0.32 -89.89
CA GLY N 366 -0.52 0.82 -90.01
C GLY N 366 -0.43 1.37 -91.43
N ALA N 367 0.78 1.39 -91.98
CA ALA N 367 1.00 1.94 -93.31
C ALA N 367 0.24 1.14 -94.37
N LYS N 368 -0.01 1.79 -95.50
CA LYS N 368 -0.70 1.16 -96.61
C LYS N 368 0.12 0.01 -97.18
N ILE N 369 -0.48 -1.18 -97.22
CA ILE N 369 0.17 -2.38 -97.75
C ILE N 369 0.02 -2.36 -99.27
N THR N 370 1.07 -1.94 -99.98
CA THR N 370 1.12 -1.88 -101.43
C THR N 370 1.54 -3.22 -102.02
N PRO N 371 1.17 -3.48 -103.28
CA PRO N 371 1.61 -4.75 -103.91
C PRO N 371 3.12 -4.92 -103.98
N GLU N 372 3.89 -3.83 -103.94
CA GLU N 372 5.34 -3.94 -104.01
C GLU N 372 5.90 -4.55 -102.73
N MET N 373 5.34 -4.18 -101.57
CA MET N 373 5.74 -4.82 -100.33
C MET N 373 5.28 -6.28 -100.30
N ILE N 374 4.07 -6.54 -100.78
CA ILE N 374 3.56 -7.90 -100.87
C ILE N 374 4.49 -8.75 -101.74
N LYS N 375 4.82 -8.25 -102.93
CA LYS N 375 5.71 -8.99 -103.82
C LYS N 375 7.08 -9.20 -103.20
N ARG N 376 7.57 -8.23 -102.42
CA ARG N 376 8.86 -8.39 -101.76
C ARG N 376 8.77 -9.34 -100.58
N SER N 377 7.66 -9.30 -99.83
CA SER N 377 7.49 -10.23 -98.73
C SER N 377 7.42 -11.67 -99.23
N LEU N 378 6.69 -11.90 -100.33
CA LEU N 378 6.66 -13.24 -100.94
C LEU N 378 8.04 -13.66 -101.42
N LEU N 379 8.83 -12.72 -101.95
CA LEU N 379 10.14 -13.04 -102.48
C LEU N 379 11.11 -13.43 -101.36
N LEU N 380 11.10 -12.70 -100.25
CA LEU N 380 12.00 -13.03 -99.14
C LEU N 380 11.56 -14.31 -98.43
N SER N 381 10.26 -14.60 -98.41
CA SER N 381 9.78 -15.80 -97.74
C SER N 381 10.25 -17.07 -98.45
N ARG N 382 10.39 -17.02 -99.78
CA ARG N 382 10.89 -18.18 -100.51
C ARG N 382 12.34 -18.48 -100.12
N VAL N 383 13.19 -17.45 -100.10
CA VAL N 383 14.59 -17.67 -99.78
C VAL N 383 14.76 -18.00 -98.29
N ARG N 384 13.81 -17.61 -97.44
CA ARG N 384 13.85 -18.01 -96.04
C ARG N 384 13.46 -19.48 -95.88
N ALA N 385 12.41 -19.90 -96.60
CA ALA N 385 12.02 -21.31 -96.56
C ALA N 385 13.09 -22.21 -97.15
N ASP N 386 13.69 -21.79 -98.26
CA ASP N 386 14.80 -22.55 -98.85
C ASP N 386 15.95 -22.70 -97.86
N ASP N 387 16.22 -21.65 -97.07
CA ASP N 387 17.34 -21.69 -96.14
C ASP N 387 17.07 -22.65 -94.99
N LEU N 388 15.83 -22.67 -94.47
CA LEU N 388 15.56 -23.43 -93.25
C LEU N 388 15.56 -24.93 -93.49
N SER N 389 15.00 -25.38 -94.62
CA SER N 389 14.95 -26.82 -94.88
C SER N 389 16.32 -27.38 -95.23
N THR N 390 17.11 -26.63 -96.00
CA THR N 390 18.42 -27.11 -96.43
C THR N 390 19.45 -27.05 -95.32
N ARG N 391 19.44 -25.98 -94.51
CA ARG N 391 20.50 -25.75 -93.53
C ARG N 391 20.70 -26.94 -92.60
N PHE N 392 19.65 -27.71 -92.34
CA PHE N 392 19.69 -28.82 -91.40
C PHE N 392 19.27 -30.07 -92.17
N ASN N 393 20.26 -30.81 -92.66
CA ASN N 393 20.13 -32.02 -93.49
C ASN N 393 18.72 -32.64 -93.55
N SER O 5 -25.38 -11.82 -103.85
CA SER O 5 -26.53 -11.16 -103.25
C SER O 5 -26.57 -11.35 -101.75
N VAL O 6 -26.54 -10.25 -101.01
CA VAL O 6 -26.53 -10.29 -99.55
C VAL O 6 -27.72 -9.49 -99.04
N GLN O 7 -28.22 -9.89 -97.88
CA GLN O 7 -29.33 -9.23 -97.21
C GLN O 7 -28.95 -8.93 -95.77
N ALA O 8 -29.37 -7.78 -95.26
CA ALA O 8 -28.97 -7.34 -93.93
C ALA O 8 -30.03 -6.44 -93.33
N GLU O 9 -30.01 -6.37 -91.99
CA GLU O 9 -30.89 -5.51 -91.23
C GLU O 9 -30.09 -4.74 -90.19
N ILE O 10 -30.72 -3.72 -89.60
CA ILE O 10 -30.07 -2.82 -88.66
C ILE O 10 -31.04 -2.48 -87.54
N GLY O 11 -30.52 -2.40 -86.31
CA GLY O 11 -31.32 -2.02 -85.16
C GLY O 11 -32.37 -3.04 -84.77
N ILE O 12 -31.92 -4.26 -84.47
CA ILE O 12 -32.82 -5.38 -84.17
C ILE O 12 -32.88 -5.73 -82.69
N LEU O 13 -31.85 -5.42 -81.91
CA LEU O 13 -31.84 -5.69 -80.48
C LEU O 13 -32.17 -4.42 -79.70
N ASP O 14 -32.81 -4.60 -78.55
CA ASP O 14 -33.32 -3.48 -77.76
C ASP O 14 -32.42 -3.07 -76.61
N HIS O 15 -31.55 -3.96 -76.13
CA HIS O 15 -30.72 -3.69 -74.96
C HIS O 15 -29.25 -3.55 -75.30
N VAL O 16 -28.94 -3.11 -76.52
CA VAL O 16 -27.58 -2.76 -76.90
C VAL O 16 -27.64 -1.47 -77.72
N ASP O 17 -26.48 -0.80 -77.81
CA ASP O 17 -26.42 0.47 -78.52
C ASP O 17 -26.51 0.29 -80.03
N GLY O 18 -26.09 -0.86 -80.54
CA GLY O 18 -26.16 -1.13 -81.98
C GLY O 18 -26.29 -2.61 -82.23
N SER O 19 -27.02 -2.96 -83.30
CA SER O 19 -27.25 -4.35 -83.64
C SER O 19 -27.39 -4.49 -85.15
N SER O 20 -27.04 -5.68 -85.65
CA SER O 20 -27.14 -5.95 -87.07
C SER O 20 -27.25 -7.45 -87.30
N GLU O 21 -27.89 -7.82 -88.41
CA GLU O 21 -27.97 -9.20 -88.86
C GLU O 21 -27.55 -9.25 -90.32
N PHE O 22 -26.61 -10.14 -90.65
CA PHE O 22 -26.06 -10.22 -91.99
C PHE O 22 -26.16 -11.65 -92.48
N VAL O 23 -26.68 -11.82 -93.69
CA VAL O 23 -26.90 -13.14 -94.29
C VAL O 23 -26.23 -13.18 -95.65
N SER O 24 -25.17 -13.95 -95.77
CA SER O 24 -24.50 -14.23 -97.05
C SER O 24 -24.72 -15.69 -97.38
N GLN O 25 -25.52 -15.95 -98.42
CA GLN O 25 -25.93 -17.31 -98.79
C GLN O 25 -26.59 -18.01 -97.62
N ASP O 26 -25.91 -18.99 -97.03
CA ASP O 26 -26.41 -19.72 -95.87
C ASP O 26 -25.77 -19.28 -94.56
N THR O 27 -24.67 -18.53 -94.63
CA THR O 27 -24.06 -18.01 -93.41
C THR O 27 -24.89 -16.86 -92.85
N LYS O 28 -25.05 -16.84 -91.54
CA LYS O 28 -25.89 -15.86 -90.86
C LYS O 28 -25.28 -15.50 -89.53
N VAL O 29 -24.99 -14.21 -89.32
CA VAL O 29 -24.40 -13.71 -88.09
C VAL O 29 -25.20 -12.51 -87.60
N ILE O 30 -25.49 -12.50 -86.30
CA ILE O 30 -26.06 -11.34 -85.61
C ILE O 30 -25.00 -10.76 -84.69
N CYS O 31 -24.94 -9.42 -84.63
CA CYS O 31 -23.87 -8.75 -83.91
C CYS O 31 -24.42 -7.61 -83.07
N SER O 32 -23.88 -7.47 -81.86
CA SER O 32 -24.26 -6.43 -80.93
C SER O 32 -23.06 -5.54 -80.61
N VAL O 33 -23.31 -4.25 -80.41
CA VAL O 33 -22.27 -3.28 -80.07
C VAL O 33 -22.78 -2.40 -78.93
N THR O 34 -21.96 -2.25 -77.89
CA THR O 34 -22.27 -1.41 -76.74
C THR O 34 -21.04 -0.56 -76.43
N GLY O 35 -21.13 0.74 -76.69
CA GLY O 35 -20.02 1.66 -76.43
C GLY O 35 -20.29 3.07 -76.88
N PRO O 36 -19.58 4.05 -76.28
CA PRO O 36 -18.56 3.83 -75.25
C PRO O 36 -19.15 3.73 -73.84
N ILE O 37 -18.71 2.73 -73.08
CA ILE O 37 -19.14 2.51 -71.71
C ILE O 37 -17.92 2.41 -70.81
N GLU O 38 -18.16 2.51 -69.51
CA GLU O 38 -17.08 2.43 -68.54
C GLU O 38 -16.40 1.07 -68.61
N PRO O 39 -15.10 1.01 -68.87
CA PRO O 39 -14.42 -0.29 -68.95
C PRO O 39 -14.04 -0.81 -67.58
N LYS O 40 -13.70 -2.10 -67.56
CA LYS O 40 -13.12 -2.70 -66.36
C LYS O 40 -11.73 -2.12 -66.11
N ALA O 41 -11.22 -2.34 -64.91
CA ALA O 41 -9.89 -1.85 -64.56
C ALA O 41 -8.81 -2.51 -65.42
N ARG O 42 -8.93 -3.83 -65.65
CA ARG O 42 -7.94 -4.54 -66.46
C ARG O 42 -7.98 -4.09 -67.92
N GLN O 43 -9.13 -3.65 -68.41
CA GLN O 43 -9.31 -3.30 -69.81
C GLN O 43 -8.92 -1.87 -70.13
N GLU O 44 -8.75 -1.02 -69.12
CA GLU O 44 -8.62 0.41 -69.32
C GLU O 44 -7.41 0.77 -70.18
N LEU O 45 -7.62 1.67 -71.13
CA LEU O 45 -6.55 2.25 -71.94
C LEU O 45 -6.60 3.76 -71.75
N PRO O 46 -5.53 4.39 -71.28
CA PRO O 46 -5.59 5.84 -71.03
C PRO O 46 -5.78 6.67 -72.29
N THR O 47 -5.10 6.32 -73.38
CA THR O 47 -5.06 7.19 -74.55
C THR O 47 -6.30 7.05 -75.43
N GLN O 48 -6.81 5.83 -75.62
CA GLN O 48 -7.84 5.60 -76.61
C GLN O 48 -8.85 4.57 -76.10
N LEU O 49 -9.71 4.13 -77.01
CA LEU O 49 -10.78 3.19 -76.67
C LEU O 49 -10.28 1.76 -76.64
N ALA O 50 -10.80 0.98 -75.71
CA ALA O 50 -10.52 -0.45 -75.62
C ALA O 50 -11.66 -1.24 -76.22
N LEU O 51 -11.34 -2.39 -76.82
CA LEU O 51 -12.31 -3.22 -77.51
C LEU O 51 -12.40 -4.58 -76.83
N GLU O 52 -13.63 -4.99 -76.51
CA GLU O 52 -13.91 -6.34 -76.02
C GLU O 52 -14.69 -7.05 -77.13
N ILE O 53 -14.00 -7.93 -77.87
CA ILE O 53 -14.57 -8.61 -79.02
C ILE O 53 -14.80 -10.07 -78.67
N ILE O 54 -16.03 -10.53 -78.87
CA ILE O 54 -16.46 -11.88 -78.53
C ILE O 54 -17.16 -12.50 -79.72
N VAL O 55 -16.82 -13.74 -80.05
CA VAL O 55 -17.44 -14.49 -81.14
C VAL O 55 -17.94 -15.81 -80.60
N ARG O 56 -19.21 -16.12 -80.82
CA ARG O 56 -19.85 -17.33 -80.35
C ARG O 56 -20.14 -18.27 -81.51
N PRO O 57 -19.89 -19.57 -81.34
CA PRO O 57 -20.12 -20.52 -82.44
C PRO O 57 -21.60 -20.82 -82.62
N ALA O 58 -21.92 -21.35 -83.79
CA ALA O 58 -23.31 -21.72 -84.09
C ALA O 58 -23.75 -22.93 -83.29
N LYS O 59 -22.81 -23.82 -82.96
CA LYS O 59 -23.08 -25.02 -82.19
C LYS O 59 -22.02 -25.18 -81.12
N GLY O 60 -22.40 -25.86 -80.03
CA GLY O 60 -21.47 -26.11 -78.96
C GLY O 60 -21.07 -24.84 -78.21
N VAL O 61 -20.08 -25.00 -77.33
CA VAL O 61 -19.55 -23.90 -76.55
C VAL O 61 -18.41 -23.24 -77.31
N ALA O 62 -17.93 -22.12 -76.80
CA ALA O 62 -16.86 -21.38 -77.46
C ALA O 62 -15.52 -22.11 -77.26
N THR O 63 -14.79 -22.30 -78.36
CA THR O 63 -13.46 -22.92 -78.34
C THR O 63 -12.43 -21.92 -78.84
N THR O 64 -11.18 -22.38 -78.91
CA THR O 64 -10.11 -21.53 -79.42
C THR O 64 -10.31 -21.18 -80.88
N ARG O 65 -11.10 -21.97 -81.62
CA ARG O 65 -11.44 -21.64 -82.99
C ARG O 65 -12.04 -20.25 -83.10
N GLU O 66 -12.92 -19.89 -82.16
CA GLU O 66 -13.48 -18.55 -82.13
C GLU O 66 -12.51 -17.53 -81.56
N LYS O 67 -11.59 -17.96 -80.70
CA LYS O 67 -10.58 -17.03 -80.18
C LYS O 67 -9.71 -16.48 -81.31
N VAL O 68 -9.45 -17.29 -82.34
CA VAL O 68 -8.72 -16.78 -83.50
C VAL O 68 -9.62 -15.88 -84.33
N LEU O 69 -10.89 -16.26 -84.48
CA LEU O 69 -11.84 -15.40 -85.18
C LEU O 69 -11.98 -14.05 -84.48
N GLU O 70 -11.93 -14.05 -83.14
CA GLU O 70 -11.93 -12.79 -82.41
C GLU O 70 -10.68 -12.00 -82.70
N ASP O 71 -9.53 -12.67 -82.80
CA ASP O 71 -8.27 -11.99 -83.06
C ASP O 71 -8.27 -11.38 -84.46
N LYS O 72 -8.71 -12.13 -85.46
CA LYS O 72 -8.79 -11.59 -86.82
C LYS O 72 -9.83 -10.48 -86.90
N LEU O 73 -10.96 -10.64 -86.20
CA LEU O 73 -11.97 -9.59 -86.19
C LEU O 73 -11.44 -8.33 -85.54
N ARG O 74 -10.65 -8.47 -84.48
CA ARG O 74 -10.01 -7.31 -83.87
C ARG O 74 -9.06 -6.63 -84.85
N ALA O 75 -8.35 -7.41 -85.67
CA ALA O 75 -7.41 -6.81 -86.63
C ALA O 75 -8.13 -5.95 -87.65
N VAL O 76 -9.38 -6.28 -87.97
CA VAL O 76 -10.14 -5.48 -88.93
C VAL O 76 -10.79 -4.28 -88.24
N LEU O 77 -11.37 -4.48 -87.05
CA LEU O 77 -12.17 -3.44 -86.42
C LEU O 77 -11.31 -2.36 -85.78
N THR O 78 -10.18 -2.75 -85.16
CA THR O 78 -9.37 -1.76 -84.44
C THR O 78 -8.95 -0.57 -85.29
N PRO O 79 -8.43 -0.74 -86.52
CA PRO O 79 -8.11 0.44 -87.33
C PRO O 79 -9.32 1.12 -87.95
N LEU O 80 -10.51 0.54 -87.84
CA LEU O 80 -11.71 1.16 -88.39
C LEU O 80 -12.36 2.15 -87.42
N ILE O 81 -12.13 2.00 -86.13
CA ILE O 81 -12.76 2.83 -85.10
C ILE O 81 -11.80 3.96 -84.73
N THR O 82 -12.33 5.18 -84.63
CA THR O 82 -11.56 6.35 -84.20
C THR O 82 -11.38 6.28 -82.68
N ARG O 83 -10.52 5.36 -82.27
CA ARG O 83 -10.45 4.98 -80.86
C ARG O 83 -10.04 6.16 -79.97
N HIS O 84 -9.24 7.09 -80.50
CA HIS O 84 -8.77 8.18 -79.64
C HIS O 84 -9.85 9.20 -79.31
N CYS O 85 -11.03 9.10 -79.93
CA CYS O 85 -12.13 9.97 -79.55
C CYS O 85 -12.74 9.57 -78.21
N TYR O 86 -12.58 8.31 -77.80
CA TYR O 86 -13.17 7.78 -76.56
C TYR O 86 -12.06 7.27 -75.65
N PRO O 87 -11.27 8.16 -75.06
CA PRO O 87 -10.22 7.71 -74.14
C PRO O 87 -10.81 7.14 -72.87
N ARG O 88 -10.23 6.04 -72.39
CA ARG O 88 -10.62 5.41 -71.13
C ARG O 88 -12.04 4.85 -71.20
N GLN O 89 -12.38 4.24 -72.34
CA GLN O 89 -13.72 3.69 -72.57
C GLN O 89 -13.62 2.28 -73.15
N LEU O 90 -14.77 1.63 -73.26
CA LEU O 90 -14.87 0.26 -73.73
C LEU O 90 -15.94 0.15 -74.81
N CYS O 91 -15.75 -0.80 -75.72
CA CYS O 91 -16.72 -1.11 -76.76
C CYS O 91 -16.89 -2.63 -76.82
N GLN O 92 -18.13 -3.10 -76.67
CA GLN O 92 -18.45 -4.53 -76.65
C GLN O 92 -19.00 -4.93 -78.01
N ILE O 93 -18.14 -5.51 -78.83
CA ILE O 93 -18.56 -6.08 -80.12
C ILE O 93 -18.72 -7.58 -79.93
N THR O 94 -19.96 -8.06 -79.97
CA THR O 94 -20.28 -9.45 -79.74
C THR O 94 -20.94 -10.03 -80.98
N CYS O 95 -20.37 -11.12 -81.50
CA CYS O 95 -20.88 -11.79 -82.69
C CYS O 95 -21.43 -13.16 -82.30
N GLN O 96 -22.69 -13.42 -82.67
CA GLN O 96 -23.33 -14.71 -82.45
C GLN O 96 -23.60 -15.34 -83.81
N ILE O 97 -22.84 -16.38 -84.15
CA ILE O 97 -23.07 -17.10 -85.40
C ILE O 97 -24.31 -17.97 -85.26
N LEU O 98 -25.27 -17.78 -86.16
CA LEU O 98 -26.53 -18.52 -86.14
C LEU O 98 -26.50 -19.73 -87.06
N GLU O 99 -26.10 -19.53 -88.31
CA GLU O 99 -25.92 -20.62 -89.26
C GLU O 99 -24.55 -20.46 -89.91
N SER O 100 -23.74 -21.53 -89.84
CA SER O 100 -22.34 -21.41 -90.25
C SER O 100 -22.19 -21.27 -91.76
N GLY O 101 -23.04 -21.93 -92.53
CA GLY O 101 -22.91 -21.89 -93.97
C GLY O 101 -21.69 -22.58 -94.52
N GLU O 102 -20.98 -23.35 -93.71
CA GLU O 102 -19.79 -24.07 -94.14
C GLU O 102 -19.53 -25.19 -93.15
N ASP O 103 -18.73 -26.17 -93.58
CA ASP O 103 -18.37 -27.29 -92.71
C ASP O 103 -17.40 -26.77 -91.65
N GLU O 104 -17.92 -26.51 -90.44
CA GLU O 104 -17.11 -25.95 -89.37
C GLU O 104 -15.90 -26.81 -89.04
N ALA O 105 -15.95 -28.11 -89.36
CA ALA O 105 -14.81 -28.97 -89.10
C ALA O 105 -13.58 -28.53 -89.86
N GLU O 106 -13.77 -28.07 -91.11
CA GLU O 106 -12.67 -27.67 -91.97
C GLU O 106 -12.58 -26.17 -92.21
N PHE O 107 -13.69 -25.44 -92.20
CA PHE O 107 -13.69 -24.05 -92.67
C PHE O 107 -14.31 -23.12 -91.64
N SER O 108 -13.85 -21.87 -91.65
CA SER O 108 -14.39 -20.81 -90.82
C SER O 108 -14.38 -19.45 -91.54
N LEU O 109 -13.98 -19.41 -92.81
CA LEU O 109 -13.78 -18.14 -93.51
C LEU O 109 -15.11 -17.47 -93.83
N ARG O 110 -16.15 -18.24 -94.16
CA ARG O 110 -17.45 -17.63 -94.43
C ARG O 110 -17.98 -16.94 -93.19
N GLU O 111 -17.78 -17.54 -92.02
CA GLU O 111 -18.20 -16.92 -90.77
C GLU O 111 -17.36 -15.68 -90.45
N LEU O 112 -16.05 -15.77 -90.66
CA LEU O 112 -15.18 -14.62 -90.43
C LEU O 112 -15.58 -13.45 -91.31
N SER O 113 -15.73 -13.69 -92.61
CA SER O 113 -16.15 -12.63 -93.52
C SER O 113 -17.52 -12.09 -93.15
N CYS O 114 -18.40 -12.94 -92.64
CA CYS O 114 -19.73 -12.50 -92.23
C CYS O 114 -19.69 -11.74 -90.91
N CYS O 115 -18.86 -12.20 -89.97
CA CYS O 115 -18.72 -11.49 -88.70
C CYS O 115 -18.14 -10.09 -88.90
N ILE O 116 -17.21 -9.95 -89.85
CA ILE O 116 -16.63 -8.63 -90.12
C ILE O 116 -17.70 -7.67 -90.59
N ASN O 117 -18.54 -8.10 -91.53
CA ASN O 117 -19.60 -7.23 -92.04
C ASN O 117 -20.64 -6.91 -90.96
N ALA O 118 -21.04 -7.92 -90.19
CA ALA O 118 -22.02 -7.70 -89.13
C ALA O 118 -21.48 -6.73 -88.09
N ALA O 119 -20.21 -6.91 -87.70
CA ALA O 119 -19.59 -5.99 -86.75
C ALA O 119 -19.54 -4.57 -87.31
N PHE O 120 -19.20 -4.43 -88.58
CA PHE O 120 -19.17 -3.11 -89.21
C PHE O 120 -20.56 -2.47 -89.20
N LEU O 121 -21.57 -3.22 -89.62
CA LEU O 121 -22.93 -2.67 -89.64
C LEU O 121 -23.41 -2.29 -88.24
N ALA O 122 -23.10 -3.11 -87.25
CA ALA O 122 -23.50 -2.81 -85.88
C ALA O 122 -22.80 -1.58 -85.35
N LEU O 123 -21.54 -1.36 -85.75
CA LEU O 123 -20.84 -0.14 -85.35
C LEU O 123 -21.43 1.08 -86.02
N VAL O 124 -21.92 0.95 -87.26
CA VAL O 124 -22.62 2.06 -87.90
C VAL O 124 -23.92 2.37 -87.16
N ASP O 125 -24.68 1.33 -86.80
CA ASP O 125 -25.93 1.54 -86.07
C ASP O 125 -25.69 2.11 -84.69
N ALA O 126 -24.55 1.81 -84.07
CA ALA O 126 -24.23 2.32 -82.74
C ALA O 126 -23.77 3.77 -82.74
N GLY O 127 -23.47 4.33 -83.90
CA GLY O 127 -23.04 5.71 -83.97
C GLY O 127 -21.66 5.98 -83.44
N ILE O 128 -20.77 5.00 -83.49
CA ILE O 128 -19.39 5.16 -83.04
C ILE O 128 -18.57 5.73 -84.18
N ALA O 129 -17.67 6.65 -83.84
CA ALA O 129 -16.85 7.31 -84.86
C ALA O 129 -16.01 6.30 -85.61
N LEU O 130 -16.15 6.30 -86.93
CA LEU O 130 -15.42 5.38 -87.80
C LEU O 130 -14.61 6.18 -88.81
N ASN O 131 -13.34 5.81 -88.96
CA ASN O 131 -12.47 6.50 -89.90
C ASN O 131 -12.91 6.28 -91.34
N SER O 132 -13.41 5.10 -91.67
CA SER O 132 -13.73 4.75 -93.05
C SER O 132 -14.80 3.68 -93.05
N MET O 133 -15.01 3.07 -94.22
CA MET O 133 -15.98 1.99 -94.40
C MET O 133 -15.24 0.67 -94.60
N CYS O 134 -16.00 -0.41 -94.71
CA CYS O 134 -15.39 -1.73 -94.79
C CYS O 134 -16.38 -2.75 -95.34
N ALA O 135 -15.87 -3.69 -96.14
CA ALA O 135 -16.62 -4.84 -96.60
C ALA O 135 -15.68 -6.01 -96.76
N SER O 136 -16.18 -7.21 -96.46
CA SER O 136 -15.38 -8.43 -96.51
C SER O 136 -16.09 -9.48 -97.38
N ILE O 137 -15.29 -10.22 -98.14
CA ILE O 137 -15.80 -11.29 -99.00
C ILE O 137 -14.96 -12.55 -98.81
N PRO O 138 -15.57 -13.73 -98.83
CA PRO O 138 -14.79 -14.97 -98.86
C PRO O 138 -14.59 -15.45 -100.30
N ILE O 139 -13.38 -15.95 -100.58
CA ILE O 139 -13.05 -16.44 -101.91
C ILE O 139 -12.34 -17.78 -101.77
N ALA O 140 -12.56 -18.65 -102.75
CA ALA O 140 -11.95 -19.98 -102.77
C ALA O 140 -11.55 -20.35 -104.18
N ILE O 141 -10.47 -21.11 -104.30
CA ILE O 141 -9.98 -21.62 -105.58
C ILE O 141 -10.29 -23.11 -105.65
N ILE O 142 -11.06 -23.50 -106.65
CA ILE O 142 -11.59 -24.86 -106.77
C ILE O 142 -10.52 -25.79 -107.32
N LYS O 143 -10.61 -27.07 -106.92
CA LYS O 143 -9.57 -28.07 -107.19
C LYS O 143 -9.23 -28.18 -108.67
N ASP O 144 -10.00 -28.98 -109.41
CA ASP O 144 -9.61 -29.31 -110.78
C ASP O 144 -9.87 -28.15 -111.74
N THR O 145 -10.90 -27.35 -111.48
CA THR O 145 -11.20 -26.23 -112.37
C THR O 145 -10.22 -25.08 -112.19
N SER O 146 -9.61 -24.97 -111.01
CA SER O 146 -8.65 -23.90 -110.68
C SER O 146 -9.25 -22.51 -110.91
N ASP O 147 -10.58 -22.41 -110.81
CA ASP O 147 -11.26 -21.14 -110.94
C ASP O 147 -11.35 -20.43 -109.60
N ILE O 148 -11.39 -19.10 -109.63
CA ILE O 148 -11.47 -18.28 -108.43
C ILE O 148 -12.92 -17.87 -108.25
N ILE O 149 -13.61 -18.54 -107.32
CA ILE O 149 -15.02 -18.31 -107.04
C ILE O 149 -15.16 -17.39 -105.83
N VAL O 150 -15.71 -16.21 -106.05
CA VAL O 150 -16.01 -15.27 -104.96
C VAL O 150 -17.33 -15.66 -104.31
N ASP O 151 -17.39 -15.53 -102.99
CA ASP O 151 -18.56 -15.92 -102.19
C ASP O 151 -18.93 -17.37 -102.48
N PRO O 152 -18.09 -18.33 -102.11
CA PRO O 152 -18.33 -19.73 -102.48
C PRO O 152 -19.38 -20.40 -101.61
N THR O 153 -20.05 -21.38 -102.21
CA THR O 153 -21.04 -22.17 -101.51
C THR O 153 -20.36 -23.18 -100.58
N ALA O 154 -21.16 -23.78 -99.70
CA ALA O 154 -20.63 -24.79 -98.79
C ALA O 154 -20.13 -26.02 -99.55
N GLU O 155 -20.76 -26.37 -100.67
CA GLU O 155 -20.29 -27.48 -101.47
C GLU O 155 -19.02 -27.13 -102.23
N GLN O 156 -18.89 -25.88 -102.67
CA GLN O 156 -17.69 -25.46 -103.38
C GLN O 156 -16.47 -25.53 -102.48
N LEU O 157 -16.63 -25.18 -101.20
CA LEU O 157 -15.49 -25.22 -100.28
C LEU O 157 -14.94 -26.62 -100.10
N LYS O 158 -15.80 -27.65 -100.19
CA LYS O 158 -15.34 -29.01 -100.00
C LYS O 158 -14.27 -29.40 -101.02
N ILE O 159 -14.30 -28.80 -102.20
CA ILE O 159 -13.32 -29.10 -103.24
C ILE O 159 -12.48 -27.86 -103.52
N SER O 160 -12.21 -27.07 -102.49
CA SER O 160 -11.39 -25.87 -102.63
C SER O 160 -9.95 -26.21 -102.26
N LEU O 161 -9.01 -25.77 -103.09
CA LEU O 161 -7.59 -25.96 -102.83
C LEU O 161 -6.98 -24.81 -102.04
N SER O 162 -7.67 -23.68 -101.95
CA SER O 162 -7.25 -22.56 -101.13
C SER O 162 -8.47 -21.71 -100.82
N VAL O 163 -8.50 -21.17 -99.61
CA VAL O 163 -9.62 -20.36 -99.14
C VAL O 163 -9.07 -19.03 -98.63
N HIS O 164 -9.76 -17.95 -98.98
CA HIS O 164 -9.25 -16.61 -98.71
C HIS O 164 -10.38 -15.74 -98.18
N THR O 165 -10.06 -14.92 -97.18
CA THR O 165 -10.95 -13.89 -96.67
C THR O 165 -10.30 -12.54 -96.93
N LEU O 166 -10.99 -11.68 -97.66
CA LEU O 166 -10.48 -10.37 -98.03
C LEU O 166 -11.41 -9.31 -97.46
N ALA O 167 -10.85 -8.38 -96.70
CA ALA O 167 -11.60 -7.28 -96.12
C ALA O 167 -10.85 -5.99 -96.40
N LEU O 168 -11.49 -5.09 -97.14
CA LEU O 168 -10.85 -3.88 -97.63
C LEU O 168 -11.46 -2.64 -96.98
N GLU O 169 -10.62 -1.63 -96.80
CA GLU O 169 -11.04 -0.34 -96.25
C GLU O 169 -11.40 0.59 -97.40
N PHE O 170 -12.63 1.11 -97.38
CA PHE O 170 -13.13 1.95 -98.46
C PHE O 170 -13.37 3.37 -97.98
N VAL O 171 -13.08 4.34 -98.86
CA VAL O 171 -13.31 5.75 -98.60
C VAL O 171 -13.85 6.40 -99.86
N ASN O 172 -14.36 7.62 -99.71
CA ASN O 172 -14.87 8.43 -100.81
C ASN O 172 -15.92 7.68 -101.64
N GLY O 173 -17.09 7.53 -101.04
CA GLY O 173 -18.22 6.92 -101.73
C GLY O 173 -18.02 5.48 -102.14
N GLY O 174 -17.11 4.76 -101.47
CA GLY O 174 -16.88 3.37 -101.80
C GLY O 174 -16.17 3.13 -103.11
N LYS O 175 -15.33 4.07 -103.55
CA LYS O 175 -14.57 3.90 -104.78
C LYS O 175 -13.07 3.81 -104.57
N VAL O 176 -12.55 4.28 -103.43
CA VAL O 176 -11.12 4.27 -103.14
C VAL O 176 -10.84 3.22 -102.08
N VAL O 177 -9.75 2.47 -102.26
CA VAL O 177 -9.33 1.44 -101.32
C VAL O 177 -8.20 2.03 -100.46
N LYS O 178 -8.56 2.44 -99.24
CA LYS O 178 -7.59 3.08 -98.35
C LYS O 178 -6.52 2.11 -97.88
N ASN O 179 -6.86 0.84 -97.71
CA ASN O 179 -5.94 -0.16 -97.19
C ASN O 179 -6.59 -1.54 -97.30
N VAL O 180 -5.78 -2.58 -97.13
CA VAL O 180 -6.25 -3.95 -97.01
C VAL O 180 -6.28 -4.29 -95.52
N LEU O 181 -7.48 -4.35 -94.95
CA LEU O 181 -7.58 -4.55 -93.51
C LEU O 181 -7.16 -5.95 -93.10
N LEU O 182 -7.61 -6.97 -93.84
CA LEU O 182 -7.21 -8.33 -93.54
C LEU O 182 -7.30 -9.19 -94.79
N LEU O 183 -6.24 -9.94 -95.06
CA LEU O 183 -6.24 -10.99 -96.07
C LEU O 183 -5.78 -12.28 -95.40
N ASP O 184 -6.70 -13.24 -95.26
CA ASP O 184 -6.43 -14.49 -94.57
C ASP O 184 -6.47 -15.62 -95.60
N SER O 185 -5.31 -15.94 -96.16
CA SER O 185 -5.19 -16.95 -97.21
C SER O 185 -4.66 -18.25 -96.60
N ASN O 186 -5.31 -19.36 -96.95
CA ASN O 186 -4.92 -20.68 -96.45
C ASN O 186 -5.10 -21.70 -97.57
N GLY O 187 -4.09 -22.53 -97.77
CA GLY O 187 -4.08 -23.51 -98.84
C GLY O 187 -2.91 -23.28 -99.78
N ASP O 188 -2.92 -24.02 -100.88
CA ASP O 188 -1.84 -23.98 -101.85
C ASP O 188 -2.15 -22.96 -102.95
N PHE O 189 -1.22 -22.03 -103.16
CA PHE O 189 -1.38 -21.00 -104.18
C PHE O 189 -0.01 -20.39 -104.47
N ASN O 190 0.08 -19.73 -105.62
CA ASN O 190 1.30 -19.09 -106.08
C ASN O 190 1.07 -17.59 -106.26
N GLU O 191 2.15 -16.88 -106.65
CA GLU O 191 2.09 -15.43 -106.75
C GLU O 191 1.10 -14.96 -107.82
N ASP O 192 1.06 -15.65 -108.97
CA ASP O 192 0.15 -15.25 -110.03
C ASP O 192 -1.30 -15.45 -109.61
N GLN O 193 -1.57 -16.53 -108.86
CA GLN O 193 -2.91 -16.76 -108.34
C GLN O 193 -3.31 -15.67 -107.35
N LEU O 194 -2.38 -15.24 -106.50
CA LEU O 194 -2.72 -14.30 -105.43
C LEU O 194 -3.18 -12.96 -105.97
N PHE O 195 -2.48 -12.43 -106.97
CA PHE O 195 -2.81 -11.11 -107.47
C PHE O 195 -4.02 -11.13 -108.40
N SER O 196 -4.26 -12.27 -109.07
CA SER O 196 -5.54 -12.45 -109.74
C SER O 196 -6.68 -12.49 -108.72
N LEU O 197 -6.41 -13.08 -107.56
CA LEU O 197 -7.40 -13.10 -106.49
C LEU O 197 -7.64 -11.70 -105.94
N LEU O 198 -6.57 -10.95 -105.67
CA LEU O 198 -6.70 -9.61 -105.14
C LEU O 198 -7.37 -8.67 -106.13
N GLU O 199 -7.17 -8.91 -107.43
CA GLU O 199 -7.81 -8.09 -108.44
C GLU O 199 -9.32 -8.28 -108.44
N LEU O 200 -9.77 -9.51 -108.70
CA LEU O 200 -11.20 -9.81 -108.68
C LEU O 200 -11.80 -9.59 -107.30
N GLY O 201 -11.03 -9.86 -106.24
CA GLY O 201 -11.54 -9.66 -104.89
C GLY O 201 -11.84 -8.20 -104.60
N GLU O 202 -10.97 -7.29 -105.06
CA GLU O 202 -11.23 -5.87 -104.89
C GLU O 202 -12.43 -5.42 -105.71
N GLN O 203 -12.66 -6.03 -106.88
CA GLN O 203 -13.82 -5.70 -107.69
C GLN O 203 -15.12 -6.07 -106.97
N LYS O 204 -15.20 -7.30 -106.45
CA LYS O 204 -16.41 -7.75 -105.78
C LYS O 204 -16.56 -7.09 -104.41
N CYS O 205 -15.46 -6.73 -103.75
CA CYS O 205 -15.55 -5.96 -102.51
C CYS O 205 -16.15 -4.59 -102.76
N GLN O 206 -15.74 -3.93 -103.84
CA GLN O 206 -16.30 -2.62 -104.18
C GLN O 206 -17.77 -2.72 -104.51
N GLU O 207 -18.21 -3.85 -105.08
CA GLU O 207 -19.64 -4.08 -105.29
C GLU O 207 -20.39 -4.21 -103.98
N LEU O 208 -19.72 -4.69 -102.93
CA LEU O 208 -20.40 -4.97 -101.67
C LEU O 208 -20.64 -3.69 -100.87
N VAL O 209 -19.64 -2.81 -100.78
CA VAL O 209 -19.84 -1.52 -100.11
C VAL O 209 -20.96 -0.74 -100.79
N THR O 210 -20.96 -0.72 -102.12
CA THR O 210 -22.06 -0.09 -102.86
C THR O 210 -23.40 -0.69 -102.45
N ASN O 211 -23.45 -2.01 -102.28
CA ASN O 211 -24.66 -2.64 -101.78
C ASN O 211 -24.84 -2.38 -100.29
N ILE O 212 -23.74 -2.28 -99.54
CA ILE O 212 -23.83 -2.02 -98.10
C ILE O 212 -24.27 -0.58 -97.83
N ARG O 213 -23.72 0.39 -98.58
CA ARG O 213 -24.13 1.78 -98.41
C ARG O 213 -25.62 1.95 -98.69
N ARG O 214 -26.13 1.24 -99.70
CA ARG O 214 -27.57 1.30 -99.99
C ARG O 214 -28.38 0.75 -98.83
N ILE O 215 -27.94 -0.37 -98.24
CA ILE O 215 -28.67 -0.96 -97.12
C ILE O 215 -28.59 -0.06 -95.89
N ILE O 216 -27.43 0.54 -95.65
CA ILE O 216 -27.28 1.46 -94.53
C ILE O 216 -28.18 2.68 -94.71
N GLN O 217 -28.25 3.20 -95.94
CA GLN O 217 -29.04 4.41 -96.18
C GLN O 217 -30.53 4.13 -96.06
N ASP O 218 -31.00 2.99 -96.55
CA ASP O 218 -32.42 2.67 -96.46
C ASP O 218 -32.87 2.49 -95.01
N ASN O 219 -31.95 2.22 -94.08
CA ASN O 219 -32.30 1.99 -92.69
C ASN O 219 -32.16 3.22 -91.82
N ILE O 220 -31.24 4.12 -92.15
CA ILE O 220 -30.95 5.26 -91.28
C ILE O 220 -31.69 6.50 -91.75
N SER O 221 -31.90 6.61 -93.07
CA SER O 221 -32.64 7.76 -93.59
C SER O 221 -34.06 7.89 -93.04
N PRO O 222 -34.85 6.82 -92.90
CA PRO O 222 -36.17 7.00 -92.29
C PRO O 222 -36.12 7.31 -90.80
N ARG O 223 -35.00 7.07 -90.13
CA ARG O 223 -34.88 7.35 -88.71
C ARG O 223 -34.65 8.83 -88.41
N LEU O 224 -34.13 9.60 -89.35
CA LEU O 224 -33.74 10.97 -89.11
C LEU O 224 -34.65 11.95 -89.83
N VAL O 225 -34.45 13.23 -89.54
CA VAL O 225 -35.19 14.32 -90.16
C VAL O 225 -34.28 14.97 -91.20
N VAL O 226 -34.89 15.44 -92.28
CA VAL O 226 -34.14 16.08 -93.36
C VAL O 226 -34.25 17.60 -93.25
N HIS P 3 -0.23 -17.13 -41.21
CA HIS P 3 0.49 -16.82 -39.98
C HIS P 3 -0.44 -16.22 -38.93
N MET P 4 0.01 -16.24 -37.68
CA MET P 4 -0.71 -15.62 -36.58
C MET P 4 -0.16 -14.22 -36.39
N SER P 5 -1.05 -13.22 -36.29
CA SER P 5 -0.58 -11.85 -36.23
C SER P 5 -0.13 -11.54 -34.81
N LEU P 6 1.07 -10.99 -34.69
CA LEU P 6 1.65 -10.63 -33.42
C LEU P 6 2.45 -9.36 -33.60
N SER P 7 2.45 -8.50 -32.59
CA SER P 7 3.29 -7.32 -32.61
C SER P 7 4.76 -7.72 -32.50
N VAL P 8 5.64 -6.89 -33.06
CA VAL P 8 7.06 -7.20 -33.02
C VAL P 8 7.62 -7.05 -31.61
N ALA P 9 6.93 -6.32 -30.73
CA ALA P 9 7.27 -6.33 -29.32
C ALA P 9 6.85 -7.63 -28.66
N GLU P 10 5.76 -8.25 -29.13
CA GLU P 10 5.37 -9.56 -28.66
C GLU P 10 6.38 -10.63 -29.10
N LYS P 11 6.77 -10.60 -30.38
CA LYS P 11 7.65 -11.63 -30.92
C LYS P 11 9.00 -11.62 -30.21
N SER P 12 9.58 -10.43 -30.02
CA SER P 12 10.90 -10.35 -29.39
C SER P 12 10.85 -10.82 -27.94
N TYR P 13 9.74 -10.57 -27.24
CA TYR P 13 9.61 -11.08 -25.88
C TYR P 13 9.46 -12.59 -25.88
N LEU P 14 8.68 -13.13 -26.81
CA LEU P 14 8.48 -14.58 -26.89
C LEU P 14 9.77 -15.29 -27.28
N TYR P 15 10.44 -14.80 -28.32
CA TYR P 15 11.66 -15.44 -28.79
C TYR P 15 12.72 -15.47 -27.71
N ASP P 16 12.89 -14.36 -26.98
CA ASP P 16 13.88 -14.33 -25.91
C ASP P 16 13.52 -15.31 -24.79
N SER P 17 12.23 -15.49 -24.52
CA SER P 17 11.82 -16.45 -23.50
C SER P 17 12.02 -17.88 -23.98
N LEU P 18 11.72 -18.16 -25.25
CA LEU P 18 11.89 -19.51 -25.77
C LEU P 18 13.35 -19.86 -25.94
N ALA P 19 14.12 -18.95 -26.55
CA ALA P 19 15.56 -19.11 -26.75
C ALA P 19 16.36 -18.92 -25.48
N SER P 20 15.72 -18.62 -24.35
CA SER P 20 16.44 -18.44 -23.10
C SER P 20 17.17 -19.72 -22.71
N THR P 21 18.23 -19.55 -21.93
CA THR P 21 19.02 -20.69 -21.46
C THR P 21 18.14 -21.78 -20.85
N PRO P 22 17.31 -21.51 -19.59
CA PRO P 22 16.30 -22.49 -19.16
C PRO P 22 14.96 -22.18 -19.80
N SER P 23 14.83 -22.57 -21.09
CA SER P 23 13.68 -22.25 -21.96
C SER P 23 12.40 -22.04 -21.18
N ILE P 24 11.79 -20.88 -21.34
CA ILE P 24 10.53 -20.53 -20.68
C ILE P 24 9.46 -20.41 -21.75
N ARG P 25 8.58 -21.39 -21.80
CA ARG P 25 7.51 -21.39 -22.80
C ARG P 25 6.30 -20.64 -22.25
N PRO P 26 5.51 -20.00 -23.13
CA PRO P 26 4.45 -19.10 -22.64
C PRO P 26 3.39 -19.77 -21.78
N ASP P 27 3.32 -21.11 -21.75
CA ASP P 27 2.43 -21.80 -20.83
C ASP P 27 3.21 -22.60 -19.79
N GLY P 28 4.49 -22.31 -19.63
CA GLY P 28 5.31 -23.04 -18.68
C GLY P 28 5.61 -24.46 -19.10
N ARG P 29 5.41 -24.79 -20.38
CA ARG P 29 5.61 -26.15 -20.83
C ARG P 29 7.10 -26.49 -20.87
N LEU P 30 7.39 -27.78 -20.73
CA LEU P 30 8.74 -28.26 -20.93
C LEU P 30 9.01 -28.49 -22.41
N PRO P 31 10.28 -28.44 -22.83
CA PRO P 31 10.59 -28.64 -24.26
C PRO P 31 10.11 -29.96 -24.84
N HIS P 32 9.71 -30.92 -24.01
CA HIS P 32 9.23 -32.22 -24.49
C HIS P 32 7.79 -32.49 -24.07
N GLN P 33 7.13 -31.52 -23.47
CA GLN P 33 5.78 -31.71 -22.94
C GLN P 33 4.73 -31.40 -24.00
N PHE P 34 3.69 -32.22 -24.03
CA PHE P 34 2.62 -32.09 -25.03
C PHE P 34 1.39 -31.44 -24.41
N ARG P 35 0.66 -30.70 -25.25
CA ARG P 35 -0.59 -30.10 -24.83
C ARG P 35 -1.72 -31.13 -24.79
N PRO P 36 -2.68 -30.96 -23.89
CA PRO P 36 -3.77 -31.94 -23.80
C PRO P 36 -4.64 -31.94 -25.05
N ILE P 37 -5.19 -33.13 -25.34
CA ILE P 37 -6.00 -33.34 -26.53
C ILE P 37 -7.18 -34.25 -26.19
N GLU P 38 -8.28 -34.09 -26.92
CA GLU P 38 -9.46 -34.93 -26.80
C GLU P 38 -9.51 -35.85 -28.01
N ILE P 39 -9.73 -37.14 -27.77
CA ILE P 39 -9.77 -38.14 -28.84
C ILE P 39 -11.11 -38.86 -28.77
N PHE P 40 -11.75 -38.99 -29.93
CA PHE P 40 -12.96 -39.80 -30.08
C PHE P 40 -12.75 -40.77 -31.23
N THR P 41 -13.23 -42.00 -31.06
CA THR P 41 -13.14 -43.01 -32.10
C THR P 41 -14.49 -43.68 -32.24
N ASP P 42 -14.71 -44.28 -33.42
CA ASP P 42 -15.92 -45.03 -33.74
C ASP P 42 -17.18 -44.19 -33.50
N PHE P 43 -17.38 -43.25 -34.43
CA PHE P 43 -18.58 -42.44 -34.45
C PHE P 43 -19.21 -42.31 -35.84
N LEU P 44 -18.53 -42.75 -36.89
CA LEU P 44 -19.10 -42.83 -38.22
C LEU P 44 -19.36 -44.31 -38.51
N PRO P 45 -20.58 -44.80 -38.27
CA PRO P 45 -20.85 -46.22 -38.48
C PRO P 45 -20.73 -46.65 -39.92
N SER P 46 -20.88 -45.73 -40.88
CA SER P 46 -20.75 -46.05 -42.28
C SER P 46 -19.31 -46.38 -42.70
N SER P 47 -18.35 -46.21 -41.80
CA SER P 47 -16.94 -46.45 -42.10
C SER P 47 -16.39 -47.56 -41.21
N ASN P 48 -15.31 -48.19 -41.68
CA ASN P 48 -14.66 -49.22 -40.88
C ASN P 48 -13.98 -48.65 -39.66
N GLY P 49 -13.60 -47.38 -39.71
CA GLY P 49 -12.97 -46.74 -38.56
C GLY P 49 -13.04 -45.24 -38.68
N SER P 50 -13.17 -44.57 -37.53
CA SER P 50 -13.28 -43.12 -37.49
C SER P 50 -12.55 -42.59 -36.27
N SER P 51 -12.07 -41.35 -36.38
CA SER P 51 -11.40 -40.70 -35.25
C SER P 51 -11.64 -39.20 -35.32
N ARG P 52 -11.60 -38.56 -34.15
CA ARG P 52 -11.78 -37.11 -34.03
C ARG P 52 -10.89 -36.62 -32.90
N ILE P 53 -10.04 -35.64 -33.21
CA ILE P 53 -9.08 -35.13 -32.25
C ILE P 53 -9.25 -33.62 -32.12
N ILE P 54 -9.20 -33.13 -30.88
CA ILE P 54 -9.39 -31.70 -30.59
C ILE P 54 -8.19 -31.23 -29.77
N ALA P 55 -7.38 -30.35 -30.37
CA ALA P 55 -6.23 -29.79 -29.68
C ALA P 55 -6.68 -28.77 -28.63
N SER P 56 -5.72 -28.33 -27.81
CA SER P 56 -6.02 -27.38 -26.73
C SER P 56 -6.32 -25.99 -27.27
N ASP P 57 -5.78 -25.64 -28.44
CA ASP P 57 -6.01 -24.32 -29.02
C ASP P 57 -7.29 -24.23 -29.84
N GLY P 58 -8.03 -25.34 -29.97
CA GLY P 58 -9.23 -25.36 -30.78
C GLY P 58 -9.11 -26.07 -32.11
N SER P 59 -7.92 -26.53 -32.48
CA SER P 59 -7.75 -27.27 -33.71
C SER P 59 -8.48 -28.62 -33.62
N GLU P 60 -9.24 -28.94 -34.67
CA GLU P 60 -10.01 -30.18 -34.72
C GLU P 60 -9.71 -30.91 -36.02
N CYS P 61 -9.69 -32.23 -35.95
CA CYS P 61 -9.41 -33.07 -37.12
C CYS P 61 -10.26 -34.34 -37.06
N ILE P 62 -10.87 -34.70 -38.18
CA ILE P 62 -11.69 -35.91 -38.30
C ILE P 62 -11.06 -36.80 -39.36
N VAL P 63 -10.98 -38.10 -39.08
CA VAL P 63 -10.42 -39.08 -40.00
C VAL P 63 -11.43 -40.20 -40.18
N SER P 64 -11.62 -40.62 -41.44
CA SER P 64 -12.55 -41.70 -41.78
C SER P 64 -11.81 -42.76 -42.58
N ILE P 65 -11.89 -44.00 -42.13
CA ILE P 65 -11.23 -45.13 -42.77
C ILE P 65 -12.25 -45.95 -43.53
N LYS P 66 -12.00 -46.17 -44.82
CA LYS P 66 -12.89 -46.93 -45.68
C LYS P 66 -12.08 -47.95 -46.47
N SER P 67 -12.69 -49.09 -46.77
CA SER P 67 -12.02 -50.22 -47.39
C SER P 67 -12.59 -50.49 -48.78
N LYS P 68 -11.93 -51.41 -49.50
CA LYS P 68 -12.33 -51.80 -50.85
C LYS P 68 -11.47 -52.97 -51.33
N VAL P 69 -12.11 -54.07 -51.74
CA VAL P 69 -11.36 -55.23 -52.22
C VAL P 69 -10.77 -54.91 -53.60
N VAL P 70 -9.48 -55.19 -53.76
CA VAL P 70 -8.77 -54.92 -55.01
C VAL P 70 -7.79 -56.04 -55.28
N ASP P 71 -7.42 -56.16 -56.55
CA ASP P 71 -6.38 -57.11 -56.97
C ASP P 71 -5.02 -56.48 -56.72
N HIS P 72 -4.29 -57.01 -55.73
CA HIS P 72 -3.00 -56.42 -55.37
C HIS P 72 -1.93 -56.65 -56.44
N HIS P 73 -2.21 -57.46 -57.46
CA HIS P 73 -1.29 -57.60 -58.58
C HIS P 73 -1.40 -56.42 -59.55
N VAL P 74 -2.51 -55.68 -59.51
CA VAL P 74 -2.66 -54.49 -60.32
C VAL P 74 -2.73 -53.21 -59.47
N GLU P 75 -3.05 -53.33 -58.19
CA GLU P 75 -3.09 -52.17 -57.28
C GLU P 75 -1.78 -52.13 -56.51
N ASN P 76 -0.86 -51.27 -56.94
CA ASN P 76 0.44 -51.18 -56.30
C ASN P 76 0.34 -50.56 -54.90
N GLU P 77 -0.34 -49.42 -54.80
CA GLU P 77 -0.52 -48.73 -53.53
C GLU P 77 -1.87 -49.14 -52.95
N LEU P 78 -1.84 -49.82 -51.80
CA LEU P 78 -3.05 -50.30 -51.15
C LEU P 78 -3.46 -49.40 -49.98
N LEU P 79 -2.95 -48.18 -49.93
CA LEU P 79 -3.32 -47.23 -48.89
C LEU P 79 -3.20 -45.83 -49.48
N GLN P 80 -4.28 -45.06 -49.41
CA GLN P 80 -4.32 -43.77 -50.10
C GLN P 80 -4.95 -42.75 -49.16
N VAL P 81 -4.28 -41.61 -48.99
CA VAL P 81 -4.70 -40.57 -48.06
C VAL P 81 -5.21 -39.38 -48.86
N ASP P 82 -6.38 -38.86 -48.45
CA ASP P 82 -6.96 -37.66 -49.05
C ASP P 82 -7.11 -36.62 -47.94
N VAL P 83 -6.36 -35.53 -48.05
CA VAL P 83 -6.37 -34.45 -47.06
C VAL P 83 -7.28 -33.36 -47.56
N ASP P 84 -8.23 -32.95 -46.72
CA ASP P 84 -9.11 -31.81 -47.02
C ASP P 84 -9.04 -30.87 -45.81
N ILE P 85 -8.32 -29.76 -45.98
CA ILE P 85 -8.19 -28.75 -44.93
C ILE P 85 -9.23 -27.67 -45.17
N ALA P 86 -10.03 -27.39 -44.14
CA ALA P 86 -11.10 -26.40 -44.28
C ALA P 86 -10.54 -25.02 -44.58
N GLY P 87 -11.23 -24.31 -45.49
CA GLY P 87 -10.77 -23.01 -45.90
C GLY P 87 -9.45 -23.04 -46.63
N GLN P 88 -9.22 -24.06 -47.45
CA GLN P 88 -8.01 -24.17 -48.24
C GLN P 88 -8.31 -24.93 -49.52
N ARG P 89 -7.85 -24.39 -50.64
CA ARG P 89 -8.05 -25.04 -51.93
C ARG P 89 -7.47 -26.45 -51.92
N ASP P 90 -8.11 -27.35 -52.66
CA ASP P 90 -7.58 -28.69 -52.80
C ASP P 90 -6.27 -28.70 -53.58
N ASP P 91 -5.96 -27.62 -54.31
CA ASP P 91 -4.68 -27.48 -55.00
C ASP P 91 -3.75 -26.54 -54.27
N ALA P 92 -4.12 -26.08 -53.07
CA ALA P 92 -3.26 -25.20 -52.29
C ALA P 92 -1.98 -25.92 -51.91
N LEU P 93 -0.91 -25.14 -51.74
CA LEU P 93 0.42 -25.71 -51.50
C LEU P 93 0.45 -26.57 -50.25
N VAL P 94 -0.16 -26.09 -49.15
CA VAL P 94 -0.10 -26.82 -47.89
C VAL P 94 -0.86 -28.13 -47.99
N VAL P 95 -1.98 -28.13 -48.73
CA VAL P 95 -2.75 -29.37 -48.89
C VAL P 95 -1.97 -30.39 -49.70
N GLU P 96 -1.46 -29.98 -50.87
CA GLU P 96 -0.67 -30.89 -51.69
C GLU P 96 0.56 -31.40 -50.94
N THR P 97 1.23 -30.51 -50.21
CA THR P 97 2.42 -30.92 -49.46
C THR P 97 2.07 -31.94 -48.39
N ILE P 98 1.03 -31.66 -47.59
CA ILE P 98 0.66 -32.57 -46.51
C ILE P 98 0.14 -33.88 -47.07
N THR P 99 -0.59 -33.83 -48.19
CA THR P 99 -1.05 -35.06 -48.83
C THR P 99 0.13 -35.90 -49.31
N SER P 100 1.07 -35.28 -50.03
CA SER P 100 2.25 -36.00 -50.48
C SER P 100 3.07 -36.52 -49.30
N LEU P 101 3.19 -35.70 -48.24
CA LEU P 101 3.96 -36.12 -47.08
C LEU P 101 3.31 -37.31 -46.38
N LEU P 102 2.00 -37.23 -46.15
CA LEU P 102 1.30 -38.31 -45.44
C LEU P 102 1.31 -39.60 -46.25
N ASN P 103 1.10 -39.52 -47.56
CA ASN P 103 1.16 -40.70 -48.41
C ASN P 103 2.49 -41.42 -48.27
N LYS P 104 3.58 -40.68 -48.07
CA LYS P 104 4.88 -41.31 -47.86
C LYS P 104 4.94 -41.98 -46.49
N VAL P 105 4.35 -41.37 -45.48
CA VAL P 105 4.34 -41.99 -44.15
C VAL P 105 3.59 -43.31 -44.18
N LEU P 106 2.41 -43.31 -44.82
CA LEU P 106 1.55 -44.48 -44.92
C LEU P 106 1.79 -45.29 -46.21
N LYS P 107 2.98 -45.20 -46.80
CA LYS P 107 3.24 -45.97 -48.01
C LYS P 107 3.21 -47.47 -47.73
N SER P 108 2.60 -48.22 -48.66
CA SER P 108 2.42 -49.65 -48.48
C SER P 108 3.74 -50.36 -48.20
N GLY P 109 4.84 -49.80 -48.71
CA GLY P 109 6.16 -50.36 -48.54
C GLY P 109 7.08 -49.51 -47.69
N SER P 110 6.58 -49.04 -46.55
CA SER P 110 7.39 -48.13 -45.73
C SER P 110 6.97 -48.20 -44.26
N GLY P 111 5.95 -47.42 -43.88
CA GLY P 111 5.50 -47.38 -42.50
C GLY P 111 4.56 -48.50 -42.09
N VAL P 112 3.53 -48.71 -42.90
CA VAL P 112 2.49 -49.70 -42.60
C VAL P 112 2.90 -51.06 -43.14
N ASP P 113 2.34 -52.11 -42.54
CA ASP P 113 2.63 -53.48 -42.94
C ASP P 113 1.60 -53.88 -43.99
N SER P 114 2.02 -53.91 -45.26
CA SER P 114 1.09 -54.21 -46.35
C SER P 114 0.52 -55.61 -46.24
N SER P 115 1.31 -56.56 -45.74
CA SER P 115 0.88 -57.95 -45.66
C SER P 115 -0.36 -58.13 -44.78
N LYS P 116 -0.65 -57.16 -43.90
CA LYS P 116 -1.80 -57.27 -43.02
C LYS P 116 -3.13 -57.02 -43.74
N LEU P 117 -3.10 -56.50 -44.97
CA LEU P 117 -4.32 -56.21 -45.72
C LEU P 117 -4.70 -57.30 -46.71
N GLN P 118 -3.95 -58.40 -46.77
CA GLN P 118 -4.18 -59.43 -47.77
C GLN P 118 -5.40 -60.28 -47.42
N LEU P 119 -6.13 -60.69 -48.46
CA LEU P 119 -7.28 -61.57 -48.29
C LEU P 119 -7.05 -62.91 -48.97
N THR P 120 -6.94 -62.94 -50.29
CA THR P 120 -6.63 -64.15 -51.05
C THR P 120 -5.29 -63.97 -51.75
N LYS P 121 -4.86 -65.01 -52.47
CA LYS P 121 -3.67 -64.90 -53.29
C LYS P 121 -3.81 -63.86 -54.40
N LYS P 122 -5.04 -63.41 -54.68
CA LYS P 122 -5.29 -62.43 -55.73
C LYS P 122 -5.86 -61.11 -55.24
N TYR P 123 -6.47 -61.06 -54.05
CA TYR P 123 -7.19 -59.88 -53.60
C TYR P 123 -6.75 -59.45 -52.21
N SER P 124 -6.72 -58.14 -51.99
CA SER P 124 -6.38 -57.56 -50.71
C SER P 124 -7.31 -56.37 -50.46
N PHE P 125 -7.18 -55.78 -49.27
CA PHE P 125 -7.94 -54.58 -48.92
C PHE P 125 -7.16 -53.34 -49.32
N LYS P 126 -7.86 -52.39 -49.94
CA LYS P 126 -7.33 -51.04 -50.14
C LYS P 126 -7.97 -50.11 -49.12
N ILE P 127 -7.13 -49.36 -48.41
CA ILE P 127 -7.56 -48.54 -47.29
C ILE P 127 -7.62 -47.08 -47.73
N PHE P 128 -8.80 -46.48 -47.58
CA PHE P 128 -9.01 -45.06 -47.91
C PHE P 128 -9.00 -44.26 -46.61
N VAL P 129 -7.90 -43.56 -46.36
CA VAL P 129 -7.77 -42.69 -45.18
C VAL P 129 -8.16 -41.28 -45.61
N ASP P 130 -9.30 -40.81 -45.09
CA ASP P 130 -9.83 -39.48 -45.41
C ASP P 130 -9.61 -38.56 -44.22
N VAL P 131 -8.94 -37.44 -44.46
CA VAL P 131 -8.59 -36.48 -43.42
C VAL P 131 -9.45 -35.23 -43.60
N LEU P 132 -9.96 -34.71 -42.48
CA LEU P 132 -10.73 -33.47 -42.47
C LEU P 132 -10.26 -32.62 -41.31
N VAL P 133 -9.68 -31.46 -41.61
CA VAL P 133 -9.21 -30.52 -40.60
C VAL P 133 -10.24 -29.42 -40.51
N ILE P 134 -11.07 -29.46 -39.46
CA ILE P 134 -12.13 -28.47 -39.30
C ILE P 134 -11.55 -27.11 -38.93
N SER P 135 -10.59 -27.08 -38.01
CA SER P 135 -9.96 -25.85 -37.59
C SER P 135 -8.48 -26.11 -37.35
N SER P 136 -7.63 -25.16 -37.72
CA SER P 136 -6.20 -25.28 -37.52
C SER P 136 -5.60 -23.90 -37.31
N HIS P 137 -4.61 -23.82 -36.42
CA HIS P 137 -3.87 -22.60 -36.17
C HIS P 137 -2.38 -22.73 -36.42
N SER P 138 -1.90 -23.92 -36.77
CA SER P 138 -0.51 -24.15 -37.10
C SER P 138 -0.43 -25.30 -38.10
N HIS P 139 0.78 -25.76 -38.38
CA HIS P 139 1.00 -26.89 -39.27
C HIS P 139 0.30 -28.12 -38.71
N PRO P 140 -0.74 -28.63 -39.37
CA PRO P 140 -1.55 -29.71 -38.81
C PRO P 140 -1.02 -31.12 -39.07
N ILE P 141 0.17 -31.26 -39.64
CA ILE P 141 0.67 -32.59 -40.01
C ILE P 141 0.73 -33.51 -38.80
N SER P 142 1.09 -32.98 -37.63
CA SER P 142 1.15 -33.81 -36.42
C SER P 142 -0.23 -34.12 -35.89
N LEU P 143 -1.14 -33.13 -35.90
CA LEU P 143 -2.51 -33.39 -35.47
C LEU P 143 -3.19 -34.41 -36.39
N ILE P 144 -2.99 -34.27 -37.70
CA ILE P 144 -3.54 -35.24 -38.64
C ILE P 144 -2.97 -36.62 -38.38
N SER P 145 -1.65 -36.70 -38.18
CA SER P 145 -1.01 -37.99 -37.93
C SER P 145 -1.59 -38.68 -36.70
N PHE P 146 -1.83 -37.92 -35.64
CA PHE P 146 -2.39 -38.52 -34.42
C PHE P 146 -3.81 -39.02 -34.66
N ALA P 147 -4.61 -38.27 -35.43
CA ALA P 147 -5.98 -38.69 -35.70
C ALA P 147 -6.01 -39.92 -36.61
N ILE P 148 -5.14 -39.95 -37.62
CA ILE P 148 -5.03 -41.13 -38.48
C ILE P 148 -4.63 -42.34 -37.65
N TYR P 149 -3.69 -42.15 -36.71
CA TYR P 149 -3.25 -43.26 -35.87
C TYR P 149 -4.39 -43.87 -35.08
N SER P 150 -5.19 -43.03 -34.42
CA SER P 150 -6.30 -43.54 -33.61
C SER P 150 -7.38 -44.17 -34.48
N ALA P 151 -7.58 -43.65 -35.69
CA ALA P 151 -8.60 -44.21 -36.57
C ALA P 151 -8.21 -45.60 -37.06
N LEU P 152 -6.95 -45.75 -37.48
CA LEU P 152 -6.49 -47.05 -37.99
C LEU P 152 -6.49 -48.11 -36.90
N ASN P 153 -6.33 -47.71 -35.63
CA ASN P 153 -6.37 -48.68 -34.54
C ASN P 153 -7.78 -49.12 -34.21
N SER P 154 -8.74 -48.18 -34.21
CA SER P 154 -10.14 -48.49 -33.96
C SER P 154 -10.84 -49.05 -35.20
N THR P 155 -10.10 -49.41 -36.25
CA THR P 155 -10.69 -49.88 -37.50
C THR P 155 -10.96 -51.38 -37.43
N TYR P 156 -12.12 -51.78 -37.96
CA TYR P 156 -12.52 -53.17 -38.04
C TYR P 156 -12.96 -53.50 -39.46
N LEU P 157 -12.54 -54.66 -39.95
CA LEU P 157 -12.79 -55.10 -41.32
C LEU P 157 -13.54 -56.42 -41.34
N PRO P 158 -14.24 -56.73 -42.43
CA PRO P 158 -15.03 -57.97 -42.47
C PRO P 158 -14.15 -59.22 -42.50
N LYS P 159 -14.69 -60.29 -41.92
CA LYS P 159 -13.99 -61.57 -41.87
C LYS P 159 -14.19 -62.35 -43.17
N LEU P 160 -13.11 -62.98 -43.63
CA LEU P 160 -13.15 -63.71 -44.89
C LEU P 160 -13.77 -65.10 -44.71
N ILE P 161 -14.44 -65.56 -45.75
CA ILE P 161 -15.03 -66.90 -45.78
C ILE P 161 -14.34 -67.78 -46.82
N SER P 162 -14.23 -67.30 -48.05
CA SER P 162 -13.66 -68.08 -49.13
C SER P 162 -12.17 -68.35 -48.88
N ALA P 163 -11.62 -69.29 -49.65
CA ALA P 163 -10.24 -69.70 -49.46
C ALA P 163 -9.30 -68.60 -49.94
N PHE P 164 -8.03 -68.72 -49.56
CA PHE P 164 -7.02 -67.72 -49.89
C PHE P 164 -6.37 -67.97 -51.25
N ASP P 165 -7.02 -68.71 -52.14
CA ASP P 165 -6.45 -69.02 -53.44
C ASP P 165 -7.19 -68.29 -54.57
N LEU P 172 -14.21 -63.70 -56.89
CA LEU P 172 -14.20 -62.65 -55.87
C LEU P 172 -14.46 -63.22 -54.47
N PRO P 173 -13.82 -62.63 -53.47
CA PRO P 173 -13.95 -63.14 -52.10
C PRO P 173 -15.38 -63.02 -51.55
N THR P 174 -15.62 -63.77 -50.48
CA THR P 174 -16.90 -63.81 -49.80
C THR P 174 -16.66 -63.56 -48.32
N PHE P 175 -17.44 -62.68 -47.71
CA PHE P 175 -17.23 -62.24 -46.35
C PHE P 175 -18.34 -62.72 -45.41
N HIS P 176 -17.97 -62.88 -44.13
CA HIS P 176 -18.92 -63.25 -43.10
C HIS P 176 -19.97 -62.17 -42.89
N ASP P 177 -21.20 -62.60 -42.59
CA ASP P 177 -22.31 -61.66 -42.45
C ASP P 177 -22.20 -60.85 -41.16
N TYR P 178 -21.73 -61.47 -40.07
CA TYR P 178 -21.72 -60.84 -38.76
C TYR P 178 -20.29 -60.53 -38.28
N ASP P 179 -19.49 -61.56 -38.02
CA ASP P 179 -18.20 -61.37 -37.37
C ASP P 179 -17.28 -60.49 -38.20
N MET P 180 -16.36 -59.81 -37.51
CA MET P 180 -15.42 -58.91 -38.15
C MET P 180 -14.09 -58.95 -37.41
N VAL P 181 -13.02 -58.67 -38.15
CA VAL P 181 -11.65 -58.73 -37.63
C VAL P 181 -11.13 -57.30 -37.44
N LYS P 182 -10.36 -57.10 -36.39
CA LYS P 182 -9.76 -55.80 -36.11
C LYS P 182 -8.52 -55.60 -36.98
N LEU P 183 -8.29 -54.35 -37.40
CA LEU P 183 -7.12 -53.99 -38.17
C LEU P 183 -5.99 -53.64 -37.21
N ASP P 184 -4.96 -54.48 -37.17
CA ASP P 184 -3.82 -54.28 -36.27
C ASP P 184 -2.57 -53.87 -37.04
N ILE P 185 -2.75 -53.09 -38.10
CA ILE P 185 -1.61 -52.54 -38.81
C ILE P 185 -0.89 -51.56 -37.89
N ASN P 186 0.41 -51.40 -38.10
CA ASN P 186 1.20 -50.50 -37.26
C ASN P 186 1.29 -49.11 -37.89
N PRO P 187 0.48 -48.17 -37.42
CA PRO P 187 0.48 -46.84 -38.04
C PRO P 187 1.58 -45.97 -37.46
N PRO P 188 2.24 -45.18 -38.29
CA PRO P 188 3.30 -44.30 -37.81
C PRO P 188 2.73 -43.04 -37.17
N LEU P 189 3.62 -42.30 -36.51
CA LEU P 189 3.29 -41.01 -35.93
C LEU P 189 4.24 -39.96 -36.47
N VAL P 190 3.71 -38.79 -36.80
CA VAL P 190 4.49 -37.68 -37.33
C VAL P 190 4.54 -36.60 -36.28
N PHE P 191 5.75 -36.21 -35.89
CA PHE P 191 5.97 -35.17 -34.90
C PHE P 191 6.52 -33.93 -35.57
N ILE P 192 6.06 -32.77 -35.12
CA ILE P 192 6.56 -31.49 -35.60
C ILE P 192 7.29 -30.81 -34.46
N LEU P 193 8.43 -30.19 -34.76
CA LEU P 193 9.28 -29.59 -33.76
C LEU P 193 9.60 -28.15 -34.15
N ALA P 194 9.92 -27.33 -33.15
CA ALA P 194 10.28 -25.95 -33.36
C ALA P 194 11.74 -25.74 -33.01
N VAL P 195 12.46 -25.01 -33.85
CA VAL P 195 13.85 -24.68 -33.62
C VAL P 195 13.89 -23.20 -33.30
N VAL P 196 13.96 -22.88 -32.01
CA VAL P 196 14.01 -21.49 -31.54
C VAL P 196 15.39 -21.28 -30.93
N GLY P 197 16.24 -20.56 -31.66
CA GLY P 197 17.61 -20.37 -31.20
C GLY P 197 18.34 -21.70 -31.16
N ASN P 198 18.82 -22.07 -29.97
CA ASN P 198 19.54 -23.32 -29.77
C ASN P 198 18.69 -24.37 -29.03
N ASN P 199 17.38 -24.16 -28.95
CA ASN P 199 16.48 -25.05 -28.22
C ASN P 199 15.52 -25.75 -29.17
N MET P 200 15.11 -26.95 -28.79
CA MET P 200 14.11 -27.71 -29.53
C MET P 200 12.81 -27.77 -28.72
N LEU P 201 11.67 -27.73 -29.41
CA LEU P 201 10.36 -27.71 -28.76
C LEU P 201 9.45 -28.75 -29.40
N LEU P 202 8.99 -29.71 -28.61
CA LEU P 202 7.95 -30.63 -29.04
C LEU P 202 6.58 -29.97 -28.90
N ASP P 203 5.67 -30.32 -29.82
CA ASP P 203 4.31 -29.79 -29.86
C ASP P 203 4.34 -28.26 -29.86
N PRO P 204 4.79 -27.63 -30.95
CA PRO P 204 4.87 -26.16 -30.95
C PRO P 204 3.48 -25.54 -30.98
N ALA P 205 3.27 -24.54 -30.14
CA ALA P 205 2.02 -23.81 -30.12
C ALA P 205 1.98 -22.83 -31.29
N ALA P 206 0.83 -22.16 -31.46
CA ALA P 206 0.67 -21.22 -32.55
C ALA P 206 1.68 -20.08 -32.45
N ASN P 207 1.69 -19.38 -31.32
CA ASN P 207 2.61 -18.24 -31.15
C ASN P 207 4.07 -18.69 -31.14
N GLU P 208 4.34 -19.88 -30.62
CA GLU P 208 5.72 -20.38 -30.61
C GLU P 208 6.26 -20.55 -32.03
N SER P 209 5.43 -21.05 -32.95
CA SER P 209 5.88 -21.25 -34.32
C SER P 209 6.08 -19.92 -35.05
N GLU P 210 5.42 -18.85 -34.61
CA GLU P 210 5.56 -17.56 -35.27
C GLU P 210 6.93 -16.94 -35.07
N VAL P 211 7.69 -17.40 -34.08
CA VAL P 211 9.00 -16.86 -33.76
C VAL P 211 10.13 -17.87 -33.92
N ALA P 212 9.82 -19.10 -34.29
CA ALA P 212 10.85 -20.13 -34.41
C ALA P 212 11.76 -19.87 -35.60
N ASN P 213 13.05 -20.23 -35.44
CA ASN P 213 14.01 -20.05 -36.52
C ASN P 213 13.85 -21.12 -37.60
N ASN P 214 13.44 -22.33 -37.23
CA ASN P 214 13.21 -23.39 -38.17
C ASN P 214 12.33 -24.45 -37.50
N GLY P 215 12.00 -25.50 -38.26
CA GLY P 215 11.17 -26.56 -37.74
C GLY P 215 11.58 -27.89 -38.31
N LEU P 216 11.11 -28.96 -37.68
CA LEU P 216 11.43 -30.32 -38.08
C LEU P 216 10.16 -31.16 -38.12
N ILE P 217 10.01 -31.94 -39.19
CA ILE P 217 8.95 -32.93 -39.29
C ILE P 217 9.64 -34.29 -39.24
N ILE P 218 9.37 -35.05 -38.17
CA ILE P 218 10.06 -36.31 -37.92
C ILE P 218 9.01 -37.40 -37.76
N SER P 219 9.18 -38.48 -38.52
CA SER P 219 8.25 -39.60 -38.47
C SER P 219 8.77 -40.66 -37.49
N TRP P 220 7.87 -41.53 -37.07
CA TRP P 220 8.16 -42.50 -36.02
C TRP P 220 7.26 -43.70 -36.21
N SER P 221 7.85 -44.90 -36.22
CA SER P 221 7.09 -46.13 -36.41
C SER P 221 7.89 -47.29 -35.85
N ASN P 222 7.18 -48.23 -35.22
CA ASN P 222 7.77 -49.45 -34.67
C ASN P 222 8.94 -49.15 -33.72
N GLY P 223 8.84 -48.04 -33.00
CA GLY P 223 9.83 -47.70 -32.00
C GLY P 223 11.10 -47.06 -32.51
N LYS P 224 11.17 -46.71 -33.79
CA LYS P 224 12.37 -46.13 -34.38
C LYS P 224 11.98 -44.94 -35.25
N ILE P 225 12.96 -44.04 -35.45
CA ILE P 225 12.75 -42.91 -36.35
C ILE P 225 12.71 -43.40 -37.78
N THR P 226 11.64 -43.04 -38.50
CA THR P 226 11.44 -43.45 -39.89
C THR P 226 11.25 -42.22 -40.76
N SER P 227 11.30 -42.43 -42.07
CA SER P 227 11.07 -41.38 -43.05
C SER P 227 9.58 -41.24 -43.32
N PRO P 228 9.13 -40.10 -43.87
CA PRO P 228 9.87 -38.90 -44.31
C PRO P 228 10.33 -38.01 -43.16
N ILE P 229 11.41 -37.27 -43.39
CA ILE P 229 11.92 -36.28 -42.44
C ILE P 229 12.23 -35.01 -43.21
N ARG P 230 11.61 -33.90 -42.80
CA ARG P 230 11.76 -32.61 -43.48
C ARG P 230 12.12 -31.54 -42.46
N SER P 231 12.74 -30.47 -42.97
CA SER P 231 12.98 -29.26 -42.20
C SER P 231 11.99 -28.22 -42.69
N VAL P 232 10.88 -28.10 -41.99
CA VAL P 232 9.79 -27.22 -42.39
C VAL P 232 9.99 -25.85 -41.76
N ALA P 233 9.53 -24.81 -42.46
CA ALA P 233 9.56 -23.45 -41.95
C ALA P 233 8.21 -23.13 -41.33
N LEU P 234 8.16 -23.03 -40.01
CA LEU P 234 6.90 -22.77 -39.32
C LEU P 234 6.41 -21.34 -39.52
N ASN P 235 7.21 -20.48 -40.13
CA ASN P 235 6.77 -19.16 -40.54
C ASN P 235 7.62 -18.72 -41.73
N ASP P 236 7.68 -17.42 -41.97
CA ASP P 236 8.54 -16.87 -43.02
C ASP P 236 9.33 -15.64 -42.58
N SER P 237 8.97 -15.03 -41.45
CA SER P 237 9.64 -13.81 -41.00
C SER P 237 11.00 -14.11 -40.37
N ASN P 238 11.05 -15.07 -39.45
CA ASN P 238 12.24 -15.34 -38.65
C ASN P 238 12.86 -16.70 -38.97
N VAL P 239 12.91 -17.04 -40.26
CA VAL P 239 13.52 -18.31 -40.68
C VAL P 239 15.02 -18.13 -40.80
N LYS P 240 15.77 -18.99 -40.12
CA LYS P 240 17.22 -18.93 -40.13
C LYS P 240 17.79 -20.34 -40.16
N SER P 241 19.03 -20.45 -40.63
CA SER P 241 19.71 -21.73 -40.68
C SER P 241 19.95 -22.28 -39.27
N PHE P 242 20.09 -23.59 -39.18
CA PHE P 242 20.30 -24.26 -37.90
C PHE P 242 21.51 -25.18 -37.99
N LYS P 243 22.19 -25.35 -36.85
CA LYS P 243 23.37 -26.19 -36.77
C LYS P 243 22.99 -27.67 -36.78
N PRO P 244 23.87 -28.52 -37.30
CA PRO P 244 23.52 -29.95 -37.42
C PRO P 244 23.18 -30.61 -36.10
N HIS P 245 23.81 -30.20 -34.99
CA HIS P 245 23.53 -30.83 -33.71
C HIS P 245 22.08 -30.67 -33.30
N LEU P 246 21.44 -29.56 -33.67
CA LEU P 246 20.03 -29.38 -33.36
C LEU P 246 19.17 -30.41 -34.08
N LEU P 247 19.58 -30.82 -35.28
CA LEU P 247 18.84 -31.86 -35.99
C LEU P 247 18.95 -33.19 -35.27
N LYS P 248 20.17 -33.55 -34.85
CA LYS P 248 20.34 -34.78 -34.08
C LYS P 248 19.68 -34.67 -32.71
N GLN P 249 19.67 -33.47 -32.13
CA GLN P 249 18.97 -33.27 -30.86
C GLN P 249 17.46 -33.49 -31.02
N GLY P 250 16.88 -32.97 -32.10
CA GLY P 250 15.47 -33.19 -32.34
C GLY P 250 15.13 -34.64 -32.59
N LEU P 251 15.99 -35.34 -33.32
CA LEU P 251 15.77 -36.77 -33.57
C LEU P 251 15.86 -37.57 -32.28
N ALA P 252 16.85 -37.27 -31.43
CA ALA P 252 16.95 -37.94 -30.14
C ALA P 252 15.76 -37.59 -29.25
N MET P 253 15.22 -36.37 -29.38
CA MET P 253 14.07 -35.98 -28.57
C MET P 253 12.85 -36.82 -28.90
N VAL P 254 12.62 -37.09 -30.19
CA VAL P 254 11.50 -37.93 -30.58
C VAL P 254 11.74 -39.36 -30.11
N GLU P 255 12.95 -39.87 -30.32
CA GLU P 255 13.28 -41.24 -29.92
C GLU P 255 13.10 -41.47 -28.43
N LYS P 256 13.14 -40.40 -27.61
CA LYS P 256 13.00 -40.54 -26.17
C LYS P 256 11.55 -40.44 -25.69
N TYR P 257 10.78 -39.49 -26.23
CA TYR P 257 9.46 -39.19 -25.70
C TYR P 257 8.30 -39.68 -26.56
N ALA P 258 8.56 -40.12 -27.80
CA ALA P 258 7.49 -40.68 -28.61
C ALA P 258 6.88 -41.94 -28.00
N PRO P 259 7.64 -42.88 -27.41
CA PRO P 259 6.98 -44.04 -26.77
C PRO P 259 5.93 -43.65 -25.74
N ASP P 260 6.16 -42.59 -24.98
CA ASP P 260 5.13 -42.10 -24.06
C ASP P 260 3.91 -41.57 -24.82
N VAL P 261 4.14 -40.95 -25.98
CA VAL P 261 3.03 -40.45 -26.79
C VAL P 261 2.21 -41.62 -27.34
N VAL P 262 2.88 -42.71 -27.72
CA VAL P 262 2.17 -43.87 -28.27
C VAL P 262 1.26 -44.48 -27.21
N ARG P 263 1.82 -44.79 -26.03
CA ARG P 263 1.00 -45.33 -24.95
C ARG P 263 -0.03 -44.33 -24.46
N SER P 264 0.17 -43.04 -24.72
CA SER P 264 -0.88 -42.05 -24.46
C SER P 264 -2.02 -42.19 -25.45
N LEU P 265 -1.69 -42.38 -26.73
CA LEU P 265 -2.72 -42.58 -27.75
C LEU P 265 -3.30 -43.99 -27.70
N GLU P 266 -2.46 -44.99 -27.41
CA GLU P 266 -2.92 -46.38 -27.46
C GLU P 266 -3.99 -46.68 -26.43
N ASN P 267 -4.17 -45.81 -25.43
CA ASN P 267 -5.25 -45.98 -24.47
C ASN P 267 -6.60 -45.73 -25.13
N LEU P 268 -6.99 -46.60 -26.05
CA LEU P 268 -8.24 -46.46 -26.78
C LEU P 268 -8.62 -47.77 -27.45
N ASP Q 5 -10.82 -28.86 -71.26
CA ASP Q 5 -10.34 -27.47 -71.27
C ASP Q 5 -10.69 -26.78 -72.59
N ARG Q 6 -11.56 -25.78 -72.51
CA ARG Q 6 -11.92 -25.02 -73.70
C ARG Q 6 -10.76 -24.16 -74.18
N ARG Q 7 -9.87 -23.76 -73.28
CA ARG Q 7 -8.69 -22.97 -73.62
C ARG Q 7 -7.60 -23.80 -74.28
N ARG Q 8 -7.88 -25.05 -74.63
CA ARG Q 8 -6.86 -25.92 -75.21
C ARG Q 8 -7.46 -26.71 -76.35
N LEU Q 9 -6.59 -27.29 -77.17
CA LEU Q 9 -6.96 -28.23 -78.22
C LEU Q 9 -6.50 -29.61 -77.73
N LEU Q 10 -7.43 -30.34 -77.10
CA LEU Q 10 -7.13 -31.66 -76.55
C LEU Q 10 -7.54 -32.77 -77.49
N GLY Q 11 -7.87 -32.46 -78.74
CA GLY Q 11 -8.25 -33.46 -79.71
C GLY Q 11 -9.57 -34.12 -79.35
N PRO Q 12 -9.79 -35.31 -79.89
CA PRO Q 12 -11.01 -36.05 -79.57
C PRO Q 12 -10.97 -36.57 -78.14
N ALA Q 13 -12.13 -36.55 -77.48
CA ALA Q 13 -12.22 -37.10 -76.13
C ALA Q 13 -12.19 -38.62 -76.15
N ALA Q 14 -12.70 -39.23 -77.22
CA ALA Q 14 -12.68 -40.69 -77.37
C ALA Q 14 -11.28 -41.25 -77.52
N ALA Q 15 -10.25 -40.41 -77.66
CA ALA Q 15 -8.88 -40.87 -77.78
C ALA Q 15 -8.26 -41.06 -76.39
N LYS Q 16 -7.53 -42.17 -76.24
CA LYS Q 16 -6.85 -42.51 -74.99
C LYS Q 16 -5.34 -42.45 -75.18
N PRO Q 17 -4.60 -42.05 -74.14
CA PRO Q 17 -3.13 -41.94 -74.26
C PRO Q 17 -2.50 -43.28 -74.60
N MET Q 18 -1.22 -43.22 -74.96
CA MET Q 18 -0.47 -44.39 -75.37
C MET Q 18 0.10 -45.12 -74.15
N ALA Q 19 -0.17 -46.41 -74.06
CA ALA Q 19 0.34 -47.26 -72.99
C ALA Q 19 1.22 -48.34 -73.61
N PHE Q 20 2.49 -48.37 -73.22
CA PHE Q 20 3.43 -49.33 -73.78
C PHE Q 20 3.46 -50.61 -72.94
N GLU Q 43 32.93 -35.95 -59.68
CA GLU Q 43 31.96 -37.03 -59.80
C GLU Q 43 30.96 -36.74 -60.92
N GLN Q 44 30.06 -35.79 -60.67
CA GLN Q 44 29.01 -35.41 -61.62
C GLN Q 44 29.47 -34.16 -62.37
N GLU Q 45 29.65 -34.29 -63.68
CA GLU Q 45 30.07 -33.16 -64.48
C GLU Q 45 28.97 -32.11 -64.57
N LEU Q 46 29.34 -30.85 -64.36
CA LEU Q 46 28.39 -29.75 -64.33
C LEU Q 46 28.68 -28.76 -65.45
N SER Q 47 27.65 -28.02 -65.83
CA SER Q 47 27.76 -26.97 -66.86
C SER Q 47 26.77 -25.88 -66.50
N LEU Q 48 27.27 -24.70 -66.14
CA LEU Q 48 26.43 -23.61 -65.65
C LEU Q 48 26.53 -22.41 -66.56
N HIS Q 49 25.38 -21.75 -66.78
CA HIS Q 49 25.29 -20.49 -67.50
C HIS Q 49 24.23 -19.63 -66.82
N THR Q 50 24.35 -18.31 -66.98
CA THR Q 50 23.40 -17.37 -66.41
C THR Q 50 23.11 -16.27 -67.42
N GLY Q 51 21.97 -15.60 -67.21
CA GLY Q 51 21.64 -14.41 -67.97
C GLY Q 51 21.36 -14.59 -69.44
N PHE Q 52 20.65 -15.65 -69.81
CA PHE Q 52 20.35 -15.92 -71.21
C PHE Q 52 18.86 -15.74 -71.54
N ILE Q 53 18.05 -15.30 -70.59
CA ILE Q 53 16.62 -15.07 -70.80
C ILE Q 53 16.36 -13.58 -70.68
N GLU Q 54 15.61 -13.03 -71.63
CA GLU Q 54 15.55 -11.58 -71.81
C GLU Q 54 14.39 -10.92 -71.07
N ASN Q 55 13.31 -11.66 -70.78
CA ASN Q 55 12.15 -11.03 -70.16
C ASN Q 55 12.27 -10.95 -68.63
N CYS Q 56 13.09 -11.78 -68.02
CA CYS Q 56 13.18 -11.88 -66.57
C CYS Q 56 14.34 -11.02 -66.04
N ASN Q 57 14.43 -10.97 -64.71
CA ASN Q 57 15.51 -10.23 -64.07
C ASN Q 57 16.78 -11.08 -63.94
N GLY Q 58 16.64 -12.41 -63.91
CA GLY Q 58 17.79 -13.27 -63.80
C GLY Q 58 17.49 -14.72 -64.12
N SER Q 59 18.36 -15.35 -64.92
CA SER Q 59 18.17 -16.73 -65.35
C SER Q 59 19.43 -17.53 -65.06
N ALA Q 60 19.31 -18.85 -65.23
CA ALA Q 60 20.43 -19.76 -65.02
C ALA Q 60 20.09 -21.10 -65.66
N LEU Q 61 21.13 -21.80 -66.12
CA LEU Q 61 20.99 -23.13 -66.70
C LEU Q 61 21.98 -24.07 -66.01
N VAL Q 62 21.46 -25.17 -65.47
CA VAL Q 62 22.28 -26.18 -64.79
C VAL Q 62 22.11 -27.49 -65.54
N GLU Q 63 23.20 -27.99 -66.10
CA GLU Q 63 23.22 -29.27 -66.80
C GLU Q 63 24.20 -30.19 -66.10
N ALA Q 64 23.70 -31.28 -65.53
CA ALA Q 64 24.51 -32.22 -64.78
C ALA Q 64 24.45 -33.58 -65.47
N ARG Q 65 25.64 -34.12 -65.78
CA ARG Q 65 25.75 -35.41 -66.45
C ARG Q 65 26.53 -36.35 -65.54
N SER Q 66 25.85 -37.35 -65.00
CA SER Q 66 26.46 -38.39 -64.20
C SER Q 66 26.46 -39.70 -64.96
N LEU Q 67 27.24 -40.66 -64.45
CA LEU Q 67 27.38 -41.94 -65.13
C LEU Q 67 26.06 -42.70 -65.23
N GLY Q 68 25.08 -42.35 -64.41
CA GLY Q 68 23.81 -43.04 -64.42
C GLY Q 68 22.61 -42.18 -64.73
N HIS Q 69 22.80 -40.86 -64.83
CA HIS Q 69 21.68 -39.96 -65.09
C HIS Q 69 22.20 -38.62 -65.60
N GLN Q 70 21.49 -38.03 -66.54
CA GLN Q 70 21.77 -36.69 -67.06
C GLN Q 70 20.55 -35.81 -66.87
N THR Q 71 20.76 -34.59 -66.38
CA THR Q 71 19.67 -33.68 -66.06
C THR Q 71 20.02 -32.25 -66.48
N SER Q 72 19.05 -31.55 -67.06
CA SER Q 72 19.18 -30.16 -67.43
C SER Q 72 17.93 -29.41 -67.01
N LEU Q 73 18.11 -28.22 -66.43
CA LEU Q 73 16.99 -27.41 -65.98
C LEU Q 73 17.36 -25.93 -66.03
N ILE Q 74 16.35 -25.09 -66.24
CA ILE Q 74 16.52 -23.65 -66.36
C ILE Q 74 15.72 -22.96 -65.26
N THR Q 75 16.31 -21.94 -64.65
CA THR Q 75 15.64 -21.11 -63.67
C THR Q 75 15.45 -19.69 -64.19
N ALA Q 76 14.37 -19.05 -63.75
CA ALA Q 76 14.07 -17.67 -64.07
C ALA Q 76 13.57 -16.97 -62.82
N VAL Q 77 14.16 -15.82 -62.49
CA VAL Q 77 13.79 -15.06 -61.31
C VAL Q 77 13.15 -13.75 -61.78
N TYR Q 78 11.87 -13.59 -61.49
CA TYR Q 78 11.13 -12.37 -61.78
C TYR Q 78 10.90 -11.62 -60.47
N GLY Q 79 11.43 -10.42 -60.37
CA GLY Q 79 11.28 -9.61 -59.18
C GLY Q 79 12.51 -8.79 -58.85
N PRO Q 80 12.41 -7.93 -57.82
CA PRO Q 80 11.20 -7.70 -57.01
C PRO Q 80 10.13 -6.88 -57.74
N ARG Q 81 8.89 -7.34 -57.66
CA ARG Q 81 7.74 -6.70 -58.27
C ARG Q 81 6.79 -6.24 -57.18
N SER Q 82 6.40 -4.97 -57.21
CA SER Q 82 5.58 -4.41 -56.14
C SER Q 82 4.23 -5.11 -56.07
N ILE Q 83 3.87 -5.57 -54.88
CA ILE Q 83 2.60 -6.24 -54.65
C ILE Q 83 1.55 -5.19 -54.33
N ARG Q 84 0.40 -5.26 -55.00
CA ARG Q 84 -0.64 -4.25 -54.85
C ARG Q 84 -1.17 -4.17 -53.42
N GLY Q 85 -0.88 -3.07 -52.75
CA GLY Q 85 -1.35 -2.83 -51.40
C GLY Q 85 -0.84 -3.84 -50.39
N SER Q 86 0.48 -4.00 -50.32
CA SER Q 86 1.09 -4.94 -49.40
C SER Q 86 1.92 -4.16 -48.38
N PHE Q 87 1.54 -4.27 -47.11
CA PHE Q 87 2.31 -3.66 -46.03
C PHE Q 87 3.41 -4.57 -45.51
N THR Q 88 3.66 -5.69 -46.18
CA THR Q 88 4.65 -6.66 -45.73
C THR Q 88 6.01 -5.98 -45.58
N SER Q 89 6.64 -6.19 -44.42
CA SER Q 89 7.93 -5.59 -44.12
C SER Q 89 9.07 -6.22 -44.89
N GLN Q 90 8.84 -7.36 -45.53
CA GLN Q 90 9.89 -8.07 -46.25
C GLN Q 90 9.31 -8.71 -47.51
N GLY Q 91 10.17 -9.37 -48.26
CA GLY Q 91 9.75 -9.95 -49.51
C GLY Q 91 8.97 -11.24 -49.35
N THR Q 92 8.28 -11.61 -50.42
CA THR Q 92 7.47 -12.83 -50.46
C THR Q 92 7.99 -13.69 -51.61
N ILE Q 93 8.64 -14.79 -51.27
CA ILE Q 93 9.25 -15.66 -52.27
C ILE Q 93 8.21 -16.62 -52.81
N SER Q 94 8.20 -16.77 -54.14
CA SER Q 94 7.36 -17.76 -54.81
C SER Q 94 8.25 -18.64 -55.69
N ILE Q 95 8.11 -19.95 -55.56
CA ILE Q 95 8.91 -20.91 -56.30
C ILE Q 95 7.95 -21.92 -56.92
N GLN Q 96 7.79 -21.86 -58.23
CA GLN Q 96 6.95 -22.79 -58.98
C GLN Q 96 7.84 -23.74 -59.78
N LEU Q 97 7.75 -25.03 -59.47
CA LEU Q 97 8.52 -26.06 -60.16
C LEU Q 97 7.64 -26.62 -61.28
N LYS Q 98 7.97 -26.29 -62.53
CA LYS Q 98 7.19 -26.73 -63.66
C LYS Q 98 7.82 -27.96 -64.30
N ASN Q 99 6.97 -28.84 -64.81
CA ASN Q 99 7.41 -30.05 -65.52
C ASN Q 99 7.30 -29.76 -67.01
N GLY Q 100 8.41 -29.39 -67.64
CA GLY Q 100 8.41 -29.05 -69.05
C GLY Q 100 8.67 -30.26 -69.93
N LEU Q 101 7.95 -30.30 -71.07
CA LEU Q 101 8.00 -31.36 -72.06
C LEU Q 101 7.68 -32.74 -71.49
N LEU Q 102 8.55 -33.28 -70.64
CA LEU Q 102 8.36 -34.59 -70.01
C LEU Q 102 7.59 -34.45 -68.70
N GLU Q 103 6.35 -34.93 -68.67
CA GLU Q 103 5.54 -34.88 -67.45
C GLU Q 103 5.80 -36.13 -66.62
N LYS Q 104 7.00 -36.18 -66.03
CA LYS Q 104 7.47 -37.37 -65.32
C LYS Q 104 7.04 -37.42 -63.86
N TYR Q 105 6.97 -36.28 -63.18
CA TYR Q 105 6.74 -36.24 -61.74
C TYR Q 105 5.32 -35.83 -61.41
N ASN Q 106 4.80 -36.37 -60.31
CA ASN Q 106 3.43 -36.09 -59.91
C ASN Q 106 3.31 -34.69 -59.32
N THR Q 107 2.14 -34.09 -59.49
CA THR Q 107 1.90 -32.73 -58.99
C THR Q 107 2.04 -32.65 -57.47
N ASN Q 108 1.66 -33.72 -56.75
CA ASN Q 108 1.83 -33.73 -55.31
C ASN Q 108 3.28 -33.51 -54.91
N GLU Q 109 4.19 -34.25 -55.54
CA GLU Q 109 5.60 -34.20 -55.16
C GLU Q 109 6.28 -32.93 -55.64
N LEU Q 110 5.89 -32.40 -56.80
CA LEU Q 110 6.50 -31.16 -57.29
C LEU Q 110 6.21 -29.99 -56.36
N LYS Q 111 4.96 -29.88 -55.89
CA LYS Q 111 4.63 -28.81 -54.95
C LYS Q 111 5.28 -29.03 -53.60
N GLU Q 112 5.54 -30.29 -53.24
CA GLU Q 112 6.29 -30.57 -52.01
C GLU Q 112 7.74 -30.12 -52.13
N VAL Q 113 8.35 -30.34 -53.29
CA VAL Q 113 9.70 -29.85 -53.51
C VAL Q 113 9.70 -28.33 -53.60
N SER Q 114 8.69 -27.76 -54.26
CA SER Q 114 8.52 -26.30 -54.24
C SER Q 114 8.35 -25.79 -52.83
N SER Q 115 7.57 -26.49 -52.01
CA SER Q 115 7.44 -26.14 -50.60
C SER Q 115 8.80 -26.24 -49.89
N PHE Q 116 9.52 -27.33 -50.14
CA PHE Q 116 10.84 -27.49 -49.57
C PHE Q 116 11.79 -26.40 -50.04
N LEU Q 117 11.78 -26.08 -51.34
CA LEU Q 117 12.67 -25.06 -51.88
C LEU Q 117 12.38 -23.69 -51.28
N MET Q 118 11.10 -23.35 -51.13
CA MET Q 118 10.74 -22.05 -50.56
C MET Q 118 11.20 -21.94 -49.11
N GLY Q 119 11.22 -23.05 -48.37
CA GLY Q 119 11.74 -23.00 -47.02
C GLY Q 119 13.22 -22.67 -46.96
N ILE Q 120 13.99 -23.21 -47.91
CA ILE Q 120 15.43 -22.96 -47.94
C ILE Q 120 15.71 -21.48 -48.22
N PHE Q 121 15.24 -20.98 -49.36
CA PHE Q 121 15.63 -19.65 -49.81
C PHE Q 121 14.94 -18.54 -49.02
N ASN Q 122 13.86 -18.86 -48.29
CA ASN Q 122 13.31 -17.89 -47.35
C ASN Q 122 14.22 -17.67 -46.15
N SER Q 123 15.29 -18.47 -46.02
CA SER Q 123 16.31 -18.28 -45.00
C SER Q 123 17.65 -17.91 -45.60
N VAL Q 124 17.70 -17.64 -46.91
CA VAL Q 124 18.91 -17.20 -47.59
C VAL Q 124 18.75 -15.82 -48.19
N VAL Q 125 17.59 -15.54 -48.78
CA VAL Q 125 17.33 -14.22 -49.37
C VAL Q 125 17.20 -13.19 -48.25
N ASN Q 126 17.90 -12.07 -48.39
CA ASN Q 126 17.78 -10.97 -47.45
C ASN Q 126 16.44 -10.29 -47.67
N LEU Q 127 15.36 -10.95 -47.21
CA LEU Q 127 14.00 -10.50 -47.52
C LEU Q 127 13.70 -9.12 -46.96
N SER Q 128 14.40 -8.70 -45.91
CA SER Q 128 14.17 -7.39 -45.31
C SER Q 128 14.45 -6.25 -46.28
N ARG Q 129 15.28 -6.48 -47.29
CA ARG Q 129 15.65 -5.42 -48.24
C ARG Q 129 14.59 -5.18 -49.31
N TYR Q 130 13.55 -6.00 -49.39
CA TYR Q 130 12.54 -5.89 -50.44
C TYR Q 130 11.14 -5.91 -49.83
N PRO Q 131 10.76 -4.87 -49.10
CA PRO Q 131 9.43 -4.84 -48.50
C PRO Q 131 8.37 -4.49 -49.53
N LYS Q 132 7.14 -4.93 -49.25
CA LYS Q 132 5.97 -4.69 -50.08
C LYS Q 132 6.10 -5.27 -51.49
N SER Q 133 7.14 -6.05 -51.74
CA SER Q 133 7.40 -6.61 -53.06
C SER Q 133 7.37 -8.14 -52.98
N GLY Q 134 7.61 -8.77 -54.12
CA GLY Q 134 7.65 -10.23 -54.18
C GLY Q 134 8.60 -10.69 -55.25
N ILE Q 135 9.16 -11.88 -55.04
CA ILE Q 135 10.10 -12.50 -55.98
C ILE Q 135 9.51 -13.83 -56.39
N ASP Q 136 9.30 -14.01 -57.69
CA ASP Q 136 8.69 -15.22 -58.23
C ASP Q 136 9.76 -15.99 -58.98
N ILE Q 137 9.98 -17.24 -58.58
CA ILE Q 137 11.02 -18.08 -59.14
C ILE Q 137 10.37 -19.24 -59.88
N PHE Q 138 10.87 -19.53 -61.08
CA PHE Q 138 10.40 -20.65 -61.89
C PHE Q 138 11.57 -21.55 -62.22
N VAL Q 139 11.39 -22.85 -62.01
CA VAL Q 139 12.40 -23.85 -62.33
C VAL Q 139 11.79 -24.78 -63.36
N TYR Q 140 12.23 -24.65 -64.61
CA TYR Q 140 11.73 -25.48 -65.69
C TYR Q 140 12.66 -26.68 -65.90
N LEU Q 141 12.13 -27.88 -65.75
CA LEU Q 141 12.86 -29.08 -66.13
C LEU Q 141 12.85 -29.25 -67.65
N THR Q 142 14.02 -29.42 -68.23
CA THR Q 142 14.14 -29.55 -69.67
C THR Q 142 14.74 -30.88 -70.13
N TYR Q 143 15.34 -31.65 -69.23
CA TYR Q 143 15.91 -32.95 -69.61
C TYR Q 143 16.11 -33.78 -68.36
N ASP Q 144 15.73 -35.06 -68.45
CA ASP Q 144 15.86 -35.98 -67.32
C ASP Q 144 15.78 -37.40 -67.85
N LYS Q 145 16.92 -38.07 -67.93
CA LYS Q 145 17.00 -39.45 -68.40
C LYS Q 145 17.92 -40.24 -67.49
N ASP Q 146 17.45 -41.39 -67.02
CA ASP Q 146 18.22 -42.23 -66.09
C ASP Q 146 18.85 -43.36 -66.88
N LEU Q 147 20.16 -43.24 -67.13
CA LEU Q 147 20.91 -44.26 -67.88
C LEU Q 147 21.26 -45.44 -66.98
N THR Q 148 20.21 -46.06 -66.43
CA THR Q 148 20.34 -47.22 -65.55
C THR Q 148 19.52 -48.36 -66.13
N ASN Q 149 20.20 -49.41 -66.59
CA ASN Q 149 19.53 -50.56 -67.17
C ASN Q 149 19.78 -51.82 -66.35
N SER Q 163 11.70 -42.88 -55.21
CA SER Q 163 11.52 -41.74 -56.10
C SER Q 163 12.85 -41.15 -56.54
N GLN Q 164 12.89 -40.62 -57.77
CA GLN Q 164 14.07 -39.94 -58.29
C GLN Q 164 14.08 -38.45 -57.95
N ILE Q 165 12.98 -37.90 -57.41
CA ILE Q 165 12.88 -36.48 -57.17
C ILE Q 165 13.89 -36.00 -56.13
N SER Q 166 14.36 -36.90 -55.28
CA SER Q 166 15.33 -36.52 -54.25
C SER Q 166 16.65 -36.06 -54.87
N SER Q 167 17.18 -36.82 -55.83
CA SER Q 167 18.44 -36.47 -56.45
C SER Q 167 18.34 -35.24 -57.37
N LEU Q 168 17.13 -34.77 -57.65
CA LEU Q 168 16.92 -33.59 -58.47
C LEU Q 168 17.01 -32.31 -57.66
N ILE Q 169 16.73 -32.39 -56.36
CA ILE Q 169 16.68 -31.18 -55.52
C ILE Q 169 17.99 -30.40 -55.52
N PRO Q 170 19.17 -31.03 -55.33
CA PRO Q 170 20.40 -30.23 -55.27
C PRO Q 170 20.66 -29.40 -56.52
N HIS Q 171 20.23 -29.88 -57.69
CA HIS Q 171 20.42 -29.10 -58.92
C HIS Q 171 19.40 -27.98 -59.06
N CYS Q 172 18.23 -28.11 -58.42
CA CYS Q 172 17.31 -26.99 -58.36
C CYS Q 172 17.83 -25.90 -57.45
N ILE Q 173 18.34 -26.27 -56.28
CA ILE Q 173 18.95 -25.29 -55.37
C ILE Q 173 20.14 -24.61 -56.03
N THR Q 174 20.98 -25.38 -56.73
CA THR Q 174 22.09 -24.81 -57.47
C THR Q 174 21.62 -23.77 -58.48
N SER Q 175 20.53 -24.07 -59.18
CA SER Q 175 20.05 -23.18 -60.23
C SER Q 175 19.37 -21.94 -59.67
N ILE Q 176 18.60 -22.09 -58.57
CA ILE Q 176 17.90 -20.94 -58.01
C ILE Q 176 18.89 -19.95 -57.41
N THR Q 177 19.93 -20.45 -56.75
CA THR Q 177 20.96 -19.58 -56.21
C THR Q 177 21.66 -18.80 -57.33
N LEU Q 178 22.00 -19.48 -58.42
CA LEU Q 178 22.60 -18.81 -59.57
C LEU Q 178 21.67 -17.76 -60.15
N ALA Q 179 20.39 -18.11 -60.32
CA ALA Q 179 19.45 -17.18 -60.93
C ALA Q 179 19.14 -16.02 -60.00
N LEU Q 180 19.12 -16.25 -58.69
CA LEU Q 180 18.91 -15.15 -57.75
C LEU Q 180 20.11 -14.21 -57.73
N ALA Q 181 21.32 -14.77 -57.83
CA ALA Q 181 22.51 -13.93 -57.93
C ALA Q 181 22.53 -13.16 -59.24
N ASP Q 182 22.11 -13.81 -60.33
CA ASP Q 182 22.06 -13.14 -61.62
C ASP Q 182 21.02 -12.04 -61.65
N ALA Q 183 19.93 -12.19 -60.88
CA ALA Q 183 18.90 -11.16 -60.80
C ALA Q 183 19.24 -10.03 -59.84
N GLY Q 184 20.38 -10.09 -59.17
CA GLY Q 184 20.76 -9.02 -58.26
C GLY Q 184 20.03 -9.00 -56.93
N ILE Q 185 19.55 -10.15 -56.48
CA ILE Q 185 18.86 -10.26 -55.19
C ILE Q 185 19.89 -10.58 -54.11
N GLU Q 186 19.78 -9.89 -52.97
CA GLU Q 186 20.73 -10.07 -51.90
C GLU Q 186 20.59 -11.44 -51.26
N LEU Q 187 21.70 -12.19 -51.21
CA LEU Q 187 21.76 -13.49 -50.56
C LEU Q 187 22.78 -13.45 -49.45
N VAL Q 188 22.40 -13.95 -48.27
CA VAL Q 188 23.31 -13.96 -47.14
C VAL Q 188 24.44 -14.97 -47.32
N ASP Q 189 24.26 -15.98 -48.15
CA ASP Q 189 25.29 -16.97 -48.41
C ASP Q 189 24.96 -17.69 -49.70
N MET Q 190 25.92 -18.48 -50.18
CA MET Q 190 25.72 -19.30 -51.39
C MET Q 190 25.09 -20.62 -50.98
N ALA Q 191 23.82 -20.80 -51.32
CA ALA Q 191 23.06 -21.98 -50.94
C ALA Q 191 23.31 -23.11 -51.95
N GLY Q 192 23.83 -24.24 -51.45
CA GLY Q 192 24.00 -25.43 -52.26
C GLY Q 192 23.58 -26.65 -51.48
N ALA Q 193 23.53 -27.79 -52.18
CA ALA Q 193 23.02 -28.99 -51.54
C ALA Q 193 23.63 -30.22 -52.19
N GLY Q 194 23.48 -31.35 -51.48
CA GLY Q 194 23.86 -32.64 -52.01
C GLY Q 194 22.84 -33.70 -51.61
N GLU Q 195 22.96 -34.85 -52.24
CA GLU Q 195 22.02 -35.95 -52.02
C GLU Q 195 22.80 -37.24 -51.79
N ALA Q 196 22.29 -38.09 -50.90
CA ALA Q 196 22.98 -39.35 -50.59
C ALA Q 196 21.96 -40.32 -50.01
N ASN Q 197 21.59 -41.32 -50.80
CA ASN Q 197 20.70 -42.42 -50.38
C ASN Q 197 19.37 -41.88 -49.86
N GLY Q 198 18.75 -41.00 -50.65
CA GLY Q 198 17.48 -40.42 -50.31
C GLY Q 198 17.52 -39.20 -49.43
N THR Q 199 18.64 -38.94 -48.76
CA THR Q 199 18.78 -37.77 -47.90
C THR Q 199 19.32 -36.59 -48.69
N VAL Q 200 18.68 -35.43 -48.56
CA VAL Q 200 19.10 -34.21 -49.22
C VAL Q 200 19.33 -33.15 -48.16
N VAL Q 201 20.55 -32.62 -48.11
CA VAL Q 201 20.93 -31.60 -47.13
C VAL Q 201 21.48 -30.40 -47.86
N SER Q 202 20.95 -29.21 -47.54
CA SER Q 202 21.41 -27.95 -48.11
C SER Q 202 22.14 -27.16 -47.03
N PHE Q 203 23.29 -26.61 -47.39
CA PHE Q 203 24.17 -25.95 -46.43
C PHE Q 203 24.37 -24.48 -46.78
N ILE Q 204 24.80 -23.72 -45.76
CA ILE Q 204 25.38 -22.39 -45.92
C ILE Q 204 26.54 -22.29 -44.95
N LYS Q 205 27.33 -21.22 -45.10
CA LYS Q 205 28.47 -20.95 -44.22
C LYS Q 205 29.45 -22.12 -44.21
N ASN Q 206 29.81 -22.59 -45.41
CA ASN Q 206 30.78 -23.67 -45.60
C ASN Q 206 30.34 -24.95 -44.90
N GLY Q 207 29.04 -25.25 -44.97
CA GLY Q 207 28.53 -26.46 -44.37
C GLY Q 207 28.41 -26.43 -42.86
N GLU Q 208 28.62 -25.26 -42.24
CA GLU Q 208 28.52 -25.17 -40.79
C GLU Q 208 27.06 -25.20 -40.32
N GLU Q 209 26.13 -24.77 -41.17
CA GLU Q 209 24.73 -24.70 -40.79
C GLU Q 209 23.88 -25.20 -41.95
N ILE Q 210 22.68 -25.68 -41.61
CA ILE Q 210 21.78 -26.33 -42.56
C ILE Q 210 20.62 -25.38 -42.84
N VAL Q 211 20.30 -25.22 -44.13
CA VAL Q 211 19.13 -24.43 -44.53
C VAL Q 211 18.00 -25.29 -45.04
N GLY Q 212 18.22 -26.60 -45.21
CA GLY Q 212 17.18 -27.50 -45.64
C GLY Q 212 17.57 -28.95 -45.47
N PHE Q 213 16.63 -29.78 -45.04
CA PHE Q 213 16.88 -31.20 -44.84
C PHE Q 213 15.70 -32.00 -45.35
N TRP Q 214 15.99 -33.08 -46.07
CA TRP Q 214 14.98 -33.89 -46.72
C TRP Q 214 15.47 -35.33 -46.70
N LYS Q 215 14.59 -36.25 -46.29
CA LYS Q 215 14.94 -37.67 -46.25
C LYS Q 215 13.73 -38.49 -46.65
N ASP Q 216 13.85 -39.24 -47.73
CA ASP Q 216 12.82 -40.16 -48.20
C ASP Q 216 13.43 -41.54 -48.34
N ASP Q 217 12.78 -42.55 -47.77
CA ASP Q 217 13.24 -43.95 -47.80
C ASP Q 217 14.63 -43.97 -47.15
N GLY Q 218 15.63 -44.55 -47.79
CA GLY Q 218 16.97 -44.57 -47.23
C GLY Q 218 17.14 -45.60 -46.14
N ASP Q 219 18.33 -45.61 -45.56
CA ASP Q 219 18.68 -46.53 -44.49
C ASP Q 219 18.65 -45.81 -43.14
N ASP Q 220 18.82 -46.58 -42.08
CA ASP Q 220 18.80 -46.03 -40.73
C ASP Q 220 20.20 -45.62 -40.27
N GLU Q 221 20.24 -44.61 -39.41
CA GLU Q 221 21.47 -44.06 -38.83
C GLU Q 221 22.48 -43.61 -39.89
N ASP Q 222 22.01 -43.35 -41.11
CA ASP Q 222 22.88 -42.89 -42.19
C ASP Q 222 23.25 -41.41 -42.06
N LEU Q 223 22.56 -40.69 -41.17
CA LEU Q 223 22.71 -39.24 -41.04
C LEU Q 223 24.17 -38.80 -41.07
N LEU Q 224 25.01 -39.40 -40.23
CA LEU Q 224 26.40 -38.97 -40.13
C LEU Q 224 27.13 -39.16 -41.47
N GLU Q 225 26.93 -40.31 -42.11
CA GLU Q 225 27.57 -40.56 -43.40
C GLU Q 225 26.93 -39.75 -44.51
N CYS Q 226 25.63 -39.46 -44.40
CA CYS Q 226 24.95 -38.68 -45.43
C CYS Q 226 25.35 -37.20 -45.35
N LEU Q 227 25.35 -36.64 -44.15
CA LEU Q 227 25.80 -35.25 -43.99
C LEU Q 227 27.21 -35.05 -44.52
N ASP Q 228 28.05 -36.09 -44.44
CA ASP Q 228 29.39 -36.00 -44.98
C ASP Q 228 29.37 -35.97 -46.50
N ARG Q 229 28.66 -36.92 -47.12
CA ARG Q 229 28.60 -36.98 -48.58
C ARG Q 229 27.88 -35.78 -49.18
N CYS Q 230 26.85 -35.26 -48.50
CA CYS Q 230 26.12 -34.11 -49.03
C CYS Q 230 26.95 -32.84 -48.96
N LYS Q 231 27.72 -32.68 -47.88
CA LYS Q 231 28.61 -31.53 -47.77
C LYS Q 231 29.68 -31.53 -48.85
N GLU Q 232 30.11 -32.72 -49.27
CA GLU Q 232 31.08 -32.81 -50.37
C GLU Q 232 30.49 -32.25 -51.66
N GLN Q 233 29.27 -32.67 -51.99
CA GLN Q 233 28.60 -32.12 -53.17
C GLN Q 233 28.30 -30.63 -53.00
N TYR Q 234 28.00 -30.21 -51.77
CA TYR Q 234 27.76 -28.80 -51.50
C TYR Q 234 28.99 -27.96 -51.83
N ASN Q 235 30.15 -28.36 -51.31
CA ASN Q 235 31.39 -27.63 -51.56
C ASN Q 235 31.73 -27.62 -53.04
N ARG Q 236 31.61 -28.78 -53.70
CA ARG Q 236 31.89 -28.85 -55.13
C ARG Q 236 30.98 -27.93 -55.93
N TYR Q 237 29.68 -27.97 -55.64
CA TYR Q 237 28.74 -27.13 -56.36
C TYR Q 237 28.96 -25.65 -56.06
N ARG Q 238 29.29 -25.33 -54.81
CA ARG Q 238 29.49 -23.94 -54.43
C ARG Q 238 30.71 -23.35 -55.13
N ASP Q 239 31.81 -24.09 -55.20
CA ASP Q 239 32.99 -23.61 -55.91
C ASP Q 239 32.67 -23.36 -57.39
N LEU Q 240 32.02 -24.34 -58.03
CA LEU Q 240 31.59 -24.15 -59.42
C LEU Q 240 30.60 -22.99 -59.54
N MET Q 241 29.74 -22.82 -58.54
CA MET Q 241 28.76 -21.75 -58.56
C MET Q 241 29.44 -20.38 -58.51
N ILE Q 242 30.39 -20.21 -57.58
CA ILE Q 242 31.11 -18.96 -57.49
C ILE Q 242 31.97 -18.73 -58.73
N SER Q 243 32.63 -19.79 -59.21
CA SER Q 243 33.46 -19.65 -60.41
C SER Q 243 32.64 -19.28 -61.63
N CYS Q 244 31.36 -19.67 -61.66
CA CYS Q 244 30.51 -19.30 -62.78
C CYS Q 244 30.16 -17.81 -62.73
N LEU Q 245 29.81 -17.30 -61.55
CA LEU Q 245 29.39 -15.91 -61.43
C LEU Q 245 30.54 -14.94 -61.68
N MET Q 246 31.79 -15.37 -61.46
CA MET Q 246 32.93 -14.49 -61.70
C MET Q 246 33.30 -14.44 -63.18
N ASN Q 247 33.52 -15.61 -63.79
CA ASN Q 247 33.91 -15.68 -65.19
C ASN Q 247 32.69 -15.59 -66.12
N SER R 6 -28.66 19.42 -97.53
CA SER R 6 -28.63 18.30 -96.61
C SER R 6 -28.60 16.97 -97.35
N THR R 7 -27.41 16.38 -97.46
CA THR R 7 -27.23 15.12 -98.17
C THR R 7 -26.76 14.04 -97.20
N PHE R 8 -27.03 12.80 -97.56
CA PHE R 8 -26.59 11.66 -96.74
C PHE R 8 -25.08 11.47 -96.88
N ILE R 9 -24.41 11.27 -95.75
CA ILE R 9 -22.95 11.18 -95.71
C ILE R 9 -22.55 9.91 -94.96
N PHE R 10 -21.49 9.27 -95.44
CA PHE R 10 -20.89 8.10 -94.83
C PHE R 10 -19.49 8.42 -94.32
N PRO R 11 -18.99 7.68 -93.34
CA PRO R 11 -17.63 7.94 -92.85
C PRO R 11 -16.59 7.67 -93.94
N GLY R 12 -15.64 8.59 -94.07
CA GLY R 12 -14.63 8.51 -95.10
C GLY R 12 -15.02 9.15 -96.41
N ASP R 13 -16.23 9.70 -96.52
CA ASP R 13 -16.66 10.35 -97.74
C ASP R 13 -15.99 11.72 -97.89
N SER R 14 -16.01 12.24 -99.12
CA SER R 14 -15.41 13.53 -99.39
C SER R 14 -16.25 14.64 -98.76
N PHE R 15 -15.59 15.52 -98.03
CA PHE R 15 -16.28 16.58 -97.31
C PHE R 15 -16.66 17.69 -98.28
N PRO R 16 -17.95 18.02 -98.43
CA PRO R 16 -18.34 19.01 -99.44
C PRO R 16 -17.89 20.44 -99.13
N VAL R 17 -17.83 20.81 -97.85
CA VAL R 17 -17.53 22.20 -97.49
C VAL R 17 -16.12 22.55 -97.92
N ASP R 18 -15.94 23.82 -98.36
CA ASP R 18 -14.74 24.47 -98.89
C ASP R 18 -13.89 25.06 -97.75
N PRO R 19 -12.56 24.96 -97.86
CA PRO R 19 -11.64 25.55 -96.87
C PRO R 19 -11.79 27.07 -96.80
N LEU R 25 -17.27 23.11 -86.29
CA LEU R 25 -17.65 21.72 -86.53
C LEU R 25 -18.50 21.18 -85.39
N GLY R 26 -19.62 20.56 -85.74
CA GLY R 26 -20.50 19.97 -84.77
C GLY R 26 -20.35 18.47 -84.69
N PRO R 27 -21.39 17.79 -84.22
CA PRO R 27 -21.33 16.32 -84.12
C PRO R 27 -21.22 15.67 -85.49
N GLY R 28 -20.40 14.63 -85.56
CA GLY R 28 -20.24 13.82 -86.75
C GLY R 28 -18.98 14.09 -87.55
N ILE R 29 -18.42 15.29 -87.44
CA ILE R 29 -17.26 15.69 -88.23
C ILE R 29 -16.03 15.67 -87.34
N TYR R 30 -14.92 15.15 -87.89
CA TYR R 30 -13.69 14.96 -87.14
C TYR R 30 -12.53 15.60 -87.91
N CYS R 31 -11.61 16.22 -87.17
CA CYS R 31 -10.44 16.85 -87.75
C CYS R 31 -9.21 16.01 -87.41
N ASP R 32 -8.52 15.54 -88.43
CA ASP R 32 -7.39 14.63 -88.23
C ASP R 32 -6.26 15.35 -87.49
N PRO R 33 -5.76 14.80 -86.39
CA PRO R 33 -4.59 15.42 -85.74
C PRO R 33 -3.33 15.29 -86.57
N ASN R 34 -3.24 14.27 -87.44
CA ASN R 34 -2.05 14.05 -88.25
C ASN R 34 -2.17 14.70 -89.63
N THR R 35 -3.26 14.42 -90.34
CA THR R 35 -3.45 14.92 -91.69
C THR R 35 -4.13 16.29 -91.74
N GLN R 36 -4.69 16.75 -90.62
CA GLN R 36 -5.37 18.04 -90.52
C GLN R 36 -6.56 18.14 -91.47
N GLU R 37 -7.09 17.02 -91.94
CA GLU R 37 -8.24 17.02 -92.83
C GLU R 37 -9.52 16.89 -92.02
N ILE R 38 -10.55 17.63 -92.44
CA ILE R 38 -11.87 17.55 -91.82
C ILE R 38 -12.66 16.49 -92.57
N ARG R 39 -12.99 15.40 -91.87
CA ARG R 39 -13.63 14.25 -92.48
C ARG R 39 -14.76 13.74 -91.60
N PRO R 40 -15.77 13.11 -92.19
CA PRO R 40 -16.87 12.57 -91.39
C PRO R 40 -16.52 11.21 -90.79
N VAL R 41 -17.13 10.92 -89.64
CA VAL R 41 -16.89 9.67 -88.94
C VAL R 41 -18.21 9.00 -88.56
N ASN R 42 -19.32 9.72 -88.76
CA ASN R 42 -20.64 9.20 -88.43
C ASN R 42 -21.52 9.16 -89.67
N THR R 43 -22.48 8.23 -89.67
CA THR R 43 -23.38 8.02 -90.78
C THR R 43 -24.70 8.72 -90.52
N GLY R 44 -25.08 9.63 -91.42
CA GLY R 44 -26.33 10.35 -91.25
C GLY R 44 -26.50 11.43 -92.29
N VAL R 45 -27.25 12.46 -91.92
CA VAL R 45 -27.53 13.59 -92.79
C VAL R 45 -26.60 14.73 -92.42
N LEU R 46 -25.84 15.22 -93.41
CA LEU R 46 -24.93 16.33 -93.21
C LEU R 46 -25.68 17.65 -93.39
N HIS R 47 -25.78 18.42 -92.31
CA HIS R 47 -26.45 19.72 -92.34
C HIS R 47 -25.40 20.82 -92.34
N VAL R 48 -25.48 21.71 -93.31
CA VAL R 48 -24.52 22.81 -93.48
C VAL R 48 -25.28 24.11 -93.55
N SER R 49 -24.81 25.12 -92.83
CA SER R 49 -25.44 26.44 -92.83
C SER R 49 -25.29 27.12 -94.19
N THR R 58 -21.74 26.61 -90.46
CA THR R 58 -21.79 25.54 -89.47
C THR R 58 -22.22 24.23 -90.10
N ALA R 59 -21.37 23.21 -89.98
CA ALA R 59 -21.62 21.89 -90.55
C ALA R 59 -21.61 20.83 -89.47
N TYR R 60 -22.55 19.89 -89.56
CA TYR R 60 -22.63 18.78 -88.62
C TYR R 60 -23.41 17.66 -89.28
N ILE R 61 -23.41 16.50 -88.64
CA ILE R 61 -24.11 15.31 -89.13
C ILE R 61 -25.09 14.85 -88.06
N ASP R 62 -26.36 14.71 -88.45
CA ASP R 62 -27.39 14.15 -87.59
C ASP R 62 -27.38 12.64 -87.75
N TYR R 63 -26.99 11.93 -86.70
CA TYR R 63 -26.85 10.48 -86.74
C TYR R 63 -27.59 9.83 -85.59
N SER R 64 -28.03 8.60 -85.80
CA SER R 64 -28.82 7.89 -84.80
C SER R 64 -27.91 7.22 -83.78
N SER R 65 -28.28 7.35 -82.51
CA SER R 65 -27.51 6.76 -81.42
C SER R 65 -28.40 6.63 -80.19
N LYS R 66 -28.05 5.67 -79.33
CA LYS R 66 -28.73 5.47 -78.06
C LYS R 66 -27.82 5.67 -76.85
N ARG R 67 -26.51 5.65 -77.02
CA ARG R 67 -25.57 5.86 -75.92
C ARG R 67 -25.21 7.33 -75.86
N TYR R 68 -25.53 7.98 -74.74
CA TYR R 68 -25.27 9.40 -74.59
C TYR R 68 -23.81 9.65 -74.25
N ILE R 69 -23.27 10.71 -74.82
CA ILE R 69 -21.91 11.17 -74.54
C ILE R 69 -22.02 12.59 -74.00
N PRO R 70 -21.49 12.86 -72.80
CA PRO R 70 -21.69 14.19 -72.20
C PRO R 70 -21.04 15.29 -73.02
N SER R 71 -21.84 16.30 -73.36
CA SER R 71 -21.37 17.50 -74.02
C SER R 71 -21.88 18.71 -73.26
N VAL R 72 -21.10 19.80 -73.29
CA VAL R 72 -21.43 20.97 -72.47
C VAL R 72 -22.77 21.57 -72.91
N ASN R 73 -23.42 22.24 -71.97
CA ASN R 73 -24.72 22.90 -72.20
C ASN R 73 -25.79 21.89 -72.60
N ASP R 74 -25.77 20.72 -71.97
CA ASP R 74 -26.78 19.69 -72.19
C ASP R 74 -27.63 19.54 -70.94
N PHE R 75 -28.94 19.44 -71.14
CA PHE R 75 -29.88 19.16 -70.05
C PHE R 75 -30.02 17.65 -69.93
N VAL R 76 -29.70 17.13 -68.74
CA VAL R 76 -29.66 15.68 -68.52
C VAL R 76 -30.35 15.36 -67.20
N ILE R 77 -30.83 14.12 -67.10
CA ILE R 77 -31.46 13.59 -65.90
C ILE R 77 -30.56 12.49 -65.36
N GLY R 78 -30.16 12.63 -64.09
CA GLY R 78 -29.29 11.66 -63.44
C GLY R 78 -29.94 11.08 -62.19
N VAL R 79 -29.25 10.11 -61.60
CA VAL R 79 -29.70 9.47 -60.37
C VAL R 79 -28.49 9.33 -59.45
N ILE R 80 -28.65 9.78 -58.20
CA ILE R 80 -27.58 9.70 -57.22
C ILE R 80 -27.32 8.23 -56.89
N ILE R 81 -26.08 7.79 -57.10
CA ILE R 81 -25.68 6.42 -56.81
C ILE R 81 -24.65 6.32 -55.70
N GLY R 82 -24.11 7.44 -55.22
CA GLY R 82 -23.11 7.42 -54.17
C GLY R 82 -22.72 8.80 -53.70
N THR R 83 -22.46 8.94 -52.41
CA THR R 83 -22.07 10.20 -51.80
C THR R 83 -20.63 10.12 -51.34
N PHE R 84 -19.79 11.05 -51.81
CA PHE R 84 -18.38 11.08 -51.48
C PHE R 84 -18.09 12.22 -50.51
N SER R 85 -16.82 12.62 -50.41
CA SER R 85 -16.42 13.63 -49.44
C SER R 85 -16.98 15.00 -49.80
N ASP R 86 -16.71 15.47 -51.02
CA ASP R 86 -17.13 16.79 -51.44
C ASP R 86 -18.12 16.77 -52.60
N SER R 87 -18.45 15.61 -53.15
CA SER R 87 -19.32 15.53 -54.31
C SER R 87 -20.18 14.28 -54.22
N TYR R 88 -21.15 14.20 -55.13
CA TYR R 88 -22.02 13.04 -55.26
C TYR R 88 -21.84 12.43 -56.64
N LYS R 89 -21.86 11.10 -56.70
CA LYS R 89 -21.70 10.39 -57.96
C LYS R 89 -23.08 10.19 -58.59
N VAL R 90 -23.27 10.76 -59.79
CA VAL R 90 -24.53 10.66 -60.50
C VAL R 90 -24.32 9.86 -61.78
N SER R 91 -25.36 9.15 -62.19
CA SER R 91 -25.31 8.30 -63.38
C SER R 91 -26.32 8.82 -64.40
N LEU R 92 -25.82 9.12 -65.60
CA LEU R 92 -26.68 9.59 -66.68
C LEU R 92 -27.19 8.46 -67.56
N GLN R 93 -26.58 7.29 -67.49
CA GLN R 93 -26.98 6.15 -68.31
C GLN R 93 -26.37 4.89 -67.71
N ASN R 94 -27.09 3.78 -67.85
CA ASN R 94 -26.60 2.52 -67.31
C ASN R 94 -25.33 2.09 -68.04
N PHE R 95 -24.38 1.54 -67.27
CA PHE R 95 -23.10 1.03 -67.75
C PHE R 95 -22.17 2.15 -68.22
N SER R 96 -22.68 3.38 -68.29
CA SER R 96 -21.85 4.51 -68.68
C SER R 96 -21.03 5.01 -67.49
N SER R 97 -20.08 5.90 -67.78
CA SER R 97 -19.21 6.42 -66.74
C SER R 97 -19.95 7.43 -65.88
N SER R 98 -19.53 7.51 -64.61
CA SER R 98 -20.23 8.33 -63.64
C SER R 98 -19.92 9.82 -63.86
N VAL R 99 -20.71 10.66 -63.19
CA VAL R 99 -20.61 12.11 -63.30
C VAL R 99 -20.54 12.69 -61.90
N SER R 100 -19.78 13.78 -61.76
CA SER R 100 -19.54 14.42 -60.47
C SER R 100 -20.50 15.58 -60.25
N LEU R 101 -21.08 15.65 -59.06
CA LEU R 101 -21.98 16.72 -58.66
C LEU R 101 -21.55 17.24 -57.31
N SER R 102 -21.02 18.46 -57.27
CA SER R 102 -20.55 19.06 -56.03
C SER R 102 -21.72 19.43 -55.12
N LEU R 117 -29.72 15.68 -50.45
CA LEU R 117 -29.98 14.54 -51.34
C LEU R 117 -29.47 13.24 -50.75
N GLN R 118 -30.19 12.16 -51.01
CA GLN R 118 -29.79 10.82 -50.62
C GLN R 118 -29.62 9.96 -51.87
N VAL R 119 -28.96 8.81 -51.70
CA VAL R 119 -28.70 7.92 -52.82
C VAL R 119 -30.02 7.38 -53.36
N GLY R 120 -30.23 7.51 -54.67
CA GLY R 120 -31.42 7.02 -55.32
C GLY R 120 -32.36 8.10 -55.83
N ASP R 121 -32.05 9.38 -55.60
CA ASP R 121 -32.91 10.45 -56.05
C ASP R 121 -32.68 10.75 -57.53
N LEU R 122 -33.77 10.99 -58.24
CA LEU R 122 -33.70 11.41 -59.64
C LEU R 122 -33.46 12.92 -59.68
N VAL R 123 -32.38 13.34 -60.32
CA VAL R 123 -31.93 14.73 -60.29
C VAL R 123 -31.83 15.25 -61.73
N TYR R 124 -32.34 16.46 -61.94
CA TYR R 124 -32.30 17.14 -63.23
C TYR R 124 -31.22 18.20 -63.18
N ALA R 125 -30.27 18.12 -64.11
CA ALA R 125 -29.09 18.99 -64.06
C ALA R 125 -28.65 19.35 -65.48
N ARG R 126 -27.63 20.19 -65.56
CA ARG R 126 -27.07 20.67 -66.81
C ARG R 126 -25.58 20.35 -66.87
N VAL R 127 -25.10 19.94 -68.04
CA VAL R 127 -23.70 19.57 -68.20
C VAL R 127 -22.85 20.83 -68.32
N CYS R 128 -21.85 20.96 -67.45
CA CYS R 128 -20.94 22.10 -67.44
C CYS R 128 -19.55 21.73 -67.93
N THR R 129 -18.95 20.70 -67.36
CA THR R 129 -17.61 20.25 -67.74
C THR R 129 -17.70 18.89 -68.43
N ALA R 130 -17.23 18.82 -69.67
CA ALA R 130 -17.26 17.58 -70.46
C ALA R 130 -15.88 17.34 -71.06
N GLU R 131 -14.88 17.20 -70.19
CA GLU R 131 -13.52 16.93 -70.64
C GLU R 131 -13.38 15.47 -71.04
N LYS R 132 -12.71 15.25 -72.18
CA LYS R 132 -12.55 13.90 -72.70
C LYS R 132 -11.67 13.04 -71.80
N GLU R 133 -10.72 13.66 -71.09
CA GLU R 133 -9.79 12.94 -70.23
C GLU R 133 -10.13 13.12 -68.75
N LEU R 134 -11.31 13.64 -68.44
CA LEU R 134 -11.71 13.88 -67.06
C LEU R 134 -13.14 13.42 -66.86
N GLU R 135 -13.54 13.31 -65.59
CA GLU R 135 -14.91 12.97 -65.27
C GLU R 135 -15.83 14.15 -65.59
N ALA R 136 -16.89 13.88 -66.33
CA ALA R 136 -17.86 14.92 -66.64
C ALA R 136 -18.52 15.43 -65.36
N GLU R 137 -19.04 16.65 -65.43
CA GLU R 137 -19.63 17.30 -64.27
C GLU R 137 -20.91 18.00 -64.66
N ILE R 138 -21.89 17.98 -63.74
CA ILE R 138 -23.18 18.63 -63.92
C ILE R 138 -23.43 19.56 -62.75
N GLU R 139 -24.39 20.46 -62.93
CA GLU R 139 -24.72 21.46 -61.93
C GLU R 139 -26.23 21.64 -61.86
N CYS R 140 -26.73 21.96 -60.66
CA CYS R 140 -28.16 22.12 -60.42
C CYS R 140 -28.54 23.58 -60.21
N PHE R 141 -27.64 24.51 -60.42
CA PHE R 141 -27.95 25.93 -60.39
C PHE R 141 -27.42 26.59 -61.65
N ASP R 142 -28.10 27.66 -62.07
CA ASP R 142 -27.69 28.38 -63.27
C ASP R 142 -26.41 29.16 -63.00
N SER R 143 -25.44 29.03 -63.89
CA SER R 143 -24.13 29.63 -63.67
C SER R 143 -24.15 31.15 -63.78
N THR R 144 -25.12 31.71 -64.49
CA THR R 144 -25.17 33.14 -64.73
C THR R 144 -26.22 33.88 -63.91
N THR R 145 -27.35 33.25 -63.62
CA THR R 145 -28.42 33.92 -62.90
C THR R 145 -28.37 33.67 -61.40
N GLY R 146 -27.81 32.52 -60.98
CA GLY R 146 -27.71 32.17 -59.59
C GLY R 146 -28.89 31.40 -59.05
N ARG R 147 -30.02 31.39 -59.75
CA ARG R 147 -31.20 30.65 -59.32
C ARG R 147 -31.19 29.26 -59.96
N ASP R 148 -32.19 28.45 -59.62
CA ASP R 148 -32.33 27.10 -60.17
C ASP R 148 -33.31 27.16 -61.33
N ALA R 149 -32.80 27.01 -62.55
CA ALA R 149 -33.62 27.06 -63.76
C ALA R 149 -34.25 25.69 -64.02
N GLY R 150 -35.15 25.31 -63.10
CA GLY R 150 -35.83 24.03 -63.19
C GLY R 150 -35.00 22.84 -62.75
N PHE R 151 -33.77 23.05 -62.28
CA PHE R 151 -32.94 21.96 -61.83
C PHE R 151 -33.27 21.59 -60.39
N GLY R 152 -32.78 20.42 -59.97
CA GLY R 152 -32.96 19.95 -58.62
C GLY R 152 -33.53 18.55 -58.60
N ILE R 153 -33.99 18.13 -57.42
CA ILE R 153 -34.51 16.79 -57.25
C ILE R 153 -35.89 16.69 -57.90
N LEU R 154 -36.14 15.56 -58.56
CA LEU R 154 -37.44 15.26 -59.17
C LEU R 154 -38.12 14.22 -58.29
N GLU R 155 -39.04 14.69 -57.45
CA GLU R 155 -39.67 13.82 -56.47
C GLU R 155 -40.65 12.85 -57.14
N ASP R 156 -40.50 11.56 -56.81
CA ASP R 156 -41.35 10.45 -57.24
C ASP R 156 -42.03 10.62 -58.58
N GLY R 157 -41.42 10.06 -59.63
CA GLY R 157 -42.03 10.01 -60.94
C GLY R 157 -41.67 8.73 -61.67
N MET R 158 -41.82 8.72 -62.99
CA MET R 158 -41.41 7.58 -63.80
C MET R 158 -40.52 8.07 -64.95
N ILE R 159 -39.40 7.39 -65.15
CA ILE R 159 -38.44 7.77 -66.18
C ILE R 159 -38.67 6.88 -67.40
N ILE R 160 -38.40 7.44 -68.58
CA ILE R 160 -38.63 6.76 -69.85
C ILE R 160 -37.31 6.71 -70.61
N ASP R 161 -36.98 5.53 -71.12
CA ASP R 161 -35.79 5.34 -71.95
C ASP R 161 -36.13 5.66 -73.40
N VAL R 162 -35.30 6.50 -74.02
CA VAL R 162 -35.58 7.07 -75.33
C VAL R 162 -34.27 7.29 -76.07
N ASN R 163 -34.29 7.12 -77.39
CA ASN R 163 -33.09 7.35 -78.18
C ASN R 163 -32.74 8.83 -78.19
N LEU R 164 -31.46 9.11 -78.44
CA LEU R 164 -30.95 10.47 -78.31
C LEU R 164 -31.57 11.43 -79.33
N ASN R 165 -31.96 10.93 -80.50
CA ASN R 165 -32.56 11.79 -81.50
C ASN R 165 -33.97 12.23 -81.08
N PHE R 166 -34.73 11.32 -80.48
CA PHE R 166 -36.07 11.65 -80.03
C PHE R 166 -36.03 12.62 -78.85
N ALA R 167 -35.03 12.51 -77.99
CA ALA R 167 -34.92 13.41 -76.85
C ALA R 167 -34.49 14.80 -77.29
N ARG R 168 -33.56 14.88 -78.25
CA ARG R 168 -33.16 16.18 -78.78
C ARG R 168 -34.29 16.83 -79.56
N GLN R 169 -35.08 16.03 -80.28
CA GLN R 169 -36.22 16.56 -81.02
C GLN R 169 -37.31 17.06 -80.09
N LEU R 170 -37.42 16.47 -78.89
CA LEU R 170 -38.47 16.87 -77.94
C LEU R 170 -38.11 18.15 -77.21
N LEU R 171 -36.82 18.45 -77.05
CA LEU R 171 -36.40 19.60 -76.27
C LEU R 171 -36.23 20.86 -77.11
N PHE R 172 -35.72 20.74 -78.32
CA PHE R 172 -35.41 21.90 -79.15
C PHE R 172 -36.45 22.21 -80.20
N ASN R 173 -37.10 21.19 -80.77
CA ASN R 173 -38.14 21.40 -81.77
C ASN R 173 -39.46 21.64 -81.06
N ASN R 174 -39.95 22.88 -81.10
CA ASN R 174 -41.24 23.20 -80.51
C ASN R 174 -42.41 22.68 -81.33
N ASP R 175 -42.17 22.24 -82.56
CA ASP R 175 -43.21 21.65 -83.41
C ASP R 175 -43.34 20.15 -83.21
N PHE R 176 -42.65 19.58 -82.22
CA PHE R 176 -42.75 18.15 -81.96
C PHE R 176 -44.09 17.87 -81.28
N PRO R 177 -44.98 17.09 -81.90
CA PRO R 177 -46.36 17.00 -81.40
C PRO R 177 -46.52 16.21 -80.11
N LEU R 178 -45.47 15.55 -79.61
CA LEU R 178 -45.63 14.71 -78.42
C LEU R 178 -46.07 15.54 -77.22
N LEU R 179 -45.44 16.70 -77.01
CA LEU R 179 -45.87 17.57 -75.91
C LEU R 179 -47.25 18.16 -76.13
N LYS R 180 -47.69 18.24 -77.39
CA LYS R 180 -49.01 18.79 -77.68
C LYS R 180 -50.10 17.73 -77.52
N VAL R 181 -49.86 16.52 -78.05
CA VAL R 181 -50.85 15.47 -77.94
C VAL R 181 -51.02 14.99 -76.50
N LEU R 182 -50.00 15.18 -75.66
CA LEU R 182 -50.14 14.85 -74.25
C LEU R 182 -50.89 15.92 -73.48
N ALA R 183 -50.75 17.19 -73.89
CA ALA R 183 -51.53 18.26 -73.28
C ALA R 183 -53.01 18.11 -73.57
N ALA R 184 -53.35 17.48 -74.71
CA ALA R 184 -54.75 17.30 -75.08
C ALA R 184 -55.46 16.25 -74.25
N HIS R 185 -54.73 15.43 -73.50
CA HIS R 185 -55.31 14.39 -72.67
C HIS R 185 -55.24 14.70 -71.18
N THR R 186 -54.05 15.03 -70.67
CA THR R 186 -53.89 15.32 -69.24
C THR R 186 -52.94 16.50 -69.06
N LYS R 187 -52.99 17.07 -67.86
CA LYS R 187 -52.00 18.05 -67.43
C LYS R 187 -50.84 17.29 -66.78
N PHE R 188 -49.63 17.53 -67.27
CA PHE R 188 -48.48 16.73 -66.86
C PHE R 188 -47.26 17.62 -66.68
N GLU R 189 -46.37 17.20 -65.78
CA GLU R 189 -45.09 17.85 -65.56
C GLU R 189 -44.00 17.00 -66.19
N VAL R 190 -43.25 17.57 -67.13
CA VAL R 190 -42.27 16.83 -67.90
C VAL R 190 -40.90 17.48 -67.74
N ALA R 191 -39.87 16.64 -67.64
CA ALA R 191 -38.48 17.08 -67.60
C ALA R 191 -37.73 16.32 -68.68
N ILE R 192 -37.15 17.05 -69.63
CA ILE R 192 -36.52 16.46 -70.81
C ILE R 192 -35.01 16.44 -70.59
N GLY R 193 -34.42 15.25 -70.69
CA GLY R 193 -32.98 15.08 -70.58
C GLY R 193 -32.40 14.66 -71.92
N LEU R 194 -31.25 15.24 -72.25
CA LEU R 194 -30.59 14.96 -73.52
C LEU R 194 -29.79 13.66 -73.50
N ASN R 195 -29.98 12.83 -72.48
CA ASN R 195 -29.32 11.52 -72.39
C ASN R 195 -30.31 10.37 -72.55
N GLY R 196 -31.49 10.65 -73.08
CA GLY R 196 -32.48 9.63 -73.32
C GLY R 196 -33.46 9.39 -72.19
N LYS R 197 -33.60 10.34 -71.27
CA LYS R 197 -34.48 10.19 -70.11
C LYS R 197 -35.57 11.26 -70.18
N ILE R 198 -36.82 10.83 -70.15
CA ILE R 198 -37.97 11.71 -70.10
C ILE R 198 -38.73 11.42 -68.81
N TRP R 199 -38.83 12.42 -67.94
CA TRP R 199 -39.46 12.27 -66.64
C TRP R 199 -40.87 12.86 -66.67
N VAL R 200 -41.85 12.07 -66.24
CA VAL R 200 -43.25 12.44 -66.30
C VAL R 200 -43.88 12.24 -64.93
N LYS R 201 -44.73 13.18 -64.52
CA LYS R 201 -45.44 13.09 -63.25
C LYS R 201 -46.80 13.76 -63.39
N CYS R 202 -47.86 13.06 -63.00
CA CYS R 202 -49.21 13.58 -63.05
C CYS R 202 -49.84 13.52 -61.65
N GLU R 203 -51.10 13.96 -61.57
CA GLU R 203 -51.81 13.89 -60.30
C GLU R 203 -52.17 12.45 -59.95
N GLU R 204 -52.54 11.66 -60.94
CA GLU R 204 -52.89 10.25 -60.75
C GLU R 204 -51.87 9.37 -61.46
N LEU R 205 -51.55 8.23 -60.84
CA LEU R 205 -50.63 7.28 -61.45
C LEU R 205 -51.18 6.77 -62.79
N SER R 206 -52.51 6.67 -62.92
CA SER R 206 -53.10 6.23 -64.18
C SER R 206 -52.83 7.22 -65.30
N ASN R 207 -52.72 8.51 -64.98
CA ASN R 207 -52.38 9.50 -65.99
C ASN R 207 -50.89 9.46 -66.33
N THR R 208 -50.04 9.30 -65.32
CA THR R 208 -48.60 9.20 -65.57
C THR R 208 -48.28 7.96 -66.39
N LEU R 209 -48.93 6.83 -66.08
CA LEU R 209 -48.67 5.60 -66.82
C LEU R 209 -49.12 5.72 -68.27
N ALA R 210 -50.23 6.42 -68.52
CA ALA R 210 -50.69 6.62 -69.89
C ALA R 210 -49.74 7.51 -70.68
N CYS R 211 -49.09 8.46 -70.01
CA CYS R 211 -48.06 9.25 -70.68
C CYS R 211 -46.78 8.44 -70.88
N TYR R 212 -46.49 7.52 -69.95
CA TYR R 212 -45.33 6.64 -70.11
C TYR R 212 -45.50 5.74 -71.33
N ARG R 213 -46.68 5.14 -71.48
CA ARG R 213 -46.89 4.19 -72.57
C ARG R 213 -46.94 4.88 -73.93
N THR R 214 -47.53 6.08 -73.99
CA THR R 214 -47.64 6.76 -75.27
C THR R 214 -46.28 7.30 -75.73
N ILE R 215 -45.43 7.72 -74.80
CA ILE R 215 -44.09 8.15 -75.17
C ILE R 215 -43.26 6.95 -75.60
N MET R 216 -43.49 5.79 -74.99
CA MET R 216 -42.78 4.58 -75.39
C MET R 216 -43.13 4.18 -76.81
N GLU R 217 -44.41 4.21 -77.17
CA GLU R 217 -44.83 3.80 -78.50
C GLU R 217 -44.48 4.86 -79.54
N CYS R 218 -44.59 6.14 -79.18
CA CYS R 218 -44.20 7.20 -80.10
C CYS R 218 -42.69 7.18 -80.36
N CYS R 219 -41.90 6.76 -79.38
CA CYS R 219 -40.46 6.68 -79.58
C CYS R 219 -40.08 5.51 -80.49
N GLN R 220 -40.87 4.44 -80.48
CA GLN R 220 -40.57 3.27 -81.31
C GLN R 220 -40.94 3.49 -82.77
N LYS R 221 -42.03 4.22 -83.03
CA LYS R 221 -42.48 4.47 -84.39
C LYS R 221 -41.83 5.74 -84.93
N ASN R 222 -41.28 5.64 -86.15
CA ASN R 222 -40.62 6.77 -86.80
C ASN R 222 -41.59 7.77 -87.39
N ASP R 223 -42.89 7.50 -87.36
CA ASP R 223 -43.90 8.36 -87.97
C ASP R 223 -44.43 9.33 -86.93
N THR R 224 -44.15 10.62 -87.13
CA THR R 224 -44.70 11.66 -86.26
C THR R 224 -46.23 11.74 -86.38
N ALA R 225 -46.77 11.50 -87.57
CA ALA R 225 -48.20 11.58 -87.83
C ALA R 225 -49.00 10.50 -87.09
N ALA R 226 -48.36 9.68 -86.25
CA ALA R 226 -49.07 8.67 -85.48
C ALA R 226 -49.12 8.98 -83.99
N PHE R 227 -48.57 10.13 -83.56
CA PHE R 227 -48.58 10.46 -82.14
C PHE R 227 -49.99 10.66 -81.62
N LYS R 228 -50.86 11.27 -82.43
CA LYS R 228 -52.23 11.52 -82.00
C LYS R 228 -53.02 10.22 -81.88
N ASP R 229 -52.91 9.33 -82.86
CA ASP R 229 -53.64 8.07 -82.81
C ASP R 229 -53.13 7.17 -81.69
N ILE R 230 -51.84 7.22 -81.39
CA ILE R 230 -51.29 6.40 -80.31
C ILE R 230 -51.75 6.91 -78.96
N ALA R 231 -51.74 8.23 -78.77
CA ALA R 231 -52.11 8.81 -77.48
C ALA R 231 -53.59 8.57 -77.18
N LYS R 232 -54.45 8.70 -78.20
CA LYS R 232 -55.89 8.52 -77.98
C LYS R 232 -56.22 7.06 -77.65
N ARG R 233 -55.51 6.12 -78.28
CA ARG R 233 -55.76 4.71 -78.00
C ARG R 233 -55.15 4.27 -76.68
N GLN R 234 -54.04 4.90 -76.26
CA GLN R 234 -53.39 4.52 -75.02
C GLN R 234 -54.22 4.97 -73.81
N PHE R 235 -54.64 6.23 -73.81
CA PHE R 235 -55.53 6.71 -72.75
C PHE R 235 -56.88 6.02 -72.78
N LYS R 236 -57.24 5.41 -73.92
CA LYS R 236 -58.49 4.65 -74.02
C LYS R 236 -58.41 3.32 -73.29
N GLU R 237 -57.19 2.83 -73.03
CA GLU R 237 -56.92 1.57 -72.34
C GLU R 237 -57.28 0.35 -73.18
N ILE R 238 -56.30 -0.17 -73.92
CA ILE R 238 -56.43 -1.48 -74.55
C ILE R 238 -55.73 -2.49 -73.63
N LEU R 239 -56.31 -2.68 -72.43
CA LEU R 239 -55.70 -3.46 -71.37
C LEU R 239 -54.29 -2.96 -71.04
N ASP S 8 -37.15 -9.72 -16.71
CA ASP S 8 -38.23 -10.71 -16.63
C ASP S 8 -37.69 -12.10 -16.36
N SER S 9 -36.47 -12.37 -16.81
CA SER S 9 -35.80 -13.66 -16.60
C SER S 9 -36.54 -14.79 -17.29
N GLN S 10 -36.91 -14.56 -18.56
CA GLN S 10 -37.69 -15.51 -19.35
C GLN S 10 -36.89 -15.85 -20.60
N ILE S 11 -36.81 -17.13 -20.92
CA ILE S 11 -36.04 -17.59 -22.08
C ILE S 11 -36.96 -17.65 -23.29
N VAL S 12 -36.58 -16.94 -24.36
CA VAL S 12 -37.35 -16.91 -25.60
C VAL S 12 -36.42 -17.29 -26.75
N THR S 13 -37.03 -17.75 -27.83
CA THR S 13 -36.35 -18.15 -29.04
C THR S 13 -36.84 -17.31 -30.21
N PRO S 14 -36.10 -17.26 -31.33
CA PRO S 14 -36.56 -16.47 -32.47
C PRO S 14 -37.97 -16.83 -32.90
N GLY S 15 -38.78 -15.81 -33.16
CA GLY S 15 -40.16 -15.98 -33.57
C GLY S 15 -41.17 -16.00 -32.44
N GLU S 16 -40.74 -16.18 -31.20
CA GLU S 16 -41.67 -16.26 -30.08
C GLU S 16 -42.26 -14.88 -29.77
N LEU S 17 -43.53 -14.87 -29.40
CA LEU S 17 -44.21 -13.64 -29.01
C LEU S 17 -43.77 -13.23 -27.61
N VAL S 18 -43.29 -12.00 -27.49
CA VAL S 18 -42.79 -11.50 -26.20
C VAL S 18 -43.87 -10.77 -25.42
N THR S 19 -44.71 -9.99 -26.11
CA THR S 19 -45.83 -9.31 -25.47
C THR S 19 -46.80 -8.83 -26.53
N ASP S 20 -48.08 -8.85 -26.17
CA ASP S 20 -49.13 -8.27 -27.00
C ASP S 20 -49.39 -6.81 -26.68
N ASP S 21 -48.69 -6.25 -25.70
CA ASP S 21 -48.88 -4.87 -25.31
C ASP S 21 -48.13 -3.96 -26.29
N PRO S 22 -48.81 -3.07 -27.01
CA PRO S 22 -48.09 -2.16 -27.90
C PRO S 22 -47.51 -0.95 -27.20
N ILE S 23 -47.98 -0.64 -25.99
CA ILE S 23 -47.46 0.50 -25.23
C ILE S 23 -46.13 0.12 -24.59
N TRP S 24 -45.14 -0.19 -25.43
CA TRP S 24 -43.79 -0.51 -25.00
C TRP S 24 -42.80 0.13 -25.96
N MET S 25 -41.64 0.48 -25.45
CA MET S 25 -40.54 0.94 -26.30
C MET S 25 -39.74 -0.28 -26.75
N ARG S 26 -39.70 -0.50 -28.06
CA ARG S 26 -39.05 -1.69 -28.60
C ARG S 26 -37.54 -1.54 -28.51
N GLY S 27 -36.88 -2.49 -27.86
CA GLY S 27 -35.44 -2.48 -27.67
C GLY S 27 -34.71 -3.36 -28.67
N HIS S 28 -33.53 -3.81 -28.27
CA HIS S 28 -32.70 -4.64 -29.13
C HIS S 28 -33.15 -6.09 -29.10
N GLY S 29 -32.81 -6.82 -30.16
CA GLY S 29 -33.21 -8.21 -30.26
C GLY S 29 -34.69 -8.43 -30.42
N THR S 30 -35.43 -7.42 -30.89
CA THR S 30 -36.88 -7.49 -31.04
C THR S 30 -37.28 -6.93 -32.38
N TYR S 31 -38.53 -7.22 -32.76
CA TYR S 31 -39.19 -6.66 -33.92
C TYR S 31 -40.69 -6.85 -33.70
N PHE S 32 -41.50 -6.06 -34.41
CA PHE S 32 -42.92 -6.10 -34.11
C PHE S 32 -43.75 -5.79 -35.33
N LEU S 33 -44.99 -6.30 -35.30
CA LEU S 33 -46.02 -6.02 -36.30
C LEU S 33 -47.29 -5.69 -35.52
N ASP S 34 -47.69 -4.42 -35.57
CA ASP S 34 -48.85 -3.92 -34.82
C ASP S 34 -48.58 -4.14 -33.34
N ASN S 35 -49.53 -4.66 -32.56
CA ASN S 35 -49.34 -4.83 -31.13
C ASN S 35 -48.36 -5.95 -30.78
N MET S 36 -48.15 -6.90 -31.69
CA MET S 36 -47.35 -8.08 -31.38
C MET S 36 -45.86 -7.73 -31.49
N THR S 37 -45.12 -7.94 -30.41
CA THR S 37 -43.67 -7.73 -30.38
C THR S 37 -42.99 -9.07 -30.22
N TYR S 38 -42.17 -9.44 -31.20
CA TYR S 38 -41.51 -10.74 -31.23
C TYR S 38 -40.03 -10.59 -30.92
N SER S 39 -39.39 -11.73 -30.67
CA SER S 39 -37.96 -11.80 -30.39
C SER S 39 -37.21 -12.27 -31.62
N SER S 40 -36.06 -11.66 -31.88
CA SER S 40 -35.24 -12.00 -33.02
C SER S 40 -34.08 -12.94 -32.66
N VAL S 41 -33.78 -13.10 -31.37
CA VAL S 41 -32.67 -13.92 -30.92
C VAL S 41 -33.17 -14.89 -29.85
N ALA S 42 -32.31 -15.83 -29.50
CA ALA S 42 -32.55 -16.71 -28.35
C ALA S 42 -31.88 -16.06 -27.14
N GLY S 43 -32.67 -15.51 -26.25
CA GLY S 43 -32.13 -14.78 -25.12
C GLY S 43 -33.13 -14.64 -24.00
N THR S 44 -32.88 -13.64 -23.16
CA THR S 44 -33.70 -13.37 -21.99
C THR S 44 -34.45 -12.06 -22.16
N VAL S 45 -35.70 -12.04 -21.70
CA VAL S 45 -36.53 -10.85 -21.81
C VAL S 45 -36.12 -9.85 -20.75
N SER S 46 -35.90 -8.59 -21.16
CA SER S 46 -35.49 -7.53 -20.26
C SER S 46 -36.53 -6.42 -20.28
N ARG S 47 -37.08 -6.11 -19.12
CA ARG S 47 -38.03 -5.02 -18.94
C ARG S 47 -37.38 -3.94 -18.09
N VAL S 48 -37.05 -2.81 -18.71
CA VAL S 48 -36.41 -1.69 -18.04
C VAL S 48 -37.25 -0.45 -18.32
N ASN S 49 -37.82 0.13 -17.26
CA ASN S 49 -38.71 1.28 -17.38
C ASN S 49 -39.86 0.96 -18.34
N ARG S 50 -39.76 1.45 -19.58
CA ARG S 50 -40.74 1.14 -20.61
C ARG S 50 -40.09 0.52 -21.84
N LEU S 51 -38.85 0.03 -21.71
CA LEU S 51 -38.07 -0.49 -22.83
C LEU S 51 -38.03 -2.01 -22.75
N LEU S 52 -38.87 -2.66 -23.55
CA LEU S 52 -38.84 -4.12 -23.67
C LEU S 52 -37.75 -4.54 -24.64
N SER S 53 -36.84 -5.39 -24.19
CA SER S 53 -35.75 -5.85 -25.02
C SER S 53 -35.38 -7.28 -24.65
N VAL S 54 -34.65 -7.95 -25.54
CA VAL S 54 -34.18 -9.30 -25.34
C VAL S 54 -32.65 -9.29 -25.36
N ILE S 55 -32.05 -9.71 -24.26
CA ILE S 55 -30.60 -9.79 -24.14
C ILE S 55 -30.16 -11.15 -24.71
N PRO S 56 -29.42 -11.18 -25.81
CA PRO S 56 -29.05 -12.47 -26.40
C PRO S 56 -28.09 -13.24 -25.50
N LEU S 57 -28.19 -14.58 -25.58
CA LEU S 57 -27.30 -15.44 -24.82
C LEU S 57 -25.91 -15.51 -25.43
N LYS S 58 -25.79 -15.27 -26.73
CA LYS S 58 -24.50 -15.22 -27.41
C LYS S 58 -24.43 -13.96 -28.26
N GLY S 59 -23.23 -13.67 -28.74
CA GLY S 59 -22.98 -12.49 -29.56
C GLY S 59 -21.62 -11.93 -29.22
N ARG S 60 -21.00 -11.28 -30.21
CA ARG S 60 -19.68 -10.70 -30.01
C ARG S 60 -19.74 -9.51 -29.06
N TYR S 61 -18.56 -9.07 -28.62
CA TYR S 61 -18.46 -7.92 -27.75
C TYR S 61 -19.00 -6.67 -28.45
N ALA S 62 -19.96 -6.01 -27.81
CA ALA S 62 -20.52 -4.77 -28.33
C ALA S 62 -19.92 -3.60 -27.55
N PRO S 63 -19.19 -2.70 -28.19
CA PRO S 63 -18.52 -1.63 -27.44
C PRO S 63 -19.51 -0.55 -27.01
N GLU S 64 -19.26 -0.01 -25.82
CA GLU S 64 -20.03 1.11 -25.27
C GLU S 64 -19.08 2.22 -24.87
N THR S 65 -19.59 3.44 -24.85
CA THR S 65 -18.78 4.59 -24.49
C THR S 65 -18.20 4.42 -23.10
N GLY S 66 -16.87 4.53 -23.00
CA GLY S 66 -16.16 4.38 -21.74
C GLY S 66 -15.43 3.07 -21.56
N ASP S 67 -15.59 2.12 -22.48
CA ASP S 67 -14.96 0.82 -22.34
C ASP S 67 -13.45 0.92 -22.49
N HIS S 68 -12.73 0.22 -21.60
CA HIS S 68 -11.28 0.10 -21.67
C HIS S 68 -10.95 -1.17 -22.44
N VAL S 69 -10.42 -1.01 -23.66
CA VAL S 69 -10.22 -2.13 -24.57
C VAL S 69 -8.74 -2.27 -24.90
N VAL S 70 -8.36 -3.48 -25.26
CA VAL S 70 -7.05 -3.79 -25.82
C VAL S 70 -7.27 -4.27 -27.25
N GLY S 71 -6.53 -3.69 -28.20
CA GLY S 71 -6.78 -3.95 -29.59
C GLY S 71 -5.49 -4.10 -30.37
N ARG S 72 -5.62 -4.74 -31.54
CA ARG S 72 -4.53 -4.95 -32.47
C ARG S 72 -4.77 -4.10 -33.71
N ILE S 73 -3.74 -3.38 -34.13
CA ILE S 73 -3.84 -2.54 -35.33
C ILE S 73 -4.05 -3.45 -36.54
N ALA S 74 -5.14 -3.21 -37.27
CA ALA S 74 -5.51 -4.04 -38.41
C ALA S 74 -5.07 -3.45 -39.73
N GLU S 75 -5.25 -2.14 -39.93
CA GLU S 75 -4.79 -1.48 -41.14
C GLU S 75 -4.50 -0.03 -40.83
N VAL S 76 -3.68 0.58 -41.69
CA VAL S 76 -3.26 1.97 -41.55
C VAL S 76 -3.85 2.74 -42.72
N GLY S 77 -4.69 3.73 -42.41
CA GLY S 77 -5.42 4.42 -43.47
C GLY S 77 -5.30 5.93 -43.46
N ASN S 78 -6.19 6.58 -44.21
CA ASN S 78 -6.24 8.03 -44.31
C ASN S 78 -6.39 8.71 -42.96
N LYS S 79 -5.26 9.08 -42.35
CA LYS S 79 -5.23 9.82 -41.09
C LYS S 79 -5.99 9.10 -39.98
N ARG S 80 -6.03 7.77 -40.04
CA ARG S 80 -6.72 7.00 -39.02
C ARG S 80 -6.20 5.57 -39.04
N TRP S 81 -6.36 4.90 -37.91
CA TRP S 81 -6.09 3.47 -37.79
C TRP S 81 -7.41 2.71 -37.60
N LYS S 82 -7.48 1.52 -38.17
CA LYS S 82 -8.55 0.57 -37.88
C LYS S 82 -7.99 -0.51 -36.97
N VAL S 83 -8.59 -0.66 -35.79
CA VAL S 83 -8.09 -1.55 -34.75
C VAL S 83 -9.06 -2.72 -34.59
N ASP S 84 -8.50 -3.93 -34.47
CA ASP S 84 -9.29 -5.11 -34.15
C ASP S 84 -9.59 -5.07 -32.67
N ILE S 85 -10.85 -4.87 -32.32
CA ILE S 85 -11.27 -4.76 -30.92
C ILE S 85 -11.90 -6.05 -30.42
N GLY S 86 -12.27 -6.96 -31.32
CA GLY S 86 -12.95 -8.17 -30.94
C GLY S 86 -14.44 -8.15 -31.11
N GLY S 87 -14.98 -7.17 -31.84
CA GLY S 87 -16.39 -7.05 -32.09
C GLY S 87 -16.76 -7.39 -33.53
N LYS S 88 -17.97 -7.00 -33.90
CA LYS S 88 -18.45 -7.26 -35.25
C LYS S 88 -17.65 -6.50 -36.29
N GLN S 89 -17.28 -5.25 -35.99
CA GLN S 89 -16.56 -4.39 -36.91
C GLN S 89 -15.23 -3.96 -36.31
N HIS S 90 -14.37 -3.42 -37.17
CA HIS S 90 -13.17 -2.75 -36.72
C HIS S 90 -13.51 -1.42 -36.07
N ALA S 91 -12.75 -1.07 -35.04
CA ALA S 91 -12.86 0.25 -34.43
C ALA S 91 -11.86 1.20 -35.06
N VAL S 92 -12.22 2.47 -35.12
CA VAL S 92 -11.38 3.50 -35.72
C VAL S 92 -10.62 4.23 -34.61
N LEU S 93 -9.39 4.61 -34.91
CA LEU S 93 -8.54 5.38 -34.00
C LEU S 93 -8.04 6.57 -34.80
N MET S 94 -8.75 7.70 -34.70
CA MET S 94 -8.39 8.87 -35.49
C MET S 94 -7.03 9.41 -35.07
N LEU S 95 -6.28 9.92 -36.06
CA LEU S 95 -4.96 10.47 -35.77
C LEU S 95 -5.03 11.59 -34.75
N GLY S 96 -6.13 12.35 -34.72
CA GLY S 96 -6.31 13.37 -33.71
C GLY S 96 -6.58 12.85 -32.32
N SER S 97 -6.84 11.54 -32.17
CA SER S 97 -7.18 10.95 -30.89
C SER S 97 -6.00 10.23 -30.24
N VAL S 98 -4.78 10.46 -30.72
CA VAL S 98 -3.60 9.82 -30.14
C VAL S 98 -2.61 10.90 -29.71
N ASN S 99 -1.86 10.60 -28.65
CA ASN S 99 -0.81 11.48 -28.16
C ASN S 99 0.46 11.20 -28.94
N LEU S 100 0.82 12.10 -29.85
CA LEU S 100 2.04 11.93 -30.61
C LEU S 100 3.26 12.20 -29.72
N PRO S 101 4.34 11.44 -29.90
CA PRO S 101 5.48 11.58 -28.98
C PRO S 101 6.14 12.94 -29.08
N GLY S 102 6.50 13.49 -27.92
CA GLY S 102 7.15 14.78 -27.86
C GLY S 102 6.82 15.55 -26.60
N SER S 111 3.17 16.66 -41.66
CA SER S 111 4.29 15.79 -42.02
C SER S 111 4.15 14.42 -41.37
N ASP S 112 3.56 14.39 -40.17
CA ASP S 112 3.36 13.13 -39.46
C ASP S 112 2.18 12.34 -40.02
N GLU S 113 1.24 12.99 -40.71
CA GLU S 113 0.10 12.28 -41.28
C GLU S 113 0.53 11.26 -42.34
N LEU S 114 1.74 11.40 -42.87
CA LEU S 114 2.26 10.44 -43.84
C LEU S 114 2.94 9.25 -43.17
N GLN S 115 3.90 9.53 -42.27
CA GLN S 115 4.65 8.49 -41.58
C GLN S 115 3.90 8.00 -40.33
N MET S 116 2.67 7.54 -40.56
CA MET S 116 1.88 7.00 -39.45
C MET S 116 2.43 5.67 -38.96
N ARG S 117 3.05 4.89 -39.86
CA ARG S 117 3.63 3.62 -39.48
C ARG S 117 4.83 3.75 -38.56
N SER S 118 5.29 4.98 -38.29
CA SER S 118 6.36 5.19 -37.34
C SER S 118 5.87 5.12 -35.90
N PHE S 119 4.56 5.27 -35.68
CA PHE S 119 3.99 5.10 -34.36
C PHE S 119 3.33 3.72 -34.25
N LEU S 120 2.22 3.54 -34.93
CA LEU S 120 1.46 2.29 -34.92
C LEU S 120 1.47 1.68 -36.31
N LYS S 121 2.05 0.49 -36.42
CA LYS S 121 2.02 -0.31 -37.64
C LYS S 121 1.07 -1.48 -37.46
N GLU S 122 0.76 -2.14 -38.58
CA GLU S 122 -0.15 -3.29 -38.54
C GLU S 122 0.40 -4.36 -37.61
N GLY S 123 -0.49 -4.90 -36.77
CA GLY S 123 -0.12 -5.93 -35.81
C GLY S 123 0.30 -5.40 -34.46
N ASP S 124 0.47 -4.09 -34.29
CA ASP S 124 0.86 -3.54 -33.00
C ASP S 124 -0.29 -3.66 -32.01
N LEU S 125 0.07 -3.89 -30.74
CA LEU S 125 -0.90 -3.97 -29.66
C LEU S 125 -0.93 -2.68 -28.86
N LEU S 126 -2.12 -2.23 -28.51
CA LEU S 126 -2.30 -1.02 -27.71
C LEU S 126 -3.52 -1.19 -26.85
N ASN S 127 -3.69 -0.26 -25.91
CA ASN S 127 -4.87 -0.20 -25.05
C ASN S 127 -5.44 1.20 -25.13
N ALA S 128 -6.76 1.30 -25.28
CA ALA S 128 -7.41 2.58 -25.52
C ALA S 128 -8.77 2.58 -24.84
N GLU S 129 -9.49 3.69 -25.00
CA GLU S 129 -10.82 3.87 -24.44
C GLU S 129 -11.81 4.16 -25.55
N VAL S 130 -13.01 3.60 -25.44
CA VAL S 130 -14.07 3.85 -26.42
C VAL S 130 -14.62 5.25 -26.18
N GLN S 131 -14.41 6.14 -27.16
CA GLN S 131 -14.83 7.53 -27.04
C GLN S 131 -16.29 7.74 -27.44
N SER S 132 -16.74 7.03 -28.47
CA SER S 132 -18.11 7.16 -28.95
C SER S 132 -18.41 5.95 -29.83
N LEU S 133 -19.63 5.94 -30.38
CA LEU S 133 -20.04 4.90 -31.30
C LEU S 133 -20.63 5.54 -32.55
N PHE S 134 -20.39 4.90 -33.70
CA PHE S 134 -20.91 5.38 -34.96
C PHE S 134 -22.38 4.99 -35.12
N GLN S 135 -22.94 5.26 -36.30
CA GLN S 135 -24.33 4.90 -36.55
C GLN S 135 -24.52 3.39 -36.56
N ASP S 136 -23.55 2.65 -37.12
CA ASP S 136 -23.63 1.20 -37.22
C ASP S 136 -23.39 0.50 -35.88
N GLY S 137 -22.75 1.16 -34.93
CA GLY S 137 -22.44 0.56 -33.65
C GLY S 137 -20.96 0.36 -33.41
N SER S 138 -20.12 0.55 -34.42
CA SER S 138 -18.67 0.42 -34.24
C SER S 138 -18.16 1.57 -33.37
N ALA S 139 -16.99 1.35 -32.76
CA ALA S 139 -16.47 2.25 -31.76
C ALA S 139 -15.40 3.17 -32.33
N SER S 140 -15.35 4.40 -31.82
CA SER S 140 -14.26 5.32 -32.06
C SER S 140 -13.38 5.34 -30.81
N LEU S 141 -12.08 5.14 -30.99
CA LEU S 141 -11.14 5.01 -29.89
C LEU S 141 -10.30 6.26 -29.73
N HIS S 142 -9.68 6.38 -28.54
CA HIS S 142 -8.78 7.48 -28.25
C HIS S 142 -7.75 7.01 -27.24
N THR S 143 -6.53 7.55 -27.36
CA THR S 143 -5.44 7.27 -26.43
C THR S 143 -4.90 8.56 -25.82
N ARG S 144 -5.76 9.54 -25.61
CA ARG S 144 -5.34 10.85 -25.12
C ARG S 144 -5.03 10.85 -23.63
N SER S 145 -4.20 9.92 -23.18
CA SER S 145 -3.81 9.85 -21.77
C SER S 145 -2.53 9.04 -21.66
N LEU S 146 -1.93 9.09 -20.47
CA LEU S 146 -0.73 8.29 -20.21
C LEU S 146 -1.07 6.83 -20.02
N LYS S 147 -2.26 6.53 -19.51
CA LYS S 147 -2.65 5.14 -19.30
C LYS S 147 -2.93 4.39 -20.59
N TYR S 148 -3.09 5.10 -21.70
CA TYR S 148 -3.35 4.49 -22.99
C TYR S 148 -2.12 4.65 -23.90
N GLY S 149 -1.81 3.59 -24.63
CA GLY S 149 -0.66 3.63 -25.52
C GLY S 149 -0.34 2.23 -26.02
N LYS S 150 0.81 2.13 -26.70
CA LYS S 150 1.27 0.85 -27.21
C LYS S 150 1.71 -0.05 -26.08
N LEU S 151 1.40 -1.34 -26.20
CA LEU S 151 1.72 -2.32 -25.17
C LEU S 151 3.03 -3.01 -25.49
N ARG S 152 3.80 -3.30 -24.45
CA ARG S 152 5.10 -3.95 -24.58
C ARG S 152 5.43 -4.61 -23.24
N ASN S 153 6.65 -5.16 -23.14
CA ASN S 153 7.16 -5.75 -21.91
C ASN S 153 6.28 -6.91 -21.41
N GLY S 154 5.67 -7.67 -22.31
CA GLY S 154 4.82 -8.75 -21.86
C GLY S 154 4.25 -9.66 -22.93
N MET S 155 3.07 -10.22 -22.65
CA MET S 155 2.47 -11.27 -23.46
C MET S 155 0.97 -11.06 -23.53
N PHE S 156 0.38 -11.49 -24.64
CA PHE S 156 -1.05 -11.34 -24.89
C PHE S 156 -1.77 -12.69 -24.74
N CYS S 157 -3.04 -12.61 -24.35
CA CYS S 157 -3.95 -13.74 -24.30
C CYS S 157 -5.36 -13.19 -24.16
N GLN S 158 -6.34 -13.92 -24.68
CA GLN S 158 -7.70 -13.40 -24.74
C GLN S 158 -8.71 -14.46 -24.28
N VAL S 159 -9.75 -13.97 -23.60
CA VAL S 159 -10.86 -14.79 -23.11
C VAL S 159 -12.14 -14.20 -23.69
N PRO S 160 -13.29 -14.86 -23.58
CA PRO S 160 -14.53 -14.23 -24.07
C PRO S 160 -14.90 -13.00 -23.26
N SER S 161 -15.46 -12.00 -23.95
CA SER S 161 -15.76 -10.72 -23.34
C SER S 161 -16.77 -10.83 -22.20
N SER S 162 -17.60 -11.87 -22.20
CA SER S 162 -18.61 -12.01 -21.15
C SER S 162 -17.98 -12.32 -19.79
N LEU S 163 -16.73 -12.78 -19.77
CA LEU S 163 -16.05 -13.09 -18.52
C LEU S 163 -15.37 -11.88 -17.91
N ILE S 164 -15.14 -10.82 -18.68
CA ILE S 164 -14.56 -9.59 -18.16
C ILE S 164 -15.73 -8.68 -17.76
N VAL S 165 -15.89 -8.46 -16.46
CA VAL S 165 -16.97 -7.64 -15.93
C VAL S 165 -16.53 -6.18 -15.93
N ARG S 166 -17.33 -5.32 -16.55
CA ARG S 166 -17.04 -3.89 -16.57
C ARG S 166 -16.98 -3.34 -15.14
N ALA S 167 -15.85 -2.74 -14.79
CA ALA S 167 -15.62 -2.25 -13.44
C ALA S 167 -14.96 -0.87 -13.51
N LYS S 168 -14.77 -0.27 -12.33
CA LYS S 168 -14.21 1.08 -12.27
C LYS S 168 -12.80 1.14 -12.83
N ASN S 169 -11.98 0.13 -12.51
CA ASN S 169 -10.60 0.08 -12.98
C ASN S 169 -10.34 -1.23 -13.73
N HIS S 170 -9.41 -1.17 -14.68
CA HIS S 170 -9.09 -2.34 -15.50
C HIS S 170 -7.59 -2.59 -15.66
N THR S 171 -6.73 -1.79 -15.03
CA THR S 171 -5.29 -2.02 -15.04
C THR S 171 -4.86 -2.24 -13.59
N HIS S 172 -4.55 -3.48 -13.25
CA HIS S 172 -4.28 -3.87 -11.87
C HIS S 172 -2.85 -4.37 -11.73
N ASN S 173 -2.20 -3.99 -10.63
CA ASN S 173 -0.87 -4.47 -10.29
C ASN S 173 -0.99 -5.71 -9.42
N LEU S 174 -0.35 -6.79 -9.86
CA LEU S 174 -0.45 -8.09 -9.21
C LEU S 174 0.82 -8.43 -8.46
N PRO S 175 0.75 -9.32 -7.47
CA PRO S 175 1.98 -9.74 -6.78
C PRO S 175 2.91 -10.47 -7.73
N GLY S 176 4.21 -10.28 -7.52
CA GLY S 176 5.21 -10.79 -8.43
C GLY S 176 5.73 -9.78 -9.43
N ASN S 177 5.38 -8.50 -9.28
CA ASN S 177 5.81 -7.43 -10.18
C ASN S 177 5.26 -7.64 -11.60
N ILE S 178 3.99 -8.02 -11.68
CA ILE S 178 3.29 -8.17 -12.95
C ILE S 178 2.03 -7.29 -12.91
N THR S 179 1.76 -6.62 -14.03
CA THR S 179 0.57 -5.78 -14.17
C THR S 179 -0.27 -6.30 -15.32
N VAL S 180 -1.58 -6.39 -15.08
CA VAL S 180 -2.52 -6.91 -16.06
C VAL S 180 -3.42 -5.79 -16.56
N VAL S 181 -3.80 -5.88 -17.83
CA VAL S 181 -4.75 -4.97 -18.44
C VAL S 181 -5.92 -5.83 -18.90
N LEU S 182 -7.03 -5.76 -18.16
CA LEU S 182 -8.20 -6.61 -18.43
C LEU S 182 -9.15 -5.84 -19.34
N GLY S 183 -8.97 -6.02 -20.65
CA GLY S 183 -9.85 -5.40 -21.61
C GLY S 183 -11.27 -5.90 -21.52
N VAL S 184 -12.23 -4.97 -21.50
CA VAL S 184 -13.65 -5.33 -21.46
C VAL S 184 -14.01 -6.23 -22.63
N ASN S 185 -13.33 -6.05 -23.77
CA ASN S 185 -13.52 -6.89 -24.94
C ASN S 185 -12.93 -8.28 -24.79
N GLY S 186 -12.27 -8.57 -23.67
CA GLY S 186 -11.69 -9.87 -23.45
C GLY S 186 -10.24 -10.02 -23.87
N TYR S 187 -9.61 -8.94 -24.34
CA TYR S 187 -8.21 -8.98 -24.77
C TYR S 187 -7.35 -8.57 -23.58
N ILE S 188 -6.64 -9.54 -23.01
CA ILE S 188 -5.84 -9.32 -21.80
C ILE S 188 -4.38 -9.14 -22.17
N TRP S 189 -3.71 -8.22 -21.49
CA TRP S 189 -2.28 -8.00 -21.65
C TRP S 189 -1.62 -8.12 -20.27
N LEU S 190 -0.63 -9.01 -20.17
CA LEU S 190 0.16 -9.17 -18.96
C LEU S 190 1.57 -8.65 -19.24
N ARG S 191 2.08 -7.81 -18.34
CA ARG S 191 3.36 -7.17 -18.54
C ARG S 191 4.10 -7.04 -17.21
N LYS S 192 5.38 -6.67 -17.32
CA LYS S 192 6.16 -6.33 -16.14
C LYS S 192 5.68 -5.00 -15.57
N THR S 193 5.45 -4.96 -14.25
CA THR S 193 5.00 -3.75 -13.60
C THR S 193 5.99 -2.61 -13.79
N SER S 194 5.63 -1.63 -14.62
CA SER S 194 6.51 -0.50 -14.89
C SER S 194 6.46 0.50 -13.75
N GLN S 195 7.38 1.46 -13.80
CA GLN S 195 7.39 2.53 -12.80
C GLN S 195 6.10 3.33 -12.86
N MET S 196 5.58 3.58 -14.06
CA MET S 196 4.31 4.28 -14.19
C MET S 196 3.17 3.48 -13.56
N ASP S 197 3.23 2.15 -13.66
CA ASP S 197 2.20 1.32 -13.06
C ASP S 197 2.18 1.43 -11.55
N LEU S 198 3.33 1.68 -10.93
CA LEU S 198 3.37 1.87 -9.49
C LEU S 198 2.87 3.24 -9.08
N ALA S 199 3.01 4.25 -9.96
CA ALA S 199 2.54 5.59 -9.65
C ALA S 199 1.01 5.67 -9.59
N ARG S 200 0.30 4.73 -10.23
CA ARG S 200 -1.16 4.78 -10.18
C ARG S 200 -1.68 4.53 -8.78
N ASP S 201 -1.05 3.60 -8.05
CA ASP S 201 -1.52 3.22 -6.72
C ASP S 201 -1.26 4.28 -5.67
N THR S 202 -0.46 5.29 -5.97
CA THR S 202 -0.21 6.38 -5.02
C THR S 202 -0.53 7.73 -5.65
N TRP S 235 9.83 9.70 -23.74
CA TRP S 235 9.55 10.39 -24.99
C TRP S 235 9.07 9.42 -26.05
N GLN S 236 9.76 8.28 -26.17
CA GLN S 236 9.41 7.26 -27.16
C GLN S 236 8.35 6.34 -26.54
N ILE S 237 7.08 6.71 -26.74
CA ILE S 237 5.97 5.90 -26.24
C ILE S 237 5.52 4.85 -27.24
N TYR S 238 6.02 4.89 -28.47
CA TYR S 238 5.69 3.89 -29.49
C TYR S 238 6.88 3.00 -29.82
N SER S 239 7.87 2.95 -28.93
CA SER S 239 9.04 2.11 -29.17
C SER S 239 8.64 0.64 -29.18
N ASP S 240 9.12 -0.08 -30.19
CA ASP S 240 8.86 -1.51 -30.31
C ASP S 240 9.83 -2.35 -29.49
N GLU S 241 10.73 -1.72 -28.75
CA GLU S 241 11.68 -2.43 -27.90
C GLU S 241 11.08 -2.69 -26.53
N ASN S 242 11.36 -3.87 -25.98
CA ASN S 242 10.96 -4.20 -24.63
C ASN S 242 12.07 -3.85 -23.65
N ASP S 243 11.68 -3.59 -22.40
CA ASP S 243 12.62 -3.34 -21.32
C ASP S 243 13.60 -4.52 -21.24
N PRO S 244 14.87 -4.32 -21.58
CA PRO S 244 15.78 -5.46 -21.71
C PRO S 244 16.27 -6.01 -20.39
N SER S 245 15.53 -5.79 -19.30
CA SER S 245 15.90 -6.26 -17.98
C SER S 245 14.79 -7.09 -17.35
N ILE S 246 13.97 -7.74 -18.17
CA ILE S 246 12.88 -8.57 -17.67
C ILE S 246 13.47 -9.89 -17.18
N SER S 247 13.43 -10.10 -15.87
CA SER S 247 14.05 -11.27 -15.27
C SER S 247 13.27 -12.54 -15.59
N ASN S 248 13.91 -13.68 -15.33
CA ASN S 248 13.23 -14.96 -15.54
C ASN S 248 12.10 -15.17 -14.55
N ASN S 249 12.23 -14.65 -13.33
CA ASN S 249 11.15 -14.74 -12.36
C ASN S 249 9.92 -13.99 -12.86
N ILE S 250 10.13 -12.80 -13.42
CA ILE S 250 9.02 -12.04 -13.99
C ILE S 250 8.45 -12.75 -15.21
N ARG S 251 9.32 -13.34 -16.04
CA ARG S 251 8.84 -14.07 -17.22
C ARG S 251 8.05 -15.30 -16.82
N GLN S 252 8.48 -15.99 -15.75
CA GLN S 252 7.76 -17.19 -15.31
C GLN S 252 6.43 -16.82 -14.67
N ALA S 253 6.37 -15.67 -13.99
CA ALA S 253 5.11 -15.23 -13.39
C ALA S 253 4.09 -14.86 -14.45
N ILE S 254 4.54 -14.31 -15.58
CA ILE S 254 3.62 -14.06 -16.69
C ILE S 254 2.96 -15.35 -17.15
N CYS S 255 3.75 -16.43 -17.26
CA CYS S 255 3.19 -17.72 -17.65
C CYS S 255 2.15 -18.19 -16.65
N ARG S 256 2.47 -18.17 -15.36
CA ARG S 256 1.54 -18.63 -14.34
C ARG S 256 0.26 -17.80 -14.36
N TYR S 257 0.37 -16.48 -14.47
CA TYR S 257 -0.81 -15.63 -14.57
C TYR S 257 -1.58 -15.91 -15.85
N ALA S 258 -0.87 -16.17 -16.95
CA ALA S 258 -1.55 -16.52 -18.19
C ALA S 258 -2.37 -17.80 -18.05
N ASN S 259 -1.79 -18.81 -17.40
CA ASN S 259 -2.47 -20.10 -17.27
C ASN S 259 -3.69 -20.01 -16.36
N VAL S 260 -3.57 -19.28 -15.25
CA VAL S 260 -4.70 -19.18 -14.33
C VAL S 260 -5.83 -18.36 -14.94
N ILE S 261 -5.51 -17.34 -15.73
CA ILE S 261 -6.54 -16.61 -16.47
C ILE S 261 -7.20 -17.53 -17.49
N LYS S 262 -6.39 -18.33 -18.19
CA LYS S 262 -6.94 -19.32 -19.11
C LYS S 262 -7.76 -20.37 -18.36
N ALA S 263 -7.30 -20.78 -17.18
CA ALA S 263 -8.02 -21.77 -16.39
C ALA S 263 -9.35 -21.22 -15.90
N LEU S 264 -9.36 -19.98 -15.39
CA LEU S 264 -10.61 -19.36 -14.97
C LEU S 264 -11.58 -19.23 -16.13
N ALA S 265 -11.06 -18.92 -17.33
CA ALA S 265 -11.92 -18.85 -18.51
C ALA S 265 -12.45 -20.23 -18.90
N PHE S 266 -11.61 -21.27 -18.78
CA PHE S 266 -12.05 -22.61 -19.11
C PHE S 266 -13.20 -23.06 -18.22
N CYS S 267 -13.21 -22.64 -16.96
CA CYS S 267 -14.31 -22.94 -16.06
C CYS S 267 -15.48 -21.96 -16.21
N GLU S 268 -15.38 -21.02 -17.15
CA GLU S 268 -16.41 -20.00 -17.38
C GLU S 268 -16.65 -19.17 -16.12
N ILE S 269 -15.58 -18.90 -15.39
CA ILE S 269 -15.63 -18.03 -14.22
C ILE S 269 -15.30 -16.62 -14.65
N GLY S 270 -16.02 -15.64 -14.10
CA GLY S 270 -15.76 -14.25 -14.42
C GLY S 270 -14.37 -13.83 -13.97
N ILE S 271 -13.60 -13.24 -14.87
CA ILE S 271 -12.24 -12.83 -14.54
C ILE S 271 -12.28 -11.49 -13.82
N THR S 272 -11.71 -11.45 -12.61
CA THR S 272 -11.59 -10.23 -11.83
C THR S 272 -10.18 -10.15 -11.28
N GLN S 273 -9.84 -8.98 -10.73
CA GLN S 273 -8.53 -8.82 -10.11
C GLN S 273 -8.37 -9.74 -8.91
N GLN S 274 -9.40 -9.84 -8.07
CA GLN S 274 -9.30 -10.67 -6.87
C GLN S 274 -9.22 -12.15 -7.21
N ARG S 275 -9.88 -12.59 -8.28
CA ARG S 275 -9.85 -14.00 -8.64
C ARG S 275 -8.53 -14.38 -9.31
N ILE S 276 -7.91 -13.46 -10.05
CA ILE S 276 -6.64 -13.77 -10.69
C ILE S 276 -5.55 -13.99 -9.66
N VAL S 277 -5.49 -13.14 -8.63
CA VAL S 277 -4.48 -13.30 -7.59
C VAL S 277 -4.79 -14.50 -6.71
N SER S 278 -6.09 -14.80 -6.49
CA SER S 278 -6.44 -15.97 -5.71
C SER S 278 -6.03 -17.26 -6.40
N ALA S 279 -6.25 -17.34 -7.71
CA ALA S 279 -5.80 -18.50 -8.47
C ALA S 279 -4.29 -18.57 -8.53
N TYR S 280 -3.62 -17.42 -8.68
CA TYR S 280 -2.16 -17.41 -8.76
C TYR S 280 -1.53 -17.92 -7.47
N GLU S 281 -2.06 -17.48 -6.32
CA GLU S 281 -1.54 -17.98 -5.05
C GLU S 281 -1.91 -19.44 -4.82
N ALA S 282 -3.12 -19.84 -5.23
CA ALA S 282 -3.54 -21.22 -5.08
C ALA S 282 -2.73 -22.15 -5.98
N SER S 283 -2.37 -21.69 -7.17
CA SER S 283 -1.64 -22.51 -8.13
C SER S 283 -0.23 -22.84 -7.67
N MET S 284 0.30 -22.13 -6.67
CA MET S 284 1.65 -22.40 -6.18
C MET S 284 1.80 -23.81 -5.64
N VAL S 285 0.70 -24.50 -5.37
CA VAL S 285 0.76 -25.91 -4.97
C VAL S 285 1.51 -26.72 -6.01
N TYR S 286 1.30 -26.41 -7.28
CA TYR S 286 1.98 -27.09 -8.38
C TYR S 286 3.34 -26.45 -8.61
N SER S 287 4.39 -27.26 -8.54
CA SER S 287 5.75 -26.73 -8.64
C SER S 287 6.03 -26.16 -10.02
N ASN S 288 5.76 -26.93 -11.06
CA ASN S 288 6.02 -26.50 -12.43
C ASN S 288 4.79 -25.82 -13.03
N VAL S 289 5.03 -24.70 -13.71
CA VAL S 289 3.94 -23.96 -14.34
C VAL S 289 3.25 -24.81 -15.39
N GLY S 290 3.98 -25.77 -15.98
CA GLY S 290 3.40 -26.59 -17.03
C GLY S 290 2.22 -27.42 -16.58
N GLU S 291 2.18 -27.81 -15.30
CA GLU S 291 1.09 -28.65 -14.81
C GLU S 291 -0.28 -27.98 -14.91
N LEU S 292 -0.31 -26.66 -15.02
CA LEU S 292 -1.57 -25.91 -15.00
C LEU S 292 -2.35 -26.00 -16.30
N ILE S 293 -1.83 -26.67 -17.33
CA ILE S 293 -2.54 -26.73 -18.60
C ILE S 293 -3.53 -27.89 -18.68
N GLU S 294 -3.38 -28.90 -17.85
CA GLU S 294 -4.21 -30.09 -17.93
C GLU S 294 -5.63 -29.80 -17.44
N LYS S 295 -6.60 -30.57 -17.96
CA LYS S 295 -8.00 -30.31 -17.69
C LYS S 295 -8.33 -30.42 -16.20
N ASN S 296 -7.88 -31.50 -15.56
CA ASN S 296 -8.20 -31.71 -14.15
C ASN S 296 -7.66 -30.57 -13.28
N VAL S 297 -6.48 -30.06 -13.61
CA VAL S 297 -5.90 -28.97 -12.82
C VAL S 297 -6.70 -27.69 -13.00
N MET S 298 -7.09 -27.38 -14.24
CA MET S 298 -7.85 -26.16 -14.50
C MET S 298 -9.20 -26.20 -13.79
N GLU S 299 -9.92 -27.31 -13.93
CA GLU S 299 -11.21 -27.44 -13.25
C GLU S 299 -11.06 -27.37 -11.74
N SER S 300 -9.91 -27.81 -11.21
CA SER S 300 -9.68 -27.73 -9.77
C SER S 300 -9.49 -26.28 -9.32
N ILE S 301 -8.66 -25.53 -10.04
CA ILE S 301 -8.40 -24.13 -9.68
C ILE S 301 -9.70 -23.34 -9.66
N GLY S 302 -10.53 -23.50 -10.68
CA GLY S 302 -11.80 -22.79 -10.72
C GLY S 302 -12.76 -23.24 -9.64
N SER S 303 -12.81 -24.55 -9.39
CA SER S 303 -13.71 -25.07 -8.36
C SER S 303 -13.32 -24.59 -6.97
N ASP S 304 -12.00 -24.53 -6.69
CA ASP S 304 -11.55 -24.06 -5.40
C ASP S 304 -11.84 -22.58 -5.19
N ILE S 305 -12.00 -21.81 -6.26
CA ILE S 305 -12.35 -20.41 -6.12
C ILE S 305 -13.83 -20.23 -5.81
N LEU S 306 -14.71 -20.96 -6.51
CA LEU S 306 -16.13 -20.84 -6.26
C LEU S 306 -16.51 -21.34 -4.88
N THR S 307 -15.97 -22.49 -4.48
CA THR S 307 -16.28 -23.02 -3.15
C THR S 307 -15.70 -22.15 -2.05
N ALA S 308 -14.63 -21.42 -2.34
CA ALA S 308 -14.10 -20.48 -1.37
C ALA S 308 -14.97 -19.24 -1.26
N GLU S 309 -15.52 -18.79 -2.39
CA GLU S 309 -16.41 -17.63 -2.36
C GLU S 309 -17.77 -17.97 -1.76
N LYS S 310 -18.17 -19.24 -1.83
CA LYS S 310 -19.40 -19.66 -1.16
C LYS S 310 -19.26 -19.59 0.36
N MET S 311 -18.09 -19.98 0.88
CA MET S 311 -17.85 -19.89 2.32
C MET S 311 -17.78 -18.44 2.77
N ARG S 312 -17.10 -17.59 2.00
CA ARG S 312 -16.96 -16.18 2.37
C ARG S 312 -18.22 -15.39 2.03
N MET T 4 37.19 7.86 -49.84
CA MET T 4 36.70 7.04 -50.96
C MET T 4 37.75 6.04 -51.41
N ALA T 5 38.46 5.46 -50.46
CA ALA T 5 39.50 4.48 -50.76
C ALA T 5 39.56 3.46 -49.63
N CYS T 6 39.27 2.20 -49.94
CA CYS T 6 39.34 1.14 -48.95
C CYS T 6 40.78 0.84 -48.59
N ASN T 7 40.96 0.01 -47.56
CA ASN T 7 42.28 -0.43 -47.17
C ASN T 7 42.75 -1.57 -48.08
N PHE T 8 44.07 -1.81 -48.06
CA PHE T 8 44.66 -2.84 -48.90
C PHE T 8 44.31 -4.26 -48.45
N GLN T 9 43.73 -4.42 -47.26
CA GLN T 9 43.35 -5.73 -46.76
C GLN T 9 41.92 -6.11 -47.13
N PHE T 10 41.29 -5.37 -48.08
CA PHE T 10 39.91 -5.62 -48.44
C PHE T 10 39.80 -6.41 -49.75
N PRO T 11 38.74 -7.22 -49.87
CA PRO T 11 38.55 -8.00 -51.10
C PRO T 11 38.05 -7.14 -52.25
N GLU T 12 38.80 -7.17 -53.36
CA GLU T 12 38.44 -6.37 -54.52
C GLU T 12 37.09 -6.80 -55.11
N ILE T 13 36.92 -8.10 -55.36
CA ILE T 13 35.67 -8.62 -55.88
C ILE T 13 34.88 -9.24 -54.72
N ALA T 14 33.62 -9.60 -54.98
CA ALA T 14 32.78 -10.13 -53.92
C ALA T 14 31.66 -10.97 -54.51
N TYR T 15 31.27 -11.99 -53.76
CA TYR T 15 30.11 -12.83 -54.03
C TYR T 15 29.30 -12.97 -52.75
N PRO T 16 28.01 -13.29 -52.86
CA PRO T 16 27.17 -13.43 -51.66
C PRO T 16 27.74 -14.46 -50.69
N GLY T 17 28.04 -14.01 -49.48
CA GLY T 17 28.61 -14.85 -48.45
C GLY T 17 30.07 -14.58 -48.17
N LYS T 18 30.73 -13.77 -49.00
CA LYS T 18 32.16 -13.50 -48.84
C LYS T 18 32.39 -12.43 -47.79
N LEU T 19 33.34 -12.67 -46.90
CA LEU T 19 33.67 -11.69 -45.87
C LEU T 19 34.41 -10.50 -46.48
N ILE T 20 34.16 -9.32 -45.93
CA ILE T 20 34.76 -8.08 -46.40
C ILE T 20 35.72 -7.49 -45.36
N CYS T 21 35.20 -7.14 -44.19
CA CYS T 21 36.00 -6.49 -43.16
C CYS T 21 35.28 -6.62 -41.83
N PRO T 22 36.00 -6.48 -40.71
CA PRO T 22 35.34 -6.45 -39.40
C PRO T 22 34.50 -5.20 -39.22
N GLN T 23 33.83 -5.09 -38.07
CA GLN T 23 32.97 -3.92 -37.83
C GLN T 23 33.79 -2.67 -37.53
N TYR T 24 35.00 -2.84 -36.99
CA TYR T 24 35.85 -1.70 -36.67
C TYR T 24 37.26 -1.90 -37.21
N ASN T 37 35.38 3.13 -38.29
CA ASN T 37 34.03 2.65 -38.06
C ASN T 37 33.35 2.28 -39.37
N TYR T 38 33.23 0.98 -39.63
CA TYR T 38 32.66 0.47 -40.87
C TYR T 38 31.16 0.24 -40.69
N VAL T 39 30.38 0.77 -41.63
CA VAL T 39 28.92 0.74 -41.57
C VAL T 39 28.41 -0.18 -42.66
N PRO T 40 27.49 -1.10 -42.38
CA PRO T 40 26.92 -1.95 -43.43
C PRO T 40 26.11 -1.13 -44.44
N GLY T 41 26.62 -1.03 -45.66
CA GLY T 41 25.95 -0.30 -46.72
C GLY T 41 25.11 -1.22 -47.57
N PRO T 42 24.51 -0.68 -48.63
CA PRO T 42 23.70 -1.51 -49.54
C PRO T 42 24.57 -2.58 -50.19
N GLY T 43 24.05 -3.81 -50.18
CA GLY T 43 24.79 -4.95 -50.69
C GLY T 43 25.62 -5.68 -49.65
N THR T 44 25.58 -5.25 -48.39
CA THR T 44 26.31 -5.89 -47.31
C THR T 44 25.38 -6.04 -46.10
N LYS T 45 25.81 -6.86 -45.15
CA LYS T 45 25.03 -7.12 -43.95
C LYS T 45 25.95 -7.64 -42.85
N LEU T 46 25.78 -7.10 -41.64
CA LEU T 46 26.53 -7.58 -40.49
C LEU T 46 26.03 -8.97 -40.09
N ILE T 47 26.92 -9.94 -40.12
CA ILE T 47 26.59 -11.33 -39.77
C ILE T 47 27.54 -11.77 -38.66
N GLN T 48 26.97 -12.37 -37.61
CA GLN T 48 27.74 -12.87 -36.48
C GLN T 48 28.14 -14.32 -36.75
N TYR T 49 29.43 -14.57 -36.81
CA TYR T 49 29.98 -15.91 -37.00
C TYR T 49 30.61 -16.40 -35.70
N GLU T 50 30.93 -17.68 -35.67
CA GLU T 50 31.65 -18.28 -34.56
C GLU T 50 32.91 -18.95 -35.07
N HIS T 51 33.99 -18.83 -34.31
CA HIS T 51 35.29 -19.39 -34.69
C HIS T 51 36.22 -19.38 -33.48
N ASN T 52 36.90 -20.51 -33.23
CA ASN T 52 37.77 -20.69 -32.07
C ASN T 52 37.02 -20.54 -30.76
N GLY T 53 35.68 -20.65 -30.79
CA GLY T 53 34.85 -20.53 -29.62
C GLY T 53 34.30 -19.14 -29.38
N ARG T 54 34.99 -18.12 -29.86
CA ARG T 54 34.56 -16.73 -29.68
C ARG T 54 33.76 -16.25 -30.88
N THR T 55 32.68 -15.52 -30.61
CA THR T 55 31.86 -14.98 -31.68
C THR T 55 32.50 -13.72 -32.28
N LEU T 56 32.06 -13.38 -33.49
CA LEU T 56 32.65 -12.26 -34.22
C LEU T 56 31.62 -11.77 -35.24
N GLU T 57 31.46 -10.44 -35.31
CA GLU T 57 30.58 -9.81 -36.28
C GLU T 57 31.42 -9.12 -37.34
N ALA T 58 31.26 -9.53 -38.59
CA ALA T 58 32.02 -9.00 -39.71
C ALA T 58 31.08 -8.63 -40.85
N ILE T 59 31.51 -7.67 -41.67
CA ILE T 59 30.73 -7.27 -42.84
C ILE T 59 30.79 -8.38 -43.88
N THR T 60 29.63 -8.74 -44.41
CA THR T 60 29.52 -9.81 -45.40
C THR T 60 28.77 -9.30 -46.63
N ALA T 61 29.34 -9.53 -47.80
CA ALA T 61 28.70 -9.10 -49.04
C ALA T 61 27.50 -9.99 -49.34
N THR T 62 26.40 -9.37 -49.76
CA THR T 62 25.19 -10.07 -50.14
C THR T 62 24.92 -10.02 -51.64
N LEU T 63 25.72 -9.29 -52.40
CA LEU T 63 25.58 -9.18 -53.85
C LEU T 63 26.87 -9.61 -54.52
N VAL T 64 26.79 -9.79 -55.84
CA VAL T 64 27.94 -10.14 -56.67
C VAL T 64 28.41 -8.88 -57.39
N GLY T 65 29.61 -8.43 -57.04
CA GLY T 65 30.13 -7.21 -57.64
C GLY T 65 31.41 -6.77 -56.94
N THR T 66 31.72 -5.49 -57.10
CA THR T 66 32.92 -4.89 -56.54
C THR T 66 32.60 -4.15 -55.24
N VAL T 67 33.62 -4.01 -54.40
CA VAL T 67 33.49 -3.41 -53.08
C VAL T 67 34.01 -1.98 -53.13
N ARG T 68 33.25 -1.05 -52.56
CA ARG T 68 33.64 0.35 -52.48
C ARG T 68 33.40 0.89 -51.08
N CYS T 69 34.28 1.78 -50.65
CA CYS T 69 34.19 2.46 -49.37
C CYS T 69 34.04 3.96 -49.59
N GLU T 70 33.45 4.63 -48.61
CA GLU T 70 33.31 6.08 -48.67
C GLU T 70 33.11 6.62 -47.26
N GLU T 71 33.82 7.68 -46.92
CA GLU T 71 33.72 8.30 -45.59
C GLU T 71 32.44 9.13 -45.48
N ILE T 109 33.26 5.03 -42.12
CA ILE T 109 33.42 4.40 -43.42
C ILE T 109 32.18 3.56 -43.75
N LEU T 110 31.66 3.75 -44.96
CA LEU T 110 30.50 3.01 -45.43
C LEU T 110 30.97 1.95 -46.43
N VAL T 111 30.76 0.68 -46.10
CA VAL T 111 31.16 -0.44 -46.94
C VAL T 111 29.95 -0.96 -47.69
N SER T 112 30.06 -1.03 -49.01
CA SER T 112 28.96 -1.44 -49.88
C SER T 112 29.49 -2.25 -51.05
N VAL T 113 28.58 -2.98 -51.69
CA VAL T 113 28.91 -3.81 -52.85
C VAL T 113 28.00 -3.40 -54.00
N LEU T 114 28.61 -3.08 -55.14
CA LEU T 114 27.90 -2.64 -56.33
C LEU T 114 28.05 -3.67 -57.43
N PRO T 115 26.97 -4.04 -58.11
CA PRO T 115 27.08 -5.05 -59.17
C PRO T 115 27.98 -4.57 -60.31
N GLY T 116 28.97 -5.40 -60.64
CA GLY T 116 29.91 -5.07 -61.69
C GLY T 116 31.29 -5.65 -61.45
N ASN T 129 20.20 0.07 -65.44
CA ASN T 129 19.56 -1.17 -65.88
C ASN T 129 18.80 -1.83 -64.72
N ASP T 130 19.38 -1.79 -63.53
CA ASP T 130 18.78 -2.39 -62.35
C ASP T 130 18.04 -1.31 -61.56
N PHE T 131 16.71 -1.38 -61.58
CA PHE T 131 15.86 -0.47 -60.81
C PHE T 131 15.78 -0.85 -59.34
N ALA T 132 16.22 -2.05 -58.97
CA ALA T 132 16.07 -2.52 -57.60
C ALA T 132 16.91 -1.70 -56.63
N ASN T 133 18.23 -1.64 -56.87
CA ASN T 133 19.11 -0.94 -55.92
C ASN T 133 18.85 0.57 -55.92
N ASN T 134 18.42 1.13 -57.05
CA ASN T 134 18.11 2.55 -57.14
C ASN T 134 16.60 2.78 -57.08
N LEU T 135 16.01 2.35 -55.97
CA LEU T 135 14.58 2.52 -55.77
C LEU T 135 14.28 3.97 -55.41
N PRO T 136 13.22 4.55 -55.95
CA PRO T 136 12.92 5.98 -55.70
C PRO T 136 12.77 6.28 -54.23
N LYS T 137 13.43 7.35 -53.79
CA LYS T 137 13.41 7.80 -52.41
C LYS T 137 13.17 9.30 -52.40
N GLU T 138 12.88 9.83 -51.21
CA GLU T 138 12.62 11.26 -51.05
C GLU T 138 13.78 12.09 -51.59
N GLY T 139 13.48 12.95 -52.57
CA GLY T 139 14.48 13.80 -53.20
C GLY T 139 14.89 13.37 -54.59
N ASP T 140 14.66 12.11 -54.95
CA ASP T 140 15.06 11.62 -56.26
C ASP T 140 14.13 12.15 -57.36
N ILE T 141 14.71 12.37 -58.53
CA ILE T 141 13.97 12.78 -59.72
C ILE T 141 13.65 11.54 -60.53
N VAL T 142 12.40 11.46 -61.01
CA VAL T 142 11.92 10.26 -61.70
C VAL T 142 11.20 10.68 -62.98
N LEU T 143 11.21 9.79 -63.97
CA LEU T 143 10.47 9.97 -65.20
C LEU T 143 9.19 9.13 -65.12
N THR T 144 8.04 9.80 -65.24
CA THR T 144 6.75 9.15 -65.08
C THR T 144 5.91 9.34 -66.35
N ARG T 145 4.79 8.62 -66.40
CA ARG T 145 3.84 8.73 -67.50
C ARG T 145 2.44 8.89 -66.92
N VAL T 146 1.74 9.94 -67.37
CA VAL T 146 0.41 10.23 -66.87
C VAL T 146 -0.57 9.17 -67.34
N THR T 147 -1.30 8.57 -66.38
CA THR T 147 -2.29 7.55 -66.69
C THR T 147 -3.73 8.02 -66.49
N ARG T 148 -3.97 8.94 -65.56
CA ARG T 148 -5.31 9.43 -65.31
C ARG T 148 -5.24 10.79 -64.64
N LEU T 149 -6.00 11.75 -65.15
CA LEU T 149 -6.10 13.09 -64.58
C LEU T 149 -7.37 13.21 -63.76
N SER T 150 -7.28 13.90 -62.63
CA SER T 150 -8.44 14.25 -61.82
C SER T 150 -8.47 15.75 -61.61
N LEU T 151 -9.59 16.24 -61.06
CA LEU T 151 -9.78 17.67 -60.86
C LEU T 151 -8.82 18.24 -59.83
N GLN T 152 -8.26 17.40 -58.95
CA GLN T 152 -7.39 17.87 -57.89
C GLN T 152 -5.99 17.28 -57.93
N ARG T 153 -5.76 16.20 -58.67
CA ARG T 153 -4.45 15.56 -58.70
C ARG T 153 -4.26 14.90 -60.06
N ALA T 154 -3.05 14.40 -60.28
CA ALA T 154 -2.70 13.71 -61.52
C ALA T 154 -2.00 12.41 -61.17
N ASN T 155 -2.58 11.29 -61.59
CA ASN T 155 -2.03 9.97 -61.32
C ASN T 155 -1.03 9.59 -62.41
N VAL T 156 0.15 9.13 -62.00
CA VAL T 156 1.21 8.77 -62.92
C VAL T 156 1.78 7.41 -62.49
N GLU T 157 2.65 6.87 -63.34
CA GLU T 157 3.41 5.66 -63.02
C GLU T 157 4.88 5.92 -63.27
N ILE T 158 5.71 5.55 -62.29
CA ILE T 158 7.15 5.77 -62.42
C ILE T 158 7.72 4.76 -63.41
N LEU T 159 8.41 5.27 -64.43
CA LEU T 159 9.05 4.43 -65.43
C LEU T 159 10.56 4.35 -65.28
N ALA T 160 11.19 5.42 -64.78
CA ALA T 160 12.63 5.43 -64.57
C ALA T 160 12.96 6.44 -63.48
N VAL T 161 14.14 6.30 -62.90
CA VAL T 161 14.62 7.18 -61.84
C VAL T 161 15.98 7.75 -62.25
N GLU T 162 16.15 9.04 -62.02
CA GLU T 162 17.40 9.71 -62.36
C GLU T 162 18.48 9.36 -61.34
N ASP T 163 19.67 9.04 -61.83
CA ASP T 163 20.82 8.74 -60.98
C ASP T 163 21.73 9.96 -60.89
N LYS T 164 22.54 9.99 -59.83
CA LYS T 164 23.43 11.11 -59.61
C LYS T 164 24.73 10.94 -60.41
N PRO T 165 25.36 12.05 -60.82
CA PRO T 165 26.59 12.03 -61.62
C PRO T 165 27.71 11.18 -61.02
N ALA T 188 25.80 14.58 -69.91
CA ALA T 188 24.44 14.10 -69.70
C ALA T 188 24.33 13.27 -68.42
N ALA T 189 23.10 13.03 -68.00
CA ALA T 189 22.83 12.26 -66.78
C ALA T 189 22.44 10.83 -67.13
N THR T 190 22.60 9.94 -66.15
CA THR T 190 22.26 8.54 -66.29
C THR T 190 20.90 8.26 -65.66
N PHE T 191 20.34 7.10 -66.03
CA PHE T 191 19.00 6.72 -65.58
C PHE T 191 19.00 5.25 -65.18
N SER T 192 17.97 4.88 -64.43
CA SER T 192 17.71 3.48 -64.08
C SER T 192 16.27 3.18 -64.47
N VAL T 193 16.11 2.35 -65.50
CA VAL T 193 14.80 2.07 -66.08
C VAL T 193 14.15 0.93 -65.32
N SER T 194 12.89 1.11 -64.94
CA SER T 194 12.13 0.03 -64.31
C SER T 194 11.82 -1.05 -65.33
N GLN T 195 12.08 -2.30 -64.97
CA GLN T 195 11.79 -3.43 -65.84
C GLN T 195 10.36 -3.92 -65.72
N ALA T 196 9.57 -3.35 -64.81
CA ALA T 196 8.20 -3.80 -64.60
C ALA T 196 7.34 -3.50 -65.82
N SER T 197 6.17 -4.12 -65.87
CA SER T 197 5.23 -3.95 -66.97
C SER T 197 4.14 -2.96 -66.57
N SER T 198 3.89 -1.99 -67.44
CA SER T 198 2.82 -1.03 -67.22
C SER T 198 1.44 -1.57 -67.58
N ASP T 199 1.38 -2.77 -68.15
CA ASP T 199 0.12 -3.36 -68.57
C ASP T 199 -0.57 -4.17 -67.47
N LEU T 200 0.18 -4.59 -66.45
CA LEU T 200 -0.34 -5.45 -65.40
C LEU T 200 -0.35 -4.77 -64.03
N GLY T 201 -0.16 -3.46 -63.97
CA GLY T 201 -0.10 -2.77 -62.70
C GLY T 201 1.14 -3.06 -61.89
N GLU T 202 2.23 -3.48 -62.54
CA GLU T 202 3.44 -3.85 -61.83
C GLU T 202 4.32 -2.67 -61.49
N THR T 203 4.15 -1.54 -62.18
CA THR T 203 4.99 -0.37 -61.94
C THR T 203 4.50 0.42 -60.73
N PHE T 204 5.45 1.06 -60.06
CA PHE T 204 5.12 1.93 -58.94
C PHE T 204 4.37 3.16 -59.44
N ARG T 205 3.20 3.41 -58.84
CA ARG T 205 2.36 4.53 -59.23
C ARG T 205 2.58 5.71 -58.28
N GLY T 206 2.28 6.91 -58.78
CA GLY T 206 2.47 8.13 -58.02
C GLY T 206 1.34 9.11 -58.23
N ILE T 207 1.41 10.22 -57.51
CA ILE T 207 0.39 11.26 -57.55
C ILE T 207 1.08 12.62 -57.50
N ILE T 208 0.68 13.51 -58.41
CA ILE T 208 1.14 14.90 -58.41
C ILE T 208 -0.06 15.78 -58.07
N ARG T 209 -0.06 16.33 -56.86
CA ARG T 209 -1.16 17.17 -56.42
C ARG T 209 -1.16 18.50 -57.16
N SER T 210 -2.32 19.15 -57.17
CA SER T 210 -2.48 20.39 -57.94
C SER T 210 -1.64 21.53 -57.38
N GLN T 211 -1.43 21.56 -56.06
CA GLN T 211 -0.59 22.59 -55.45
C GLN T 211 0.90 22.29 -55.60
N ASP T 212 1.27 21.13 -56.15
CA ASP T 212 2.65 20.78 -56.39
C ASP T 212 3.02 20.81 -57.88
N VAL T 213 2.15 21.40 -58.72
CA VAL T 213 2.42 21.44 -60.15
C VAL T 213 3.51 22.46 -60.45
N ARG T 214 3.31 23.71 -60.02
CA ARG T 214 4.27 24.78 -60.22
C ARG T 214 4.52 25.49 -58.89
N SER T 215 5.46 26.42 -58.92
CA SER T 215 5.84 27.16 -57.71
C SER T 215 4.98 28.38 -57.46
N THR T 216 4.62 29.11 -58.51
CA THR T 216 3.84 30.34 -58.39
C THR T 216 2.37 30.04 -58.64
N ASP T 217 1.51 30.66 -57.82
CA ASP T 217 0.05 30.53 -57.94
C ASP T 217 -0.37 29.06 -57.85
N ARG T 218 -0.17 28.50 -56.67
CA ARG T 218 -0.50 27.10 -56.41
C ARG T 218 -1.96 26.90 -55.97
N ASP T 219 -2.71 27.99 -55.78
CA ASP T 219 -4.10 27.85 -55.35
C ASP T 219 -5.03 27.63 -56.53
N ARG T 220 -4.84 28.36 -57.62
CA ARG T 220 -5.68 28.27 -58.81
C ARG T 220 -4.86 27.58 -59.90
N VAL T 221 -4.93 26.25 -59.93
CA VAL T 221 -4.20 25.44 -60.90
C VAL T 221 -5.19 24.52 -61.60
N LYS T 222 -5.32 24.65 -62.91
CA LYS T 222 -6.15 23.76 -63.71
C LYS T 222 -5.31 22.57 -64.15
N VAL T 223 -5.73 21.36 -63.77
CA VAL T 223 -4.97 20.17 -64.10
C VAL T 223 -5.04 19.88 -65.60
N ILE T 224 -6.14 20.25 -66.25
CA ILE T 224 -6.31 19.98 -67.67
C ILE T 224 -5.34 20.79 -68.52
N GLU T 225 -4.81 21.89 -68.00
CA GLU T 225 -3.91 22.76 -68.75
C GLU T 225 -2.45 22.54 -68.41
N CYS T 226 -2.14 21.60 -67.50
CA CYS T 226 -0.77 21.29 -67.12
C CYS T 226 -0.31 19.92 -67.59
N PHE T 227 -1.18 18.90 -67.52
CA PHE T 227 -0.84 17.56 -67.95
C PHE T 227 -1.95 17.00 -68.83
N LYS T 228 -1.63 15.91 -69.54
CA LYS T 228 -2.56 15.19 -70.39
C LYS T 228 -2.21 13.72 -70.33
N PRO T 229 -3.18 12.82 -70.53
CA PRO T 229 -2.88 11.38 -70.46
C PRO T 229 -1.90 10.96 -71.54
N GLY T 230 -0.85 10.25 -71.11
CA GLY T 230 0.19 9.78 -72.01
C GLY T 230 1.46 10.61 -71.98
N ASP T 231 1.43 11.80 -71.39
CA ASP T 231 2.61 12.64 -71.33
C ASP T 231 3.69 12.01 -70.44
N ILE T 232 4.94 12.32 -70.75
CA ILE T 232 6.08 11.87 -69.97
C ILE T 232 6.55 13.04 -69.12
N VAL T 233 6.27 12.97 -67.82
CA VAL T 233 6.50 14.07 -66.90
C VAL T 233 7.73 13.76 -66.05
N ARG T 234 8.65 14.72 -65.97
CA ARG T 234 9.82 14.62 -65.10
C ARG T 234 9.48 15.28 -63.77
N ALA T 235 9.44 14.48 -62.70
CA ALA T 235 9.04 14.94 -61.39
C ALA T 235 10.07 14.53 -60.34
N GLN T 236 9.91 15.07 -59.14
CA GLN T 236 10.79 14.79 -58.02
C GLN T 236 9.99 14.26 -56.85
N VAL T 237 10.54 13.26 -56.16
CA VAL T 237 9.83 12.58 -55.09
C VAL T 237 9.79 13.47 -53.85
N LEU T 238 8.60 13.64 -53.28
CA LEU T 238 8.42 14.36 -52.03
C LEU T 238 8.46 13.43 -50.83
N SER T 239 7.75 12.32 -50.90
CA SER T 239 7.73 11.32 -49.83
C SER T 239 7.34 9.97 -50.43
N LEU T 240 7.51 8.93 -49.63
CA LEU T 240 7.11 7.59 -50.08
C LEU T 240 5.61 7.41 -50.03
N GLY T 241 4.92 8.15 -49.16
CA GLY T 241 3.47 8.03 -49.07
C GLY T 241 3.05 6.68 -48.54
N ASP T 242 1.99 6.14 -49.11
CA ASP T 242 1.52 4.81 -48.77
C ASP T 242 2.05 3.80 -49.81
N GLY T 243 1.67 2.54 -49.63
CA GLY T 243 2.10 1.50 -50.55
C GLY T 243 1.52 1.63 -51.94
N THR T 244 0.49 2.44 -52.12
CA THR T 244 -0.17 2.60 -53.41
C THR T 244 0.50 3.65 -54.28
N ASN T 245 0.61 4.89 -53.77
CA ASN T 245 1.03 6.02 -54.59
C ASN T 245 2.22 6.72 -53.97
N TYR T 246 3.21 7.04 -54.79
CA TYR T 246 4.22 8.02 -54.43
C TYR T 246 3.60 9.42 -54.42
N TYR T 247 4.36 10.38 -53.90
CA TYR T 247 3.95 11.79 -53.92
C TYR T 247 5.07 12.59 -54.57
N LEU T 248 4.80 13.17 -55.74
CA LEU T 248 5.79 13.82 -56.56
C LEU T 248 5.48 15.30 -56.69
N THR T 249 6.40 16.03 -57.32
CA THR T 249 6.26 17.47 -57.52
C THR T 249 6.98 17.87 -58.79
N THR T 250 6.54 19.00 -59.37
CA THR T 250 7.14 19.53 -60.58
C THR T 250 7.34 21.05 -60.48
N ALA T 251 7.49 21.57 -59.26
CA ALA T 251 7.53 23.01 -59.05
C ALA T 251 8.93 23.59 -59.25
N ARG T 252 9.59 23.20 -60.34
CA ARG T 252 10.90 23.75 -60.68
C ARG T 252 10.96 23.95 -62.18
N ASN T 253 12.02 24.66 -62.63
CA ASN T 253 12.13 24.99 -64.04
C ASN T 253 12.44 23.76 -64.89
N ASP T 254 13.24 22.84 -64.37
CA ASP T 254 13.62 21.64 -65.10
C ASP T 254 12.66 20.48 -64.88
N LEU T 255 11.47 20.75 -64.33
CA LEU T 255 10.47 19.73 -64.07
C LEU T 255 9.19 20.05 -64.84
N GLY T 256 8.50 19.01 -65.28
CA GLY T 256 7.26 19.15 -66.00
C GLY T 256 7.19 18.18 -67.15
N VAL T 257 6.29 18.45 -68.09
CA VAL T 257 6.11 17.61 -69.26
C VAL T 257 7.35 17.71 -70.14
N VAL T 258 7.97 16.57 -70.42
CA VAL T 258 9.17 16.52 -71.25
C VAL T 258 8.86 16.00 -72.65
N PHE T 259 8.19 14.86 -72.75
CA PHE T 259 7.82 14.26 -74.02
C PHE T 259 6.32 14.13 -74.10
N ALA T 260 5.74 14.54 -75.23
CA ALA T 260 4.30 14.49 -75.41
C ALA T 260 3.98 14.52 -76.89
N ARG T 261 2.79 14.00 -77.23
CA ARG T 261 2.26 14.04 -78.58
C ARG T 261 0.95 14.81 -78.60
N ALA T 262 0.58 15.29 -79.78
CA ALA T 262 -0.67 16.03 -79.93
C ALA T 262 -1.86 15.07 -79.84
N ALA T 263 -2.93 15.55 -79.18
CA ALA T 263 -4.18 14.80 -79.07
C ALA T 263 -3.98 13.44 -78.40
N ASN T 264 -3.20 13.44 -77.31
CA ASN T 264 -3.00 12.24 -76.48
C ASN T 264 -2.43 11.08 -77.30
N GLY T 265 -1.38 11.37 -78.07
CA GLY T 265 -0.72 10.36 -78.87
C GLY T 265 -1.31 10.15 -80.25
N ALA T 266 -2.44 10.79 -80.57
CA ALA T 266 -3.06 10.66 -81.88
C ALA T 266 -2.49 11.63 -82.90
N GLY T 267 -1.62 12.55 -82.49
CA GLY T 267 -1.03 13.50 -83.40
C GLY T 267 0.48 13.35 -83.52
N GLY T 268 1.16 14.42 -83.96
CA GLY T 268 2.59 14.39 -84.13
C GLY T 268 3.35 14.76 -82.88
N LEU T 269 4.67 14.75 -82.99
CA LEU T 269 5.54 15.07 -81.87
C LEU T 269 5.43 16.55 -81.53
N MET T 270 5.46 16.87 -80.23
CA MET T 270 5.41 18.23 -79.73
C MET T 270 6.65 18.51 -78.89
N TYR T 271 7.29 19.64 -79.15
CA TYR T 271 8.47 20.06 -78.41
C TYR T 271 8.14 21.29 -77.57
N ALA T 272 8.90 21.47 -76.49
CA ALA T 272 8.65 22.54 -75.52
C ALA T 272 9.27 23.83 -76.03
N THR T 273 8.49 24.60 -76.79
CA THR T 273 8.95 25.90 -77.26
C THR T 273 8.97 26.91 -76.11
N ASP T 274 7.84 27.11 -75.46
CA ASP T 274 7.73 27.93 -74.27
C ASP T 274 7.67 27.04 -73.03
N TRP T 275 7.95 27.65 -71.87
CA TRP T 275 7.83 26.92 -70.62
C TRP T 275 6.38 26.59 -70.28
N GLN T 276 5.42 27.21 -70.97
CA GLN T 276 4.01 26.96 -70.73
C GLN T 276 3.26 26.54 -71.99
N MET T 277 3.98 26.32 -73.10
CA MET T 277 3.34 25.99 -74.37
C MET T 277 4.19 25.01 -75.13
N MET T 278 3.55 23.98 -75.70
CA MET T 278 4.21 22.98 -76.54
C MET T 278 3.65 23.09 -77.94
N THR T 279 4.55 23.16 -78.93
CA THR T 279 4.16 23.31 -80.33
C THR T 279 4.65 22.13 -81.14
N SER T 280 4.01 21.91 -82.29
CA SER T 280 4.35 20.85 -83.22
C SER T 280 5.00 21.44 -84.47
N PRO T 281 6.20 20.98 -84.83
CA PRO T 281 6.87 21.57 -86.02
C PRO T 281 6.15 21.29 -87.33
N VAL T 282 5.43 20.18 -87.44
CA VAL T 282 4.80 19.82 -88.70
C VAL T 282 3.45 20.50 -88.86
N THR T 283 2.54 20.27 -87.90
CA THR T 283 1.19 20.82 -88.01
C THR T 283 1.16 22.29 -87.62
N GLY T 284 1.94 22.69 -86.61
CA GLY T 284 1.89 24.03 -86.09
C GLY T 284 0.94 24.25 -84.94
N ALA T 285 0.00 23.33 -84.74
CA ALA T 285 -0.94 23.45 -83.62
C ALA T 285 -0.22 23.29 -82.29
N THR T 286 -0.60 24.10 -81.32
CA THR T 286 0.02 24.10 -80.01
C THR T 286 -0.96 23.66 -78.94
N GLU T 287 -0.42 23.19 -77.81
CA GLU T 287 -1.21 22.79 -76.67
C GLU T 287 -0.58 23.37 -75.41
N LYS T 288 -1.42 23.58 -74.39
CA LYS T 288 -0.98 24.17 -73.14
C LYS T 288 -0.59 23.07 -72.15
N ARG T 289 0.67 23.04 -71.77
CA ARG T 289 1.19 22.04 -70.85
C ARG T 289 2.18 22.69 -69.89
N LYS T 290 2.36 22.07 -68.72
CA LYS T 290 3.38 22.51 -67.77
C LYS T 290 4.69 21.89 -68.20
N CYS T 291 5.42 22.60 -69.04
CA CYS T 291 6.64 22.11 -69.66
C CYS T 291 7.86 22.40 -68.77
N ALA T 292 8.97 21.78 -69.12
CA ALA T 292 10.24 22.05 -68.48
C ALA T 292 10.99 23.11 -69.27
N LYS T 293 11.71 23.96 -68.56
CA LYS T 293 12.40 25.08 -69.20
C LYS T 293 13.42 24.59 -70.21
N PRO T 294 13.30 24.95 -71.50
CA PRO T 294 14.21 24.53 -72.57
C PRO T 294 15.52 25.31 -72.57
N ILE U 113 -35.95 29.66 -76.62
CA ILE U 113 -36.65 28.40 -76.76
C ILE U 113 -36.83 27.73 -75.41
N SER U 114 -38.07 27.41 -75.07
CA SER U 114 -38.38 26.82 -73.78
C SER U 114 -37.99 25.35 -73.76
N GLY U 115 -37.39 24.92 -72.65
CA GLY U 115 -37.01 23.54 -72.47
C GLY U 115 -38.00 22.74 -71.64
N ARG U 116 -38.25 23.20 -70.42
CA ARG U 116 -39.15 22.53 -69.49
C ARG U 116 -40.45 23.31 -69.40
N LYS U 117 -41.57 22.61 -69.63
CA LYS U 117 -42.88 23.27 -69.65
C LYS U 117 -43.95 22.22 -69.40
N THR U 118 -44.86 22.51 -68.48
CA THR U 118 -45.98 21.62 -68.20
C THR U 118 -47.09 21.86 -69.21
N PHE U 119 -47.41 20.84 -70.00
CA PHE U 119 -48.44 20.96 -71.03
C PHE U 119 -49.67 20.14 -70.68
N LYS V 3 -32.91 51.13 3.79
CA LYS V 3 -33.09 50.76 5.18
C LYS V 3 -32.80 51.94 6.10
N ASP V 4 -33.62 52.10 7.14
CA ASP V 4 -33.51 53.23 8.04
C ASP V 4 -32.86 52.82 9.35
N ILE V 5 -32.19 53.78 9.99
CA ILE V 5 -31.64 53.62 11.33
C ILE V 5 -32.63 54.24 12.30
N GLU V 6 -33.31 53.41 13.08
CA GLU V 6 -34.29 53.89 14.05
C GLU V 6 -33.57 54.44 15.26
N ILE V 7 -33.84 55.69 15.61
CA ILE V 7 -33.30 56.33 16.80
C ILE V 7 -34.44 56.51 17.78
N SER V 8 -34.25 56.02 19.00
CA SER V 8 -35.31 56.09 20.00
C SER V 8 -35.46 57.50 20.56
N ALA V 9 -36.66 57.79 21.05
CA ALA V 9 -36.93 59.10 21.64
C ALA V 9 -36.10 59.32 22.90
N SER V 10 -35.88 58.26 23.70
CA SER V 10 -35.02 58.38 24.87
C SER V 10 -33.58 58.66 24.47
N GLU V 11 -33.14 58.11 23.34
CA GLU V 11 -31.78 58.34 22.85
C GLU V 11 -31.63 59.74 22.27
N SER V 12 -32.62 60.19 21.48
CA SER V 12 -32.57 61.54 20.94
C SER V 12 -32.55 62.58 22.04
N LYS V 13 -33.34 62.36 23.10
CA LYS V 13 -33.37 63.31 24.21
C LYS V 13 -32.09 63.25 25.03
N PHE V 14 -31.59 62.05 25.30
CA PHE V 14 -30.42 61.90 26.18
C PHE V 14 -29.18 62.53 25.55
N ILE V 15 -28.91 62.23 24.29
CA ILE V 15 -27.71 62.75 23.64
C ILE V 15 -27.80 64.27 23.50
N LEU V 16 -28.98 64.78 23.15
CA LEU V 16 -29.15 66.23 23.02
C LEU V 16 -29.11 66.90 24.39
N GLU V 17 -29.71 66.28 25.41
CA GLU V 17 -29.62 66.83 26.76
C GLU V 17 -28.20 66.73 27.30
N ALA V 18 -27.44 65.72 26.86
CA ALA V 18 -26.03 65.66 27.24
C ALA V 18 -25.22 66.76 26.57
N LEU V 19 -25.60 67.12 25.33
CA LEU V 19 -24.94 68.25 24.68
C LEU V 19 -25.21 69.56 25.41
N ARG V 20 -26.44 69.73 25.91
CA ARG V 20 -26.76 70.92 26.69
C ARG V 20 -26.04 70.94 28.02
N GLN V 21 -25.57 69.78 28.50
CA GLN V 21 -24.72 69.71 29.68
C GLN V 21 -23.24 69.58 29.32
N ASN V 22 -22.88 69.93 28.08
CA ASN V 22 -21.50 69.88 27.61
C ASN V 22 -20.88 68.50 27.77
N TYR V 23 -21.64 67.48 27.36
CA TYR V 23 -21.20 66.09 27.43
C TYR V 23 -21.29 65.46 26.06
N ARG V 24 -20.23 64.73 25.67
CA ARG V 24 -20.23 63.91 24.47
C ARG V 24 -20.03 62.46 24.87
N LEU V 25 -20.78 61.57 24.21
CA LEU V 25 -20.79 60.16 24.61
C LEU V 25 -19.39 59.56 24.60
N ASP V 26 -18.61 59.85 23.57
CA ASP V 26 -17.26 59.31 23.46
C ASP V 26 -16.23 60.06 24.31
N GLY V 27 -16.69 60.93 25.22
CA GLY V 27 -15.79 61.61 26.13
C GLY V 27 -15.03 62.79 25.54
N ARG V 28 -15.28 63.14 24.29
CA ARG V 28 -14.58 64.25 23.67
C ARG V 28 -15.20 65.58 24.10
N SER V 29 -14.46 66.66 23.82
CA SER V 29 -14.99 68.01 23.98
C SER V 29 -15.60 68.48 22.66
N PHE V 30 -16.30 69.61 22.72
CA PHE V 30 -17.01 70.10 21.56
C PHE V 30 -16.06 70.50 20.43
N ASP V 31 -14.85 70.91 20.76
CA ASP V 31 -13.88 71.36 19.76
C ASP V 31 -12.79 70.33 19.48
N GLN V 32 -13.01 69.07 19.87
CA GLN V 32 -11.99 68.04 19.78
C GLN V 32 -12.21 67.20 18.53
N PHE V 33 -11.25 67.26 17.60
CA PHE V 33 -11.22 66.36 16.47
C PHE V 33 -10.67 65.00 16.90
N ARG V 34 -11.20 63.93 16.32
CA ARG V 34 -10.76 62.60 16.70
C ARG V 34 -9.29 62.38 16.35
N ASP V 35 -8.64 61.48 17.09
CA ASP V 35 -7.25 61.14 16.81
C ASP V 35 -7.17 60.40 15.49
N VAL V 36 -6.29 60.88 14.61
CA VAL V 36 -6.14 60.33 13.27
C VAL V 36 -5.01 59.32 13.28
N GLU V 37 -5.33 58.07 12.94
CA GLU V 37 -4.34 57.00 12.80
C GLU V 37 -4.19 56.66 11.32
N ILE V 38 -2.96 56.70 10.83
CA ILE V 38 -2.67 56.48 9.42
C ILE V 38 -1.75 55.27 9.30
N THR V 39 -2.17 54.29 8.51
CA THR V 39 -1.40 53.07 8.27
C THR V 39 -1.05 52.98 6.79
N PHE V 40 0.20 52.63 6.51
CA PHE V 40 0.69 52.49 5.14
C PHE V 40 0.96 51.03 4.83
N GLY V 41 0.50 50.58 3.66
CA GLY V 41 0.74 49.22 3.21
C GLY V 41 2.11 49.06 2.58
N LYS V 42 2.32 47.87 2.01
CA LYS V 42 3.58 47.60 1.35
C LYS V 42 3.76 48.43 0.09
N GLU V 43 2.70 48.56 -0.71
CA GLU V 43 2.75 49.36 -1.92
C GLU V 43 2.62 50.84 -1.61
N PHE V 44 3.22 51.67 -2.46
CA PHE V 44 3.03 53.11 -2.35
C PHE V 44 1.64 53.48 -2.85
N GLY V 45 0.93 54.29 -2.07
CA GLY V 45 -0.43 54.64 -2.37
C GLY V 45 -1.47 53.83 -1.63
N ASP V 46 -1.05 52.86 -0.82
CA ASP V 46 -1.95 52.06 0.02
C ASP V 46 -1.95 52.71 1.41
N VAL V 47 -3.07 53.31 1.79
CA VAL V 47 -3.18 54.04 3.04
C VAL V 47 -4.50 53.70 3.71
N SER V 48 -4.46 53.55 5.03
CA SER V 48 -5.64 53.20 5.81
C SER V 48 -5.75 54.17 6.98
N VAL V 49 -6.86 54.90 7.05
CA VAL V 49 -7.09 55.93 8.05
C VAL V 49 -8.15 55.44 9.02
N LYS V 50 -7.97 55.76 10.31
CA LYS V 50 -8.91 55.38 11.36
C LYS V 50 -9.18 56.57 12.26
N MET V 51 -10.46 56.80 12.57
CA MET V 51 -10.89 57.84 13.49
C MET V 51 -11.86 57.20 14.49
N GLY V 52 -11.35 56.74 15.62
CA GLY V 52 -12.16 56.02 16.57
C GLY V 52 -12.65 54.71 16.01
N ASN V 53 -13.93 54.67 15.60
CA ASN V 53 -14.49 53.50 14.94
C ASN V 53 -14.57 53.67 13.43
N THR V 54 -14.53 54.90 12.92
CA THR V 54 -14.58 55.13 11.47
C THR V 54 -13.30 54.64 10.81
N LYS V 55 -13.45 53.87 9.74
CA LYS V 55 -12.32 53.31 9.01
C LYS V 55 -12.51 53.56 7.52
N VAL V 56 -11.48 54.12 6.88
CA VAL V 56 -11.48 54.32 5.44
C VAL V 56 -10.16 53.80 4.88
N HIS V 57 -10.17 53.47 3.59
CA HIS V 57 -8.99 53.00 2.89
C HIS V 57 -8.95 53.65 1.51
N CYS V 58 -7.77 54.11 1.11
CA CYS V 58 -7.58 54.74 -0.19
C CYS V 58 -6.48 54.02 -0.96
N ARG V 59 -6.63 54.00 -2.27
CA ARG V 59 -5.69 53.32 -3.17
C ARG V 59 -5.38 54.24 -4.34
N ILE V 60 -4.14 54.70 -4.42
CA ILE V 60 -3.71 55.57 -5.50
C ILE V 60 -3.14 54.71 -6.62
N SER V 61 -3.58 54.98 -7.85
CA SER V 61 -3.14 54.24 -9.01
C SER V 61 -3.02 55.19 -10.19
N CYS V 62 -2.20 54.80 -11.15
CA CYS V 62 -1.97 55.63 -12.33
C CYS V 62 -1.73 54.75 -13.55
N GLN V 63 -2.26 55.18 -14.68
CA GLN V 63 -2.03 54.54 -15.97
C GLN V 63 -1.74 55.61 -16.99
N ILE V 64 -1.02 55.23 -18.03
CA ILE V 64 -0.64 56.19 -19.06
C ILE V 64 -1.82 56.40 -20.00
N ALA V 65 -2.17 57.67 -20.22
CA ALA V 65 -3.27 58.03 -21.11
C ALA V 65 -2.88 59.29 -21.87
N GLN V 66 -3.82 59.80 -22.67
CA GLN V 66 -3.50 60.99 -23.44
C GLN V 66 -4.18 62.22 -22.83
N PRO V 67 -3.46 63.33 -22.74
CA PRO V 67 -4.06 64.55 -22.16
C PRO V 67 -5.06 65.17 -23.11
N TYR V 68 -6.04 65.86 -22.52
CA TYR V 68 -7.03 66.57 -23.32
C TYR V 68 -6.35 67.61 -24.19
N GLU V 69 -6.87 67.79 -25.41
CA GLU V 69 -6.29 68.77 -26.33
C GLU V 69 -6.42 70.19 -25.79
N ASP V 70 -7.46 70.45 -24.99
CA ASP V 70 -7.65 71.80 -24.46
C ASP V 70 -6.60 72.14 -23.41
N ARG V 71 -6.18 71.16 -22.61
CA ARG V 71 -5.16 71.33 -21.58
C ARG V 71 -4.02 70.38 -21.90
N PRO V 72 -3.18 70.71 -22.89
CA PRO V 72 -2.18 69.74 -23.36
C PRO V 72 -0.98 69.57 -22.44
N PHE V 73 -0.76 70.48 -21.49
CA PHE V 73 0.37 70.39 -20.58
C PHE V 73 -0.03 69.82 -19.23
N GLU V 74 -1.17 69.12 -19.17
CA GLU V 74 -1.81 68.76 -17.93
C GLU V 74 -2.11 67.27 -17.92
N GLY V 75 -1.78 66.61 -16.81
CA GLY V 75 -2.20 65.23 -16.58
C GLY V 75 -3.65 65.16 -16.13
N LEU V 76 -4.08 63.94 -15.85
CA LEU V 76 -5.45 63.68 -15.43
C LEU V 76 -5.49 63.15 -13.99
N PHE V 77 -6.58 63.48 -13.31
CA PHE V 77 -6.76 63.07 -11.92
C PHE V 77 -8.25 63.00 -11.62
N VAL V 78 -8.69 61.88 -11.05
CA VAL V 78 -10.09 61.65 -10.71
C VAL V 78 -10.15 60.89 -9.39
N ILE V 79 -11.25 61.09 -8.66
CA ILE V 79 -11.45 60.48 -7.35
C ILE V 79 -12.77 59.73 -7.35
N SER V 80 -12.78 58.52 -6.78
CA SER V 80 -13.95 57.66 -6.70
C SER V 80 -14.25 57.37 -5.24
N THR V 81 -15.50 57.59 -4.83
CA THR V 81 -15.93 57.41 -3.45
C THR V 81 -17.26 56.65 -3.40
N GLU V 82 -17.30 55.48 -4.02
CA GLU V 82 -18.52 54.69 -4.05
C GLU V 82 -18.73 53.96 -2.72
N ILE V 83 -19.95 54.01 -2.22
CA ILE V 83 -20.31 53.44 -0.92
C ILE V 83 -20.77 52.00 -1.11
N SER V 84 -20.56 51.20 -0.07
CA SER V 84 -20.92 49.79 -0.07
C SER V 84 -21.56 49.44 1.26
N PRO V 85 -22.37 48.37 1.31
CA PRO V 85 -23.00 47.97 2.58
C PRO V 85 -22.01 47.49 3.63
N MET V 86 -20.71 47.49 3.35
CA MET V 86 -19.73 47.06 4.34
C MET V 86 -19.66 48.05 5.51
N ALA V 87 -19.80 49.34 5.24
CA ALA V 87 -19.79 50.34 6.30
C ALA V 87 -21.07 50.37 7.11
N GLY V 88 -22.05 49.53 6.78
CA GLY V 88 -23.33 49.54 7.46
C GLY V 88 -24.48 49.33 6.49
N SER V 89 -25.46 48.51 6.89
CA SER V 89 -26.57 48.18 6.00
C SER V 89 -27.42 49.38 5.64
N GLN V 90 -27.19 50.55 6.25
CA GLN V 90 -27.94 51.75 5.90
C GLN V 90 -27.61 52.23 4.50
N PHE V 91 -26.46 51.84 3.95
CA PHE V 91 -26.03 52.31 2.64
C PHE V 91 -26.50 51.35 1.55
N GLU V 92 -27.10 51.90 0.50
CA GLU V 92 -27.44 51.10 -0.66
C GLU V 92 -26.22 50.89 -1.53
N ASN V 93 -26.19 49.75 -2.23
CA ASN V 93 -25.01 49.34 -2.99
C ASN V 93 -24.84 50.26 -4.20
N GLY V 94 -23.89 51.17 -4.10
CA GLY V 94 -23.46 51.95 -5.25
C GLY V 94 -24.49 52.89 -5.85
N ASN V 95 -25.27 53.58 -5.01
CA ASN V 95 -26.16 54.63 -5.50
C ASN V 95 -25.35 55.92 -5.54
N ILE V 96 -24.91 56.31 -6.74
CA ILE V 96 -24.03 57.46 -6.90
C ILE V 96 -24.87 58.70 -7.18
N THR V 97 -26.17 58.62 -6.85
CA THR V 97 -27.08 59.74 -7.07
C THR V 97 -27.84 60.16 -5.81
N GLY V 98 -27.66 59.47 -4.70
CA GLY V 98 -28.35 59.85 -3.48
C GLY V 98 -27.92 61.22 -2.98
N GLU V 99 -28.79 61.80 -2.14
CA GLU V 99 -28.56 63.15 -1.63
C GLU V 99 -27.20 63.28 -0.94
N ASP V 100 -27.00 62.52 0.14
CA ASP V 100 -25.76 62.64 0.90
C ASP V 100 -24.57 62.14 0.09
N GLU V 101 -24.77 61.15 -0.77
CA GLU V 101 -23.67 60.63 -1.59
C GLU V 101 -23.17 61.68 -2.57
N VAL V 102 -24.10 62.41 -3.21
CA VAL V 102 -23.70 63.44 -4.17
C VAL V 102 -22.98 64.58 -3.46
N LEU V 103 -23.60 65.10 -2.39
CA LEU V 103 -22.99 66.21 -1.66
C LEU V 103 -21.61 65.84 -1.13
N CYS V 104 -21.52 64.74 -0.39
CA CYS V 104 -20.24 64.33 0.19
C CYS V 104 -19.17 64.12 -0.88
N SER V 105 -19.56 63.55 -2.03
CA SER V 105 -18.59 63.37 -3.10
C SER V 105 -18.11 64.70 -3.66
N ARG V 106 -19.04 65.65 -3.86
CA ARG V 106 -18.64 66.95 -4.40
C ARG V 106 -17.75 67.71 -3.43
N ILE V 107 -17.87 67.44 -2.13
CA ILE V 107 -16.98 68.08 -1.17
C ILE V 107 -15.55 67.60 -1.36
N ILE V 108 -15.38 66.28 -1.49
CA ILE V 108 -14.05 65.72 -1.69
C ILE V 108 -13.50 66.16 -3.05
N GLU V 109 -14.35 66.24 -4.07
CA GLU V 109 -13.90 66.68 -5.38
C GLU V 109 -13.43 68.13 -5.33
N LYS V 110 -14.17 68.99 -4.63
CA LYS V 110 -13.79 70.39 -4.53
C LYS V 110 -12.59 70.59 -3.59
N SER V 111 -12.37 69.66 -2.66
CA SER V 111 -11.29 69.83 -1.69
C SER V 111 -9.94 69.36 -2.21
N VAL V 112 -9.92 68.34 -3.09
CA VAL V 112 -8.68 67.73 -3.55
C VAL V 112 -8.47 67.94 -5.05
N ARG V 113 -9.50 67.67 -5.86
CA ARG V 113 -9.36 67.81 -7.30
C ARG V 113 -9.39 69.28 -7.72
N ARG V 114 -10.49 69.97 -7.41
CA ARG V 114 -10.65 71.36 -7.85
C ARG V 114 -9.60 72.27 -7.24
N SER V 115 -9.14 71.95 -6.02
CA SER V 115 -8.16 72.80 -5.36
C SER V 115 -6.78 72.73 -5.98
N GLY V 116 -6.52 71.73 -6.82
CA GLY V 116 -5.20 71.56 -7.38
C GLY V 116 -4.16 71.16 -6.35
N ALA V 117 -4.52 70.30 -5.41
CA ALA V 117 -3.53 69.79 -4.46
C ALA V 117 -2.48 68.96 -5.16
N LEU V 118 -2.86 68.26 -6.23
CA LEU V 118 -1.92 67.50 -7.04
C LEU V 118 -1.40 68.38 -8.16
N ASP V 119 -0.09 68.32 -8.41
CA ASP V 119 0.53 69.10 -9.48
C ASP V 119 0.30 68.36 -10.79
N VAL V 120 -0.79 68.72 -11.47
CA VAL V 120 -1.15 68.08 -12.73
C VAL V 120 -0.17 68.39 -13.85
N GLU V 121 0.73 69.36 -13.65
CA GLU V 121 1.76 69.61 -14.65
C GLU V 121 2.83 68.53 -14.62
N GLY V 122 3.14 67.99 -13.43
CA GLY V 122 4.10 66.91 -13.34
C GLY V 122 3.60 65.60 -13.90
N LEU V 123 2.28 65.42 -14.01
CA LEU V 123 1.74 64.22 -14.60
C LEU V 123 1.96 64.19 -16.11
N CYS V 124 2.09 65.36 -16.73
CA CYS V 124 2.32 65.42 -18.17
C CYS V 124 3.67 64.80 -18.53
N ILE V 125 3.66 63.88 -19.48
CA ILE V 125 4.87 63.18 -19.90
C ILE V 125 5.47 63.91 -21.09
N VAL V 126 4.74 63.94 -22.20
CA VAL V 126 5.08 64.79 -23.33
C VAL V 126 3.87 65.65 -23.65
N ALA V 127 4.13 66.85 -24.19
CA ALA V 127 3.08 67.84 -24.31
C ALA V 127 1.96 67.40 -25.25
N GLY V 128 2.29 66.77 -26.37
CA GLY V 128 1.19 66.48 -27.29
C GLY V 128 0.29 65.33 -26.87
N SER V 129 0.84 64.12 -26.72
CA SER V 129 0.07 63.00 -26.20
C SER V 129 0.75 62.53 -24.91
N LYS V 130 0.59 61.24 -24.60
CA LYS V 130 1.23 60.61 -23.44
C LYS V 130 1.25 61.44 -22.14
N CYS V 131 0.46 61.04 -21.15
CA CYS V 131 0.50 61.67 -19.84
C CYS V 131 0.09 60.65 -18.79
N TRP V 132 0.20 61.04 -17.53
CA TRP V 132 -0.22 60.19 -16.43
C TRP V 132 -1.66 60.49 -16.06
N ALA V 133 -2.44 59.43 -15.82
CA ALA V 133 -3.82 59.53 -15.39
C ALA V 133 -3.90 58.93 -14.00
N VAL V 134 -3.88 59.78 -12.98
CA VAL V 134 -3.89 59.34 -11.60
C VAL V 134 -5.33 59.14 -11.14
N ARG V 135 -5.52 58.17 -10.25
CA ARG V 135 -6.84 57.81 -9.75
C ARG V 135 -6.74 57.56 -8.25
N ALA V 136 -7.68 58.12 -7.49
CA ALA V 136 -7.73 57.96 -6.05
C ALA V 136 -9.06 57.31 -5.68
N ASP V 137 -9.01 56.04 -5.31
CA ASP V 137 -10.21 55.26 -4.98
C ASP V 137 -10.32 55.13 -3.46
N VAL V 138 -11.48 55.51 -2.93
CA VAL V 138 -11.73 55.52 -1.49
C VAL V 138 -12.70 54.38 -1.17
N HIS V 139 -12.37 53.59 -0.16
CA HIS V 139 -13.19 52.46 0.28
C HIS V 139 -13.62 52.70 1.72
N PHE V 140 -14.89 53.06 1.92
CA PHE V 140 -15.43 53.27 3.26
C PHE V 140 -15.69 51.91 3.90
N LEU V 141 -14.85 51.54 4.87
CA LEU V 141 -14.93 50.23 5.48
C LEU V 141 -15.88 50.19 6.68
N ASP V 142 -15.77 51.16 7.58
CA ASP V 142 -16.62 51.21 8.78
C ASP V 142 -17.03 52.65 9.03
N CYS V 143 -18.32 52.86 9.24
CA CYS V 143 -18.90 54.20 9.37
C CYS V 143 -19.24 54.47 10.84
N ASP V 144 -18.55 55.43 11.43
CA ASP V 144 -18.92 56.04 12.71
C ASP V 144 -18.93 57.55 12.57
N GLY V 145 -19.44 58.03 11.44
CA GLY V 145 -19.45 59.44 11.14
C GLY V 145 -18.11 59.94 10.62
N GLY V 146 -18.13 61.15 10.06
CA GLY V 146 -16.92 61.77 9.55
C GLY V 146 -16.37 61.14 8.29
N PHE V 147 -17.24 60.72 7.36
CA PHE V 147 -16.76 60.16 6.10
C PHE V 147 -16.05 61.21 5.26
N ILE V 148 -16.55 62.45 5.26
CA ILE V 148 -15.93 63.51 4.49
C ILE V 148 -14.52 63.81 5.01
N ASP V 149 -14.40 64.00 6.33
CA ASP V 149 -13.11 64.33 6.91
C ASP V 149 -12.11 63.18 6.76
N ALA V 150 -12.59 61.94 6.89
CA ALA V 150 -11.70 60.79 6.76
C ALA V 150 -11.24 60.61 5.32
N SER V 151 -12.15 60.80 4.35
CA SER V 151 -11.77 60.69 2.95
C SER V 151 -10.72 61.72 2.57
N CYS V 152 -10.89 62.96 3.04
CA CYS V 152 -9.94 64.02 2.70
C CYS V 152 -8.53 63.67 3.18
N ILE V 153 -8.41 63.10 4.38
CA ILE V 153 -7.10 62.71 4.89
C ILE V 153 -6.56 61.51 4.12
N ALA V 154 -7.41 60.54 3.80
CA ALA V 154 -6.96 59.34 3.12
C ALA V 154 -6.43 59.65 1.72
N VAL V 155 -7.13 60.53 0.98
CA VAL V 155 -6.71 60.84 -0.38
C VAL V 155 -5.37 61.58 -0.37
N MET V 156 -5.24 62.58 0.50
CA MET V 156 -4.02 63.39 0.51
C MET V 156 -2.83 62.58 1.01
N ALA V 157 -3.01 61.82 2.10
CA ALA V 157 -1.93 60.95 2.56
C ALA V 157 -1.55 59.93 1.50
N GLY V 158 -2.53 59.46 0.74
CA GLY V 158 -2.23 58.54 -0.34
C GLY V 158 -1.48 59.20 -1.48
N LEU V 159 -1.94 60.37 -1.91
CA LEU V 159 -1.29 61.08 -3.00
C LEU V 159 0.15 61.43 -2.64
N MET V 160 0.41 61.78 -1.38
CA MET V 160 1.77 62.09 -0.96
C MET V 160 2.61 60.83 -0.84
N HIS V 161 2.02 59.74 -0.33
CA HIS V 161 2.77 58.50 -0.18
C HIS V 161 3.03 57.82 -1.52
N PHE V 162 2.14 58.01 -2.49
CA PHE V 162 2.26 57.34 -3.78
C PHE V 162 3.49 57.81 -4.55
N LYS V 163 4.08 56.89 -5.30
CA LYS V 163 5.21 57.17 -6.18
C LYS V 163 4.93 56.55 -7.54
N LYS V 164 4.98 57.39 -8.59
CA LYS V 164 4.72 56.86 -9.93
C LYS V 164 5.98 56.27 -10.54
N PRO V 165 5.85 55.25 -11.39
CA PRO V 165 7.04 54.61 -11.95
C PRO V 165 7.79 55.53 -12.90
N ASP V 166 9.12 55.42 -12.86
CA ASP V 166 9.96 56.23 -13.73
C ASP V 166 9.80 55.79 -15.18
N ILE V 167 9.78 56.76 -16.09
CA ILE V 167 9.58 56.50 -17.51
C ILE V 167 10.69 57.18 -18.30
N THR V 168 11.12 56.55 -19.39
CA THR V 168 12.09 57.10 -20.32
C THR V 168 11.47 57.14 -21.70
N VAL V 169 11.53 58.30 -22.35
CA VAL V 169 10.88 58.54 -23.63
C VAL V 169 11.94 58.59 -24.72
N HIS V 170 11.69 57.85 -25.80
CA HIS V 170 12.52 57.87 -27.01
C HIS V 170 11.64 58.39 -28.15
N GLY V 171 11.40 59.70 -28.15
CA GLY V 171 10.52 60.30 -29.13
C GLY V 171 9.07 59.92 -28.93
N GLU V 172 8.59 58.97 -29.72
CA GLU V 172 7.24 58.44 -29.57
C GLU V 172 7.19 57.22 -28.65
N GLN V 173 8.35 56.71 -28.25
CA GLN V 173 8.45 55.49 -27.43
C GLN V 173 8.48 55.88 -25.96
N ILE V 174 7.45 55.49 -25.22
CA ILE V 174 7.44 55.68 -23.77
C ILE V 174 7.74 54.34 -23.13
N ILE V 175 8.92 54.23 -22.52
CA ILE V 175 9.33 53.01 -21.85
C ILE V 175 9.05 53.20 -20.37
N VAL V 176 7.97 52.57 -19.89
CA VAL V 176 7.60 52.65 -18.49
C VAL V 176 8.41 51.61 -17.71
N HIS V 177 9.37 52.10 -16.94
CA HIS V 177 10.26 51.19 -16.22
C HIS V 177 9.53 50.57 -15.03
N PRO V 178 9.67 49.27 -14.82
CA PRO V 178 9.11 48.66 -13.62
C PRO V 178 9.90 49.06 -12.39
N VAL V 179 9.32 48.76 -11.21
CA VAL V 179 9.95 49.16 -9.97
C VAL V 179 11.27 48.43 -9.76
N ASN V 180 11.44 47.25 -10.34
CA ASN V 180 12.69 46.51 -10.19
C ASN V 180 13.80 47.10 -11.05
N GLU V 181 13.46 47.73 -12.17
CA GLU V 181 14.49 48.33 -13.03
C GLU V 181 15.00 49.64 -12.44
N ARG V 182 14.14 50.65 -12.39
CA ARG V 182 14.49 51.95 -11.83
C ARG V 182 13.47 52.34 -10.78
N GLU V 183 13.94 53.06 -9.76
CA GLU V 183 13.08 53.42 -8.63
C GLU V 183 12.03 54.44 -9.05
N PRO V 184 10.86 54.42 -8.41
CA PRO V 184 9.79 55.35 -8.77
C PRO V 184 10.01 56.74 -8.19
N VAL V 185 9.35 57.71 -8.82
CA VAL V 185 9.43 59.11 -8.40
C VAL V 185 8.13 59.51 -7.71
N PRO V 186 8.18 60.29 -6.65
CA PRO V 186 6.94 60.67 -5.94
C PRO V 186 6.16 61.71 -6.72
N LEU V 187 4.94 61.97 -6.22
CA LEU V 187 4.05 62.95 -6.83
C LEU V 187 4.35 64.35 -6.31
N GLY V 188 3.91 65.35 -7.08
CA GLY V 188 4.06 66.73 -6.70
C GLY V 188 2.79 67.25 -6.05
N ILE V 189 2.91 67.65 -4.79
CA ILE V 189 1.78 68.16 -4.02
C ILE V 189 2.00 69.65 -3.82
N LEU V 190 1.01 70.45 -4.27
CA LEU V 190 1.12 71.90 -4.13
C LEU V 190 0.67 72.39 -2.77
N HIS V 191 -0.31 71.73 -2.16
CA HIS V 191 -0.77 72.07 -0.82
C HIS V 191 -1.54 70.88 -0.26
N ILE V 192 -1.66 70.86 1.07
CA ILE V 192 -2.31 69.76 1.76
C ILE V 192 -3.63 70.25 2.34
N PRO V 193 -4.75 70.06 1.64
CA PRO V 193 -6.04 70.48 2.19
C PRO V 193 -6.59 69.44 3.16
N ILE V 194 -7.20 69.93 4.24
CA ILE V 194 -7.80 69.09 5.26
C ILE V 194 -9.23 69.58 5.51
N CYS V 195 -10.15 68.64 5.61
CA CYS V 195 -11.56 68.96 5.83
C CYS V 195 -11.89 68.80 7.31
N VAL V 196 -12.56 69.80 7.88
CA VAL V 196 -13.08 69.76 9.23
C VAL V 196 -14.57 70.07 9.13
N THR V 197 -15.39 69.15 9.65
CA THR V 197 -16.84 69.23 9.49
C THR V 197 -17.47 69.56 10.84
N PHE V 198 -18.24 70.64 10.88
CA PHE V 198 -18.93 71.08 12.09
C PHE V 198 -20.38 70.64 12.01
N SER V 199 -20.88 70.08 13.11
CA SER V 199 -22.26 69.63 13.21
C SER V 199 -23.01 70.52 14.18
N PHE V 200 -24.15 71.05 13.75
CA PHE V 200 -24.92 72.00 14.53
C PHE V 200 -26.15 71.34 15.14
N PHE V 201 -26.49 71.79 16.34
CA PHE V 201 -27.65 71.29 17.07
C PHE V 201 -28.47 72.48 17.54
N ASN V 202 -29.77 72.46 17.21
CA ASN V 202 -30.67 73.53 17.62
C ASN V 202 -31.42 73.10 18.87
N PRO V 203 -31.09 73.62 20.05
CA PRO V 203 -31.80 73.23 21.26
C PRO V 203 -33.20 73.83 21.39
N GLN V 204 -33.60 74.71 20.45
CA GLN V 204 -34.91 75.34 20.53
C GLN V 204 -35.72 75.11 19.25
N ASP V 205 -36.58 76.05 18.91
CA ASP V 205 -37.50 75.91 17.79
C ASP V 205 -36.98 76.65 16.56
N THR V 206 -37.68 76.45 15.43
CA THR V 206 -37.33 77.14 14.21
C THR V 206 -37.70 78.62 14.27
N GLU V 207 -38.71 78.99 15.05
CA GLU V 207 -39.06 80.39 15.18
C GLU V 207 -37.98 81.18 15.91
N GLU V 208 -37.32 80.55 16.89
CA GLU V 208 -36.23 81.19 17.61
C GLU V 208 -34.92 81.18 16.82
N ASN V 209 -34.87 80.47 15.69
CA ASN V 209 -33.69 80.51 14.82
C ASN V 209 -33.82 81.54 13.72
N ILE V 210 -35.02 81.78 13.21
CA ILE V 210 -35.21 82.75 12.14
C ILE V 210 -35.32 84.17 12.70
N LYS V 211 -36.00 84.33 13.84
CA LYS V 211 -36.23 85.64 14.42
C LYS V 211 -35.71 85.76 15.84
N GLY V 212 -34.86 84.83 16.29
CA GLY V 212 -34.40 84.84 17.66
C GLY V 212 -33.24 85.82 17.88
N GLU V 213 -33.26 86.47 19.04
CA GLU V 213 -32.21 87.43 19.37
C GLU V 213 -30.91 86.72 19.74
N THR V 214 -30.96 85.89 20.79
CA THR V 214 -29.77 85.20 21.28
C THR V 214 -29.65 83.84 20.60
N ASN V 215 -28.56 83.65 19.84
CA ASN V 215 -28.32 82.41 19.12
C ASN V 215 -27.82 81.36 20.10
N SER V 216 -28.53 80.22 20.16
CA SER V 216 -28.21 79.17 21.11
C SER V 216 -27.79 77.86 20.44
N GLU V 217 -27.46 77.90 19.14
CA GLU V 217 -27.12 76.67 18.43
C GLU V 217 -25.77 76.14 18.88
N ILE V 218 -25.72 74.84 19.19
CA ILE V 218 -24.52 74.17 19.67
C ILE V 218 -23.73 73.65 18.47
N SER V 219 -22.41 73.83 18.52
CA SER V 219 -21.52 73.37 17.46
C SER V 219 -20.50 72.40 18.05
N ILE V 220 -20.38 71.23 17.42
CA ILE V 220 -19.36 70.25 17.78
C ILE V 220 -18.61 69.86 16.52
N ILE V 221 -17.37 69.43 16.69
CA ILE V 221 -16.47 69.11 15.59
C ILE V 221 -16.40 67.60 15.44
N ASP V 222 -16.52 67.12 14.20
CA ASP V 222 -16.35 65.71 13.86
C ASP V 222 -17.30 64.83 14.65
N ALA V 223 -18.56 64.78 14.23
CA ALA V 223 -19.59 64.06 14.95
C ALA V 223 -19.47 62.56 14.69
N THR V 224 -19.85 61.77 15.69
CA THR V 224 -19.97 60.32 15.54
C THR V 224 -21.24 59.98 14.78
N LEU V 225 -21.47 58.70 14.55
CA LEU V 225 -22.65 58.28 13.80
C LEU V 225 -23.93 58.68 14.53
N LYS V 226 -23.99 58.43 15.84
CA LYS V 226 -25.15 58.81 16.61
C LYS V 226 -25.33 60.32 16.63
N GLU V 227 -24.23 61.05 16.80
CA GLU V 227 -24.28 62.51 16.78
C GLU V 227 -24.65 63.05 15.40
N GLU V 228 -24.15 62.42 14.33
CA GLU V 228 -24.44 62.89 12.99
C GLU V 228 -25.92 62.74 12.66
N LEU V 229 -26.56 61.66 13.10
CA LEU V 229 -27.95 61.42 12.78
C LEU V 229 -28.89 62.39 13.49
N LEU V 230 -28.45 63.02 14.57
CA LEU V 230 -29.30 63.89 15.36
C LEU V 230 -29.07 65.38 15.10
N ARG V 231 -28.08 65.73 14.27
CA ARG V 231 -27.76 67.13 14.06
C ARG V 231 -28.80 67.81 13.18
N ASP V 232 -28.93 69.12 13.37
CA ASP V 232 -29.87 69.93 12.60
C ASP V 232 -29.19 70.74 11.50
N GLY V 233 -27.85 70.76 11.47
CA GLY V 233 -27.13 71.46 10.42
C GLY V 233 -25.70 70.98 10.38
N VAL V 234 -25.08 71.20 9.22
CA VAL V 234 -23.72 70.73 8.99
C VAL V 234 -22.96 71.78 8.19
N LEU V 235 -21.68 71.94 8.50
CA LEU V 235 -20.80 72.87 7.79
C LEU V 235 -19.45 72.20 7.62
N THR V 236 -18.99 72.08 6.38
CA THR V 236 -17.70 71.49 6.07
C THR V 236 -16.77 72.59 5.57
N VAL V 237 -15.68 72.83 6.30
CA VAL V 237 -14.70 73.84 5.95
C VAL V 237 -13.38 73.14 5.68
N THR V 238 -12.66 73.62 4.67
CA THR V 238 -11.41 73.01 4.23
C THR V 238 -10.30 74.06 4.22
N LEU V 239 -9.21 73.77 4.90
CA LEU V 239 -8.09 74.69 5.02
C LEU V 239 -6.78 73.96 4.76
N ASN V 240 -5.71 74.76 4.58
CA ASN V 240 -4.35 74.26 4.50
C ASN V 240 -3.46 75.17 5.33
N LYS V 241 -2.23 74.73 5.57
CA LYS V 241 -1.32 75.50 6.43
C LYS V 241 -0.97 76.86 5.84
N ASN V 242 -1.27 77.11 4.58
CA ASN V 242 -1.03 78.41 3.97
C ASN V 242 -2.10 79.45 4.32
N ARG V 243 -2.92 79.17 5.34
CA ARG V 243 -4.02 80.03 5.75
C ARG V 243 -4.98 80.32 4.59
N GLU V 244 -5.19 79.32 3.74
CA GLU V 244 -6.14 79.40 2.65
C GLU V 244 -7.39 78.62 3.02
N VAL V 245 -8.55 79.24 2.79
CA VAL V 245 -9.83 78.52 2.90
C VAL V 245 -10.03 77.84 1.55
N VAL V 246 -9.79 76.53 1.51
CA VAL V 246 -9.85 75.80 0.25
C VAL V 246 -11.28 75.76 -0.27
N GLN V 247 -12.23 75.37 0.60
CA GLN V 247 -13.63 75.36 0.22
C GLN V 247 -14.49 75.33 1.48
N VAL V 248 -15.69 75.89 1.36
CA VAL V 248 -16.70 75.84 2.41
C VAL V 248 -18.02 75.42 1.78
N SER V 249 -18.75 74.55 2.46
CA SER V 249 -20.02 74.03 1.95
C SER V 249 -21.02 73.96 3.09
N LYS V 250 -22.01 74.86 3.06
CA LYS V 250 -23.14 74.82 3.99
C LYS V 250 -24.40 74.90 3.15
N ALA V 251 -24.80 73.75 2.58
CA ALA V 251 -25.94 73.68 1.67
C ALA V 251 -27.21 73.43 2.47
N GLY V 252 -28.02 74.47 2.63
CA GLY V 252 -29.27 74.33 3.32
C GLY V 252 -29.08 73.98 4.80
N GLY V 253 -30.15 73.48 5.40
CA GLY V 253 -30.11 73.12 6.79
C GLY V 253 -30.41 74.31 7.70
N LEU V 254 -30.13 74.08 8.99
CA LEU V 254 -30.31 75.08 10.03
C LEU V 254 -29.61 76.37 9.69
N PRO V 255 -30.34 77.47 9.49
CA PRO V 255 -29.68 78.75 9.22
C PRO V 255 -28.76 79.15 10.36
N MET V 256 -27.54 79.54 10.01
CA MET V 256 -26.51 79.85 10.99
C MET V 256 -26.08 81.30 10.84
N ASP V 257 -25.82 81.96 11.97
CA ASP V 257 -25.29 83.31 11.95
C ASP V 257 -23.94 83.32 11.23
N ALA V 258 -23.74 84.33 10.39
CA ALA V 258 -22.55 84.38 9.54
C ALA V 258 -21.27 84.37 10.37
N LEU V 259 -21.23 85.15 11.45
CA LEU V 259 -20.02 85.20 12.27
C LEU V 259 -19.74 83.85 12.94
N THR V 260 -20.79 83.12 13.31
CA THR V 260 -20.61 81.80 13.90
C THR V 260 -19.88 80.86 12.95
N LEU V 261 -20.26 80.87 11.67
CA LEU V 261 -19.55 80.07 10.68
C LEU V 261 -18.13 80.57 10.50
N MET V 262 -17.89 81.87 10.63
CA MET V 262 -16.54 82.40 10.51
C MET V 262 -15.65 81.91 11.65
N LYS V 263 -16.16 81.88 12.88
CA LYS V 263 -15.37 81.36 13.98
C LYS V 263 -15.10 79.87 13.81
N CYS V 264 -15.95 79.16 13.06
CA CYS V 264 -15.68 77.77 12.75
C CYS V 264 -14.46 77.63 11.85
N CYS V 265 -14.34 78.51 10.84
CA CYS V 265 -13.18 78.47 9.96
C CYS V 265 -11.87 78.70 10.73
N HIS V 266 -11.87 79.67 11.64
CA HIS V 266 -10.69 79.92 12.45
C HIS V 266 -10.47 78.80 13.47
N GLU V 267 -11.54 78.20 13.98
CA GLU V 267 -11.40 77.03 14.84
C GLU V 267 -10.70 75.89 14.12
N ALA V 268 -11.07 75.65 12.87
CA ALA V 268 -10.55 74.49 12.14
C ALA V 268 -9.07 74.63 11.81
N TYR V 269 -8.57 75.85 11.67
CA TYR V 269 -7.16 76.03 11.31
C TYR V 269 -6.24 75.50 12.40
N SER V 270 -6.65 75.58 13.67
CA SER V 270 -5.88 74.97 14.74
C SER V 270 -5.78 73.46 14.55
N ILE V 271 -6.83 72.84 14.02
CA ILE V 271 -6.87 71.40 13.85
C ILE V 271 -6.09 70.98 12.61
N ILE V 272 -6.30 71.67 11.48
CA ILE V 272 -5.64 71.29 10.24
C ILE V 272 -4.13 71.47 10.32
N GLU V 273 -3.64 72.29 11.25
CA GLU V 273 -2.20 72.34 11.50
C GLU V 273 -1.72 71.07 12.20
N LYS V 274 -2.47 70.64 13.22
CA LYS V 274 -2.12 69.41 13.92
C LYS V 274 -2.18 68.20 12.99
N ILE V 275 -3.14 68.19 12.07
CA ILE V 275 -3.28 67.05 11.18
C ILE V 275 -2.23 67.07 10.08
N THR V 276 -1.96 68.25 9.51
CA THR V 276 -0.96 68.35 8.44
C THR V 276 0.41 67.91 8.95
N ASP V 277 0.83 68.45 10.11
CA ASP V 277 2.10 68.04 10.69
C ASP V 277 2.10 66.56 11.07
N GLN V 278 0.94 66.03 11.45
CA GLN V 278 0.86 64.61 11.81
C GLN V 278 1.02 63.73 10.58
N ILE V 279 0.43 64.12 9.45
CA ILE V 279 0.57 63.35 8.22
C ILE V 279 2.02 63.32 7.76
N LEU V 280 2.66 64.50 7.75
CA LEU V 280 4.04 64.59 7.30
C LEU V 280 4.99 63.77 8.17
N GLN V 281 4.70 63.66 9.47
CA GLN V 281 5.57 62.89 10.36
C GLN V 281 5.45 61.40 10.07
N LEU V 282 4.22 60.88 9.96
CA LEU V 282 4.03 59.47 9.68
C LEU V 282 4.59 59.08 8.32
N LEU V 283 4.67 60.03 7.39
CA LEU V 283 5.32 59.77 6.12
C LEU V 283 6.83 59.67 6.28
N LYS V 284 7.42 60.61 7.03
CA LYS V 284 8.86 60.56 7.28
C LYS V 284 9.24 59.28 8.02
N GLU V 285 8.43 58.90 9.01
CA GLU V 285 8.69 57.65 9.74
C GLU V 285 8.59 56.44 8.82
N ASP V 286 7.60 56.42 7.93
CA ASP V 286 7.47 55.32 7.00
C ASP V 286 8.64 55.27 6.03
N SER V 287 9.09 56.43 5.56
CA SER V 287 10.22 56.48 4.64
C SER V 287 11.51 56.00 5.32
N GLU V 288 11.74 56.42 6.57
CA GLU V 288 12.92 55.97 7.30
C GLU V 288 12.89 54.47 7.53
N LYS V 289 11.69 53.90 7.68
CA LYS V 289 11.59 52.45 7.86
C LYS V 289 11.95 51.71 6.58
N ARG V 290 11.60 52.28 5.42
CA ARG V 290 11.90 51.61 4.15
C ARG V 290 13.37 51.72 3.78
N ASN V 291 14.02 52.83 4.13
CA ASN V 291 15.46 52.94 3.89
C ASN V 291 16.24 52.10 4.88
N LYS V 292 15.67 51.85 6.07
CA LYS V 292 16.30 50.97 7.04
C LYS V 292 16.22 49.52 6.62
N TYR V 293 15.13 49.12 5.95
CA TYR V 293 15.01 47.78 5.40
C TYR V 293 15.69 47.64 4.05
N ALA V 294 15.95 48.77 3.38
CA ALA V 294 16.74 48.70 2.14
C ALA V 294 18.22 48.49 2.44
N ALA V 295 18.69 48.93 3.61
CA ALA V 295 20.07 48.66 4.00
C ALA V 295 20.24 47.21 4.47
N MET V 296 19.22 46.64 5.12
CA MET V 296 19.27 45.25 5.51
C MET V 296 19.08 44.31 4.32
N LEU V 297 18.60 44.81 3.20
CA LEU V 297 18.44 44.02 1.99
C LEU V 297 19.54 44.34 1.00
N ARG W 6 -9.73 95.41 -24.60
CA ARG W 6 -10.12 96.79 -24.33
C ARG W 6 -10.48 96.97 -22.85
N LEU W 7 -11.21 95.99 -22.33
CA LEU W 7 -11.73 96.00 -20.98
C LEU W 7 -10.72 95.41 -19.99
N GLU W 8 -10.95 95.69 -18.71
CA GLU W 8 -10.17 95.12 -17.62
C GLU W 8 -11.11 94.58 -16.55
N ILE W 9 -10.58 93.70 -15.71
CA ILE W 9 -11.39 93.09 -14.65
C ILE W 9 -11.73 94.14 -13.59
N TYR W 10 -10.71 94.78 -13.01
CA TYR W 10 -10.91 95.86 -12.06
C TYR W 10 -9.84 96.91 -12.34
N SER W 11 -10.23 97.97 -13.03
CA SER W 11 -9.32 99.01 -13.47
C SER W 11 -8.77 99.79 -12.27
N PRO W 12 -7.70 100.56 -12.47
CA PRO W 12 -7.18 101.38 -11.36
C PRO W 12 -8.18 102.40 -10.86
N GLU W 13 -9.09 102.87 -11.71
CA GLU W 13 -10.10 103.83 -11.27
C GLU W 13 -11.22 103.17 -10.47
N GLY W 14 -11.25 101.84 -10.41
CA GLY W 14 -12.29 101.14 -9.68
C GLY W 14 -13.48 100.71 -10.49
N LEU W 15 -13.32 100.53 -11.80
CA LEU W 15 -14.41 100.16 -12.69
C LEU W 15 -14.21 98.75 -13.22
N ARG W 16 -15.30 97.98 -13.27
CA ARG W 16 -15.27 96.61 -13.77
C ARG W 16 -15.58 96.59 -15.26
N LEU W 17 -15.70 95.37 -15.81
CA LEU W 17 -15.86 95.20 -17.25
C LEU W 17 -17.08 95.94 -17.79
N ASP W 18 -18.21 95.85 -17.08
CA ASP W 18 -19.42 96.54 -17.49
C ASP W 18 -19.48 97.99 -17.04
N GLY W 19 -18.48 98.46 -16.28
CA GLY W 19 -18.48 99.81 -15.77
C GLY W 19 -19.01 99.96 -14.36
N ARG W 20 -19.19 98.87 -13.63
CA ARG W 20 -19.68 98.95 -12.26
C ARG W 20 -18.54 99.18 -11.29
N ARG W 21 -18.87 99.79 -10.16
CA ARG W 21 -17.93 99.86 -9.05
C ARG W 21 -18.05 98.58 -8.22
N TRP W 22 -17.19 98.45 -7.22
CA TRP W 22 -17.09 97.19 -6.49
C TRP W 22 -18.38 96.82 -5.79
N ASN W 23 -19.16 97.80 -5.33
CA ASN W 23 -20.38 97.54 -4.58
C ASN W 23 -21.64 97.81 -5.41
N GLU W 24 -21.57 97.62 -6.72
CA GLU W 24 -22.71 97.85 -7.60
C GLU W 24 -23.30 96.52 -8.04
N LEU W 25 -24.63 96.44 -8.00
CA LEU W 25 -25.33 95.26 -8.46
C LEU W 25 -25.49 95.29 -9.97
N ARG W 26 -25.95 94.17 -10.52
CA ARG W 26 -26.35 94.13 -11.92
C ARG W 26 -27.82 94.55 -12.04
N ARG W 27 -28.25 94.81 -13.27
CA ARG W 27 -29.63 95.19 -13.52
C ARG W 27 -30.57 94.08 -13.04
N PHE W 28 -31.36 94.39 -12.01
CA PHE W 28 -32.19 93.41 -11.33
C PHE W 28 -33.65 93.66 -11.69
N GLU W 29 -34.29 92.68 -12.31
CA GLU W 29 -35.70 92.78 -12.70
C GLU W 29 -36.39 91.45 -12.42
N SER W 30 -37.41 91.49 -11.57
CA SER W 30 -38.17 90.30 -11.21
C SER W 30 -39.61 90.47 -11.67
N SER W 31 -40.27 89.33 -11.88
CA SER W 31 -41.66 89.30 -12.29
C SER W 31 -42.38 88.16 -11.57
N ILE W 32 -43.66 88.37 -11.28
CA ILE W 32 -44.46 87.43 -10.52
C ILE W 32 -45.72 87.11 -11.30
N ASN W 33 -46.19 85.87 -11.18
CA ASN W 33 -47.38 85.39 -11.89
C ASN W 33 -47.16 85.41 -13.40
N THR W 34 -45.99 84.93 -13.83
CA THR W 34 -45.61 84.97 -15.23
C THR W 34 -46.20 83.82 -16.03
N HIS W 35 -46.53 82.70 -15.39
CA HIS W 35 -47.11 81.53 -16.07
C HIS W 35 -48.28 81.01 -15.23
N PRO W 36 -49.41 81.73 -15.24
CA PRO W 36 -50.55 81.26 -14.44
C PRO W 36 -51.17 79.97 -14.95
N HIS W 37 -51.19 79.76 -16.27
CA HIS W 37 -51.76 78.57 -16.86
C HIS W 37 -50.76 77.42 -16.95
N ALA W 38 -49.74 77.42 -16.08
CA ALA W 38 -48.75 76.35 -16.06
C ALA W 38 -48.28 75.96 -14.67
N ALA W 39 -48.55 76.76 -13.64
CA ALA W 39 -48.11 76.47 -12.29
C ALA W 39 -48.90 77.33 -11.31
N ASP W 40 -48.96 76.88 -10.06
CA ASP W 40 -49.59 77.67 -9.00
C ASP W 40 -48.86 78.99 -8.81
N GLY W 41 -47.55 78.94 -8.73
CA GLY W 41 -46.74 80.14 -8.62
C GLY W 41 -45.64 80.14 -9.65
N SER W 42 -45.35 81.32 -10.19
CA SER W 42 -44.36 81.46 -11.25
C SER W 42 -43.56 82.74 -11.05
N SER W 43 -42.35 82.76 -11.58
CA SER W 43 -41.48 83.91 -11.46
C SER W 43 -40.50 83.92 -12.63
N TYR W 44 -40.25 85.10 -13.17
CA TYR W 44 -39.25 85.30 -14.22
C TYR W 44 -38.12 86.16 -13.68
N MET W 45 -36.92 85.60 -13.63
CA MET W 45 -35.78 86.25 -13.04
C MET W 45 -34.89 86.87 -14.11
N GLU W 46 -34.56 88.14 -13.96
CA GLU W 46 -33.67 88.86 -14.87
C GLU W 46 -32.61 89.60 -14.06
N GLN W 47 -31.66 88.84 -13.49
CA GLN W 47 -30.55 89.40 -12.73
C GLN W 47 -29.37 89.53 -13.68
N GLY W 48 -29.15 90.75 -14.18
CA GLY W 48 -28.11 90.92 -15.19
C GLY W 48 -28.54 90.29 -16.49
N ASN W 49 -27.64 89.51 -17.08
CA ASN W 49 -27.98 88.74 -18.28
C ASN W 49 -28.74 87.46 -17.97
N ASN W 50 -28.78 87.04 -16.71
CA ASN W 50 -29.47 85.80 -16.35
C ASN W 50 -30.95 85.91 -16.67
N LYS W 51 -31.53 84.79 -17.10
CA LYS W 51 -32.96 84.70 -17.39
C LYS W 51 -33.43 83.33 -16.91
N ILE W 52 -34.26 83.32 -15.87
CA ILE W 52 -34.67 82.09 -15.20
C ILE W 52 -36.18 82.08 -15.04
N ILE W 53 -36.81 81.02 -15.51
CA ILE W 53 -38.23 80.76 -15.27
C ILE W 53 -38.34 79.76 -14.14
N THR W 54 -39.14 80.09 -13.13
CA THR W 54 -39.35 79.22 -11.98
C THR W 54 -40.84 78.93 -11.85
N LEU W 55 -41.20 77.65 -11.87
CA LEU W 55 -42.59 77.22 -11.79
C LEU W 55 -42.78 76.38 -10.54
N VAL W 56 -43.75 76.77 -9.71
CA VAL W 56 -44.10 76.04 -8.50
C VAL W 56 -45.46 75.40 -8.73
N LYS W 57 -45.51 74.08 -8.67
CA LYS W 57 -46.73 73.30 -8.86
C LYS W 57 -47.09 72.66 -7.54
N GLY W 58 -48.19 73.10 -6.93
CA GLY W 58 -48.65 72.54 -5.68
C GLY W 58 -49.05 73.59 -4.65
N PRO W 59 -49.29 73.16 -3.39
CA PRO W 59 -49.29 71.77 -2.94
C PRO W 59 -50.42 70.96 -3.55
N LYS W 60 -50.11 69.74 -3.99
CA LYS W 60 -51.07 68.90 -4.70
C LYS W 60 -50.91 67.46 -4.25
N GLU W 61 -51.88 66.64 -4.63
CA GLU W 61 -51.84 65.22 -4.26
C GLU W 61 -50.71 64.53 -5.03
N PRO W 62 -49.90 63.72 -4.37
CA PRO W 62 -48.80 63.05 -5.05
C PRO W 62 -49.31 62.05 -6.09
N ARG W 63 -48.44 61.76 -7.07
CA ARG W 63 -48.83 60.85 -8.13
C ARG W 63 -48.85 59.40 -7.64
N LEU W 64 -47.81 59.00 -6.92
CA LEU W 64 -47.74 57.68 -6.30
C LEU W 64 -48.03 57.81 -4.82
N LYS W 65 -49.04 57.07 -4.33
CA LYS W 65 -49.31 57.07 -2.90
C LYS W 65 -48.10 56.57 -2.11
N SER W 66 -47.19 55.84 -2.75
CA SER W 66 -45.94 55.46 -2.10
C SER W 66 -45.12 56.70 -1.72
N GLN W 67 -44.86 57.59 -2.68
CA GLN W 67 -44.10 58.81 -2.41
C GLN W 67 -45.03 59.84 -1.78
N MET W 68 -45.27 59.67 -0.49
CA MET W 68 -46.14 60.59 0.24
C MET W 68 -45.81 60.52 1.72
N ASP W 69 -45.59 61.69 2.32
CA ASP W 69 -45.25 61.79 3.74
C ASP W 69 -46.49 62.26 4.50
N THR W 70 -46.87 61.50 5.54
CA THR W 70 -48.04 61.86 6.33
C THR W 70 -47.79 63.06 7.23
N SER W 71 -46.53 63.42 7.48
CA SER W 71 -46.21 64.50 8.40
C SER W 71 -45.93 65.83 7.72
N LYS W 72 -45.48 65.83 6.47
CA LYS W 72 -45.14 67.07 5.79
C LYS W 72 -45.20 66.86 4.29
N ALA W 73 -45.11 67.96 3.56
CA ALA W 73 -45.10 67.95 2.11
C ALA W 73 -43.74 67.54 1.57
N LEU W 74 -43.76 66.95 0.38
CA LEU W 74 -42.53 66.62 -0.33
C LEU W 74 -42.14 67.78 -1.23
N LEU W 75 -40.88 68.19 -1.17
CA LEU W 75 -40.37 69.31 -1.93
C LEU W 75 -39.37 68.79 -2.95
N ASN W 76 -39.63 69.06 -4.24
CA ASN W 76 -38.78 68.60 -5.32
C ASN W 76 -38.37 69.79 -6.17
N VAL W 77 -37.08 69.87 -6.49
CA VAL W 77 -36.52 70.94 -7.31
C VAL W 77 -35.85 70.31 -8.52
N SER W 78 -36.21 70.79 -9.71
CA SER W 78 -35.63 70.31 -10.96
C SER W 78 -35.13 71.52 -11.73
N VAL W 79 -33.81 71.61 -11.89
CA VAL W 79 -33.18 72.72 -12.56
C VAL W 79 -32.79 72.28 -13.98
N ASN W 80 -33.40 72.92 -14.98
CA ASN W 80 -33.14 72.61 -16.38
C ASN W 80 -32.32 73.74 -16.98
N ILE W 81 -31.07 73.45 -17.33
CA ILE W 81 -30.21 74.41 -18.00
C ILE W 81 -30.32 74.15 -19.49
N THR W 82 -31.03 75.03 -20.20
CA THR W 82 -31.31 74.80 -21.61
C THR W 82 -30.03 74.80 -22.43
N LYS W 83 -30.11 74.19 -23.61
CA LYS W 83 -28.95 74.07 -24.47
C LYS W 83 -28.44 75.42 -24.95
N PHE W 84 -29.31 76.43 -24.99
CA PHE W 84 -28.97 77.77 -25.45
C PHE W 84 -28.66 78.74 -24.31
N SER W 85 -28.40 78.22 -23.11
CA SER W 85 -28.12 79.10 -21.98
C SER W 85 -26.75 79.74 -22.11
N LYS W 86 -25.79 79.00 -22.65
CA LYS W 86 -24.43 79.48 -22.85
C LYS W 86 -24.21 79.73 -24.33
N PHE W 87 -23.49 80.82 -24.65
CA PHE W 87 -23.08 81.06 -26.03
C PHE W 87 -22.17 79.95 -26.54
N GLU W 88 -21.52 79.21 -25.64
CA GLU W 88 -20.72 78.04 -25.99
C GLU W 88 -21.59 76.81 -25.73
N ARG W 89 -22.35 76.41 -26.75
CA ARG W 89 -23.25 75.28 -26.65
C ARG W 89 -22.50 74.03 -26.19
N SER W 90 -23.05 73.34 -25.20
CA SER W 90 -22.38 72.25 -24.52
C SER W 90 -22.94 70.90 -24.95
N LYS W 91 -22.23 69.84 -24.58
CA LYS W 91 -22.60 68.47 -24.89
C LYS W 91 -23.24 67.74 -23.71
N SER W 92 -22.76 68.00 -22.50
CA SER W 92 -23.32 67.47 -21.25
C SER W 92 -23.15 65.96 -21.12
N SER W 93 -22.41 65.52 -20.12
CA SER W 93 -22.21 64.11 -19.85
C SER W 93 -22.55 63.85 -18.38
N HIS W 94 -22.02 62.75 -17.84
CA HIS W 94 -22.32 62.36 -16.46
C HIS W 94 -21.67 63.28 -15.44
N LYS W 95 -20.78 64.19 -15.85
CA LYS W 95 -20.19 65.15 -14.94
C LYS W 95 -21.01 66.42 -14.85
N ASN W 96 -21.59 66.87 -15.96
CA ASN W 96 -22.46 68.03 -15.93
C ASN W 96 -23.77 67.73 -15.21
N GLU W 97 -24.31 66.53 -15.43
CA GLU W 97 -25.50 66.11 -14.68
C GLU W 97 -25.19 65.96 -13.19
N ARG W 98 -23.97 65.54 -12.84
CA ARG W 98 -23.58 65.47 -11.44
C ARG W 98 -23.55 66.86 -10.80
N ARG W 99 -23.21 67.89 -11.58
CA ARG W 99 -23.19 69.24 -11.04
C ARG W 99 -24.59 69.80 -10.87
N VAL W 100 -25.49 69.51 -11.81
CA VAL W 100 -26.88 69.93 -11.68
C VAL W 100 -27.56 69.20 -10.53
N LEU W 101 -27.19 67.93 -10.31
CA LEU W 101 -27.73 67.19 -9.17
C LEU W 101 -27.36 67.86 -7.85
N GLU W 102 -26.14 68.38 -7.75
CA GLU W 102 -25.73 69.07 -6.54
C GLU W 102 -26.55 70.34 -6.32
N ILE W 103 -26.82 71.08 -7.39
CA ILE W 103 -27.60 72.32 -7.27
C ILE W 103 -29.00 72.03 -6.75
N GLN W 104 -29.61 70.94 -7.23
CA GLN W 104 -30.99 70.65 -6.87
C GLN W 104 -31.10 70.28 -5.39
N THR W 105 -30.31 69.30 -4.94
CA THR W 105 -30.38 68.90 -3.54
C THR W 105 -29.99 70.04 -2.61
N SER W 106 -29.15 70.96 -3.08
CA SER W 106 -28.83 72.13 -2.27
C SER W 106 -30.02 73.07 -2.16
N LEU W 107 -30.70 73.32 -3.28
CA LEU W 107 -31.89 74.16 -3.25
C LEU W 107 -33.00 73.51 -2.42
N VAL W 108 -33.14 72.18 -2.52
CA VAL W 108 -34.13 71.48 -1.70
C VAL W 108 -33.81 71.64 -0.22
N ARG W 109 -32.56 71.35 0.16
CA ARG W 109 -32.17 71.45 1.56
C ARG W 109 -32.34 72.86 2.10
N MET W 110 -32.22 73.87 1.25
CA MET W 110 -32.42 75.25 1.69
C MET W 110 -33.88 75.50 2.05
N PHE W 111 -34.77 75.36 1.07
CA PHE W 111 -36.18 75.68 1.28
C PHE W 111 -36.93 74.62 2.08
N GLU W 112 -36.29 73.48 2.36
CA GLU W 112 -36.86 72.54 3.32
C GLU W 112 -37.08 73.21 4.68
N LYS W 113 -36.08 73.95 5.15
CA LYS W 113 -36.12 74.61 6.45
C LYS W 113 -36.76 75.99 6.40
N ASN W 114 -37.20 76.44 5.23
CA ASN W 114 -37.87 77.73 5.09
C ASN W 114 -39.35 77.57 4.80
N VAL W 115 -39.72 76.70 3.85
CA VAL W 115 -41.12 76.44 3.57
C VAL W 115 -41.72 75.63 4.70
N MET W 116 -42.87 76.05 5.18
CA MET W 116 -43.56 75.31 6.23
C MET W 116 -44.21 74.05 5.66
N LEU W 117 -43.38 73.07 5.29
CA LEU W 117 -43.90 71.82 4.74
C LEU W 117 -44.75 71.05 5.75
N ASN W 118 -44.55 71.31 7.04
CA ASN W 118 -45.31 70.60 8.07
C ASN W 118 -46.80 70.93 8.01
N ILE W 119 -47.16 72.13 7.53
CA ILE W 119 -48.56 72.52 7.47
C ILE W 119 -49.25 72.08 6.20
N TYR W 120 -48.53 71.43 5.29
CA TYR W 120 -49.10 70.88 4.05
C TYR W 120 -48.85 69.38 3.98
N PRO W 121 -49.41 68.59 4.90
CA PRO W 121 -49.11 67.16 4.91
C PRO W 121 -49.79 66.43 3.77
N ARG W 122 -49.22 65.28 3.41
CA ARG W 122 -49.73 64.40 2.38
C ARG W 122 -49.76 65.05 1.00
N THR W 123 -49.02 66.14 0.82
CA THR W 123 -48.98 66.86 -0.45
C THR W 123 -47.58 66.81 -1.04
N VAL W 124 -47.43 67.39 -2.23
CA VAL W 124 -46.16 67.44 -2.95
C VAL W 124 -46.03 68.81 -3.59
N ILE W 125 -44.89 69.46 -3.37
CA ILE W 125 -44.59 70.76 -3.96
C ILE W 125 -43.47 70.55 -4.98
N ASP W 126 -43.80 70.66 -6.26
CA ASP W 126 -42.83 70.50 -7.33
C ASP W 126 -42.37 71.87 -7.81
N ILE W 127 -41.06 72.08 -7.84
CA ILE W 127 -40.46 73.31 -8.34
C ILE W 127 -39.77 72.99 -9.66
N GLU W 128 -40.10 73.74 -10.70
CA GLU W 128 -39.65 73.46 -12.06
C GLU W 128 -38.96 74.71 -12.60
N ILE W 129 -37.64 74.64 -12.77
CA ILE W 129 -36.82 75.79 -13.16
C ILE W 129 -36.30 75.57 -14.57
N HIS W 130 -36.29 76.65 -15.35
CA HIS W 130 -35.72 76.65 -16.70
C HIS W 130 -34.77 77.85 -16.81
N VAL W 131 -33.48 77.58 -16.97
CA VAL W 131 -32.47 78.63 -17.11
C VAL W 131 -32.35 78.95 -18.59
N LEU W 132 -32.86 80.12 -18.99
CA LEU W 132 -32.83 80.52 -20.39
C LEU W 132 -31.50 81.15 -20.78
N GLU W 133 -30.81 81.78 -19.84
CA GLU W 133 -29.56 82.46 -20.16
C GLU W 133 -28.71 82.51 -18.90
N GLN W 134 -27.44 82.12 -19.04
CA GLN W 134 -26.53 81.99 -17.91
C GLN W 134 -25.38 82.99 -18.06
N ASP W 135 -25.02 83.65 -16.95
CA ASP W 135 -23.95 84.64 -16.98
C ASP W 135 -23.50 84.99 -15.56
N GLY W 136 -22.97 84.00 -14.84
CA GLY W 136 -22.43 84.26 -13.52
C GLY W 136 -23.45 84.43 -12.42
N GLY W 137 -23.14 83.92 -11.23
CA GLY W 137 -24.04 84.04 -10.10
C GLY W 137 -25.38 83.35 -10.31
N ILE W 138 -25.39 82.23 -11.02
CA ILE W 138 -26.66 81.58 -11.34
C ILE W 138 -27.25 80.90 -10.11
N MET W 139 -26.40 80.46 -9.17
CA MET W 139 -26.92 79.82 -7.97
C MET W 139 -27.69 80.81 -7.11
N GLY W 140 -27.19 82.04 -6.98
CA GLY W 140 -27.94 83.05 -6.26
C GLY W 140 -29.20 83.46 -6.98
N SER W 141 -29.14 83.55 -8.32
CA SER W 141 -30.32 83.91 -9.09
C SER W 141 -31.37 82.81 -9.03
N LEU W 142 -30.95 81.54 -8.98
CA LEU W 142 -31.89 80.45 -8.81
C LEU W 142 -32.62 80.56 -7.47
N ILE W 143 -31.89 80.94 -6.42
CA ILE W 143 -32.49 81.08 -5.10
C ILE W 143 -33.59 82.14 -5.12
N ASN W 144 -33.32 83.29 -5.75
CA ASN W 144 -34.30 84.36 -5.79
C ASN W 144 -35.52 83.94 -6.61
N GLY W 145 -35.31 83.20 -7.71
CA GLY W 145 -36.44 82.75 -8.50
C GLY W 145 -37.35 81.82 -7.73
N ILE W 146 -36.78 80.96 -6.88
CA ILE W 146 -37.59 80.03 -6.11
C ILE W 146 -38.34 80.76 -5.00
N THR W 147 -37.68 81.70 -4.33
CA THR W 147 -38.32 82.43 -3.24
C THR W 147 -39.55 83.19 -3.73
N LEU W 148 -39.41 83.90 -4.86
CA LEU W 148 -40.55 84.64 -5.41
C LEU W 148 -41.63 83.69 -5.91
N ALA W 149 -41.25 82.61 -6.59
CA ALA W 149 -42.24 81.71 -7.17
C ALA W 149 -43.04 80.99 -6.09
N LEU W 150 -42.42 80.66 -4.97
CA LEU W 150 -43.15 80.04 -3.86
C LEU W 150 -44.13 81.02 -3.23
N ILE W 151 -43.71 82.28 -3.06
CA ILE W 151 -44.61 83.28 -2.49
C ILE W 151 -45.79 83.53 -3.41
N ASP W 152 -45.56 83.49 -4.73
CA ASP W 152 -46.66 83.64 -5.67
C ASP W 152 -47.64 82.48 -5.56
N ALA W 153 -47.16 81.29 -5.21
CA ALA W 153 -48.03 80.14 -5.01
C ALA W 153 -48.80 80.19 -3.70
N GLY W 154 -48.57 81.21 -2.86
CA GLY W 154 -49.25 81.28 -1.58
C GLY W 154 -48.77 80.29 -0.56
N ILE W 155 -47.59 79.72 -0.74
CA ILE W 155 -47.07 78.69 0.16
C ILE W 155 -46.38 79.36 1.34
N SER W 156 -46.74 78.92 2.55
CA SER W 156 -46.23 79.55 3.76
C SER W 156 -44.73 79.28 3.93
N MET W 157 -43.99 80.33 4.25
CA MET W 157 -42.57 80.21 4.55
C MET W 157 -42.20 81.21 5.63
N PHE W 158 -41.13 80.90 6.37
CA PHE W 158 -40.76 81.73 7.52
C PHE W 158 -40.32 83.12 7.10
N ASP W 159 -39.55 83.23 6.03
CA ASP W 159 -38.98 84.51 5.62
C ASP W 159 -38.53 84.40 4.16
N TYR W 160 -38.07 85.52 3.62
CA TYR W 160 -37.38 85.53 2.35
C TYR W 160 -36.05 84.77 2.45
N ILE W 161 -35.59 84.26 1.31
CA ILE W 161 -34.22 83.82 1.15
C ILE W 161 -33.68 84.49 -0.10
N SER W 162 -32.63 85.29 0.06
CA SER W 162 -32.05 86.05 -1.03
C SER W 162 -30.69 85.47 -1.40
N GLY W 163 -30.41 85.41 -2.69
CA GLY W 163 -29.17 84.85 -3.20
C GLY W 163 -28.30 85.93 -3.80
N ILE W 164 -26.99 85.82 -3.58
CA ILE W 164 -26.02 86.79 -4.08
C ILE W 164 -24.68 86.09 -4.23
N SER W 165 -23.85 86.60 -5.12
CA SER W 165 -22.50 86.09 -5.35
C SER W 165 -21.51 87.23 -5.24
N VAL W 166 -20.37 86.98 -4.61
CA VAL W 166 -19.33 87.99 -4.42
C VAL W 166 -17.98 87.37 -4.75
N GLY W 167 -17.22 88.06 -5.60
CA GLY W 167 -15.85 87.68 -5.90
C GLY W 167 -14.86 88.54 -5.14
N LEU W 168 -13.65 88.02 -5.00
CA LEU W 168 -12.57 88.70 -4.29
C LEU W 168 -11.45 89.01 -5.27
N TYR W 169 -11.26 90.29 -5.57
CA TYR W 169 -10.15 90.76 -6.40
C TYR W 169 -9.08 91.34 -5.49
N ASP W 170 -7.98 90.61 -5.32
CA ASP W 170 -6.94 90.96 -4.36
C ASP W 170 -7.53 91.10 -2.96
N THR W 171 -7.85 92.34 -2.56
CA THR W 171 -8.54 92.58 -1.30
C THR W 171 -9.96 93.08 -1.47
N THR W 172 -10.31 93.59 -2.65
CA THR W 172 -11.60 94.25 -2.84
C THR W 172 -12.66 93.22 -3.21
N PRO W 173 -13.73 93.07 -2.43
CA PRO W 173 -14.85 92.22 -2.85
C PRO W 173 -15.63 92.88 -3.98
N LEU W 174 -15.99 92.08 -4.98
CA LEU W 174 -16.77 92.54 -6.12
C LEU W 174 -18.16 91.89 -6.04
N LEU W 175 -19.15 92.71 -5.68
CA LEU W 175 -20.51 92.22 -5.50
C LEU W 175 -21.15 91.87 -6.84
N ASP W 176 -21.91 90.76 -6.85
CA ASP W 176 -22.65 90.31 -8.02
C ASP W 176 -21.74 90.06 -9.21
N THR W 177 -21.24 88.83 -9.33
CA THR W 177 -20.26 88.49 -10.36
C THR W 177 -20.95 87.98 -11.62
N ASN W 178 -20.38 88.35 -12.77
CA ASN W 178 -20.80 87.81 -14.05
C ASN W 178 -19.89 86.64 -14.44
N SER W 179 -20.16 86.06 -15.61
CA SER W 179 -19.47 84.83 -16.00
C SER W 179 -17.96 85.02 -16.04
N LEU W 180 -17.50 86.10 -16.67
CA LEU W 180 -16.06 86.32 -16.78
C LEU W 180 -15.44 86.60 -15.41
N GLU W 181 -16.16 87.33 -14.56
CA GLU W 181 -15.64 87.60 -13.21
C GLU W 181 -15.56 86.33 -12.38
N GLU W 182 -16.46 85.38 -12.60
CA GLU W 182 -16.40 84.12 -11.85
C GLU W 182 -15.17 83.30 -12.22
N ASN W 183 -14.82 83.28 -13.51
CA ASN W 183 -13.67 82.51 -13.96
C ASN W 183 -12.34 83.17 -13.63
N ALA W 184 -12.34 84.45 -13.27
CA ALA W 184 -11.09 85.16 -13.00
C ALA W 184 -10.66 85.05 -11.55
N MET W 185 -11.59 85.17 -10.60
CA MET W 185 -11.26 85.20 -9.19
C MET W 185 -12.13 84.20 -8.44
N SER W 186 -11.78 83.99 -7.17
CA SER W 186 -12.59 83.16 -6.30
C SER W 186 -13.90 83.85 -5.96
N THR W 187 -14.94 83.07 -5.72
CA THR W 187 -16.27 83.60 -5.46
C THR W 187 -16.88 82.92 -4.23
N VAL W 188 -17.74 83.67 -3.56
CA VAL W 188 -18.57 83.16 -2.47
C VAL W 188 -20.03 83.39 -2.84
N THR W 189 -20.86 82.39 -2.63
CA THR W 189 -22.29 82.48 -2.89
C THR W 189 -23.04 82.39 -1.57
N LEU W 190 -23.91 83.37 -1.32
CA LEU W 190 -24.63 83.47 -0.06
C LEU W 190 -26.13 83.29 -0.29
N GLY W 191 -26.77 82.62 0.65
CA GLY W 191 -28.22 82.60 0.74
C GLY W 191 -28.66 83.12 2.09
N VAL W 192 -29.11 84.36 2.14
CA VAL W 192 -29.35 85.07 3.39
C VAL W 192 -30.85 85.06 3.68
N VAL W 193 -31.21 84.69 4.90
CA VAL W 193 -32.61 84.59 5.31
C VAL W 193 -33.13 85.99 5.64
N GLY W 194 -34.00 86.51 4.77
CA GLY W 194 -34.64 87.79 5.03
C GLY W 194 -33.63 88.91 5.19
N LYS W 195 -33.71 89.62 6.33
CA LYS W 195 -32.84 90.73 6.63
C LYS W 195 -31.82 90.40 7.72
N SER W 196 -31.68 89.13 8.07
CA SER W 196 -30.83 88.74 9.18
C SER W 196 -29.40 88.49 8.71
N GLU W 197 -28.57 87.97 9.61
CA GLU W 197 -27.24 87.48 9.27
C GLU W 197 -27.19 85.96 9.18
N LYS W 198 -28.33 85.30 9.32
CA LYS W 198 -28.38 83.85 9.20
C LYS W 198 -28.22 83.44 7.74
N LEU W 199 -27.37 82.45 7.50
CA LEU W 199 -27.06 81.98 6.15
C LEU W 199 -27.75 80.64 5.90
N SER W 200 -28.67 80.61 4.94
CA SER W 200 -29.25 79.35 4.51
C SER W 200 -28.28 78.57 3.65
N LEU W 201 -27.49 79.27 2.84
CA LEU W 201 -26.49 78.65 1.98
C LEU W 201 -25.20 79.45 2.02
N LEU W 202 -24.10 78.79 2.34
CA LEU W 202 -22.76 79.36 2.26
C LEU W 202 -21.92 78.45 1.38
N LEU W 203 -21.38 79.00 0.30
CA LEU W 203 -20.70 78.21 -0.72
C LEU W 203 -19.44 78.96 -1.15
N VAL W 204 -18.29 78.52 -0.64
CA VAL W 204 -16.99 79.05 -1.05
C VAL W 204 -16.42 78.02 -2.02
N GLU W 205 -16.46 78.33 -3.31
CA GLU W 205 -16.17 77.34 -4.33
C GLU W 205 -14.70 77.21 -4.67
N ASP W 206 -13.86 78.17 -4.26
CA ASP W 206 -12.43 78.07 -4.53
C ASP W 206 -11.66 78.83 -3.45
N LYS W 207 -10.34 78.78 -3.55
CA LYS W 207 -9.46 79.25 -2.49
C LYS W 207 -9.69 80.72 -2.17
N ILE W 208 -9.79 81.02 -0.88
CA ILE W 208 -9.83 82.39 -0.39
C ILE W 208 -8.99 82.46 0.89
N PRO W 209 -8.14 83.46 1.05
CA PRO W 209 -7.34 83.57 2.29
C PRO W 209 -8.23 83.78 3.50
N LEU W 210 -7.96 82.99 4.55
CA LEU W 210 -8.79 82.98 5.75
C LEU W 210 -9.04 84.37 6.32
N ASP W 211 -8.09 85.29 6.17
CA ASP W 211 -8.22 86.60 6.78
C ASP W 211 -9.09 87.54 5.96
N ARG W 212 -9.11 87.38 4.63
CA ARG W 212 -9.92 88.22 3.76
C ARG W 212 -11.34 87.72 3.61
N LEU W 213 -11.69 86.58 4.20
CA LEU W 213 -13.00 85.97 3.94
C LEU W 213 -14.13 86.68 4.67
N GLU W 214 -13.87 87.20 5.87
CA GLU W 214 -14.93 87.88 6.62
C GLU W 214 -15.42 89.11 5.88
N ASN W 215 -14.51 89.82 5.22
CA ASN W 215 -14.90 91.00 4.46
C ASN W 215 -15.80 90.61 3.28
N VAL W 216 -15.52 89.49 2.63
CA VAL W 216 -16.35 89.02 1.53
C VAL W 216 -17.76 88.71 2.03
N LEU W 217 -17.85 87.98 3.15
CA LEU W 217 -19.16 87.67 3.72
C LEU W 217 -19.95 88.93 4.05
N ALA W 218 -19.28 89.94 4.62
CA ALA W 218 -19.97 91.17 4.98
C ALA W 218 -20.56 91.87 3.75
N ILE W 219 -19.80 91.94 2.65
CA ILE W 219 -20.29 92.58 1.45
C ILE W 219 -21.43 91.77 0.84
N GLY W 220 -21.34 90.45 0.90
CA GLY W 220 -22.39 89.61 0.34
C GLY W 220 -23.71 89.77 1.08
N ILE W 221 -23.66 89.73 2.41
CA ILE W 221 -24.86 89.92 3.22
C ILE W 221 -25.51 91.27 2.90
N ALA W 222 -24.70 92.31 2.72
CA ALA W 222 -25.24 93.62 2.40
C ALA W 222 -25.92 93.62 1.04
N GLY W 223 -25.29 93.01 0.04
CA GLY W 223 -25.91 92.95 -1.27
C GLY W 223 -27.17 92.10 -1.28
N ALA W 224 -27.17 90.99 -0.52
CA ALA W 224 -28.35 90.14 -0.44
C ALA W 224 -29.54 90.89 0.15
N HIS W 225 -29.29 91.67 1.22
CA HIS W 225 -30.36 92.47 1.81
C HIS W 225 -30.94 93.45 0.80
N ARG W 226 -30.08 94.04 -0.05
CA ARG W 226 -30.57 94.89 -1.11
C ARG W 226 -31.44 94.12 -2.09
N VAL W 227 -31.03 92.90 -2.45
CA VAL W 227 -31.83 92.05 -3.32
C VAL W 227 -33.16 91.72 -2.66
N ARG W 228 -33.15 91.48 -1.34
CA ARG W 228 -34.39 91.20 -0.62
C ARG W 228 -35.36 92.36 -0.75
N ASP W 229 -34.90 93.58 -0.48
CA ASP W 229 -35.76 94.75 -0.64
C ASP W 229 -36.24 94.90 -2.07
N LEU W 230 -35.35 94.64 -3.03
CA LEU W 230 -35.75 94.71 -4.44
C LEU W 230 -36.82 93.69 -4.76
N MET W 231 -36.71 92.49 -4.19
CA MET W 231 -37.74 91.48 -4.38
C MET W 231 -39.03 91.88 -3.68
N ASP W 232 -38.93 92.28 -2.41
CA ASP W 232 -40.10 92.73 -1.66
C ASP W 232 -40.79 93.90 -2.37
N GLU W 233 -39.99 94.88 -2.81
CA GLU W 233 -40.55 96.03 -3.52
C GLU W 233 -41.39 95.62 -4.71
N GLU W 234 -40.84 94.75 -5.57
CA GLU W 234 -41.59 94.30 -6.74
C GLU W 234 -42.85 93.52 -6.35
N LEU W 235 -42.78 92.78 -5.24
CA LEU W 235 -43.93 91.99 -4.81
C LEU W 235 -45.06 92.87 -4.29
N ARG W 236 -44.73 93.86 -3.46
CA ARG W 236 -45.76 94.77 -2.95
C ARG W 236 -46.38 95.59 -4.07
N LYS W 237 -45.57 95.99 -5.06
CA LYS W 237 -46.12 96.65 -6.23
C LYS W 237 -47.13 95.75 -6.95
N HIS W 238 -46.75 94.49 -7.16
CA HIS W 238 -47.66 93.54 -7.79
C HIS W 238 -48.90 93.32 -6.93
N ALA W 239 -48.72 93.22 -5.61
CA ALA W 239 -49.85 92.99 -4.73
C ALA W 239 -50.82 94.17 -4.70
N GLN W 240 -50.28 95.39 -4.68
CA GLN W 240 -51.14 96.57 -4.65
C GLN W 240 -51.91 96.74 -5.96
N LYS W 241 -51.31 96.36 -7.09
CA LYS W 241 -52.03 96.37 -8.35
C LYS W 241 -53.10 95.27 -8.38
N ARG W 242 -52.88 94.20 -7.64
CA ARG W 242 -53.85 93.10 -7.59
C ARG W 242 -55.04 93.47 -6.74
N VAL W 243 -54.81 94.05 -5.56
CA VAL W 243 -55.91 94.41 -4.67
C VAL W 243 -56.63 95.67 -5.12
N SER W 244 -56.00 96.49 -5.96
CA SER W 244 -56.70 97.67 -6.49
C SER W 244 -57.58 97.31 -7.67
N ASN W 245 -57.11 96.41 -8.54
CA ASN W 245 -57.92 95.98 -9.66
C ASN W 245 -59.13 95.18 -9.20
N ALA W 246 -58.91 94.26 -8.26
CA ALA W 246 -60.00 93.45 -7.72
C ALA W 246 -60.93 94.28 -6.85
N ILE X 15 -52.50 13.62 -5.60
CA ILE X 15 -51.55 12.53 -5.72
C ILE X 15 -50.74 12.67 -7.00
N THR X 16 -51.44 12.70 -8.14
CA THR X 16 -50.82 12.83 -9.45
C THR X 16 -51.40 14.04 -10.16
N PHE X 17 -50.52 14.86 -10.74
CA PHE X 17 -50.90 16.05 -11.47
C PHE X 17 -50.53 15.91 -12.94
N PRO X 18 -51.24 16.60 -13.84
CA PRO X 18 -50.91 16.52 -15.26
C PRO X 18 -49.50 17.02 -15.53
N PRO X 19 -48.88 16.59 -16.63
CA PRO X 19 -47.49 16.99 -16.89
C PRO X 19 -47.29 18.49 -17.03
N GLU X 20 -48.20 19.17 -17.73
CA GLU X 20 -48.04 20.61 -17.91
C GLU X 20 -48.22 21.37 -16.59
N VAL X 21 -48.97 20.80 -15.65
CA VAL X 21 -49.17 21.49 -14.37
C VAL X 21 -47.99 21.27 -13.45
N LEU X 22 -47.51 20.02 -13.36
CA LEU X 22 -46.38 19.72 -12.47
C LEU X 22 -45.14 20.53 -12.86
N ALA X 23 -45.00 20.85 -14.15
CA ALA X 23 -43.87 21.66 -14.58
C ALA X 23 -43.87 23.02 -13.89
N ARG X 24 -45.05 23.60 -13.67
CA ARG X 24 -45.15 24.87 -12.97
C ARG X 24 -45.15 24.69 -11.46
N ILE X 25 -45.85 23.68 -10.94
CA ILE X 25 -45.92 23.47 -9.49
C ILE X 25 -44.52 23.35 -8.90
N SER X 26 -43.73 22.44 -9.45
CA SER X 26 -42.37 22.23 -8.97
C SER X 26 -41.50 21.71 -10.10
N PRO X 27 -40.62 22.55 -10.66
CA PRO X 27 -39.68 22.05 -11.68
C PRO X 27 -38.75 20.98 -11.13
N GLU X 28 -38.52 20.95 -9.82
CA GLU X 28 -37.71 19.89 -9.23
C GLU X 28 -38.39 18.54 -9.39
N LEU X 29 -39.71 18.48 -9.22
CA LEU X 29 -40.43 17.22 -9.40
C LEU X 29 -40.50 16.83 -10.87
N SER X 30 -40.67 17.82 -11.75
CA SER X 30 -40.79 17.54 -13.18
C SER X 30 -39.53 16.83 -13.69
N LEU X 31 -38.36 17.22 -13.20
CA LEU X 31 -37.13 16.54 -13.57
C LEU X 31 -37.08 15.14 -12.96
N GLN X 32 -37.38 15.04 -11.65
CA GLN X 32 -37.29 13.75 -10.97
C GLN X 32 -38.32 12.76 -11.51
N ARG X 33 -39.51 13.24 -11.88
CA ARG X 33 -40.49 12.35 -12.48
C ARG X 33 -40.04 11.86 -13.85
N HIS X 34 -39.43 12.74 -14.65
CA HIS X 34 -38.90 12.33 -15.94
C HIS X 34 -37.75 11.34 -15.77
N LEU X 35 -36.83 11.63 -14.84
CA LEU X 35 -35.67 10.77 -14.67
C LEU X 35 -36.04 9.41 -14.07
N SER X 36 -37.11 9.35 -13.28
CA SER X 36 -37.57 8.07 -12.77
C SER X 36 -38.12 7.20 -13.89
N LEU X 37 -38.64 7.82 -14.95
CA LEU X 37 -39.09 7.08 -16.13
C LEU X 37 -37.96 6.81 -17.12
N GLY X 38 -36.77 7.36 -16.88
CA GLY X 38 -35.64 7.14 -17.76
C GLY X 38 -35.46 8.16 -18.87
N ILE X 39 -36.22 9.26 -18.85
CA ILE X 39 -36.12 10.27 -19.91
C ILE X 39 -35.81 11.62 -19.28
N ARG X 40 -35.62 12.63 -20.13
CA ARG X 40 -35.33 13.99 -19.71
C ARG X 40 -36.47 14.91 -20.13
N PRO X 41 -36.65 16.05 -19.46
CA PRO X 41 -37.72 16.96 -19.86
C PRO X 41 -37.58 17.47 -21.29
N CYS X 42 -36.35 17.63 -21.78
CA CYS X 42 -36.09 18.04 -23.15
C CYS X 42 -36.21 16.88 -24.14
N LEU X 43 -36.65 15.71 -23.69
CA LEU X 43 -36.92 14.51 -24.48
C LEU X 43 -35.68 13.88 -25.07
N ARG X 44 -34.48 14.38 -24.76
CA ARG X 44 -33.26 13.77 -25.25
C ARG X 44 -32.72 12.76 -24.24
N LYS X 45 -31.78 11.95 -24.69
CA LYS X 45 -31.18 10.93 -23.83
C LYS X 45 -30.21 11.58 -22.85
N TYR X 46 -29.77 10.79 -21.86
CA TYR X 46 -28.99 11.34 -20.76
C TYR X 46 -27.71 12.02 -21.26
N GLU X 47 -27.05 11.40 -22.23
CA GLU X 47 -25.80 11.92 -22.78
C GLU X 47 -25.97 12.41 -24.22
N GLU X 48 -27.17 12.86 -24.57
CA GLU X 48 -27.47 13.33 -25.91
C GLU X 48 -27.41 14.86 -25.94
N PHE X 49 -26.74 15.40 -26.94
CA PHE X 49 -26.62 16.83 -27.10
C PHE X 49 -27.70 17.36 -28.04
N ARG X 50 -27.93 18.66 -27.98
CA ARG X 50 -28.75 19.31 -28.99
C ARG X 50 -27.99 19.38 -30.31
N ASP X 51 -28.71 19.26 -31.41
CA ASP X 51 -28.09 19.36 -32.72
C ASP X 51 -27.94 20.84 -33.09
N VAL X 52 -26.78 21.20 -33.61
CA VAL X 52 -26.48 22.58 -33.94
C VAL X 52 -26.37 22.72 -35.45
N ALA X 53 -26.79 23.88 -35.95
CA ALA X 53 -26.67 24.23 -37.36
C ALA X 53 -26.25 25.68 -37.43
N ILE X 54 -25.27 25.98 -38.29
CA ILE X 54 -24.64 27.29 -38.29
C ILE X 54 -24.66 27.88 -39.70
N GLU X 55 -24.74 29.20 -39.75
CA GLU X 55 -24.51 29.98 -40.96
C GLU X 55 -23.41 30.97 -40.66
N ASN X 56 -22.33 30.92 -41.44
CA ASN X 56 -21.15 31.72 -41.18
C ASN X 56 -21.05 32.89 -42.14
N ASN X 57 -20.49 34.00 -41.65
CA ASN X 57 -20.14 35.17 -42.45
C ASN X 57 -21.34 35.78 -43.17
N THR X 58 -22.56 35.52 -42.67
CA THR X 58 -23.76 35.99 -43.39
C THR X 58 -23.93 37.50 -43.27
N LEU X 59 -23.63 38.07 -42.09
CA LEU X 59 -23.81 39.49 -41.86
C LEU X 59 -22.56 40.32 -42.17
N SER X 60 -21.53 39.70 -42.72
CA SER X 60 -20.27 40.39 -42.93
C SER X 60 -20.34 41.32 -44.14
N ARG X 61 -19.56 42.39 -44.08
CA ARG X 61 -19.38 43.27 -45.22
C ARG X 61 -18.49 42.64 -46.29
N TYR X 62 -17.72 41.62 -45.92
CA TYR X 62 -16.92 40.84 -46.86
C TYR X 62 -17.58 39.52 -47.24
N ALA X 63 -18.91 39.43 -47.13
CA ALA X 63 -19.60 38.19 -47.46
C ALA X 63 -19.50 37.88 -48.95
N ASP X 64 -20.07 38.74 -49.79
CA ASP X 64 -19.92 38.60 -51.23
C ASP X 64 -18.52 39.06 -51.63
N ALA X 65 -17.74 38.14 -52.20
CA ALA X 65 -16.36 38.45 -52.57
C ALA X 65 -16.30 39.62 -53.54
N GLY X 66 -17.27 39.70 -54.46
CA GLY X 66 -17.33 40.81 -55.38
C GLY X 66 -18.02 42.02 -54.78
N ASN X 67 -19.35 41.97 -54.69
CA ASN X 67 -20.13 43.09 -54.17
C ASN X 67 -19.91 43.25 -52.66
N ILE X 68 -18.92 44.05 -52.29
CA ILE X 68 -18.65 44.32 -50.88
C ILE X 68 -19.58 45.43 -50.40
N ASP X 69 -20.30 45.16 -49.32
CA ASP X 69 -21.23 46.14 -48.75
C ASP X 69 -20.44 47.32 -48.19
N THR X 70 -20.58 48.49 -48.83
CA THR X 70 -19.85 49.67 -48.37
C THR X 70 -20.45 50.25 -47.09
N LYS X 71 -21.74 50.04 -46.86
CA LYS X 71 -22.38 50.60 -45.68
C LYS X 71 -22.12 49.76 -44.44
N ASN X 72 -22.05 48.43 -44.60
CA ASN X 72 -21.91 47.54 -43.47
C ASN X 72 -20.52 47.66 -42.84
N ASN X 73 -20.46 47.48 -41.52
CA ASN X 73 -19.21 47.55 -40.78
C ASN X 73 -18.89 46.25 -40.06
N ILE X 74 -19.61 45.17 -40.35
CA ILE X 74 -19.39 43.90 -39.65
C ILE X 74 -18.26 43.14 -40.34
N LEU X 75 -17.27 42.73 -39.56
CA LEU X 75 -16.11 42.02 -40.08
C LEU X 75 -16.30 40.51 -40.12
N GLY X 76 -17.22 39.98 -39.33
CA GLY X 76 -17.49 38.55 -39.31
C GLY X 76 -18.78 38.24 -38.58
N SER X 77 -19.41 37.12 -38.92
CA SER X 77 -20.72 36.82 -38.35
C SER X 77 -20.90 35.31 -38.22
N ASN X 78 -21.88 34.94 -37.40
CA ASN X 78 -22.28 33.55 -37.28
C ASN X 78 -23.71 33.49 -36.75
N VAL X 79 -24.55 32.72 -37.42
CA VAL X 79 -25.89 32.42 -36.94
C VAL X 79 -25.88 30.97 -36.49
N LEU X 80 -26.30 30.72 -35.26
CA LEU X 80 -26.26 29.40 -34.67
C LEU X 80 -27.62 29.03 -34.11
N LYS X 81 -28.07 27.81 -34.39
CA LYS X 81 -29.33 27.29 -33.87
C LYS X 81 -29.08 25.91 -33.28
N SER X 82 -29.24 25.80 -31.97
CA SER X 82 -29.08 24.53 -31.26
C SER X 82 -30.37 24.32 -30.48
N GLY X 83 -31.21 23.41 -30.97
CA GLY X 83 -32.54 23.27 -30.40
C GLY X 83 -33.42 24.45 -30.79
N LYS X 84 -34.20 24.95 -29.83
CA LYS X 84 -35.06 26.09 -30.08
C LYS X 84 -34.30 27.42 -30.03
N THR X 85 -33.13 27.45 -29.40
CA THR X 85 -32.41 28.71 -29.21
C THR X 85 -31.77 29.16 -30.52
N ILE X 86 -31.85 30.46 -30.78
CA ILE X 86 -31.18 31.09 -31.92
C ILE X 86 -30.17 32.08 -31.39
N VAL X 87 -28.93 32.00 -31.87
CA VAL X 87 -27.86 32.88 -31.44
C VAL X 87 -27.25 33.51 -32.69
N ILE X 88 -27.09 34.84 -32.67
CA ILE X 88 -26.53 35.59 -33.78
C ILE X 88 -25.38 36.44 -33.24
N THR X 89 -24.20 36.31 -33.86
CA THR X 89 -23.01 37.04 -33.47
C THR X 89 -22.48 37.82 -34.65
N SER X 90 -22.10 39.07 -34.42
CA SER X 90 -21.51 39.93 -35.44
C SER X 90 -20.31 40.62 -34.84
N ILE X 91 -19.20 40.62 -35.57
CA ILE X 91 -17.94 41.17 -35.08
C ILE X 91 -17.70 42.52 -35.75
N THR X 92 -17.57 43.57 -34.95
CA THR X 92 -17.21 44.90 -35.41
C THR X 92 -15.80 45.22 -34.93
N GLY X 93 -15.22 46.28 -35.51
CA GLY X 93 -13.82 46.59 -35.33
C GLY X 93 -13.57 47.95 -34.70
N GLY X 94 -12.29 48.20 -34.45
CA GLY X 94 -11.81 49.46 -33.90
C GLY X 94 -10.30 49.50 -33.82
N ILE X 95 -9.71 50.70 -33.87
CA ILE X 95 -8.26 50.87 -33.85
C ILE X 95 -7.88 51.79 -32.71
N ILE X 96 -6.84 51.42 -31.98
CA ILE X 96 -6.31 52.23 -30.88
C ILE X 96 -4.84 52.52 -31.18
N GLU X 97 -4.40 53.71 -30.74
CA GLU X 97 -3.00 54.08 -30.88
C GLU X 97 -2.20 53.49 -29.73
N GLU X 98 -1.14 52.77 -30.07
CA GLU X 98 -0.32 52.10 -29.06
C GLU X 98 0.52 53.13 -28.30
N THR X 99 0.38 53.13 -26.98
CA THR X 99 1.08 54.08 -26.11
C THR X 99 1.93 53.25 -25.16
N SER X 100 3.15 52.92 -25.60
CA SER X 100 4.06 52.05 -24.85
C SER X 100 5.45 52.02 -25.48
N GLU X 121 6.87 34.23 -26.06
CA GLU X 121 6.55 32.87 -25.65
C GLU X 121 5.03 32.66 -25.56
N ASP X 122 4.63 31.57 -24.93
CA ASP X 122 3.22 31.24 -24.73
C ASP X 122 2.63 31.90 -23.49
N ILE X 123 3.32 32.85 -22.88
CA ILE X 123 2.84 33.43 -21.62
C ILE X 123 1.66 34.36 -21.90
N ILE X 124 0.78 34.50 -20.90
CA ILE X 124 -0.52 35.13 -21.08
C ILE X 124 -0.39 36.59 -21.50
N ALA X 125 0.72 37.24 -21.15
CA ALA X 125 0.82 38.69 -21.36
C ALA X 125 0.85 39.08 -22.84
N ASN X 126 1.21 38.16 -23.74
CA ASN X 126 1.31 38.47 -25.16
C ASN X 126 0.03 38.14 -25.94
N TYR X 127 -1.09 37.95 -25.26
CA TYR X 127 -2.32 37.54 -25.92
C TYR X 127 -3.44 38.53 -25.63
N ALA X 128 -4.31 38.73 -26.61
CA ALA X 128 -5.41 39.68 -26.54
C ALA X 128 -6.73 38.92 -26.41
N SER X 129 -7.83 39.63 -26.63
CA SER X 129 -9.17 39.07 -26.55
C SER X 129 -10.12 39.97 -27.32
N VAL X 130 -11.41 39.68 -27.24
CA VAL X 130 -12.45 40.50 -27.83
C VAL X 130 -13.40 40.95 -26.73
N TYR X 131 -14.23 41.94 -27.05
CA TYR X 131 -15.11 42.58 -26.08
C TYR X 131 -16.57 42.33 -26.46
N PRO X 132 -17.24 41.37 -25.84
CA PRO X 132 -18.60 41.02 -26.23
C PRO X 132 -19.67 41.83 -25.50
N VAL X 133 -20.81 41.96 -26.18
CA VAL X 133 -22.01 42.59 -25.63
C VAL X 133 -23.14 41.60 -25.84
N VAL X 134 -23.53 40.88 -24.79
CA VAL X 134 -24.52 39.82 -24.88
C VAL X 134 -25.89 40.39 -24.55
N GLU X 135 -26.86 40.17 -25.45
CA GLU X 135 -28.25 40.58 -25.25
C GLU X 135 -29.12 39.34 -25.30
N VAL X 136 -29.59 38.91 -24.13
CA VAL X 136 -30.47 37.74 -24.03
C VAL X 136 -31.90 38.24 -24.03
N GLU X 137 -32.54 38.19 -25.19
CA GLU X 137 -33.90 38.71 -25.36
C GLU X 137 -34.88 37.83 -24.58
N ARG X 138 -35.49 38.39 -23.53
CA ARG X 138 -36.48 37.66 -22.75
C ARG X 138 -37.78 38.43 -22.56
N GLY X 139 -38.11 39.36 -23.45
CA GLY X 139 -39.32 40.13 -23.34
C GLY X 139 -39.26 41.32 -22.42
N ARG X 140 -38.20 41.46 -21.64
CA ARG X 140 -38.05 42.61 -20.78
C ARG X 140 -37.19 43.66 -21.49
N VAL X 141 -37.29 44.91 -21.01
CA VAL X 141 -36.51 46.00 -21.54
C VAL X 141 -35.92 46.78 -20.37
N GLY X 142 -34.62 47.06 -20.43
CA GLY X 142 -33.94 47.79 -19.38
C GLY X 142 -32.45 47.57 -19.34
N ALA X 143 -31.88 47.54 -18.14
CA ALA X 143 -30.44 47.48 -17.99
C ALA X 143 -29.92 46.08 -18.29
N CYS X 144 -28.59 45.97 -18.33
CA CYS X 144 -27.94 44.70 -18.56
C CYS X 144 -28.18 43.75 -17.39
N THR X 145 -28.66 42.55 -17.67
CA THR X 145 -28.88 41.56 -16.63
C THR X 145 -27.54 40.99 -16.15
N ASP X 146 -27.58 40.40 -14.95
CA ASP X 146 -26.38 39.74 -14.43
C ASP X 146 -25.95 38.60 -15.33
N GLU X 147 -26.91 37.91 -15.95
CA GLU X 147 -26.57 36.88 -16.92
C GLU X 147 -25.82 37.46 -18.11
N GLU X 148 -26.37 38.52 -18.71
CA GLU X 148 -25.72 39.15 -19.86
C GLU X 148 -24.32 39.62 -19.53
N MET X 149 -24.14 40.20 -18.34
CA MET X 149 -22.83 40.74 -17.96
C MET X 149 -21.83 39.62 -17.70
N THR X 150 -22.24 38.58 -16.96
CA THR X 150 -21.31 37.52 -16.63
C THR X 150 -20.87 36.74 -17.87
N ILE X 151 -21.81 36.46 -18.78
CA ILE X 151 -21.45 35.77 -20.02
C ILE X 151 -20.46 36.61 -20.82
N SER X 152 -20.73 37.92 -20.93
CA SER X 152 -19.81 38.80 -21.66
C SER X 152 -18.41 38.74 -21.07
N GLN X 153 -18.31 38.75 -19.73
CA GLN X 153 -17.01 38.64 -19.09
C GLN X 153 -16.42 37.24 -19.25
N LYS X 154 -17.26 36.20 -19.08
CA LYS X 154 -16.78 34.84 -19.24
C LYS X 154 -16.23 34.60 -20.65
N LEU X 155 -16.90 35.14 -21.67
CA LEU X 155 -16.41 35.00 -23.04
C LEU X 155 -15.06 35.67 -23.20
N HIS X 156 -14.95 36.93 -22.77
CA HIS X 156 -13.70 37.68 -22.92
C HIS X 156 -12.54 36.97 -22.20
N ASP X 157 -12.79 36.48 -20.99
CA ASP X 157 -11.71 35.89 -20.20
C ASP X 157 -11.20 34.59 -20.78
N SER X 158 -12.09 33.79 -21.39
CA SER X 158 -11.65 32.49 -21.88
C SER X 158 -10.97 32.58 -23.24
N ILE X 159 -11.33 33.57 -24.06
CA ILE X 159 -10.59 33.81 -25.29
C ILE X 159 -9.16 34.22 -24.97
N LEU X 160 -8.96 34.91 -23.85
CA LEU X 160 -7.61 35.30 -23.44
C LEU X 160 -6.83 34.10 -22.93
N HIS X 161 -7.40 33.35 -21.97
CA HIS X 161 -6.66 32.28 -21.31
C HIS X 161 -6.45 31.08 -22.23
N SER X 162 -7.33 30.88 -23.22
CA SER X 162 -7.10 29.80 -24.17
C SER X 162 -6.07 30.16 -25.22
N ARG X 163 -5.53 31.39 -25.18
CA ARG X 163 -4.47 31.83 -26.10
C ARG X 163 -4.92 31.76 -27.55
N ILE X 164 -6.20 32.05 -27.79
CA ILE X 164 -6.73 32.01 -29.15
C ILE X 164 -6.20 33.19 -29.96
N LEU X 165 -6.25 34.38 -29.39
CA LEU X 165 -5.89 35.60 -30.11
C LEU X 165 -4.58 36.18 -29.59
N PRO X 166 -3.49 36.06 -30.33
CA PRO X 166 -2.23 36.69 -29.90
C PRO X 166 -2.21 38.17 -30.23
N LYS X 167 -1.54 38.93 -29.37
CA LYS X 167 -1.44 40.38 -29.58
C LYS X 167 -0.78 40.72 -30.91
N LYS X 168 0.17 39.89 -31.35
CA LYS X 168 0.82 40.12 -32.64
C LYS X 168 -0.18 40.08 -33.78
N ALA X 169 -1.25 39.30 -33.65
CA ALA X 169 -2.24 39.18 -34.71
C ALA X 169 -3.09 40.43 -34.88
N LEU X 170 -3.00 41.40 -33.97
CA LEU X 170 -3.80 42.62 -34.04
C LEU X 170 -2.99 43.87 -34.33
N LYS X 171 -1.68 43.74 -34.53
CA LYS X 171 -0.87 44.90 -34.89
C LYS X 171 -1.20 45.34 -36.31
N VAL X 172 -1.34 46.65 -36.48
CA VAL X 172 -1.76 47.21 -37.76
C VAL X 172 -0.55 47.38 -38.67
N LYS X 173 -0.57 46.68 -39.82
CA LYS X 173 0.42 46.90 -40.87
C LYS X 173 -0.09 48.05 -41.74
N ALA X 174 0.18 49.25 -41.29
CA ALA X 174 -0.40 50.44 -41.89
C ALA X 174 0.36 50.84 -43.15
N GLY X 175 -0.38 51.44 -44.09
CA GLY X 175 0.17 51.94 -45.32
C GLY X 175 0.19 53.46 -45.36
N VAL X 176 0.25 53.99 -46.57
CA VAL X 176 0.31 55.44 -46.77
C VAL X 176 -0.42 55.78 -48.06
N ARG X 177 -1.18 56.87 -48.02
CA ARG X 177 -1.95 57.36 -49.16
C ARG X 177 -1.34 58.67 -49.64
N SER X 178 -0.90 58.70 -50.90
CA SER X 178 -0.34 59.90 -51.51
C SER X 178 -1.05 60.15 -52.84
N ALA X 179 -1.06 61.41 -53.25
CA ALA X 179 -1.74 61.82 -54.49
C ALA X 179 -0.79 61.57 -55.66
N ASN X 180 -1.03 60.47 -56.39
CA ASN X 180 -0.19 60.17 -57.53
C ASN X 180 -0.62 60.99 -58.74
N GLU X 181 0.33 61.14 -59.68
CA GLU X 181 0.21 61.96 -60.88
C GLU X 181 -0.32 63.36 -60.56
N ASP X 182 -1.58 63.52 -60.17
CA ASP X 182 -2.08 64.84 -59.82
C ASP X 182 -3.34 64.77 -58.96
N GLY X 183 -4.28 63.91 -59.30
CA GLY X 183 -5.54 63.86 -58.61
C GLY X 183 -5.80 62.60 -57.81
N THR X 184 -5.80 61.45 -58.50
CA THR X 184 -6.12 60.19 -57.86
C THR X 184 -5.14 59.88 -56.75
N PHE X 185 -5.67 59.36 -55.64
CA PHE X 185 -4.86 58.98 -54.49
C PHE X 185 -4.61 57.48 -54.53
N SER X 186 -3.35 57.08 -54.41
CA SER X 186 -2.95 55.69 -54.41
C SER X 186 -2.45 55.29 -53.02
N VAL X 187 -2.84 54.11 -52.57
CA VAL X 187 -2.45 53.58 -51.26
C VAL X 187 -1.41 52.50 -51.48
N LEU X 188 -0.27 52.64 -50.80
CA LEU X 188 0.82 51.69 -50.90
C LEU X 188 1.05 51.07 -49.52
N TYR X 189 0.87 49.76 -49.43
CA TYR X 189 1.08 49.07 -48.17
C TYR X 189 2.43 48.37 -48.18
N PRO X 190 3.09 48.23 -47.03
CA PRO X 190 4.40 47.57 -47.00
C PRO X 190 4.24 46.06 -47.02
N ASP X 191 5.13 45.40 -47.76
CA ASP X 191 5.08 43.96 -47.89
C ASP X 191 5.66 43.27 -46.65
N MET X 205 6.70 55.51 -39.52
CA MET X 205 6.78 54.18 -38.94
C MET X 205 6.84 54.26 -37.41
N LYS X 206 7.06 55.47 -36.90
CA LYS X 206 7.19 55.65 -35.45
C LYS X 206 5.87 55.35 -34.74
N ARG X 207 4.79 55.96 -35.18
CA ARG X 207 3.49 55.68 -34.57
C ARG X 207 3.07 54.25 -34.85
N LYS X 208 2.37 53.66 -33.88
CA LYS X 208 1.96 52.26 -33.95
C LYS X 208 0.49 52.14 -33.60
N TRP X 209 -0.22 51.28 -34.31
CA TRP X 209 -1.64 51.05 -34.08
C TRP X 209 -1.88 49.58 -33.78
N SER X 210 -3.10 49.27 -33.36
CA SER X 210 -3.50 47.90 -33.08
C SER X 210 -5.00 47.78 -33.21
N TYR X 211 -5.47 46.66 -33.77
CA TYR X 211 -6.89 46.45 -33.94
C TYR X 211 -7.57 46.17 -32.61
N VAL X 212 -8.86 46.51 -32.53
CA VAL X 212 -9.70 46.20 -31.39
C VAL X 212 -10.99 45.58 -31.91
N LEU X 213 -11.35 44.42 -31.39
CA LEU X 213 -12.49 43.66 -31.87
C LEU X 213 -13.63 43.73 -30.86
N TYR X 214 -14.84 43.99 -31.36
CA TYR X 214 -16.05 44.00 -30.56
C TYR X 214 -17.02 42.98 -31.12
N ALA X 215 -17.77 42.32 -30.22
CA ALA X 215 -18.74 41.30 -30.60
C ALA X 215 -20.09 41.62 -30.00
N LYS X 216 -21.14 41.52 -30.80
CA LYS X 216 -22.51 41.65 -30.32
C LYS X 216 -23.23 40.32 -30.55
N ILE X 217 -23.72 39.73 -29.46
CA ILE X 217 -24.33 38.40 -29.49
C ILE X 217 -25.75 38.53 -28.94
N VAL X 218 -26.74 38.31 -29.80
CA VAL X 218 -28.13 38.30 -29.39
C VAL X 218 -28.60 36.87 -29.29
N VAL X 219 -29.51 36.62 -28.35
CA VAL X 219 -30.01 35.28 -28.06
C VAL X 219 -31.52 35.32 -28.10
N LEU X 220 -32.12 34.55 -29.00
CA LEU X 220 -33.56 34.44 -29.12
C LEU X 220 -34.02 33.05 -28.69
N SER X 221 -35.23 33.00 -28.13
CA SER X 221 -35.84 31.75 -27.68
C SER X 221 -34.94 31.06 -26.65
N ARG X 222 -34.61 31.80 -25.59
CA ARG X 222 -33.76 31.25 -24.53
C ARG X 222 -34.55 30.22 -23.74
N THR X 223 -34.05 28.99 -23.71
CA THR X 223 -34.70 27.90 -22.97
C THR X 223 -33.89 27.36 -21.80
N GLY X 224 -32.59 27.62 -21.75
CA GLY X 224 -31.76 27.14 -20.68
C GLY X 224 -30.45 27.90 -20.59
N PRO X 225 -29.46 27.34 -19.89
CA PRO X 225 -28.13 27.96 -19.85
C PRO X 225 -27.61 28.19 -21.26
N VAL X 226 -27.15 29.41 -21.51
CA VAL X 226 -26.89 29.89 -22.86
C VAL X 226 -25.44 30.29 -23.09
N PHE X 227 -24.59 30.22 -22.07
CA PHE X 227 -23.18 30.58 -22.27
C PHE X 227 -22.54 29.71 -23.34
N ASP X 228 -22.79 28.40 -23.30
CA ASP X 228 -22.14 27.49 -24.24
C ASP X 228 -22.55 27.79 -25.68
N LEU X 229 -23.81 28.18 -25.89
CA LEU X 229 -24.23 28.57 -27.23
C LEU X 229 -23.54 29.85 -27.69
N CYS X 230 -23.36 30.81 -26.78
CA CYS X 230 -22.69 32.06 -27.15
C CYS X 230 -21.23 31.83 -27.48
N TRP X 231 -20.53 31.04 -26.67
CA TRP X 231 -19.13 30.74 -26.95
C TRP X 231 -18.97 30.02 -28.28
N ASN X 232 -19.74 28.94 -28.48
CA ASN X 232 -19.62 28.18 -29.71
C ASN X 232 -19.99 29.02 -30.93
N SER X 233 -20.99 29.90 -30.79
CA SER X 233 -21.33 30.79 -31.89
C SER X 233 -20.23 31.80 -32.15
N LEU X 234 -19.60 32.30 -31.08
CA LEU X 234 -18.50 33.25 -31.24
C LEU X 234 -17.28 32.61 -31.87
N MET X 235 -17.03 31.33 -31.58
CA MET X 235 -15.89 30.64 -32.17
C MET X 235 -16.03 30.55 -33.69
N TYR X 236 -17.22 30.21 -34.18
CA TYR X 236 -17.44 30.18 -35.62
C TYR X 236 -17.36 31.58 -36.22
N ALA X 237 -17.88 32.59 -35.51
CA ALA X 237 -17.83 33.96 -36.02
C ALA X 237 -16.40 34.47 -36.11
N LEU X 238 -15.58 34.20 -35.08
CA LEU X 238 -14.20 34.68 -35.07
C LEU X 238 -13.41 34.13 -36.24
N GLN X 239 -13.76 32.93 -36.71
CA GLN X 239 -13.02 32.32 -37.82
C GLN X 239 -13.32 33.00 -39.15
N SER X 240 -14.45 33.70 -39.26
CA SER X 240 -14.82 34.41 -40.48
C SER X 240 -14.39 35.87 -40.48
N VAL X 241 -13.68 36.31 -39.45
CA VAL X 241 -13.33 37.72 -39.30
C VAL X 241 -12.24 38.09 -40.29
N LYS X 242 -12.42 39.21 -40.99
CA LYS X 242 -11.41 39.79 -41.86
C LYS X 242 -11.08 41.20 -41.39
N LEU X 243 -9.79 41.47 -41.15
CA LEU X 243 -9.38 42.78 -40.67
C LEU X 243 -9.12 43.71 -41.85
N PRO X 244 -9.76 44.88 -41.90
CA PRO X 244 -9.50 45.81 -43.01
C PRO X 244 -8.12 46.44 -42.89
N ARG X 245 -7.55 46.75 -44.05
CA ARG X 245 -6.25 47.42 -44.08
C ARG X 245 -6.40 48.90 -43.76
N ALA X 246 -5.35 49.48 -43.19
CA ALA X 246 -5.37 50.86 -42.74
C ALA X 246 -4.16 51.60 -43.31
N PHE X 247 -4.29 52.93 -43.37
CA PHE X 247 -3.26 53.77 -43.95
C PHE X 247 -3.38 55.17 -43.38
N ILE X 248 -2.42 56.02 -43.72
CA ILE X 248 -2.39 57.41 -43.30
C ILE X 248 -1.86 58.25 -44.45
N ASP X 249 -2.29 59.50 -44.52
CA ASP X 249 -1.90 60.37 -45.61
C ASP X 249 -0.46 60.86 -45.43
N GLU X 250 0.23 61.04 -46.55
CA GLU X 250 1.59 61.57 -46.52
C GLU X 250 1.63 63.00 -46.02
N ARG X 251 0.49 63.70 -46.00
CA ARG X 251 0.40 65.05 -45.46
C ARG X 251 -0.21 64.95 -44.07
N ALA X 252 0.66 64.92 -43.05
CA ALA X 252 0.21 64.82 -41.67
C ALA X 252 0.94 65.84 -40.80
N SER X 253 2.04 65.42 -40.18
CA SER X 253 2.97 66.30 -39.46
C SER X 253 2.37 66.88 -38.18
N ASP X 254 1.38 66.21 -37.60
CA ASP X 254 0.78 66.54 -36.30
C ASP X 254 0.78 68.03 -35.97
N LEU X 255 -0.14 68.77 -36.56
CA LEU X 255 -0.15 70.23 -36.48
C LEU X 255 -0.81 70.77 -35.22
N ARG X 256 -1.23 69.92 -34.28
CA ARG X 256 -2.00 70.42 -33.15
C ARG X 256 -1.16 71.31 -32.24
N MET X 257 0.11 70.96 -32.04
CA MET X 257 0.96 71.72 -31.15
C MET X 257 1.59 72.95 -31.80
N THR X 258 1.68 72.99 -33.13
CA THR X 258 2.32 74.11 -33.80
C THR X 258 1.49 75.39 -33.68
N ILE X 259 2.17 76.52 -33.52
CA ILE X 259 1.51 77.81 -33.41
C ILE X 259 0.91 78.20 -34.75
N ARG X 260 -0.30 78.77 -34.72
CA ARG X 260 -1.03 79.13 -35.93
C ARG X 260 -1.43 80.60 -35.87
N THR X 261 -1.42 81.25 -37.03
CA THR X 261 -1.90 82.61 -37.15
C THR X 261 -3.42 82.62 -37.17
N ARG X 262 -4.00 83.75 -36.78
CA ARG X 262 -5.45 83.88 -36.72
C ARG X 262 -6.05 84.38 -38.04
N GLY X 263 -6.96 83.60 -38.61
CA GLY X 263 -7.32 82.30 -38.07
C GLY X 263 -7.19 81.21 -39.11
N ARG X 264 -6.53 80.11 -38.76
CA ARG X 264 -6.30 79.02 -39.70
C ARG X 264 -7.58 78.23 -39.97
N TYR X 272 -4.94 63.63 -40.24
CA TYR X 272 -3.71 63.04 -39.72
C TYR X 272 -4.01 61.76 -38.93
N GLU X 273 -5.26 61.32 -38.96
CA GLU X 273 -5.69 60.17 -38.20
C GLU X 273 -5.96 58.99 -39.12
N ILE X 274 -5.70 57.79 -38.60
CA ILE X 274 -5.71 56.59 -39.42
C ILE X 274 -7.12 56.32 -39.97
N ILE X 275 -7.18 55.86 -41.21
CA ILE X 275 -8.43 55.62 -41.92
C ILE X 275 -8.37 54.20 -42.49
N CYS X 276 -9.52 53.52 -42.52
CA CYS X 276 -9.61 52.15 -42.98
C CYS X 276 -9.86 52.09 -44.48
N ASP X 277 -9.40 50.99 -45.09
CA ASP X 277 -9.58 50.77 -46.52
C ASP X 277 -10.97 50.21 -46.80
N GLN X 278 -11.64 50.78 -47.81
CA GLN X 278 -13.00 50.39 -48.15
C GLN X 278 -13.08 49.03 -48.85
N THR X 279 -11.96 48.39 -49.17
CA THR X 279 -12.02 47.14 -49.90
C THR X 279 -11.02 46.11 -49.39
N LYS X 280 -9.73 46.45 -49.42
CA LYS X 280 -8.70 45.48 -49.07
C LYS X 280 -8.84 45.03 -47.63
N SER X 281 -8.57 43.74 -47.39
CA SER X 281 -8.73 43.15 -46.07
C SER X 281 -7.78 41.97 -45.92
N VAL X 282 -7.40 41.71 -44.68
CA VAL X 282 -6.52 40.60 -44.36
C VAL X 282 -7.25 39.68 -43.39
N PRO X 283 -6.88 38.40 -43.33
CA PRO X 283 -7.55 37.48 -42.42
C PRO X 283 -7.04 37.60 -41.00
N LEU X 284 -7.95 37.42 -40.04
CA LEU X 284 -7.59 37.45 -38.63
C LEU X 284 -6.83 36.17 -38.29
N MET X 285 -5.58 36.31 -37.84
CA MET X 285 -4.68 35.18 -37.67
C MET X 285 -4.78 34.66 -36.24
N ILE X 286 -5.88 33.95 -35.97
CA ILE X 286 -6.08 33.30 -34.68
C ILE X 286 -5.35 31.97 -34.68
N ASN X 287 -4.89 31.56 -33.51
CA ASN X 287 -4.29 30.23 -33.33
C ASN X 287 -5.40 29.19 -33.43
N ALA X 288 -5.51 28.55 -34.60
CA ALA X 288 -6.60 27.61 -34.82
C ALA X 288 -6.50 26.40 -33.90
N LYS X 289 -5.29 26.02 -33.51
CA LYS X 289 -5.11 24.87 -32.63
C LYS X 289 -5.69 25.11 -31.24
N ASN X 290 -5.83 26.37 -30.82
CA ASN X 290 -6.32 26.70 -29.50
C ASN X 290 -7.81 26.94 -29.45
N ILE X 291 -8.51 26.87 -30.59
CA ILE X 291 -9.95 27.04 -30.60
C ILE X 291 -10.61 25.86 -29.89
N ALA X 292 -11.49 26.16 -28.95
CA ALA X 292 -12.21 25.15 -28.18
C ALA X 292 -13.70 25.26 -28.44
N PHE X 293 -14.43 24.27 -27.93
CA PHE X 293 -15.89 24.25 -28.05
C PHE X 293 -16.50 23.88 -26.72
N ALA X 294 -17.69 24.42 -26.44
CA ALA X 294 -18.28 24.38 -25.12
C ALA X 294 -19.29 23.25 -24.98
N SER X 295 -19.35 22.71 -23.77
CA SER X 295 -20.35 21.71 -23.39
C SER X 295 -20.56 21.80 -21.89
N ASN X 296 -21.81 21.64 -21.46
CA ASN X 296 -22.17 21.69 -20.04
C ASN X 296 -22.86 20.41 -19.64
N TYR X 297 -22.73 20.04 -18.37
CA TYR X 297 -23.25 18.78 -17.86
C TYR X 297 -23.84 18.99 -16.48
N GLY X 298 -24.69 18.05 -16.07
CA GLY X 298 -25.32 18.10 -14.77
C GLY X 298 -25.40 16.74 -14.10
N ILE X 299 -25.20 16.72 -12.79
CA ILE X 299 -25.25 15.50 -11.99
C ILE X 299 -26.49 15.57 -11.11
N VAL X 300 -27.42 14.65 -11.35
CA VAL X 300 -28.70 14.60 -10.64
C VAL X 300 -28.74 13.36 -9.77
N GLU X 301 -29.29 13.50 -8.57
CA GLU X 301 -29.48 12.38 -7.64
C GLU X 301 -30.93 11.90 -7.71
N LEU X 302 -31.11 10.61 -7.97
CA LEU X 302 -32.44 10.03 -8.10
C LEU X 302 -33.09 9.90 -6.73
N ASP X 303 -34.27 10.49 -6.56
CA ASP X 303 -34.95 10.51 -5.27
C ASP X 303 -35.55 9.16 -4.89
N PRO X 304 -36.55 8.63 -5.62
CA PRO X 304 -37.12 7.38 -5.08
C PRO X 304 -36.22 6.17 -5.33
N LEU X 326 -29.87 6.58 -4.03
CA LEU X 326 -28.45 6.72 -3.71
C LEU X 326 -27.61 6.89 -4.98
N ASN X 327 -28.17 6.46 -6.10
CA ASN X 327 -27.47 6.52 -7.38
C ASN X 327 -27.66 7.90 -8.03
N THR X 328 -26.72 8.25 -8.90
CA THR X 328 -26.75 9.51 -9.62
C THR X 328 -26.55 9.26 -11.11
N VAL X 329 -26.95 10.25 -11.91
CA VAL X 329 -26.82 10.19 -13.36
C VAL X 329 -26.18 11.47 -13.87
N LEU X 330 -25.58 11.39 -15.05
CA LEU X 330 -24.96 12.53 -15.71
C LEU X 330 -25.80 12.96 -16.90
N ILE X 331 -26.14 14.24 -16.94
CA ILE X 331 -26.99 14.82 -17.96
C ILE X 331 -26.13 15.73 -18.84
N ALA X 332 -26.29 15.62 -20.15
CA ALA X 332 -25.48 16.37 -21.09
C ALA X 332 -26.30 17.49 -21.72
N ASP X 333 -25.73 18.70 -21.76
CA ASP X 333 -26.33 19.87 -22.38
C ASP X 333 -27.69 20.18 -21.74
N LEU X 334 -27.67 20.97 -20.67
CA LEU X 334 -28.88 21.23 -19.90
C LEU X 334 -29.78 22.23 -20.63
N ASP X 335 -31.08 21.95 -20.62
CA ASP X 335 -32.06 22.83 -21.23
C ASP X 335 -33.37 22.72 -20.46
N THR X 336 -34.29 23.65 -20.77
CA THR X 336 -35.63 23.74 -20.17
C THR X 336 -35.55 24.16 -18.70
N GLU X 337 -36.64 24.76 -18.21
CA GLU X 337 -36.67 25.27 -16.84
C GLU X 337 -36.46 24.15 -15.82
N ALA X 338 -37.02 22.97 -16.10
CA ALA X 338 -36.95 21.86 -15.13
C ALA X 338 -35.50 21.50 -14.81
N GLU X 339 -34.65 21.41 -15.84
CA GLU X 339 -33.26 21.03 -15.62
C GLU X 339 -32.46 22.18 -15.01
N GLU X 340 -32.63 23.39 -15.55
CA GLU X 340 -31.83 24.52 -15.11
C GLU X 340 -32.13 24.89 -13.65
N THR X 341 -33.40 24.85 -13.26
CA THR X 341 -33.78 25.31 -11.93
C THR X 341 -33.35 24.32 -10.84
N SER X 342 -33.42 23.01 -11.14
CA SER X 342 -33.31 22.00 -10.10
C SER X 342 -31.92 21.35 -10.01
N ILE X 343 -31.11 21.43 -11.05
CA ILE X 343 -29.81 20.78 -11.06
C ILE X 343 -28.77 21.78 -10.56
N HIS X 344 -28.19 21.49 -9.40
CA HIS X 344 -27.25 22.40 -8.75
C HIS X 344 -25.82 21.85 -8.69
N SER X 345 -25.57 20.74 -9.37
CA SER X 345 -24.21 20.23 -9.57
C SER X 345 -23.94 20.25 -11.07
N THR X 346 -23.17 21.23 -11.52
CA THR X 346 -22.96 21.47 -12.93
C THR X 346 -21.47 21.33 -13.27
N ILE X 347 -21.20 20.99 -14.53
CA ILE X 347 -19.83 20.89 -15.05
C ILE X 347 -19.80 21.57 -16.41
N SER X 348 -18.95 22.59 -16.54
CA SER X 348 -18.77 23.31 -17.80
C SER X 348 -17.35 23.08 -18.29
N ILE X 349 -17.21 22.71 -19.56
CA ILE X 349 -15.93 22.36 -20.15
C ILE X 349 -15.76 23.10 -21.47
N LEU X 350 -14.56 23.64 -21.68
CA LEU X 350 -14.12 24.10 -22.99
C LEU X 350 -13.01 23.18 -23.46
N ALA X 351 -13.25 22.45 -24.55
CA ALA X 351 -12.31 21.45 -25.05
C ALA X 351 -11.94 21.78 -26.48
N ALA X 352 -10.65 21.72 -26.78
CA ALA X 352 -10.16 21.96 -28.13
C ALA X 352 -10.03 20.65 -28.88
N PRO X 353 -10.51 20.56 -30.12
CA PRO X 353 -10.35 19.32 -30.88
C PRO X 353 -8.88 18.97 -31.05
N SER X 354 -8.57 17.68 -30.88
CA SER X 354 -7.23 17.13 -31.04
C SER X 354 -6.28 17.61 -29.93
N GLY X 355 -6.49 18.81 -29.41
CA GLY X 355 -5.67 19.36 -28.36
C GLY X 355 -6.17 19.06 -26.96
N ASN X 356 -5.87 19.98 -26.04
CA ASN X 356 -6.12 19.86 -24.62
C ASN X 356 -7.37 20.63 -24.22
N TYR X 357 -7.76 20.49 -22.95
CA TYR X 357 -8.90 21.23 -22.43
C TYR X 357 -8.48 22.64 -22.06
N LYS X 358 -9.34 23.61 -22.37
CA LYS X 358 -9.04 25.01 -22.13
C LYS X 358 -9.74 25.60 -20.91
N GLN X 359 -10.80 24.96 -20.43
CA GLN X 359 -11.52 25.49 -19.28
C GLN X 359 -12.34 24.37 -18.66
N LEU X 360 -12.39 24.36 -17.32
CA LEU X 360 -13.18 23.39 -16.58
C LEU X 360 -13.78 24.10 -15.36
N THR X 361 -15.10 24.01 -15.23
CA THR X 361 -15.82 24.64 -14.13
C THR X 361 -16.64 23.58 -13.39
N LEU X 362 -16.30 23.34 -12.13
CA LEU X 362 -17.02 22.41 -11.28
C LEU X 362 -17.73 23.20 -10.19
N MET X 363 -19.01 22.91 -9.98
CA MET X 363 -19.81 23.55 -8.94
C MET X 363 -20.61 22.46 -8.22
N GLY X 364 -20.23 22.16 -7.00
CA GLY X 364 -20.85 21.07 -6.27
C GLY X 364 -21.93 21.49 -5.30
N GLY X 365 -22.93 22.21 -5.80
CA GLY X 365 -24.05 22.58 -4.95
C GLY X 365 -24.98 21.42 -4.66
N GLY X 366 -25.17 20.54 -5.64
CA GLY X 366 -26.05 19.39 -5.46
C GLY X 366 -25.33 18.11 -5.08
N ALA X 367 -25.49 17.07 -5.90
CA ALA X 367 -24.89 15.78 -5.61
C ALA X 367 -23.36 15.87 -5.59
N LYS X 368 -22.75 14.90 -4.91
CA LYS X 368 -21.30 14.85 -4.83
C LYS X 368 -20.70 14.62 -6.22
N ILE X 369 -19.80 15.50 -6.62
CA ILE X 369 -19.13 15.39 -7.91
C ILE X 369 -18.02 14.37 -7.74
N THR X 370 -18.27 13.14 -8.18
CA THR X 370 -17.31 12.05 -8.05
C THR X 370 -16.31 12.10 -9.21
N PRO X 371 -15.12 11.53 -9.02
CA PRO X 371 -14.15 11.52 -10.12
C PRO X 371 -14.66 10.82 -11.37
N GLU X 372 -15.62 9.90 -11.22
CA GLU X 372 -16.19 9.22 -12.38
C GLU X 372 -17.06 10.17 -13.20
N MET X 373 -17.78 11.07 -12.52
CA MET X 373 -18.57 12.08 -13.24
C MET X 373 -17.66 13.04 -13.98
N ILE X 374 -16.56 13.48 -13.35
CA ILE X 374 -15.61 14.36 -14.01
C ILE X 374 -15.04 13.70 -15.26
N LYS X 375 -14.53 12.47 -15.10
CA LYS X 375 -13.93 11.75 -16.22
C LYS X 375 -14.92 11.52 -17.36
N ARG X 376 -16.20 11.34 -17.04
CA ARG X 376 -17.19 11.12 -18.09
C ARG X 376 -17.50 12.42 -18.82
N SER X 377 -17.56 13.54 -18.10
CA SER X 377 -17.78 14.83 -18.74
C SER X 377 -16.61 15.20 -19.65
N LEU X 378 -15.38 14.95 -19.19
CA LEU X 378 -14.21 15.18 -20.03
C LEU X 378 -14.26 14.32 -21.29
N LEU X 379 -14.76 13.09 -21.17
CA LEU X 379 -14.83 12.20 -22.31
C LEU X 379 -15.87 12.68 -23.33
N LEU X 380 -17.03 13.12 -22.84
CA LEU X 380 -18.07 13.60 -23.74
C LEU X 380 -17.72 14.95 -24.35
N SER X 381 -16.97 15.79 -23.62
CA SER X 381 -16.60 17.10 -24.16
C SER X 381 -15.64 16.96 -25.33
N ARG X 382 -14.78 15.94 -25.32
CA ARG X 382 -13.88 15.72 -26.44
C ARG X 382 -14.65 15.36 -27.70
N VAL X 383 -15.60 14.42 -27.59
CA VAL X 383 -16.38 14.03 -28.76
C VAL X 383 -17.32 15.14 -29.19
N ARG X 384 -17.71 16.03 -28.27
CA ARG X 384 -18.51 17.17 -28.67
C ARG X 384 -17.67 18.19 -29.43
N ALA X 385 -16.46 18.45 -28.95
CA ALA X 385 -15.57 19.37 -29.66
C ALA X 385 -15.17 18.82 -31.01
N ASP X 386 -14.84 17.53 -31.08
CA ASP X 386 -14.50 16.90 -32.35
C ASP X 386 -15.67 17.01 -33.34
N ASP X 387 -16.90 16.88 -32.84
CA ASP X 387 -18.06 16.94 -33.72
C ASP X 387 -18.28 18.35 -34.26
N LEU X 388 -18.11 19.37 -33.41
CA LEU X 388 -18.50 20.72 -33.80
C LEU X 388 -17.54 21.30 -34.84
N SER X 389 -16.24 21.04 -34.69
CA SER X 389 -15.28 21.58 -35.65
C SER X 389 -15.36 20.86 -36.99
N THR X 390 -15.57 19.55 -36.97
CA THR X 390 -15.58 18.77 -38.21
C THR X 390 -16.89 18.94 -38.98
N ARG X 391 -18.03 18.97 -38.27
CA ARG X 391 -19.33 18.96 -38.93
C ARG X 391 -19.52 20.09 -39.92
N PHE X 392 -18.85 21.22 -39.70
CA PHE X 392 -19.03 22.41 -40.52
C PHE X 392 -17.66 22.80 -41.09
N ASN X 393 -17.41 22.39 -42.34
CA ASN X 393 -16.15 22.65 -43.03
C ASN X 393 -15.79 24.13 -43.00
N ILE X 394 -16.24 24.88 -44.01
CA ILE X 394 -16.04 26.33 -44.07
C ILE X 394 -14.56 26.71 -43.90
N MET Y 4 3.42 27.82 1.87
CA MET Y 4 2.00 28.12 2.09
C MET Y 4 1.76 28.48 3.56
N SER Y 5 1.37 29.73 3.80
CA SER Y 5 1.21 30.24 5.16
C SER Y 5 0.26 31.42 5.10
N VAL Y 6 -0.84 31.35 5.86
CA VAL Y 6 -1.88 32.37 5.82
C VAL Y 6 -2.09 32.98 7.19
N GLN Y 7 -2.48 34.26 7.20
CA GLN Y 7 -2.83 35.01 8.40
C GLN Y 7 -4.19 35.63 8.20
N ALA Y 8 -4.99 35.68 9.26
CA ALA Y 8 -6.36 36.16 9.15
C ALA Y 8 -6.84 36.73 10.49
N GLU Y 9 -7.86 37.58 10.42
CA GLU Y 9 -8.48 38.17 11.59
C GLU Y 9 -9.99 38.03 11.50
N ILE Y 10 -10.65 38.26 12.64
CA ILE Y 10 -12.09 38.05 12.79
C ILE Y 10 -12.66 39.17 13.66
N GLY Y 11 -13.83 39.67 13.27
CA GLY Y 11 -14.52 40.68 14.06
C GLY Y 11 -13.79 42.01 14.12
N ILE Y 12 -13.53 42.60 12.97
CA ILE Y 12 -12.75 43.83 12.90
C ILE Y 12 -13.61 45.04 12.63
N LEU Y 13 -14.78 44.88 12.02
CA LEU Y 13 -15.69 45.97 11.76
C LEU Y 13 -16.79 45.99 12.82
N ASP Y 14 -17.24 47.20 13.17
CA ASP Y 14 -18.16 47.38 14.29
C ASP Y 14 -19.61 47.51 13.86
N HIS Y 15 -19.88 47.87 12.61
CA HIS Y 15 -21.24 48.13 12.15
C HIS Y 15 -21.75 47.06 11.20
N VAL Y 16 -21.23 45.83 11.34
CA VAL Y 16 -21.74 44.66 10.64
C VAL Y 16 -21.76 43.51 11.63
N ASP Y 17 -22.59 42.51 11.32
CA ASP Y 17 -22.73 41.37 12.23
C ASP Y 17 -21.50 40.48 12.23
N GLY Y 18 -20.76 40.44 11.14
CA GLY Y 18 -19.56 39.64 11.05
C GLY Y 18 -18.58 40.25 10.09
N SER Y 19 -17.29 40.12 10.40
CA SER Y 19 -16.26 40.71 9.58
C SER Y 19 -15.01 39.84 9.66
N SER Y 20 -14.19 39.92 8.60
CA SER Y 20 -12.97 39.13 8.55
C SER Y 20 -11.98 39.81 7.60
N GLU Y 21 -10.70 39.58 7.86
CA GLU Y 21 -9.62 40.01 7.00
C GLU Y 21 -8.73 38.81 6.72
N PHE Y 22 -8.44 38.56 5.45
CA PHE Y 22 -7.72 37.36 5.03
C PHE Y 22 -6.56 37.79 4.15
N VAL Y 23 -5.37 37.28 4.46
CA VAL Y 23 -4.14 37.64 3.75
C VAL Y 23 -3.46 36.35 3.30
N SER Y 24 -3.44 36.13 1.99
CA SER Y 24 -2.68 35.04 1.39
C SER Y 24 -1.55 35.66 0.58
N GLN Y 25 -0.32 35.48 1.07
CA GLN Y 25 0.85 36.11 0.46
C GLN Y 25 0.67 37.62 0.37
N ASP Y 26 0.46 38.13 -0.85
CA ASP Y 26 0.22 39.54 -1.06
C ASP Y 26 -1.25 39.88 -1.28
N THR Y 27 -2.10 38.89 -1.50
CA THR Y 27 -3.53 39.13 -1.64
C THR Y 27 -4.13 39.43 -0.28
N LYS Y 28 -5.03 40.43 -0.24
CA LYS Y 28 -5.63 40.86 1.01
C LYS Y 28 -7.06 41.28 0.74
N VAL Y 29 -8.01 40.64 1.41
CA VAL Y 29 -9.43 40.93 1.28
C VAL Y 29 -10.05 41.11 2.66
N ILE Y 30 -10.87 42.14 2.81
CA ILE Y 30 -11.70 42.34 3.99
C ILE Y 30 -13.14 42.06 3.60
N CYS Y 31 -13.88 41.41 4.50
CA CYS Y 31 -15.22 40.94 4.18
C CYS Y 31 -16.18 41.28 5.31
N SER Y 32 -17.38 41.71 4.94
CA SER Y 32 -18.44 42.05 5.89
C SER Y 32 -19.64 41.14 5.63
N VAL Y 33 -20.32 40.77 6.71
CA VAL Y 33 -21.53 39.96 6.64
C VAL Y 33 -22.57 40.55 7.57
N THR Y 34 -23.79 40.75 7.06
CA THR Y 34 -24.89 41.28 7.85
C THR Y 34 -26.12 40.43 7.58
N GLY Y 35 -26.55 39.66 8.57
CA GLY Y 35 -27.70 38.79 8.44
C GLY Y 35 -27.97 37.94 9.67
N PRO Y 36 -29.22 37.47 9.82
CA PRO Y 36 -30.33 37.70 8.90
C PRO Y 36 -31.05 39.03 9.12
N ILE Y 37 -31.31 39.76 8.03
CA ILE Y 37 -31.99 41.04 8.08
C ILE Y 37 -33.15 41.03 7.10
N GLU Y 38 -34.03 42.02 7.26
CA GLU Y 38 -35.21 42.16 6.40
C GLU Y 38 -34.80 42.41 4.96
N PRO Y 39 -35.22 41.57 4.01
CA PRO Y 39 -34.84 41.77 2.61
C PRO Y 39 -35.75 42.76 1.91
N LYS Y 40 -35.28 43.20 0.74
CA LYS Y 40 -36.12 43.97 -0.17
C LYS Y 40 -37.21 43.08 -0.75
N ALA Y 41 -38.23 43.71 -1.35
CA ALA Y 41 -39.29 42.96 -1.99
C ALA Y 41 -38.76 42.14 -3.16
N ARG Y 42 -37.86 42.72 -3.96
CA ARG Y 42 -37.31 42.01 -5.10
C ARG Y 42 -36.44 40.83 -4.68
N GLN Y 43 -35.79 40.91 -3.52
CA GLN Y 43 -34.85 39.89 -3.09
C GLN Y 43 -35.52 38.76 -2.30
N GLU Y 44 -36.75 38.97 -1.84
CA GLU Y 44 -37.37 38.07 -0.89
C GLU Y 44 -37.51 36.65 -1.44
N LEU Y 45 -37.16 35.67 -0.62
CA LEU Y 45 -37.36 34.26 -0.94
C LEU Y 45 -38.23 33.64 0.15
N PRO Y 46 -39.39 33.06 -0.20
CA PRO Y 46 -40.28 32.54 0.85
C PRO Y 46 -39.69 31.38 1.63
N THR Y 47 -39.06 30.43 0.95
CA THR Y 47 -38.67 29.19 1.60
C THR Y 47 -37.36 29.31 2.38
N GLN Y 48 -36.40 30.07 1.86
CA GLN Y 48 -35.04 30.03 2.39
C GLN Y 48 -34.48 31.44 2.41
N LEU Y 49 -33.18 31.53 2.73
CA LEU Y 49 -32.49 32.80 2.83
C LEU Y 49 -32.01 33.28 1.47
N ALA Y 50 -32.08 34.59 1.26
CA ALA Y 50 -31.55 35.22 0.07
C ALA Y 50 -30.19 35.84 0.36
N LEU Y 51 -29.31 35.83 -0.65
CA LEU Y 51 -27.95 36.31 -0.50
C LEU Y 51 -27.71 37.49 -1.42
N GLU Y 52 -27.19 38.58 -0.87
CA GLU Y 52 -26.74 39.74 -1.63
C GLU Y 52 -25.22 39.75 -1.52
N ILE Y 53 -24.54 39.32 -2.58
CA ILE Y 53 -23.09 39.17 -2.59
C ILE Y 53 -22.51 40.27 -3.45
N ILE Y 54 -21.58 41.04 -2.88
CA ILE Y 54 -20.97 42.19 -3.55
C ILE Y 54 -19.46 42.06 -3.42
N VAL Y 55 -18.75 42.25 -4.53
CA VAL Y 55 -17.28 42.21 -4.55
C VAL Y 55 -16.77 43.50 -5.18
N ARG Y 56 -15.88 44.19 -4.46
CA ARG Y 56 -15.29 45.45 -4.91
C ARG Y 56 -13.82 45.26 -5.27
N PRO Y 57 -13.38 45.85 -6.37
CA PRO Y 57 -11.98 45.70 -6.79
C PRO Y 57 -11.04 46.54 -5.94
N ALA Y 58 -9.75 46.19 -6.03
CA ALA Y 58 -8.73 46.93 -5.28
C ALA Y 58 -8.51 48.32 -5.85
N LYS Y 59 -8.71 48.49 -7.16
CA LYS Y 59 -8.56 49.77 -7.82
C LYS Y 59 -9.74 50.02 -8.75
N GLY Y 60 -10.03 51.29 -8.99
CA GLY Y 60 -11.12 51.64 -9.88
C GLY Y 60 -12.48 51.27 -9.32
N VAL Y 61 -13.49 51.43 -10.18
CA VAL Y 61 -14.86 51.12 -9.83
C VAL Y 61 -15.16 49.67 -10.19
N ALA Y 62 -16.33 49.19 -9.79
CA ALA Y 62 -16.71 47.81 -10.07
C ALA Y 62 -17.08 47.65 -11.54
N THR Y 63 -16.52 46.63 -12.17
CA THR Y 63 -16.81 46.26 -13.55
C THR Y 63 -17.42 44.87 -13.58
N THR Y 64 -17.70 44.38 -14.80
CA THR Y 64 -18.24 43.04 -14.95
C THR Y 64 -17.27 41.98 -14.47
N ARG Y 65 -15.97 42.28 -14.43
CA ARG Y 65 -14.99 41.36 -13.86
C ARG Y 65 -15.35 40.98 -12.43
N GLU Y 66 -15.81 41.96 -11.64
CA GLU Y 66 -16.23 41.67 -10.28
C GLU Y 66 -17.61 41.01 -10.25
N LYS Y 67 -18.43 41.27 -11.27
CA LYS Y 67 -19.73 40.60 -11.36
C LYS Y 67 -19.56 39.09 -11.50
N VAL Y 68 -18.51 38.66 -12.19
CA VAL Y 68 -18.24 37.22 -12.32
C VAL Y 68 -17.69 36.67 -11.01
N LEU Y 69 -16.81 37.42 -10.34
CA LEU Y 69 -16.33 36.99 -9.04
C LEU Y 69 -17.47 36.87 -8.04
N GLU Y 70 -18.46 37.76 -8.14
CA GLU Y 70 -19.66 37.64 -7.31
C GLU Y 70 -20.43 36.37 -7.65
N ASP Y 71 -20.50 36.02 -8.94
CA ASP Y 71 -21.22 34.82 -9.34
C ASP Y 71 -20.51 33.56 -8.83
N LYS Y 72 -19.19 33.50 -9.00
CA LYS Y 72 -18.43 32.36 -8.51
C LYS Y 72 -18.47 32.29 -6.99
N LEU Y 73 -18.41 33.44 -6.32
CA LEU Y 73 -18.48 33.45 -4.86
C LEU Y 73 -19.84 32.95 -4.38
N ARG Y 74 -20.92 33.31 -5.07
CA ARG Y 74 -22.23 32.79 -4.71
C ARG Y 74 -22.28 31.28 -4.86
N ALA Y 75 -21.62 30.74 -5.88
CA ALA Y 75 -21.64 29.29 -6.09
C ALA Y 75 -20.99 28.54 -4.94
N VAL Y 76 -20.02 29.16 -4.26
CA VAL Y 76 -19.37 28.51 -3.14
C VAL Y 76 -20.18 28.71 -1.86
N LEU Y 77 -20.70 29.92 -1.65
CA LEU Y 77 -21.32 30.26 -0.37
C LEU Y 77 -22.73 29.67 -0.24
N THR Y 78 -23.49 29.65 -1.33
CA THR Y 78 -24.89 29.21 -1.26
C THR Y 78 -25.06 27.81 -0.67
N PRO Y 79 -24.31 26.77 -1.09
CA PRO Y 79 -24.47 25.47 -0.44
C PRO Y 79 -23.84 25.37 0.93
N LEU Y 80 -23.09 26.39 1.36
CA LEU Y 80 -22.47 26.38 2.69
C LEU Y 80 -23.38 26.89 3.78
N ILE Y 81 -24.37 27.71 3.45
CA ILE Y 81 -25.28 28.32 4.42
C ILE Y 81 -26.53 27.47 4.54
N THR Y 82 -26.98 27.24 5.76
CA THR Y 82 -28.23 26.51 6.02
C THR Y 82 -29.40 27.44 5.73
N ARG Y 83 -29.63 27.63 4.42
CA ARG Y 83 -30.49 28.70 3.92
C ARG Y 83 -31.91 28.59 4.45
N HIS Y 84 -32.42 27.38 4.67
CA HIS Y 84 -33.80 27.20 5.10
C HIS Y 84 -34.02 27.57 6.56
N CYS Y 85 -32.96 27.83 7.33
CA CYS Y 85 -33.13 28.28 8.70
C CYS Y 85 -33.62 29.72 8.80
N TYR Y 86 -33.37 30.53 7.76
CA TYR Y 86 -33.75 31.94 7.75
C TYR Y 86 -34.67 32.20 6.56
N PRO Y 87 -35.91 31.69 6.61
CA PRO Y 87 -36.83 31.95 5.50
C PRO Y 87 -37.24 33.41 5.48
N ARG Y 88 -37.30 33.96 4.26
CA ARG Y 88 -37.75 35.34 4.05
C ARG Y 88 -36.78 36.34 4.68
N GLN Y 89 -35.48 36.08 4.55
CA GLN Y 89 -34.47 36.94 5.13
C GLN Y 89 -33.38 37.20 4.10
N LEU Y 90 -32.45 38.10 4.45
CA LEU Y 90 -31.39 38.53 3.56
C LEU Y 90 -30.05 38.45 4.30
N CYS Y 91 -28.99 38.21 3.54
CA CYS Y 91 -27.63 38.19 4.07
C CYS Y 91 -26.74 38.98 3.11
N GLN Y 92 -26.04 39.98 3.65
CA GLN Y 92 -25.18 40.86 2.85
C GLN Y 92 -23.74 40.41 3.03
N ILE Y 93 -23.22 39.66 2.07
CA ILE Y 93 -21.81 39.27 2.04
C ILE Y 93 -21.10 40.24 1.09
N THR Y 94 -20.28 41.12 1.64
CA THR Y 94 -19.58 42.13 0.87
C THR Y 94 -18.08 41.94 1.02
N CYS Y 95 -17.39 41.79 -0.10
CA CYS Y 95 -15.94 41.60 -0.12
C CYS Y 95 -15.28 42.82 -0.74
N GLN Y 96 -14.34 43.42 -0.03
CA GLN Y 96 -13.54 44.54 -0.52
C GLN Y 96 -12.10 44.07 -0.68
N ILE Y 97 -11.67 43.91 -1.93
CA ILE Y 97 -10.29 43.53 -2.20
C ILE Y 97 -9.40 44.74 -1.94
N LEU Y 98 -8.41 44.58 -1.08
CA LEU Y 98 -7.52 45.68 -0.71
C LEU Y 98 -6.24 45.67 -1.54
N GLU Y 99 -5.56 44.54 -1.61
CA GLU Y 99 -4.41 44.36 -2.49
C GLU Y 99 -4.62 43.04 -3.24
N SER Y 100 -4.55 43.10 -4.57
CA SER Y 100 -4.94 41.95 -5.38
C SER Y 100 -3.94 40.80 -5.26
N GLY Y 101 -2.66 41.11 -5.09
CA GLY Y 101 -1.65 40.06 -5.06
C GLY Y 101 -1.41 39.40 -6.40
N GLU Y 102 -1.90 39.99 -7.49
CA GLU Y 102 -1.73 39.45 -8.82
C GLU Y 102 -1.96 40.57 -9.82
N ASP Y 103 -1.48 40.37 -11.04
CA ASP Y 103 -1.67 41.33 -12.12
C ASP Y 103 -3.13 41.28 -12.53
N GLU Y 104 -3.91 42.26 -12.06
CA GLU Y 104 -5.36 42.28 -12.30
C GLU Y 104 -5.71 42.24 -13.78
N ALA Y 105 -4.81 42.69 -14.65
CA ALA Y 105 -5.10 42.67 -16.08
C ALA Y 105 -5.33 41.25 -16.59
N GLU Y 106 -4.56 40.30 -16.10
CA GLU Y 106 -4.63 38.93 -16.59
C GLU Y 106 -5.24 37.92 -15.62
N PHE Y 107 -5.13 38.14 -14.31
CA PHE Y 107 -5.48 37.11 -13.34
C PHE Y 107 -6.45 37.65 -12.29
N SER Y 108 -7.25 36.72 -11.76
CA SER Y 108 -8.17 37.04 -10.66
C SER Y 108 -8.31 35.87 -9.70
N LEU Y 109 -7.55 34.78 -9.87
CA LEU Y 109 -7.77 33.58 -9.08
C LEU Y 109 -7.34 33.77 -7.62
N ARG Y 110 -6.29 34.55 -7.38
CA ARG Y 110 -5.88 34.82 -6.01
C ARG Y 110 -6.96 35.60 -5.27
N GLU Y 111 -7.61 36.54 -5.95
CA GLU Y 111 -8.68 37.32 -5.32
C GLU Y 111 -9.91 36.46 -5.06
N LEU Y 112 -10.28 35.61 -6.03
CA LEU Y 112 -11.44 34.73 -5.84
C LEU Y 112 -11.20 33.78 -4.67
N SER Y 113 -10.05 33.10 -4.66
CA SER Y 113 -9.73 32.19 -3.57
C SER Y 113 -9.66 32.91 -2.23
N CYS Y 114 -9.21 34.17 -2.23
CA CYS Y 114 -9.13 34.93 -0.99
C CYS Y 114 -10.51 35.40 -0.55
N CYS Y 115 -11.37 35.80 -1.48
CA CYS Y 115 -12.72 36.21 -1.14
C CYS Y 115 -13.51 35.06 -0.55
N ILE Y 116 -13.31 33.84 -1.06
CA ILE Y 116 -14.00 32.67 -0.55
C ILE Y 116 -13.64 32.43 0.91
N ASN Y 117 -12.35 32.48 1.22
CA ASN Y 117 -11.90 32.26 2.60
C ASN Y 117 -12.39 33.36 3.52
N ALA Y 118 -12.29 34.62 3.08
CA ALA Y 118 -12.77 35.73 3.90
C ALA Y 118 -14.27 35.66 4.12
N ALA Y 119 -15.03 35.33 3.07
CA ALA Y 119 -16.47 35.21 3.20
C ALA Y 119 -16.84 34.10 4.19
N PHE Y 120 -16.15 32.96 4.11
CA PHE Y 120 -16.40 31.88 5.07
C PHE Y 120 -16.12 32.33 6.49
N LEU Y 121 -14.96 32.97 6.70
CA LEU Y 121 -14.60 33.43 8.04
C LEU Y 121 -15.61 34.46 8.56
N ALA Y 122 -16.03 35.38 7.70
CA ALA Y 122 -16.99 36.39 8.13
C ALA Y 122 -18.35 35.77 8.43
N LEU Y 123 -18.74 34.72 7.70
CA LEU Y 123 -19.99 34.03 8.01
C LEU Y 123 -19.90 33.28 9.33
N VAL Y 124 -18.73 32.76 9.66
CA VAL Y 124 -18.54 32.14 10.98
C VAL Y 124 -18.63 33.20 12.08
N ASP Y 125 -17.98 34.35 11.87
CA ASP Y 125 -18.01 35.42 12.86
C ASP Y 125 -19.42 35.98 13.04
N ALA Y 126 -20.24 35.95 11.99
CA ALA Y 126 -21.59 36.46 12.09
C ALA Y 126 -22.54 35.48 12.78
N GLY Y 127 -22.11 34.25 13.03
CA GLY Y 127 -22.96 33.28 13.69
C GLY Y 127 -24.09 32.76 12.83
N ILE Y 128 -23.91 32.75 11.51
CA ILE Y 128 -24.91 32.26 10.58
C ILE Y 128 -24.77 30.75 10.45
N ALA Y 129 -25.90 30.05 10.40
CA ALA Y 129 -25.89 28.59 10.32
C ALA Y 129 -25.18 28.13 9.06
N LEU Y 130 -24.17 27.29 9.23
CA LEU Y 130 -23.37 26.75 8.14
C LEU Y 130 -23.45 25.23 8.19
N ASN Y 131 -23.71 24.61 7.03
CA ASN Y 131 -23.81 23.16 6.99
C ASN Y 131 -22.46 22.51 7.27
N SER Y 132 -21.38 23.12 6.79
CA SER Y 132 -20.05 22.53 6.87
C SER Y 132 -19.01 23.65 6.81
N MET Y 133 -17.75 23.26 6.61
CA MET Y 133 -16.65 24.20 6.52
C MET Y 133 -16.16 24.29 5.08
N CYS Y 134 -15.18 25.16 4.84
CA CYS Y 134 -14.73 25.44 3.49
C CYS Y 134 -13.35 26.11 3.54
N ALA Y 135 -12.51 25.77 2.57
CA ALA Y 135 -11.25 26.46 2.35
C ALA Y 135 -10.94 26.43 0.86
N SER Y 136 -10.33 27.51 0.37
CA SER Y 136 -10.03 27.65 -1.03
C SER Y 136 -8.55 27.96 -1.21
N ILE Y 137 -7.94 27.38 -2.25
CA ILE Y 137 -6.54 27.62 -2.56
C ILE Y 137 -6.41 27.92 -4.04
N PRO Y 138 -5.52 28.84 -4.44
CA PRO Y 138 -5.20 29.00 -5.86
C PRO Y 138 -4.03 28.13 -6.26
N ILE Y 139 -4.12 27.56 -7.46
CA ILE Y 139 -3.07 26.69 -7.98
C ILE Y 139 -2.76 27.09 -9.41
N ALA Y 140 -1.49 26.93 -9.79
CA ALA Y 140 -1.03 27.27 -11.13
C ALA Y 140 -0.01 26.23 -11.60
N ILE Y 141 -0.01 25.97 -12.89
CA ILE Y 141 0.97 25.08 -13.52
C ILE Y 141 1.94 25.95 -14.31
N ILE Y 142 3.21 25.92 -13.93
CA ILE Y 142 4.20 26.83 -14.48
C ILE Y 142 4.68 26.33 -15.83
N LYS Y 143 5.06 27.28 -16.70
CA LYS Y 143 5.38 27.05 -18.10
C LYS Y 143 6.30 25.86 -18.36
N ASP Y 144 7.62 26.10 -18.39
CA ASP Y 144 8.56 25.08 -18.85
C ASP Y 144 8.78 23.99 -17.81
N THR Y 145 8.69 24.31 -16.52
CA THR Y 145 8.89 23.29 -15.50
C THR Y 145 7.71 22.34 -15.41
N SER Y 146 6.52 22.76 -15.84
CA SER Y 146 5.29 21.96 -15.78
C SER Y 146 5.01 21.47 -14.37
N ASP Y 147 5.46 22.20 -13.36
CA ASP Y 147 5.19 21.87 -11.97
C ASP Y 147 3.87 22.49 -11.53
N ILE Y 148 3.23 21.83 -10.57
CA ILE Y 148 1.96 22.28 -10.02
C ILE Y 148 2.28 23.02 -8.72
N ILE Y 149 2.23 24.36 -8.78
CA ILE Y 149 2.59 25.20 -7.64
C ILE Y 149 1.31 25.59 -6.92
N VAL Y 150 1.18 25.13 -5.67
CA VAL Y 150 0.07 25.52 -4.83
C VAL Y 150 0.37 26.87 -4.19
N ASP Y 151 -0.65 27.72 -4.11
CA ASP Y 151 -0.53 29.09 -3.60
C ASP Y 151 0.57 29.81 -4.36
N PRO Y 152 0.39 30.08 -5.65
CA PRO Y 152 1.47 30.65 -6.45
C PRO Y 152 1.64 32.14 -6.22
N THR Y 153 2.88 32.60 -6.39
CA THR Y 153 3.18 34.02 -6.26
C THR Y 153 2.71 34.78 -7.49
N ALA Y 154 2.71 36.11 -7.38
CA ALA Y 154 2.32 36.94 -8.51
C ALA Y 154 3.30 36.80 -9.67
N GLU Y 155 4.58 36.57 -9.37
CA GLU Y 155 5.56 36.38 -10.42
C GLU Y 155 5.40 35.01 -11.08
N GLN Y 156 5.05 33.99 -10.29
CA GLN Y 156 4.86 32.65 -10.86
C GLN Y 156 3.68 32.63 -11.82
N LEU Y 157 2.62 33.38 -11.51
CA LEU Y 157 1.45 33.41 -12.38
C LEU Y 157 1.80 33.96 -13.76
N LYS Y 158 2.76 34.89 -13.84
CA LYS Y 158 3.13 35.47 -15.12
C LYS Y 158 3.64 34.41 -16.10
N ILE Y 159 4.22 33.32 -15.60
CA ILE Y 159 4.74 32.26 -16.45
C ILE Y 159 3.96 30.98 -16.20
N SER Y 160 2.67 31.11 -15.90
CA SER Y 160 1.79 29.97 -15.69
C SER Y 160 1.05 29.63 -16.98
N LEU Y 161 1.01 28.34 -17.31
CA LEU Y 161 0.27 27.88 -18.48
C LEU Y 161 -1.18 27.53 -18.16
N SER Y 162 -1.52 27.39 -16.89
CA SER Y 162 -2.90 27.17 -16.47
C SER Y 162 -3.05 27.58 -15.02
N VAL Y 163 -4.20 28.16 -14.68
CA VAL Y 163 -4.46 28.67 -13.35
C VAL Y 163 -5.77 28.08 -12.85
N HIS Y 164 -5.81 27.68 -11.59
CA HIS Y 164 -6.94 26.95 -11.04
C HIS Y 164 -7.28 27.48 -9.66
N THR Y 165 -8.59 27.58 -9.38
CA THR Y 165 -9.11 27.90 -8.06
C THR Y 165 -9.90 26.70 -7.56
N LEU Y 166 -9.50 26.18 -6.41
CA LEU Y 166 -10.14 25.01 -5.81
C LEU Y 166 -10.71 25.37 -4.44
N ALA Y 167 -11.98 25.10 -4.24
CA ALA Y 167 -12.66 25.32 -2.96
C ALA Y 167 -13.43 24.07 -2.61
N LEU Y 168 -13.08 23.45 -1.49
CA LEU Y 168 -13.63 22.16 -1.09
C LEU Y 168 -14.49 22.28 0.16
N GLU Y 169 -15.52 21.43 0.23
CA GLU Y 169 -16.40 21.37 1.38
C GLU Y 169 -15.87 20.31 2.35
N PHE Y 170 -15.60 20.72 3.59
CA PHE Y 170 -15.00 19.86 4.59
C PHE Y 170 -15.96 19.56 5.73
N VAL Y 171 -15.93 18.32 6.22
CA VAL Y 171 -16.75 17.87 7.34
C VAL Y 171 -15.90 16.98 8.23
N ASN Y 172 -16.42 16.69 9.43
CA ASN Y 172 -15.79 15.81 10.40
C ASN Y 172 -14.36 16.26 10.72
N GLY Y 173 -14.28 17.37 11.44
CA GLY Y 173 -12.98 17.89 11.88
C GLY Y 173 -12.05 18.27 10.77
N GLY Y 174 -12.58 18.58 9.58
CA GLY Y 174 -11.72 18.95 8.47
C GLY Y 174 -10.92 17.80 7.90
N LYS Y 175 -11.43 16.58 8.00
CA LYS Y 175 -10.75 15.40 7.46
C LYS Y 175 -11.50 14.76 6.30
N VAL Y 176 -12.79 15.00 6.17
CA VAL Y 176 -13.60 14.44 5.10
C VAL Y 176 -13.95 15.56 4.12
N VAL Y 177 -13.87 15.25 2.83
CA VAL Y 177 -14.17 16.20 1.77
C VAL Y 177 -15.60 15.88 1.30
N LYS Y 178 -16.56 16.68 1.78
CA LYS Y 178 -17.96 16.40 1.48
C LYS Y 178 -18.29 16.61 0.01
N ASN Y 179 -17.61 17.56 -0.65
CA ASN Y 179 -17.89 17.90 -2.03
C ASN Y 179 -16.83 18.89 -2.51
N VAL Y 180 -16.79 19.08 -3.82
CA VAL Y 180 -15.97 20.12 -4.44
C VAL Y 180 -16.88 21.32 -4.71
N LEU Y 181 -16.72 22.38 -3.91
CA LEU Y 181 -17.61 23.53 -4.01
C LEU Y 181 -17.40 24.28 -5.30
N LEU Y 182 -16.14 24.51 -5.69
CA LEU Y 182 -15.85 25.17 -6.95
C LEU Y 182 -14.46 24.77 -7.42
N LEU Y 183 -14.36 24.39 -8.69
CA LEU Y 183 -13.08 24.20 -9.37
C LEU Y 183 -13.12 25.03 -10.64
N ASP Y 184 -12.32 26.10 -10.69
CA ASP Y 184 -12.31 27.05 -11.80
C ASP Y 184 -10.95 26.94 -12.48
N SER Y 185 -10.89 26.10 -13.52
CA SER Y 185 -9.66 25.85 -14.25
C SER Y 185 -9.66 26.63 -15.55
N ASN Y 186 -8.54 27.30 -15.84
CA ASN Y 186 -8.39 28.10 -17.04
C ASN Y 186 -6.97 27.96 -17.56
N GLY Y 187 -6.83 27.72 -18.86
CA GLY Y 187 -5.56 27.49 -19.50
C GLY Y 187 -5.51 26.12 -20.14
N ASP Y 188 -4.33 25.75 -20.60
CA ASP Y 188 -4.13 24.49 -21.29
C ASP Y 188 -3.73 23.40 -20.30
N PHE Y 189 -4.48 22.30 -20.30
CA PHE Y 189 -4.20 21.19 -19.41
C PHE Y 189 -4.91 19.96 -19.95
N ASN Y 190 -4.48 18.79 -19.47
CA ASN Y 190 -5.02 17.51 -19.89
C ASN Y 190 -5.61 16.78 -18.68
N GLU Y 191 -6.18 15.61 -18.94
CA GLU Y 191 -6.86 14.86 -17.89
C GLU Y 191 -5.88 14.42 -16.80
N ASP Y 192 -4.69 13.97 -17.21
CA ASP Y 192 -3.70 13.53 -16.21
C ASP Y 192 -3.21 14.69 -15.37
N GLN Y 193 -3.04 15.86 -15.98
CA GLN Y 193 -2.68 17.05 -15.20
C GLN Y 193 -3.78 17.42 -14.22
N LEU Y 194 -5.04 17.30 -14.65
CA LEU Y 194 -6.16 17.74 -13.83
C LEU Y 194 -6.27 16.96 -12.53
N PHE Y 195 -6.11 15.64 -12.59
CA PHE Y 195 -6.29 14.82 -11.40
C PHE Y 195 -5.06 14.85 -10.50
N SER Y 196 -3.87 15.08 -11.06
CA SER Y 196 -2.72 15.40 -10.22
C SER Y 196 -2.93 16.74 -9.51
N LEU Y 197 -3.60 17.67 -10.18
CA LEU Y 197 -3.94 18.95 -9.58
C LEU Y 197 -4.94 18.78 -8.44
N LEU Y 198 -6.02 18.02 -8.69
CA LEU Y 198 -7.04 17.81 -7.68
C LEU Y 198 -6.50 17.02 -6.49
N GLU Y 199 -5.55 16.11 -6.72
CA GLU Y 199 -4.98 15.33 -5.64
C GLU Y 199 -4.18 16.22 -4.68
N LEU Y 200 -3.13 16.86 -5.20
CA LEU Y 200 -2.34 17.76 -4.38
C LEU Y 200 -3.16 18.93 -3.86
N GLY Y 201 -4.13 19.39 -4.65
CA GLY Y 201 -4.98 20.48 -4.20
C GLY Y 201 -5.81 20.12 -2.99
N GLU Y 202 -6.36 18.91 -2.96
CA GLU Y 202 -7.12 18.46 -1.79
C GLU Y 202 -6.23 18.32 -0.57
N GLN Y 203 -4.98 17.91 -0.76
CA GLN Y 203 -4.05 17.79 0.37
C GLN Y 203 -3.77 19.16 0.98
N LYS Y 204 -3.44 20.14 0.13
CA LYS Y 204 -3.15 21.47 0.64
C LYS Y 204 -4.41 22.19 1.09
N CYS Y 205 -5.57 21.86 0.51
CA CYS Y 205 -6.83 22.38 1.04
C CYS Y 205 -7.07 21.86 2.44
N GLN Y 206 -6.80 20.58 2.69
CA GLN Y 206 -6.98 20.02 4.02
C GLN Y 206 -6.01 20.65 5.01
N GLU Y 207 -4.82 21.05 4.56
CA GLU Y 207 -3.92 21.79 5.42
C GLU Y 207 -4.49 23.16 5.78
N LEU Y 208 -5.32 23.74 4.89
CA LEU Y 208 -5.82 25.08 5.12
C LEU Y 208 -6.96 25.11 6.11
N VAL Y 209 -7.92 24.17 6.00
CA VAL Y 209 -8.99 24.10 7.00
C VAL Y 209 -8.41 23.84 8.37
N THR Y 210 -7.44 22.93 8.47
CA THR Y 210 -6.76 22.70 9.74
C THR Y 210 -6.14 23.99 10.27
N ASN Y 211 -5.55 24.79 9.38
CA ASN Y 211 -5.04 26.10 9.79
C ASN Y 211 -6.17 27.09 10.02
N ILE Y 212 -7.25 27.00 9.25
CA ILE Y 212 -8.37 27.90 9.44
C ILE Y 212 -9.12 27.59 10.73
N ARG Y 213 -9.34 26.30 11.01
CA ARG Y 213 -9.97 25.91 12.27
C ARG Y 213 -9.16 26.41 13.46
N ARG Y 214 -7.83 26.34 13.35
CA ARG Y 214 -6.99 26.84 14.43
C ARG Y 214 -7.16 28.34 14.63
N ILE Y 215 -7.23 29.10 13.53
CA ILE Y 215 -7.39 30.55 13.63
C ILE Y 215 -8.76 30.91 14.16
N ILE Y 216 -9.80 30.18 13.72
CA ILE Y 216 -11.16 30.45 14.21
C ILE Y 216 -11.25 30.20 15.70
N GLN Y 217 -10.62 29.13 16.18
CA GLN Y 217 -10.69 28.82 17.60
C GLN Y 217 -9.94 29.84 18.44
N ASP Y 218 -8.78 30.32 17.95
CA ASP Y 218 -8.02 31.32 18.67
C ASP Y 218 -8.77 32.64 18.78
N ASN Y 219 -9.75 32.89 17.91
CA ASN Y 219 -10.50 34.14 17.92
C ASN Y 219 -11.83 34.06 18.66
N ILE Y 220 -12.47 32.91 18.67
CA ILE Y 220 -13.83 32.79 19.22
C ILE Y 220 -13.77 32.27 20.66
N SER Y 221 -12.77 31.45 20.96
CA SER Y 221 -12.65 30.92 22.32
C SER Y 221 -12.50 32.01 23.38
N PRO Y 222 -11.69 33.07 23.19
CA PRO Y 222 -11.65 34.13 24.21
C PRO Y 222 -12.91 34.96 24.31
N ARG Y 223 -13.80 34.89 23.31
CA ARG Y 223 -15.03 35.67 23.36
C ARG Y 223 -16.09 35.06 24.26
N LEU Y 224 -16.01 33.76 24.51
CA LEU Y 224 -17.04 33.02 25.24
C LEU Y 224 -16.51 32.58 26.60
N VAL Y 225 -17.41 32.03 27.40
CA VAL Y 225 -17.07 31.52 28.72
C VAL Y 225 -17.05 30.00 28.67
N VAL Y 226 -16.17 29.41 29.47
CA VAL Y 226 -16.03 27.95 29.52
C VAL Y 226 -17.09 27.36 30.43
N MET Z 4 -56.46 65.13 -21.54
CA MET Z 4 -56.39 64.88 -20.11
C MET Z 4 -57.42 63.81 -19.72
N SER Z 5 -57.95 63.91 -18.50
CA SER Z 5 -58.91 62.97 -17.97
C SER Z 5 -60.33 63.45 -18.26
N LEU Z 6 -61.18 62.54 -18.73
CA LEU Z 6 -62.59 62.84 -19.01
C LEU Z 6 -63.44 61.65 -18.65
N SER Z 7 -64.63 61.93 -18.13
CA SER Z 7 -65.61 60.87 -17.87
C SER Z 7 -66.13 60.31 -19.19
N VAL Z 8 -66.55 59.04 -19.17
CA VAL Z 8 -67.06 58.43 -20.37
C VAL Z 8 -68.40 59.03 -20.79
N ALA Z 9 -69.12 59.68 -19.86
CA ALA Z 9 -70.28 60.45 -20.25
C ALA Z 9 -69.88 61.76 -20.94
N GLU Z 10 -68.74 62.33 -20.53
CA GLU Z 10 -68.19 63.49 -21.22
C GLU Z 10 -67.74 63.13 -22.63
N LYS Z 11 -67.02 62.01 -22.77
CA LYS Z 11 -66.46 61.63 -24.05
C LYS Z 11 -67.55 61.38 -25.09
N SER Z 12 -68.58 60.63 -24.71
CA SER Z 12 -69.65 60.31 -25.66
C SER Z 12 -70.44 61.55 -26.07
N TYR Z 13 -70.62 62.51 -25.16
CA TYR Z 13 -71.29 63.74 -25.52
C TYR Z 13 -70.44 64.59 -26.46
N LEU Z 14 -69.13 64.64 -26.21
CA LEU Z 14 -68.24 65.42 -27.07
C LEU Z 14 -68.17 64.82 -28.47
N TYR Z 15 -67.97 63.50 -28.55
CA TYR Z 15 -67.84 62.84 -29.85
C TYR Z 15 -69.12 63.01 -30.67
N ASP Z 16 -70.29 62.88 -30.03
CA ASP Z 16 -71.53 63.04 -30.77
C ASP Z 16 -71.68 64.44 -31.34
N SER Z 17 -71.18 65.44 -30.61
CA SER Z 17 -71.24 66.82 -31.12
C SER Z 17 -70.24 67.02 -32.25
N LEU Z 18 -69.04 66.45 -32.12
CA LEU Z 18 -68.02 66.63 -33.15
C LEU Z 18 -68.35 65.84 -34.41
N ALA Z 19 -68.74 64.58 -34.25
CA ALA Z 19 -69.09 63.77 -35.41
C ALA Z 19 -70.44 64.16 -36.01
N SER Z 20 -71.20 65.05 -35.37
CA SER Z 20 -72.46 65.49 -35.93
C SER Z 20 -72.26 66.31 -37.19
N THR Z 21 -73.25 66.27 -38.07
CA THR Z 21 -73.26 67.12 -39.26
C THR Z 21 -74.23 68.29 -39.07
N PRO Z 22 -73.71 69.53 -38.95
CA PRO Z 22 -72.31 69.94 -38.98
C PRO Z 22 -71.65 69.79 -37.61
N SER Z 23 -70.32 69.85 -37.59
CA SER Z 23 -69.57 69.66 -36.37
C SER Z 23 -69.87 70.78 -35.37
N ILE Z 24 -70.17 70.39 -34.13
CA ILE Z 24 -70.41 71.33 -33.05
C ILE Z 24 -69.21 71.21 -32.10
N ARG Z 25 -68.32 72.20 -32.17
CA ARG Z 25 -67.12 72.13 -31.34
C ARG Z 25 -67.37 72.80 -29.99
N PRO Z 26 -66.71 72.32 -28.93
CA PRO Z 26 -67.04 72.78 -27.57
C PRO Z 26 -66.86 74.27 -27.35
N ASP Z 27 -66.16 74.98 -28.24
CA ASP Z 27 -66.06 76.43 -28.16
C ASP Z 27 -66.73 77.13 -29.34
N GLY Z 28 -67.57 76.40 -30.08
CA GLY Z 28 -68.25 76.97 -31.22
C GLY Z 28 -67.38 77.24 -32.43
N ARG Z 29 -66.17 76.68 -32.46
CA ARG Z 29 -65.25 76.95 -33.55
C ARG Z 29 -65.69 76.24 -34.83
N LEU Z 30 -65.27 76.78 -35.96
CA LEU Z 30 -65.46 76.13 -37.23
C LEU Z 30 -64.36 75.09 -37.43
N PRO Z 31 -64.60 74.07 -38.27
CA PRO Z 31 -63.58 73.03 -38.47
C PRO Z 31 -62.24 73.55 -38.97
N HIS Z 32 -62.16 74.80 -39.40
CA HIS Z 32 -60.93 75.39 -39.90
C HIS Z 32 -60.49 76.60 -39.09
N GLN Z 33 -61.15 76.89 -37.97
CA GLN Z 33 -60.87 78.08 -37.19
C GLN Z 33 -59.77 77.79 -36.17
N PHE Z 34 -58.87 78.75 -36.00
CA PHE Z 34 -57.74 78.61 -35.09
C PHE Z 34 -58.00 79.37 -33.79
N ARG Z 35 -57.45 78.85 -32.71
CA ARG Z 35 -57.52 79.51 -31.42
C ARG Z 35 -56.49 80.63 -31.35
N PRO Z 36 -56.80 81.71 -30.62
CA PRO Z 36 -55.85 82.83 -30.54
C PRO Z 36 -54.58 82.43 -29.80
N ILE Z 37 -53.48 83.06 -30.20
CA ILE Z 37 -52.17 82.77 -29.64
C ILE Z 37 -51.39 84.09 -29.50
N GLU Z 38 -50.49 84.12 -28.53
CA GLU Z 38 -49.60 85.24 -28.31
C GLU Z 38 -48.20 84.87 -28.78
N ILE Z 39 -47.57 85.75 -29.56
CA ILE Z 39 -46.24 85.52 -30.10
C ILE Z 39 -45.34 86.67 -29.68
N PHE Z 40 -44.15 86.33 -29.17
CA PHE Z 40 -43.12 87.30 -28.87
C PHE Z 40 -41.84 86.86 -29.56
N THR Z 41 -41.11 87.82 -30.12
CA THR Z 41 -39.85 87.54 -30.81
C THR Z 41 -38.76 88.49 -30.32
N ASP Z 42 -37.52 88.06 -30.51
CA ASP Z 42 -36.33 88.84 -30.16
C ASP Z 42 -36.36 89.26 -28.69
N PHE Z 43 -36.12 88.28 -27.82
CA PHE Z 43 -35.97 88.53 -26.40
C PHE Z 43 -34.76 87.84 -25.78
N LEU Z 44 -34.08 86.96 -26.53
CA LEU Z 44 -32.82 86.36 -26.10
C LEU Z 44 -31.68 87.01 -26.88
N PRO Z 45 -31.03 88.03 -26.34
CA PRO Z 45 -29.95 88.70 -27.08
C PRO Z 45 -28.75 87.81 -27.34
N SER Z 46 -28.53 86.78 -26.52
CA SER Z 46 -27.42 85.86 -26.73
C SER Z 46 -27.62 84.98 -27.96
N SER Z 47 -28.79 85.02 -28.59
CA SER Z 47 -29.10 84.18 -29.74
C SER Z 47 -29.36 85.06 -30.95
N ASN Z 48 -29.19 84.47 -32.13
CA ASN Z 48 -29.46 85.20 -33.36
C ASN Z 48 -30.95 85.46 -33.55
N GLY Z 49 -31.79 84.61 -32.96
CA GLY Z 49 -33.23 84.79 -33.05
C GLY Z 49 -33.92 83.99 -31.98
N SER Z 50 -35.02 84.53 -31.47
CA SER Z 50 -35.79 83.88 -30.41
C SER Z 50 -37.27 84.12 -30.64
N SER Z 51 -38.08 83.19 -30.15
CA SER Z 51 -39.53 83.32 -30.25
C SER Z 51 -40.16 82.66 -29.04
N ARG Z 52 -41.35 83.13 -28.69
CA ARG Z 52 -42.12 82.61 -27.56
C ARG Z 52 -43.59 82.66 -27.92
N ILE Z 53 -44.27 81.51 -27.84
CA ILE Z 53 -45.66 81.39 -28.24
C ILE Z 53 -46.45 80.82 -27.09
N ILE Z 54 -47.64 81.37 -26.86
CA ILE Z 54 -48.52 80.96 -25.76
C ILE Z 54 -49.88 80.64 -26.37
N ALA Z 55 -50.26 79.38 -26.32
CA ALA Z 55 -51.56 78.97 -26.84
C ALA Z 55 -52.68 79.45 -25.91
N SER Z 56 -53.92 79.30 -26.38
CA SER Z 56 -55.06 79.73 -25.59
C SER Z 56 -55.31 78.81 -24.40
N ASP Z 57 -54.87 77.56 -24.48
CA ASP Z 57 -55.07 76.61 -23.40
C ASP Z 57 -53.99 76.69 -22.32
N GLY Z 58 -53.00 77.55 -22.49
CA GLY Z 58 -51.90 77.66 -21.56
C GLY Z 58 -50.60 77.05 -22.02
N SER Z 59 -50.59 76.39 -23.18
CA SER Z 59 -49.36 75.84 -23.72
C SER Z 59 -48.41 76.96 -24.11
N GLU Z 60 -47.15 76.82 -23.71
CA GLU Z 60 -46.12 77.82 -24.01
C GLU Z 60 -44.90 77.12 -24.60
N CYS Z 61 -44.25 77.78 -25.55
CA CYS Z 61 -43.08 77.23 -26.22
C CYS Z 61 -42.10 78.36 -26.53
N ILE Z 62 -40.83 78.13 -26.23
CA ILE Z 62 -39.77 79.08 -26.51
C ILE Z 62 -38.76 78.42 -27.45
N VAL Z 63 -38.32 79.18 -28.46
CA VAL Z 63 -37.37 78.69 -29.46
C VAL Z 63 -36.20 79.67 -29.53
N SER Z 64 -34.99 79.13 -29.62
CA SER Z 64 -33.77 79.92 -29.71
C SER Z 64 -32.98 79.51 -30.93
N ILE Z 65 -32.63 80.48 -31.77
CA ILE Z 65 -31.88 80.25 -33.00
C ILE Z 65 -30.44 80.71 -32.77
N LYS Z 66 -29.49 79.81 -33.00
CA LYS Z 66 -28.08 80.11 -32.85
C LYS Z 66 -27.32 79.58 -34.05
N SER Z 67 -26.23 80.26 -34.39
CA SER Z 67 -25.46 79.97 -35.61
C SER Z 67 -24.07 79.46 -35.26
N LYS Z 68 -23.36 79.04 -36.32
CA LYS Z 68 -22.00 78.51 -36.22
C LYS Z 68 -21.42 78.27 -37.61
N VAL Z 69 -20.27 78.86 -37.88
CA VAL Z 69 -19.63 78.68 -39.18
C VAL Z 69 -19.04 77.28 -39.26
N VAL Z 70 -19.32 76.58 -40.37
CA VAL Z 70 -18.85 75.22 -40.59
C VAL Z 70 -18.47 75.05 -42.04
N ASP Z 71 -17.63 74.05 -42.31
CA ASP Z 71 -17.25 73.69 -43.67
C ASP Z 71 -18.35 72.80 -44.24
N HIS Z 72 -19.12 73.34 -45.19
CA HIS Z 72 -20.25 72.60 -45.73
C HIS Z 72 -19.84 71.39 -46.56
N HIS Z 73 -18.55 71.23 -46.86
CA HIS Z 73 -18.09 70.02 -47.53
C HIS Z 73 -17.95 68.85 -46.56
N VAL Z 74 -17.85 69.12 -45.26
CA VAL Z 74 -17.84 68.07 -44.26
C VAL Z 74 -19.07 68.09 -43.36
N GLU Z 75 -19.79 69.21 -43.31
CA GLU Z 75 -21.03 69.32 -42.53
C GLU Z 75 -22.19 69.11 -43.49
N ASN Z 76 -22.73 67.89 -43.49
CA ASN Z 76 -23.82 67.56 -44.40
C ASN Z 76 -25.10 68.27 -44.00
N GLU Z 77 -25.48 68.17 -42.73
CA GLU Z 77 -26.68 68.82 -42.21
C GLU Z 77 -26.29 70.16 -41.59
N LEU Z 78 -26.77 71.25 -42.19
CA LEU Z 78 -26.50 72.60 -41.72
C LEU Z 78 -27.66 73.18 -40.92
N LEU Z 79 -28.56 72.33 -40.42
CA LEU Z 79 -29.68 72.76 -39.61
C LEU Z 79 -30.01 71.63 -38.64
N GLN Z 80 -30.05 71.96 -37.34
CA GLN Z 80 -30.19 70.98 -36.29
C GLN Z 80 -31.22 71.44 -35.28
N VAL Z 81 -32.20 70.59 -35.00
CA VAL Z 81 -33.27 70.88 -34.06
C VAL Z 81 -33.08 70.01 -32.83
N ASP Z 82 -33.15 70.63 -31.66
CA ASP Z 82 -33.10 69.92 -30.38
C ASP Z 82 -34.36 70.26 -29.58
N VAL Z 83 -35.20 69.25 -29.36
CA VAL Z 83 -36.47 69.44 -28.64
C VAL Z 83 -36.28 69.05 -27.19
N ASP Z 84 -36.68 69.94 -26.28
CA ASP Z 84 -36.68 69.66 -24.85
C ASP Z 84 -38.08 69.97 -24.32
N ILE Z 85 -38.85 68.93 -24.04
CA ILE Z 85 -40.19 69.08 -23.50
C ILE Z 85 -40.13 68.98 -21.99
N ALA Z 86 -40.69 69.97 -21.31
CA ALA Z 86 -40.65 69.99 -19.85
C ALA Z 86 -41.40 68.79 -19.28
N GLY Z 87 -40.83 68.19 -18.25
CA GLY Z 87 -41.43 66.99 -17.66
C GLY Z 87 -41.48 65.81 -18.58
N GLN Z 88 -40.44 65.61 -19.39
CA GLN Z 88 -40.36 64.48 -20.29
C GLN Z 88 -38.89 64.11 -20.49
N ARG Z 89 -38.59 62.82 -20.39
CA ARG Z 89 -37.22 62.36 -20.58
C ARG Z 89 -36.70 62.75 -21.96
N ASP Z 90 -35.39 63.02 -22.04
CA ASP Z 90 -34.77 63.30 -23.32
C ASP Z 90 -34.79 62.08 -24.23
N ASP Z 91 -34.97 60.89 -23.68
CA ASP Z 91 -35.12 59.66 -24.45
C ASP Z 91 -36.57 59.19 -24.52
N ALA Z 92 -37.50 59.99 -24.01
CA ALA Z 92 -38.91 59.62 -24.08
C ALA Z 92 -39.37 59.55 -25.52
N LEU Z 93 -40.35 58.69 -25.77
CA LEU Z 93 -40.79 58.42 -27.14
C LEU Z 93 -41.27 59.67 -27.85
N VAL Z 94 -42.07 60.49 -27.16
CA VAL Z 94 -42.64 61.68 -27.80
C VAL Z 94 -41.55 62.68 -28.15
N VAL Z 95 -40.52 62.79 -27.31
CA VAL Z 95 -39.42 63.70 -27.59
C VAL Z 95 -38.64 63.23 -28.81
N GLU Z 96 -38.22 61.96 -28.81
CA GLU Z 96 -37.48 61.42 -29.94
C GLU Z 96 -38.29 61.51 -31.23
N THR Z 97 -39.59 61.23 -31.17
CA THR Z 97 -40.43 61.29 -32.36
C THR Z 97 -40.52 62.71 -32.90
N ILE Z 98 -40.79 63.68 -32.03
CA ILE Z 98 -40.93 65.07 -32.47
C ILE Z 98 -39.59 65.60 -33.00
N THR Z 99 -38.49 65.20 -32.38
CA THR Z 99 -37.18 65.61 -32.86
C THR Z 99 -36.91 65.07 -34.26
N SER Z 100 -37.13 63.76 -34.45
CA SER Z 100 -36.94 63.16 -35.77
C SER Z 100 -37.87 63.78 -36.80
N LEU Z 101 -39.12 64.05 -36.42
CA LEU Z 101 -40.08 64.63 -37.35
C LEU Z 101 -39.68 66.05 -37.75
N LEU Z 102 -39.32 66.88 -36.76
CA LEU Z 102 -38.99 68.27 -37.05
C LEU Z 102 -37.73 68.37 -37.91
N ASN Z 103 -36.71 67.58 -37.60
CA ASN Z 103 -35.50 67.58 -38.42
C ASN Z 103 -35.81 67.31 -39.88
N LYS Z 104 -36.82 66.48 -40.15
CA LYS Z 104 -37.25 66.25 -41.53
C LYS Z 104 -37.96 67.47 -42.09
N VAL Z 105 -38.76 68.16 -41.25
CA VAL Z 105 -39.47 69.35 -41.70
C VAL Z 105 -38.49 70.43 -42.12
N LEU Z 106 -37.40 70.61 -41.38
CA LEU Z 106 -36.45 71.65 -41.76
C LEU Z 106 -35.51 71.11 -42.84
N LYS Z 107 -34.69 70.11 -42.51
CA LYS Z 107 -33.75 69.40 -43.39
C LYS Z 107 -33.11 70.31 -44.44
N SER Z 108 -31.78 70.41 -44.40
CA SER Z 108 -31.09 71.48 -45.14
C SER Z 108 -31.53 71.57 -46.60
N GLY Z 109 -31.94 70.49 -47.22
CA GLY Z 109 -32.28 70.58 -48.63
C GLY Z 109 -33.72 70.34 -49.06
N SER Z 110 -34.66 70.39 -48.12
CA SER Z 110 -36.05 70.05 -48.45
C SER Z 110 -36.96 71.23 -48.21
N GLY Z 111 -37.34 71.45 -46.94
CA GLY Z 111 -38.22 72.56 -46.64
C GLY Z 111 -37.48 73.87 -46.67
N VAL Z 112 -36.34 73.94 -45.99
CA VAL Z 112 -35.55 75.16 -45.91
C VAL Z 112 -34.59 75.24 -47.10
N ASP Z 113 -34.21 76.47 -47.45
CA ASP Z 113 -33.33 76.72 -48.58
C ASP Z 113 -31.88 76.77 -48.09
N SER Z 114 -31.11 75.71 -48.40
CA SER Z 114 -29.74 75.61 -47.90
C SER Z 114 -28.86 76.73 -48.45
N SER Z 115 -29.10 77.14 -49.69
CA SER Z 115 -28.24 78.15 -50.32
C SER Z 115 -28.25 79.47 -49.59
N LYS Z 116 -29.27 79.74 -48.77
CA LYS Z 116 -29.34 81.00 -48.03
C LYS Z 116 -28.36 81.07 -46.88
N LEU Z 117 -27.77 79.94 -46.47
CA LEU Z 117 -26.83 79.91 -45.36
C LEU Z 117 -25.38 79.94 -45.81
N GLN Z 118 -25.11 80.03 -47.11
CA GLN Z 118 -23.74 79.95 -47.61
C GLN Z 118 -23.00 81.26 -47.38
N LEU Z 119 -21.71 81.14 -47.05
CA LEU Z 119 -20.83 82.28 -46.86
C LEU Z 119 -19.71 82.30 -47.87
N THR Z 120 -18.84 81.29 -47.84
CA THR Z 120 -17.74 81.14 -48.78
C THR Z 120 -17.96 79.87 -49.59
N LYS Z 121 -17.09 79.65 -50.57
CA LYS Z 121 -17.09 78.39 -51.30
C LYS Z 121 -16.74 77.20 -50.40
N LYS Z 122 -16.23 77.46 -49.19
CA LYS Z 122 -15.86 76.41 -48.27
C LYS Z 122 -16.65 76.43 -46.96
N TYR Z 123 -17.26 77.55 -46.59
CA TYR Z 123 -17.90 77.69 -45.28
C TYR Z 123 -19.32 78.22 -45.43
N SER Z 124 -20.21 77.71 -44.57
CA SER Z 124 -21.60 78.14 -44.50
C SER Z 124 -22.02 78.22 -43.04
N PHE Z 125 -23.25 78.67 -42.80
CA PHE Z 125 -23.82 78.74 -41.46
C PHE Z 125 -24.53 77.44 -41.11
N LYS Z 126 -24.27 76.94 -39.90
CA LYS Z 126 -25.06 75.89 -39.29
C LYS Z 126 -25.99 76.50 -38.25
N ILE Z 127 -27.28 76.18 -38.35
CA ILE Z 127 -28.31 76.80 -37.52
C ILE Z 127 -28.73 75.80 -36.45
N PHE Z 128 -28.63 76.21 -35.19
CA PHE Z 128 -29.04 75.39 -34.06
C PHE Z 128 -30.41 75.88 -33.57
N VAL Z 129 -31.45 75.12 -33.90
CA VAL Z 129 -32.81 75.44 -33.48
C VAL Z 129 -33.09 74.67 -32.19
N ASP Z 130 -33.19 75.39 -31.07
CA ASP Z 130 -33.43 74.79 -29.77
C ASP Z 130 -34.87 75.08 -29.33
N VAL Z 131 -35.62 74.01 -29.05
CA VAL Z 131 -37.03 74.12 -28.69
C VAL Z 131 -37.20 73.79 -27.21
N LEU Z 132 -38.04 74.56 -26.53
CA LEU Z 132 -38.37 74.33 -25.14
C LEU Z 132 -39.87 74.48 -24.97
N VAL Z 133 -40.54 73.40 -24.59
CA VAL Z 133 -41.99 73.40 -24.37
C VAL Z 133 -42.21 73.49 -22.86
N ILE Z 134 -42.58 74.68 -22.39
CA ILE Z 134 -42.77 74.89 -20.96
C ILE Z 134 -43.99 74.14 -20.47
N SER Z 135 -45.10 74.22 -21.20
CA SER Z 135 -46.34 73.55 -20.84
C SER Z 135 -47.02 73.06 -22.11
N SER Z 136 -47.62 71.88 -22.03
CA SER Z 136 -48.32 71.32 -23.18
C SER Z 136 -49.48 70.47 -22.68
N HIS Z 137 -50.59 70.53 -23.41
CA HIS Z 137 -51.77 69.74 -23.10
C HIS Z 137 -52.17 68.81 -24.24
N SER Z 138 -51.52 68.90 -25.39
CA SER Z 138 -51.75 68.01 -26.52
C SER Z 138 -50.45 67.91 -27.31
N HIS Z 139 -50.51 67.28 -28.48
CA HIS Z 139 -49.35 67.14 -29.34
C HIS Z 139 -48.82 68.51 -29.75
N PRO Z 140 -47.63 68.89 -29.31
CA PRO Z 140 -47.13 70.26 -29.53
C PRO Z 140 -46.41 70.48 -30.86
N ILE Z 141 -46.42 69.49 -31.77
CA ILE Z 141 -45.67 69.61 -33.01
C ILE Z 141 -46.11 70.84 -33.80
N SER Z 142 -47.41 71.16 -33.76
CA SER Z 142 -47.90 72.35 -34.46
C SER Z 142 -47.52 73.61 -33.71
N LEU Z 143 -47.61 73.59 -32.38
CA LEU Z 143 -47.19 74.73 -31.58
C LEU Z 143 -45.70 75.00 -31.76
N ILE Z 144 -44.88 73.95 -31.74
CA ILE Z 144 -43.44 74.09 -31.94
C ILE Z 144 -43.16 74.67 -33.33
N SER Z 145 -43.84 74.14 -34.35
CA SER Z 145 -43.59 74.59 -35.72
C SER Z 145 -43.87 76.08 -35.87
N PHE Z 146 -44.95 76.57 -35.26
CA PHE Z 146 -45.26 77.99 -35.35
C PHE Z 146 -44.19 78.83 -34.66
N ALA Z 147 -43.69 78.37 -33.52
CA ALA Z 147 -42.66 79.11 -32.81
C ALA Z 147 -41.34 79.11 -33.57
N ILE Z 148 -40.95 77.96 -34.13
CA ILE Z 148 -39.76 77.90 -34.97
C ILE Z 148 -39.90 78.84 -36.16
N TYR Z 149 -41.08 78.87 -36.77
CA TYR Z 149 -41.33 79.76 -37.90
C TYR Z 149 -41.12 81.22 -37.50
N SER Z 150 -41.69 81.62 -36.36
CA SER Z 150 -41.56 83.00 -35.92
C SER Z 150 -40.12 83.33 -35.52
N ALA Z 151 -39.39 82.35 -34.99
CA ALA Z 151 -38.00 82.60 -34.59
C ALA Z 151 -37.10 82.77 -35.81
N LEU Z 152 -37.25 81.90 -36.81
CA LEU Z 152 -36.39 81.96 -38.00
C LEU Z 152 -36.60 83.24 -38.79
N ASN Z 153 -37.80 83.83 -38.72
CA ASN Z 153 -38.04 85.09 -39.43
C ASN Z 153 -37.42 86.27 -38.70
N SER Z 154 -37.50 86.30 -37.38
CA SER Z 154 -36.89 87.36 -36.58
C SER Z 154 -35.40 87.16 -36.37
N THR Z 155 -34.78 86.22 -37.09
CA THR Z 155 -33.37 85.90 -36.90
C THR Z 155 -32.50 86.82 -37.74
N TYR Z 156 -31.40 87.29 -37.15
CA TYR Z 156 -30.41 88.12 -37.83
C TYR Z 156 -29.02 87.54 -37.61
N LEU Z 157 -28.22 87.54 -38.66
CA LEU Z 157 -26.89 86.94 -38.68
C LEU Z 157 -25.84 87.98 -39.04
N PRO Z 158 -24.58 87.77 -38.65
CA PRO Z 158 -23.54 88.77 -38.93
C PRO Z 158 -23.22 88.87 -40.42
N LYS Z 159 -22.83 90.07 -40.83
CA LYS Z 159 -22.49 90.34 -42.22
C LYS Z 159 -21.06 89.93 -42.52
N LEU Z 160 -20.86 89.32 -43.68
CA LEU Z 160 -19.55 88.81 -44.07
C LEU Z 160 -18.68 89.92 -44.66
N ILE Z 161 -17.36 89.79 -44.46
CA ILE Z 161 -16.38 90.72 -44.99
C ILE Z 161 -15.52 90.07 -46.08
N SER Z 162 -15.02 88.86 -45.82
CA SER Z 162 -14.06 88.24 -46.72
C SER Z 162 -14.65 88.02 -48.11
N ALA Z 163 -13.77 87.78 -49.08
CA ALA Z 163 -14.14 87.77 -50.49
C ALA Z 163 -14.96 86.56 -50.91
N PHE Z 164 -15.23 85.61 -50.02
CA PHE Z 164 -15.93 84.36 -50.32
C PHE Z 164 -15.25 83.54 -51.42
N ASP Z 165 -14.00 83.87 -51.75
CA ASP Z 165 -13.24 83.17 -52.78
C ASP Z 165 -12.32 82.08 -52.23
N ASP Z 166 -12.37 81.81 -50.93
CA ASP Z 166 -11.49 80.82 -50.32
C ASP Z 166 -11.72 79.43 -50.90
N VAL Z 169 -7.80 80.63 -50.19
CA VAL Z 169 -7.30 81.12 -48.91
C VAL Z 169 -7.66 80.16 -47.79
N GLU Z 170 -6.65 79.71 -47.06
CA GLU Z 170 -6.89 78.76 -45.97
C GLU Z 170 -7.62 79.41 -44.81
N GLU Z 171 -7.53 80.74 -44.69
CA GLU Z 171 -8.05 81.43 -43.52
C GLU Z 171 -9.57 81.25 -43.40
N LEU Z 172 -10.08 81.56 -42.22
CA LEU Z 172 -11.49 81.48 -41.89
C LEU Z 172 -12.19 82.78 -42.26
N PRO Z 173 -13.51 82.75 -42.43
CA PRO Z 173 -14.23 83.97 -42.82
C PRO Z 173 -14.14 85.03 -41.74
N THR Z 174 -14.40 86.28 -42.15
CA THR Z 174 -14.33 87.43 -41.27
C THR Z 174 -15.64 88.20 -41.38
N PHE Z 175 -16.21 88.57 -40.24
CA PHE Z 175 -17.53 89.16 -40.18
C PHE Z 175 -17.46 90.62 -39.76
N HIS Z 176 -18.44 91.39 -40.21
CA HIS Z 176 -18.53 92.80 -39.84
C HIS Z 176 -18.76 92.92 -38.33
N ASP Z 177 -18.16 93.95 -37.73
CA ASP Z 177 -18.25 94.09 -36.28
C ASP Z 177 -19.65 94.51 -35.84
N TYR Z 178 -20.33 95.32 -36.66
CA TYR Z 178 -21.63 95.90 -36.31
C TYR Z 178 -22.76 95.34 -37.17
N ASP Z 179 -22.73 95.62 -38.46
CA ASP Z 179 -23.88 95.33 -39.33
C ASP Z 179 -24.22 93.84 -39.32
N MET Z 180 -25.50 93.56 -39.57
CA MET Z 180 -26.03 92.21 -39.58
C MET Z 180 -27.10 92.09 -40.65
N VAL Z 181 -27.23 90.88 -41.21
CA VAL Z 181 -28.18 90.60 -42.28
C VAL Z 181 -29.33 89.77 -41.73
N LYS Z 182 -30.53 90.02 -42.23
CA LYS Z 182 -31.70 89.26 -41.83
C LYS Z 182 -31.72 87.91 -42.54
N LEU Z 183 -32.19 86.89 -41.83
CA LEU Z 183 -32.34 85.55 -42.41
C LEU Z 183 -33.72 85.45 -43.05
N ASP Z 184 -33.74 85.32 -44.38
CA ASP Z 184 -34.98 85.25 -45.15
C ASP Z 184 -35.22 83.86 -45.70
N ILE Z 185 -34.82 82.83 -44.96
CA ILE Z 185 -35.12 81.46 -45.33
C ILE Z 185 -36.62 81.24 -45.27
N ASN Z 186 -37.11 80.30 -46.06
CA ASN Z 186 -38.54 79.99 -46.05
C ASN Z 186 -38.79 78.83 -45.09
N PRO Z 187 -39.24 79.11 -43.87
CA PRO Z 187 -39.41 78.04 -42.89
C PRO Z 187 -40.76 77.37 -43.07
N PRO Z 188 -40.83 76.06 -42.92
CA PRO Z 188 -42.10 75.35 -43.10
C PRO Z 188 -42.99 75.49 -41.87
N LEU Z 189 -44.25 75.07 -42.06
CA LEU Z 189 -45.24 75.03 -41.00
C LEU Z 189 -45.82 73.63 -40.91
N VAL Z 190 -46.00 73.15 -39.68
CA VAL Z 190 -46.56 71.82 -39.43
C VAL Z 190 -47.93 72.00 -38.80
N PHE Z 191 -48.94 71.42 -39.43
CA PHE Z 191 -50.32 71.47 -38.95
C PHE Z 191 -50.73 70.10 -38.43
N ILE Z 192 -51.48 70.09 -37.33
CA ILE Z 192 -52.03 68.87 -36.76
C ILE Z 192 -53.55 68.93 -36.89
N LEU Z 193 -54.15 67.80 -37.24
CA LEU Z 193 -55.59 67.73 -37.49
C LEU Z 193 -56.18 66.56 -36.72
N ALA Z 194 -57.48 66.67 -36.44
CA ALA Z 194 -58.23 65.64 -35.74
C ALA Z 194 -59.27 65.04 -36.68
N VAL Z 195 -59.37 63.72 -36.66
CA VAL Z 195 -60.35 62.98 -37.46
C VAL Z 195 -61.40 62.43 -36.50
N VAL Z 196 -62.53 63.12 -36.39
CA VAL Z 196 -63.63 62.70 -35.53
C VAL Z 196 -64.80 62.31 -36.42
N GLY Z 197 -65.05 61.01 -36.53
CA GLY Z 197 -66.11 60.53 -37.41
C GLY Z 197 -65.78 60.83 -38.85
N ASN Z 198 -66.65 61.59 -39.50
CA ASN Z 198 -66.46 61.98 -40.90
C ASN Z 198 -66.04 63.44 -41.03
N ASN Z 199 -65.61 64.07 -39.95
CA ASN Z 199 -65.26 65.48 -39.94
C ASN Z 199 -63.77 65.65 -39.68
N MET Z 200 -63.21 66.72 -40.24
CA MET Z 200 -61.83 67.11 -40.00
C MET Z 200 -61.79 68.39 -39.16
N LEU Z 201 -60.81 68.50 -38.28
CA LEU Z 201 -60.71 69.63 -37.36
C LEU Z 201 -59.29 70.17 -37.38
N LEU Z 202 -59.13 71.44 -37.77
CA LEU Z 202 -57.86 72.13 -37.64
C LEU Z 202 -57.67 72.62 -36.21
N ASP Z 203 -56.42 72.61 -35.77
CA ASP Z 203 -56.03 73.04 -34.43
C ASP Z 203 -56.87 72.32 -33.38
N PRO Z 204 -56.67 71.02 -33.20
CA PRO Z 204 -57.50 70.27 -32.23
C PRO Z 204 -57.16 70.67 -30.81
N ALA Z 205 -58.21 70.89 -30.02
CA ALA Z 205 -58.04 71.20 -28.60
C ALA Z 205 -57.74 69.93 -27.81
N ALA Z 206 -57.46 70.09 -26.53
CA ALA Z 206 -57.12 68.95 -25.68
C ALA Z 206 -58.27 67.95 -25.62
N ASN Z 207 -59.44 68.40 -25.18
CA ASN Z 207 -60.59 67.50 -25.07
C ASN Z 207 -61.05 67.01 -26.43
N GLU Z 208 -60.93 67.83 -27.47
CA GLU Z 208 -61.29 67.37 -28.82
C GLU Z 208 -60.43 66.20 -29.26
N SER Z 209 -59.13 66.26 -28.98
CA SER Z 209 -58.22 65.19 -29.36
C SER Z 209 -58.44 63.93 -28.53
N GLU Z 210 -59.03 64.05 -27.34
CA GLU Z 210 -59.24 62.88 -26.48
C GLU Z 210 -60.28 61.92 -27.04
N VAL Z 211 -61.12 62.37 -27.97
CA VAL Z 211 -62.18 61.55 -28.54
C VAL Z 211 -62.02 61.34 -30.04
N ALA Z 212 -60.99 61.92 -30.65
CA ALA Z 212 -60.84 61.81 -32.10
C ALA Z 212 -60.48 60.39 -32.49
N ASN Z 213 -60.97 59.97 -33.66
CA ASN Z 213 -60.70 58.63 -34.16
C ASN Z 213 -59.29 58.49 -34.72
N ASN Z 214 -58.73 59.56 -35.28
CA ASN Z 214 -57.38 59.54 -35.81
C ASN Z 214 -56.91 60.98 -35.94
N GLY Z 215 -55.66 61.13 -36.39
CA GLY Z 215 -55.09 62.45 -36.56
C GLY Z 215 -54.17 62.49 -37.76
N LEU Z 216 -53.87 63.71 -38.19
CA LEU Z 216 -53.01 63.96 -39.35
C LEU Z 216 -52.00 65.03 -39.02
N ILE Z 217 -50.74 64.78 -39.38
CA ILE Z 217 -49.67 65.77 -39.31
C ILE Z 217 -49.28 66.10 -40.74
N ILE Z 218 -49.53 67.34 -41.16
CA ILE Z 218 -49.32 67.77 -42.53
C ILE Z 218 -48.39 68.97 -42.54
N SER Z 219 -47.33 68.88 -43.33
CA SER Z 219 -46.36 69.96 -43.44
C SER Z 219 -46.70 70.87 -44.62
N TRP Z 220 -46.14 72.08 -44.58
CA TRP Z 220 -46.49 73.13 -45.52
C TRP Z 220 -45.31 74.08 -45.68
N SER Z 221 -44.96 74.39 -46.93
CA SER Z 221 -43.84 75.28 -47.20
C SER Z 221 -44.00 75.89 -48.58
N ASN Z 222 -43.62 77.17 -48.69
CA ASN Z 222 -43.62 77.93 -49.95
C ASN Z 222 -44.93 77.80 -50.71
N GLY Z 223 -46.04 77.75 -49.96
CA GLY Z 223 -47.35 77.71 -50.56
C GLY Z 223 -47.84 76.36 -51.02
N LYS Z 224 -47.12 75.28 -50.70
CA LYS Z 224 -47.50 73.95 -51.16
C LYS Z 224 -47.42 72.96 -50.00
N ILE Z 225 -48.16 71.86 -50.14
CA ILE Z 225 -48.09 70.78 -49.17
C ILE Z 225 -46.78 70.02 -49.37
N THR Z 226 -46.01 69.89 -48.29
CA THR Z 226 -44.74 69.20 -48.33
C THR Z 226 -44.71 68.10 -47.28
N SER Z 227 -43.70 67.25 -47.39
CA SER Z 227 -43.47 66.16 -46.44
C SER Z 227 -42.65 66.71 -45.26
N PRO Z 228 -42.68 66.03 -44.10
CA PRO Z 228 -43.34 64.76 -43.76
C PRO Z 228 -44.84 64.87 -43.55
N ILE Z 229 -45.55 63.77 -43.79
CA ILE Z 229 -46.98 63.66 -43.55
C ILE Z 229 -47.22 62.35 -42.81
N ARG Z 230 -47.82 62.42 -41.63
CA ARG Z 230 -48.05 61.25 -40.81
C ARG Z 230 -49.51 61.20 -40.35
N SER Z 231 -49.96 59.98 -40.02
CA SER Z 231 -51.24 59.75 -39.38
C SER Z 231 -50.96 59.42 -37.92
N VAL Z 232 -51.04 60.43 -37.07
CA VAL Z 232 -50.71 60.30 -35.65
C VAL Z 232 -51.97 59.95 -34.89
N ALA Z 233 -51.81 59.20 -33.80
CA ALA Z 233 -52.92 58.85 -32.91
C ALA Z 233 -52.94 59.86 -31.77
N LEU Z 234 -53.95 60.73 -31.77
CA LEU Z 234 -54.06 61.76 -30.75
C LEU Z 234 -54.49 61.20 -29.40
N ASN Z 235 -54.86 59.92 -29.32
CA ASN Z 235 -55.13 59.26 -28.06
C ASN Z 235 -54.87 57.76 -28.26
N ASP Z 236 -55.45 56.94 -27.39
CA ASP Z 236 -55.35 55.49 -27.53
C ASP Z 236 -56.67 54.77 -27.33
N SER Z 237 -57.69 55.39 -26.76
CA SER Z 237 -58.93 54.69 -26.46
C SER Z 237 -59.82 54.54 -27.70
N ASN Z 238 -60.02 55.63 -28.44
CA ASN Z 238 -60.97 55.68 -29.55
C ASN Z 238 -60.27 55.84 -30.90
N VAL Z 239 -59.16 55.14 -31.10
CA VAL Z 239 -58.43 55.19 -32.36
C VAL Z 239 -59.06 54.17 -33.31
N LYS Z 240 -59.45 54.64 -34.49
CA LYS Z 240 -60.08 53.81 -35.50
C LYS Z 240 -59.57 54.20 -36.88
N SER Z 241 -59.70 53.28 -37.83
CA SER Z 241 -59.28 53.54 -39.19
C SER Z 241 -60.15 54.63 -39.83
N PHE Z 242 -59.60 55.28 -40.84
CA PHE Z 242 -60.28 56.35 -41.55
C PHE Z 242 -60.28 56.08 -43.04
N LYS Z 243 -61.32 56.53 -43.72
CA LYS Z 243 -61.48 56.31 -45.14
C LYS Z 243 -60.56 57.25 -45.93
N PRO Z 244 -60.13 56.83 -47.12
CA PRO Z 244 -59.15 57.65 -47.88
C PRO Z 244 -59.62 59.06 -48.19
N HIS Z 245 -60.92 59.28 -48.39
CA HIS Z 245 -61.41 60.62 -48.71
C HIS Z 245 -61.12 61.61 -47.60
N LEU Z 246 -61.10 61.15 -46.34
CA LEU Z 246 -60.80 62.02 -45.22
C LEU Z 246 -59.37 62.55 -45.29
N LEU Z 247 -58.43 61.75 -45.80
CA LEU Z 247 -57.05 62.20 -45.94
C LEU Z 247 -56.94 63.32 -46.97
N LYS Z 248 -57.59 63.15 -48.13
CA LYS Z 248 -57.60 64.22 -49.12
C LYS Z 248 -58.30 65.47 -48.59
N GLN Z 249 -59.33 65.28 -47.78
CA GLN Z 249 -60.04 66.41 -47.20
C GLN Z 249 -59.14 67.21 -46.26
N GLY Z 250 -58.37 66.52 -45.42
CA GLY Z 250 -57.45 67.21 -44.54
C GLY Z 250 -56.34 67.92 -45.29
N LEU Z 251 -55.81 67.28 -46.34
CA LEU Z 251 -54.75 67.91 -47.13
C LEU Z 251 -55.28 69.14 -47.87
N ALA Z 252 -56.47 69.02 -48.47
CA ALA Z 252 -57.09 70.18 -49.10
C ALA Z 252 -57.43 71.26 -48.09
N MET Z 253 -57.76 70.87 -46.85
CA MET Z 253 -58.06 71.84 -45.81
C MET Z 253 -56.83 72.67 -45.47
N VAL Z 254 -55.67 72.04 -45.40
CA VAL Z 254 -54.44 72.79 -45.14
C VAL Z 254 -54.12 73.71 -46.31
N GLU Z 255 -54.21 73.19 -47.53
CA GLU Z 255 -53.91 73.99 -48.71
C GLU Z 255 -54.82 75.21 -48.83
N LYS Z 256 -56.00 75.17 -48.21
CA LYS Z 256 -56.94 76.27 -48.29
C LYS Z 256 -56.72 77.32 -47.20
N TYR Z 257 -56.45 76.88 -45.97
CA TYR Z 257 -56.40 77.80 -44.83
C TYR Z 257 -55.00 78.05 -44.30
N ALA Z 258 -53.99 77.27 -44.71
CA ALA Z 258 -52.62 77.56 -44.28
C ALA Z 258 -52.12 78.92 -44.77
N PRO Z 259 -52.37 79.36 -46.01
CA PRO Z 259 -51.93 80.73 -46.38
C PRO Z 259 -52.43 81.80 -45.43
N ASP Z 260 -53.65 81.66 -44.91
CA ASP Z 260 -54.13 82.61 -43.91
C ASP Z 260 -53.30 82.53 -42.63
N VAL Z 261 -52.86 81.33 -42.26
CA VAL Z 261 -52.02 81.18 -41.08
C VAL Z 261 -50.66 81.82 -41.30
N VAL Z 262 -50.12 81.72 -42.52
CA VAL Z 262 -48.78 82.26 -42.80
C VAL Z 262 -48.77 83.77 -42.65
N ARG Z 263 -49.69 84.47 -43.33
CA ARG Z 263 -49.71 85.92 -43.24
C ARG Z 263 -50.05 86.40 -41.83
N SER Z 264 -50.78 85.60 -41.07
CA SER Z 264 -51.03 85.95 -39.67
C SER Z 264 -49.75 85.87 -38.85
N LEU Z 265 -48.93 84.84 -39.10
CA LEU Z 265 -47.65 84.72 -38.40
C LEU Z 265 -46.60 85.66 -38.97
N GLU Z 266 -46.59 85.84 -40.30
CA GLU Z 266 -45.56 86.64 -40.96
C GLU Z 266 -45.60 88.11 -40.60
N ASN Z 267 -46.67 88.58 -39.96
CA ASN Z 267 -46.75 89.99 -39.54
C ASN Z 267 -45.85 90.20 -38.33
N LEU Z 268 -44.68 90.76 -38.56
CA LEU Z 268 -43.74 91.06 -37.48
C LEU Z 268 -43.68 92.54 -37.19
N ASP AA 5 -19.80 52.77 -20.02
CA ASP AA 5 -20.68 51.88 -19.30
C ASP AA 5 -19.90 50.79 -18.57
N ARG AA 6 -20.04 50.74 -17.25
CA ARG AA 6 -19.39 49.71 -16.45
C ARG AA 6 -20.06 48.35 -16.60
N ARG AA 7 -21.33 48.33 -17.01
CA ARG AA 7 -22.08 47.09 -17.23
C ARG AA 7 -21.75 46.42 -18.56
N ARG AA 8 -20.62 46.78 -19.18
CA ARG AA 8 -20.26 46.27 -20.49
C ARG AA 8 -18.75 46.21 -20.60
N LEU AA 9 -18.28 45.49 -21.60
CA LEU AA 9 -16.86 45.48 -21.98
C LEU AA 9 -16.75 46.29 -23.27
N LEU AA 10 -16.43 47.57 -23.13
CA LEU AA 10 -16.32 48.47 -24.28
C LEU AA 10 -14.88 48.65 -24.73
N GLY AA 11 -13.96 47.84 -24.22
CA GLY AA 11 -12.58 47.91 -24.60
C GLY AA 11 -11.92 49.20 -24.15
N PRO AA 12 -10.80 49.56 -24.78
CA PRO AA 12 -10.12 50.81 -24.41
C PRO AA 12 -10.89 52.02 -24.89
N ALA AA 13 -10.87 53.08 -24.07
CA ALA AA 13 -11.51 54.33 -24.48
C ALA AA 13 -10.68 55.04 -25.55
N ALA AA 14 -9.36 54.89 -25.51
CA ALA AA 14 -8.50 55.48 -26.53
C ALA AA 14 -8.71 54.86 -27.90
N ALA AA 15 -9.49 53.80 -28.01
CA ALA AA 15 -9.76 53.16 -29.29
C ALA AA 15 -10.94 53.86 -29.97
N LYS AA 16 -10.80 54.10 -31.27
CA LYS AA 16 -11.85 54.75 -32.03
C LYS AA 16 -12.43 53.78 -33.06
N PRO AA 17 -13.73 53.87 -33.33
CA PRO AA 17 -14.37 52.95 -34.27
C PRO AA 17 -13.76 53.04 -35.66
N MET AA 18 -14.13 52.07 -36.50
CA MET AA 18 -13.56 51.96 -37.83
C MET AA 18 -14.30 52.88 -38.79
N ALA AA 19 -13.56 53.71 -39.52
CA ALA AA 19 -14.10 54.61 -40.51
C ALA AA 19 -13.55 54.24 -41.87
N PHE AA 20 -14.43 53.87 -42.80
CA PHE AA 20 -14.04 53.45 -44.13
C PHE AA 20 -14.03 54.64 -45.09
N SER AA 21 -13.14 54.59 -46.07
CA SER AA 21 -12.96 55.67 -47.03
C SER AA 21 -14.10 55.72 -48.04
N GLU AA 43 -43.59 40.40 -57.34
CA GLU AA 43 -42.48 41.33 -57.20
C GLU AA 43 -41.49 40.84 -56.15
N GLN AA 44 -41.76 41.18 -54.89
CA GLN AA 44 -40.86 40.83 -53.79
C GLN AA 44 -41.26 39.46 -53.25
N GLU AA 45 -40.33 38.50 -53.36
CA GLU AA 45 -40.58 37.16 -52.85
C GLU AA 45 -40.60 37.17 -51.32
N LEU AA 46 -41.59 36.51 -50.74
CA LEU AA 46 -41.79 36.50 -49.30
C LEU AA 46 -41.62 35.10 -48.73
N SER AA 47 -41.28 35.05 -47.45
CA SER AA 47 -41.13 33.78 -46.72
C SER AA 47 -41.51 34.03 -45.28
N LEU AA 48 -42.60 33.43 -44.82
CA LEU AA 48 -43.16 33.70 -43.51
C LEU AA 48 -43.15 32.43 -42.65
N HIS AA 49 -42.84 32.60 -41.37
CA HIS AA 49 -42.92 31.52 -40.38
C HIS AA 49 -43.42 32.12 -39.07
N THR AA 50 -44.04 31.27 -38.25
CA THR AA 50 -44.58 31.70 -36.96
C THR AA 50 -44.28 30.67 -35.89
N GLY AA 51 -44.33 31.12 -34.64
CA GLY AA 51 -44.27 30.24 -33.49
C GLY AA 51 -42.96 29.49 -33.28
N PHE AA 52 -41.83 30.16 -33.49
CA PHE AA 52 -40.52 29.53 -33.35
C PHE AA 52 -39.73 30.03 -32.14
N ILE AA 53 -40.30 30.91 -31.32
CA ILE AA 53 -39.63 31.44 -30.14
C ILE AA 53 -40.39 30.96 -28.91
N GLU AA 54 -39.65 30.44 -27.93
CA GLU AA 54 -40.26 29.68 -26.84
C GLU AA 54 -40.61 30.50 -25.61
N ASN AA 55 -39.96 31.63 -25.38
CA ASN AA 55 -40.24 32.40 -24.17
C ASN AA 55 -41.46 33.31 -24.29
N CYS AA 56 -41.84 33.67 -25.52
CA CYS AA 56 -42.92 34.64 -25.75
C CYS AA 56 -44.23 33.91 -26.01
N ASN AA 57 -45.30 34.70 -26.16
CA ASN AA 57 -46.62 34.15 -26.45
C ASN AA 57 -46.81 33.89 -27.95
N GLY AA 58 -46.11 34.63 -28.79
CA GLY AA 58 -46.23 34.46 -30.23
C GLY AA 58 -45.12 35.14 -30.99
N SER AA 59 -44.56 34.46 -31.99
CA SER AA 59 -43.45 34.98 -32.77
C SER AA 59 -43.79 34.90 -34.25
N ALA AA 60 -42.94 35.54 -35.07
CA ALA AA 60 -43.11 35.54 -36.51
C ALA AA 60 -41.80 35.96 -37.17
N LEU AA 61 -41.57 35.43 -38.36
CA LEU AA 61 -40.40 35.76 -39.17
C LEU AA 61 -40.83 36.15 -40.57
N VAL AA 62 -40.38 37.33 -41.02
CA VAL AA 62 -40.68 37.83 -42.36
C VAL AA 62 -39.35 38.01 -43.09
N GLU AA 63 -39.17 37.25 -44.18
CA GLU AA 63 -38.00 37.36 -45.03
C GLU AA 63 -38.46 37.73 -46.42
N ALA AA 64 -38.07 38.92 -46.89
CA ALA AA 64 -38.49 39.45 -48.17
C ALA AA 64 -37.27 39.64 -49.07
N ARG AA 65 -37.32 39.07 -50.27
CA ARG AA 65 -36.23 39.17 -51.23
C ARG AA 65 -36.76 39.86 -52.49
N SER AA 66 -36.31 41.09 -52.71
CA SER AA 66 -36.61 41.84 -53.92
C SER AA 66 -35.33 42.00 -54.75
N LEU AA 67 -35.52 42.40 -56.00
CA LEU AA 67 -34.39 42.54 -56.92
C LEU AA 67 -33.38 43.57 -56.46
N GLY AA 68 -33.77 44.49 -55.56
CA GLY AA 68 -32.87 45.54 -55.13
C GLY AA 68 -32.57 45.56 -53.64
N HIS AA 69 -33.26 44.73 -52.87
CA HIS AA 69 -33.05 44.71 -51.43
C HIS AA 69 -33.62 43.42 -50.86
N GLN AA 70 -32.92 42.87 -49.87
CA GLN AA 70 -33.38 41.71 -49.12
C GLN AA 70 -33.42 42.07 -47.64
N THR AA 71 -34.51 41.70 -46.97
CA THR AA 71 -34.73 42.07 -45.58
C THR AA 71 -35.31 40.89 -44.81
N SER AA 72 -34.80 40.68 -43.60
CA SER AA 72 -35.30 39.66 -42.70
C SER AA 72 -35.45 40.24 -41.31
N LEU AA 73 -36.57 39.94 -40.65
CA LEU AA 73 -36.82 40.44 -39.31
C LEU AA 73 -37.73 39.46 -38.57
N ILE AA 74 -37.56 39.42 -37.26
CA ILE AA 74 -38.32 38.54 -36.37
C ILE AA 74 -39.09 39.38 -35.38
N THR AA 75 -40.33 39.00 -35.12
CA THR AA 75 -41.15 39.64 -34.10
C THR AA 75 -41.41 38.69 -32.95
N ALA AA 76 -41.56 39.27 -31.76
CA ALA AA 76 -41.91 38.52 -30.56
C ALA AA 76 -42.96 39.31 -29.80
N VAL AA 77 -44.06 38.64 -29.44
CA VAL AA 77 -45.17 39.25 -28.74
C VAL AA 77 -45.25 38.62 -27.36
N TYR AA 78 -45.01 39.43 -26.33
CA TYR AA 78 -45.15 39.02 -24.93
C TYR AA 78 -46.40 39.66 -24.37
N GLY AA 79 -47.36 38.84 -23.96
CA GLY AA 79 -48.60 39.36 -23.42
C GLY AA 79 -49.84 38.56 -23.78
N PRO AA 80 -50.99 38.94 -23.19
CA PRO AA 80 -51.10 40.07 -22.25
C PRO AA 80 -50.53 39.76 -20.87
N ARG AA 81 -49.75 40.69 -20.32
CA ARG AA 81 -49.18 40.55 -18.99
C ARG AA 81 -49.81 41.60 -18.09
N SER AA 82 -50.40 41.15 -16.99
CA SER AA 82 -51.17 42.03 -16.11
C SER AA 82 -50.26 43.06 -15.45
N ILE AA 83 -50.68 44.34 -15.52
CA ILE AA 83 -49.94 45.42 -14.88
C ILE AA 83 -50.43 45.54 -13.44
N ARG AA 84 -49.47 45.60 -12.51
CA ARG AA 84 -49.79 45.61 -11.08
C ARG AA 84 -50.64 46.81 -10.70
N GLY AA 85 -51.88 46.56 -10.30
CA GLY AA 85 -52.78 47.62 -9.88
C GLY AA 85 -53.13 48.60 -10.97
N SER AA 86 -53.66 48.10 -12.09
CA SER AA 86 -54.03 48.91 -13.23
C SER AA 86 -55.54 48.91 -13.40
N PHE AA 87 -56.16 50.08 -13.29
CA PHE AA 87 -57.58 50.24 -13.54
C PHE AA 87 -57.90 50.50 -15.01
N THR AA 88 -56.91 50.40 -15.89
CA THR AA 88 -57.10 50.69 -17.31
C THR AA 88 -58.20 49.81 -17.89
N SER AA 89 -59.16 50.45 -18.58
CA SER AA 89 -60.28 49.73 -19.17
C SER AA 89 -59.90 48.88 -20.37
N GLN AA 90 -58.72 49.07 -20.94
CA GLN AA 90 -58.31 48.35 -22.14
C GLN AA 90 -56.81 48.08 -22.08
N GLY AA 91 -56.31 47.40 -23.11
CA GLY AA 91 -54.91 47.03 -23.14
C GLY AA 91 -54.00 48.19 -23.51
N THR AA 92 -52.71 48.01 -23.20
CA THR AA 92 -51.66 48.99 -23.49
C THR AA 92 -50.60 48.32 -24.35
N ILE AA 93 -50.55 48.72 -25.63
CA ILE AA 93 -49.63 48.13 -26.59
C ILE AA 93 -48.28 48.81 -26.49
N SER AA 94 -47.21 48.01 -26.51
CA SER AA 94 -45.84 48.50 -26.55
C SER AA 94 -45.13 47.82 -27.71
N ILE AA 95 -44.44 48.63 -28.53
CA ILE AA 95 -43.71 48.14 -29.69
C ILE AA 95 -42.31 48.73 -29.64
N GLN AA 96 -41.32 47.89 -29.37
CA GLN AA 96 -39.92 48.31 -29.34
C GLN AA 96 -39.22 47.75 -30.58
N LEU AA 97 -38.76 48.63 -31.44
CA LEU AA 97 -38.03 48.23 -32.64
C LEU AA 97 -36.54 48.26 -32.33
N LYS AA 98 -35.94 47.08 -32.22
CA LYS AA 98 -34.52 46.99 -31.90
C LYS AA 98 -33.70 46.78 -33.16
N ASN AA 99 -32.49 47.32 -33.15
CA ASN AA 99 -31.56 47.16 -34.26
C ASN AA 99 -30.53 46.07 -33.97
N GLY AA 100 -29.89 46.14 -32.80
CA GLY AA 100 -28.91 45.17 -32.35
C GLY AA 100 -27.74 44.85 -33.26
N LEU AA 101 -27.84 43.74 -33.98
CA LEU AA 101 -26.76 43.25 -34.83
C LEU AA 101 -26.33 44.26 -35.88
N LEU AA 102 -27.21 44.53 -36.84
CA LEU AA 102 -26.93 45.52 -37.88
C LEU AA 102 -27.33 46.88 -37.32
N GLU AA 103 -26.34 47.70 -36.96
CA GLU AA 103 -26.64 49.02 -36.38
C GLU AA 103 -26.75 50.04 -37.51
N LYS AA 104 -27.79 49.86 -38.32
CA LYS AA 104 -27.96 50.67 -39.52
C LYS AA 104 -28.79 51.92 -39.28
N TYR AA 105 -29.80 51.85 -38.44
CA TYR AA 105 -30.77 52.93 -38.28
C TYR AA 105 -30.56 53.70 -36.99
N ASN AA 106 -30.86 55.00 -37.06
CA ASN AA 106 -30.67 55.92 -35.95
C ASN AA 106 -31.74 55.71 -34.89
N THR AA 107 -31.39 55.99 -33.63
CA THR AA 107 -32.31 55.82 -32.52
C THR AA 107 -33.54 56.71 -32.68
N ASN AA 108 -33.36 57.91 -33.22
CA ASN AA 108 -34.49 58.82 -33.45
C ASN AA 108 -35.52 58.19 -34.38
N GLU AA 109 -35.08 57.64 -35.52
CA GLU AA 109 -36.03 57.15 -36.51
C GLU AA 109 -36.66 55.83 -36.07
N LEU AA 110 -35.92 55.00 -35.34
CA LEU AA 110 -36.49 53.74 -34.86
C LEU AA 110 -37.65 53.99 -33.91
N LYS AA 111 -37.50 54.95 -32.99
CA LYS AA 111 -38.60 55.30 -32.10
C LYS AA 111 -39.74 55.99 -32.85
N GLU AA 112 -39.43 56.68 -33.95
CA GLU AA 112 -40.49 57.28 -34.76
C GLU AA 112 -41.32 56.20 -35.45
N VAL AA 113 -40.66 55.15 -35.95
CA VAL AA 113 -41.39 54.03 -36.55
C VAL AA 113 -42.18 53.29 -35.49
N SER AA 114 -41.58 53.11 -34.30
CA SER AA 114 -42.31 52.50 -33.19
C SER AA 114 -43.56 53.30 -32.85
N SER AA 115 -43.45 54.64 -32.86
CA SER AA 115 -44.63 55.48 -32.68
C SER AA 115 -45.65 55.24 -33.77
N PHE AA 116 -45.19 55.20 -35.03
CA PHE AA 116 -46.10 54.93 -36.15
C PHE AA 116 -46.74 53.57 -36.03
N LEU AA 117 -45.95 52.54 -35.69
CA LEU AA 117 -46.48 51.19 -35.59
C LEU AA 117 -47.51 51.08 -34.48
N MET AA 118 -47.25 51.70 -33.32
CA MET AA 118 -48.21 51.64 -32.23
C MET AA 118 -49.51 52.35 -32.57
N GLY AA 119 -49.44 53.42 -33.38
CA GLY AA 119 -50.66 54.07 -33.81
C GLY AA 119 -51.53 53.18 -34.67
N ILE AA 120 -50.90 52.36 -35.52
CA ILE AA 120 -51.64 51.45 -36.38
C ILE AA 120 -52.36 50.39 -35.54
N PHE AA 121 -51.59 49.61 -34.77
CA PHE AA 121 -52.15 48.46 -34.07
C PHE AA 121 -53.00 48.86 -32.87
N ASN AA 122 -52.90 50.09 -32.37
CA ASN AA 122 -53.85 50.55 -31.38
C ASN AA 122 -55.24 50.76 -31.95
N SER AA 123 -55.39 50.67 -33.28
CA SER AA 123 -56.69 50.70 -33.92
C SER AA 123 -57.02 49.39 -34.62
N VAL AA 124 -56.19 48.35 -34.42
CA VAL AA 124 -56.43 47.03 -34.99
C VAL AA 124 -56.64 45.99 -33.90
N VAL AA 125 -55.86 46.06 -32.83
CA VAL AA 125 -56.03 45.14 -31.70
C VAL AA 125 -57.33 45.48 -30.97
N ASN AA 126 -58.13 44.45 -30.69
CA ASN AA 126 -59.36 44.61 -29.92
C ASN AA 126 -58.99 44.82 -28.46
N LEU AA 127 -58.52 46.03 -28.17
CA LEU AA 127 -57.97 46.33 -26.85
C LEU AA 127 -58.98 46.16 -25.72
N SER AA 128 -60.28 46.25 -26.02
CA SER AA 128 -61.29 46.11 -24.98
C SER AA 128 -61.25 44.75 -24.31
N ARG AA 129 -60.73 43.73 -24.99
CA ARG AA 129 -60.72 42.37 -24.48
C ARG AA 129 -59.60 42.10 -23.48
N TYR AA 130 -58.68 43.04 -23.28
CA TYR AA 130 -57.52 42.83 -22.41
C TYR AA 130 -57.36 44.02 -21.45
N PRO AA 131 -58.29 44.18 -20.51
CA PRO AA 131 -58.19 45.28 -19.55
C PRO AA 131 -57.18 44.97 -18.45
N LYS AA 132 -56.64 46.05 -17.87
CA LYS AA 132 -55.69 46.00 -16.76
C LYS AA 132 -54.38 45.31 -17.12
N SER AA 133 -54.18 44.94 -18.38
CA SER AA 133 -53.00 44.23 -18.83
C SER AA 133 -52.27 45.04 -19.89
N GLY AA 134 -51.19 44.47 -20.40
CA GLY AA 134 -50.40 45.13 -21.44
C GLY AA 134 -49.77 44.11 -22.35
N ILE AA 135 -49.53 44.52 -23.60
CA ILE AA 135 -48.96 43.65 -24.62
C ILE AA 135 -47.69 44.33 -25.15
N ASP AA 136 -46.57 43.62 -25.04
CA ASP AA 136 -45.27 44.14 -25.45
C ASP AA 136 -44.82 43.41 -26.70
N ILE AA 137 -44.54 44.18 -27.75
CA ILE AA 137 -44.13 43.65 -29.05
C ILE AA 137 -42.69 44.06 -29.32
N PHE AA 138 -41.88 43.12 -29.80
CA PHE AA 138 -40.49 43.37 -30.15
C PHE AA 138 -40.26 42.98 -31.60
N VAL AA 139 -39.61 43.86 -32.36
CA VAL AA 139 -39.26 43.61 -33.74
C VAL AA 139 -37.74 43.68 -33.84
N TYR AA 140 -37.10 42.52 -33.99
CA TYR AA 140 -35.66 42.44 -34.13
C TYR AA 140 -35.29 42.39 -35.61
N LEU AA 141 -34.55 43.38 -36.08
CA LEU AA 141 -33.99 43.33 -37.42
C LEU AA 141 -32.77 42.42 -37.42
N THR AA 142 -32.77 41.43 -38.32
CA THR AA 142 -31.69 40.46 -38.39
C THR AA 142 -30.94 40.47 -39.71
N TYR AA 143 -31.47 41.11 -40.74
CA TYR AA 143 -30.78 41.19 -42.03
C TYR AA 143 -31.37 42.32 -42.84
N ASP AA 144 -30.49 43.11 -43.46
CA ASP AA 144 -30.92 44.24 -44.28
C ASP AA 144 -29.78 44.65 -45.19
N LYS AA 145 -29.90 44.30 -46.48
CA LYS AA 145 -28.90 44.65 -47.48
C LYS AA 145 -29.62 45.14 -48.72
N ASP AA 146 -29.22 46.31 -49.22
CA ASP AA 146 -29.85 46.94 -50.37
C ASP AA 146 -28.96 46.69 -51.58
N LEU AA 147 -29.37 45.76 -52.44
CA LEU AA 147 -28.62 45.42 -53.65
C LEU AA 147 -28.89 46.45 -54.76
N THR AA 148 -28.49 47.69 -54.48
CA THR AA 148 -28.67 48.78 -55.42
C THR AA 148 -27.42 49.64 -55.51
N SER AA 163 -33.14 57.67 -46.66
CA SER AA 163 -33.79 56.89 -45.62
C SER AA 163 -34.39 55.62 -46.20
N GLN AA 164 -33.79 54.47 -45.87
CA GLN AA 164 -34.32 53.18 -46.28
C GLN AA 164 -35.43 52.69 -45.36
N ILE AA 165 -35.67 53.38 -44.24
CA ILE AA 165 -36.64 52.96 -43.25
C ILE AA 165 -38.06 52.96 -43.83
N SER AA 166 -38.30 53.72 -44.91
CA SER AA 166 -39.63 53.78 -45.49
C SER AA 166 -40.07 52.42 -46.02
N SER AA 167 -39.18 51.75 -46.77
CA SER AA 167 -39.50 50.44 -47.30
C SER AA 167 -39.49 49.34 -46.24
N LEU AA 168 -39.02 49.63 -45.03
CA LEU AA 168 -38.99 48.64 -43.96
C LEU AA 168 -40.31 48.55 -43.21
N ILE AA 169 -41.08 49.62 -43.19
CA ILE AA 169 -42.30 49.65 -42.37
C ILE AA 169 -43.30 48.55 -42.76
N PRO AA 170 -43.63 48.35 -44.03
CA PRO AA 170 -44.64 47.31 -44.35
C PRO AA 170 -44.27 45.91 -43.86
N HIS AA 171 -42.99 45.58 -43.81
CA HIS AA 171 -42.59 44.26 -43.34
C HIS AA 171 -42.65 44.12 -41.83
N CYS AA 172 -42.56 45.23 -41.09
CA CYS AA 172 -42.82 45.17 -39.65
C CYS AA 172 -44.30 44.94 -39.39
N ILE AA 173 -45.17 45.64 -40.12
CA ILE AA 173 -46.60 45.44 -39.98
C ILE AA 173 -46.98 44.00 -40.33
N THR AA 174 -46.39 43.47 -41.40
CA THR AA 174 -46.62 42.06 -41.74
C THR AA 174 -46.22 41.15 -40.60
N SER AA 175 -45.08 41.41 -39.97
CA SER AA 175 -44.59 40.53 -38.91
C SER AA 175 -45.36 40.70 -37.61
N ILE AA 176 -45.73 41.94 -37.26
CA ILE AA 176 -46.46 42.17 -36.02
C ILE AA 176 -47.86 41.60 -36.10
N THR AA 177 -48.52 41.76 -37.24
CA THR AA 177 -49.85 41.14 -37.41
C THR AA 177 -49.77 39.63 -37.32
N LEU AA 178 -48.77 39.03 -37.98
CA LEU AA 178 -48.58 37.58 -37.88
C LEU AA 178 -48.26 37.16 -36.46
N ALA AA 179 -47.38 37.89 -35.78
CA ALA AA 179 -47.00 37.52 -34.42
C ALA AA 179 -48.14 37.74 -33.44
N LEU AA 180 -48.96 38.76 -33.65
CA LEU AA 180 -50.12 38.96 -32.79
C LEU AA 180 -51.15 37.86 -33.00
N ALA AA 181 -51.34 37.42 -34.24
CA ALA AA 181 -52.25 36.31 -34.50
C ALA AA 181 -51.72 35.01 -33.89
N ASP AA 182 -50.41 34.77 -33.99
CA ASP AA 182 -49.84 33.57 -33.39
C ASP AA 182 -49.93 33.61 -31.87
N ALA AA 183 -49.87 34.80 -31.28
CA ALA AA 183 -50.01 34.95 -29.84
C ALA AA 183 -51.46 34.91 -29.37
N GLY AA 184 -52.42 34.77 -30.29
CA GLY AA 184 -53.81 34.70 -29.91
C GLY AA 184 -54.43 36.01 -29.49
N ILE AA 185 -53.91 37.12 -29.97
CA ILE AA 185 -54.45 38.45 -29.64
C ILE AA 185 -55.51 38.80 -30.67
N GLU AA 186 -56.65 39.30 -30.18
CA GLU AA 186 -57.78 39.61 -31.05
C GLU AA 186 -57.46 40.82 -31.94
N LEU AA 187 -57.60 40.63 -33.24
CA LEU AA 187 -57.41 41.70 -34.22
C LEU AA 187 -58.72 41.91 -34.99
N VAL AA 188 -59.12 43.17 -35.14
CA VAL AA 188 -60.36 43.45 -35.87
C VAL AA 188 -60.21 43.16 -37.36
N ASP AA 189 -58.98 43.15 -37.87
CA ASP AA 189 -58.72 42.88 -39.28
C ASP AA 189 -57.26 42.49 -39.42
N MET AA 190 -56.92 42.00 -40.62
CA MET AA 190 -55.53 41.67 -40.95
C MET AA 190 -54.84 42.94 -41.44
N ALA AA 191 -53.95 43.49 -40.62
CA ALA AA 191 -53.29 44.75 -40.94
C ALA AA 191 -52.08 44.50 -41.82
N GLY AA 192 -52.08 45.09 -43.01
CA GLY AA 192 -50.93 45.03 -43.90
C GLY AA 192 -50.69 46.38 -44.53
N ALA AA 193 -49.55 46.50 -45.22
CA ALA AA 193 -49.15 47.78 -45.77
C ALA AA 193 -48.28 47.59 -47.00
N GLY AA 194 -48.12 48.69 -47.74
CA GLY AA 194 -47.22 48.73 -48.87
C GLY AA 194 -46.50 50.06 -48.92
N GLU AA 195 -45.47 50.11 -49.77
CA GLU AA 195 -44.62 51.28 -49.88
C GLU AA 195 -44.47 51.67 -51.35
N ALA AA 196 -44.43 52.97 -51.62
CA ALA AA 196 -44.30 53.46 -52.99
C ALA AA 196 -43.78 54.89 -52.96
N ASN AA 197 -42.51 55.06 -53.35
CA ASN AA 197 -41.89 56.39 -53.49
C ASN AA 197 -41.98 57.19 -52.19
N GLY AA 198 -41.56 56.55 -51.10
CA GLY AA 198 -41.55 57.20 -49.81
C GLY AA 198 -42.88 57.18 -49.06
N THR AA 199 -43.97 56.90 -49.76
CA THR AA 199 -45.29 56.86 -49.14
C THR AA 199 -45.57 55.45 -48.63
N VAL AA 200 -46.00 55.35 -47.38
CA VAL AA 200 -46.34 54.07 -46.75
C VAL AA 200 -47.77 54.17 -46.25
N VAL AA 201 -48.62 53.27 -46.72
CA VAL AA 201 -50.03 53.24 -46.34
C VAL AA 201 -50.36 51.85 -45.83
N SER AA 202 -50.98 51.79 -44.65
CA SER AA 202 -51.44 50.55 -44.05
C SER AA 202 -52.95 50.50 -44.13
N PHE AA 203 -53.49 49.37 -44.56
CA PHE AA 203 -54.92 49.23 -44.83
C PHE AA 203 -55.55 48.18 -43.93
N ILE AA 204 -56.88 48.27 -43.83
CA ILE AA 204 -57.73 47.19 -43.32
C ILE AA 204 -58.98 47.17 -44.18
N LYS AA 205 -59.77 46.11 -44.01
CA LYS AA 205 -61.05 45.94 -44.71
C LYS AA 205 -60.85 45.95 -46.23
N ASN AA 206 -59.88 45.17 -46.69
CA ASN AA 206 -59.59 45.02 -48.12
C ASN AA 206 -59.27 46.36 -48.76
N GLY AA 207 -58.51 47.19 -48.05
CA GLY AA 207 -58.11 48.49 -48.57
C GLY AA 207 -59.19 49.56 -48.55
N GLU AA 208 -60.34 49.29 -47.92
CA GLU AA 208 -61.38 50.31 -47.86
C GLU AA 208 -61.06 51.42 -46.88
N GLU AA 209 -60.26 51.12 -45.85
CA GLU AA 209 -59.94 52.11 -44.83
C GLU AA 209 -58.46 52.00 -44.46
N ILE AA 210 -57.90 53.10 -43.99
CA ILE AA 210 -56.48 53.23 -43.70
C ILE AA 210 -56.27 53.25 -42.19
N VAL AA 211 -55.29 52.47 -41.73
CA VAL AA 211 -54.90 52.45 -40.32
C VAL AA 211 -53.58 53.16 -40.08
N GLY AA 212 -52.86 53.56 -41.13
CA GLY AA 212 -51.61 54.27 -40.99
C GLY AA 212 -51.15 54.91 -42.29
N PHE AA 213 -50.60 56.11 -42.22
CA PHE AA 213 -50.13 56.81 -43.41
C PHE AA 213 -48.81 57.49 -43.11
N TRP AA 214 -47.85 57.34 -44.03
CA TRP AA 214 -46.49 57.81 -43.83
C TRP AA 214 -45.95 58.28 -45.17
N LYS AA 215 -45.35 59.47 -45.20
CA LYS AA 215 -44.78 60.02 -46.42
C LYS AA 215 -43.52 60.81 -46.08
N ASP AA 216 -42.39 60.39 -46.66
CA ASP AA 216 -41.13 61.11 -46.52
C ASP AA 216 -40.57 61.38 -47.92
N ASP AA 217 -40.18 62.64 -48.16
CA ASP AA 217 -39.65 63.09 -49.45
C ASP AA 217 -40.72 62.81 -50.51
N GLY AA 218 -40.41 62.13 -51.61
CA GLY AA 218 -41.40 61.83 -52.62
C GLY AA 218 -41.72 63.00 -53.52
N ASP AA 219 -42.67 62.76 -54.41
CA ASP AA 219 -43.12 63.75 -55.39
C ASP AA 219 -44.46 64.35 -54.96
N ASP AA 220 -44.90 65.35 -55.72
CA ASP AA 220 -46.16 66.01 -55.46
C ASP AA 220 -47.28 65.33 -56.24
N GLU AA 221 -48.50 65.40 -55.68
CA GLU AA 221 -49.71 64.83 -56.28
C GLU AA 221 -49.57 63.34 -56.56
N ASP AA 222 -48.63 62.65 -55.91
CA ASP AA 222 -48.44 61.23 -56.12
C ASP AA 222 -49.46 60.38 -55.37
N LEU AA 223 -50.19 60.98 -54.42
CA LEU AA 223 -51.07 60.26 -53.51
C LEU AA 223 -51.93 59.21 -54.22
N LEU AA 224 -52.62 59.61 -55.28
CA LEU AA 224 -53.52 58.69 -55.97
C LEU AA 224 -52.77 57.49 -56.52
N GLU AA 225 -51.61 57.72 -57.13
CA GLU AA 225 -50.83 56.61 -57.65
C GLU AA 225 -50.15 55.81 -56.53
N CYS AA 226 -49.84 56.46 -55.42
CA CYS AA 226 -49.19 55.76 -54.31
C CYS AA 226 -50.17 54.83 -53.59
N LEU AA 227 -51.37 55.34 -53.28
CA LEU AA 227 -52.39 54.50 -52.65
C LEU AA 227 -52.71 53.27 -53.51
N ASP AA 228 -52.60 53.40 -54.82
CA ASP AA 228 -52.85 52.26 -55.70
C ASP AA 228 -51.76 51.22 -55.56
N ARG AA 229 -50.49 51.63 -55.66
CA ARG AA 229 -49.39 50.69 -55.54
C ARG AA 229 -49.30 50.09 -54.14
N CYS AA 230 -49.66 50.86 -53.10
CA CYS AA 230 -49.60 50.34 -51.74
C CYS AA 230 -50.70 49.31 -51.49
N LYS AA 231 -51.90 49.55 -52.03
CA LYS AA 231 -52.96 48.57 -51.87
C LYS AA 231 -52.64 47.26 -52.57
N GLU AA 232 -51.89 47.31 -53.67
CA GLU AA 232 -51.47 46.09 -54.35
C GLU AA 232 -50.58 45.25 -53.43
N GLN AA 233 -49.58 45.88 -52.82
CA GLN AA 233 -48.73 45.17 -51.87
C GLN AA 233 -49.52 44.73 -50.65
N TYR AA 234 -50.50 45.54 -50.22
CA TYR AA 234 -51.31 45.17 -49.07
C TYR AA 234 -52.09 43.88 -49.33
N ASN AA 235 -52.81 43.82 -50.46
CA ASN AA 235 -53.56 42.61 -50.79
C ASN AA 235 -52.63 41.42 -50.95
N ARG AA 236 -51.50 41.62 -51.64
CA ARG AA 236 -50.54 40.53 -51.81
C ARG AA 236 -50.03 40.03 -50.48
N TYR AA 237 -49.61 40.96 -49.60
CA TYR AA 237 -49.10 40.55 -48.29
C TYR AA 237 -50.19 39.94 -47.42
N ARG AA 238 -51.41 40.49 -47.47
CA ARG AA 238 -52.48 39.95 -46.63
C ARG AA 238 -52.85 38.55 -47.05
N ASP AA 239 -52.91 38.28 -48.36
CA ASP AA 239 -53.20 36.94 -48.84
C ASP AA 239 -52.15 35.95 -48.37
N LEU AA 240 -50.87 36.30 -48.52
CA LEU AA 240 -49.79 35.46 -48.00
C LEU AA 240 -49.87 35.33 -46.49
N MET AA 241 -50.27 36.41 -45.81
CA MET AA 241 -50.38 36.37 -44.35
C MET AA 241 -51.45 35.38 -43.91
N ILE AA 242 -52.62 35.43 -44.54
CA ILE AA 242 -53.68 34.48 -44.23
C ILE AA 242 -53.27 33.07 -44.63
N SER AA 243 -52.65 32.93 -45.80
CA SER AA 243 -52.20 31.61 -46.26
C SER AA 243 -51.13 31.03 -45.33
N CYS AA 244 -50.36 31.90 -44.67
CA CYS AA 244 -49.36 31.41 -43.73
C CYS AA 244 -50.00 30.83 -42.48
N LEU AA 245 -50.99 31.53 -41.93
CA LEU AA 245 -51.62 31.08 -40.68
C LEU AA 245 -52.43 29.81 -40.88
N MET AA 246 -52.94 29.58 -42.09
CA MET AA 246 -53.75 28.39 -42.34
C MET AA 246 -52.88 27.16 -42.59
N ASN AA 247 -51.94 27.27 -43.54
CA ASN AA 247 -51.07 26.15 -43.88
C ASN AA 247 -49.89 26.06 -42.93
N MET BA 5 -19.32 18.42 29.96
CA MET BA 5 -18.29 18.40 28.93
C MET BA 5 -18.46 19.57 27.97
N SER BA 6 -17.40 20.36 27.79
CA SER BA 6 -17.43 21.54 26.93
C SER BA 6 -16.20 21.52 26.03
N THR BA 7 -16.39 21.10 24.78
CA THR BA 7 -15.34 21.07 23.79
C THR BA 7 -15.70 22.02 22.65
N PHE BA 8 -14.68 22.52 21.96
CA PHE BA 8 -14.90 23.41 20.83
C PHE BA 8 -15.32 22.59 19.62
N ILE BA 9 -16.33 23.09 18.90
CA ILE BA 9 -16.93 22.37 17.79
C ILE BA 9 -17.09 23.32 16.60
N PHE BA 10 -16.89 22.78 15.41
CA PHE BA 10 -17.05 23.49 14.15
C PHE BA 10 -18.23 22.94 13.37
N PRO BA 11 -18.83 23.73 12.47
CA PRO BA 11 -19.95 23.22 11.68
C PRO BA 11 -19.50 22.09 10.77
N GLY BA 12 -20.30 21.03 10.72
CA GLY BA 12 -19.96 19.85 9.97
C GLY BA 12 -19.11 18.84 10.71
N ASP BA 13 -18.73 19.13 11.95
CA ASP BA 13 -17.93 18.22 12.74
C ASP BA 13 -18.79 17.07 13.26
N SER BA 14 -18.13 16.00 13.68
CA SER BA 14 -18.84 14.83 14.19
C SER BA 14 -19.46 15.15 15.54
N PHE BA 15 -20.74 14.83 15.68
CA PHE BA 15 -21.48 15.16 16.89
C PHE BA 15 -21.18 14.11 17.96
N PRO BA 16 -20.71 14.50 19.14
CA PRO BA 16 -20.27 13.48 20.12
C PRO BA 16 -21.40 12.65 20.71
N VAL BA 17 -22.56 13.27 20.95
CA VAL BA 17 -23.65 12.57 21.63
C VAL BA 17 -24.19 11.45 20.74
N ASP BA 18 -24.55 10.30 21.38
CA ASP BA 18 -25.06 9.11 20.70
C ASP BA 18 -26.58 9.22 20.51
N PRO BA 19 -27.10 8.74 19.37
CA PRO BA 19 -28.54 8.81 19.13
C PRO BA 19 -29.38 7.98 20.09
N THR BA 20 -28.79 7.00 20.78
CA THR BA 20 -29.54 6.18 21.72
C THR BA 20 -29.98 6.98 22.94
N THR BA 21 -29.38 8.14 23.19
CA THR BA 21 -29.73 9.00 24.31
C THR BA 21 -30.74 10.05 23.88
N PRO BA 22 -31.84 10.24 24.62
CA PRO BA 22 -32.79 11.31 24.28
C PRO BA 22 -32.17 12.66 24.59
N VAL BA 23 -32.20 13.56 23.60
CA VAL BA 23 -31.52 14.84 23.69
C VAL BA 23 -32.49 15.94 23.26
N LYS BA 24 -32.47 17.05 23.99
CA LYS BA 24 -33.17 18.27 23.60
C LYS BA 24 -32.15 19.21 22.96
N LEU BA 25 -32.41 19.60 21.72
CA LEU BA 25 -31.44 20.37 20.95
C LEU BA 25 -31.67 21.87 21.18
N GLY BA 26 -30.57 22.58 21.48
CA GLY BA 26 -30.62 24.01 21.70
C GLY BA 26 -30.01 24.77 20.54
N PRO BA 27 -29.56 26.00 20.81
CA PRO BA 27 -28.94 26.80 19.76
C PRO BA 27 -27.65 26.16 19.27
N GLY BA 28 -27.42 26.23 17.95
CA GLY BA 28 -26.22 25.73 17.34
C GLY BA 28 -26.35 24.36 16.71
N ILE BA 29 -27.30 23.55 17.18
CA ILE BA 29 -27.49 22.19 16.68
C ILE BA 29 -28.67 22.15 15.73
N TYR BA 30 -28.52 21.43 14.62
CA TYR BA 30 -29.52 21.36 13.57
C TYR BA 30 -29.84 19.90 13.27
N CYS BA 31 -31.11 19.61 13.02
CA CYS BA 31 -31.58 18.28 12.66
C CYS BA 31 -31.96 18.26 11.18
N ASP BA 32 -31.22 17.50 10.39
CA ASP BA 32 -31.43 17.45 8.96
C ASP BA 32 -32.80 16.88 8.62
N PRO BA 33 -33.63 17.59 7.86
CA PRO BA 33 -34.93 17.02 7.47
C PRO BA 33 -34.83 15.84 6.51
N ASN BA 34 -33.75 15.73 5.73
CA ASN BA 34 -33.61 14.65 4.77
C ASN BA 34 -32.94 13.42 5.39
N THR BA 35 -31.75 13.59 5.95
CA THR BA 35 -30.97 12.48 6.47
C THR BA 35 -31.25 12.18 7.93
N GLN BA 36 -32.00 13.03 8.63
CA GLN BA 36 -32.33 12.87 10.04
C GLN BA 36 -31.09 12.83 10.92
N GLU BA 37 -29.97 13.33 10.42
CA GLU BA 37 -28.72 13.38 11.18
C GLU BA 37 -28.65 14.66 12.00
N ILE BA 38 -28.18 14.53 13.24
CA ILE BA 38 -27.99 15.67 14.13
C ILE BA 38 -26.57 16.17 13.96
N ARG BA 39 -26.42 17.39 13.46
CA ARG BA 39 -25.11 17.95 13.16
C ARG BA 39 -25.03 19.40 13.61
N PRO BA 40 -23.83 19.89 13.94
CA PRO BA 40 -23.69 21.29 14.33
C PRO BA 40 -23.61 22.22 13.14
N VAL BA 41 -24.06 23.46 13.35
CA VAL BA 41 -24.03 24.46 12.30
C VAL BA 41 -23.36 25.76 12.76
N ASN BA 42 -23.07 25.85 14.06
CA ASN BA 42 -22.45 27.04 14.62
C ASN BA 42 -21.11 26.71 15.27
N THR BA 43 -20.22 27.69 15.28
CA THR BA 43 -18.87 27.53 15.80
C THR BA 43 -18.80 28.09 17.22
N GLY BA 44 -18.42 27.24 18.18
CA GLY BA 44 -18.32 27.69 19.55
C GLY BA 44 -18.03 26.55 20.50
N VAL BA 45 -18.50 26.71 21.73
CA VAL BA 45 -18.29 25.72 22.79
C VAL BA 45 -19.55 24.87 22.89
N LEU BA 46 -19.38 23.56 22.77
CA LEU BA 46 -20.51 22.63 22.84
C LEU BA 46 -20.73 22.23 24.30
N HIS BA 47 -21.90 22.60 24.83
CA HIS BA 47 -22.28 22.29 26.20
C HIS BA 47 -23.29 21.16 26.21
N VAL BA 48 -23.05 20.14 27.03
CA VAL BA 48 -23.96 19.02 27.14
C VAL BA 48 -24.37 18.81 28.59
N GLN BA 57 -30.96 14.91 28.43
CA GLN BA 57 -29.77 15.71 28.21
C GLN BA 57 -30.03 16.87 27.25
N THR BA 58 -29.68 18.08 27.68
CA THR BA 58 -29.79 19.28 26.87
C THR BA 58 -28.42 19.61 26.30
N ALA BA 59 -28.34 19.67 24.98
CA ALA BA 59 -27.10 19.98 24.28
C ALA BA 59 -27.28 21.22 23.42
N TYR BA 60 -26.28 22.09 23.43
CA TYR BA 60 -26.30 23.30 22.62
C TYR BA 60 -24.87 23.78 22.43
N ILE BA 61 -24.72 24.79 21.59
CA ILE BA 61 -23.42 25.40 21.29
C ILE BA 61 -23.50 26.87 21.65
N ASP BA 62 -22.57 27.33 22.47
CA ASP BA 62 -22.45 28.75 22.81
C ASP BA 62 -21.57 29.39 21.75
N TYR BA 63 -22.17 30.26 20.92
CA TYR BA 63 -21.45 30.88 19.82
C TYR BA 63 -21.65 32.39 19.86
N SER BA 64 -20.66 33.11 19.33
CA SER BA 64 -20.66 34.56 19.36
C SER BA 64 -21.52 35.11 18.23
N SER BA 65 -22.36 36.10 18.54
CA SER BA 65 -23.20 36.73 17.54
C SER BA 65 -23.63 38.11 18.03
N LYS BA 66 -23.89 38.99 17.08
CA LYS BA 66 -24.41 40.32 17.37
C LYS BA 66 -25.80 40.57 16.80
N ARG BA 67 -26.24 39.78 15.83
CA ARG BA 67 -27.57 39.91 15.25
C ARG BA 67 -28.53 39.00 16.01
N TYR BA 68 -29.55 39.59 16.62
CA TYR BA 68 -30.50 38.83 17.40
C TYR BA 68 -31.52 38.15 16.49
N ILE BA 69 -31.91 36.94 16.87
CA ILE BA 69 -32.95 36.19 16.19
C ILE BA 69 -34.05 35.91 17.21
N PRO BA 70 -35.28 36.33 16.98
CA PRO BA 70 -36.33 36.20 18.01
C PRO BA 70 -36.61 34.74 18.35
N SER BA 71 -36.55 34.44 19.64
CA SER BA 71 -36.93 33.15 20.18
C SER BA 71 -37.86 33.36 21.36
N VAL BA 72 -38.78 32.41 21.57
CA VAL BA 72 -39.81 32.57 22.58
C VAL BA 72 -39.19 32.61 23.97
N ASN BA 73 -39.88 33.28 24.90
CA ASN BA 73 -39.46 33.40 26.29
C ASN BA 73 -38.13 34.16 26.41
N ASP BA 74 -37.94 35.16 25.55
CA ASP BA 74 -36.78 36.03 25.60
C ASP BA 74 -37.21 37.43 26.02
N PHE BA 75 -36.45 38.03 26.93
CA PHE BA 75 -36.68 39.41 27.34
C PHE BA 75 -35.91 40.33 26.40
N VAL BA 76 -36.62 41.27 25.77
CA VAL BA 76 -36.05 42.12 24.74
C VAL BA 76 -36.52 43.56 24.96
N ILE BA 77 -35.71 44.50 24.49
CA ILE BA 77 -36.03 45.91 24.51
C ILE BA 77 -36.26 46.36 23.07
N GLY BA 78 -37.43 46.93 22.81
CA GLY BA 78 -37.79 47.38 21.48
C GLY BA 78 -38.14 48.87 21.47
N VAL BA 79 -38.39 49.36 20.25
CA VAL BA 79 -38.77 50.74 20.02
C VAL BA 79 -39.98 50.77 19.09
N ILE BA 80 -41.03 51.47 19.52
CA ILE BA 80 -42.24 51.57 18.71
C ILE BA 80 -41.94 52.41 17.48
N ILE BA 81 -42.16 51.83 16.29
CA ILE BA 81 -41.88 52.51 15.03
C ILE BA 81 -43.13 52.70 14.18
N GLY BA 82 -44.28 52.18 14.62
CA GLY BA 82 -45.50 52.32 13.85
C GLY BA 82 -46.73 51.79 14.56
N THR BA 83 -47.86 52.47 14.38
CA THR BA 83 -49.12 52.08 15.02
C THR BA 83 -50.09 51.61 13.94
N PHE BA 84 -50.60 50.40 14.09
CA PHE BA 84 -51.52 49.80 13.14
C PHE BA 84 -52.91 49.70 13.77
N SER BA 85 -53.75 48.84 13.19
CA SER BA 85 -55.14 48.75 13.65
C SER BA 85 -55.24 48.16 15.05
N ASP BA 86 -54.66 46.97 15.25
CA ASP BA 86 -54.80 46.28 16.52
C ASP BA 86 -53.47 46.01 17.23
N SER BA 87 -52.34 46.37 16.64
CA SER BA 87 -51.04 46.03 17.21
C SER BA 87 -50.05 47.16 16.97
N TYR BA 88 -48.87 47.01 17.56
CA TYR BA 88 -47.74 47.93 17.39
C TYR BA 88 -46.67 47.28 16.53
N LYS BA 89 -46.07 48.06 15.64
CA LYS BA 89 -44.87 47.64 14.92
C LYS BA 89 -43.64 48.05 15.74
N VAL BA 90 -42.89 47.07 16.20
CA VAL BA 90 -41.73 47.29 17.06
C VAL BA 90 -40.48 46.79 16.35
N SER BA 91 -39.36 47.48 16.60
CA SER BA 91 -38.06 47.08 16.07
C SER BA 91 -37.15 46.72 17.24
N LEU BA 92 -36.67 45.47 17.24
CA LEU BA 92 -35.75 45.02 18.26
C LEU BA 92 -34.29 45.26 17.90
N GLN BA 93 -34.01 45.54 16.62
CA GLN BA 93 -32.66 45.77 16.15
C GLN BA 93 -32.75 46.43 14.78
N ASN BA 94 -31.79 47.30 14.48
CA ASN BA 94 -31.81 48.01 13.21
C ASN BA 94 -31.65 47.04 12.04
N PHE BA 95 -32.39 47.32 10.96
CA PHE BA 95 -32.35 46.57 9.70
C PHE BA 95 -33.01 45.20 9.80
N SER BA 96 -33.28 44.74 11.02
CA SER BA 96 -33.95 43.46 11.20
C SER BA 96 -35.45 43.59 10.92
N SER BA 97 -36.10 42.44 10.82
CA SER BA 97 -37.53 42.42 10.54
C SER BA 97 -38.32 42.90 11.75
N SER BA 98 -39.45 43.55 11.50
CA SER BA 98 -40.24 44.16 12.54
C SER BA 98 -40.96 43.12 13.38
N VAL BA 99 -41.42 43.54 14.55
CA VAL BA 99 -42.10 42.66 15.51
C VAL BA 99 -43.43 43.30 15.88
N SER BA 100 -44.44 42.46 16.12
CA SER BA 100 -45.80 42.91 16.41
C SER BA 100 -46.05 42.88 17.91
N LEU BA 101 -46.65 43.95 18.43
CA LEU BA 101 -47.03 44.06 19.83
C LEU BA 101 -48.51 44.42 19.89
N SER BA 102 -49.35 43.45 20.26
CA SER BA 102 -50.79 43.64 20.25
C SER BA 102 -51.23 44.63 21.33
N TYR BA 103 -52.30 45.37 21.04
CA TYR BA 103 -52.86 46.29 22.02
C TYR BA 103 -53.43 45.55 23.23
N MET BA 104 -53.93 44.34 23.03
CA MET BA 104 -54.46 43.52 24.12
C MET BA 104 -53.37 42.89 24.97
N ALA BA 105 -52.10 43.08 24.63
CA ALA BA 105 -50.99 42.48 25.36
C ALA BA 105 -50.46 43.41 26.46
N PHE BA 106 -51.36 43.92 27.28
CA PHE BA 106 -51.03 44.81 28.38
C PHE BA 106 -51.89 44.45 29.57
N PRO BA 107 -51.46 44.78 30.79
CA PRO BA 107 -52.30 44.55 31.96
C PRO BA 107 -53.53 45.45 31.93
N ASN BA 108 -54.67 44.88 32.35
CA ASN BA 108 -55.96 45.57 32.32
C ASN BA 108 -56.31 46.00 30.90
N ALA BA 109 -56.15 45.06 29.97
CA ALA BA 109 -56.43 45.34 28.57
C ALA BA 109 -57.92 45.20 28.28
N SER BA 110 -58.41 46.06 27.40
CA SER BA 110 -59.83 46.06 27.04
C SER BA 110 -59.97 46.54 25.60
N LYS BA 111 -61.08 46.16 24.98
CA LYS BA 111 -61.41 46.66 23.65
C LYS BA 111 -61.80 48.14 23.67
N LYS BA 112 -62.01 48.71 24.86
CA LYS BA 112 -62.38 50.12 24.99
C LYS BA 112 -61.20 51.02 25.29
N ASN BA 113 -60.15 50.51 25.96
CA ASN BA 113 -58.99 51.30 26.34
C ASN BA 113 -57.76 50.75 25.61
N ARG BA 114 -57.19 51.57 24.70
CA ARG BA 114 -55.95 51.26 23.99
C ARG BA 114 -54.75 51.78 24.75
N PRO BA 115 -53.59 51.14 24.61
CA PRO BA 115 -52.40 51.58 25.34
C PRO BA 115 -51.95 52.97 24.89
N THR BA 116 -51.26 53.66 25.79
CA THR BA 116 -50.89 55.06 25.60
C THR BA 116 -49.52 55.24 24.96
N LEU BA 117 -48.90 54.17 24.46
CA LEU BA 117 -47.58 54.29 23.88
C LEU BA 117 -47.63 55.03 22.55
N GLN BA 118 -46.61 55.84 22.30
CA GLN BA 118 -46.45 56.59 21.06
C GLN BA 118 -45.19 56.12 20.33
N VAL BA 119 -45.09 56.52 19.07
CA VAL BA 119 -43.95 56.10 18.25
C VAL BA 119 -42.66 56.66 18.83
N GLY BA 120 -41.69 55.78 19.03
CA GLY BA 120 -40.39 56.16 19.57
C GLY BA 120 -40.16 55.78 21.01
N ASP BA 121 -41.14 55.20 21.70
CA ASP BA 121 -40.99 54.87 23.10
C ASP BA 121 -40.27 53.53 23.28
N LEU BA 122 -39.50 53.43 24.36
CA LEU BA 122 -38.80 52.20 24.70
C LEU BA 122 -39.73 51.28 25.49
N VAL BA 123 -39.82 50.02 25.04
CA VAL BA 123 -40.71 49.04 25.64
C VAL BA 123 -39.90 47.81 26.02
N TYR BA 124 -40.11 47.31 27.23
CA TYR BA 124 -39.49 46.09 27.72
C TYR BA 124 -40.54 44.99 27.67
N ALA BA 125 -40.24 43.92 26.92
CA ALA BA 125 -41.27 42.92 26.63
C ALA BA 125 -40.64 41.53 26.55
N ARG BA 126 -41.51 40.54 26.36
CA ARG BA 126 -41.12 39.14 26.24
C ARG BA 126 -41.62 38.57 24.93
N VAL BA 127 -40.81 37.73 24.30
CA VAL BA 127 -41.19 37.10 23.04
C VAL BA 127 -42.09 35.90 23.34
N CYS BA 128 -43.28 35.89 22.72
CA CYS BA 128 -44.26 34.83 22.95
C CYS BA 128 -44.29 33.82 21.81
N THR BA 129 -44.52 34.29 20.59
CA THR BA 129 -44.52 33.43 19.40
C THR BA 129 -43.40 33.88 18.47
N ALA BA 130 -42.48 32.97 18.17
CA ALA BA 130 -41.34 33.25 17.30
C ALA BA 130 -41.27 32.21 16.19
N GLU BA 131 -42.31 32.19 15.36
CA GLU BA 131 -42.35 31.25 14.25
C GLU BA 131 -41.38 31.71 13.16
N LYS BA 132 -40.61 30.77 12.63
CA LYS BA 132 -39.60 31.11 11.62
C LYS BA 132 -40.25 31.60 10.32
N GLU BA 133 -41.48 31.17 10.04
CA GLU BA 133 -42.19 31.57 8.83
C GLU BA 133 -43.24 32.64 9.09
N LEU BA 134 -43.24 33.25 10.28
CA LEU BA 134 -44.23 34.24 10.65
C LEU BA 134 -43.55 35.44 11.30
N GLU BA 135 -44.30 36.54 11.40
CA GLU BA 135 -43.81 37.71 12.10
C GLU BA 135 -43.79 37.43 13.60
N ALA BA 136 -42.66 37.74 14.24
CA ALA BA 136 -42.52 37.52 15.67
C ALA BA 136 -43.50 38.39 16.44
N GLU BA 137 -43.78 37.99 17.68
CA GLU BA 137 -44.74 38.67 18.52
C GLU BA 137 -44.18 38.82 19.93
N ILE BA 138 -44.47 39.96 20.56
CA ILE BA 138 -44.04 40.24 21.92
C ILE BA 138 -45.26 40.63 22.75
N GLU BA 139 -45.09 40.56 24.07
CA GLU BA 139 -46.16 40.89 25.00
C GLU BA 139 -45.57 41.60 26.21
N CYS BA 140 -46.35 42.53 26.77
CA CYS BA 140 -45.91 43.33 27.90
C CYS BA 140 -46.60 42.93 29.21
N PHE BA 141 -47.38 41.86 29.22
CA PHE BA 141 -47.98 41.34 30.44
C PHE BA 141 -47.68 39.85 30.54
N ASP BA 142 -47.72 39.34 31.78
CA ASP BA 142 -47.57 37.91 31.95
C ASP BA 142 -48.84 37.24 31.42
N SER BA 143 -48.65 36.20 30.60
CA SER BA 143 -49.79 35.58 29.92
C SER BA 143 -50.77 34.93 30.90
N THR BA 144 -50.30 34.48 32.07
CA THR BA 144 -51.15 33.71 32.96
C THR BA 144 -51.66 34.49 34.15
N THR BA 145 -51.01 35.60 34.53
CA THR BA 145 -51.41 36.35 35.71
C THR BA 145 -52.15 37.64 35.37
N GLY BA 146 -51.94 38.20 34.18
CA GLY BA 146 -52.60 39.43 33.79
C GLY BA 146 -51.91 40.71 34.23
N ARG BA 147 -50.95 40.62 35.14
CA ARG BA 147 -50.22 41.79 35.61
C ARG BA 147 -48.93 41.96 34.82
N ASP BA 148 -48.37 43.17 34.89
CA ASP BA 148 -47.12 43.47 34.21
C ASP BA 148 -45.95 43.03 35.07
N ALA BA 149 -45.16 42.08 34.55
CA ALA BA 149 -44.00 41.55 35.26
C ALA BA 149 -42.76 42.36 34.89
N GLY BA 150 -42.70 43.57 35.43
CA GLY BA 150 -41.63 44.49 35.12
C GLY BA 150 -41.60 45.01 33.71
N PHE BA 151 -42.59 44.67 32.89
CA PHE BA 151 -42.67 45.12 31.51
C PHE BA 151 -43.34 46.48 31.45
N GLY BA 152 -43.24 47.12 30.29
CA GLY BA 152 -43.86 48.41 30.05
C GLY BA 152 -42.89 49.40 29.48
N ILE BA 153 -43.30 50.67 29.51
CA ILE BA 153 -42.51 51.74 28.91
C ILE BA 153 -41.26 52.00 29.74
N LEU BA 154 -40.14 52.25 29.06
CA LEU BA 154 -38.87 52.61 29.70
C LEU BA 154 -38.67 54.11 29.49
N GLU BA 155 -39.06 54.91 30.48
CA GLU BA 155 -39.02 56.35 30.33
C GLU BA 155 -37.60 56.88 30.41
N ASP BA 156 -37.23 57.73 29.45
CA ASP BA 156 -35.95 58.43 29.41
C ASP BA 156 -34.81 57.41 29.43
N GLY BA 157 -33.67 57.79 30.03
CA GLY BA 157 -32.53 56.91 30.08
C GLY BA 157 -31.75 56.88 28.78
N MET BA 158 -30.79 55.96 28.74
CA MET BA 158 -29.97 55.75 27.55
C MET BA 158 -29.84 54.27 27.28
N ILE BA 159 -29.93 53.90 26.00
CA ILE BA 159 -29.83 52.51 25.56
C ILE BA 159 -28.42 52.26 25.04
N ILE BA 160 -27.93 51.03 25.27
CA ILE BA 160 -26.56 50.65 24.92
C ILE BA 160 -26.61 49.45 24.01
N ASP BA 161 -25.81 49.49 22.94
CA ASP BA 161 -25.68 48.37 22.02
C ASP BA 161 -24.61 47.41 22.53
N VAL BA 162 -24.93 46.12 22.54
CA VAL BA 162 -24.12 45.10 23.18
C VAL BA 162 -24.30 43.79 22.43
N ASN BA 163 -23.25 42.99 22.37
CA ASN BA 163 -23.34 41.69 21.71
C ASN BA 163 -24.20 40.72 22.53
N LEU BA 164 -24.79 39.74 21.84
CA LEU BA 164 -25.78 38.87 22.47
C LEU BA 164 -25.19 38.03 23.59
N ASN BA 165 -23.91 37.67 23.50
CA ASN BA 165 -23.30 36.87 24.56
C ASN BA 165 -23.11 37.70 25.83
N PHE BA 166 -22.73 38.96 25.68
CA PHE BA 166 -22.61 39.84 26.83
C PHE BA 166 -23.98 40.11 27.47
N ALA BA 167 -25.03 40.18 26.65
CA ALA BA 167 -26.37 40.39 27.20
C ALA BA 167 -26.89 39.14 27.87
N ARG BA 168 -26.64 37.96 27.28
CA ARG BA 168 -27.03 36.71 27.91
C ARG BA 168 -26.22 36.47 29.18
N GLN BA 169 -24.94 36.83 29.17
CA GLN BA 169 -24.11 36.68 30.37
C GLN BA 169 -24.53 37.65 31.46
N LEU BA 170 -25.05 38.83 31.07
CA LEU BA 170 -25.45 39.83 32.06
C LEU BA 170 -26.81 39.53 32.67
N LEU BA 171 -27.68 38.80 31.96
CA LEU BA 171 -29.03 38.56 32.47
C LEU BA 171 -29.13 37.28 33.30
N PHE BA 172 -28.43 36.22 32.92
CA PHE BA 172 -28.58 34.93 33.58
C PHE BA 172 -27.45 34.61 34.54
N ASN BA 173 -26.23 35.05 34.25
CA ASN BA 173 -25.09 34.78 35.13
C ASN BA 173 -25.03 35.87 36.20
N ASN BA 174 -25.34 35.50 37.44
CA ASN BA 174 -25.24 36.42 38.57
C ASN BA 174 -23.81 36.66 39.02
N ASP BA 175 -22.85 35.87 38.55
CA ASP BA 175 -21.45 36.09 38.88
C ASP BA 175 -20.79 37.09 37.95
N PHE BA 176 -21.55 37.71 37.05
CA PHE BA 176 -21.00 38.73 36.17
C PHE BA 176 -20.86 40.03 36.95
N PRO BA 177 -19.64 40.53 37.15
CA PRO BA 177 -19.45 41.65 38.08
C PRO BA 177 -19.94 43.00 37.58
N LEU BA 178 -20.38 43.11 36.32
CA LEU BA 178 -20.73 44.42 35.77
C LEU BA 178 -21.82 45.10 36.59
N LEU BA 179 -22.88 44.37 36.93
CA LEU BA 179 -23.96 44.97 37.72
C LEU BA 179 -23.51 45.27 39.14
N LYS BA 180 -22.51 44.54 39.65
CA LYS BA 180 -22.02 44.78 41.00
C LYS BA 180 -21.09 45.97 41.05
N VAL BA 181 -20.16 46.07 40.09
CA VAL BA 181 -19.24 47.21 40.05
C VAL BA 181 -19.96 48.50 39.72
N LEU BA 182 -21.13 48.41 39.07
CA LEU BA 182 -21.90 49.61 38.77
C LEU BA 182 -22.68 50.09 39.99
N ALA BA 183 -23.22 49.16 40.77
CA ALA BA 183 -23.92 49.55 42.00
C ALA BA 183 -22.97 50.19 43.01
N ALA BA 184 -21.69 49.85 42.96
CA ALA BA 184 -20.72 50.39 43.90
C ALA BA 184 -20.43 51.87 43.68
N HIS BA 185 -20.84 52.44 42.54
CA HIS BA 185 -20.62 53.86 42.27
C HIS BA 185 -21.89 54.68 42.37
N THR BA 186 -22.99 54.21 41.77
CA THR BA 186 -24.24 54.97 41.75
C THR BA 186 -25.41 54.02 41.89
N LYS BA 187 -26.56 54.59 42.25
CA LYS BA 187 -27.83 53.90 42.22
C LYS BA 187 -28.43 54.05 40.82
N PHE BA 188 -28.73 52.92 40.18
CA PHE BA 188 -29.13 52.92 38.78
C PHE BA 188 -30.22 51.89 38.53
N GLU BA 189 -31.07 52.17 37.55
CA GLU BA 189 -32.10 51.25 37.10
C GLU BA 189 -31.66 50.68 35.75
N VAL BA 190 -31.62 49.35 35.66
CA VAL BA 190 -31.13 48.66 34.47
C VAL BA 190 -32.19 47.68 33.96
N ALA BA 191 -32.36 47.64 32.65
CA ALA BA 191 -33.19 46.65 31.98
C ALA BA 191 -32.34 45.94 30.94
N ILE BA 192 -32.22 44.62 31.06
CA ILE BA 192 -31.34 43.83 30.21
C ILE BA 192 -32.18 43.14 29.15
N GLY BA 193 -31.85 43.39 27.89
CA GLY BA 193 -32.51 42.74 26.76
C GLY BA 193 -31.57 41.74 26.10
N LEU BA 194 -32.12 40.58 25.75
CA LEU BA 194 -31.35 39.53 25.10
C LEU BA 194 -31.16 39.79 23.61
N ASN BA 195 -31.51 40.98 23.13
CA ASN BA 195 -31.32 41.38 21.75
C ASN BA 195 -30.21 42.41 21.60
N GLY BA 196 -29.38 42.59 22.63
CA GLY BA 196 -28.27 43.50 22.57
C GLY BA 196 -28.54 44.91 23.05
N LYS BA 197 -29.65 45.14 23.73
CA LYS BA 197 -30.01 46.46 24.24
C LYS BA 197 -30.02 46.44 25.76
N ILE BA 198 -29.23 47.33 26.36
CA ILE BA 198 -29.19 47.50 27.81
C ILE BA 198 -29.60 48.93 28.12
N TRP BA 199 -30.66 49.08 28.93
CA TRP BA 199 -31.22 50.38 29.25
C TRP BA 199 -30.77 50.81 30.63
N VAL BA 200 -30.28 52.06 30.73
CA VAL BA 200 -29.73 52.59 31.98
C VAL BA 200 -30.37 53.95 32.25
N LYS BA 201 -30.72 54.20 33.51
CA LYS BA 201 -31.24 55.49 33.93
C LYS BA 201 -30.82 55.75 35.37
N CYS BA 202 -30.29 56.94 35.63
CA CYS BA 202 -29.89 57.37 36.95
C CYS BA 202 -30.64 58.64 37.34
N GLU BA 203 -30.32 59.16 38.54
CA GLU BA 203 -30.94 60.39 38.99
C GLU BA 203 -30.37 61.60 38.23
N GLU BA 204 -29.07 61.58 37.94
CA GLU BA 204 -28.40 62.62 37.20
C GLU BA 204 -27.90 62.07 35.87
N LEU BA 205 -27.94 62.92 34.83
CA LEU BA 205 -27.44 62.52 33.52
C LEU BA 205 -25.96 62.17 33.57
N SER BA 206 -25.20 62.80 34.46
CA SER BA 206 -23.77 62.51 34.57
C SER BA 206 -23.52 61.08 35.02
N ASN BA 207 -24.42 60.51 35.83
CA ASN BA 207 -24.26 59.13 36.26
C ASN BA 207 -24.68 58.16 35.15
N THR BA 208 -25.79 58.45 34.46
CA THR BA 208 -26.21 57.61 33.35
C THR BA 208 -25.15 57.54 32.27
N LEU BA 209 -24.53 58.68 31.95
CA LEU BA 209 -23.47 58.68 30.95
C LEU BA 209 -22.26 57.89 31.42
N ALA BA 210 -21.95 57.95 32.72
CA ALA BA 210 -20.82 57.18 33.23
C ALA BA 210 -21.10 55.69 33.19
N CYS BA 211 -22.38 55.29 33.31
CA CYS BA 211 -22.73 53.88 33.17
C CYS BA 211 -22.72 53.45 31.70
N TYR BA 212 -23.09 54.35 30.79
CA TYR BA 212 -23.01 54.05 29.37
C TYR BA 212 -21.57 53.77 28.93
N ARG BA 213 -20.63 54.63 29.36
CA ARG BA 213 -19.26 54.50 28.90
C ARG BA 213 -18.58 53.26 29.48
N THR BA 214 -18.87 52.92 30.74
CA THR BA 214 -18.25 51.75 31.34
C THR BA 214 -18.79 50.45 30.75
N ILE BA 215 -20.10 50.40 30.49
CA ILE BA 215 -20.69 49.20 29.88
C ILE BA 215 -20.17 49.03 28.45
N MET BA 216 -19.95 50.14 27.75
CA MET BA 216 -19.39 50.06 26.40
C MET BA 216 -17.98 49.48 26.41
N GLU BA 217 -17.15 49.93 27.36
CA GLU BA 217 -15.78 49.44 27.41
C GLU BA 217 -15.73 48.01 27.93
N CYS BA 218 -16.58 47.68 28.90
CA CYS BA 218 -16.62 46.32 29.41
C CYS BA 218 -17.15 45.35 28.37
N CYS BA 219 -18.04 45.80 27.49
CA CYS BA 219 -18.54 44.95 26.43
C CYS BA 219 -17.45 44.62 25.41
N GLN BA 220 -16.50 45.54 25.20
CA GLN BA 220 -15.45 45.31 24.21
C GLN BA 220 -14.34 44.43 24.77
N LYS BA 221 -14.08 44.50 26.06
CA LYS BA 221 -13.02 43.72 26.69
C LYS BA 221 -13.59 42.40 27.20
N ASN BA 222 -12.92 41.29 26.85
CA ASN BA 222 -13.38 39.96 27.22
C ASN BA 222 -12.91 39.54 28.61
N ASP BA 223 -12.14 40.37 29.32
CA ASP BA 223 -11.59 40.03 30.61
C ASP BA 223 -12.51 40.53 31.71
N THR BA 224 -13.11 39.61 32.46
CA THR BA 224 -13.99 39.96 33.57
C THR BA 224 -13.23 40.70 34.68
N ALA BA 225 -11.97 40.32 34.90
CA ALA BA 225 -11.18 40.88 35.99
C ALA BA 225 -10.81 42.34 35.79
N ALA BA 226 -11.28 42.99 34.72
CA ALA BA 226 -10.98 44.40 34.47
C ALA BA 226 -12.18 45.32 34.65
N PHE BA 227 -13.34 44.78 35.03
CA PHE BA 227 -14.54 45.60 35.12
C PHE BA 227 -14.43 46.65 36.22
N LYS BA 228 -13.80 46.29 37.34
CA LYS BA 228 -13.69 47.22 38.46
C LYS BA 228 -12.80 48.41 38.10
N ASP BA 229 -11.69 48.15 37.40
CA ASP BA 229 -10.78 49.23 37.03
C ASP BA 229 -11.41 50.15 35.98
N ILE BA 230 -12.23 49.61 35.10
CA ILE BA 230 -12.87 50.44 34.08
C ILE BA 230 -13.89 51.39 34.71
N ALA BA 231 -14.71 50.86 35.63
CA ALA BA 231 -15.68 51.70 36.32
C ALA BA 231 -14.99 52.77 37.16
N LYS BA 232 -13.86 52.42 37.79
CA LYS BA 232 -13.17 53.38 38.64
C LYS BA 232 -12.58 54.53 37.81
N ARG BA 233 -12.10 54.23 36.61
CA ARG BA 233 -11.50 55.26 35.76
C ARG BA 233 -12.57 56.06 35.03
N GLN BA 234 -13.72 55.45 34.73
CA GLN BA 234 -14.77 56.17 34.02
C GLN BA 234 -15.50 57.15 34.91
N PHE BA 235 -15.90 56.71 36.11
CA PHE BA 235 -16.56 57.61 37.05
C PHE BA 235 -15.61 58.68 37.58
N LYS BA 236 -14.30 58.42 37.57
CA LYS BA 236 -13.35 59.46 37.94
C LYS BA 236 -13.25 60.53 36.86
N GLU BA 237 -13.42 60.14 35.60
CA GLU BA 237 -13.42 61.12 34.50
C GLU BA 237 -14.69 61.95 34.50
N ILE BA 238 -15.78 61.41 35.03
CA ILE BA 238 -17.03 62.17 35.09
C ILE BA 238 -16.89 63.35 36.05
N LEU BA 239 -16.11 63.20 37.11
CA LEU BA 239 -15.91 64.27 38.07
C LEU BA 239 -15.05 65.38 37.46
N ASP CA 8 -58.10 101.20 4.77
CA ASP CA 8 -58.10 99.87 4.16
C ASP CA 8 -57.23 98.91 4.98
N SER CA 9 -57.34 97.61 4.68
CA SER CA 9 -56.54 96.62 5.37
C SER CA 9 -55.07 96.77 4.95
N GLN CA 10 -54.23 95.86 5.45
CA GLN CA 10 -52.79 95.99 5.30
C GLN CA 10 -52.19 94.79 4.58
N ILE CA 11 -51.29 95.09 3.63
CA ILE CA 11 -50.61 94.07 2.84
C ILE CA 11 -49.30 93.72 3.52
N VAL CA 12 -49.10 92.44 3.82
CA VAL CA 12 -47.88 91.97 4.47
C VAL CA 12 -47.24 90.87 3.63
N THR CA 13 -45.94 90.70 3.81
CA THR CA 13 -45.13 89.72 3.11
C THR CA 13 -44.48 88.78 4.12
N PRO CA 14 -43.99 87.62 3.67
CA PRO CA 14 -43.34 86.68 4.59
C PRO CA 14 -42.20 87.33 5.37
N GLY CA 15 -42.16 87.04 6.67
CA GLY CA 15 -41.15 87.57 7.56
C GLY CA 15 -41.53 88.87 8.25
N GLU CA 16 -42.56 89.56 7.76
CA GLU CA 16 -42.94 90.83 8.34
C GLU CA 16 -43.65 90.64 9.68
N LEU CA 17 -43.41 91.56 10.61
CA LEU CA 17 -44.08 91.55 11.90
C LEU CA 17 -45.50 92.06 11.75
N VAL CA 18 -46.46 91.27 12.22
CA VAL CA 18 -47.87 91.65 12.08
C VAL CA 18 -48.35 92.39 13.33
N THR CA 19 -47.92 91.96 14.51
CA THR CA 19 -48.23 92.64 15.76
C THR CA 19 -47.30 92.11 16.83
N ASP CA 20 -46.92 93.00 17.75
CA ASP CA 20 -46.16 92.61 18.93
C ASP CA 20 -47.06 92.28 20.12
N ASP CA 21 -48.37 92.37 19.95
CA ASP CA 21 -49.32 92.06 21.01
C ASP CA 21 -49.47 90.55 21.12
N PRO CA 22 -49.12 89.94 22.27
CA PRO CA 22 -49.31 88.49 22.40
C PRO CA 22 -50.73 88.08 22.75
N ILE CA 23 -51.54 89.01 23.25
CA ILE CA 23 -52.93 88.71 23.59
C ILE CA 23 -53.76 88.64 22.31
N TRP CA 24 -53.40 87.71 21.43
CA TRP CA 24 -54.11 87.48 20.18
C TRP CA 24 -54.18 85.98 19.93
N MET CA 25 -55.23 85.57 19.23
CA MET CA 25 -55.37 84.17 18.81
C MET CA 25 -54.72 84.02 17.43
N ARG CA 26 -53.71 83.16 17.35
CA ARG CA 26 -52.96 83.01 16.11
C ARG CA 26 -53.80 82.25 15.09
N GLY CA 27 -54.01 82.87 13.93
CA GLY CA 27 -54.79 82.29 12.85
C GLY CA 27 -53.92 81.68 11.78
N HIS CA 28 -54.46 81.61 10.56
CA HIS CA 28 -53.73 81.03 9.44
C HIS CA 28 -52.81 82.07 8.81
N GLY CA 29 -51.78 81.56 8.12
CA GLY CA 29 -50.80 82.44 7.52
C GLY CA 29 -49.95 83.21 8.51
N THR CA 30 -49.84 82.71 9.74
CA THR CA 30 -49.09 83.37 10.79
C THR CA 30 -48.21 82.36 11.53
N TYR CA 31 -47.25 82.91 12.28
CA TYR CA 31 -46.41 82.16 13.19
C TYR CA 31 -45.81 83.19 14.15
N PHE CA 32 -45.33 82.72 15.29
CA PHE CA 32 -44.91 83.68 16.30
C PHE CA 32 -43.76 83.14 17.14
N LEU CA 33 -42.99 84.09 17.69
CA LEU CA 33 -41.93 83.83 18.65
C LEU CA 33 -42.11 84.83 19.79
N ASP CA 34 -42.51 84.32 20.95
CA ASP CA 34 -42.80 85.17 22.13
C ASP CA 34 -43.96 86.11 21.73
N ASN CA 35 -43.86 87.40 22.06
CA ASN CA 35 -44.93 88.34 21.74
C ASN CA 35 -45.01 88.65 20.25
N MET CA 36 -43.93 88.41 19.50
CA MET CA 36 -43.85 88.82 18.10
C MET CA 36 -44.60 87.82 17.24
N THR CA 37 -45.59 88.31 16.49
CA THR CA 37 -46.37 87.48 15.57
C THR CA 37 -46.05 87.91 14.14
N TYR CA 38 -45.51 86.98 13.35
CA TYR CA 38 -45.08 87.27 11.98
C TYR CA 38 -46.03 86.64 10.97
N SER CA 39 -45.88 87.06 9.72
CA SER CA 39 -46.66 86.54 8.61
C SER CA 39 -45.81 85.56 7.80
N SER CA 40 -46.44 84.45 7.40
CA SER CA 40 -45.76 83.43 6.62
C SER CA 40 -46.04 83.52 5.13
N VAL CA 41 -47.04 84.29 4.72
CA VAL CA 41 -47.43 84.41 3.32
C VAL CA 41 -47.54 85.89 2.96
N ALA CA 42 -47.67 86.14 1.66
CA ALA CA 42 -47.97 87.47 1.16
C ALA CA 42 -49.48 87.61 1.04
N GLY CA 43 -50.08 88.37 1.94
CA GLY CA 43 -51.51 88.50 1.96
C GLY CA 43 -51.97 89.73 2.70
N THR CA 44 -53.22 89.69 3.15
CA THR CA 44 -53.86 90.80 3.83
C THR CA 44 -54.13 90.44 5.28
N VAL CA 45 -53.95 91.41 6.17
CA VAL CA 45 -54.13 91.17 7.61
C VAL CA 45 -55.62 91.16 7.92
N SER CA 46 -56.06 90.14 8.65
CA SER CA 46 -57.45 89.99 9.04
C SER CA 46 -57.55 89.97 10.56
N ARG CA 47 -58.32 90.91 11.12
CA ARG CA 47 -58.58 90.98 12.55
C ARG CA 47 -60.06 90.71 12.77
N VAL CA 48 -60.37 89.54 13.33
CA VAL CA 48 -61.74 89.12 13.60
C VAL CA 48 -61.82 88.72 15.06
N ASN CA 49 -62.62 89.46 15.85
CA ASN CA 49 -62.73 89.25 17.28
C ASN CA 49 -61.36 89.31 17.94
N ARG CA 50 -60.80 88.15 18.27
CA ARG CA 50 -59.46 88.06 18.82
C ARG CA 50 -58.56 87.17 17.96
N LEU CA 51 -58.97 86.87 16.74
CA LEU CA 51 -58.29 85.92 15.86
C LEU CA 51 -57.54 86.72 14.80
N LEU CA 52 -56.24 86.90 15.00
CA LEU CA 52 -55.38 87.54 14.01
C LEU CA 52 -54.95 86.51 12.96
N SER CA 53 -55.22 86.84 11.69
CA SER CA 53 -54.85 85.94 10.60
C SER CA 53 -54.48 86.77 9.38
N VAL CA 54 -53.80 86.12 8.45
CA VAL CA 54 -53.38 86.74 7.19
C VAL CA 54 -54.04 85.97 6.05
N ILE CA 55 -54.85 86.67 5.27
CA ILE CA 55 -55.52 86.06 4.12
C ILE CA 55 -54.58 86.08 2.93
N PRO CA 56 -54.11 84.93 2.46
CA PRO CA 56 -53.16 84.93 1.34
C PRO CA 56 -53.80 85.44 0.05
N LEU CA 57 -52.98 86.07 -0.78
CA LEU CA 57 -53.45 86.56 -2.07
C LEU CA 57 -53.63 85.44 -3.08
N LYS CA 58 -52.88 84.35 -2.92
CA LYS CA 58 -53.01 83.17 -3.77
C LYS CA 58 -53.10 81.93 -2.90
N GLY CA 59 -53.46 80.82 -3.52
CA GLY CA 59 -53.61 79.55 -2.84
C GLY CA 59 -54.77 78.79 -3.44
N ARG CA 60 -54.69 77.46 -3.35
CA ARG CA 60 -55.74 76.62 -3.92
C ARG CA 60 -57.04 76.76 -3.13
N TYR CA 61 -58.10 76.22 -3.71
CA TYR CA 61 -59.41 76.24 -3.06
C TYR CA 61 -59.37 75.50 -1.73
N ALA CA 62 -59.79 76.19 -0.66
CA ALA CA 62 -59.86 75.59 0.65
C ALA CA 62 -61.31 75.23 0.97
N PRO CA 63 -61.65 73.97 1.14
CA PRO CA 63 -63.04 73.59 1.36
C PRO CA 63 -63.52 73.90 2.77
N GLU CA 64 -64.79 74.28 2.86
CA GLU CA 64 -65.45 74.52 4.13
C GLU CA 64 -66.73 73.71 4.18
N THR CA 65 -67.17 73.40 5.41
CA THR CA 65 -68.38 72.61 5.60
C THR CA 65 -69.59 73.31 4.99
N GLY CA 66 -70.29 72.58 4.12
CA GLY CA 66 -71.46 73.10 3.44
C GLY CA 66 -71.25 73.48 1.99
N ASP CA 67 -70.01 73.46 1.52
CA ASP CA 67 -69.71 73.87 0.15
C ASP CA 67 -70.27 72.87 -0.85
N HIS CA 68 -70.88 73.39 -1.91
CA HIS CA 68 -71.37 72.58 -3.03
C HIS CA 68 -70.27 72.54 -4.09
N VAL CA 69 -69.65 71.36 -4.26
CA VAL CA 69 -68.48 71.21 -5.11
C VAL CA 69 -68.79 70.23 -6.23
N VAL CA 70 -68.04 70.36 -7.32
CA VAL CA 70 -68.04 69.40 -8.41
C VAL CA 70 -66.65 68.79 -8.48
N GLY CA 71 -66.57 67.46 -8.53
CA GLY CA 71 -65.30 66.78 -8.43
C GLY CA 71 -65.22 65.61 -9.40
N ARG CA 72 -63.98 65.23 -9.68
CA ARG CA 72 -63.67 64.09 -10.55
C ARG CA 72 -63.11 62.96 -9.72
N ILE CA 73 -63.63 61.75 -9.94
CA ILE CA 73 -63.15 60.58 -9.20
C ILE CA 73 -61.70 60.32 -9.58
N ALA CA 74 -60.82 60.29 -8.58
CA ALA CA 74 -59.39 60.11 -8.80
C ALA CA 74 -58.92 58.67 -8.57
N GLU CA 75 -59.39 58.03 -7.49
CA GLU CA 75 -59.02 56.66 -7.21
C GLU CA 75 -60.14 55.99 -6.42
N VAL CA 76 -60.14 54.66 -6.42
CA VAL CA 76 -61.17 53.87 -5.76
C VAL CA 76 -60.54 53.15 -4.58
N GLY CA 77 -61.02 53.45 -3.38
CA GLY CA 77 -60.47 52.93 -2.15
C GLY CA 77 -61.30 51.76 -1.63
N ASN CA 78 -60.66 50.94 -0.79
CA ASN CA 78 -61.27 49.79 -0.14
C ASN CA 78 -62.74 49.96 0.21
N LYS CA 79 -63.14 51.17 0.61
CA LYS CA 79 -64.55 51.43 0.90
C LYS CA 79 -64.85 52.92 0.80
N ARG CA 80 -64.11 53.62 -0.06
CA ARG CA 80 -64.28 55.06 -0.22
C ARG CA 80 -63.71 55.46 -1.57
N TRP CA 81 -64.14 56.62 -2.05
CA TRP CA 81 -63.54 57.24 -3.22
C TRP CA 81 -62.74 58.47 -2.80
N LYS CA 82 -61.63 58.69 -3.50
CA LYS CA 82 -60.88 59.93 -3.39
C LYS CA 82 -61.20 60.77 -4.62
N VAL CA 83 -61.74 61.97 -4.40
CA VAL CA 83 -62.23 62.82 -5.46
C VAL CA 83 -61.31 64.03 -5.61
N ASP CA 84 -60.99 64.37 -6.85
CA ASP CA 84 -60.26 65.60 -7.13
C ASP CA 84 -61.24 66.76 -7.01
N ILE CA 85 -61.05 67.58 -5.98
CA ILE CA 85 -61.96 68.70 -5.72
C ILE CA 85 -61.38 70.02 -6.20
N GLY CA 86 -60.07 70.06 -6.49
CA GLY CA 86 -59.40 71.28 -6.85
C GLY CA 86 -58.62 71.93 -5.74
N GLY CA 87 -58.38 71.20 -4.64
CA GLY CA 87 -57.63 71.71 -3.52
C GLY CA 87 -56.26 71.07 -3.40
N LYS CA 88 -55.65 71.28 -2.24
CA LYS CA 88 -54.32 70.74 -1.98
C LYS CA 88 -54.33 69.21 -1.93
N GLN CA 89 -55.36 68.62 -1.35
CA GLN CA 89 -55.47 67.18 -1.21
C GLN CA 89 -56.73 66.68 -1.91
N HIS CA 90 -56.78 65.36 -2.11
CA HIS CA 90 -58.00 64.71 -2.55
C HIS CA 90 -59.02 64.68 -1.40
N ALA CA 91 -60.29 64.81 -1.76
CA ALA CA 91 -61.37 64.65 -0.81
C ALA CA 91 -61.85 63.22 -0.80
N VAL CA 92 -62.31 62.75 0.36
CA VAL CA 92 -62.78 61.39 0.52
C VAL CA 92 -64.30 61.39 0.39
N LEU CA 93 -64.84 60.33 -0.20
CA LEU CA 93 -66.29 60.13 -0.34
C LEU CA 93 -66.56 58.72 0.19
N MET CA 94 -66.92 58.64 1.46
CA MET CA 94 -67.13 57.34 2.10
C MET CA 94 -68.34 56.63 1.50
N LEU CA 95 -68.24 55.31 1.42
CA LEU CA 95 -69.34 54.51 0.86
C LEU CA 95 -70.63 54.73 1.63
N GLY CA 96 -70.54 54.97 2.94
CA GLY CA 96 -71.73 55.28 3.72
C GLY CA 96 -72.31 56.65 3.45
N SER CA 97 -71.59 57.50 2.71
CA SER CA 97 -72.03 58.85 2.40
C SER CA 97 -72.58 58.96 0.99
N VAL CA 98 -72.91 57.83 0.36
CA VAL CA 98 -73.41 57.80 -1.00
C VAL CA 98 -74.77 57.09 -1.03
N ASN CA 99 -75.64 57.57 -1.91
CA ASN CA 99 -76.95 56.95 -2.12
C ASN CA 99 -76.80 55.84 -3.15
N LEU CA 100 -76.82 54.60 -2.68
CA LEU CA 100 -76.77 53.48 -3.62
C LEU CA 100 -78.13 53.32 -4.30
N PRO CA 101 -78.16 52.97 -5.59
CA PRO CA 101 -79.41 52.91 -6.36
C PRO CA 101 -80.38 51.84 -5.86
N LEU CA 114 -70.33 45.60 -2.52
CA LEU CA 114 -69.18 45.25 -3.34
C LEU CA 114 -69.34 45.81 -4.76
N GLN CA 115 -68.26 45.75 -5.56
CA GLN CA 115 -68.25 46.24 -6.93
C GLN CA 115 -68.56 47.74 -6.96
N MET CA 116 -67.68 48.51 -6.30
CA MET CA 116 -67.87 49.96 -6.24
C MET CA 116 -67.70 50.62 -7.60
N ARG CA 117 -66.90 50.01 -8.49
CA ARG CA 117 -66.73 50.57 -9.83
C ARG CA 117 -67.99 50.51 -10.68
N SER CA 118 -69.07 49.89 -10.18
CA SER CA 118 -70.34 49.90 -10.88
C SER CA 118 -71.09 51.22 -10.70
N PHE CA 119 -70.74 52.00 -9.68
CA PHE CA 119 -71.34 53.31 -9.46
C PHE CA 119 -70.40 54.40 -9.96
N LEU CA 120 -69.30 54.61 -9.25
CA LEU CA 120 -68.31 55.63 -9.58
C LEU CA 120 -67.00 54.94 -9.94
N LYS CA 121 -66.55 55.15 -11.18
CA LYS CA 121 -65.24 54.70 -11.63
C LYS CA 121 -64.31 55.90 -11.75
N GLU CA 122 -63.02 55.61 -11.91
CA GLU CA 122 -62.04 56.68 -12.05
C GLU CA 122 -62.37 57.55 -13.25
N GLY CA 123 -62.30 58.87 -13.06
CA GLY CA 123 -62.63 59.82 -14.10
C GLY CA 123 -64.07 60.27 -14.14
N ASP CA 124 -64.96 59.67 -13.35
CA ASP CA 124 -66.35 60.10 -13.34
C ASP CA 124 -66.49 61.47 -12.69
N LEU CA 125 -67.43 62.26 -13.21
CA LEU CA 125 -67.76 63.56 -12.66
C LEU CA 125 -69.03 63.48 -11.84
N LEU CA 126 -69.02 64.16 -10.69
CA LEU CA 126 -70.18 64.17 -9.81
C LEU CA 126 -70.24 65.51 -9.10
N ASN CA 127 -71.34 65.74 -8.40
CA ASN CA 127 -71.53 66.93 -7.58
C ASN CA 127 -71.92 66.48 -6.18
N ALA CA 128 -71.28 67.07 -5.18
CA ALA CA 128 -71.46 66.64 -3.80
C ALA CA 128 -71.37 67.85 -2.88
N GLU CA 129 -71.53 67.60 -1.59
CA GLU CA 129 -71.46 68.64 -0.57
C GLU CA 129 -70.40 68.24 0.46
N VAL CA 130 -69.66 69.24 0.94
CA VAL CA 130 -68.64 69.00 1.96
C VAL CA 130 -69.31 68.76 3.30
N GLN CA 131 -69.15 67.54 3.83
CA GLN CA 131 -69.81 67.17 5.08
C GLN CA 131 -69.00 67.61 6.29
N SER CA 132 -67.67 67.53 6.21
CA SER CA 132 -66.79 67.91 7.30
C SER CA 132 -65.38 68.08 6.75
N LEU CA 133 -64.45 68.42 7.64
CA LEU CA 133 -63.05 68.55 7.28
C LEU CA 133 -62.20 67.74 8.24
N PHE CA 134 -61.12 67.16 7.73
CA PHE CA 134 -60.19 66.39 8.53
C PHE CA 134 -59.24 67.33 9.27
N GLN CA 135 -58.26 66.74 9.96
CA GLN CA 135 -57.28 67.55 10.68
C GLN CA 135 -56.39 68.33 9.71
N ASP CA 136 -56.01 67.71 8.58
CA ASP CA 136 -55.14 68.37 7.62
C ASP CA 136 -55.84 69.44 6.81
N GLY CA 137 -57.18 69.42 6.77
CA GLY CA 137 -57.95 70.38 6.00
C GLY CA 137 -58.68 69.79 4.83
N SER CA 138 -58.41 68.53 4.47
CA SER CA 138 -59.13 67.91 3.38
C SER CA 138 -60.59 67.67 3.75
N ALA CA 139 -61.44 67.56 2.73
CA ALA CA 139 -62.87 67.52 2.92
C ALA CA 139 -63.41 66.09 2.82
N SER CA 140 -64.44 65.82 3.61
CA SER CA 140 -65.25 64.61 3.47
C SER CA 140 -66.53 64.97 2.76
N LEU CA 141 -66.86 64.24 1.70
CA LEU CA 141 -67.98 64.56 0.84
C LEU CA 141 -69.15 63.60 1.11
N HIS CA 142 -70.33 64.02 0.65
CA HIS CA 142 -71.53 63.21 0.76
C HIS CA 142 -72.47 63.55 -0.38
N THR CA 143 -73.21 62.55 -0.84
CA THR CA 143 -74.21 62.72 -1.89
C THR CA 143 -75.58 62.24 -1.41
N ARG CA 144 -75.87 62.41 -0.12
CA ARG CA 144 -77.11 61.92 0.47
C ARG CA 144 -78.31 62.79 0.12
N SER CA 145 -78.50 63.09 -1.16
CA SER CA 145 -79.64 63.88 -1.60
C SER CA 145 -79.86 63.64 -3.08
N LEU CA 146 -81.01 64.12 -3.58
CA LEU CA 146 -81.32 63.99 -4.99
C LEU CA 146 -80.53 64.96 -5.85
N LYS CA 147 -80.19 66.14 -5.30
CA LYS CA 147 -79.45 67.13 -6.08
C LYS CA 147 -77.98 66.74 -6.27
N TYR CA 148 -77.49 65.76 -5.53
CA TYR CA 148 -76.10 65.32 -5.65
C TYR CA 148 -76.05 63.96 -6.33
N GLY CA 149 -75.10 63.80 -7.24
CA GLY CA 149 -74.97 62.56 -7.97
C GLY CA 149 -74.03 62.71 -9.14
N LYS CA 150 -73.99 61.68 -9.98
CA LYS CA 150 -73.15 61.71 -11.16
C LYS CA 150 -73.70 62.69 -12.19
N LEU CA 151 -72.81 63.40 -12.87
CA LEU CA 151 -73.17 64.40 -13.86
C LEU CA 151 -73.12 63.81 -15.26
N ARG CA 152 -74.05 64.22 -16.11
CA ARG CA 152 -74.12 63.74 -17.48
C ARG CA 152 -74.88 64.77 -18.32
N ASN CA 153 -75.17 64.42 -19.57
CA ASN CA 153 -75.96 65.24 -20.49
C ASN CA 153 -75.35 66.63 -20.70
N GLY CA 154 -74.01 66.72 -20.70
CA GLY CA 154 -73.40 68.02 -20.88
C GLY CA 154 -71.89 68.03 -20.97
N MET CA 155 -71.29 69.15 -20.56
CA MET CA 155 -69.87 69.40 -20.75
C MET CA 155 -69.31 70.13 -19.53
N PHE CA 156 -68.02 69.92 -19.28
CA PHE CA 156 -67.32 70.50 -18.14
C PHE CA 156 -66.43 71.66 -18.56
N CYS CA 157 -66.24 72.58 -17.63
CA CYS CA 157 -65.28 73.68 -17.76
C CYS CA 157 -65.07 74.28 -16.38
N GLN CA 158 -63.88 74.84 -16.16
CA GLN CA 158 -63.50 75.26 -14.82
C GLN CA 158 -62.87 76.64 -14.84
N VAL CA 159 -63.15 77.41 -13.79
CA VAL CA 159 -62.59 78.74 -13.57
C VAL CA 159 -61.90 78.73 -12.21
N PRO CA 160 -61.14 79.76 -11.83
CA PRO CA 160 -60.56 79.76 -10.48
C PRO CA 160 -61.65 79.89 -9.42
N SER CA 161 -61.42 79.20 -8.29
CA SER CA 161 -62.43 79.14 -7.24
C SER CA 161 -62.76 80.51 -6.66
N SER CA 162 -61.85 81.48 -6.78
CA SER CA 162 -62.09 82.80 -6.21
C SER CA 162 -63.17 83.57 -6.96
N LEU CA 163 -63.48 83.18 -8.20
CA LEU CA 163 -64.51 83.86 -8.98
C LEU CA 163 -65.91 83.33 -8.72
N ILE CA 164 -66.04 82.16 -8.11
CA ILE CA 164 -67.33 81.60 -7.75
C ILE CA 164 -67.68 82.09 -6.34
N VAL CA 165 -68.71 82.92 -6.25
CA VAL CA 165 -69.10 83.50 -4.97
C VAL CA 165 -70.02 82.50 -4.26
N ARG CA 166 -69.66 82.11 -3.05
CA ARG CA 166 -70.47 81.21 -2.26
C ARG CA 166 -71.83 81.84 -2.01
N ALA CA 167 -72.90 81.15 -2.40
CA ALA CA 167 -74.25 81.69 -2.32
C ALA CA 167 -75.20 80.61 -1.81
N LYS CA 168 -76.45 81.01 -1.60
CA LYS CA 168 -77.46 80.10 -1.07
C LYS CA 168 -77.71 78.93 -2.00
N ASN CA 169 -77.77 79.19 -3.30
CA ASN CA 169 -78.01 78.16 -4.30
C ASN CA 169 -76.88 78.14 -5.31
N HIS CA 170 -76.63 76.97 -5.89
CA HIS CA 170 -75.53 76.81 -6.85
C HIS CA 170 -75.91 76.03 -8.09
N THR CA 171 -77.17 75.59 -8.22
CA THR CA 171 -77.66 74.94 -9.42
C THR CA 171 -78.79 75.79 -10.00
N HIS CA 172 -78.52 76.48 -11.10
CA HIS CA 172 -79.45 77.43 -11.69
C HIS CA 172 -79.85 76.98 -13.08
N ASN CA 173 -81.13 77.15 -13.41
CA ASN CA 173 -81.65 76.84 -14.73
C ASN CA 173 -81.63 78.11 -15.59
N LEU CA 174 -80.96 78.04 -16.73
CA LEU CA 174 -80.74 79.19 -17.60
C LEU CA 174 -81.59 79.07 -18.87
N PRO CA 175 -81.86 80.18 -19.56
CA PRO CA 175 -82.61 80.11 -20.81
C PRO CA 175 -81.87 79.31 -21.87
N GLY CA 176 -82.64 78.62 -22.70
CA GLY CA 176 -82.12 77.68 -23.66
C GLY CA 176 -82.18 76.24 -23.24
N ASN CA 177 -82.88 75.94 -22.14
CA ASN CA 177 -83.05 74.58 -21.64
C ASN CA 177 -81.70 73.95 -21.25
N ILE CA 178 -80.84 74.75 -20.63
CA ILE CA 178 -79.56 74.29 -20.10
C ILE CA 178 -79.48 74.66 -18.63
N THR CA 179 -78.90 73.76 -17.83
CA THR CA 179 -78.73 73.98 -16.40
C THR CA 179 -77.24 73.93 -16.05
N VAL CA 180 -76.82 74.88 -15.21
CA VAL CA 180 -75.42 75.00 -14.80
C VAL CA 180 -75.28 74.64 -13.33
N VAL CA 181 -74.15 74.04 -12.99
CA VAL CA 181 -73.79 73.73 -11.60
C VAL CA 181 -72.49 74.44 -11.29
N LEU CA 182 -72.58 75.52 -10.51
CA LEU CA 182 -71.42 76.37 -10.21
C LEU CA 182 -70.79 75.92 -8.90
N GLY CA 183 -69.83 75.00 -9.00
CA GLY CA 183 -69.10 74.57 -7.82
C GLY CA 183 -68.26 75.69 -7.24
N VAL CA 184 -68.36 75.87 -5.92
CA VAL CA 184 -67.56 76.90 -5.23
C VAL CA 184 -66.07 76.68 -5.49
N ASN CA 185 -65.66 75.43 -5.71
CA ASN CA 185 -64.27 75.14 -6.02
C ASN CA 185 -63.88 75.56 -7.42
N GLY CA 186 -64.81 76.12 -8.20
CA GLY CA 186 -64.53 76.55 -9.55
C GLY CA 186 -64.80 75.52 -10.63
N TYR CA 187 -65.34 74.36 -10.27
CA TYR CA 187 -65.64 73.31 -11.23
C TYR CA 187 -67.09 73.47 -11.68
N ILE CA 188 -67.28 73.92 -12.92
CA ILE CA 188 -68.61 74.20 -13.46
C ILE CA 188 -69.04 73.04 -14.35
N TRP CA 189 -70.32 72.69 -14.28
CA TRP CA 189 -70.92 71.69 -15.15
C TRP CA 189 -72.14 72.27 -15.83
N LEU CA 190 -72.15 72.21 -17.16
CA LEU CA 190 -73.29 72.64 -17.97
C LEU CA 190 -73.95 71.40 -18.57
N ARG CA 191 -75.27 71.31 -18.43
CA ARG CA 191 -76.00 70.14 -18.90
C ARG CA 191 -77.36 70.57 -19.45
N LYS CA 192 -78.02 69.63 -20.11
CA LYS CA 192 -79.40 69.83 -20.54
C LYS CA 192 -80.33 69.80 -19.34
N THR CA 193 -81.22 70.79 -19.25
CA THR CA 193 -82.18 70.90 -18.16
C THR CA 193 -83.06 69.67 -18.05
N SER CA 194 -82.83 68.84 -17.05
CA SER CA 194 -83.61 67.63 -16.84
C SER CA 194 -84.95 67.95 -16.19
N GLN CA 195 -85.82 66.95 -16.14
CA GLN CA 195 -87.12 67.11 -15.48
C GLN CA 195 -86.92 67.45 -14.00
N MET CA 196 -85.95 66.82 -13.35
CA MET CA 196 -85.66 67.15 -11.96
C MET CA 196 -85.18 68.59 -11.83
N ASP CA 197 -84.43 69.07 -12.82
CA ASP CA 197 -83.96 70.46 -12.79
C ASP CA 197 -85.13 71.44 -12.90
N LEU CA 198 -86.21 71.04 -13.57
CA LEU CA 198 -87.39 71.88 -13.65
C LEU CA 198 -88.20 71.88 -12.35
N ALA CA 199 -88.11 70.80 -11.57
CA ALA CA 199 -88.87 70.72 -10.33
C ALA CA 199 -88.40 71.71 -9.27
N ARG CA 200 -87.17 72.20 -9.34
CA ARG CA 200 -86.70 73.18 -8.36
C ARG CA 200 -87.45 74.49 -8.48
N GLU CA 232 -88.57 55.23 -7.73
CA GLU CA 232 -88.77 54.13 -8.67
C GLU CA 232 -88.35 54.53 -10.08
N SER CA 233 -88.62 55.78 -10.44
CA SER CA 233 -88.33 56.29 -11.78
C SER CA 233 -86.84 56.19 -12.10
N SER CA 234 -86.05 57.14 -11.60
CA SER CA 234 -84.62 57.18 -11.87
C SER CA 234 -83.92 56.13 -11.00
N TRP CA 235 -84.07 54.87 -11.41
CA TRP CA 235 -83.38 53.78 -10.73
C TRP CA 235 -81.88 53.85 -11.00
N GLN CA 236 -81.50 54.12 -12.24
CA GLN CA 236 -80.10 54.20 -12.64
C GLN CA 236 -79.62 55.64 -12.50
N ILE CA 237 -79.12 55.98 -11.31
CA ILE CA 237 -78.59 57.32 -11.08
C ILE CA 237 -77.11 57.42 -11.42
N TYR CA 238 -76.42 56.29 -11.66
CA TYR CA 238 -75.02 56.28 -12.04
C TYR CA 238 -74.82 55.83 -13.48
N SER CA 239 -75.87 55.87 -14.30
CA SER CA 239 -75.75 55.46 -15.68
C SER CA 239 -74.81 56.40 -16.43
N ASP CA 240 -73.87 55.82 -17.17
CA ASP CA 240 -72.92 56.60 -17.96
C ASP CA 240 -73.48 57.00 -19.32
N GLU CA 241 -74.74 56.69 -19.60
CA GLU CA 241 -75.36 57.06 -20.86
C GLU CA 241 -75.99 58.44 -20.73
N ASN CA 242 -75.88 59.22 -21.81
CA ASN CA 242 -76.52 60.52 -21.87
C ASN CA 242 -77.90 60.39 -22.49
N ASP CA 243 -78.78 61.32 -22.13
CA ASP CA 243 -80.11 61.41 -22.70
C ASP CA 243 -79.99 61.52 -24.22
N PRO CA 244 -80.39 60.50 -24.97
CA PRO CA 244 -80.08 60.48 -26.41
C PRO CA 244 -80.96 61.39 -27.24
N SER CA 245 -81.52 62.44 -26.63
CA SER CA 245 -82.37 63.40 -27.32
C SER CA 245 -81.84 64.82 -27.19
N ILE CA 246 -80.53 64.97 -27.03
CA ILE CA 246 -79.92 66.29 -26.91
C ILE CA 246 -79.85 66.90 -28.30
N SER CA 247 -80.68 67.91 -28.55
CA SER CA 247 -80.76 68.52 -29.87
C SER CA 247 -79.50 69.34 -30.16
N ASN CA 248 -79.34 69.70 -31.43
CA ASN CA 248 -78.23 70.56 -31.83
C ASN CA 248 -78.39 71.97 -31.27
N ASN CA 249 -79.63 72.44 -31.13
CA ASN CA 249 -79.87 73.74 -30.55
C ASN CA 249 -79.40 73.80 -29.11
N ILE CA 250 -79.69 72.76 -28.33
CA ILE CA 250 -79.22 72.72 -26.94
C ILE CA 250 -77.70 72.59 -26.92
N ARG CA 251 -77.12 71.81 -27.83
CA ARG CA 251 -75.68 71.64 -27.87
C ARG CA 251 -74.98 72.96 -28.20
N GLN CA 252 -75.58 73.77 -29.08
CA GLN CA 252 -74.99 75.06 -29.43
C GLN CA 252 -75.09 76.05 -28.28
N ALA CA 253 -76.17 75.98 -27.49
CA ALA CA 253 -76.30 76.85 -26.34
C ALA CA 253 -75.28 76.52 -25.25
N ILE CA 254 -74.94 75.24 -25.10
CA ILE CA 254 -73.89 74.84 -24.17
C ILE CA 254 -72.57 75.53 -24.53
N CYS CA 255 -72.24 75.58 -25.82
CA CYS CA 255 -71.01 76.22 -26.25
C CYS CA 255 -70.99 77.70 -25.88
N ARG CA 256 -72.05 78.44 -26.22
CA ARG CA 256 -72.10 79.86 -25.93
C ARG CA 256 -71.99 80.13 -24.43
N TYR CA 257 -72.69 79.35 -23.61
CA TYR CA 257 -72.58 79.51 -22.16
C TYR CA 257 -71.18 79.19 -21.67
N ALA CA 258 -70.53 78.19 -22.27
CA ALA CA 258 -69.15 77.89 -21.90
C ALA CA 258 -68.23 79.06 -22.19
N ASN CA 259 -68.39 79.68 -23.36
CA ASN CA 259 -67.49 80.76 -23.77
C ASN CA 259 -67.69 82.00 -22.90
N VAL CA 260 -68.94 82.33 -22.56
CA VAL CA 260 -69.18 83.52 -21.75
C VAL CA 260 -68.69 83.30 -20.32
N ILE CA 261 -68.79 82.08 -19.80
CA ILE CA 261 -68.19 81.78 -18.51
C ILE CA 261 -66.67 81.89 -18.60
N LYS CA 262 -66.09 81.38 -19.68
CA LYS CA 262 -64.66 81.53 -19.92
C LYS CA 262 -64.29 83.00 -20.09
N ALA CA 263 -65.14 83.77 -20.77
CA ALA CA 263 -64.85 85.17 -21.00
C ALA CA 263 -64.91 85.96 -19.69
N LEU CA 264 -65.94 85.71 -18.87
CA LEU CA 264 -66.02 86.37 -17.57
C LEU CA 264 -64.83 85.99 -16.70
N ALA CA 265 -64.38 84.74 -16.78
CA ALA CA 265 -63.20 84.33 -16.05
C ALA CA 265 -61.95 85.00 -16.60
N PHE CA 266 -61.88 85.15 -17.93
CA PHE CA 266 -60.73 85.83 -18.54
C PHE CA 266 -60.62 87.27 -18.08
N CYS CA 267 -61.75 87.93 -17.85
CA CYS CA 267 -61.78 89.28 -17.31
C CYS CA 267 -61.72 89.31 -15.79
N GLU CA 268 -61.63 88.15 -15.15
CA GLU CA 268 -61.59 88.04 -13.69
C GLU CA 268 -62.82 88.65 -13.05
N ILE CA 269 -63.98 88.47 -13.69
CA ILE CA 269 -65.25 88.92 -13.15
C ILE CA 269 -65.88 87.76 -12.38
N GLY CA 270 -66.48 88.09 -11.23
CA GLY CA 270 -67.14 87.08 -10.43
C GLY CA 270 -68.30 86.43 -11.14
N ILE CA 271 -68.32 85.10 -11.18
CA ILE CA 271 -69.36 84.36 -11.88
C ILE CA 271 -70.59 84.25 -10.98
N THR CA 272 -71.73 84.73 -11.48
CA THR CA 272 -73.02 84.60 -10.81
C THR CA 272 -74.05 84.17 -11.83
N GLN CA 273 -75.23 83.76 -11.34
CA GLN CA 273 -76.31 83.39 -12.25
C GLN CA 273 -76.75 84.58 -13.10
N GLN CA 274 -76.89 85.76 -12.49
CA GLN CA 274 -77.36 86.93 -13.22
C GLN CA 274 -76.37 87.35 -14.29
N ARG CA 275 -75.07 87.21 -14.01
CA ARG CA 275 -74.06 87.62 -14.98
C ARG CA 275 -73.91 86.63 -16.13
N ILE CA 276 -74.14 85.34 -15.88
CA ILE CA 276 -74.03 84.35 -16.94
C ILE CA 276 -75.11 84.58 -18.00
N VAL CA 277 -76.35 84.84 -17.57
CA VAL CA 277 -77.42 85.09 -18.53
C VAL CA 277 -77.26 86.45 -19.20
N SER CA 278 -76.72 87.43 -18.48
CA SER CA 278 -76.51 88.75 -19.07
C SER CA 278 -75.46 88.69 -20.18
N ALA CA 279 -74.37 87.96 -19.96
CA ALA CA 279 -73.38 87.79 -21.01
C ALA CA 279 -73.92 86.96 -22.17
N TYR CA 280 -74.72 85.93 -21.86
CA TYR CA 280 -75.29 85.09 -22.90
C TYR CA 280 -76.24 85.87 -23.80
N GLU CA 281 -77.06 86.74 -23.21
CA GLU CA 281 -77.97 87.56 -24.02
C GLU CA 281 -77.19 88.61 -24.79
N ALA CA 282 -76.15 89.19 -24.17
CA ALA CA 282 -75.35 90.19 -24.87
C ALA CA 282 -74.53 89.56 -26.00
N SER CA 283 -74.06 88.32 -25.80
CA SER CA 283 -73.23 87.67 -26.80
C SER CA 283 -73.98 87.33 -28.09
N MET CA 284 -75.31 87.39 -28.07
CA MET CA 284 -76.08 87.10 -29.27
C MET CA 284 -75.77 88.06 -30.42
N VAL CA 285 -75.13 89.19 -30.12
CA VAL CA 285 -74.71 90.12 -31.17
C VAL CA 285 -73.81 89.40 -32.18
N TYR CA 286 -72.95 88.51 -31.70
CA TYR CA 286 -72.08 87.74 -32.58
C TYR CA 286 -72.85 86.52 -33.07
N SER CA 287 -72.95 86.38 -34.39
CA SER CA 287 -73.75 85.30 -34.97
C SER CA 287 -73.16 83.93 -34.64
N ASN CA 288 -71.87 83.74 -34.91
CA ASN CA 288 -71.22 82.47 -34.68
C ASN CA 288 -70.61 82.42 -33.29
N VAL CA 289 -70.81 81.29 -32.60
CA VAL CA 289 -70.27 81.11 -31.26
C VAL CA 289 -68.74 81.20 -31.27
N GLY CA 290 -68.12 80.86 -32.40
CA GLY CA 290 -66.66 80.90 -32.47
C GLY CA 290 -66.07 82.27 -32.23
N GLU CA 291 -66.81 83.33 -32.57
CA GLU CA 291 -66.30 84.68 -32.40
C GLU CA 291 -65.99 85.02 -30.94
N LEU CA 292 -66.59 84.31 -29.99
CA LEU CA 292 -66.45 84.62 -28.58
C LEU CA 292 -65.12 84.19 -27.98
N ILE CA 293 -64.24 83.55 -28.77
CA ILE CA 293 -62.96 83.10 -28.23
C ILE CA 293 -61.87 84.15 -28.30
N GLU CA 294 -62.01 85.16 -29.17
CA GLU CA 294 -60.95 86.14 -29.37
C GLU CA 294 -60.83 87.07 -28.17
N LYS CA 295 -59.62 87.59 -27.98
CA LYS CA 295 -59.33 88.41 -26.80
C LYS CA 295 -60.18 89.67 -26.75
N ASN CA 296 -60.25 90.40 -27.86
CA ASN CA 296 -61.00 91.65 -27.88
C ASN CA 296 -62.48 91.41 -27.59
N VAL CA 297 -63.03 90.30 -28.09
CA VAL CA 297 -64.43 90.00 -27.86
C VAL CA 297 -64.70 89.68 -26.39
N MET CA 298 -63.83 88.87 -25.79
CA MET CA 298 -64.01 88.51 -24.37
C MET CA 298 -63.88 89.73 -23.47
N GLU CA 299 -62.85 90.55 -23.70
CA GLU CA 299 -62.69 91.77 -22.91
C GLU CA 299 -63.88 92.71 -23.09
N SER CA 300 -64.52 92.67 -24.26
CA SER CA 300 -65.71 93.49 -24.47
C SER CA 300 -66.89 92.96 -23.67
N ILE CA 301 -67.12 91.64 -23.71
CA ILE CA 301 -68.23 91.04 -22.96
C ILE CA 301 -68.13 91.38 -21.49
N GLY CA 302 -66.94 91.21 -20.91
CA GLY CA 302 -66.76 91.54 -19.50
C GLY CA 302 -66.92 93.01 -19.22
N SER CA 303 -66.37 93.86 -20.09
CA SER CA 303 -66.49 95.31 -19.90
C SER CA 303 -67.94 95.78 -20.02
N ASP CA 304 -68.68 95.21 -20.97
CA ASP CA 304 -70.09 95.59 -21.14
C ASP CA 304 -70.95 95.15 -19.97
N ILE CA 305 -70.52 94.15 -19.21
CA ILE CA 305 -71.28 93.72 -18.03
C ILE CA 305 -71.02 94.67 -16.87
N LEU CA 306 -69.76 95.04 -16.63
CA LEU CA 306 -69.43 95.93 -15.52
C LEU CA 306 -70.04 97.31 -15.72
N THR CA 307 -69.92 97.86 -16.92
CA THR CA 307 -70.48 99.19 -17.18
C THR CA 307 -72.00 99.17 -17.18
N ALA CA 308 -72.61 98.02 -17.46
CA ALA CA 308 -74.07 97.92 -17.38
C ALA CA 308 -74.55 97.85 -15.94
N GLU CA 309 -73.82 97.14 -15.08
CA GLU CA 309 -74.17 97.08 -13.67
C GLU CA 309 -73.88 98.39 -12.94
N LYS CA 310 -72.94 99.18 -13.45
CA LYS CA 310 -72.71 100.51 -12.89
C LYS CA 310 -73.92 101.42 -13.10
N MET CA 311 -74.56 101.32 -14.26
CA MET CA 311 -75.77 102.10 -14.51
C MET CA 311 -76.92 101.65 -13.61
N ARG CA 312 -77.08 100.34 -13.43
CA ARG CA 312 -78.16 99.81 -12.60
C ARG CA 312 -77.82 99.92 -11.12
N MET DA 4 -75.24 22.67 -29.87
CA MET DA 4 -73.79 22.73 -30.06
C MET DA 4 -73.41 22.37 -31.48
N ALA DA 5 -74.08 23.00 -32.45
CA ALA DA 5 -73.81 22.76 -33.87
C ALA DA 5 -74.22 23.98 -34.66
N CYS DA 6 -73.30 24.51 -35.44
CA CYS DA 6 -73.55 25.71 -36.23
C CYS DA 6 -74.24 25.35 -37.55
N ASN DA 7 -74.80 26.37 -38.20
CA ASN DA 7 -75.46 26.17 -39.47
C ASN DA 7 -74.44 25.92 -40.57
N PHE DA 8 -74.89 25.26 -41.64
CA PHE DA 8 -74.02 24.93 -42.77
C PHE DA 8 -73.58 26.16 -43.55
N GLN DA 9 -74.21 27.31 -43.36
CA GLN DA 9 -73.84 28.54 -44.03
C GLN DA 9 -72.74 29.30 -43.31
N PHE DA 10 -72.05 28.67 -42.32
CA PHE DA 10 -71.03 29.32 -41.53
C PHE DA 10 -69.63 28.93 -41.98
N PRO DA 11 -68.67 29.85 -41.84
CA PRO DA 11 -67.29 29.57 -42.25
C PRO DA 11 -66.59 28.64 -41.26
N GLU DA 12 -66.09 27.52 -41.78
CA GLU DA 12 -65.41 26.54 -40.92
C GLU DA 12 -64.14 27.13 -40.30
N ILE DA 13 -63.28 27.73 -41.09
CA ILE DA 13 -62.07 28.36 -40.59
C ILE DA 13 -62.31 29.87 -40.51
N ALA DA 14 -61.37 30.58 -39.88
CA ALA DA 14 -61.54 32.01 -39.71
C ALA DA 14 -60.18 32.67 -39.49
N TYR DA 15 -60.06 33.90 -39.98
CA TYR DA 15 -58.93 34.78 -39.75
C TYR DA 15 -59.47 36.15 -39.34
N PRO DA 16 -58.66 36.97 -38.67
CA PRO DA 16 -59.14 38.29 -38.24
C PRO DA 16 -59.63 39.13 -39.40
N GLY DA 17 -60.91 39.52 -39.33
CA GLY DA 17 -61.56 40.30 -40.36
C GLY DA 17 -62.56 39.53 -41.19
N LYS DA 18 -62.63 38.21 -41.05
CA LYS DA 18 -63.54 37.40 -41.85
C LYS DA 18 -64.95 37.43 -41.28
N LEU DA 19 -65.93 37.62 -42.15
CA LEU DA 19 -67.32 37.63 -41.71
C LEU DA 19 -67.79 36.23 -41.34
N ILE DA 20 -68.64 36.15 -40.33
CA ILE DA 20 -69.17 34.87 -39.84
C ILE DA 20 -70.67 34.75 -40.10
N CYS DA 21 -71.47 35.64 -39.51
CA CYS DA 21 -72.92 35.55 -39.61
C CYS DA 21 -73.51 36.91 -39.24
N PRO DA 22 -74.75 37.19 -39.66
CA PRO DA 22 -75.42 38.43 -39.23
C PRO DA 22 -75.76 38.44 -37.75
N PRO DA 40 -72.19 37.77 -30.00
CA PRO DA 40 -70.72 37.88 -30.13
C PRO DA 40 -69.97 37.28 -28.94
N GLY DA 41 -69.33 36.13 -29.17
CA GLY DA 41 -68.58 35.46 -28.15
C GLY DA 41 -67.12 35.83 -28.19
N PRO DA 42 -66.30 35.19 -27.35
CA PRO DA 42 -64.86 35.46 -27.37
C PRO DA 42 -64.26 35.12 -28.71
N GLY DA 43 -63.46 36.04 -29.25
CA GLY DA 43 -62.89 35.89 -30.57
C GLY DA 43 -63.70 36.48 -31.70
N THR DA 44 -64.84 37.10 -31.39
CA THR DA 44 -65.69 37.74 -32.40
C THR DA 44 -66.12 39.11 -31.89
N LYS DA 45 -66.63 39.93 -32.80
CA LYS DA 45 -67.07 41.27 -32.47
C LYS DA 45 -68.05 41.76 -33.53
N LEU DA 46 -69.15 42.36 -33.08
CA LEU DA 46 -70.12 42.97 -33.99
C LEU DA 46 -69.54 44.24 -34.60
N ILE DA 47 -69.45 44.26 -35.93
CA ILE DA 47 -68.91 45.40 -36.68
C ILE DA 47 -69.96 45.84 -37.68
N GLN DA 48 -70.22 47.14 -37.72
CA GLN DA 48 -71.21 47.71 -38.65
C GLN DA 48 -70.51 48.05 -39.97
N TYR DA 49 -70.92 47.39 -41.04
CA TYR DA 49 -70.40 47.62 -42.37
C TYR DA 49 -71.44 48.36 -43.21
N GLU DA 50 -71.01 48.85 -44.37
CA GLU DA 50 -71.90 49.47 -45.34
C GLU DA 50 -71.76 48.78 -46.68
N HIS DA 51 -72.88 48.59 -47.36
CA HIS DA 51 -72.92 47.93 -48.66
C HIS DA 51 -74.26 48.17 -49.32
N ASN DA 52 -74.23 48.55 -50.60
CA ASN DA 52 -75.43 48.88 -51.37
C ASN DA 52 -76.18 50.08 -50.79
N GLY DA 53 -75.52 50.86 -49.93
CA GLY DA 53 -76.10 52.04 -49.31
C GLY DA 53 -76.69 51.79 -47.92
N ARG DA 54 -77.12 50.56 -47.65
CA ARG DA 54 -77.72 50.23 -46.36
C ARG DA 54 -76.66 49.66 -45.43
N THR DA 55 -76.71 50.07 -44.16
CA THR DA 55 -75.77 49.57 -43.17
C THR DA 55 -76.18 48.17 -42.70
N LEU DA 56 -75.21 47.46 -42.13
CA LEU DA 56 -75.43 46.08 -41.72
C LEU DA 56 -74.44 45.72 -40.62
N GLU DA 57 -74.94 45.06 -39.57
CA GLU DA 57 -74.10 44.59 -38.47
C GLU DA 57 -74.01 43.08 -38.55
N ALA DA 58 -72.80 42.56 -38.72
CA ALA DA 58 -72.55 41.14 -38.82
C ALA DA 58 -71.43 40.73 -37.89
N ILE DA 59 -71.44 39.47 -37.48
CA ILE DA 59 -70.38 38.94 -36.62
C ILE DA 59 -69.11 38.79 -37.43
N THR DA 60 -68.00 39.27 -36.88
CA THR DA 60 -66.70 39.22 -37.54
C THR DA 60 -65.69 38.57 -36.59
N ALA DA 61 -64.95 37.60 -37.10
CA ALA DA 61 -63.95 36.92 -36.29
C ALA DA 61 -62.76 37.84 -36.02
N THR DA 62 -62.27 37.83 -34.78
CA THR DA 62 -61.11 38.62 -34.40
C THR DA 62 -59.88 37.76 -34.13
N LEU DA 63 -60.01 36.44 -34.18
CA LEU DA 63 -58.90 35.52 -33.98
C LEU DA 63 -58.76 34.61 -35.19
N VAL DA 64 -57.64 33.91 -35.25
CA VAL DA 64 -57.37 32.93 -36.30
C VAL DA 64 -57.59 31.53 -35.70
N GLY DA 65 -58.60 30.83 -36.20
CA GLY DA 65 -58.93 29.52 -35.67
C GLY DA 65 -60.24 29.02 -36.25
N THR DA 66 -60.84 28.08 -35.53
CA THR DA 66 -62.08 27.45 -35.94
C THR DA 66 -63.27 28.09 -35.23
N VAL DA 67 -64.43 28.00 -35.86
CA VAL DA 67 -65.66 28.64 -35.38
C VAL DA 67 -66.52 27.58 -34.70
N ARG DA 68 -67.03 27.92 -33.52
CA ARG DA 68 -67.93 27.03 -32.79
C ARG DA 68 -69.15 27.81 -32.29
N SER DA 112 -68.11 32.12 -31.46
CA SER DA 112 -66.77 32.26 -30.90
C SER DA 112 -65.74 31.61 -31.81
N VAL DA 113 -64.47 31.97 -31.61
CA VAL DA 113 -63.36 31.44 -32.40
C VAL DA 113 -62.32 30.88 -31.44
N LEU DA 114 -61.92 29.62 -31.66
CA LEU DA 114 -60.93 28.97 -30.83
C LEU DA 114 -59.69 28.68 -31.64
N PRO DA 115 -58.50 29.01 -31.14
CA PRO DA 115 -57.27 28.76 -31.90
C PRO DA 115 -57.06 27.28 -32.15
N GLY DA 116 -56.86 26.92 -33.41
CA GLY DA 116 -56.66 25.53 -33.80
C GLY DA 116 -57.19 25.21 -35.17
N ASN DA 129 -53.73 25.09 -21.27
CA ASN DA 129 -52.46 25.65 -21.70
C ASN DA 129 -52.49 27.17 -21.69
N ASP DA 130 -53.62 27.74 -22.14
CA ASP DA 130 -53.79 29.19 -22.21
C ASP DA 130 -54.53 29.67 -20.96
N PHE DA 131 -53.80 30.37 -20.09
CA PHE DA 131 -54.37 30.96 -18.89
C PHE DA 131 -55.15 32.24 -19.18
N ALA DA 132 -54.99 32.81 -20.37
CA ALA DA 132 -55.62 34.10 -20.67
C ALA DA 132 -57.14 33.99 -20.70
N ASN DA 133 -57.68 33.11 -21.54
CA ASN DA 133 -59.12 33.02 -21.68
C ASN DA 133 -59.80 32.49 -20.43
N ASN DA 134 -59.12 31.62 -19.68
CA ASN DA 134 -59.66 31.06 -18.44
C ASN DA 134 -59.06 31.78 -17.23
N LEU DA 135 -59.33 33.09 -17.16
CA LEU DA 135 -58.84 33.87 -16.04
C LEU DA 135 -59.69 33.59 -14.80
N PRO DA 136 -59.07 33.47 -13.63
CA PRO DA 136 -59.83 33.12 -12.42
C PRO DA 136 -60.94 34.12 -12.13
N LYS DA 137 -62.12 33.61 -11.82
CA LYS DA 137 -63.30 34.42 -11.53
C LYS DA 137 -63.95 33.86 -10.27
N GLU DA 138 -64.90 34.63 -9.72
CA GLU DA 138 -65.61 34.25 -8.51
C GLU DA 138 -66.27 32.88 -8.69
N GLY DA 139 -65.89 31.93 -7.84
CA GLY DA 139 -66.41 30.57 -7.88
C GLY DA 139 -65.45 29.54 -8.42
N ASP DA 140 -64.43 29.96 -9.17
CA ASP DA 140 -63.49 29.01 -9.74
C ASP DA 140 -62.55 28.46 -8.68
N ILE DA 141 -62.14 27.20 -8.88
CA ILE DA 141 -61.17 26.54 -8.02
C ILE DA 141 -59.79 26.68 -8.64
N VAL DA 142 -58.79 27.02 -7.83
CA VAL DA 142 -57.45 27.31 -8.32
C VAL DA 142 -56.42 26.59 -7.47
N LEU DA 143 -55.28 26.29 -8.09
CA LEU DA 143 -54.13 25.71 -7.40
C LEU DA 143 -53.13 26.82 -7.11
N THR DA 144 -52.81 27.01 -5.84
CA THR DA 144 -51.92 28.08 -5.40
C THR DA 144 -50.73 27.50 -4.65
N ARG DA 145 -49.75 28.37 -4.39
CA ARG DA 145 -48.57 28.03 -3.61
C ARG DA 145 -48.35 29.08 -2.53
N VAL DA 146 -48.20 28.64 -1.28
CA VAL DA 146 -48.05 29.57 -0.18
C VAL DA 146 -46.70 30.26 -0.27
N THR DA 147 -46.73 31.60 -0.25
CA THR DA 147 -45.52 32.42 -0.30
C THR DA 147 -45.21 33.12 1.00
N ARG DA 148 -46.22 33.46 1.80
CA ARG DA 148 -45.99 34.15 3.05
C ARG DA 148 -47.16 33.91 3.99
N LEU DA 149 -46.87 33.53 5.22
CA LEU DA 149 -47.88 33.37 6.25
C LEU DA 149 -47.88 34.59 7.16
N SER DA 150 -49.06 35.03 7.56
CA SER DA 150 -49.22 36.08 8.55
C SER DA 150 -50.10 35.57 9.67
N LEU DA 151 -50.17 36.36 10.76
CA LEU DA 151 -50.93 35.95 11.93
C LEU DA 151 -52.43 35.89 11.65
N GLN DA 152 -52.91 36.59 10.62
CA GLN DA 152 -54.33 36.67 10.32
C GLN DA 152 -54.72 36.15 8.94
N ARG DA 153 -53.77 35.98 8.03
CA ARG DA 153 -54.08 35.56 6.67
C ARG DA 153 -52.89 34.78 6.12
N ALA DA 154 -53.08 34.22 4.93
CA ALA DA 154 -52.05 33.45 4.25
C ALA DA 154 -51.94 33.93 2.81
N ASN DA 155 -50.78 34.44 2.44
CA ASN DA 155 -50.55 34.97 1.10
C ASN DA 155 -50.09 33.86 0.18
N VAL DA 156 -50.73 33.76 -0.99
CA VAL DA 156 -50.43 32.72 -1.97
C VAL DA 156 -50.30 33.37 -3.35
N GLU DA 157 -49.88 32.57 -4.32
CA GLU DA 157 -49.84 32.97 -5.72
C GLU DA 157 -50.55 31.92 -6.54
N ILE DA 158 -51.45 32.36 -7.42
CA ILE DA 158 -52.20 31.44 -8.26
C ILE DA 158 -51.28 30.86 -9.34
N LEU DA 159 -51.20 29.53 -9.40
CA LEU DA 159 -50.40 28.85 -10.40
C LEU DA 159 -51.24 28.21 -11.50
N ALA DA 160 -52.45 27.76 -11.20
CA ALA DA 160 -53.32 27.16 -12.19
C ALA DA 160 -54.77 27.32 -11.73
N VAL DA 161 -55.69 27.18 -12.68
CA VAL DA 161 -57.12 27.29 -12.44
C VAL DA 161 -57.80 26.02 -12.95
N GLU DA 162 -58.71 25.49 -12.15
CA GLU DA 162 -59.45 24.28 -12.52
C GLU DA 162 -60.52 24.62 -13.55
N ASP DA 163 -60.61 23.81 -14.59
CA ASP DA 163 -61.62 23.98 -15.62
C ASP DA 163 -62.78 23.00 -15.39
N LYS DA 164 -63.93 23.34 -15.97
CA LYS DA 164 -65.14 22.53 -15.81
C LYS DA 164 -65.12 21.37 -16.80
N PRO DA 165 -65.70 20.22 -16.41
CA PRO DA 165 -65.74 19.00 -17.23
C PRO DA 165 -66.28 19.21 -18.63
N ALA DA 188 -60.96 12.28 -14.62
CA ALA DA 188 -60.16 13.33 -14.00
C ALA DA 188 -60.51 14.70 -14.58
N ALA DA 189 -60.17 15.75 -13.84
CA ALA DA 189 -60.45 17.11 -14.26
C ALA DA 189 -59.26 17.70 -15.01
N THR DA 190 -59.52 18.79 -15.73
CA THR DA 190 -58.52 19.48 -16.52
C THR DA 190 -58.11 20.78 -15.84
N PHE DA 191 -56.97 21.32 -16.28
CA PHE DA 191 -56.40 22.52 -15.67
C PHE DA 191 -55.90 23.47 -16.75
N SER DA 192 -55.68 24.72 -16.36
CA SER DA 192 -55.11 25.74 -17.22
C SER DA 192 -53.94 26.37 -16.48
N VAL DA 193 -52.72 26.14 -16.96
CA VAL DA 193 -51.51 26.55 -16.27
C VAL DA 193 -51.16 27.98 -16.66
N SER DA 194 -50.86 28.80 -15.66
CA SER DA 194 -50.39 30.16 -15.91
C SER DA 194 -48.97 30.13 -16.48
N GLN DA 195 -48.76 30.88 -17.56
CA GLN DA 195 -47.45 30.98 -18.19
C GLN DA 195 -46.54 32.03 -17.55
N ALA DA 196 -47.04 32.78 -16.58
CA ALA DA 196 -46.27 33.84 -15.95
C ALA DA 196 -45.10 33.26 -15.14
N SER DA 197 -44.18 34.13 -14.75
CA SER DA 197 -43.01 33.73 -13.99
C SER DA 197 -43.22 34.04 -12.51
N SER DA 198 -42.94 33.06 -11.66
CA SER DA 198 -43.04 33.25 -10.22
C SER DA 198 -41.82 33.96 -9.65
N ASP DA 199 -40.78 34.19 -10.44
CA ASP DA 199 -39.57 34.84 -9.98
C ASP DA 199 -39.61 36.35 -10.11
N LEU DA 200 -40.50 36.89 -10.95
CA LEU DA 200 -40.57 38.31 -11.21
C LEU DA 200 -41.86 38.95 -10.72
N GLY DA 201 -42.63 38.25 -9.88
CA GLY DA 201 -43.91 38.78 -9.44
C GLY DA 201 -44.96 38.85 -10.51
N GLU DA 202 -44.84 38.03 -11.56
CA GLU DA 202 -45.74 38.10 -12.70
C GLU DA 202 -47.04 37.34 -12.47
N THR DA 203 -47.08 36.43 -11.51
CA THR DA 203 -48.27 35.63 -11.27
C THR DA 203 -49.27 36.39 -10.40
N PHE DA 204 -50.55 36.10 -10.62
CA PHE DA 204 -51.60 36.68 -9.79
C PHE DA 204 -51.53 36.14 -8.37
N ARG DA 205 -51.47 37.05 -7.40
CA ARG DA 205 -51.37 36.69 -5.99
C ARG DA 205 -52.74 36.74 -5.33
N GLY DA 206 -52.88 35.97 -4.23
CA GLY DA 206 -54.13 35.88 -3.52
C GLY DA 206 -53.91 35.86 -2.02
N ILE DA 207 -55.03 35.85 -1.29
CA ILE DA 207 -55.02 35.87 0.17
C ILE DA 207 -56.11 34.93 0.68
N ILE DA 208 -55.77 34.08 1.64
CA ILE DA 208 -56.71 33.22 2.32
C ILE DA 208 -56.80 33.69 3.77
N ARG DA 209 -57.91 34.32 4.12
CA ARG DA 209 -58.09 34.83 5.48
C ARG DA 209 -58.29 33.67 6.45
N SER DA 210 -58.04 33.95 7.73
CA SER DA 210 -58.08 32.90 8.75
C SER DA 210 -59.49 32.37 8.96
N GLN DA 211 -60.51 33.20 8.78
CA GLN DA 211 -61.88 32.74 8.94
C GLN DA 211 -62.39 32.00 7.71
N ASP DA 212 -61.61 31.94 6.63
CA ASP DA 212 -61.96 31.19 5.43
C ASP DA 212 -61.12 29.94 5.26
N VAL DA 213 -60.37 29.53 6.29
CA VAL DA 213 -59.54 28.35 6.18
C VAL DA 213 -60.38 27.08 6.19
N ARG DA 214 -61.22 26.92 7.22
CA ARG DA 214 -62.12 25.79 7.33
C ARG DA 214 -63.53 26.30 7.61
N SER DA 215 -64.48 25.38 7.62
CA SER DA 215 -65.88 25.73 7.81
C SER DA 215 -66.27 25.81 9.29
N THR DA 216 -65.78 24.89 10.11
CA THR DA 216 -66.13 24.83 11.52
C THR DA 216 -65.07 25.54 12.36
N ASP DA 217 -65.54 26.29 13.36
CA ASP DA 217 -64.69 27.02 14.31
C ASP DA 217 -63.76 27.97 13.55
N ARG DA 218 -64.38 28.99 12.96
CA ARG DA 218 -63.66 29.98 12.17
C ARG DA 218 -63.10 31.13 13.02
N ASP DA 219 -63.42 31.15 14.32
CA ASP DA 219 -62.93 32.23 15.18
C ASP DA 219 -61.52 31.94 15.68
N ARG DA 220 -61.25 30.70 16.09
CA ARG DA 220 -59.95 30.30 16.63
C ARG DA 220 -59.27 29.42 15.60
N VAL DA 221 -58.52 30.04 14.69
CA VAL DA 221 -57.80 29.34 13.63
C VAL DA 221 -56.35 29.78 13.67
N LYS DA 222 -55.44 28.82 13.90
CA LYS DA 222 -54.01 29.09 13.86
C LYS DA 222 -53.50 28.89 12.44
N VAL DA 223 -52.92 29.94 11.86
CA VAL DA 223 -52.46 29.86 10.48
C VAL DA 223 -51.22 28.97 10.38
N ILE DA 224 -50.39 28.92 11.42
CA ILE DA 224 -49.18 28.13 11.38
C ILE DA 224 -49.47 26.63 11.35
N GLU DA 225 -50.66 26.21 11.79
CA GLU DA 225 -51.01 24.80 11.83
C GLU DA 225 -51.91 24.38 10.66
N CYS DA 226 -52.23 25.31 9.75
CA CYS DA 226 -53.03 25.00 8.58
C CYS DA 226 -52.24 25.05 7.28
N PHE DA 227 -51.33 26.01 7.14
CA PHE DA 227 -50.49 26.13 5.95
C PHE DA 227 -49.04 26.33 6.36
N LYS DA 228 -48.15 26.16 5.39
CA LYS DA 228 -46.72 26.36 5.56
C LYS DA 228 -46.18 26.91 4.24
N PRO DA 229 -45.10 27.68 4.26
CA PRO DA 229 -44.58 28.25 3.02
C PRO DA 229 -44.10 27.17 2.06
N GLY DA 230 -44.59 27.26 0.82
CA GLY DA 230 -44.26 26.28 -0.20
C GLY DA 230 -45.33 25.26 -0.47
N ASP DA 231 -46.33 25.15 0.40
CA ASP DA 231 -47.40 24.18 0.21
C ASP DA 231 -48.23 24.54 -1.02
N ILE DA 232 -48.81 23.52 -1.64
CA ILE DA 232 -49.69 23.68 -2.80
C ILE DA 232 -51.13 23.51 -2.31
N VAL DA 233 -51.85 24.63 -2.23
CA VAL DA 233 -53.18 24.66 -1.63
C VAL DA 233 -54.22 24.76 -2.75
N ARG DA 234 -55.24 23.90 -2.69
CA ARG DA 234 -56.36 23.96 -3.60
C ARG DA 234 -57.46 24.78 -2.95
N ALA DA 235 -57.77 25.93 -3.56
CA ALA DA 235 -58.71 26.89 -2.99
C ALA DA 235 -59.73 27.29 -4.04
N GLN DA 236 -60.77 28.00 -3.60
CA GLN DA 236 -61.83 28.49 -4.47
C GLN DA 236 -61.94 30.00 -4.33
N VAL DA 237 -62.16 30.68 -5.45
CA VAL DA 237 -62.17 32.13 -5.49
C VAL DA 237 -63.46 32.66 -4.87
N LEU DA 238 -63.32 33.61 -3.94
CA LEU DA 238 -64.47 34.28 -3.35
C LEU DA 238 -64.81 35.58 -4.09
N SER DA 239 -63.81 36.40 -4.38
CA SER DA 239 -64.02 37.65 -5.09
C SER DA 239 -62.71 38.03 -5.78
N LEU DA 240 -62.81 39.04 -6.67
CA LEU DA 240 -61.62 39.54 -7.34
C LEU DA 240 -60.78 40.42 -6.44
N GLY DA 241 -61.39 41.07 -5.45
CA GLY DA 241 -60.64 41.92 -4.54
C GLY DA 241 -60.11 43.15 -5.26
N ASP DA 242 -58.87 43.52 -4.91
CA ASP DA 242 -58.17 44.61 -5.56
C ASP DA 242 -57.21 44.05 -6.61
N GLY DA 243 -56.48 44.94 -7.26
CA GLY DA 243 -55.53 44.52 -8.28
C GLY DA 243 -54.34 43.74 -7.74
N THR DA 244 -54.12 43.78 -6.43
CA THR DA 244 -52.98 43.10 -5.83
C THR DA 244 -53.30 41.65 -5.49
N ASN DA 245 -54.33 41.42 -4.68
CA ASN DA 245 -54.59 40.11 -4.10
C ASN DA 245 -56.00 39.65 -4.41
N TYR DA 246 -56.13 38.39 -4.83
CA TYR DA 246 -57.41 37.70 -4.84
C TYR DA 246 -57.83 37.36 -3.41
N TYR DA 247 -59.08 36.92 -3.27
CA TYR DA 247 -59.62 36.45 -1.99
C TYR DA 247 -60.16 35.04 -2.20
N LEU DA 248 -59.52 34.07 -1.54
CA LEU DA 248 -59.80 32.65 -1.74
C LEU DA 248 -60.35 32.03 -0.47
N THR DA 249 -60.75 30.77 -0.57
CA THR DA 249 -61.29 30.04 0.57
C THR DA 249 -60.99 28.56 0.41
N THR DA 250 -60.95 27.86 1.55
CA THR DA 250 -60.70 26.42 1.57
C THR DA 250 -61.65 25.72 2.54
N ALA DA 251 -62.83 26.30 2.76
CA ALA DA 251 -63.76 25.78 3.77
C ALA DA 251 -64.63 24.66 3.22
N ARG DA 252 -64.02 23.71 2.50
CA ARG DA 252 -64.73 22.54 1.99
C ARG DA 252 -63.84 21.32 2.16
N ASN DA 253 -64.43 20.14 1.92
CA ASN DA 253 -63.71 18.90 2.14
C ASN DA 253 -62.61 18.68 1.10
N ASP DA 254 -62.86 19.06 -0.15
CA ASP DA 254 -61.92 18.85 -1.23
C ASP DA 254 -60.94 20.03 -1.41
N LEU DA 255 -60.87 20.92 -0.42
CA LEU DA 255 -59.98 22.07 -0.49
C LEU DA 255 -59.00 22.05 0.67
N GLY DA 256 -57.80 22.56 0.42
CA GLY DA 256 -56.76 22.60 1.42
C GLY DA 256 -55.41 22.26 0.80
N VAL DA 257 -54.46 21.92 1.67
CA VAL DA 257 -53.11 21.59 1.22
C VAL DA 257 -53.17 20.28 0.43
N VAL DA 258 -52.70 20.33 -0.81
CA VAL DA 258 -52.68 19.15 -1.69
C VAL DA 258 -51.29 18.56 -1.81
N PHE DA 259 -50.30 19.38 -2.15
CA PHE DA 259 -48.91 18.92 -2.27
C PHE DA 259 -48.04 19.73 -1.32
N ALA DA 260 -47.18 19.04 -0.57
CA ALA DA 260 -46.32 19.69 0.40
C ALA DA 260 -45.15 18.76 0.73
N ARG DA 261 -44.08 19.37 1.21
CA ARG DA 261 -42.93 18.63 1.73
C ARG DA 261 -42.70 18.97 3.19
N ALA DA 262 -42.00 18.07 3.87
CA ALA DA 262 -41.66 18.28 5.27
C ALA DA 262 -40.57 19.34 5.41
N ALA DA 263 -40.70 20.17 6.44
CA ALA DA 263 -39.72 21.22 6.75
C ALA DA 263 -39.54 22.19 5.59
N ASN DA 264 -40.65 22.60 4.98
CA ASN DA 264 -40.67 23.64 3.96
C ASN DA 264 -39.80 23.28 2.75
N GLY DA 265 -39.98 22.07 2.24
CA GLY DA 265 -39.26 21.60 1.08
C GLY DA 265 -37.92 20.96 1.35
N ALA DA 266 -37.45 20.99 2.60
CA ALA DA 266 -36.18 20.38 2.95
C ALA DA 266 -36.30 18.89 3.29
N GLY DA 267 -37.51 18.36 3.34
CA GLY DA 267 -37.71 16.96 3.67
C GLY DA 267 -38.33 16.14 2.56
N GLY DA 268 -38.93 15.01 2.91
CA GLY DA 268 -39.54 14.12 1.95
C GLY DA 268 -40.97 14.48 1.64
N LEU DA 269 -41.57 13.69 0.74
CA LEU DA 269 -42.95 13.91 0.33
C LEU DA 269 -43.91 13.56 1.47
N MET DA 270 -44.97 14.35 1.60
CA MET DA 270 -45.99 14.13 2.60
C MET DA 270 -47.35 13.98 1.92
N TYR DA 271 -48.09 12.95 2.31
CA TYR DA 271 -49.41 12.68 1.77
C TYR DA 271 -50.47 12.89 2.85
N ALA DA 272 -51.69 13.19 2.41
CA ALA DA 272 -52.79 13.50 3.32
C ALA DA 272 -53.42 12.21 3.81
N THR DA 273 -52.88 11.69 4.91
CA THR DA 273 -53.47 10.50 5.54
C THR DA 273 -54.78 10.87 6.22
N ASP DA 274 -54.73 11.84 7.13
CA ASP DA 274 -55.91 12.40 7.77
C ASP DA 274 -56.26 13.73 7.10
N TRP DA 275 -57.52 14.16 7.27
CA TRP DA 275 -57.92 15.46 6.76
C TRP DA 275 -57.26 16.60 7.53
N GLN DA 276 -56.64 16.31 8.67
CA GLN DA 276 -55.97 17.32 9.49
C GLN DA 276 -54.51 16.98 9.75
N MET DA 277 -53.97 15.93 9.12
CA MET DA 277 -52.61 15.50 9.38
C MET DA 277 -51.98 14.98 8.09
N MET DA 278 -50.74 15.40 7.84
CA MET DA 278 -49.95 14.93 6.72
C MET DA 278 -48.74 14.16 7.23
N THR DA 279 -48.54 12.95 6.70
CA THR DA 279 -47.45 12.08 7.12
C THR DA 279 -46.54 11.77 5.95
N SER DA 280 -45.31 11.37 6.27
CA SER DA 280 -44.32 10.98 5.27
C SER DA 280 -44.14 9.48 5.30
N PRO DA 281 -44.29 8.78 4.17
CA PRO DA 281 -44.18 7.32 4.19
C PRO DA 281 -42.78 6.83 4.54
N VAL DA 282 -41.74 7.61 4.25
CA VAL DA 282 -40.37 7.16 4.47
C VAL DA 282 -39.95 7.41 5.91
N THR DA 283 -40.01 8.67 6.35
CA THR DA 283 -39.54 9.02 7.69
C THR DA 283 -40.55 8.64 8.76
N GLY DA 284 -41.85 8.79 8.48
CA GLY DA 284 -42.88 8.57 9.47
C GLY DA 284 -43.28 9.80 10.24
N ALA DA 285 -42.46 10.85 10.22
CA ALA DA 285 -42.81 12.09 10.90
C ALA DA 285 -44.00 12.76 10.23
N THR DA 286 -44.89 13.31 11.04
CA THR DA 286 -46.11 13.94 10.55
C THR DA 286 -46.09 15.43 10.85
N GLU DA 287 -46.90 16.17 10.09
CA GLU DA 287 -47.07 17.60 10.29
C GLU DA 287 -48.55 17.94 10.23
N LYS DA 288 -48.93 19.01 10.92
CA LYS DA 288 -50.33 19.42 11.00
C LYS DA 288 -50.62 20.44 9.90
N ARG DA 289 -51.51 20.08 8.98
CA ARG DA 289 -51.89 20.92 7.86
C ARG DA 289 -53.38 20.81 7.63
N LYS DA 290 -53.96 21.85 7.02
CA LYS DA 290 -55.36 21.81 6.61
C LYS DA 290 -55.40 21.11 5.25
N CYS DA 291 -55.54 19.80 5.29
CA CYS DA 291 -55.49 18.96 4.10
C CYS DA 291 -56.86 18.85 3.46
N ALA DA 292 -56.89 18.34 2.24
CA ALA DA 292 -58.13 18.04 1.54
C ALA DA 292 -58.51 16.60 1.82
N LYS DA 293 -59.81 16.36 1.93
CA LYS DA 293 -60.31 15.04 2.30
C LYS DA 293 -59.86 13.99 1.28
N PRO DA 294 -59.10 12.97 1.69
CA PRO DA 294 -58.58 11.91 0.81
C PRO DA 294 -59.63 10.85 0.50
N ILE EA 113 -35.44 34.42 37.54
CA ILE EA 113 -34.37 35.33 37.17
C ILE EA 113 -34.95 36.73 36.92
N SER EA 114 -34.42 37.72 37.63
CA SER EA 114 -34.91 39.09 37.51
C SER EA 114 -34.40 39.74 36.23
N GLY EA 115 -35.29 40.46 35.56
CA GLY EA 115 -34.92 41.18 34.35
C GLY EA 115 -34.66 42.65 34.60
N ARG EA 116 -35.65 43.34 35.15
CA ARG EA 116 -35.56 44.77 35.43
C ARG EA 116 -35.38 44.94 36.94
N LYS EA 117 -34.32 45.64 37.34
CA LYS EA 117 -34.00 45.76 38.76
C LYS EA 117 -33.10 46.97 38.99
N THR EA 118 -33.45 47.77 40.00
CA THR EA 118 -32.65 48.92 40.39
C THR EA 118 -31.52 48.46 41.31
N PHE EA 119 -30.28 48.67 40.88
CA PHE EA 119 -29.13 48.25 41.68
C PHE EA 119 -28.38 49.47 42.22
N LYS FA 3 -1.26 -53.92 54.36
CA LYS FA 3 -1.49 -54.27 55.77
C LYS FA 3 -1.13 -53.09 56.67
N ASP FA 4 -1.96 -52.87 57.69
CA ASP FA 4 -1.84 -51.73 58.58
C ASP FA 4 -1.22 -52.13 59.91
N ILE FA 5 -0.55 -51.17 60.55
CA ILE FA 5 -0.02 -51.33 61.89
C ILE FA 5 -1.01 -50.70 62.86
N GLU FA 6 -1.69 -51.54 63.64
CA GLU FA 6 -2.68 -51.07 64.60
C GLU FA 6 -1.98 -50.60 65.87
N ILE FA 7 -2.22 -49.34 66.25
CA ILE FA 7 -1.71 -48.76 67.48
C ILE FA 7 -2.87 -48.57 68.44
N SER FA 8 -2.73 -49.08 69.66
CA SER FA 8 -3.81 -48.96 70.64
C SER FA 8 -3.91 -47.53 71.15
N ALA FA 9 -5.11 -47.16 71.62
CA ALA FA 9 -5.31 -45.82 72.16
C ALA FA 9 -4.48 -45.58 73.42
N SER FA 10 -4.30 -46.61 74.23
CA SER FA 10 -3.44 -46.48 75.41
C SER FA 10 -2.00 -46.22 75.02
N GLU FA 11 -1.55 -46.81 73.92
CA GLU FA 11 -0.18 -46.61 73.46
C GLU FA 11 0.01 -45.22 72.85
N SER FA 12 -0.96 -44.78 72.04
CA SER FA 12 -0.87 -43.44 71.45
C SER FA 12 -0.84 -42.36 72.52
N LYS FA 13 -1.61 -42.53 73.59
CA LYS FA 13 -1.62 -41.54 74.66
C LYS FA 13 -0.33 -41.58 75.46
N PHE FA 14 0.18 -42.77 75.77
CA PHE FA 14 1.36 -42.88 76.62
C PHE FA 14 2.59 -42.28 75.97
N ILE FA 15 2.83 -42.62 74.69
CA ILE FA 15 4.03 -42.13 74.03
C ILE FA 15 3.97 -40.61 73.87
N LEU FA 16 2.79 -40.07 73.54
CA LEU FA 16 2.65 -38.63 73.40
C LEU FA 16 2.74 -37.92 74.74
N GLU FA 17 2.16 -38.52 75.79
CA GLU FA 17 2.27 -37.93 77.12
C GLU FA 17 3.70 -38.04 77.64
N ALA FA 18 4.44 -39.07 77.24
CA ALA FA 18 5.84 -39.16 77.62
C ALA FA 18 6.68 -38.10 76.94
N LEU FA 19 6.33 -37.74 75.70
CA LEU FA 19 7.02 -36.64 75.02
C LEU FA 19 6.78 -35.32 75.72
N ARG FA 20 5.58 -35.11 76.24
CA ARG FA 20 5.29 -33.91 77.00
C ARG FA 20 6.04 -33.87 78.33
N GLN FA 21 6.50 -35.03 78.81
CA GLN FA 21 7.36 -35.11 79.99
C GLN FA 21 8.82 -35.27 79.61
N ASN FA 22 9.18 -34.96 78.36
CA ASN FA 22 10.56 -35.04 77.87
C ASN FA 22 11.14 -36.45 78.04
N TYR FA 23 10.35 -37.45 77.67
CA TYR FA 23 10.75 -38.85 77.75
C TYR FA 23 10.61 -39.51 76.39
N ARG FA 24 11.63 -40.25 75.98
CA ARG FA 24 11.60 -41.08 74.80
C ARG FA 24 11.78 -42.54 75.21
N LEU FA 25 11.01 -43.43 74.58
CA LEU FA 25 10.99 -44.83 75.00
C LEU FA 25 12.39 -45.44 74.97
N ASP FA 26 13.16 -45.16 73.91
CA ASP FA 26 14.50 -45.71 73.78
C ASP FA 26 15.55 -44.97 74.60
N GLY FA 27 15.12 -44.10 75.52
CA GLY FA 27 16.04 -43.41 76.42
C GLY FA 27 16.78 -42.24 75.83
N ARG FA 28 16.52 -41.89 74.57
CA ARG FA 28 17.19 -40.77 73.94
C ARG FA 28 16.59 -39.43 74.38
N SER FA 29 17.31 -38.36 74.11
CA SER FA 29 16.79 -37.01 74.25
C SER FA 29 16.19 -36.55 72.93
N PHE FA 30 15.49 -35.41 72.98
CA PHE FA 30 14.79 -34.94 71.80
C PHE FA 30 15.75 -34.56 70.66
N ASP FA 31 16.97 -34.15 71.01
CA ASP FA 31 17.95 -33.71 70.01
C ASP FA 31 19.02 -34.77 69.75
N GLN FA 32 18.79 -36.01 70.14
CA GLN FA 32 19.79 -37.06 70.07
C GLN FA 32 19.57 -37.91 68.82
N PHE FA 33 20.52 -37.86 67.90
CA PHE FA 33 20.54 -38.77 66.77
C PHE FA 33 21.08 -40.12 67.22
N ARG FA 34 20.54 -41.20 66.66
CA ARG FA 34 20.97 -42.53 67.05
C ARG FA 34 22.42 -42.75 66.66
N ASP FA 35 23.08 -43.66 67.39
CA ASP FA 35 24.46 -44.00 67.08
C ASP FA 35 24.52 -44.72 65.74
N VAL FA 36 25.38 -44.23 64.85
CA VAL FA 36 25.50 -44.78 63.51
C VAL FA 36 26.63 -45.80 63.52
N GLU FA 37 26.28 -47.05 63.20
CA GLU FA 37 27.25 -48.13 63.08
C GLU FA 37 27.40 -48.49 61.61
N ILE FA 38 28.64 -48.47 61.12
CA ILE FA 38 28.92 -48.70 59.70
C ILE FA 38 29.84 -49.91 59.60
N THR FA 39 29.41 -50.91 58.83
CA THR FA 39 30.16 -52.14 58.63
C THR FA 39 30.48 -52.27 57.14
N PHE FA 40 31.73 -52.64 56.84
CA PHE FA 40 32.20 -52.80 55.48
C PHE FA 40 32.43 -54.27 55.18
N GLY FA 41 31.97 -54.71 54.01
CA GLY FA 41 32.17 -56.07 53.57
C GLY FA 41 33.54 -56.28 52.96
N LYS FA 42 33.74 -57.47 52.40
CA LYS FA 42 35.01 -57.79 51.77
C LYS FA 42 35.22 -56.98 50.50
N GLU FA 43 34.17 -56.85 49.68
CA GLU FA 43 34.25 -56.09 48.44
C GLU FA 43 34.11 -54.61 48.70
N PHE FA 44 34.71 -53.81 47.82
CA PHE FA 44 34.52 -52.36 47.88
C PHE FA 44 33.11 -52.01 47.41
N GLY FA 45 32.42 -51.17 48.19
CA GLY FA 45 31.04 -50.84 47.92
C GLY FA 45 30.02 -51.61 48.71
N ASP FA 46 30.45 -52.57 49.53
CA ASP FA 46 29.57 -53.32 50.41
C ASP FA 46 29.61 -52.66 51.77
N VAL FA 47 28.50 -52.03 52.16
CA VAL FA 47 28.41 -51.27 53.40
C VAL FA 47 27.08 -51.56 54.07
N SER FA 48 27.10 -51.70 55.39
CA SER FA 48 25.91 -52.01 56.18
C SER FA 48 25.81 -51.01 57.32
N VAL FA 49 24.71 -50.28 57.38
CA VAL FA 49 24.49 -49.23 58.37
C VAL FA 49 23.44 -49.70 59.36
N LYS FA 50 23.65 -49.38 60.64
CA LYS FA 50 22.72 -49.75 61.70
C LYS FA 50 22.48 -48.55 62.61
N MET FA 51 21.22 -48.30 62.94
CA MET FA 51 20.82 -47.25 63.87
C MET FA 51 19.86 -47.88 64.88
N GLY FA 52 20.39 -48.36 66.00
CA GLY FA 52 19.58 -49.07 66.96
C GLY FA 52 19.06 -50.38 66.39
N ASN FA 53 17.78 -50.40 66.01
CA ASN FA 53 17.20 -51.55 65.34
C ASN FA 53 17.09 -51.39 63.84
N THR FA 54 17.13 -50.15 63.33
CA THR FA 54 17.06 -49.93 61.90
C THR FA 54 18.33 -50.44 61.22
N LYS FA 55 18.17 -51.23 60.17
CA LYS FA 55 19.29 -51.81 59.44
C LYS FA 55 19.09 -51.60 57.95
N VAL FA 56 20.11 -51.04 57.29
CA VAL FA 56 20.11 -50.89 55.85
C VAL FA 56 21.42 -51.42 55.29
N HIS FA 57 21.40 -51.78 54.02
CA HIS FA 57 22.57 -52.26 53.30
C HIS FA 57 22.60 -51.63 51.92
N CYS FA 58 23.79 -51.19 51.51
CA CYS FA 58 23.98 -50.57 50.19
C CYS FA 58 25.04 -51.32 49.43
N ARG FA 59 24.88 -51.36 48.10
CA ARG FA 59 25.79 -52.09 47.22
C ARG FA 59 26.10 -51.20 46.03
N ILE FA 60 27.34 -50.75 45.92
CA ILE FA 60 27.78 -49.91 44.81
C ILE FA 60 28.33 -50.79 43.71
N SER FA 61 27.89 -50.53 42.47
CA SER FA 61 28.34 -51.28 41.32
C SER FA 61 28.47 -50.33 40.13
N CYS FA 62 29.29 -50.71 39.16
CA CYS FA 62 29.53 -49.88 38.00
C CYS FA 62 29.77 -50.74 36.77
N GLN FA 63 29.24 -50.30 35.64
CA GLN FA 63 29.48 -50.94 34.35
C GLN FA 63 29.75 -49.86 33.31
N ILE FA 64 30.46 -50.24 32.25
CA ILE FA 64 30.80 -49.30 31.20
C ILE FA 64 29.61 -49.11 30.29
N ALA FA 65 29.24 -47.85 30.03
CA ALA FA 65 28.13 -47.52 29.16
C ALA FA 65 28.50 -46.27 28.36
N GLN FA 66 27.55 -45.79 27.56
CA GLN FA 66 27.84 -44.60 26.76
C GLN FA 66 27.17 -43.37 27.36
N PRO FA 67 27.88 -42.24 27.41
CA PRO FA 67 27.27 -41.03 27.95
C PRO FA 67 26.21 -40.47 27.01
N TYR FA 68 25.24 -39.78 27.59
CA TYR FA 68 24.21 -39.13 26.79
C TYR FA 68 24.84 -38.10 25.87
N GLU FA 69 24.27 -37.97 24.66
CA GLU FA 69 24.79 -37.00 23.71
C GLU FA 69 24.66 -35.58 24.22
N ASP FA 70 23.67 -35.31 25.07
CA ASP FA 70 23.48 -33.96 25.60
C ASP FA 70 24.58 -33.59 26.57
N ARG FA 71 25.04 -34.55 27.39
CA ARG FA 71 26.10 -34.33 28.37
C ARG FA 71 27.25 -35.29 28.06
N PRO FA 72 28.05 -34.99 27.03
CA PRO FA 72 29.05 -35.98 26.59
C PRO FA 72 30.26 -36.09 27.50
N PHE FA 73 30.50 -35.14 28.39
CA PHE FA 73 31.65 -35.19 29.29
C PHE FA 73 31.28 -35.71 30.67
N GLU FA 74 30.17 -36.43 30.79
CA GLU FA 74 29.58 -36.76 32.08
C GLU FA 74 29.31 -38.26 32.14
N GLY FA 75 29.66 -38.88 33.27
CA GLY FA 75 29.27 -40.24 33.53
C GLY FA 75 27.83 -40.35 33.98
N LEU FA 76 27.43 -41.57 34.31
CA LEU FA 76 26.06 -41.86 34.69
C LEU FA 76 26.00 -42.32 36.15
N PHE FA 77 24.89 -42.02 36.81
CA PHE FA 77 24.71 -42.38 38.21
C PHE FA 77 23.22 -42.48 38.52
N VAL FA 78 22.82 -43.59 39.14
CA VAL FA 78 21.43 -43.84 39.50
C VAL FA 78 21.38 -44.55 40.85
N ILE FA 79 20.28 -44.35 41.57
CA ILE FA 79 20.08 -44.93 42.89
C ILE FA 79 18.78 -45.71 42.90
N SER FA 80 18.80 -46.89 43.51
CA SER FA 80 17.63 -47.77 43.60
C SER FA 80 17.31 -48.04 45.06
N THR FA 81 16.05 -47.80 45.44
CA THR FA 81 15.61 -47.96 46.82
C THR FA 81 14.26 -48.69 46.87
N GLU FA 82 14.19 -49.87 46.26
CA GLU FA 82 12.96 -50.64 46.25
C GLU FA 82 12.75 -51.33 47.59
N ILE FA 83 11.52 -51.24 48.10
CA ILE FA 83 11.17 -51.76 49.42
C ILE FA 83 10.70 -53.20 49.29
N SER FA 84 10.92 -53.98 50.35
CA SER FA 84 10.56 -55.38 50.39
C SER FA 84 9.93 -55.70 51.74
N PRO FA 85 9.13 -56.76 51.82
CA PRO FA 85 8.52 -57.14 53.11
C PRO FA 85 9.51 -57.59 54.17
N MET FA 86 10.81 -57.62 53.87
CA MET FA 86 11.79 -58.03 54.87
C MET FA 86 11.89 -57.00 56.00
N ALA FA 87 11.77 -55.72 55.66
CA ALA FA 87 11.81 -54.66 56.68
C ALA FA 87 10.54 -54.59 57.51
N GLY FA 88 9.55 -55.44 57.25
CA GLY FA 88 8.30 -55.39 57.96
C GLY FA 88 7.11 -55.64 57.06
N SER FA 89 6.13 -56.41 57.54
CA SER FA 89 4.99 -56.76 56.72
C SER FA 89 4.13 -55.57 56.34
N GLN FA 90 4.41 -54.38 56.90
CA GLN FA 90 3.66 -53.19 56.53
C GLN FA 90 3.94 -52.76 55.10
N PHE FA 91 5.06 -53.17 54.52
CA PHE FA 91 5.45 -52.75 53.18
C PHE FA 91 4.97 -53.75 52.15
N GLU FA 92 4.33 -53.24 51.09
CA GLU FA 92 3.98 -54.08 49.96
C GLU FA 92 5.19 -54.29 49.07
N ASN FA 93 5.22 -55.43 48.38
CA ASN FA 93 6.39 -55.84 47.61
C ASN FA 93 6.55 -54.93 46.40
N GLY FA 94 7.50 -53.99 46.49
CA GLY FA 94 7.92 -53.22 45.33
C GLY FA 94 6.89 -52.31 44.72
N ASN FA 95 6.08 -51.65 45.53
CA ASN FA 95 5.18 -50.60 45.03
C ASN FA 95 5.98 -49.30 45.01
N ILE FA 96 6.45 -48.91 43.83
CA ILE FA 96 7.31 -47.73 43.70
C ILE FA 96 6.44 -46.52 43.41
N THR FA 97 5.15 -46.62 43.73
CA THR FA 97 4.21 -45.54 43.50
C THR FA 97 3.47 -45.11 44.76
N GLY FA 98 3.70 -45.78 45.89
CA GLY FA 98 3.06 -45.39 47.12
C GLY FA 98 3.51 -44.01 47.59
N GLU FA 99 2.69 -43.41 48.44
CA GLU FA 99 2.95 -42.06 48.92
C GLU FA 99 4.33 -41.96 49.58
N ASP FA 100 4.53 -42.71 50.66
CA ASP FA 100 5.80 -42.62 51.38
C ASP FA 100 6.97 -43.12 50.54
N GLU FA 101 6.74 -44.12 49.68
CA GLU FA 101 7.81 -44.62 48.84
C GLU FA 101 8.29 -43.57 47.84
N VAL FA 102 7.36 -42.84 47.23
CA VAL FA 102 7.73 -41.83 46.25
C VAL FA 102 8.50 -40.69 46.92
N LEU FA 103 7.95 -40.14 48.02
CA LEU FA 103 8.61 -39.04 48.71
C LEU FA 103 10.01 -39.42 49.17
N CYS FA 104 10.12 -40.52 49.91
CA CYS FA 104 11.43 -40.94 50.44
C CYS FA 104 12.44 -41.17 49.33
N SER FA 105 12.00 -41.72 48.19
CA SER FA 105 12.92 -41.94 47.08
C SER FA 105 13.42 -40.61 46.51
N ARG FA 106 12.52 -39.64 46.35
CA ARG FA 106 12.92 -38.34 45.80
C ARG FA 106 13.86 -37.61 46.73
N ILE FA 107 13.78 -37.86 48.04
CA ILE FA 107 14.69 -37.22 48.98
C ILE FA 107 16.11 -37.75 48.80
N ILE FA 108 16.26 -39.07 48.69
CA ILE FA 108 17.58 -39.65 48.49
C ILE FA 108 18.15 -39.23 47.14
N GLU FA 109 17.29 -39.13 46.12
CA GLU FA 109 17.74 -38.69 44.81
C GLU FA 109 18.19 -37.22 44.86
N LYS FA 110 17.45 -36.37 45.57
CA LYS FA 110 17.83 -34.97 45.67
C LYS FA 110 19.04 -34.77 46.58
N SER FA 111 19.27 -35.70 47.52
CA SER FA 111 20.36 -35.53 48.47
C SER FA 111 21.70 -36.01 47.94
N VAL FA 112 21.71 -37.02 47.08
CA VAL FA 112 22.93 -37.66 46.60
C VAL FA 112 23.13 -37.45 45.10
N ARG FA 113 22.08 -37.71 44.31
CA ARG FA 113 22.20 -37.59 42.86
C ARG FA 113 22.18 -36.12 42.43
N ARG FA 114 21.10 -35.41 42.75
CA ARG FA 114 20.94 -34.04 42.29
C ARG FA 114 22.01 -33.12 42.87
N SER FA 115 22.48 -33.39 44.08
CA SER FA 115 23.48 -32.53 44.71
C SER FA 115 24.85 -32.64 44.06
N GLY FA 116 25.08 -33.67 43.25
CA GLY FA 116 26.40 -33.87 42.68
C GLY FA 116 27.45 -34.26 43.69
N ALA FA 117 27.09 -35.11 44.66
CA ALA FA 117 28.07 -35.61 45.61
C ALA FA 117 29.11 -36.48 44.90
N LEU FA 118 28.71 -37.19 43.85
CA LEU FA 118 29.63 -37.96 43.04
C LEU FA 118 30.13 -37.11 41.89
N ASP FA 119 31.44 -37.18 41.63
CA ASP FA 119 32.03 -36.42 40.54
C ASP FA 119 31.77 -37.18 39.24
N VAL FA 120 30.66 -36.83 38.59
CA VAL FA 120 30.29 -37.48 37.34
C VAL FA 120 31.21 -37.14 36.19
N GLU FA 121 32.07 -36.13 36.36
CA GLU FA 121 33.06 -35.83 35.33
C GLU FA 121 34.21 -36.83 35.34
N GLY FA 122 34.59 -37.32 36.53
CA GLY FA 122 35.64 -38.33 36.61
C GLY FA 122 35.22 -39.69 36.08
N LEU FA 123 33.92 -39.95 36.02
CA LEU FA 123 33.44 -41.20 35.46
C LEU FA 123 33.62 -41.25 33.94
N CYS FA 124 33.68 -40.10 33.28
CA CYS FA 124 33.85 -40.07 31.84
C CYS FA 124 35.19 -40.68 31.45
N ILE FA 125 35.17 -41.63 30.52
CA ILE FA 125 36.37 -42.33 30.08
C ILE FA 125 36.95 -41.64 28.86
N VAL FA 126 36.20 -41.63 27.77
CA VAL FA 126 36.52 -40.83 26.59
C VAL FA 126 35.30 -39.97 26.28
N ALA FA 127 35.55 -38.80 25.70
CA ALA FA 127 34.51 -37.78 25.61
C ALA FA 127 33.34 -38.22 24.73
N GLY FA 128 33.59 -38.90 23.63
CA GLY FA 128 32.46 -39.22 22.79
C GLY FA 128 31.60 -40.39 23.22
N SER FA 129 32.20 -41.57 23.37
CA SER FA 129 31.47 -42.71 23.91
C SER FA 129 32.14 -43.17 25.19
N LYS FA 130 31.92 -44.42 25.60
CA LYS FA 130 32.57 -45.01 26.77
C LYS FA 130 32.64 -44.13 28.02
N CYS FA 131 31.89 -44.50 29.06
CA CYS FA 131 31.97 -43.83 30.35
C CYS FA 131 31.56 -44.84 31.41
N TRP FA 132 31.67 -44.44 32.68
CA TRP FA 132 31.25 -45.30 33.77
C TRP FA 132 29.80 -45.01 34.15
N ALA FA 133 29.04 -46.08 34.39
CA ALA FA 133 27.65 -45.99 34.83
C ALA FA 133 27.59 -46.61 36.21
N VAL FA 134 27.60 -45.76 37.23
CA VAL FA 134 27.60 -46.21 38.62
C VAL FA 134 26.17 -46.38 39.08
N ARG FA 135 25.96 -47.34 39.98
CA ARG FA 135 24.63 -47.67 40.49
C ARG FA 135 24.73 -47.91 41.99
N ALA FA 136 23.80 -47.33 42.75
CA ALA FA 136 23.74 -47.48 44.20
C ALA FA 136 22.42 -48.12 44.58
N ASP FA 137 22.46 -49.38 44.98
CA ASP FA 137 21.27 -50.13 45.35
C ASP FA 137 21.16 -50.23 46.86
N VAL FA 138 20.01 -49.82 47.40
CA VAL FA 138 19.75 -49.81 48.84
C VAL FA 138 18.77 -50.93 49.17
N HIS FA 139 19.09 -51.72 50.20
CA HIS FA 139 18.26 -52.82 50.65
C HIS FA 139 17.83 -52.54 52.09
N PHE FA 140 16.57 -52.17 52.29
CA PHE FA 140 16.04 -51.93 53.62
C PHE FA 140 15.80 -53.27 54.30
N LEU FA 141 16.65 -53.63 55.26
CA LEU FA 141 16.58 -54.93 55.91
C LEU FA 141 15.65 -54.94 57.12
N ASP FA 142 15.77 -53.95 58.00
CA ASP FA 142 14.96 -53.87 59.20
C ASP FA 142 14.54 -52.42 59.42
N CYS FA 143 13.24 -52.21 59.63
CA CYS FA 143 12.67 -50.87 59.75
C CYS FA 143 12.31 -50.58 61.20
N ASP FA 144 13.00 -49.62 61.80
CA ASP FA 144 12.63 -49.03 63.07
C ASP FA 144 12.61 -47.51 62.93
N GLY FA 145 12.11 -47.03 61.79
CA GLY FA 145 12.09 -45.61 61.49
C GLY FA 145 13.44 -45.13 60.97
N GLY FA 146 13.42 -43.91 60.42
CA GLY FA 146 14.64 -43.30 59.92
C GLY FA 146 15.20 -43.95 58.67
N PHE FA 147 14.33 -44.38 57.75
CA PHE FA 147 14.82 -44.97 56.50
C PHE FA 147 15.54 -43.96 55.63
N ILE FA 148 15.05 -42.71 55.62
CA ILE FA 148 15.69 -41.67 54.80
C ILE FA 148 17.10 -41.39 55.30
N ASP FA 149 17.25 -41.16 56.61
CA ASP FA 149 18.56 -40.83 57.15
C ASP FA 149 19.54 -41.98 57.00
N ALA FA 150 19.06 -43.22 57.16
CA ALA FA 150 19.95 -44.37 57.04
C ALA FA 150 20.38 -44.59 55.60
N SER FA 151 19.47 -44.40 54.65
CA SER FA 151 19.83 -44.55 53.24
C SER FA 151 20.88 -43.53 52.82
N CYS FA 152 20.72 -42.27 53.25
CA CYS FA 152 21.67 -41.23 52.87
C CYS FA 152 23.07 -41.55 53.37
N ILE FA 153 23.18 -42.08 54.59
CA ILE FA 153 24.48 -42.45 55.12
C ILE FA 153 25.04 -43.67 54.40
N ALA FA 154 24.16 -44.64 54.11
CA ALA FA 154 24.61 -45.86 53.46
C ALA FA 154 25.11 -45.60 52.05
N VAL FA 155 24.42 -44.74 51.30
CA VAL FA 155 24.82 -44.47 49.93
C VAL FA 155 26.15 -43.74 49.89
N MET FA 156 26.32 -42.72 50.74
CA MET FA 156 27.56 -41.95 50.72
C MET FA 156 28.74 -42.78 51.21
N ALA FA 157 28.55 -43.53 52.29
CA ALA FA 157 29.62 -44.43 52.75
C ALA FA 157 29.99 -45.45 51.68
N GLY FA 158 29.00 -45.89 50.90
CA GLY FA 158 29.30 -46.83 49.83
C GLY FA 158 30.08 -46.19 48.70
N LEU FA 159 29.62 -45.02 48.24
CA LEU FA 159 30.30 -44.35 47.13
C LEU FA 159 31.74 -44.01 47.49
N MET FA 160 32.00 -43.64 48.75
CA MET FA 160 33.36 -43.32 49.17
C MET FA 160 34.20 -44.58 49.31
N HIS FA 161 33.62 -45.65 49.86
CA HIS FA 161 34.36 -46.89 50.03
C HIS FA 161 34.59 -47.59 48.70
N PHE FA 162 33.67 -47.42 47.75
CA PHE FA 162 33.76 -48.12 46.47
C PHE FA 162 34.98 -47.66 45.68
N LYS FA 163 35.56 -48.60 44.93
CA LYS FA 163 36.69 -48.34 44.04
C LYS FA 163 36.39 -48.96 42.69
N LYS FA 164 36.45 -48.13 41.62
CA LYS FA 164 36.17 -48.66 40.29
C LYS FA 164 37.44 -49.23 39.66
N PRO FA 165 37.31 -50.25 38.80
CA PRO FA 165 38.50 -50.88 38.23
C PRO FA 165 39.24 -49.95 37.28
N ASP FA 166 40.56 -50.05 37.29
CA ASP FA 166 41.39 -49.25 36.41
C ASP FA 166 41.20 -49.70 34.97
N ILE FA 167 41.15 -48.75 34.05
CA ILE FA 167 40.92 -49.01 32.63
C ILE FA 167 42.00 -48.32 31.82
N THR FA 168 42.42 -48.97 30.74
CA THR FA 168 43.37 -48.40 29.78
C THR FA 168 42.74 -48.40 28.40
N VAL FA 169 42.75 -47.25 27.74
CA VAL FA 169 42.09 -47.06 26.45
C VAL FA 169 43.15 -47.00 25.36
N HIS FA 170 42.92 -47.76 24.29
CA HIS FA 170 43.78 -47.74 23.09
C HIS FA 170 42.92 -47.21 21.95
N GLY FA 171 42.70 -45.89 21.95
CA GLY FA 171 41.84 -45.27 20.96
C GLY FA 171 40.38 -45.63 21.16
N GLU FA 172 39.89 -46.59 20.36
CA GLU FA 172 38.54 -47.11 20.52
C GLU FA 172 38.50 -48.35 21.41
N GLN FA 173 39.65 -48.87 21.81
CA GLN FA 173 39.73 -50.10 22.60
C GLN FA 173 39.73 -49.74 24.08
N ILE FA 174 38.68 -50.13 24.80
CA ILE FA 174 38.60 -49.96 26.25
C ILE FA 174 38.88 -51.30 26.90
N ILE FA 175 40.05 -51.41 27.53
CA ILE FA 175 40.47 -52.62 28.21
C ILE FA 175 40.22 -52.45 29.70
N VAL FA 176 39.19 -53.09 30.23
CA VAL FA 176 38.84 -53.01 31.64
C VAL FA 176 39.69 -54.02 32.41
N HIS FA 177 40.66 -53.51 33.17
CA HIS FA 177 41.57 -54.39 33.90
C HIS FA 177 40.87 -54.99 35.11
N PRO FA 178 41.02 -56.29 35.35
CA PRO FA 178 40.47 -56.89 36.56
C PRO FA 178 41.28 -56.47 37.79
N VAL FA 179 40.71 -56.77 38.96
CA VAL FA 179 41.34 -56.35 40.21
C VAL FA 179 42.67 -57.09 40.42
N ASN FA 180 42.82 -58.28 39.85
CA ASN FA 180 44.06 -59.02 40.01
C ASN FA 180 45.18 -58.45 39.15
N GLU FA 181 44.84 -57.82 38.02
CA GLU FA 181 45.85 -57.23 37.15
C GLU FA 181 46.38 -55.93 37.73
N ARG FA 182 45.53 -54.90 37.79
CA ARG FA 182 45.89 -53.62 38.34
C ARG FA 182 44.87 -53.22 39.40
N GLU FA 183 45.34 -52.53 40.44
CA GLU FA 183 44.47 -52.19 41.55
C GLU FA 183 43.42 -51.16 41.10
N PRO FA 184 42.24 -51.18 41.72
CA PRO FA 184 41.19 -50.24 41.33
C PRO FA 184 41.41 -48.85 41.90
N VAL FA 185 40.79 -47.87 41.25
CA VAL FA 185 40.89 -46.48 41.67
C VAL FA 185 39.57 -46.06 42.33
N PRO FA 186 39.61 -45.25 43.38
CA PRO FA 186 38.38 -44.86 44.07
C PRO FA 186 37.61 -43.81 43.27
N LEU FA 187 36.41 -43.53 43.75
CA LEU FA 187 35.53 -42.53 43.14
C LEU FA 187 35.86 -41.14 43.66
N GLY FA 188 35.42 -40.13 42.90
CA GLY FA 188 35.61 -38.75 43.28
C GLY FA 188 34.36 -38.21 43.96
N ILE FA 189 34.51 -37.81 45.21
CA ILE FA 189 33.41 -37.29 46.02
C ILE FA 189 33.66 -35.79 46.22
N LEU FA 190 32.69 -34.98 45.80
CA LEU FA 190 32.79 -33.53 45.95
C LEU FA 190 32.32 -33.05 47.31
N HIS FA 191 31.33 -33.71 47.91
CA HIS FA 191 30.87 -33.36 49.25
C HIS FA 191 30.09 -34.54 49.82
N ILE FA 192 29.96 -34.55 51.15
CA ILE FA 192 29.30 -35.63 51.86
C ILE FA 192 27.99 -35.11 52.44
N PRO FA 193 26.86 -35.29 51.75
CA PRO FA 193 25.58 -34.85 52.31
C PRO FA 193 25.03 -35.85 53.31
N ILE FA 194 24.43 -35.33 54.38
CA ILE FA 194 23.84 -36.14 55.44
C ILE FA 194 22.41 -35.65 55.68
N CYS FA 195 21.48 -36.59 55.81
CA CYS FA 195 20.07 -36.27 56.05
C CYS FA 195 19.76 -36.41 57.53
N VAL FA 196 19.10 -35.39 58.08
CA VAL FA 196 18.58 -35.41 59.44
C VAL FA 196 17.09 -35.11 59.36
N THR FA 197 16.28 -36.01 59.90
CA THR FA 197 14.83 -35.94 59.78
C THR FA 197 14.24 -35.57 61.12
N PHE FA 198 13.47 -34.49 61.15
CA PHE FA 198 12.79 -34.03 62.35
C PHE FA 198 11.33 -34.46 62.31
N SER FA 199 10.85 -34.99 63.43
CA SER FA 199 9.46 -35.43 63.55
C SER FA 199 8.73 -34.52 64.53
N PHE FA 200 7.59 -33.99 64.09
CA PHE FA 200 6.84 -33.01 64.87
C PHE FA 200 5.61 -33.65 65.50
N PHE FA 201 5.27 -33.20 66.70
CA PHE FA 201 4.13 -33.69 67.45
C PHE FA 201 3.32 -32.51 67.96
N ASN FA 202 2.02 -32.51 67.67
CA ASN FA 202 1.14 -31.44 68.12
C ASN FA 202 0.42 -31.89 69.38
N PRO FA 203 0.80 -31.39 70.57
CA PRO FA 203 0.11 -31.80 71.80
C PRO FA 203 -1.27 -31.20 71.96
N GLN FA 204 -1.70 -30.32 71.07
CA GLN FA 204 -3.01 -29.68 71.20
C GLN FA 204 -3.86 -29.89 69.95
N ASP FA 205 -4.71 -28.93 69.64
CA ASP FA 205 -5.67 -29.04 68.55
C ASP FA 205 -5.15 -28.36 67.29
N THR FA 206 -5.87 -28.57 66.19
CA THR FA 206 -5.51 -27.93 64.93
C THR FA 206 -5.84 -26.44 64.95
N GLU FA 207 -6.85 -26.03 65.73
CA GLU FA 207 -7.19 -24.62 65.84
C GLU FA 207 -6.09 -23.83 66.54
N GLU FA 208 -5.42 -24.44 67.52
CA GLU FA 208 -4.30 -23.79 68.20
C GLU FA 208 -3.02 -23.82 67.38
N ASN FA 209 -3.01 -24.54 66.26
CA ASN FA 209 -1.86 -24.54 65.37
C ASN FA 209 -1.97 -23.52 64.25
N ILE FA 210 -3.18 -23.24 63.77
CA ILE FA 210 -3.35 -22.29 62.68
C ILE FA 210 -3.40 -20.86 63.22
N LYS FA 211 -4.04 -20.65 64.37
CA LYS FA 211 -4.24 -19.32 64.92
C LYS FA 211 -3.67 -19.17 66.33
N GLY FA 212 -2.83 -20.11 66.77
CA GLY FA 212 -2.34 -20.07 68.14
C GLY FA 212 -1.17 -19.11 68.31
N GLU FA 213 -1.16 -18.42 69.46
CA GLU FA 213 -0.09 -17.47 69.73
C GLU FA 213 1.21 -18.18 70.09
N THR FA 214 1.18 -18.99 71.15
CA THR FA 214 2.37 -19.70 71.62
C THR FA 214 2.43 -21.07 70.94
N ASN FA 215 3.48 -21.30 70.15
CA ASN FA 215 3.65 -22.56 69.44
C ASN FA 215 4.16 -23.62 70.42
N SER FA 216 3.43 -24.73 70.53
CA SER FA 216 3.75 -25.78 71.48
C SER FA 216 4.11 -27.10 70.80
N GLU FA 217 4.39 -27.08 69.50
CA GLU FA 217 4.67 -28.30 68.77
C GLU FA 217 6.02 -28.88 69.19
N ILE FA 218 6.05 -30.19 69.47
CA ILE FA 218 7.24 -30.88 69.94
C ILE FA 218 8.03 -31.39 68.75
N SER FA 219 9.35 -31.22 68.80
CA SER FA 219 10.25 -31.67 67.75
C SER FA 219 11.26 -32.66 68.32
N ILE FA 220 11.39 -33.82 67.68
CA ILE FA 220 12.40 -34.80 68.03
C ILE FA 220 13.17 -35.18 66.78
N ILE FA 221 14.41 -35.60 66.97
CA ILE FA 221 15.31 -35.93 65.87
C ILE FA 221 15.39 -37.45 65.73
N ASP FA 222 15.26 -37.93 64.49
CA ASP FA 222 15.43 -39.35 64.17
C ASP FA 222 14.46 -40.20 64.98
N ALA FA 223 13.20 -40.23 64.57
CA ALA FA 223 12.17 -40.93 65.33
C ALA FA 223 12.25 -42.43 65.09
N THR FA 224 11.86 -43.19 66.11
CA THR FA 224 11.72 -44.63 65.99
C THR FA 224 10.42 -44.95 65.24
N LEU FA 225 10.17 -46.25 65.02
CA LEU FA 225 8.97 -46.65 64.29
C LEU FA 225 7.71 -46.23 65.03
N LYS FA 226 7.67 -46.49 66.34
CA LYS FA 226 6.50 -46.10 67.14
C LYS FA 226 6.34 -44.58 67.17
N GLU FA 227 7.44 -43.85 67.33
CA GLU FA 227 7.37 -42.40 67.31
C GLU FA 227 7.00 -41.88 65.92
N GLU FA 228 7.51 -42.52 64.87
CA GLU FA 228 7.21 -42.08 63.51
C GLU FA 228 5.73 -42.24 63.19
N LEU FA 229 5.11 -43.32 63.66
CA LEU FA 229 3.71 -43.57 63.36
C LEU FA 229 2.77 -42.59 64.06
N LEU FA 230 3.21 -41.96 65.14
CA LEU FA 230 2.36 -41.07 65.92
C LEU FA 230 2.63 -39.60 65.63
N ARG FA 231 3.62 -39.28 64.80
CA ARG FA 231 3.97 -37.88 64.57
C ARG FA 231 2.92 -37.19 63.70
N ASP FA 232 2.82 -35.87 63.87
CA ASP FA 232 1.89 -35.06 63.09
C ASP FA 232 2.57 -34.30 61.97
N GLY FA 233 3.89 -34.30 61.91
CA GLY FA 233 4.60 -33.63 60.83
C GLY FA 233 6.03 -34.12 60.78
N VAL FA 234 6.64 -33.93 59.61
CA VAL FA 234 7.99 -34.42 59.35
C VAL FA 234 8.75 -33.39 58.54
N LEU FA 235 10.04 -33.24 58.82
CA LEU FA 235 10.92 -32.35 58.08
C LEU FA 235 12.26 -33.04 57.89
N THR FA 236 12.69 -33.17 56.63
CA THR FA 236 13.96 -33.78 56.30
C THR FA 236 14.87 -32.70 55.73
N VAL FA 237 15.98 -32.43 56.43
CA VAL FA 237 16.95 -31.42 56.04
C VAL FA 237 18.27 -32.11 55.76
N THR FA 238 18.98 -31.63 54.73
CA THR FA 238 20.24 -32.23 54.30
C THR FA 238 21.32 -31.17 54.29
N LEU FA 239 22.43 -31.45 54.97
CA LEU FA 239 23.55 -30.52 55.07
C LEU FA 239 24.86 -31.26 54.82
N ASN FA 240 25.92 -30.48 54.62
CA ASN FA 240 27.28 -30.98 54.55
C ASN FA 240 28.16 -30.06 55.38
N LYS FA 241 29.40 -30.50 55.63
CA LYS FA 241 30.31 -29.74 56.48
C LYS FA 241 30.67 -28.37 55.90
N ASN FA 242 30.36 -28.13 54.62
CA ASN FA 242 30.61 -26.85 53.99
C ASN FA 242 29.56 -25.79 54.33
N ARG FA 243 28.73 -26.04 55.36
CA ARG FA 243 27.65 -25.13 55.76
C ARG FA 243 26.69 -24.86 54.59
N GLU FA 244 26.48 -25.88 53.77
CA GLU FA 244 25.52 -25.81 52.67
C GLU FA 244 24.25 -26.57 53.05
N VAL FA 245 23.10 -25.95 52.83
CA VAL FA 245 21.83 -26.64 52.92
C VAL FA 245 21.60 -27.31 51.57
N VAL FA 246 21.84 -28.61 51.51
CA VAL FA 246 21.75 -29.33 50.24
C VAL FA 246 20.30 -29.39 49.76
N GLN FA 247 19.39 -29.80 50.64
CA GLN FA 247 17.97 -29.83 50.30
C GLN FA 247 17.16 -29.89 51.59
N VAL FA 248 15.94 -29.35 51.53
CA VAL FA 248 14.99 -29.40 52.62
C VAL FA 248 13.65 -29.85 52.06
N SER FA 249 12.95 -30.72 52.79
CA SER FA 249 11.67 -31.26 52.34
C SER FA 249 10.71 -31.28 53.51
N LYS FA 250 9.73 -30.38 53.48
CA LYS FA 250 8.62 -30.36 54.43
C LYS FA 250 7.34 -30.30 53.60
N ALA FA 251 6.93 -31.44 53.07
CA ALA FA 251 5.78 -31.54 52.17
C ALA FA 251 4.52 -31.76 53.00
N GLY FA 252 3.73 -30.70 53.15
CA GLY FA 252 2.47 -30.80 53.86
C GLY FA 252 2.66 -31.14 55.34
N GLY FA 253 1.58 -31.61 55.94
CA GLY FA 253 1.60 -31.95 57.35
C GLY FA 253 1.33 -30.76 58.24
N LEU FA 254 1.60 -30.98 59.52
CA LEU FA 254 1.44 -29.97 60.56
C LEU FA 254 2.17 -28.68 60.18
N PRO FA 255 1.46 -27.58 59.98
CA PRO FA 255 2.14 -26.30 59.68
C PRO FA 255 3.09 -25.93 60.81
N MET FA 256 4.31 -25.57 60.42
CA MET FA 256 5.38 -25.27 61.36
C MET FA 256 5.85 -23.84 61.21
N ASP FA 257 6.15 -23.19 62.33
CA ASP FA 257 6.71 -21.85 62.30
C ASP FA 257 8.03 -21.86 61.53
N ALA FA 258 8.22 -20.85 60.68
CA ALA FA 258 9.38 -20.82 59.81
C ALA FA 258 10.68 -20.82 60.60
N LEU FA 259 10.75 -20.01 61.66
CA LEU FA 259 11.97 -19.93 62.45
C LEU FA 259 12.25 -21.26 63.15
N THR FA 260 11.19 -21.97 63.56
CA THR FA 260 11.39 -23.29 64.16
C THR FA 260 12.05 -24.25 63.18
N LEU FA 261 11.61 -24.25 61.93
CA LEU FA 261 12.27 -25.05 60.91
C LEU FA 261 13.69 -24.57 60.67
N MET FA 262 13.93 -23.25 60.78
CA MET FA 262 15.28 -22.72 60.62
C MET FA 262 16.19 -23.21 61.75
N LYS FA 263 15.70 -23.21 62.99
CA LYS FA 263 16.49 -23.73 64.09
C LYS FA 263 16.74 -25.22 63.93
N CYS FA 264 15.86 -25.93 63.22
CA CYS FA 264 16.12 -27.33 62.92
C CYS FA 264 17.32 -27.49 61.99
N CYS FA 265 17.43 -26.63 60.98
CA CYS FA 265 18.57 -26.70 60.07
C CYS FA 265 19.89 -26.49 60.82
N HIS FA 266 19.93 -25.50 61.73
CA HIS FA 266 21.14 -25.27 62.51
C HIS FA 266 21.36 -26.37 63.54
N GLU FA 267 20.27 -26.95 64.08
CA GLU FA 267 20.41 -28.10 64.95
C GLU FA 267 21.08 -29.26 64.23
N ALA FA 268 20.71 -29.50 62.97
CA ALA FA 268 21.21 -30.66 62.25
C ALA FA 268 22.68 -30.52 61.89
N TYR FA 269 23.18 -29.29 61.74
CA TYR FA 269 24.58 -29.13 61.34
C TYR FA 269 25.54 -29.66 62.40
N SER FA 270 25.17 -29.56 63.68
CA SER FA 270 25.99 -30.17 64.72
C SER FA 270 26.07 -31.67 64.56
N ILE FA 271 24.97 -32.29 64.08
CA ILE FA 271 24.94 -33.74 63.95
C ILE FA 271 25.68 -34.20 62.70
N ILE FA 272 25.46 -33.51 61.57
CA ILE FA 272 26.11 -33.92 60.33
C ILE FA 272 27.61 -33.74 60.40
N GLU FA 273 28.11 -32.91 61.32
CA GLU FA 273 29.55 -32.86 61.57
C GLU FA 273 30.00 -34.12 62.29
N LYS FA 274 29.25 -34.54 63.31
CA LYS FA 274 29.59 -35.76 64.02
C LYS FA 274 29.52 -36.97 63.10
N ILE FA 275 28.54 -36.98 62.18
CA ILE FA 275 28.36 -38.12 61.29
C ILE FA 275 29.42 -38.13 60.20
N THR FA 276 29.70 -36.96 59.61
CA THR FA 276 30.71 -36.91 58.55
C THR FA 276 32.08 -37.34 59.07
N ASP FA 277 32.49 -36.80 60.22
CA ASP FA 277 33.76 -37.21 60.82
C ASP FA 277 33.74 -38.68 61.21
N GLN FA 278 32.57 -39.20 61.60
CA GLN FA 278 32.48 -40.61 61.97
C GLN FA 278 32.63 -41.51 60.75
N ILE FA 279 32.01 -41.13 59.63
CA ILE FA 279 32.12 -41.92 58.41
C ILE FA 279 33.57 -41.96 57.93
N LEU FA 280 34.21 -40.79 57.87
CA LEU FA 280 35.60 -40.72 57.40
C LEU FA 280 36.54 -41.51 58.30
N GLN FA 281 36.25 -41.57 59.60
CA GLN FA 281 37.12 -42.31 60.52
C GLN FA 281 37.01 -43.82 60.29
N LEU FA 282 35.78 -44.33 60.20
CA LEU FA 282 35.59 -45.75 59.95
C LEU FA 282 36.15 -46.17 58.60
N LEU FA 283 36.22 -45.25 57.65
CA LEU FA 283 36.87 -45.55 56.37
C LEU FA 283 38.39 -45.64 56.53
N LYS FA 284 38.97 -44.69 57.26
CA LYS FA 284 40.41 -44.74 57.50
C LYS FA 284 40.79 -45.99 58.27
N GLU FA 285 39.98 -46.37 59.26
CA GLU FA 285 40.24 -47.60 60.00
C GLU FA 285 40.13 -48.82 59.10
N ASP FA 286 39.13 -48.83 58.22
CA ASP FA 286 38.97 -49.95 57.29
C ASP FA 286 40.14 -50.05 56.32
N SER FA 287 40.62 -48.90 55.82
CA SER FA 287 41.76 -48.90 54.91
C SER FA 287 43.02 -49.39 55.60
N GLU FA 288 43.24 -48.96 56.85
CA GLU FA 288 44.41 -49.43 57.59
C GLU FA 288 44.36 -50.92 57.85
N LYS FA 289 43.16 -51.49 57.96
CA LYS FA 289 43.05 -52.95 58.14
C LYS FA 289 43.47 -53.68 56.87
N ARG FA 290 43.16 -53.13 55.71
CA ARG FA 290 43.51 -53.79 54.46
C ARG FA 290 44.99 -53.68 54.15
N ASN FA 291 45.63 -52.57 54.55
CA ASN FA 291 47.07 -52.46 54.37
C ASN FA 291 47.84 -53.31 55.36
N LYS FA 292 47.24 -53.61 56.52
CA LYS FA 292 47.87 -54.52 57.47
C LYS FA 292 47.83 -55.96 56.96
N TYR FA 293 46.77 -56.32 56.23
CA TYR FA 293 46.72 -57.64 55.59
C TYR FA 293 47.49 -57.65 54.29
N ALA FA 294 47.78 -56.49 53.70
CA ALA FA 294 48.66 -56.44 52.54
C ALA FA 294 50.11 -56.64 52.94
N ALA FA 295 50.47 -56.27 54.17
CA ALA FA 295 51.80 -56.57 54.67
C ALA FA 295 51.93 -58.03 55.06
N MET FA 296 50.85 -58.63 55.58
CA MET FA 296 50.84 -60.05 55.89
C MET FA 296 50.76 -60.91 54.64
N LEU FA 297 50.41 -60.34 53.49
CA LEU FA 297 50.36 -61.07 52.23
C LEU FA 297 51.58 -60.75 51.38
N ARG GA 6 19.46 -8.94 24.45
CA ARG GA 6 20.66 -9.19 25.21
C ARG GA 6 20.34 -9.86 26.55
N LEU GA 7 19.83 -9.05 27.48
CA LEU GA 7 19.34 -9.47 28.79
C LEU GA 7 20.45 -9.87 29.76
N GLU GA 8 20.17 -9.76 31.05
CA GLU GA 8 21.01 -10.26 32.13
C GLU GA 8 20.11 -10.89 33.18
N ILE GA 9 20.68 -11.73 34.03
CA ILE GA 9 19.91 -12.34 35.11
C ILE GA 9 19.55 -11.30 36.16
N TYR GA 10 20.57 -10.63 36.70
CA TYR GA 10 20.37 -9.54 37.66
C TYR GA 10 21.40 -8.47 37.35
N SER GA 11 20.98 -7.42 36.67
CA SER GA 11 21.90 -6.38 36.20
C SER GA 11 22.46 -5.58 37.38
N PRO GA 12 23.54 -4.82 37.15
CA PRO GA 12 24.08 -3.98 38.24
C PRO GA 12 23.11 -2.93 38.73
N GLU GA 13 22.20 -2.45 37.87
CA GLU GA 13 21.21 -1.47 38.31
C GLU GA 13 20.10 -2.10 39.13
N GLY GA 14 20.04 -3.43 39.22
CA GLY GA 14 19.00 -4.10 39.97
C GLY GA 14 17.81 -4.55 39.15
N LEU GA 15 17.99 -4.77 37.85
CA LEU GA 15 16.91 -5.17 36.96
C LEU GA 15 17.12 -6.60 36.48
N ARG GA 16 16.05 -7.38 36.47
CA ARG GA 16 16.09 -8.77 36.02
C ARG GA 16 15.73 -8.86 34.54
N LEU GA 17 15.62 -10.10 34.05
CA LEU GA 17 15.42 -10.33 32.61
C LEU GA 17 14.17 -9.64 32.10
N ASP GA 18 13.07 -9.71 32.84
CA ASP GA 18 11.83 -9.06 32.43
C ASP GA 18 11.77 -7.60 32.85
N GLY GA 19 12.77 -7.09 33.55
CA GLY GA 19 12.78 -5.73 34.02
C GLY GA 19 12.28 -5.54 35.44
N ARG GA 20 12.12 -6.61 36.21
CA ARG GA 20 11.68 -6.52 37.58
C ARG GA 20 12.85 -6.27 38.51
N ARG GA 21 12.57 -5.63 39.64
CA ARG GA 21 13.53 -5.53 40.71
C ARG GA 21 13.45 -6.77 41.59
N TRP GA 22 14.36 -6.86 42.56
CA TRP GA 22 14.49 -8.10 43.34
C TRP GA 22 13.21 -8.44 44.09
N ASN GA 23 12.46 -7.44 44.53
CA ASN GA 23 11.26 -7.66 45.32
C ASN GA 23 9.98 -7.41 44.51
N GLU GA 24 10.03 -7.67 43.21
CA GLU GA 24 8.88 -7.47 42.35
C GLU GA 24 8.27 -8.82 41.98
N LEU GA 25 6.94 -8.90 42.06
CA LEU GA 25 6.23 -10.09 41.65
C LEU GA 25 6.02 -10.08 40.13
N ARG GA 26 5.54 -11.20 39.60
CA ARG GA 26 5.10 -11.24 38.23
C ARG GA 26 3.63 -10.82 38.14
N ARG GA 27 3.18 -10.55 36.92
CA ARG GA 27 1.78 -10.18 36.71
C ARG GA 27 0.86 -11.29 37.21
N PHE GA 28 0.12 -11.01 38.27
CA PHE GA 28 -0.70 -11.99 38.97
C PHE GA 28 -2.16 -11.72 38.66
N GLU GA 29 -2.83 -12.68 38.03
CA GLU GA 29 -4.23 -12.54 37.67
C GLU GA 29 -4.95 -13.86 37.91
N SER GA 30 -5.94 -13.84 38.79
CA SER GA 30 -6.71 -15.02 39.14
C SER GA 30 -8.18 -14.85 38.73
N SER GA 31 -8.85 -15.97 38.53
CA SER GA 31 -10.25 -16.00 38.17
C SER GA 31 -10.94 -17.15 38.90
N ILE GA 32 -12.21 -16.94 39.24
CA ILE GA 32 -12.98 -17.89 40.03
C ILE GA 32 -14.26 -18.22 39.27
N ASN GA 33 -14.72 -19.46 39.43
CA ASN GA 33 -15.92 -19.96 38.75
C ASN GA 33 -15.71 -19.99 37.24
N THR GA 34 -14.53 -20.48 36.82
CA THR GA 34 -14.16 -20.51 35.42
C THR GA 34 -14.76 -21.69 34.68
N HIS GA 35 -15.08 -22.78 35.39
CA HIS GA 35 -15.69 -23.97 34.79
C HIS GA 35 -16.84 -24.44 35.67
N PRO GA 36 -17.95 -23.71 35.69
CA PRO GA 36 -19.10 -24.15 36.51
C PRO GA 36 -19.72 -25.41 35.97
N HIS GA 37 -19.73 -25.61 34.65
N HIS GA 37 -19.67 -25.60 34.66
CA HIS GA 37 -20.30 -26.81 34.07
CA HIS GA 37 -20.21 -26.74 33.92
C HIS GA 37 -19.30 -27.95 33.97
C HIS GA 37 -19.34 -27.99 34.03
N ALA GA 38 -18.25 -27.94 34.80
CA ALA GA 38 -17.31 -29.05 34.86
C ALA GA 38 -16.86 -29.41 36.27
N ALA GA 39 -17.12 -28.58 37.27
CA ALA GA 39 -16.68 -28.87 38.63
C ALA GA 39 -17.45 -27.98 39.60
N ASP GA 40 -17.51 -28.42 40.86
CA ASP GA 40 -18.13 -27.60 41.90
C ASP GA 40 -17.38 -26.29 42.07
N GLY GA 41 -16.06 -26.35 42.14
CA GLY GA 41 -15.25 -25.15 42.22
C GLY GA 41 -14.15 -25.20 41.18
N SER GA 42 -13.86 -24.03 40.60
CA SER GA 42 -12.88 -23.92 39.53
C SER GA 42 -12.09 -22.63 39.69
N SER GA 43 -10.88 -22.63 39.14
CA SER GA 43 -10.01 -21.47 39.20
C SER GA 43 -9.06 -21.50 38.01
N TYR GA 44 -8.82 -20.33 37.43
CA TYR GA 44 -7.86 -20.16 36.35
C TYR GA 44 -6.72 -19.28 36.85
N MET GA 45 -5.52 -19.85 36.89
CA MET GA 45 -4.35 -19.16 37.44
C MET GA 45 -3.49 -18.60 36.31
N GLU GA 46 -3.16 -17.31 36.42
CA GLU GA 46 -2.28 -16.63 35.46
C GLU GA 46 -1.22 -15.85 36.24
N GLN GA 47 -0.26 -16.57 36.81
CA GLN GA 47 0.85 -15.96 37.54
C GLN GA 47 2.03 -15.86 36.59
N GLY GA 48 2.24 -14.66 36.04
CA GLY GA 48 3.28 -14.49 35.03
C GLY GA 48 2.84 -15.15 33.73
N ASN GA 49 3.75 -15.94 33.15
CA ASN GA 49 3.42 -16.70 31.96
C ASN GA 49 2.64 -17.98 32.27
N ASN GA 50 2.61 -18.40 33.53
CA ASN GA 50 1.93 -19.62 33.91
C ASN GA 50 0.44 -19.53 33.62
N LYS GA 51 -0.15 -20.67 33.23
CA LYS GA 51 -1.57 -20.79 32.98
C LYS GA 51 -2.02 -22.16 33.50
N ILE GA 52 -2.82 -22.18 34.56
CA ILE GA 52 -3.19 -23.41 35.24
C ILE GA 52 -4.70 -23.44 35.45
N ILE GA 53 -5.34 -24.53 35.02
CA ILE GA 53 -6.74 -24.80 35.29
C ILE GA 53 -6.83 -25.76 36.46
N THR GA 54 -7.64 -25.42 37.47
CA THR GA 54 -7.84 -26.25 38.65
C THR GA 54 -9.32 -26.55 38.79
N LEU GA 55 -9.67 -27.83 38.83
CA LEU GA 55 -11.06 -28.27 38.95
C LEU GA 55 -11.23 -29.08 40.23
N VAL GA 56 -12.18 -28.67 41.06
CA VAL GA 56 -12.50 -29.39 42.30
C VAL GA 56 -13.88 -30.03 42.13
N LYS GA 57 -13.93 -31.35 42.22
CA LYS GA 57 -15.16 -32.12 42.11
C LYS GA 57 -15.47 -32.75 43.46
N GLY GA 58 -16.54 -32.29 44.09
CA GLY GA 58 -16.94 -32.82 45.37
C GLY GA 58 -17.29 -31.79 46.42
N PRO GA 59 -17.48 -32.22 47.68
CA PRO GA 59 -17.46 -33.63 48.12
C PRO GA 59 -18.62 -34.44 47.55
N LYS GA 60 -18.33 -35.66 47.09
CA LYS GA 60 -19.31 -36.48 46.41
C LYS GA 60 -19.16 -37.92 46.85
N GLU GA 61 -20.14 -38.73 46.47
CA GLU GA 61 -20.11 -40.16 46.81
C GLU GA 61 -18.99 -40.84 46.04
N PRO GA 62 -18.15 -41.65 46.70
CA PRO GA 62 -17.07 -42.33 45.99
C PRO GA 62 -17.61 -43.34 44.99
N ARG GA 63 -16.78 -43.65 43.99
CA ARG GA 63 -17.22 -44.57 42.95
C ARG GA 63 -17.20 -46.01 43.45
N LEU GA 64 -16.14 -46.41 44.13
CA LEU GA 64 -16.06 -47.73 44.75
C LEU GA 64 -16.29 -47.58 46.25
N LYS GA 65 -17.31 -48.26 46.76
CA LYS GA 65 -17.60 -48.23 48.20
C LYS GA 65 -16.45 -48.73 49.04
N SER GA 66 -15.57 -49.55 48.47
CA SER GA 66 -14.38 -49.99 49.19
C SER GA 66 -13.49 -48.80 49.56
N GLN GA 67 -13.12 -47.99 48.57
CA GLN GA 67 -12.28 -46.82 48.80
C GLN GA 67 -13.16 -45.69 49.34
N MET GA 68 -13.45 -45.77 50.63
CA MET GA 68 -14.28 -44.77 51.28
C MET GA 68 -13.98 -44.76 52.77
N ASP GA 69 -13.75 -43.58 53.33
CA ASP GA 69 -13.42 -43.41 54.73
C ASP GA 69 -14.65 -42.93 55.49
N THR GA 70 -15.03 -43.66 56.54
CA THR GA 70 -16.19 -43.30 57.33
C THR GA 70 -15.93 -42.10 58.23
N SER GA 71 -14.68 -41.77 58.50
CA SER GA 71 -14.33 -40.70 59.43
C SER GA 71 -14.04 -39.37 58.77
N LYS GA 72 -13.60 -39.36 57.50
CA LYS GA 72 -13.25 -38.12 56.84
C LYS GA 72 -13.36 -38.30 55.33
N ALA GA 73 -13.24 -37.19 54.62
CA ALA GA 73 -13.29 -37.20 53.16
C ALA GA 73 -11.95 -37.65 52.60
N LEU GA 74 -12.00 -38.24 51.41
CA LEU GA 74 -10.79 -38.61 50.67
C LEU GA 74 -10.42 -37.48 49.74
N LEU GA 75 -9.14 -37.09 49.77
CA LEU GA 75 -8.63 -35.99 48.95
C LEU GA 75 -7.65 -36.55 47.93
N ASN GA 76 -7.94 -36.33 46.65
CA ASN GA 76 -7.11 -36.82 45.55
C ASN GA 76 -6.75 -35.65 44.65
N VAL GA 77 -5.47 -35.56 44.29
CA VAL GA 77 -4.96 -34.49 43.42
C VAL GA 77 -4.34 -35.13 42.20
N SER GA 78 -4.74 -34.66 41.02
CA SER GA 78 -4.22 -35.15 39.74
C SER GA 78 -3.73 -33.96 38.94
N VAL GA 79 -2.42 -33.87 38.73
CA VAL GA 79 -1.80 -32.77 38.01
C VAL GA 79 -1.43 -33.26 36.61
N ASN GA 80 -2.04 -32.67 35.59
CA ASN GA 80 -1.77 -33.01 34.19
C ASN GA 80 -0.99 -31.87 33.57
N ILE GA 81 0.27 -32.13 33.23
CA ILE GA 81 1.11 -31.16 32.55
C ILE GA 81 1.00 -31.44 31.05
N THR GA 82 0.30 -30.56 30.33
CA THR GA 82 0.00 -30.81 28.93
C THR GA 82 1.27 -30.85 28.10
N LYS GA 83 1.16 -31.50 26.93
CA LYS GA 83 2.30 -31.68 26.04
C LYS GA 83 2.81 -30.36 25.49
N PHE GA 84 1.96 -29.33 25.43
CA PHE GA 84 2.30 -28.03 24.86
C PHE GA 84 2.67 -27.00 25.92
N SER GA 85 2.99 -27.44 27.14
CA SER GA 85 3.31 -26.48 28.19
C SER GA 85 4.70 -25.87 28.01
N LYS GA 86 5.67 -26.67 27.56
CA LYS GA 86 7.04 -26.22 27.34
C LYS GA 86 7.35 -26.12 25.84
N GLU GA 88 8.63 -26.03 25.53
CA GLU GA 88 9.14 -26.34 24.19
C GLU GA 88 9.12 -27.85 24.06
N ARG GA 89 8.06 -28.37 23.42
CA ARG GA 89 7.66 -29.77 23.38
C ARG GA 89 8.77 -30.81 23.58
N SER GA 90 8.51 -31.76 24.46
CA SER GA 90 9.35 -32.95 24.63
C SER GA 90 8.50 -34.20 24.45
N LYS GA 91 9.09 -35.23 23.84
CA LYS GA 91 8.38 -36.47 23.57
C LYS GA 91 8.35 -37.43 24.75
N SER GA 92 9.27 -37.29 25.70
CA SER GA 92 9.35 -38.20 26.84
C SER GA 92 8.06 -38.25 27.65
N GLU GA 97 5.97 -38.03 35.57
CA GLU GA 97 6.21 -39.41 35.98
C GLU GA 97 6.43 -39.48 37.50
N ARG GA 98 7.53 -40.13 37.92
CA ARG GA 98 7.91 -40.16 39.32
C ARG GA 98 8.00 -38.76 39.93
N ARG GA 99 8.29 -37.74 39.12
CA ARG GA 99 8.35 -36.38 39.62
C ARG GA 99 6.96 -35.75 39.74
N VAL GA 100 6.07 -36.05 38.79
CA VAL GA 100 4.70 -35.56 38.91
C VAL GA 100 4.00 -36.22 40.08
N LEU GA 101 4.33 -37.49 40.37
CA LEU GA 101 3.80 -38.16 41.55
C LEU GA 101 4.18 -37.42 42.83
N GLU GA 102 5.41 -36.91 42.90
CA GLU GA 102 5.84 -36.18 44.08
C GLU GA 102 5.03 -34.90 44.26
N ILE GA 103 4.75 -34.20 43.16
CA ILE GA 103 3.96 -32.97 43.23
C ILE GA 103 2.56 -33.27 43.76
N GLN GA 104 1.96 -34.38 43.31
CA GLN GA 104 0.58 -34.69 43.69
C GLN GA 104 0.47 -35.03 45.17
N THR GA 105 1.26 -36.00 45.64
CA THR GA 105 1.19 -36.40 47.04
C THR GA 105 1.59 -35.26 47.98
N SER GA 106 2.44 -34.34 47.51
CA SER GA 106 2.78 -33.18 48.34
C SER GA 106 1.59 -32.24 48.47
N LEU GA 107 0.89 -31.97 47.37
CA LEU GA 107 -0.29 -31.13 47.44
C LEU GA 107 -1.38 -31.76 48.29
N VAL GA 108 -1.54 -33.08 48.19
CA VAL GA 108 -2.51 -33.78 49.04
C VAL GA 108 -2.14 -33.61 50.51
N ARG GA 109 -0.87 -33.87 50.85
CA ARG GA 109 -0.44 -33.76 52.24
C ARG GA 109 -0.61 -32.35 52.77
N MET GA 110 -0.53 -31.34 51.89
CA MET GA 110 -0.73 -29.96 52.32
C MET GA 110 -2.19 -29.71 52.72
N PHE GA 111 -3.10 -29.89 51.77
CA PHE GA 111 -4.51 -29.59 52.02
C PHE GA 111 -5.21 -30.64 52.85
N GLU GA 112 -4.55 -31.77 53.14
CA GLU GA 112 -5.07 -32.69 54.14
C GLU GA 112 -5.26 -31.99 55.47
N LYS GA 113 -4.26 -31.21 55.90
CA LYS GA 113 -4.26 -30.53 57.18
C LYS GA 113 -4.93 -29.16 57.12
N ASN GA 114 -5.39 -28.72 55.96
CA ASN GA 114 -6.08 -27.44 55.83
C ASN GA 114 -7.57 -27.60 55.55
N VAL GA 115 -7.94 -28.48 54.61
CA VAL GA 115 -9.34 -28.73 54.34
C VAL GA 115 -9.93 -29.55 55.49
N MET GA 116 -11.09 -29.11 55.99
CA MET GA 116 -11.76 -29.83 57.06
C MET GA 116 -12.38 -31.11 56.54
N LEU GA 117 -11.54 -32.09 56.20
CA LEU GA 117 -12.03 -33.37 55.70
C LEU GA 117 -12.85 -34.12 56.74
N ASN GA 118 -12.65 -33.82 58.02
CA ASN GA 118 -13.40 -34.50 59.07
C ASN GA 118 -14.88 -34.17 59.02
N ILE GA 119 -15.25 -32.98 58.53
CA ILE GA 119 -16.65 -32.58 58.49
C ILE GA 119 -17.35 -33.03 57.21
N TYR GA 120 -16.66 -33.70 56.29
CA TYR GA 120 -17.26 -34.26 55.09
C TYR GA 120 -17.00 -35.76 55.01
N PRO GA 121 -17.52 -36.54 55.97
CA PRO GA 121 -17.21 -37.96 56.00
C PRO GA 121 -17.93 -38.72 54.88
N ARG GA 122 -17.36 -39.89 54.54
CA ARG GA 122 -17.89 -40.79 53.53
C ARG GA 122 -17.97 -40.16 52.15
N THR GA 123 -17.23 -39.08 51.91
CA THR GA 123 -17.23 -38.39 50.63
C THR GA 123 -15.83 -38.44 50.01
N VAL GA 124 -15.71 -37.88 48.81
CA VAL GA 124 -14.45 -37.84 48.07
C VAL GA 124 -14.34 -36.49 47.39
N ILE GA 125 -13.20 -35.83 47.56
CA ILE GA 125 -12.91 -34.55 46.92
C ILE GA 125 -11.82 -34.79 45.90
N ASP GA 126 -12.18 -34.75 44.62
CA ASP GA 126 -11.24 -34.96 43.52
C ASP GA 126 -10.82 -33.60 42.97
N ILE GA 127 -9.50 -33.38 42.88
CA ILE GA 127 -8.93 -32.16 42.32
C ILE GA 127 -8.26 -32.51 41.00
N GLU GA 128 -8.61 -31.77 39.96
CA GLU GA 128 -8.18 -32.04 38.58
C GLU GA 128 -7.49 -30.81 38.03
N ILE GA 129 -6.17 -30.90 37.82
CA ILE GA 129 -5.35 -29.76 37.42
C ILE GA 129 -4.84 -29.98 36.00
N HIS GA 130 -4.84 -28.92 35.20
CA HIS GA 130 -4.29 -28.93 33.85
C HIS GA 130 -3.36 -27.73 33.69
N VAL GA 131 -2.07 -28.00 33.49
CA VAL GA 131 -1.06 -26.95 33.31
C VAL GA 131 -0.98 -26.63 31.82
N LEU GA 132 -1.48 -25.46 31.43
CA LEU GA 132 -1.48 -25.08 30.01
C LEU GA 132 -0.16 -24.45 29.58
N GLU GA 133 0.55 -23.79 30.49
CA GLU GA 133 1.79 -23.11 30.13
C GLU GA 133 2.67 -23.04 31.36
N GLN GA 134 3.93 -23.42 31.22
CA GLN GA 134 4.86 -23.54 32.33
C GLN GA 134 6.02 -22.56 32.15
N ASP GA 135 6.40 -21.89 33.24
CA ASP GA 135 7.50 -20.93 33.20
C ASP GA 135 8.00 -20.59 34.60
N GLY GA 136 8.52 -21.58 35.32
CA GLY GA 136 9.12 -21.34 36.62
C GLY GA 136 8.12 -21.13 37.74
N GLY GA 137 8.44 -21.64 38.92
CA GLY GA 137 7.57 -21.48 40.08
C GLY GA 137 6.21 -22.11 39.90
N ILE GA 138 6.14 -23.24 39.21
CA ILE GA 138 4.84 -23.85 38.93
C ILE GA 138 4.26 -24.49 40.20
N MET GA 139 5.12 -24.90 41.12
CA MET GA 139 4.63 -25.51 42.36
C MET GA 139 3.86 -24.50 43.20
N GLY GA 140 4.35 -23.26 43.29
CA GLY GA 140 3.61 -22.24 44.00
C GLY GA 140 2.30 -21.87 43.31
N SER GA 141 2.31 -21.79 41.99
CA SER GA 141 1.10 -21.46 41.26
C SER GA 141 0.06 -22.58 41.37
N LEU GA 142 0.52 -23.84 41.42
CA LEU GA 142 -0.40 -24.95 41.66
C LEU GA 142 -1.09 -24.81 43.01
N ILE GA 143 -0.34 -24.38 44.02
CA ILE GA 143 -0.91 -24.20 45.36
C ILE GA 143 -2.00 -23.14 45.32
N ASN GA 144 -1.74 -22.02 44.64
CA ASN GA 144 -2.72 -20.94 44.58
C ASN GA 144 -3.97 -21.38 43.83
N GLY GA 145 -3.81 -22.15 42.75
CA GLY GA 145 -4.96 -22.63 42.02
C GLY GA 145 -5.86 -23.53 42.83
N ILE GA 146 -5.26 -24.37 43.69
CA ILE GA 146 -6.05 -25.28 44.52
C ILE GA 146 -6.76 -24.51 45.62
N THR GA 147 -6.08 -23.54 46.23
CA THR GA 147 -6.69 -22.78 47.32
C THR GA 147 -7.94 -22.03 46.85
N LEU GA 148 -7.84 -21.36 45.70
CA LEU GA 148 -9.00 -20.66 45.16
C LEU GA 148 -10.08 -21.62 44.71
N ALA GA 149 -9.71 -22.71 44.05
CA ALA GA 149 -10.71 -23.63 43.51
C ALA GA 149 -11.47 -24.34 44.62
N LEU GA 150 -10.80 -24.66 45.73
CA LEU GA 150 -11.49 -25.25 46.87
C LEU GA 150 -12.45 -24.26 47.52
N ILE GA 151 -12.02 -23.00 47.67
CA ILE GA 151 -12.89 -21.98 48.25
C ILE GA 151 -14.08 -21.74 47.34
N ASP GA 152 -13.88 -21.79 46.03
CA ASP GA 152 -15.01 -21.67 45.10
C ASP GA 152 -15.98 -22.83 45.24
N ALA GA 153 -15.49 -24.01 45.61
CA ALA GA 153 -16.35 -25.16 45.82
C ALA GA 153 -17.12 -25.09 47.14
N GLY GA 154 -16.89 -24.07 47.95
CA GLY GA 154 -17.56 -23.98 49.24
C GLY GA 154 -17.07 -24.97 50.26
N ILE GA 155 -15.89 -25.54 50.07
CA ILE GA 155 -15.38 -26.56 50.98
C ILE GA 155 -14.69 -25.88 52.15
N SER GA 156 -15.05 -26.30 53.37
CA SER GA 156 -14.53 -25.64 54.56
C SER GA 156 -13.04 -25.91 54.72
N MET GA 157 -12.29 -24.85 54.99
CA MET GA 157 -10.86 -24.95 55.26
C MET GA 157 -10.47 -23.92 56.31
N PHE GA 158 -9.38 -24.20 57.00
CA PHE GA 158 -8.97 -23.34 58.12
C PHE GA 158 -8.56 -21.96 57.65
N ASP GA 159 -7.80 -21.88 56.56
CA ASP GA 159 -7.26 -20.60 56.10
C ASP GA 159 -6.81 -20.74 54.65
N TYR GA 160 -6.39 -19.62 54.07
CA TYR GA 160 -5.70 -19.63 52.78
C TYR GA 160 -4.36 -20.36 52.89
N ILE GA 161 -3.91 -20.88 51.75
CA ILE GA 161 -2.53 -21.32 51.59
C ILE GA 161 -2.00 -20.68 50.31
N SER GA 162 -0.93 -19.88 50.43
CA SER GA 162 -0.35 -19.16 49.32
C SER GA 162 1.01 -19.76 48.96
N GLY GA 163 1.28 -19.85 47.66
CA GLY GA 163 2.52 -20.42 47.16
C GLY GA 163 3.40 -19.35 46.53
N ILE GA 164 4.71 -19.46 46.74
CA ILE GA 164 5.66 -18.50 46.20
C ILE GA 164 7.01 -19.19 46.05
N SER GA 165 7.82 -18.68 45.13
CA SER GA 165 9.17 -19.19 44.88
C SER GA 165 10.16 -18.04 44.93
N VAL GA 166 11.31 -18.29 45.55
CA VAL GA 166 12.36 -17.28 45.69
C VAL GA 166 13.70 -17.91 45.34
N GLY GA 167 14.44 -17.24 44.46
CA GLY GA 167 15.79 -17.65 44.13
C GLY GA 167 16.81 -16.79 44.84
N LEU GA 168 18.03 -17.32 44.95
CA LEU GA 168 19.13 -16.64 45.63
C LEU GA 168 20.22 -16.32 44.61
N TYR GA 169 20.37 -15.04 44.29
CA TYR GA 169 21.43 -14.57 43.40
C TYR GA 169 22.50 -13.92 44.28
N ASP GA 170 23.63 -14.63 44.43
CA ASP GA 170 24.69 -14.22 45.35
C ASP GA 170 24.13 -14.06 46.76
N THR GA 171 23.78 -12.83 47.13
CA THR GA 171 23.13 -12.56 48.40
C THR GA 171 21.70 -12.09 48.26
N THR GA 172 21.31 -11.60 47.09
CA THR GA 172 20.02 -10.95 46.91
C THR GA 172 18.96 -11.99 46.56
N PRO GA 173 17.92 -12.15 47.37
CA PRO GA 173 16.80 -13.01 46.96
C PRO GA 173 15.99 -12.36 45.87
N LEU GA 174 15.61 -13.16 44.87
CA LEU GA 174 14.79 -12.71 43.75
C LEU GA 174 13.41 -13.34 43.90
N LEU GA 175 12.43 -12.53 44.28
CA LEU GA 175 11.08 -13.03 44.52
C LEU GA 175 10.40 -13.39 43.20
N ASP GA 176 9.65 -14.50 43.23
CA ASP GA 176 8.90 -14.99 42.08
C ASP GA 176 9.82 -15.24 40.88
N THR GA 177 10.36 -16.45 40.79
CA THR GA 177 11.34 -16.78 39.78
C THR GA 177 10.67 -17.37 38.54
N ASN GA 178 11.22 -17.03 37.37
CA ASN GA 178 10.82 -17.62 36.10
C ASN GA 178 11.77 -18.76 35.75
N SER GA 179 11.52 -19.38 34.59
CA SER GA 179 12.24 -20.60 34.22
C SER GA 179 13.75 -20.38 34.17
N LEU GA 180 14.19 -19.30 33.51
CA LEU GA 180 15.62 -19.05 33.39
C LEU GA 180 16.25 -18.76 34.75
N GLU GA 181 15.54 -18.04 35.61
CA GLU GA 181 16.06 -17.76 36.94
C GLU GA 181 16.17 -19.03 37.78
N GLU GA 182 15.26 -19.98 37.59
CA GLU GA 182 15.33 -21.24 38.31
C GLU GA 182 16.55 -22.06 37.88
N ASN GA 183 16.85 -22.06 36.58
CA ASN GA 183 17.99 -22.81 36.08
C ASN GA 183 19.32 -22.15 36.40
N ALA GA 184 19.31 -20.88 36.77
CA ALA GA 184 20.55 -20.15 37.04
C ALA GA 184 20.99 -20.26 38.50
N MET GA 185 20.04 -20.14 39.43
CA MET GA 185 20.34 -20.10 40.85
C MET GA 185 19.48 -21.10 41.60
N SER GA 186 19.81 -21.30 42.87
CA SER GA 186 18.99 -22.13 43.75
C SER GA 186 17.70 -21.42 44.08
N THR GA 187 16.65 -22.20 44.35
CA THR GA 187 15.32 -21.67 44.62
C THR GA 187 14.73 -22.31 45.86
N VAL GA 188 13.86 -21.56 46.54
CA VAL GA 188 13.06 -22.06 47.64
C VAL GA 188 11.59 -21.85 47.30
N THR GA 189 10.77 -22.86 47.55
CA THR GA 189 9.34 -22.80 47.32
C THR GA 189 8.62 -22.87 48.65
N LEU GA 190 7.74 -21.89 48.91
CA LEU GA 190 7.05 -21.77 50.18
C LEU GA 190 5.55 -21.96 50.00
N GLY GA 191 4.94 -22.60 50.99
CA GLY GA 191 3.50 -22.62 51.13
C GLY GA 191 3.09 -22.08 52.49
N VAL GA 192 2.64 -20.83 52.52
CA VAL GA 192 2.44 -20.11 53.78
C VAL GA 192 0.96 -20.11 54.12
N VAL GA 193 0.64 -20.45 55.37
CA VAL GA 193 -0.74 -20.56 55.83
C VAL GA 193 -1.28 -19.16 56.12
N GLY GA 194 -2.18 -18.68 55.28
CA GLY GA 194 -2.83 -17.41 55.52
C GLY GA 194 -1.83 -16.27 55.60
N LYS GA 195 -1.88 -15.53 56.71
CA LYS GA 195 -0.98 -14.41 56.96
C LYS GA 195 0.04 -14.71 58.04
N SER GA 196 0.17 -15.97 58.45
CA SER GA 196 1.02 -16.34 59.56
C SER GA 196 2.44 -16.62 59.07
N GLU GA 197 3.30 -17.09 59.97
CA GLU GA 197 4.61 -17.58 59.61
C GLU GA 197 4.68 -19.10 59.57
N LYS GA 198 3.55 -19.77 59.76
CA LYS GA 198 3.52 -21.23 59.66
C LYS GA 198 3.65 -21.66 58.20
N LEU GA 199 4.51 -22.63 57.95
CA LEU GA 199 4.79 -23.11 56.60
C LEU GA 199 4.12 -24.45 56.39
N SER GA 200 3.18 -24.51 55.45
CA SER GA 200 2.60 -25.80 55.07
C SER GA 200 3.56 -26.59 54.19
N LEU GA 201 4.33 -25.89 53.33
CA LEU GA 201 5.28 -26.53 52.45
C LEU GA 201 6.58 -25.74 52.44
N LEU GA 202 7.69 -26.43 52.72
CA LEU GA 202 9.02 -25.85 52.60
C LEU GA 202 9.84 -26.76 51.70
N LEU GA 203 10.36 -26.20 50.61
CA LEU GA 203 11.02 -27.00 49.56
C LEU GA 203 12.27 -26.27 49.09
N VAL GA 204 13.42 -26.71 49.57
CA VAL GA 204 14.72 -26.22 49.12
C VAL GA 204 15.27 -27.27 48.15
N GLU GA 205 15.19 -26.96 46.85
CA GLU GA 205 15.47 -27.97 45.83
C GLU GA 205 16.95 -28.08 45.45
N ASP GA 206 17.79 -27.11 45.83
CA ASP GA 206 19.21 -27.20 45.51
C ASP GA 206 20.00 -26.43 46.57
N LYS GA 207 21.32 -26.49 46.43
CA LYS GA 207 22.23 -26.00 47.47
C LYS GA 207 21.98 -24.53 47.79
N ILE GA 208 21.91 -24.22 49.08
CA ILE GA 208 21.85 -22.85 49.57
C ILE GA 208 22.72 -22.76 50.81
N PRO GA 209 23.57 -21.74 50.95
CA PRO GA 209 24.40 -21.63 52.15
C PRO GA 209 23.54 -21.44 53.39
N LEU GA 210 23.86 -22.22 54.44
CA LEU GA 210 23.08 -22.25 55.66
C LEU GA 210 22.82 -20.86 56.23
N ASP GA 211 23.76 -19.93 56.04
CA ASP GA 211 23.63 -18.60 56.63
C ASP GA 211 22.75 -17.67 55.80
N ARG GA 212 22.73 -17.85 54.48
CA ARG GA 212 21.93 -17.00 53.61
C ARG GA 212 20.49 -17.49 53.46
N LEU GA 213 20.13 -18.62 54.07
CA LEU GA 213 18.81 -19.21 53.82
C LEU GA 213 17.71 -18.47 54.57
N GLU GA 214 17.98 -17.95 55.77
CA GLU GA 214 16.95 -17.27 56.53
C GLU GA 214 16.45 -16.02 55.81
N ASN GA 215 17.36 -15.31 55.15
CA ASN GA 215 16.96 -14.13 54.38
C ASN GA 215 16.04 -14.50 53.24
N VAL GA 216 16.32 -15.63 52.57
CA VAL GA 216 15.46 -16.10 51.49
C VAL GA 216 14.06 -16.41 52.01
N LEU GA 217 13.98 -17.14 53.13
CA LEU GA 217 12.69 -17.45 53.73
C LEU GA 217 11.91 -16.19 54.08
N ALA GA 218 12.61 -15.18 54.63
CA ALA GA 218 11.93 -13.94 55.02
C ALA GA 218 11.30 -13.26 53.82
N ILE GA 219 12.02 -13.18 52.70
CA ILE GA 219 11.47 -12.55 51.50
C ILE GA 219 10.32 -13.38 50.94
N GLY GA 220 10.44 -14.71 51.01
CA GLY GA 220 9.37 -15.55 50.50
C GLY GA 220 8.08 -15.42 51.26
N ILE GA 221 8.17 -15.47 52.60
CA ILE GA 221 6.97 -15.30 53.43
C ILE GA 221 6.30 -13.97 53.15
N ALA GA 222 7.10 -12.91 52.98
CA ALA GA 222 6.54 -11.59 52.70
C ALA GA 222 5.85 -11.56 51.35
N GLY GA 223 6.48 -12.14 50.33
CA GLY GA 223 5.85 -12.18 49.02
C GLY GA 223 4.58 -13.02 49.01
N ALA GA 224 4.59 -14.13 49.76
CA ALA GA 224 3.41 -14.98 49.83
C ALA GA 224 2.22 -14.24 50.44
N HIS GA 225 2.48 -13.46 51.50
CA HIS GA 225 1.41 -12.66 52.10
C HIS GA 225 0.80 -11.71 51.09
N ARG GA 226 1.64 -11.12 50.22
CA ARG GA 226 1.12 -10.28 49.15
C ARG GA 226 0.25 -11.08 48.20
N VAL GA 227 0.67 -12.30 47.87
CA VAL GA 227 -0.13 -13.18 47.01
C VAL GA 227 -1.47 -13.49 47.67
N ARG GA 228 -1.46 -13.73 48.98
CA ARG GA 228 -2.71 -13.99 49.70
C ARG GA 228 -3.67 -12.82 49.56
N ASP GA 229 -3.20 -11.60 49.82
CA ASP GA 229 -4.05 -10.43 49.67
C ASP GA 229 -4.54 -10.28 48.23
N LEU GA 230 -3.67 -10.56 47.25
CA LEU GA 230 -4.09 -10.49 45.85
C LEU GA 230 -5.18 -11.51 45.56
N MET GA 231 -5.06 -12.71 46.12
CA MET GA 231 -6.09 -13.72 45.94
C MET GA 231 -7.37 -13.33 46.66
N ASP GA 232 -7.25 -12.95 47.94
CA ASP GA 232 -8.41 -12.50 48.71
C ASP GA 232 -9.11 -11.34 48.02
N GLU GA 233 -8.35 -10.36 47.54
CA GLU GA 233 -8.91 -9.22 46.81
C GLU GA 233 -9.75 -9.69 45.63
N GLU GA 234 -9.20 -10.58 44.80
CA GLU GA 234 -9.93 -11.08 43.65
C GLU GA 234 -11.16 -11.87 44.09
N LEU GA 235 -11.07 -12.58 45.22
CA LEU GA 235 -12.18 -13.38 45.70
C LEU GA 235 -13.33 -12.51 46.19
N ARG GA 236 -13.02 -11.48 46.99
CA ARG GA 236 -14.05 -10.57 47.46
C ARG GA 236 -14.69 -9.80 46.31
N LYS GA 237 -13.89 -9.44 45.30
CA LYS GA 237 -14.44 -8.81 44.11
C LYS GA 237 -15.47 -9.70 43.43
N HIS GA 238 -15.14 -10.98 43.25
CA HIS GA 238 -16.10 -11.91 42.65
C HIS GA 238 -17.37 -12.02 43.47
N ALA GA 239 -17.23 -12.10 44.80
CA ALA GA 239 -18.41 -12.21 45.66
C ALA GA 239 -19.24 -10.94 45.62
N GLN GA 240 -18.58 -9.78 45.64
CA GLN GA 240 -19.31 -8.51 45.59
C GLN GA 240 -19.97 -8.29 44.24
N LYS GA 241 -19.33 -8.73 43.16
CA LYS GA 241 -19.95 -8.65 41.84
C LYS GA 241 -21.10 -9.63 41.71
N ARG GA 242 -21.06 -10.74 42.45
CA ARG GA 242 -22.13 -11.73 42.37
C ARG GA 242 -23.37 -11.25 43.11
N VAL GA 243 -23.19 -10.69 44.31
CA VAL GA 243 -24.32 -10.21 45.08
C VAL GA 243 -24.85 -8.87 44.57
N SER GA 244 -24.05 -8.13 43.81
CA SER GA 244 -24.54 -6.89 43.22
C SER GA 244 -25.35 -7.16 41.96
N ASN GA 245 -24.94 -8.15 41.17
CA ASN GA 245 -25.71 -8.50 39.98
C ASN GA 245 -27.06 -9.09 40.35
N ALA GA 246 -27.10 -9.93 41.38
CA ALA GA 246 -28.36 -10.53 41.83
C ALA GA 246 -29.25 -9.53 42.55
N SER GA 247 -28.77 -8.32 42.83
CA SER GA 247 -29.58 -7.32 43.51
C SER GA 247 -30.22 -6.37 42.52
N PRO HA 14 -21.37 -96.13 48.71
CA PRO HA 14 -20.55 -95.28 47.84
C PRO HA 14 -21.38 -94.40 46.92
N ILE HA 15 -20.74 -93.41 46.31
CA ILE HA 15 -21.39 -92.50 45.39
C ILE HA 15 -20.41 -92.16 44.26
N THR HA 16 -20.84 -92.37 43.02
CA THR HA 16 -20.01 -92.16 41.85
C THR HA 16 -20.58 -91.03 41.01
N PHE HA 17 -19.70 -90.24 40.41
CA PHE HA 17 -20.07 -89.11 39.58
C PHE HA 17 -19.61 -89.32 38.14
N PRO HA 18 -20.31 -88.74 37.17
CA PRO HA 18 -19.89 -88.87 35.76
C PRO HA 18 -18.49 -88.33 35.55
N PRO HA 19 -17.84 -88.71 34.44
CA PRO HA 19 -16.48 -88.21 34.20
C PRO HA 19 -16.39 -86.71 34.02
N GLU HA 20 -17.44 -86.07 33.48
CA GLU HA 20 -17.37 -84.64 33.22
C GLU HA 20 -17.31 -83.83 34.51
N VAL HA 21 -17.97 -84.28 35.57
CA VAL HA 21 -17.96 -83.52 36.82
C VAL HA 21 -16.73 -83.86 37.65
N LEU HA 22 -16.35 -85.15 37.71
CA LEU HA 22 -15.22 -85.54 38.56
C LEU HA 22 -13.95 -84.80 38.17
N ALA HA 23 -13.78 -84.47 36.90
CA ALA HA 23 -12.65 -83.66 36.48
C ALA HA 23 -12.69 -82.29 37.16
N ARG HA 24 -13.89 -81.74 37.31
CA ARG HA 24 -14.05 -80.45 37.98
C ARG HA 24 -14.13 -80.58 39.50
N ILE HA 25 -14.86 -81.59 39.98
CA ILE HA 25 -14.99 -81.81 41.43
C ILE HA 25 -13.63 -81.94 42.07
N SER HA 26 -12.81 -82.88 41.58
CA SER HA 26 -11.48 -83.12 42.12
C SER HA 26 -10.60 -83.63 41.00
N PRO HA 27 -9.71 -82.80 40.46
CA PRO HA 27 -8.75 -83.28 39.45
C PRO HA 27 -7.81 -84.35 39.99
N GLU HA 28 -7.59 -84.39 41.31
CA GLU HA 28 -6.76 -85.45 41.89
C GLU HA 28 -7.41 -86.82 41.71
N LEU HA 29 -8.73 -86.90 41.90
CA LEU HA 29 -9.41 -88.18 41.72
C LEU HA 29 -9.52 -88.54 40.25
N SER HA 30 -9.73 -87.55 39.38
CA SER HA 30 -9.84 -87.85 37.95
C SER HA 30 -8.60 -88.54 37.43
N LEU HA 31 -7.42 -88.15 37.93
CA LEU HA 31 -6.20 -88.85 37.56
C LEU HA 31 -6.15 -90.23 38.19
N GLN HA 32 -6.47 -90.34 39.49
CA GLN HA 32 -6.39 -91.61 40.18
C GLN HA 32 -7.42 -92.60 39.64
N ARG HA 33 -8.60 -92.11 39.25
CA ARG HA 33 -9.59 -93.01 38.64
C ARG HA 33 -9.11 -93.51 37.29
N HIS HA 34 -8.50 -92.62 36.48
CA HIS HA 34 -7.94 -93.04 35.21
C HIS HA 34 -6.80 -94.03 35.40
N LEU HA 35 -5.90 -93.75 36.35
CA LEU HA 35 -4.75 -94.62 36.54
C LEU HA 35 -5.14 -95.96 37.14
N SER HA 36 -6.24 -95.99 37.89
CA SER HA 36 -6.73 -97.27 38.40
C SER HA 36 -7.27 -98.15 37.29
N LEU HA 37 -7.75 -97.54 36.20
CA LEU HA 37 -8.17 -98.27 35.02
C LEU HA 37 -7.03 -98.58 34.07
N GLY HA 38 -5.84 -98.03 34.31
CA GLY HA 38 -4.69 -98.26 33.46
C GLY HA 38 -4.50 -97.25 32.35
N ILE HA 39 -5.25 -96.15 32.35
CA ILE HA 39 -5.16 -95.14 31.30
C ILE HA 39 -4.84 -93.79 31.91
N ARG HA 40 -4.68 -92.79 31.07
CA ARG HA 40 -4.39 -91.42 31.47
C ARG HA 40 -5.54 -90.51 31.05
N PRO HA 41 -5.72 -89.37 31.73
CA PRO HA 41 -6.82 -88.46 31.34
C PRO HA 41 -6.72 -87.98 29.90
N CYS HA 42 -5.51 -87.80 29.37
CA CYS HA 42 -5.32 -87.41 27.98
C CYS HA 42 -5.48 -88.58 27.00
N LEU HA 43 -5.91 -89.75 27.49
CA LEU HA 43 -6.21 -90.93 26.68
C LEU HA 43 -4.98 -91.52 26.01
N ARG HA 44 -3.79 -91.19 26.48
N ARG HA 44 -3.79 -91.22 26.51
CA ARG HA 44 -2.56 -91.78 25.98
CA ARG HA 44 -2.55 -91.76 25.98
C ARG HA 44 -2.00 -92.78 26.98
C ARG HA 44 -1.91 -92.69 26.99
N LYS HA 45 -1.11 -93.63 26.50
CA LYS HA 45 -0.49 -94.62 27.37
C LYS HA 45 0.55 -93.97 28.28
N TYR HA 46 0.99 -94.75 29.27
CA TYR HA 46 1.83 -94.20 30.33
C TYR HA 46 3.10 -93.55 29.78
N GLU HA 47 3.72 -94.18 28.79
CA GLU HA 47 4.97 -93.68 28.22
C GLU HA 47 4.78 -93.19 26.79
N GLU HA 48 3.59 -92.72 26.45
CA GLU HA 48 3.28 -92.23 25.11
C GLU HA 48 3.34 -90.71 25.09
N PHE HA 49 4.00 -90.17 24.07
CA PHE HA 49 4.09 -88.73 23.89
C PHE HA 49 3.00 -88.24 22.94
N ARG HA 50 2.77 -86.92 22.99
CA ARG HA 50 1.94 -86.28 21.99
C ARG HA 50 2.67 -86.25 20.64
N ASP HA 51 1.92 -86.38 19.57
CA ASP HA 51 2.49 -86.31 18.23
C ASP HA 51 2.65 -84.86 17.82
N VAL HA 52 3.81 -84.54 17.24
CA VAL HA 52 4.15 -83.16 16.87
C VAL HA 52 4.20 -83.06 15.35
N ALA HA 53 3.84 -81.87 14.86
CA ALA HA 53 3.90 -81.53 13.45
C ALA HA 53 4.44 -80.11 13.35
N ILE HA 54 5.36 -79.91 12.42
CA ILE HA 54 6.16 -78.68 12.38
C ILE HA 54 6.05 -78.04 11.00
N GLU HA 55 6.05 -76.70 10.99
CA GLU HA 55 6.24 -75.90 9.80
C GLU HA 55 7.38 -74.93 10.07
N ASN HA 56 8.42 -74.98 9.25
CA ASN HA 56 9.62 -74.19 9.48
C ASN HA 56 9.70 -73.03 8.50
N ASN HA 57 10.28 -71.91 8.96
CA ASN HA 57 10.61 -70.75 8.15
C ASN HA 57 9.39 -70.16 7.45
N THR HA 58 8.18 -70.40 7.98
CA THR HA 58 6.98 -69.95 7.30
C THR HA 58 6.81 -68.43 7.39
N LEU HA 59 7.13 -67.85 8.55
CA LEU HA 59 6.97 -66.42 8.78
C LEU HA 59 8.21 -65.62 8.44
N SER HA 60 9.23 -66.24 7.86
CA SER HA 60 10.50 -65.57 7.62
C SER HA 60 10.42 -64.66 6.40
N ARG HA 61 11.21 -63.58 6.46
CA ARG HA 61 11.39 -62.72 5.30
C ARG HA 61 12.27 -63.37 4.24
N TYR HA 62 13.05 -64.38 4.61
CA TYR HA 62 13.85 -65.16 3.69
C TYR HA 62 13.20 -66.49 3.32
N ALA HA 63 11.87 -66.58 3.42
CA ALA HA 63 11.17 -67.81 3.08
C ALA HA 63 11.28 -68.10 1.59
N ASP HA 64 10.73 -67.21 0.77
CA ASP HA 64 10.86 -67.33 -0.68
C ASP HA 64 12.28 -66.93 -1.08
N ALA HA 65 13.01 -67.88 -1.66
CA ALA HA 65 14.41 -67.62 -2.02
C ALA HA 65 14.52 -66.45 -3.00
N GLY HA 66 13.58 -66.32 -3.92
CA GLY HA 66 13.57 -65.20 -4.84
C GLY HA 66 12.93 -63.95 -4.26
N ASN HA 67 11.60 -63.95 -4.20
CA ASN HA 67 10.86 -62.80 -3.69
C ASN HA 67 11.05 -62.65 -2.18
N ILE HA 68 12.07 -61.91 -1.78
CA ILE HA 68 12.33 -61.67 -0.37
C ILE HA 68 11.42 -60.55 0.12
N ASP HA 69 10.66 -60.82 1.18
CA ASP HA 69 9.74 -59.83 1.73
C ASP HA 69 10.53 -58.68 2.33
N THR HA 70 10.44 -57.50 1.70
CA THR HA 70 11.17 -56.33 2.18
C THR HA 70 10.56 -55.73 3.44
N LYS HA 71 9.25 -55.94 3.64
CA LYS HA 71 8.59 -55.38 4.81
C LYS HA 71 8.84 -56.22 6.05
N ASN HA 72 8.91 -57.54 5.89
CA ASN HA 72 9.05 -58.44 7.02
C ASN HA 72 10.44 -58.31 7.63
N ASN HA 73 10.50 -58.49 8.95
CA ASN HA 73 11.75 -58.42 9.70
C ASN HA 73 12.07 -59.72 10.43
N ILE HA 74 11.34 -60.80 10.18
CA ILE HA 74 11.54 -62.05 10.88
C ILE HA 74 12.64 -62.84 10.18
N LEU HA 75 13.65 -63.26 10.95
CA LEU HA 75 14.78 -64.00 10.41
C LEU HA 75 14.58 -65.51 10.41
N GLY HA 76 13.65 -66.02 11.22
CA GLY HA 76 13.37 -67.44 11.27
C GLY HA 76 12.08 -67.72 12.03
N SER HA 77 11.43 -68.83 11.73
CA SER HA 77 10.12 -69.10 12.33
C SER HA 77 9.93 -70.60 12.50
N ASN HA 78 8.96 -70.94 13.34
CA ASN HA 78 8.53 -72.33 13.49
C ASN HA 78 7.12 -72.35 14.04
N VAL HA 79 6.24 -73.10 13.39
CA VAL HA 79 4.90 -73.38 13.89
C VAL HA 79 4.89 -74.84 14.36
N LEU HA 80 4.49 -75.06 15.60
CA LEU HA 80 4.52 -76.38 16.20
C LEU HA 80 3.15 -76.72 16.78
N LYS HA 81 2.68 -77.93 16.51
CA LYS HA 81 1.42 -78.44 17.05
C LYS HA 81 1.66 -79.81 17.65
N SER HA 82 1.54 -79.90 18.98
CA SER HA 82 1.69 -81.15 19.70
C SER HA 82 0.42 -81.35 20.52
N GLY HA 83 -0.44 -82.26 20.06
CA GLY HA 83 -1.76 -82.38 20.67
C GLY HA 83 -2.63 -81.22 20.27
N LYS HA 84 -3.39 -80.70 21.23
CA LYS HA 84 -4.25 -79.54 20.97
C LYS HA 84 -3.49 -78.23 20.98
N THR HA 85 -2.32 -78.18 21.60
CA THR HA 85 -1.59 -76.93 21.76
C THR HA 85 -0.93 -76.52 20.44
N ILE HA 86 -1.00 -75.23 20.14
CA ILE HA 86 -0.33 -74.63 18.99
C ILE HA 86 0.69 -73.64 19.51
N VAL HA 87 1.93 -73.76 19.04
CA VAL HA 87 3.01 -72.87 19.43
C VAL HA 87 3.63 -72.29 18.17
N ILE HA 88 3.77 -70.96 18.14
CA ILE HA 88 4.31 -70.26 16.99
C ILE HA 88 5.45 -69.37 17.47
N THR HA 89 6.61 -69.51 16.84
CA THR HA 89 7.81 -68.77 17.23
C THR HA 89 8.35 -67.99 16.03
N SER HA 90 8.77 -66.75 16.28
CA SER HA 90 9.36 -65.89 15.26
C SER HA 90 10.60 -65.22 15.84
N ILE HA 91 11.69 -65.24 15.07
CA ILE HA 91 12.98 -64.72 15.50
C ILE HA 91 13.21 -63.37 14.83
N THR HA 92 13.40 -62.34 15.65
CA THR HA 92 13.77 -61.01 15.16
C THR HA 92 15.21 -60.69 15.56
N GLY HA 93 15.76 -59.65 14.95
CA GLY HA 93 17.17 -59.34 15.05
C GLY HA 93 17.44 -57.98 15.64
N GLY HA 94 18.74 -57.72 15.84
CA GLY HA 94 19.22 -56.45 16.36
C GLY HA 94 20.74 -56.41 16.39
N ILE HA 95 21.32 -55.21 16.33
CA ILE HA 95 22.77 -55.04 16.31
C ILE HA 95 23.16 -54.09 17.44
N ILE HA 96 24.22 -54.45 18.16
CA ILE HA 96 24.77 -53.62 19.22
C ILE HA 96 26.23 -53.34 18.91
N GLU HA 97 26.69 -52.15 19.29
CA GLU HA 97 28.07 -51.76 19.11
C GLU HA 97 28.91 -52.30 20.26
N GLU HA 98 29.98 -53.03 19.92
CA GLU HA 98 30.82 -53.65 20.95
C GLU HA 98 31.69 -52.61 21.62
N THR HA 99 31.54 -52.48 22.94
CA THR HA 99 32.36 -51.59 23.76
C THR HA 99 32.98 -52.48 24.84
N SER HA 100 34.14 -53.06 24.53
CA SER HA 100 34.77 -54.01 25.43
C SER HA 100 36.16 -54.32 24.88
N ALA HA 101 36.87 -55.22 25.58
CA ALA HA 101 38.21 -55.62 25.17
C ALA HA 101 38.21 -57.01 24.57
N GLU HA 121 37.64 -71.71 24.25
CA GLU HA 121 37.32 -73.07 24.68
C GLU HA 121 35.80 -73.26 24.78
N ASP HA 122 35.40 -74.35 25.43
CA ASP HA 122 33.99 -74.65 25.65
C ASP HA 122 33.43 -73.97 26.90
N ILE HA 123 34.16 -73.02 27.49
CA ILE HA 123 33.72 -72.40 28.73
C ILE HA 123 32.55 -71.46 28.45
N ILE HA 124 31.69 -71.30 29.46
CA ILE HA 124 30.40 -70.64 29.29
C ILE HA 124 30.55 -69.19 28.82
N ALA HA 125 31.68 -68.55 29.13
CA ALA HA 125 31.81 -67.12 28.86
C ALA HA 125 31.84 -66.78 27.38
N ASN HA 126 32.17 -67.73 26.50
CA ASN HA 126 32.26 -67.46 25.07
C ASN HA 126 30.98 -67.78 24.33
N TYR HA 127 29.86 -67.95 25.04
CA TYR HA 127 28.61 -68.37 24.41
C TYR HA 127 27.52 -67.36 24.72
N ALA HA 128 26.65 -67.13 23.74
CA ALA HA 128 25.56 -66.17 23.83
C ALA HA 128 24.23 -66.92 23.97
N SER HA 129 23.14 -66.20 23.76
CA SER HA 129 21.80 -66.77 23.84
C SER HA 129 20.85 -65.86 23.08
N VAL HA 130 19.56 -66.16 23.16
CA VAL HA 130 18.52 -65.32 22.58
C VAL HA 130 17.59 -64.91 23.70
N TYR HA 131 16.78 -63.89 23.42
CA TYR HA 131 15.93 -63.27 24.43
C TYR HA 131 14.46 -63.48 24.07
N PRO HA 132 13.79 -64.45 24.67
CA PRO HA 132 12.41 -64.76 24.30
C PRO HA 132 11.39 -63.93 25.07
N VAL HA 133 10.24 -63.74 24.42
CA VAL HA 133 9.07 -63.10 25.04
C VAL HA 133 7.91 -64.05 24.80
N VAL HA 134 7.53 -64.80 25.83
CA VAL HA 134 6.52 -65.84 25.70
C VAL HA 134 5.17 -65.26 26.06
N GLU HA 135 4.19 -65.44 25.17
CA GLU HA 135 2.82 -65.01 25.39
C GLU HA 135 1.92 -66.24 25.33
N VAL HA 136 1.44 -66.69 26.49
CA VAL HA 136 0.55 -67.85 26.57
C VAL HA 136 -0.87 -67.30 26.52
N GLU HA 137 -1.46 -67.35 25.33
CA GLU HA 137 -2.77 -66.76 25.09
C GLU HA 137 -3.85 -67.54 25.82
N ARG HA 138 -4.45 -66.91 26.82
CA ARG HA 138 -5.57 -67.46 27.56
C ARG HA 138 -6.68 -66.42 27.58
N GLY HA 139 -7.78 -66.73 28.28
CA GLY HA 139 -8.92 -65.83 28.34
C GLY HA 139 -8.66 -64.50 29.01
N ARG HA 140 -7.50 -64.33 29.63
CA ARG HA 140 -7.19 -63.09 30.31
C ARG HA 140 -6.36 -62.16 29.43
N VAL HA 141 -6.35 -60.89 29.80
CA VAL HA 141 -5.56 -59.85 29.13
C VAL HA 141 -4.89 -59.02 30.19
N GLY HA 142 -3.59 -58.78 30.04
CA GLY HA 142 -2.89 -57.95 31.02
C GLY HA 142 -1.39 -58.20 30.99
N ALA HA 143 -0.80 -58.11 32.18
CA ALA HA 143 0.65 -58.14 32.33
C ALA HA 143 1.19 -59.56 32.14
N CYS HA 144 2.52 -59.65 32.13
CA CYS HA 144 3.18 -60.93 31.99
C CYS HA 144 2.95 -61.80 33.22
N THR HA 145 2.45 -63.00 33.00
CA THR HA 145 2.24 -63.94 34.09
C THR HA 145 3.57 -64.54 34.54
N ASP HA 146 3.56 -65.11 35.75
CA ASP HA 146 4.76 -65.80 36.24
C ASP HA 146 5.14 -66.96 35.33
N GLU HA 147 4.14 -67.61 34.73
CA GLU HA 147 4.43 -68.66 33.75
C GLU HA 147 5.17 -68.08 32.55
N GLU HA 148 4.64 -67.01 31.95
CA GLU HA 148 5.27 -66.41 30.78
C GLU HA 148 6.69 -65.95 31.10
N MET HA 149 6.91 -65.36 32.28
CA MET HA 149 8.22 -64.84 32.63
C MET HA 149 9.22 -65.97 32.88
N THR HA 150 8.81 -66.98 33.65
CA THR HA 150 9.73 -68.05 33.99
C THR HA 150 10.13 -68.85 32.75
N ILE HA 151 9.18 -69.12 31.86
CA ILE HA 151 9.52 -69.81 30.61
C ILE HA 151 10.52 -68.99 29.81
N SER HA 152 10.29 -67.69 29.71
CA SER HA 152 11.20 -66.82 28.96
C SER HA 152 12.62 -66.91 29.52
N GLN HA 153 12.77 -66.89 30.85
CA GLN HA 153 14.09 -67.01 31.44
C GLN HA 153 14.65 -68.42 31.30
N LYS HA 154 13.81 -69.44 31.52
CA LYS HA 154 14.26 -70.82 31.37
C LYS HA 154 14.77 -71.10 29.96
N LEU HA 155 14.09 -70.56 28.95
CA LEU HA 155 14.55 -70.71 27.57
C LEU HA 155 15.91 -70.06 27.37
N HIS HA 156 16.03 -68.79 27.78
CA HIS HA 156 17.29 -68.07 27.63
C HIS HA 156 18.44 -68.77 28.35
N ASP HA 157 18.19 -69.24 29.57
CA ASP HA 157 19.27 -69.83 30.37
C ASP HA 157 19.75 -71.15 29.79
N SER HA 158 18.84 -71.94 29.22
CA SER HA 158 19.22 -73.27 28.73
C SER HA 158 19.88 -73.22 27.36
N ILE HA 159 19.52 -72.24 26.52
CA ILE HA 159 20.24 -72.04 25.27
C ILE HA 159 21.68 -71.63 25.56
N LEU HA 160 21.90 -70.89 26.65
CA LEU HA 160 23.24 -70.50 27.04
C LEU HA 160 24.02 -71.68 27.61
N HIS HA 161 23.44 -72.40 28.58
CA HIS HA 161 24.17 -73.44 29.29
C HIS HA 161 24.43 -74.67 28.42
N SER HA 162 23.58 -74.92 27.42
CA SER HA 162 23.82 -76.01 26.49
C SER HA 162 24.85 -75.65 25.42
N ARG HA 163 25.38 -74.43 25.43
CA ARG HA 163 26.42 -73.99 24.48
C ARG HA 163 25.94 -74.10 23.03
N ILE HA 164 24.66 -73.82 22.81
CA ILE HA 164 24.11 -73.90 21.46
C ILE HA 164 24.63 -72.75 20.59
N LEU HA 165 24.61 -71.53 21.13
CA LEU HA 165 24.96 -70.35 20.36
C LEU HA 165 26.28 -69.77 20.84
N PRO HA 166 27.37 -69.90 20.09
CA PRO HA 166 28.63 -69.27 20.49
C PRO HA 166 28.65 -67.80 20.13
N LYS HA 167 29.34 -67.02 20.97
CA LYS HA 167 29.43 -65.58 20.76
C LYS HA 167 30.08 -65.24 19.41
N LYS HA 168 31.03 -66.07 18.96
CA LYS HA 168 31.66 -65.84 17.67
C LYS HA 168 30.64 -65.90 16.53
N ALA HA 169 29.58 -66.68 16.68
CA ALA HA 169 28.59 -66.84 15.63
C ALA HA 169 27.74 -65.59 15.42
N LEU HA 170 27.83 -64.60 16.30
CA LEU HA 170 27.04 -63.38 16.21
C LEU HA 170 27.86 -62.15 15.89
N LYS HA 171 29.17 -62.29 15.67
CA LYS HA 171 29.99 -61.16 15.28
C LYS HA 171 29.64 -60.73 13.85
N VAL HA 172 29.51 -59.43 13.65
CA VAL HA 172 29.07 -58.89 12.38
C VAL HA 172 30.26 -58.77 11.43
N LYS HA 173 30.19 -59.47 10.30
CA LYS HA 173 31.16 -59.30 9.21
C LYS HA 173 30.66 -58.15 8.35
N ALA HA 174 30.99 -56.94 8.77
CA ALA HA 174 30.43 -55.74 8.17
C ALA HA 174 31.17 -55.37 6.90
N GLY HA 175 30.44 -54.75 5.97
CA GLY HA 175 30.96 -54.26 4.73
C GLY HA 175 31.02 -52.75 4.66
N VAL HA 176 31.06 -52.23 3.44
CA VAL HA 176 31.12 -50.79 3.22
C VAL HA 176 30.37 -50.47 1.94
N ARG HA 177 29.61 -49.37 1.97
CA ARG HA 177 28.84 -48.91 0.82
C ARG HA 177 29.44 -47.62 0.28
N SER HA 178 29.81 -47.63 -0.99
CA SER HA 178 30.36 -46.46 -1.67
C SER HA 178 29.58 -46.22 -2.95
N ALA HA 179 29.59 -44.96 -3.40
CA ALA HA 179 28.86 -44.57 -4.61
C ALA HA 179 29.72 -44.90 -5.82
N ASN HA 180 29.40 -46.00 -6.48
CA ASN HA 180 30.15 -46.42 -7.66
C ASN HA 180 29.72 -45.63 -8.88
N GLU HA 181 30.62 -45.57 -9.87
CA GLU HA 181 30.40 -44.81 -11.11
C GLU HA 181 30.07 -43.35 -10.80
N ASP HA 182 28.82 -43.09 -10.43
CA ASP HA 182 28.40 -41.73 -10.10
C ASP HA 182 27.17 -41.74 -9.20
N GLY HA 183 26.20 -42.61 -9.51
CA GLY HA 183 24.96 -42.63 -8.76
C GLY HA 183 24.74 -43.87 -7.93
N THR HA 184 24.73 -45.03 -8.57
CA THR HA 184 24.43 -46.28 -7.89
C THR HA 184 25.46 -46.55 -6.80
N PHE HA 185 24.96 -47.01 -5.65
CA PHE HA 185 25.80 -47.36 -4.51
C PHE HA 185 26.05 -48.85 -4.49
N SER HA 186 27.32 -49.23 -4.37
CA SER HA 186 27.73 -50.62 -4.33
C SER HA 186 28.24 -50.97 -2.93
N VAL HA 187 27.85 -52.15 -2.44
CA VAL HA 187 28.26 -52.63 -1.13
C VAL HA 187 29.32 -53.70 -1.32
N LEU HA 188 30.46 -53.52 -0.64
CA LEU HA 188 31.56 -54.47 -0.72
C LEU HA 188 31.78 -55.06 0.66
N TYR HA 189 31.62 -56.38 0.76
CA TYR HA 189 31.84 -57.13 1.98
C TYR HA 189 33.18 -57.85 1.93
N PRO HA 190 33.84 -58.04 3.08
CA PRO HA 190 35.15 -58.71 3.05
C PRO HA 190 35.00 -60.21 2.95
N ASP HA 191 35.89 -60.83 2.18
CA ASP HA 191 35.86 -62.26 1.96
C ASP HA 191 36.43 -63.01 3.16
N LYS HA 206 38.72 -49.37 13.58
CA LYS HA 206 37.56 -50.01 12.98
C LYS HA 206 36.56 -50.44 14.05
N ARG HA 207 35.39 -49.81 14.05
CA ARG HA 207 34.34 -50.15 14.99
C ARG HA 207 33.83 -51.56 14.74
N LYS HA 208 33.36 -52.21 15.80
CA LYS HA 208 32.95 -53.61 15.74
C LYS HA 208 31.53 -53.77 16.30
N TRP HA 209 30.75 -54.63 15.67
CA TRP HA 209 29.36 -54.87 16.04
C TRP HA 209 29.14 -56.35 16.35
N SER HA 210 27.94 -56.65 16.81
CA SER HA 210 27.54 -58.03 17.11
C SER HA 210 26.02 -58.13 17.04
N TYR HA 211 25.54 -59.25 16.49
CA TYR HA 211 24.10 -59.45 16.35
C TYR HA 211 23.45 -59.74 17.70
N VAL HA 212 22.16 -59.39 17.79
CA VAL HA 212 21.33 -59.70 18.95
C VAL HA 212 20.04 -60.32 18.44
N LEU HA 213 19.68 -61.48 18.97
CA LEU HA 213 18.51 -62.23 18.53
C LEU HA 213 17.40 -62.12 19.56
N TYR HA 214 16.19 -61.84 19.07
CA TYR HA 214 14.99 -61.78 19.91
C TYR HA 214 13.98 -62.80 19.41
N ALA HA 215 13.24 -63.39 20.34
CA ALA HA 215 12.25 -64.41 20.01
C ALA HA 215 10.91 -64.04 20.63
N LYS HA 216 9.84 -64.15 19.84
CA LYS HA 216 8.47 -63.99 20.33
C LYS HA 216 7.76 -65.32 20.14
N ILE HA 217 7.26 -65.88 21.22
CA ILE HA 217 6.64 -67.21 21.22
C ILE HA 217 5.23 -67.07 21.76
N VAL HA 218 4.24 -67.29 20.89
CA VAL HA 218 2.84 -67.27 21.29
C VAL HA 218 2.35 -68.71 21.40
N VAL HA 219 1.44 -68.94 22.35
CA VAL HA 219 0.94 -70.28 22.64
C VAL HA 219 -0.58 -70.24 22.62
N LEU HA 220 -1.18 -71.02 21.73
CA LEU HA 220 -2.62 -71.14 21.63
C LEU HA 220 -3.08 -72.53 22.08
N SER HA 221 -4.27 -72.59 22.66
CA SER HA 221 -4.88 -73.84 23.12
C SER HA 221 -3.98 -74.56 24.13
N ARG HA 222 -3.60 -73.84 25.18
CA ARG HA 222 -2.77 -74.42 26.24
C ARG HA 222 -3.60 -75.39 27.09
N THR HA 223 -3.15 -76.64 27.15
CA THR HA 223 -3.83 -77.65 27.94
C THR HA 223 -3.01 -78.18 29.10
N GLY HA 224 -1.70 -77.95 29.10
CA GLY HA 224 -0.84 -78.42 30.17
C GLY HA 224 0.48 -77.67 30.21
N PRO HA 225 1.47 -78.23 30.88
CA PRO HA 225 2.81 -77.62 30.88
C PRO HA 225 3.30 -77.39 29.46
N VAL HA 226 3.76 -76.17 29.19
CA VAL HA 226 4.00 -75.71 27.83
C VAL HA 226 5.45 -75.32 27.59
N PHE HA 227 6.31 -75.38 28.61
CA PHE HA 227 7.73 -75.04 28.41
C PHE HA 227 8.35 -75.93 27.35
N ASP HA 228 8.08 -77.24 27.41
CA ASP HA 228 8.71 -78.18 26.48
C ASP HA 228 8.29 -77.87 25.04
N LEU HA 229 7.05 -77.46 24.83
CA LEU HA 229 6.61 -77.06 23.51
C LEU HA 229 7.33 -75.79 23.05
N CYS HA 230 7.53 -74.84 23.96
CA CYS HA 230 8.21 -73.60 23.60
C CYS HA 230 9.68 -73.85 23.26
N TRP HA 231 10.37 -74.65 24.08
CA TRP HA 231 11.78 -74.95 23.80
C TRP HA 231 11.93 -75.67 22.47
N ASN HA 232 11.16 -76.74 22.27
CA ASN HA 232 11.27 -77.50 21.03
C ASN HA 232 10.89 -76.65 19.82
N SER HA 233 9.90 -75.76 19.98
CA SER HA 233 9.54 -74.86 18.89
C SER HA 233 10.66 -73.86 18.62
N LEU HA 234 11.30 -73.37 19.67
CA LEU HA 234 12.41 -72.43 19.50
C LEU HA 234 13.62 -73.11 18.86
N MET HA 235 13.85 -74.39 19.17
CA MET HA 235 14.97 -75.11 18.57
C MET HA 235 14.81 -75.22 17.05
N TYR HA 236 13.60 -75.54 16.59
CA TYR HA 236 13.36 -75.60 15.15
C TYR HA 236 13.49 -74.23 14.51
N ALA HA 237 13.02 -73.19 15.19
CA ALA HA 237 13.09 -71.83 14.65
C ALA HA 237 14.55 -71.37 14.55
N LEU HA 238 15.36 -71.65 15.56
CA LEU HA 238 16.75 -71.20 15.55
C LEU HA 238 17.54 -71.79 14.39
N GLN HA 239 17.17 -72.99 13.94
CA GLN HA 239 17.88 -73.61 12.82
C GLN HA 239 17.54 -72.95 11.49
N SER HA 240 16.41 -72.26 11.40
CA SER HA 240 16.00 -71.57 10.18
C SER HA 240 16.42 -70.10 10.17
N VAL HA 241 17.14 -69.64 11.18
CA VAL HA 241 17.48 -68.22 11.29
C VAL HA 241 18.55 -67.87 10.27
N LYS HA 242 18.34 -66.77 9.55
CA LYS HA 242 19.33 -66.19 8.65
C LYS HA 242 19.65 -64.77 9.10
N LEU HA 243 20.93 -64.49 9.30
CA LEU HA 243 21.36 -63.17 9.76
C LEU HA 243 21.59 -62.25 8.58
N PRO HA 244 20.95 -61.07 8.54
CA PRO HA 244 21.19 -60.15 7.43
C PRO HA 244 22.59 -59.54 7.50
N ARG HA 245 23.13 -59.24 6.33
CA ARG HA 245 24.44 -58.60 6.24
C ARG HA 245 24.35 -57.11 6.57
N ALA HA 246 25.45 -56.56 7.06
CA ALA HA 246 25.49 -55.18 7.51
C ALA HA 246 26.64 -54.45 6.85
N PHE HA 247 26.52 -53.13 6.78
CA PHE HA 247 27.49 -52.29 6.10
C PHE HA 247 27.44 -50.88 6.68
N ILE HA 248 28.39 -50.05 6.23
CA ILE HA 248 28.44 -48.64 6.60
C ILE HA 248 28.91 -47.84 5.40
N ASP HA 249 28.51 -46.58 5.36
CA ASP HA 249 28.87 -45.71 4.24
C ASP HA 249 30.31 -45.23 4.36
N GLU HA 250 30.94 -45.01 3.22
CA GLU HA 250 32.32 -44.53 3.18
C GLU HA 250 32.37 -43.02 3.41
N LEU HA 255 31.47 -37.39 14.38
CA LEU HA 255 31.30 -36.04 13.87
C LEU HA 255 30.50 -35.19 14.87
N ARG HA 256 29.86 -35.86 15.82
CA ARG HA 256 29.06 -35.14 16.81
C ARG HA 256 29.93 -34.24 17.68
N MET HA 257 31.16 -34.68 17.96
CA MET HA 257 32.04 -33.92 18.85
C MET HA 257 32.71 -32.75 18.14
N THR HA 258 32.77 -32.77 16.81
CA THR HA 258 33.41 -31.68 16.07
C THR HA 258 32.58 -30.42 16.14
N ILE HA 259 33.26 -29.28 16.21
CA ILE HA 259 32.58 -27.99 16.28
C ILE HA 259 31.91 -27.68 14.95
N ARG HA 260 30.70 -27.12 15.00
CA ARG HA 260 29.89 -26.83 13.83
C ARG HA 260 29.45 -25.37 13.82
N THR HA 261 29.39 -24.80 12.62
CA THR HA 261 28.87 -23.45 12.41
C THR HA 261 27.34 -23.45 12.47
N ARG HA 262 26.78 -22.30 12.81
CA ARG HA 262 25.32 -22.17 12.90
C ARG HA 262 24.66 -21.69 11.62
N GLY HA 263 23.74 -22.51 11.11
CA GLY HA 263 23.49 -23.81 11.69
C GLY HA 263 23.57 -24.87 10.63
N ARG HA 264 24.37 -25.91 10.89
CA ARG HA 264 24.59 -26.97 9.92
C ARG HA 264 23.37 -27.89 9.82
N TYR HA 272 26.18 -42.72 9.44
CA TYR HA 272 26.93 -42.77 10.69
C TYR HA 272 26.79 -44.15 11.34
N GLU HA 273 25.57 -44.66 11.38
CA GLU HA 273 25.26 -45.92 12.02
C GLU HA 273 25.34 -47.09 11.03
N ILE HA 274 25.23 -48.30 11.56
CA ILE HA 274 25.30 -49.51 10.74
C ILE HA 274 23.93 -49.78 10.13
N ILE HA 275 23.92 -50.27 8.89
CA ILE HA 275 22.68 -50.49 8.15
C ILE HA 275 22.66 -51.93 7.67
N CYS HA 276 21.47 -52.53 7.65
CA CYS HA 276 21.29 -53.92 7.24
C CYS HA 276 21.02 -54.01 5.75
N ASP HA 277 21.39 -55.15 5.17
CA ASP HA 277 21.15 -55.40 3.76
C ASP HA 277 19.73 -55.89 3.55
N GLN HA 278 19.05 -55.31 2.57
CA GLN HA 278 17.65 -55.68 2.30
C GLN HA 278 17.52 -57.04 1.64
N THR HA 279 18.62 -57.70 1.29
CA THR HA 279 18.55 -58.97 0.57
C THR HA 279 19.57 -59.98 1.09
N LYS HA 280 20.86 -59.63 1.06
CA LYS HA 280 21.91 -60.57 1.40
C LYS HA 280 21.77 -61.04 2.85
N SER HA 281 22.06 -62.32 3.07
CA SER HA 281 21.91 -62.93 4.38
C SER HA 281 22.88 -64.10 4.51
N VAL HA 282 23.27 -64.38 5.75
CA VAL HA 282 24.17 -65.48 6.06
C VAL HA 282 23.44 -66.41 7.02
N PRO HA 283 23.83 -67.69 7.07
CA PRO HA 283 23.16 -68.62 7.99
C PRO HA 283 23.70 -68.48 9.40
N LEU HA 284 22.81 -68.63 10.38
CA LEU HA 284 23.20 -68.58 11.78
C LEU HA 284 23.96 -69.85 12.12
N MET HA 285 25.21 -69.70 12.53
CA MET HA 285 26.13 -70.83 12.70
C MET HA 285 26.07 -71.32 14.15
N ILE HA 286 24.99 -72.02 14.46
CA ILE HA 286 24.83 -72.64 15.77
C ILE HA 286 25.55 -73.99 15.76
N ASN HA 287 26.06 -74.39 16.92
CA ASN HA 287 26.64 -75.73 17.09
C ASN HA 287 25.50 -76.73 17.08
N ALA HA 288 25.32 -77.41 15.94
CA ALA HA 288 24.19 -78.32 15.78
C ALA HA 288 24.29 -79.50 16.74
N LYS HA 289 25.50 -79.90 17.13
CA LYS HA 289 25.67 -81.02 18.04
C LYS HA 289 25.10 -80.75 19.42
N ASN HA 290 24.97 -79.49 19.82
CA ASN HA 290 24.49 -79.13 21.15
C ASN HA 290 23.00 -78.87 21.20
N ILE HA 291 22.29 -78.96 20.07
CA ILE HA 291 20.85 -78.77 20.07
C ILE HA 291 20.19 -79.91 20.82
N ALA HA 292 19.31 -79.57 21.76
CA ALA HA 292 18.61 -80.56 22.58
C ALA HA 292 17.11 -80.47 22.32
N PHE HA 293 16.38 -81.44 22.87
CA PHE HA 293 14.94 -81.48 22.75
C PHE HA 293 14.33 -81.83 24.10
N ALA HA 294 13.15 -81.29 24.36
CA ALA HA 294 12.54 -81.30 25.67
C ALA HA 294 11.53 -82.44 25.83
N SER HA 295 11.47 -82.96 27.06
CA SER HA 295 10.48 -83.94 27.46
C SER HA 295 10.27 -83.82 28.97
N ASN HA 296 9.02 -83.98 29.41
CA ASN HA 296 8.68 -83.89 30.81
C ASN HA 296 8.00 -85.18 31.28
N TYR HA 297 8.16 -85.48 32.56
CA TYR HA 297 7.65 -86.73 33.12
C TYR HA 297 7.07 -86.48 34.50
N GLY HA 298 6.25 -87.42 34.95
CA GLY HA 298 5.62 -87.33 36.25
C GLY HA 298 5.55 -88.66 36.97
N ILE HA 299 5.76 -88.64 38.28
CA ILE HA 299 5.73 -89.84 39.11
C ILE HA 299 4.50 -89.76 40.00
N VAL HA 300 3.56 -90.67 39.80
CA VAL HA 300 2.30 -90.71 40.54
C VAL HA 300 2.28 -91.94 41.44
N GLU HA 301 1.74 -91.78 42.64
CA GLU HA 301 1.56 -92.88 43.58
C GLU HA 301 0.11 -93.34 43.51
N LEU HA 302 -0.09 -94.63 43.24
CA LEU HA 302 -1.42 -95.17 43.05
C LEU HA 302 -2.15 -95.29 44.38
N ASP HA 303 -3.30 -94.63 44.48
CA ASP HA 303 -4.10 -94.67 45.70
C ASP HA 303 -4.80 -96.01 45.80
N PRO HA 304 -4.74 -96.69 46.96
CA PRO HA 304 -5.38 -98.01 47.06
C PRO HA 304 -6.88 -97.98 46.92
N GLU HA 305 -7.53 -96.90 47.40
CA GLU HA 305 -8.99 -96.84 47.32
C GLU HA 305 -9.46 -96.57 45.89
N CYS HA 306 -8.83 -95.62 45.21
CA CYS HA 306 -9.21 -95.27 43.85
C CYS HA 306 -8.83 -96.37 42.87
N LEU HA 326 4.02 -97.27 48.07
CA LEU HA 326 3.26 -98.50 47.86
C LEU HA 326 3.39 -98.97 46.41
N ASN HA 327 2.92 -98.13 45.48
CA ASN HA 327 3.14 -98.40 44.07
C ASN HA 327 3.22 -97.06 43.34
N THR HA 328 4.05 -97.00 42.30
CA THR HA 328 4.19 -95.78 41.51
C THR HA 328 4.23 -96.12 40.02
N VAL HA 329 3.92 -95.10 39.21
CA VAL HA 329 4.00 -95.19 37.75
C VAL HA 329 4.70 -93.95 37.24
N LEU HA 330 5.29 -94.06 36.05
CA LEU HA 330 5.96 -92.95 35.39
C LEU HA 330 5.12 -92.51 34.20
N ILE HA 331 4.80 -91.21 34.15
CA ILE HA 331 3.93 -90.64 33.14
C ILE HA 331 4.77 -89.76 32.23
N ALA HA 332 4.57 -89.88 30.92
CA ALA HA 332 5.36 -89.15 29.93
C ALA HA 332 4.52 -88.03 29.31
N ASP HA 333 5.10 -86.84 29.23
CA ASP HA 333 4.49 -85.68 28.59
C ASP HA 333 3.15 -85.34 29.24
N LEU HA 334 3.18 -84.51 30.28
CA LEU HA 334 1.99 -84.22 31.05
C LEU HA 334 1.06 -83.28 30.30
N ASP HA 335 -0.24 -83.56 30.36
CA ASP HA 335 -1.25 -82.73 29.72
C ASP HA 335 -2.53 -82.79 30.53
N THR HA 336 -3.46 -81.90 30.20
CA THR HA 336 -4.78 -81.77 30.83
C THR HA 336 -4.70 -81.32 32.28
N GLU HA 337 -5.79 -80.73 32.78
CA GLU HA 337 -5.81 -80.20 34.14
C GLU HA 337 -5.57 -81.28 35.18
N ALA HA 338 -6.12 -82.48 34.94
CA ALA HA 338 -6.02 -83.56 35.92
C ALA HA 338 -4.57 -83.91 36.22
N GLU HA 339 -3.73 -84.02 35.19
CA GLU HA 339 -2.34 -84.40 35.39
C GLU HA 339 -1.53 -83.25 35.97
N GLU HA 340 -1.69 -82.05 35.41
CA GLU HA 340 -0.85 -80.92 35.81
C GLU HA 340 -1.10 -80.52 37.25
N THR HA 341 -2.37 -80.53 37.68
CA THR HA 341 -2.71 -80.04 39.02
C THR HA 341 -2.26 -81.02 40.11
N SER HA 342 -2.36 -82.33 39.84
CA SER HA 342 -2.23 -83.33 40.88
C SER HA 342 -0.87 -84.00 40.97
N ILE HA 343 -0.06 -83.94 39.91
CA ILE HA 343 1.23 -84.61 39.90
C ILE HA 343 2.28 -83.63 40.40
N HIS HA 344 2.88 -83.91 41.56
CA HIS HA 344 3.82 -83.01 42.21
C HIS HA 344 5.24 -83.58 42.25
N SER HA 345 5.48 -84.69 41.55
CA SER HA 345 6.84 -85.22 41.35
C SER HA 345 7.08 -85.21 39.84
N THR HA 346 7.87 -84.23 39.39
CA THR HA 346 8.09 -84.01 37.97
C THR HA 346 9.55 -84.20 37.61
N ILE HA 347 9.79 -84.54 36.34
CA ILE HA 347 11.13 -84.68 35.80
C ILE HA 347 11.15 -84.00 34.44
N SER HA 348 12.01 -83.00 34.29
CA SER HA 348 12.18 -82.28 33.04
C SER HA 348 13.60 -82.51 32.53
N ILE HA 349 13.72 -82.89 31.26
CA ILE HA 349 15.00 -83.25 30.66
C ILE HA 349 15.15 -82.51 29.34
N LEU HA 350 16.34 -81.97 29.11
CA LEU HA 350 16.76 -81.51 27.80
C LEU HA 350 17.89 -82.44 27.35
N ALA HA 351 17.64 -83.18 26.26
CA ALA HA 351 18.57 -84.20 25.79
C ALA HA 351 18.96 -83.90 24.35
N ALA HA 352 20.25 -83.99 24.07
CA ALA HA 352 20.74 -83.78 22.71
C ALA HA 352 20.82 -85.12 21.99
N PRO HA 353 20.32 -85.21 20.76
CA PRO HA 353 20.41 -86.47 20.01
C PRO HA 353 21.86 -86.89 19.84
N SER HA 354 22.12 -88.17 20.10
CA SER HA 354 23.43 -88.79 19.95
C SER HA 354 24.42 -88.28 21.01
N GLY HA 355 24.26 -87.04 21.44
CA GLY HA 355 25.11 -86.46 22.46
C GLY HA 355 24.64 -86.72 23.87
N ASN HA 356 24.96 -85.78 24.76
CA ASN HA 356 24.74 -85.88 26.19
C ASN HA 356 23.48 -85.10 26.59
N TYR HA 357 23.11 -85.21 27.87
CA TYR HA 357 21.97 -84.48 28.39
C TYR HA 357 22.41 -83.06 28.73
N LYS HA 358 21.55 -82.09 28.40
CA LYS HA 358 21.88 -80.68 28.60
C LYS HA 358 21.19 -80.06 29.81
N GLN HA 359 20.12 -80.68 30.33
CA GLN HA 359 19.42 -80.14 31.48
C GLN HA 359 18.61 -81.24 32.13
N LEU HA 360 18.57 -81.23 33.46
CA LEU HA 360 17.79 -82.18 34.23
C LEU HA 360 17.19 -81.47 35.42
N THR HA 361 15.86 -81.57 35.58
CA THR HA 361 15.14 -80.92 36.66
C THR HA 361 14.35 -81.97 37.42
N LEU HA 362 14.72 -82.18 38.68
CA LEU HA 362 14.02 -83.10 39.58
C LEU HA 362 13.33 -82.29 40.67
N MET HA 363 12.05 -82.56 40.90
CA MET HA 363 11.27 -81.90 41.93
C MET HA 363 10.47 -82.97 42.68
N GLY HA 364 10.87 -83.25 43.91
CA GLY HA 364 10.26 -84.32 44.68
C GLY HA 364 9.18 -83.87 45.63
N GLY HA 365 8.18 -83.15 45.12
CA GLY HA 365 7.06 -82.76 45.96
C GLY HA 365 6.13 -83.92 46.27
N GLY HA 366 5.94 -84.82 45.31
CA GLY HA 366 5.05 -85.96 45.49
C GLY HA 366 5.78 -87.22 45.91
N ALA HA 367 5.63 -88.28 45.10
CA ALA HA 367 6.24 -89.55 45.42
C ALA HA 367 7.78 -89.44 45.43
N LYS HA 368 8.40 -90.38 46.14
CA LYS HA 368 9.86 -90.40 46.20
C LYS HA 368 10.46 -90.68 44.83
N ILE HA 369 11.34 -89.78 44.39
CA ILE HA 369 12.01 -89.94 43.09
C ILE HA 369 13.15 -90.92 43.30
N THR HA 370 12.92 -92.18 42.95
CA THR HA 370 13.91 -93.24 43.06
C THR HA 370 14.79 -93.26 41.81
N PRO HA 371 16.01 -93.81 41.92
CA PRO HA 371 16.88 -93.87 40.73
C PRO HA 371 16.28 -94.60 39.54
N GLU HA 372 15.31 -95.49 39.78
CA GLU HA 372 14.71 -96.23 38.66
C GLU HA 372 13.87 -95.32 37.77
N MET HA 373 13.14 -94.37 38.36
CA MET HA 373 12.40 -93.40 37.56
C MET HA 373 13.36 -92.48 36.80
N ILE HA 374 14.43 -92.05 37.46
CA ILE HA 374 15.43 -91.21 36.81
C ILE HA 374 16.03 -91.94 35.61
N LYS HA 375 16.48 -93.18 35.82
CA LYS HA 375 17.08 -93.95 34.74
C LYS HA 375 16.11 -94.19 33.60
N ARG HA 376 14.82 -94.35 33.91
CA ARG HA 376 13.82 -94.55 32.87
C ARG HA 376 13.49 -93.24 32.16
N SER HA 377 13.43 -92.13 32.90
CA SER HA 377 13.19 -90.85 32.27
C SER HA 377 14.33 -90.46 31.34
N LEU HA 378 15.57 -90.72 31.76
CA LEU HA 378 16.72 -90.50 30.89
C LEU HA 378 16.62 -91.36 29.64
N LEU HA 379 16.11 -92.59 29.78
CA LEU HA 379 15.99 -93.50 28.64
C LEU HA 379 14.94 -93.01 27.65
N LEU HA 380 13.79 -92.55 28.15
CA LEU HA 380 12.73 -92.08 27.27
C LEU HA 380 13.09 -90.74 26.62
N SER HA 381 13.84 -89.89 27.32
CA SER HA 381 14.21 -88.60 26.75
C SER HA 381 15.14 -88.75 25.56
N ARG HA 382 16.01 -89.77 25.58
CA ARG HA 382 16.91 -89.99 24.45
C ARG HA 382 16.13 -90.37 23.19
N VAL HA 383 15.18 -91.31 23.31
CA VAL HA 383 14.41 -91.72 22.15
C VAL HA 383 13.44 -90.63 21.71
N ARG HA 384 13.05 -89.73 22.61
CA ARG HA 384 12.21 -88.60 22.21
C ARG HA 384 13.03 -87.58 21.43
N ALA HA 385 14.25 -87.29 21.88
CA ALA HA 385 15.11 -86.36 21.15
C ALA HA 385 15.48 -86.93 19.78
N ASP HA 386 15.84 -88.22 19.72
CA ASP HA 386 16.14 -88.84 18.44
C ASP HA 386 14.95 -88.75 17.49
N ASP HA 387 13.73 -88.89 18.01
CA ASP HA 387 12.54 -88.83 17.17
C ASP HA 387 12.31 -87.42 16.63
N LEU HA 388 12.51 -86.40 17.46
CA LEU HA 388 12.12 -85.05 17.08
C LEU HA 388 13.06 -84.49 16.02
N SER HA 389 14.36 -84.75 16.14
CA SER HA 389 15.31 -84.25 15.16
C SER HA 389 15.20 -85.00 13.84
N THR HA 390 14.97 -86.32 13.90
CA THR HA 390 14.94 -87.13 12.68
C THR HA 390 13.64 -86.92 11.91
N ARG HA 391 12.51 -86.82 12.61
CA ARG HA 391 11.20 -86.80 11.97
C ARG HA 391 11.06 -85.71 10.92
N PHE HA 392 11.79 -84.60 11.09
CA PHE HA 392 11.66 -83.44 10.21
C PHE HA 392 13.02 -83.12 9.59
N ASN HA 393 13.24 -83.60 8.38
CA ASN HA 393 14.50 -83.39 7.68
C ASN HA 393 14.55 -82.01 7.05
N MET IA 4 30.89 -79.17 53.48
CA MET IA 4 31.91 -78.14 53.49
C MET IA 4 31.81 -77.32 54.77
N SER IA 5 32.33 -76.10 54.75
CA SER IA 5 32.30 -75.21 55.90
C SER IA 5 31.40 -74.03 55.61
N VAL IA 6 30.31 -73.90 56.36
CA VAL IA 6 29.35 -72.83 56.22
C VAL IA 6 29.16 -72.16 57.58
N GLN IA 7 28.80 -70.88 57.55
CA GLN IA 7 28.50 -70.14 58.77
C GLN IA 7 27.12 -69.50 58.64
N ALA IA 8 26.38 -69.47 59.75
CA ALA IA 8 25.00 -69.01 59.70
C ALA IA 8 24.60 -68.43 61.05
N GLU IA 9 23.58 -67.58 61.01
CA GLU IA 9 22.99 -66.97 62.20
C GLU IA 9 21.48 -67.13 62.14
N ILE IA 10 20.83 -66.88 63.28
CA ILE IA 10 19.40 -67.07 63.42
C ILE IA 10 18.83 -65.94 64.27
N GLY IA 11 17.67 -65.42 63.86
CA GLY IA 11 16.99 -64.40 64.62
C GLY IA 11 17.72 -63.07 64.68
N ILE IA 12 17.98 -62.48 63.53
CA ILE IA 12 18.76 -61.24 63.45
C ILE IA 12 17.87 -60.04 63.17
N LEU IA 13 16.71 -60.22 62.58
CA LEU IA 13 15.79 -59.13 62.29
C LEU IA 13 14.70 -59.07 63.35
N ASP IA 14 14.25 -57.85 63.66
CA ASP IA 14 13.34 -57.62 64.76
C ASP IA 14 11.88 -57.51 64.35
N HIS IA 15 11.61 -57.20 63.07
CA HIS IA 15 10.24 -56.95 62.61
C HIS IA 15 9.74 -58.05 61.68
N VAL IA 16 10.24 -59.27 61.84
CA VAL IA 16 9.72 -60.44 61.16
C VAL IA 16 9.67 -61.59 62.15
N ASP IA 17 8.83 -62.59 61.84
CA ASP IA 17 8.67 -63.72 62.75
C ASP IA 17 9.88 -64.62 62.76
N GLY IA 18 10.64 -64.66 61.67
CA GLY IA 18 11.84 -65.47 61.61
C GLY IA 18 12.84 -64.86 60.65
N SER IA 19 14.11 -65.02 60.98
CA SER IA 19 15.18 -64.44 60.19
C SER IA 19 16.41 -65.33 60.26
N SER IA 20 17.22 -65.28 59.21
CA SER IA 20 18.44 -66.08 59.15
C SER IA 20 19.41 -65.42 58.17
N GLU IA 21 20.70 -65.66 58.40
CA GLU IA 21 21.76 -65.24 57.50
C GLU IA 21 22.64 -66.45 57.21
N PHE IA 22 22.88 -66.73 55.93
CA PHE IA 22 23.61 -67.93 55.53
C PHE IA 22 24.75 -67.52 54.60
N VAL IA 23 25.95 -68.02 54.89
CA VAL IA 23 27.15 -67.70 54.13
C VAL IA 23 27.83 -69.00 53.73
N SER IA 24 27.85 -69.30 52.44
CA SER IA 24 28.62 -70.40 51.88
C SER IA 24 29.73 -69.80 51.05
N GLN IA 25 30.97 -69.94 51.52
CA GLN IA 25 32.13 -69.30 50.90
C GLN IA 25 31.93 -67.80 50.77
N ASP IA 26 31.70 -67.31 49.56
CA ASP IA 26 31.46 -65.89 49.34
C ASP IA 26 29.99 -65.55 49.12
N THR IA 27 29.13 -66.55 48.87
CA THR IA 27 27.70 -66.27 48.75
C THR IA 27 27.10 -65.98 50.11
N LYS IA 28 26.24 -64.97 50.16
CA LYS IA 28 25.65 -64.51 51.42
C LYS IA 28 24.22 -64.08 51.17
N VAL IA 29 23.28 -64.71 51.88
CA VAL IA 29 21.86 -64.40 51.76
C VAL IA 29 21.29 -64.18 53.15
N ILE IA 30 20.48 -63.13 53.28
CA ILE IA 30 19.68 -62.90 54.48
C ILE IA 30 18.24 -63.16 54.11
N CYS IA 31 17.50 -63.80 55.03
CA CYS IA 31 16.16 -64.25 54.72
C CYS IA 31 15.22 -63.92 55.88
N SER IA 32 14.03 -63.44 55.54
CA SER IA 32 13.00 -63.11 56.50
C SER IA 32 11.78 -64.00 56.26
N VAL IA 33 11.11 -64.37 57.34
CA VAL IA 33 9.88 -65.17 57.26
C VAL IA 33 8.86 -64.57 58.21
N THR IA 34 7.64 -64.36 57.69
CA THR IA 34 6.54 -63.81 58.46
C THR IA 34 5.30 -64.66 58.20
N GLY IA 35 4.87 -65.42 59.20
CA GLY IA 35 3.69 -66.27 59.06
C GLY IA 35 3.44 -67.14 60.28
N PRO IA 36 2.18 -67.57 60.46
CA PRO IA 36 1.05 -67.31 59.56
C PRO IA 36 0.38 -65.97 59.83
N ILE IA 37 0.11 -65.22 58.75
CA ILE IA 37 -0.54 -63.92 58.83
C ILE IA 37 -1.74 -63.91 57.89
N GLU IA 38 -2.59 -62.91 58.06
CA GLU IA 38 -3.79 -62.78 57.23
C GLU IA 38 -3.41 -62.60 55.77
N PRO IA 39 -3.88 -63.46 54.87
CA PRO IA 39 -3.51 -63.34 53.46
C PRO IA 39 -4.38 -62.32 52.73
N LYS IA 40 -3.89 -61.91 51.56
CA LYS IA 40 -4.71 -61.11 50.66
C LYS IA 40 -5.84 -61.96 50.09
N ALA IA 41 -6.83 -61.28 49.50
CA ALA IA 41 -7.93 -61.99 48.87
C ALA IA 41 -7.45 -62.82 47.69
N ARG IA 42 -6.52 -62.28 46.91
CA ARG IA 42 -6.01 -62.99 45.75
C ARG IA 42 -5.19 -64.22 46.14
N GLN IA 43 -4.54 -64.19 47.31
CA GLN IA 43 -3.65 -65.26 47.73
C GLN IA 43 -4.36 -66.36 48.51
N GLU IA 44 -5.58 -66.13 48.96
CA GLU IA 44 -6.23 -67.02 49.92
C GLU IA 44 -6.40 -68.42 49.36
N LEU IA 45 -6.05 -69.41 50.20
CA LEU IA 45 -6.26 -70.82 49.89
C LEU IA 45 -7.13 -71.45 50.97
N PRO IA 46 -8.28 -72.05 50.62
CA PRO IA 46 -9.16 -72.56 51.67
C PRO IA 46 -8.56 -73.70 52.48
N THR IA 47 -7.91 -74.65 51.83
CA THR IA 47 -7.51 -75.88 52.51
C THR IA 47 -6.21 -75.74 53.29
N GLN IA 48 -5.24 -75.00 52.75
CA GLN IA 48 -3.89 -75.03 53.31
C GLN IA 48 -3.28 -73.64 53.26
N LEU IA 49 -1.99 -73.57 53.58
CA LEU IA 49 -1.27 -72.29 53.66
C LEU IA 49 -0.77 -71.87 52.28
N ALA IA 50 -0.82 -70.56 52.03
CA ALA IA 50 -0.28 -69.97 50.83
C ALA IA 50 1.08 -69.36 51.12
N LEU IA 51 1.96 -69.38 50.12
CA LEU IA 51 3.33 -68.91 50.27
C LEU IA 51 3.58 -67.73 49.33
N GLU IA 52 4.10 -66.65 49.88
CA GLU IA 52 4.57 -65.50 49.11
C GLU IA 52 6.09 -65.52 49.20
N ILE IA 53 6.74 -65.97 48.14
CA ILE IA 53 8.19 -66.15 48.11
C ILE IA 53 8.79 -65.06 47.23
N ILE IA 54 9.74 -64.31 47.78
CA ILE IA 54 10.36 -63.18 47.12
C ILE IA 54 11.88 -63.34 47.20
N VAL IA 55 12.55 -63.13 46.07
CA VAL IA 55 14.01 -63.18 46.00
C VAL IA 55 14.50 -61.88 45.37
N ARG IA 56 15.40 -61.19 46.06
CA ARG IA 56 15.95 -59.93 45.59
C ARG IA 56 17.41 -60.10 45.19
N PRO IA 57 17.83 -59.51 44.08
CA PRO IA 57 19.22 -59.67 43.64
C PRO IA 57 20.18 -58.84 44.45
N ALA IA 58 21.46 -59.22 44.36
CA ALA IA 58 22.49 -58.49 45.08
C ALA IA 58 22.75 -57.11 44.47
N LYS IA 59 22.54 -56.96 43.17
CA LYS IA 59 22.72 -55.69 42.49
C LYS IA 59 21.53 -55.44 41.57
N GLY IA 60 21.25 -54.18 41.31
CA GLY IA 60 20.16 -53.82 40.42
C GLY IA 60 18.80 -54.18 41.00
N VAL IA 61 17.78 -54.03 40.14
CA VAL IA 61 16.41 -54.34 40.52
C VAL IA 61 16.11 -55.79 40.18
N ALA IA 62 14.95 -56.27 40.61
CA ALA IA 62 14.57 -57.66 40.36
C ALA IA 62 14.19 -57.86 38.89
N THR IA 63 14.76 -58.89 38.28
CA THR IA 63 14.46 -59.29 36.92
C THR IA 63 13.84 -60.67 36.91
N THR IA 64 13.55 -61.19 35.71
CA THR IA 64 13.00 -62.54 35.60
C THR IA 64 13.96 -63.60 36.12
N ARG IA 65 15.26 -63.30 36.13
CA ARG IA 65 16.23 -64.21 36.73
C ARG IA 65 15.88 -64.55 38.16
N GLU IA 66 15.44 -63.56 38.94
CA GLU IA 66 15.02 -63.84 40.31
C GLU IA 66 13.65 -64.48 40.35
N LYS IA 67 12.80 -64.22 39.35
CA LYS IA 67 11.50 -64.87 39.28
C LYS IA 67 11.64 -66.38 39.13
N VAL IA 68 12.68 -66.83 38.42
CA VAL IA 68 12.94 -68.26 38.30
C VAL IA 68 13.47 -68.82 39.60
N LEU IA 69 14.36 -68.08 40.27
CA LEU IA 69 14.84 -68.49 41.57
C LEU IA 69 13.69 -68.57 42.58
N GLU IA 70 12.73 -67.66 42.46
CA GLU IA 70 11.54 -67.73 43.31
C GLU IA 70 10.74 -69.00 43.03
N ASP IA 71 10.63 -69.37 41.76
CA ASP IA 71 9.88 -70.58 41.40
C ASP IA 71 10.59 -71.83 41.91
N LYS IA 72 11.90 -71.91 41.72
CA LYS IA 72 12.66 -73.06 42.21
C LYS IA 72 12.67 -73.10 43.74
N LEU IA 73 12.76 -71.94 44.38
CA LEU IA 73 12.73 -71.91 45.84
C LEU IA 73 11.38 -72.39 46.36
N ARG IA 74 10.30 -72.04 45.67
CA ARG IA 74 8.98 -72.55 46.05
C ARG IA 74 8.92 -74.06 45.94
N ALA IA 75 9.58 -74.63 44.93
CA ALA IA 75 9.56 -76.08 44.74
C ALA IA 75 10.23 -76.81 45.90
N VAL IA 76 11.21 -76.18 46.56
CA VAL IA 76 11.86 -76.82 47.69
C VAL IA 76 11.07 -76.59 48.97
N LEU IA 77 10.56 -75.37 49.17
CA LEU IA 77 9.95 -75.01 50.44
C LEU IA 77 8.54 -75.59 50.59
N THR IA 78 7.78 -75.63 49.51
CA THR IA 78 6.39 -76.07 49.59
C THR IA 78 6.21 -77.46 50.21
N PRO IA 79 6.97 -78.49 49.82
CA PRO IA 79 6.82 -79.78 50.51
C PRO IA 79 7.48 -79.81 51.88
N LEU IA 80 8.22 -78.77 52.27
CA LEU IA 80 8.84 -78.72 53.58
C LEU IA 80 7.92 -78.15 54.65
N ILE IA 81 6.93 -77.34 54.27
CA ILE IA 81 6.03 -76.70 55.22
C ILE IA 81 4.76 -77.54 55.34
N THR IA 82 4.32 -77.79 56.57
CA THR IA 82 3.08 -78.50 56.85
C THR IA 82 1.90 -77.56 56.61
N ARG IA 83 1.64 -77.29 55.32
CA ARG IA 83 0.74 -76.20 54.94
C ARG IA 83 -0.67 -76.39 55.48
N HIS IA 84 -1.12 -77.63 55.63
CA HIS IA 84 -2.50 -77.85 56.05
C HIS IA 84 -2.74 -77.50 57.52
N CYS IA 85 -1.68 -77.20 58.28
CA CYS IA 85 -1.87 -76.74 59.65
C CYS IA 85 -2.37 -75.30 59.72
N TYR IA 86 -2.14 -74.51 58.68
CA TYR IA 86 -2.50 -73.09 58.65
C TYR IA 86 -3.43 -72.83 57.47
N PRO IA 87 -4.67 -73.30 57.54
CA PRO IA 87 -5.60 -73.06 56.43
C PRO IA 87 -5.98 -71.58 56.35
N ARG IA 88 -6.04 -71.07 55.13
CA ARG IA 88 -6.48 -69.70 54.86
C ARG IA 88 -5.52 -68.67 55.47
N GLN IA 89 -4.23 -68.94 55.35
CA GLN IA 89 -3.20 -68.07 55.91
C GLN IA 89 -2.11 -67.83 54.88
N LEU IA 90 -1.18 -66.95 55.22
CA LEU IA 90 -0.10 -66.53 54.33
C LEU IA 90 1.24 -66.62 55.06
N CYS IA 91 2.29 -66.89 54.29
CA CYS IA 91 3.65 -66.93 54.80
C CYS IA 91 4.55 -66.15 53.85
N GLN IA 92 5.26 -65.16 54.38
CA GLN IA 92 6.13 -64.30 53.59
C GLN IA 92 7.58 -64.75 53.75
N ILE IA 93 8.08 -65.52 52.79
CA ILE IA 93 9.49 -65.89 52.75
C ILE IA 93 10.18 -64.95 51.77
N THR IA 94 11.03 -64.07 52.30
CA THR IA 94 11.71 -63.05 51.51
C THR IA 94 13.21 -63.28 51.60
N CYS IA 95 13.86 -63.42 50.45
CA CYS IA 95 15.29 -63.64 50.38
C CYS IA 95 15.95 -62.42 49.78
N GLN IA 96 16.92 -61.86 50.49
CA GLN IA 96 17.73 -60.73 50.01
C GLN IA 96 19.15 -61.24 49.83
N ILE IA 97 19.56 -61.42 48.57
CA ILE IA 97 20.93 -61.83 48.29
C ILE IA 97 21.85 -60.63 48.50
N LEU IA 98 22.86 -60.81 49.34
CA LEU IA 98 23.79 -59.73 49.67
C LEU IA 98 25.05 -59.77 48.82
N GLU IA 99 25.71 -60.93 48.75
CA GLU IA 99 26.84 -61.14 47.86
C GLU IA 99 26.61 -62.44 47.10
N SER IA 100 26.68 -62.38 45.78
CA SER IA 100 26.28 -63.52 44.96
C SER IA 100 27.28 -64.67 45.06
N GLY IA 101 28.58 -64.36 45.21
CA GLY IA 101 29.58 -65.40 45.23
C GLY IA 101 29.80 -66.08 43.89
N GLU IA 102 29.29 -65.50 42.81
CA GLU IA 102 29.43 -66.08 41.48
C GLU IA 102 29.16 -64.97 40.46
N ASP IA 103 29.62 -65.22 39.23
CA ASP IA 103 29.39 -64.27 38.14
C ASP IA 103 27.91 -64.32 37.78
N GLU IA 104 27.14 -63.35 38.25
CA GLU IA 104 25.69 -63.34 38.07
C GLU IA 104 25.29 -63.42 36.60
N ALA IA 105 26.17 -63.00 35.69
CA ALA IA 105 25.84 -63.05 34.26
C ALA IA 105 25.61 -64.48 33.79
N GLU IA 106 26.39 -65.44 34.29
CA GLU IA 106 26.31 -66.81 33.81
C GLU IA 106 25.70 -67.79 34.80
N PHE IA 107 25.84 -67.57 36.11
CA PHE IA 107 25.50 -68.57 37.10
C PHE IA 107 24.56 -68.01 38.15
N SER IA 108 23.75 -68.90 38.72
CA SER IA 108 22.87 -68.56 39.83
C SER IA 108 22.73 -69.70 40.82
N LEU IA 109 23.47 -70.80 40.65
CA LEU IA 109 23.24 -71.98 41.47
C LEU IA 109 23.70 -71.76 42.91
N ARG IA 110 24.78 -71.01 43.13
CA ARG IA 110 25.22 -70.72 44.49
C ARG IA 110 24.18 -69.92 45.24
N GLU IA 111 23.52 -68.97 44.56
CA GLU IA 111 22.49 -68.17 45.21
C GLU IA 111 21.26 -69.01 45.53
N LEU IA 112 20.85 -69.87 44.59
CA LEU IA 112 19.71 -70.74 44.83
C LEU IA 112 19.96 -71.67 46.02
N SER IA 113 21.12 -72.34 46.04
CA SER IA 113 21.45 -73.24 47.13
C SER IA 113 21.53 -72.52 48.47
N CYS IA 114 22.00 -71.27 48.48
CA CYS IA 114 22.07 -70.51 49.73
C CYS IA 114 20.70 -70.03 50.16
N CYS IA 115 19.86 -69.60 49.21
CA CYS IA 115 18.51 -69.18 49.55
C CYS IA 115 17.71 -70.34 50.14
N ILE IA 116 17.91 -71.55 49.62
CA ILE IA 116 17.21 -72.72 50.15
C ILE IA 116 17.57 -72.94 51.61
N ASN IA 117 18.88 -72.91 51.92
CA ASN IA 117 19.31 -73.10 53.30
C ASN IA 117 18.87 -71.93 54.18
N ALA IA 118 19.01 -70.70 53.69
CA ALA IA 118 18.59 -69.54 54.47
C ALA IA 118 17.08 -69.56 54.70
N ALA IA 119 16.31 -69.88 53.67
CA ALA IA 119 14.86 -69.98 53.84
C ALA IA 119 14.49 -71.07 54.83
N PHE IA 120 15.15 -72.21 54.76
CA PHE IA 120 14.90 -73.29 55.72
C PHE IA 120 15.21 -72.82 57.14
N LEU IA 121 16.38 -72.19 57.33
CA LEU IA 121 16.76 -71.71 58.65
C LEU IA 121 15.78 -70.65 59.15
N ALA IA 122 15.35 -69.75 58.27
CA ALA IA 122 14.40 -68.72 58.68
C ALA IA 122 13.04 -69.33 59.03
N LEU IA 123 12.65 -70.39 58.31
CA LEU IA 123 11.42 -71.10 58.67
C LEU IA 123 11.60 -71.82 60.00
N VAL IA 124 12.80 -72.30 60.29
CA VAL IA 124 13.10 -72.88 61.59
C VAL IA 124 13.00 -71.83 62.68
N ASP IA 125 13.57 -70.65 62.45
CA ASP IA 125 13.52 -69.58 63.43
C ASP IA 125 12.10 -69.06 63.63
N ALA IA 126 11.27 -69.10 62.59
CA ALA IA 126 9.90 -68.62 62.70
C ALA IA 126 8.96 -69.58 63.42
N GLY IA 127 9.39 -70.81 63.66
CA GLY IA 127 8.55 -71.77 64.35
C GLY IA 127 7.39 -72.29 63.53
N ILE IA 128 7.52 -72.34 62.22
CA ILE IA 128 6.48 -72.84 61.33
C ILE IA 128 6.63 -74.35 61.23
N ALA IA 129 5.49 -75.05 61.22
CA ALA IA 129 5.51 -76.51 61.20
C ALA IA 129 6.18 -77.02 59.93
N LEU IA 130 7.21 -77.86 60.11
CA LEU IA 130 7.97 -78.44 59.02
C LEU IA 130 7.89 -79.96 59.10
N ASN IA 131 7.61 -80.59 57.97
CA ASN IA 131 7.50 -82.05 57.94
C ASN IA 131 8.85 -82.71 58.22
N SER IA 132 9.93 -82.11 57.73
CA SER IA 132 11.25 -82.70 57.79
C SER IA 132 12.30 -81.59 57.73
N MET IA 133 13.55 -81.98 57.50
CA MET IA 133 14.67 -81.06 57.38
C MET IA 133 15.10 -80.97 55.93
N CYS IA 134 16.10 -80.11 55.68
CA CYS IA 134 16.52 -79.83 54.31
C CYS IA 134 17.90 -79.20 54.31
N ALA IA 135 18.69 -79.55 53.31
CA ALA IA 135 19.97 -78.90 53.06
C ALA IA 135 20.23 -78.91 51.56
N SER IA 136 20.87 -77.84 51.08
CA SER IA 136 21.14 -77.69 49.66
C SER IA 136 22.62 -77.42 49.46
N ILE IA 137 23.18 -78.01 48.41
CA ILE IA 137 24.59 -77.82 48.06
C ILE IA 137 24.70 -77.53 46.57
N PRO IA 138 25.60 -76.64 46.16
CA PRO IA 138 25.89 -76.49 44.74
C PRO IA 138 27.06 -77.36 44.33
N ILE IA 139 26.97 -77.94 43.14
CA ILE IA 139 28.01 -78.82 42.63
C ILE IA 139 28.31 -78.45 41.17
N ALA IA 140 29.56 -78.61 40.79
CA ALA IA 140 30.01 -78.32 39.43
C ALA IA 140 31.02 -79.37 39.00
N ILE IA 141 31.00 -79.68 37.70
CA ILE IA 141 31.95 -80.60 37.10
C ILE IA 141 32.92 -79.77 36.26
N ILE IA 142 34.20 -79.82 36.62
CA ILE IA 142 35.20 -78.95 36.01
C ILE IA 142 35.64 -79.51 34.67
N LYS IA 143 36.01 -78.61 33.74
CA LYS IA 143 36.28 -78.91 32.34
C LYS IA 143 37.18 -80.12 32.09
N ASP IA 144 38.48 -79.91 32.04
CA ASP IA 144 39.40 -80.95 31.58
C ASP IA 144 39.61 -82.04 32.62
N THR IA 145 39.57 -81.71 33.91
CA THR IA 145 39.79 -82.72 34.93
C THR IA 145 38.59 -83.65 35.08
N SER IA 146 37.40 -83.20 34.69
CA SER IA 146 36.16 -83.98 34.82
C SER IA 146 35.90 -84.41 36.26
N ASP IA 147 36.38 -83.63 37.22
CA ASP IA 147 36.14 -83.90 38.62
C ASP IA 147 34.83 -83.27 39.06
N ILE IA 148 34.20 -83.89 40.05
CA ILE IA 148 32.93 -83.42 40.60
C ILE IA 148 33.27 -82.65 41.87
N ILE IA 149 33.24 -81.32 41.79
CA ILE IA 149 33.61 -80.46 42.90
C ILE IA 149 32.34 -80.04 43.62
N VAL IA 150 32.20 -80.48 44.86
CA VAL IA 150 31.08 -80.06 45.70
C VAL IA 150 31.40 -78.71 46.31
N ASP IA 151 30.40 -77.83 46.38
CA ASP IA 151 30.56 -76.46 46.85
C ASP IA 151 31.67 -75.78 46.07
N PRO IA 152 31.49 -75.54 44.77
CA PRO IA 152 32.59 -75.01 43.97
C PRO IA 152 32.75 -73.51 44.17
N THR IA 153 33.98 -73.05 43.99
CA THR IA 153 34.29 -71.63 44.10
C THR IA 153 33.81 -70.89 42.87
N ALA IA 154 33.81 -69.55 42.96
CA ALA IA 154 33.40 -68.73 41.83
C ALA IA 154 34.36 -68.88 40.66
N GLU IA 155 35.64 -69.12 40.95
CA GLU IA 155 36.61 -69.31 39.86
C GLU IA 155 36.44 -70.69 39.22
N GLN IA 156 36.10 -71.70 40.01
CA GLN IA 156 35.87 -73.03 39.45
C GLN IA 156 34.67 -73.05 38.51
N LEU IA 157 33.62 -72.31 38.85
CA LEU IA 157 32.43 -72.28 38.01
C LEU IA 157 32.72 -71.75 36.61
N LYS IA 158 33.68 -70.83 36.49
CA LYS IA 158 34.02 -70.29 35.18
C LYS IA 158 34.50 -71.36 34.22
N ILE IA 159 35.11 -72.42 34.74
CA ILE IA 159 35.60 -73.51 33.89
C ILE IA 159 34.83 -74.79 34.18
N SER IA 160 33.56 -74.65 34.51
CA SER IA 160 32.69 -75.79 34.76
C SER IA 160 31.90 -76.12 33.50
N LEU IA 161 31.85 -77.41 33.16
CA LEU IA 161 31.06 -77.86 32.02
C LEU IA 161 29.63 -78.18 32.38
N SER IA 162 29.32 -78.31 33.67
CA SER IA 162 27.95 -78.52 34.12
C SER IA 162 27.84 -78.05 35.57
N VAL IA 163 26.70 -77.47 35.91
CA VAL IA 163 26.44 -76.93 37.23
C VAL IA 163 25.16 -77.53 37.77
N HIS IA 164 25.16 -77.92 39.04
CA HIS IA 164 24.05 -78.65 39.64
C HIS IA 164 23.75 -78.10 41.02
N THR IA 165 22.46 -77.99 41.33
CA THR IA 165 21.99 -77.65 42.67
C THR IA 165 21.21 -78.84 43.21
N LEU IA 166 21.65 -79.36 44.35
CA LEU IA 166 21.01 -80.52 44.98
C LEU IA 166 20.50 -80.13 46.36
N ALA IA 167 19.21 -80.37 46.58
CA ALA IA 167 18.56 -80.11 47.87
C ALA IA 167 17.76 -81.34 48.24
N LEU IA 168 18.09 -81.97 49.36
CA LEU IA 168 17.50 -83.23 49.76
C LEU IA 168 16.66 -83.06 51.02
N GLU IA 169 15.61 -83.87 51.12
CA GLU IA 169 14.73 -83.89 52.28
C GLU IA 169 15.25 -84.95 53.26
N PHE IA 170 15.55 -84.53 54.48
CA PHE IA 170 16.16 -85.40 55.48
C PHE IA 170 15.20 -85.66 56.64
N VAL IA 171 15.21 -86.89 57.14
CA VAL IA 171 14.41 -87.30 58.28
C VAL IA 171 15.27 -88.18 59.19
N ASN IA 172 14.76 -88.42 60.40
CA ASN IA 172 15.40 -89.27 61.39
C ASN IA 172 16.85 -88.84 61.65
N GLY IA 173 16.97 -87.70 62.33
CA GLY IA 173 18.27 -87.20 62.70
C GLY IA 173 19.18 -86.86 61.54
N GLY IA 174 18.62 -86.60 60.36
CA GLY IA 174 19.44 -86.28 59.21
C GLY IA 174 20.25 -87.42 58.65
N LYS IA 175 19.78 -88.66 58.81
CA LYS IA 175 20.45 -89.83 58.26
C LYS IA 175 19.66 -90.52 57.17
N VAL IA 176 18.36 -90.27 57.09
CA VAL IA 176 17.50 -90.85 56.06
C VAL IA 176 17.17 -89.75 55.05
N VAL IA 177 17.20 -90.10 53.78
CA VAL IA 177 16.91 -89.17 52.70
C VAL IA 177 15.47 -89.42 52.26
N LYS IA 178 14.55 -88.58 52.73
CA LYS IA 178 13.14 -88.78 52.45
C LYS IA 178 12.81 -88.58 50.98
N ASN IA 179 13.51 -87.66 50.31
CA ASN IA 179 13.25 -87.35 48.91
C ASN IA 179 14.31 -86.36 48.44
N VAL IA 180 14.38 -86.19 47.12
CA VAL IA 180 15.19 -85.15 46.51
C VAL IA 180 14.26 -83.98 46.18
N LEU IA 181 14.37 -82.90 46.97
CA LEU IA 181 13.44 -81.79 46.82
C LEU IA 181 13.65 -81.08 45.49
N LEU IA 182 14.91 -80.83 45.12
CA LEU IA 182 15.21 -80.22 43.83
C LEU IA 182 16.60 -80.64 43.37
N LEU IA 183 16.69 -81.06 42.11
CA LEU IA 183 17.96 -81.26 41.43
C LEU IA 183 17.91 -80.47 40.13
N ASP IA 184 18.70 -79.41 40.07
CA ASP IA 184 18.70 -78.49 38.93
C ASP IA 184 20.05 -78.61 38.22
N SER IA 185 20.09 -79.46 37.19
CA SER IA 185 21.31 -79.74 36.46
C SER IA 185 21.31 -78.97 35.15
N ASN IA 186 22.42 -78.32 34.84
CA ASN IA 186 22.56 -77.53 33.62
C ASN IA 186 23.98 -77.71 33.09
N GLY IA 187 24.09 -77.97 31.79
CA GLY IA 187 25.36 -78.24 31.14
C GLY IA 187 25.40 -79.61 30.52
N ASP IA 188 26.58 -80.00 30.06
CA ASP IA 188 26.77 -81.27 29.39
C ASP IA 188 27.18 -82.34 30.39
N PHE IA 189 26.43 -83.43 30.42
CA PHE IA 189 26.71 -84.54 31.33
C PHE IA 189 26.00 -85.79 30.83
N ASN IA 190 26.44 -86.94 31.33
CA ASN IA 190 25.89 -88.22 30.94
C ASN IA 190 25.29 -88.92 32.16
N GLU IA 191 24.70 -90.09 31.92
CA GLU IA 191 24.03 -90.83 32.98
C GLU IA 191 25.01 -91.29 34.05
N ASP IA 192 26.19 -91.75 33.65
CA ASP IA 192 27.17 -92.22 34.62
C ASP IA 192 27.69 -91.07 35.47
N GLN IA 193 27.89 -89.89 34.86
CA GLN IA 193 28.28 -88.71 35.64
C GLN IA 193 27.20 -88.32 36.63
N LEU IA 194 25.93 -88.42 36.21
CA LEU IA 194 24.83 -87.94 37.05
C LEU IA 194 24.74 -88.72 38.36
N PHE IA 195 24.89 -90.04 38.30
CA PHE IA 195 24.73 -90.84 39.52
C PHE IA 195 25.95 -90.79 40.42
N SER IA 196 27.14 -90.56 39.84
CA SER IA 196 28.29 -90.22 40.68
C SER IA 196 28.06 -88.89 41.38
N LEU IA 197 27.39 -87.96 40.70
CA LEU IA 197 27.05 -86.68 41.30
C LEU IA 197 26.04 -86.84 42.43
N LEU IA 198 24.97 -87.60 42.19
CA LEU IA 198 23.95 -87.80 43.21
C LEU IA 198 24.48 -88.56 44.42
N GLU IA 199 25.42 -89.48 44.21
CA GLU IA 199 26.00 -90.21 45.33
C GLU IA 199 26.82 -89.29 46.22
N LEU IA 200 27.86 -88.68 45.65
CA LEU IA 200 28.68 -87.74 46.41
C LEU IA 200 27.86 -86.55 46.89
N GLY IA 201 26.87 -86.11 46.12
CA GLY IA 201 26.03 -85.01 46.54
C GLY IA 201 25.22 -85.34 47.79
N GLU IA 202 24.67 -86.55 47.85
CA GLU IA 202 23.92 -86.96 49.03
C GLU IA 202 24.83 -87.06 50.25
N GLN IA 203 26.08 -87.48 50.05
CA GLN IA 203 27.03 -87.55 51.16
C GLN IA 203 27.30 -86.17 51.74
N LYS IA 204 27.60 -85.20 50.87
CA LYS IA 204 27.88 -83.85 51.34
C LYS IA 204 26.60 -83.15 51.81
N CYS IA 205 25.45 -83.51 51.24
CA CYS IA 205 24.19 -83.02 51.77
C CYS IA 205 23.96 -83.53 53.19
N GLN IA 206 24.27 -84.81 53.43
CA GLN IA 206 24.13 -85.37 54.78
C GLN IA 206 25.11 -84.71 55.74
N GLU IA 207 26.28 -84.28 55.25
CA GLU IA 207 27.18 -83.51 56.09
C GLU IA 207 26.60 -82.15 56.44
N LEU IA 208 25.76 -81.58 55.56
CA LEU IA 208 25.27 -80.23 55.79
C LEU IA 208 24.13 -80.19 56.80
N VAL IA 209 23.18 -81.12 56.70
CA VAL IA 209 22.12 -81.19 57.71
C VAL IA 209 22.72 -81.43 59.09
N THR IA 210 23.71 -82.33 59.18
CA THR IA 210 24.41 -82.53 60.45
C THR IA 210 25.01 -81.22 60.95
N ASN IA 211 25.58 -80.43 60.05
CA ASN IA 211 26.07 -79.11 60.42
C ASN IA 211 24.92 -78.13 60.64
N ILE IA 212 23.83 -78.28 59.90
CA ILE IA 212 22.68 -77.39 60.09
C ILE IA 212 21.98 -77.70 61.41
N ARG IA 213 21.86 -78.99 61.75
CA ARG IA 213 21.30 -79.36 63.05
C ARG IA 213 22.13 -78.77 64.19
N ARG IA 214 23.46 -78.76 64.05
CA ARG IA 214 24.33 -78.21 65.07
C ARG IA 214 24.11 -76.71 65.22
N ILE IA 215 24.00 -75.98 64.11
CA ILE IA 215 23.84 -74.53 64.17
C ILE IA 215 22.47 -74.17 64.73
N ILE IA 216 21.43 -74.91 64.33
CA ILE IA 216 20.09 -74.64 64.85
C ILE IA 216 20.04 -74.85 66.35
N GLN IA 217 20.68 -75.92 66.83
CA GLN IA 217 20.66 -76.23 68.26
C GLN IA 217 21.43 -75.20 69.06
N ASP IA 218 22.58 -74.73 68.54
CA ASP IA 218 23.36 -73.72 69.23
C ASP IA 218 22.61 -72.39 69.35
N ASN IA 219 21.63 -72.14 68.50
CA ASN IA 219 20.90 -70.88 68.50
C ASN IA 219 19.59 -70.93 69.26
N ILE IA 220 18.90 -72.08 69.29
CA ILE IA 220 17.56 -72.15 69.86
C ILE IA 220 17.60 -72.66 71.30
N SER IA 221 18.57 -73.52 71.61
CA SER IA 221 18.65 -74.05 72.98
C SER IA 221 18.83 -72.97 74.05
N PRO IA 222 19.65 -71.92 73.87
CA PRO IA 222 19.72 -70.88 74.91
C PRO IA 222 18.45 -70.04 75.02
N ARG IA 223 17.56 -70.11 74.03
CA ARG IA 223 16.31 -69.33 74.08
C ARG IA 223 15.27 -69.96 74.99
N LEU IA 224 15.37 -71.27 75.25
CA LEU IA 224 14.35 -72.01 75.97
C LEU IA 224 14.86 -72.44 77.33
N VAL IA 225 13.96 -73.02 78.12
CA VAL IA 225 14.28 -73.54 79.45
C VAL IA 225 14.27 -75.06 79.38
N VAL IA 226 15.14 -75.67 80.16
CA VAL IA 226 15.25 -77.13 80.19
C VAL IA 226 14.51 -77.69 81.40
N MET JA 4 -23.32 -41.78 31.13
CA MET JA 4 -24.59 -41.06 31.24
C MET JA 4 -25.75 -42.03 31.48
N SER JA 5 -26.31 -41.99 32.68
CA SER JA 5 -27.36 -42.89 33.13
C SER JA 5 -28.75 -42.31 32.86
N LEU JA 6 -29.65 -43.16 32.36
CA LEU JA 6 -31.04 -42.80 32.13
C LEU JA 6 -31.94 -43.97 32.48
N SER JA 7 -33.11 -43.66 33.03
CA SER JA 7 -34.11 -44.69 33.27
C SER JA 7 -34.68 -45.20 31.95
N VAL JA 8 -35.13 -46.45 31.96
CA VAL JA 8 -35.69 -47.02 30.75
C VAL JA 8 -37.02 -46.34 30.40
N ALA JA 9 -37.66 -45.68 31.37
CA ALA JA 9 -38.80 -44.83 31.05
C ALA JA 9 -38.35 -43.55 30.37
N GLU JA 10 -37.17 -43.03 30.74
CA GLU JA 10 -36.61 -41.88 30.02
C GLU JA 10 -36.21 -42.26 28.60
N LYS JA 11 -35.50 -43.39 28.46
CA LYS JA 11 -35.01 -43.79 27.15
C LYS JA 11 -36.16 -44.06 26.18
N SER JA 12 -37.17 -44.80 26.63
CA SER JA 12 -38.28 -45.14 25.75
C SER JA 12 -39.07 -43.90 25.34
N TYR JA 13 -39.19 -42.92 26.22
CA TYR JA 13 -39.85 -41.67 25.85
C TYR JA 13 -39.01 -40.89 24.85
N LEU JA 14 -37.69 -40.85 25.06
CA LEU JA 14 -36.80 -40.12 24.15
C LEU JA 14 -36.78 -40.76 22.77
N TYR JA 15 -36.60 -42.08 22.71
CA TYR JA 15 -36.51 -42.76 21.42
C TYR JA 15 -37.77 -42.57 20.60
N ASP JA 16 -38.94 -42.66 21.24
CA ASP JA 16 -40.20 -42.47 20.53
C ASP JA 16 -40.30 -41.05 19.97
N SER JA 17 -39.77 -40.06 20.71
CA SER JA 17 -39.81 -38.68 20.23
C SER JA 17 -38.85 -38.45 19.08
N LEU JA 18 -37.65 -39.05 19.15
CA LEU JA 18 -36.66 -38.83 18.09
C LEU JA 18 -37.04 -39.58 16.82
N ALA JA 19 -37.41 -40.85 16.94
CA ALA JA 19 -37.79 -41.63 15.78
C ALA JA 19 -39.16 -41.26 15.24
N SER JA 20 -39.90 -40.38 15.90
CA SER JA 20 -41.20 -39.96 15.41
C SER JA 20 -41.06 -39.16 14.12
N THR JA 21 -42.12 -39.22 13.31
CA THR JA 21 -42.23 -38.40 12.11
C THR JA 21 -43.16 -37.21 12.34
N PRO JA 22 -42.63 -35.99 12.43
CA PRO JA 22 -41.22 -35.59 12.32
C PRO JA 22 -40.50 -35.73 13.65
N SER JA 23 -39.17 -35.70 13.60
CA SER JA 23 -38.37 -35.90 14.80
C SER JA 23 -38.63 -34.78 15.80
N ILE JA 24 -38.87 -35.15 17.05
CA ILE JA 24 -39.07 -34.22 18.14
C ILE JA 24 -37.84 -34.32 19.04
N ARG JA 25 -36.95 -33.35 18.93
CA ARG JA 25 -35.75 -33.44 19.73
C ARG JA 25 -35.96 -32.76 21.09
N PRO JA 26 -35.29 -33.25 22.13
CA PRO JA 26 -35.58 -32.78 23.50
C PRO JA 26 -35.37 -31.29 23.71
N ASP JA 27 -34.68 -30.60 22.80
CA ASP JA 27 -34.55 -29.15 22.89
C ASP JA 27 -35.26 -28.43 21.74
N GLY JA 28 -36.16 -29.11 21.04
CA GLY JA 28 -36.86 -28.51 19.93
C GLY JA 28 -35.99 -28.29 18.71
N ARG JA 29 -34.84 -28.93 18.67
CA ARG JA 29 -33.88 -28.72 17.60
C ARG JA 29 -34.35 -29.39 16.31
N LEU JA 30 -33.90 -28.83 15.18
CA LEU JA 30 -34.14 -29.46 13.90
C LEU JA 30 -33.10 -30.55 13.64
N PRO JA 31 -33.43 -31.54 12.80
CA PRO JA 31 -32.46 -32.62 12.53
C PRO JA 31 -31.14 -32.14 11.96
N HIS JA 32 -31.05 -30.89 11.52
CA HIS JA 32 -29.82 -30.33 10.97
C HIS JA 32 -29.31 -29.13 11.75
N GLN JA 33 -29.92 -28.82 12.88
CA GLN JA 33 -29.57 -27.64 13.66
C GLN JA 33 -28.48 -27.95 14.67
N PHE JA 34 -27.55 -27.02 14.82
CA PHE JA 34 -26.40 -27.19 15.70
C PHE JA 34 -26.60 -26.43 17.00
N ARG JA 35 -26.02 -26.96 18.08
CA ARG JA 35 -26.05 -26.29 19.36
C ARG JA 35 -25.02 -25.16 19.40
N PRO JA 36 -25.30 -24.07 20.10
CA PRO JA 36 -24.36 -22.95 20.15
C PRO JA 36 -23.09 -23.32 20.91
N ILE JA 37 -21.99 -22.69 20.50
CA ILE JA 37 -20.68 -22.92 21.09
C ILE JA 37 -19.94 -21.59 21.18
N GLU JA 38 -19.05 -21.50 22.17
CA GLU JA 38 -18.18 -20.34 22.33
C GLU JA 38 -16.77 -20.72 21.89
N ILE JA 39 -16.16 -19.85 21.09
CA ILE JA 39 -14.83 -20.08 20.55
C ILE JA 39 -13.92 -18.93 20.96
N PHE JA 40 -12.74 -19.27 21.46
CA PHE JA 40 -11.69 -18.31 21.74
C PHE JA 40 -10.42 -18.74 21.02
N THR JA 41 -9.71 -17.77 20.46
CA THR JA 41 -8.46 -18.05 19.75
C THR JA 41 -7.39 -17.10 20.23
N ASP JA 42 -6.14 -17.50 20.00
CA ASP JA 42 -4.95 -16.72 20.35
C ASP JA 42 -4.96 -16.34 21.84
N PHE JA 43 -4.70 -17.36 22.66
CA PHE JA 43 -4.54 -17.17 24.09
C PHE JA 43 -3.33 -17.89 24.66
N LEU JA 44 -2.65 -18.74 23.88
CA LEU JA 44 -1.39 -19.37 24.26
C LEU JA 44 -0.27 -18.70 23.47
N PRO JA 45 0.40 -17.70 24.04
CA PRO JA 45 1.47 -17.03 23.28
C PRO JA 45 2.65 -17.93 22.96
N SER JA 46 2.87 -18.99 23.75
CA SER JA 46 3.96 -19.93 23.50
C SER JA 46 3.73 -20.80 22.26
N SER JA 47 2.55 -20.72 21.64
CA SER JA 47 2.22 -21.57 20.50
C SER JA 47 1.97 -20.72 19.26
N ASN JA 48 2.14 -21.35 18.09
CA ASN JA 48 1.86 -20.67 16.84
C ASN JA 48 0.39 -20.41 16.64
N GLY JA 49 -0.47 -21.23 17.25
CA GLY JA 49 -1.91 -21.04 17.17
C GLY JA 49 -2.60 -21.80 18.27
N SER JA 50 -3.69 -21.23 18.77
CA SER JA 50 -4.45 -21.83 19.85
C SER JA 50 -5.94 -21.58 19.65
N SER JA 51 -6.75 -22.49 20.17
CA SER JA 51 -8.21 -22.35 20.11
C SER JA 51 -8.81 -23.00 21.35
N ARG JA 52 -9.99 -22.52 21.73
CA ARG JA 52 -10.70 -23.04 22.89
C ARG JA 52 -12.19 -22.98 22.59
N ILE JA 53 -12.87 -24.12 22.69
CA ILE JA 53 -14.29 -24.21 22.36
C ILE JA 53 -15.04 -24.80 23.54
N ILE JA 54 -16.20 -24.24 23.85
CA ILE JA 54 -17.03 -24.66 24.96
C ILE JA 54 -18.41 -25.01 24.40
N ALA JA 55 -18.77 -26.28 24.45
CA ALA JA 55 -20.07 -26.72 23.96
C ALA JA 55 -21.18 -26.26 24.89
N SER JA 56 -22.42 -26.43 24.41
CA SER JA 56 -23.58 -26.01 25.21
C SER JA 56 -23.80 -26.92 26.41
N ASP JA 57 -23.35 -28.17 26.33
CA ASP JA 57 -23.51 -29.11 27.44
C ASP JA 57 -22.43 -29.00 28.50
N GLY JA 58 -21.44 -28.13 28.30
CA GLY JA 58 -20.33 -27.99 29.22
C GLY JA 58 -19.04 -28.61 28.73
N SER JA 59 -19.06 -29.29 27.59
CA SER JA 59 -17.83 -29.85 27.04
C SER JA 59 -16.89 -28.74 26.62
N GLU JA 60 -15.63 -28.86 27.00
CA GLU JA 60 -14.61 -27.87 26.68
C GLU JA 60 -13.41 -28.56 26.06
N CYS JA 61 -12.79 -27.89 25.09
CA CYS JA 61 -11.64 -28.44 24.39
C CYS JA 61 -10.68 -27.32 24.04
N ILE JA 62 -9.39 -27.55 24.30
CA ILE JA 62 -8.33 -26.60 24.00
C ILE JA 62 -7.36 -27.25 23.02
N VAL JA 63 -6.94 -26.49 22.02
CA VAL JA 63 -6.03 -26.98 20.99
C VAL JA 63 -4.84 -26.02 20.90
N SER JA 64 -3.64 -26.59 20.77
CA SER JA 64 -2.42 -25.81 20.66
C SER JA 64 -1.66 -26.25 19.41
N ILE JA 65 -1.34 -25.28 18.56
CA ILE JA 65 -0.62 -25.55 17.32
C ILE JA 65 0.83 -25.09 17.49
N LYS JA 66 1.76 -26.01 17.28
CA LYS JA 66 3.18 -25.71 17.39
C LYS JA 66 3.92 -26.28 16.19
N SER JA 67 4.99 -25.60 15.79
CA SER JA 67 5.72 -25.93 14.57
C SER JA 67 7.13 -26.40 14.91
N LYS JA 68 7.82 -26.85 13.85
CA LYS JA 68 9.18 -27.35 13.95
C LYS JA 68 9.73 -27.62 12.55
N VAL JA 69 10.86 -27.00 12.21
CA VAL JA 69 11.47 -27.20 10.90
C VAL JA 69 12.05 -28.60 10.81
N VAL JA 70 11.73 -29.31 9.72
CA VAL JA 70 12.18 -30.68 9.52
C VAL JA 70 12.51 -30.87 8.04
N ASP JA 71 13.33 -31.89 7.78
CA ASP JA 71 13.66 -32.29 6.41
C ASP JA 71 12.52 -33.15 5.88
N HIS JA 72 11.76 -32.61 4.94
CA HIS JA 72 10.59 -33.35 4.43
C HIS JA 72 10.99 -34.57 3.61
N HIS JA 73 12.27 -34.74 3.28
CA HIS JA 73 12.72 -35.95 2.62
C HIS JA 73 12.86 -37.12 3.59
N VAL JA 74 12.97 -36.85 4.89
CA VAL JA 74 13.00 -37.90 5.89
C VAL JA 74 11.76 -37.88 6.80
N GLU JA 75 11.04 -36.75 6.85
CA GLU JA 75 9.82 -36.65 7.64
C GLU JA 75 8.64 -36.90 6.71
N ASN JA 76 8.10 -38.12 6.74
CA ASN JA 76 6.99 -38.47 5.86
C ASN JA 76 5.72 -37.75 6.28
N GLU JA 77 5.38 -37.81 7.56
CA GLU JA 77 4.20 -37.14 8.08
C GLU JA 77 4.60 -35.79 8.66
N LEU JA 78 4.10 -34.72 8.04
CA LEU JA 78 4.40 -33.36 8.47
C LEU JA 78 3.28 -32.75 9.28
N LEU JA 79 2.38 -33.58 9.83
CA LEU JA 79 1.30 -33.11 10.67
C LEU JA 79 0.97 -34.22 11.66
N GLN JA 80 0.98 -33.89 12.95
CA GLN JA 80 0.86 -34.88 14.02
C GLN JA 80 -0.12 -34.39 15.07
N VAL JA 81 -1.11 -35.22 15.38
CA VAL JA 81 -2.15 -34.90 16.36
C VAL JA 81 -1.93 -35.77 17.59
N ASP JA 82 -1.97 -35.14 18.77
CA ASP JA 82 -1.89 -35.84 20.05
C ASP JA 82 -3.12 -35.49 20.85
N VAL JA 83 -3.97 -36.49 21.11
CA VAL JA 83 -5.21 -36.30 21.86
C VAL JA 83 -4.99 -36.69 23.30
N ASP JA 84 -5.38 -35.81 24.22
CA ASP JA 84 -5.34 -36.07 25.66
C ASP JA 84 -6.72 -35.74 26.22
N ILE JA 85 -7.50 -36.77 26.52
CA ILE JA 85 -8.84 -36.61 27.09
C ILE JA 85 -8.75 -36.73 28.60
N ALA JA 86 -9.28 -35.73 29.31
CA ALA JA 86 -9.20 -35.72 30.76
C ALA JA 86 -9.97 -36.89 31.35
N GLY JA 87 -9.38 -37.51 32.37
CA GLY JA 87 -9.99 -38.68 32.99
C GLY JA 87 -10.08 -39.87 32.07
N GLN JA 88 -9.08 -40.08 31.23
CA GLN JA 88 -9.02 -41.22 30.33
C GLN JA 88 -7.57 -41.58 30.09
N ARG JA 89 -7.26 -42.87 30.18
CA ARG JA 89 -5.90 -43.34 29.93
C ARG JA 89 -5.44 -42.94 28.53
N ASP JA 90 -4.15 -42.66 28.41
CA ASP JA 90 -3.58 -42.35 27.10
C ASP JA 90 -3.62 -43.55 26.17
N ASP JA 91 -3.75 -44.75 26.70
CA ASP JA 91 -3.91 -45.96 25.89
C ASP JA 91 -5.35 -46.46 25.86
N ALA JA 92 -6.28 -45.71 26.44
CA ALA JA 92 -7.69 -46.10 26.42
C ALA JA 92 -8.20 -46.13 24.98
N LEU JA 93 -9.19 -46.99 24.74
CA LEU JA 93 -9.67 -47.22 23.38
C LEU JA 93 -10.17 -45.93 22.72
N VAL JA 94 -10.92 -45.12 23.46
CA VAL JA 94 -11.49 -43.91 22.86
C VAL JA 94 -10.39 -42.93 22.48
N VAL JA 95 -9.33 -42.85 23.28
CA VAL JA 95 -8.22 -41.97 22.95
C VAL JA 95 -7.47 -42.47 21.72
N GLU JA 96 -7.10 -43.76 21.71
CA GLU JA 96 -6.39 -44.34 20.58
C GLU JA 96 -7.21 -44.22 19.30
N THR JA 97 -8.52 -44.47 19.38
CA THR JA 97 -9.38 -44.38 18.21
C THR JA 97 -9.42 -42.96 17.67
N ILE JA 98 -9.64 -41.98 18.54
CA ILE JA 98 -9.73 -40.59 18.11
C ILE JA 98 -8.39 -40.09 17.57
N THR JA 99 -7.29 -40.52 18.19
CA THR JA 99 -5.96 -40.14 17.71
C THR JA 99 -5.73 -40.68 16.30
N SER JA 100 -5.98 -41.98 16.09
CA SER JA 100 -5.83 -42.57 14.76
C SER JA 100 -6.77 -41.91 13.76
N LEU JA 101 -8.00 -41.62 14.19
CA LEU JA 101 -8.98 -41.01 13.28
C LEU JA 101 -8.55 -39.60 12.88
N LEU JA 102 -8.16 -38.79 13.86
CA LEU JA 102 -7.81 -37.40 13.57
C LEU JA 102 -6.56 -37.31 12.69
N ASN JA 103 -5.54 -38.12 13.00
CA ASN JA 103 -4.35 -38.14 12.15
C ASN JA 103 -4.69 -38.46 10.71
N LYS JA 104 -5.71 -39.28 10.48
CA LYS JA 104 -6.18 -39.55 9.12
C LYS JA 104 -6.90 -38.34 8.54
N VAL JA 105 -7.66 -37.63 9.36
CA VAL JA 105 -8.38 -36.44 8.89
C VAL JA 105 -7.41 -35.39 8.39
N LEU JA 106 -6.30 -35.19 9.09
CA LEU JA 106 -5.33 -34.18 8.67
C LEU JA 106 -4.39 -34.75 7.62
N LYS JA 107 -3.53 -35.70 8.02
CA LYS JA 107 -2.56 -36.43 7.20
C LYS JA 107 -2.01 -35.64 6.02
N SER JA 108 -0.68 -35.50 5.95
CA SER JA 108 -0.08 -34.42 5.19
C SER JA 108 -0.57 -34.31 3.75
N GLY JA 109 -0.97 -35.41 3.13
CA GLY JA 109 -1.37 -35.34 1.74
C GLY JA 109 -2.82 -35.63 1.41
N SER JA 110 -3.71 -35.61 2.38
CA SER JA 110 -5.10 -36.02 2.14
C SER JA 110 -6.03 -34.84 2.41
N GLY JA 111 -6.33 -34.59 3.67
CA GLY JA 111 -7.20 -33.47 4.00
C GLY JA 111 -6.44 -32.16 3.89
N VAL JA 112 -5.26 -32.10 4.50
CA VAL JA 112 -4.45 -30.89 4.53
C VAL JA 112 -3.56 -30.82 3.30
N ASP JA 113 -3.16 -29.60 2.94
CA ASP JA 113 -2.31 -29.34 1.79
C ASP JA 113 -0.85 -29.37 2.23
N SER JA 114 -0.13 -30.44 1.86
CA SER JA 114 1.26 -30.59 2.31
C SER JA 114 2.16 -29.49 1.76
N SER JA 115 1.93 -29.08 0.51
CA SER JA 115 2.80 -28.10 -0.12
C SER JA 115 2.79 -26.75 0.60
N LYS JA 116 1.75 -26.47 1.39
CA LYS JA 116 1.66 -25.19 2.08
C LYS JA 116 2.62 -25.09 3.25
N LEU JA 117 3.20 -26.21 3.69
CA LEU JA 117 4.13 -26.21 4.82
C LEU JA 117 5.58 -26.16 4.37
N GLN JA 118 5.84 -26.10 3.07
CA GLN JA 118 7.20 -26.16 2.57
C GLN JA 118 7.91 -24.83 2.77
N LEU JA 119 9.21 -24.91 3.09
CA LEU JA 119 10.05 -23.73 3.28
C LEU JA 119 11.15 -23.67 2.23
N THR JA 120 12.05 -24.64 2.22
CA THR JA 120 13.10 -24.75 1.22
C THR JA 120 12.89 -26.04 0.44
N LYS JA 121 13.75 -26.26 -0.56
CA LYS JA 121 13.72 -27.53 -1.28
C LYS JA 121 14.05 -28.71 -0.39
N LYS JA 122 14.59 -28.48 0.81
CA LYS JA 122 14.95 -29.55 1.73
C LYS JA 122 14.17 -29.55 3.04
N TYR JA 123 13.58 -28.42 3.44
CA TYR JA 123 12.97 -28.29 4.76
C TYR JA 123 11.55 -27.78 4.66
N SER JA 124 10.70 -28.27 5.57
CA SER JA 124 9.31 -27.85 5.66
C SER JA 124 8.94 -27.75 7.14
N PHE JA 125 7.71 -27.29 7.40
CA PHE JA 125 7.18 -27.20 8.75
C PHE JA 125 6.48 -28.50 9.12
N LYS JA 126 6.76 -29.00 10.32
CA LYS JA 126 5.97 -30.05 10.94
C LYS JA 126 5.07 -29.42 11.99
N ILE JA 127 3.77 -29.70 11.90
CA ILE JA 127 2.78 -29.06 12.74
C ILE JA 127 2.36 -30.05 13.83
N PHE JA 128 2.50 -29.63 15.09
CA PHE JA 128 2.10 -30.45 16.23
C PHE JA 128 0.76 -29.92 16.73
N VAL JA 129 -0.30 -30.65 16.42
CA VAL JA 129 -1.64 -30.31 16.89
C VAL JA 129 -1.91 -31.07 18.18
N ASP JA 130 -1.96 -30.35 19.29
CA ASP JA 130 -2.18 -30.94 20.61
C ASP JA 130 -3.59 -30.63 21.07
N VAL JA 131 -4.35 -31.68 21.37
CA VAL JA 131 -5.76 -31.56 21.76
C VAL JA 131 -5.89 -31.88 23.23
N LEU JA 132 -6.70 -31.09 23.94
CA LEU JA 132 -7.00 -31.31 25.34
C LEU JA 132 -8.49 -31.13 25.55
N VAL JA 133 -9.17 -32.21 25.96
CA VAL JA 133 -10.60 -32.18 26.23
C VAL JA 133 -10.76 -32.10 27.75
N ILE JA 134 -11.13 -30.90 28.24
CA ILE JA 134 -11.27 -30.72 29.68
C ILE JA 134 -12.48 -31.48 30.20
N SER JA 135 -13.60 -31.39 29.49
CA SER JA 135 -14.83 -32.09 29.86
C SER JA 135 -15.51 -32.57 28.60
N SER JA 136 -16.12 -33.75 28.68
CA SER JA 136 -16.83 -34.32 27.54
C SER JA 136 -18.00 -35.16 28.04
N HIS JA 137 -19.11 -35.08 27.31
CA HIS JA 137 -20.30 -35.87 27.63
C HIS JA 137 -20.74 -36.78 26.49
N SER JA 138 -20.09 -36.72 25.34
CA SER JA 138 -20.38 -37.59 24.21
C SER JA 138 -19.09 -37.77 23.41
N HIS JA 139 -19.21 -38.39 22.23
CA HIS JA 139 -18.06 -38.59 21.36
C HIS JA 139 -17.52 -37.22 20.94
N PRO JA 140 -16.32 -36.86 21.37
CA PRO JA 140 -15.81 -35.50 21.14
C PRO JA 140 -15.10 -35.30 19.81
N ILE JA 141 -15.13 -36.28 18.90
CA ILE JA 141 -14.39 -36.16 17.65
C ILE JA 141 -14.84 -34.93 16.87
N SER JA 142 -16.14 -34.60 16.94
CA SER JA 142 -16.64 -33.42 16.25
C SER JA 142 -16.25 -32.14 16.98
N LEU JA 143 -16.32 -32.16 18.32
CA LEU JA 143 -15.88 -31.00 19.10
C LEU JA 143 -14.39 -30.75 18.90
N ILE JA 144 -13.58 -31.81 18.92
CA ILE JA 144 -12.14 -31.68 18.69
C ILE JA 144 -11.88 -31.11 17.30
N SER JA 145 -12.58 -31.64 16.29
CA SER JA 145 -12.37 -31.19 14.92
C SER JA 145 -12.64 -29.70 14.77
N PHE JA 146 -13.70 -29.21 15.40
CA PHE JA 146 -14.02 -27.79 15.31
C PHE JA 146 -12.95 -26.95 15.99
N ALA JA 147 -12.43 -27.42 17.14
CA ALA JA 147 -11.39 -26.68 17.84
C ALA JA 147 -10.07 -26.69 17.07
N ILE JA 148 -9.71 -27.84 16.50
CA ILE JA 148 -8.53 -27.91 15.64
C ILE JA 148 -8.68 -26.96 14.45
N TYR JA 149 -9.88 -26.92 13.87
CA TYR JA 149 -10.13 -26.05 12.72
C TYR JA 149 -9.89 -24.59 13.08
N SER JA 150 -10.43 -24.15 14.21
CA SER JA 150 -10.27 -22.75 14.61
C SER JA 150 -8.83 -22.42 14.95
N ALA JA 151 -8.08 -23.38 15.50
CA ALA JA 151 -6.69 -23.13 15.86
C ALA JA 151 -5.81 -23.00 14.63
N LEU JA 152 -5.99 -23.90 13.65
CA LEU JA 152 -5.16 -23.87 12.45
C LEU JA 152 -5.38 -22.60 11.64
N ASN JA 153 -6.56 -22.01 11.74
CA ASN JA 153 -6.83 -20.76 11.01
C ASN JA 153 -6.15 -19.57 11.67
N SER JA 154 -6.19 -19.51 13.01
CA SER JA 154 -5.53 -18.44 13.74
C SER JA 154 -4.03 -18.67 13.91
N THR JA 155 -3.46 -19.63 13.18
CA THR JA 155 -2.05 -19.96 13.33
C THR JA 155 -1.19 -19.03 12.49
N TYR JA 156 -0.07 -18.59 13.08
CA TYR JA 156 0.90 -17.75 12.41
C TYR JA 156 2.29 -18.35 12.58
N LEU JA 157 3.06 -18.34 11.51
CA LEU JA 157 4.38 -18.95 11.44
C LEU JA 157 5.43 -17.91 11.08
N PRO JA 158 6.70 -18.15 11.41
CA PRO JA 158 7.74 -17.15 11.10
C PRO JA 158 7.99 -17.01 9.61
N LYS JA 159 8.38 -15.81 9.21
CA LYS JA 159 8.66 -15.52 7.82
C LYS JA 159 10.06 -15.96 7.44
N LEU JA 160 10.19 -16.57 6.27
CA LEU JA 160 11.46 -17.10 5.81
C LEU JA 160 12.29 -15.99 5.15
N ILE JA 161 13.61 -16.10 5.28
CA ILE JA 161 14.55 -15.19 4.65
C ILE JA 161 15.39 -15.89 3.59
N SER JA 162 16.00 -17.03 3.94
CA SER JA 162 16.93 -17.71 3.06
C SER JA 162 16.22 -18.20 1.79
N ALA JA 163 17.04 -18.56 0.80
CA ALA JA 163 16.52 -18.93 -0.51
C ALA JA 163 15.82 -20.29 -0.46
N PHE JA 164 15.00 -20.54 -1.47
CA PHE JA 164 14.25 -21.79 -1.52
C PHE JA 164 15.12 -22.97 -1.89
N ASP JA 165 16.18 -22.74 -2.65
CA ASP JA 165 17.05 -23.81 -3.14
C ASP JA 165 18.23 -23.99 -2.20
N ASP JA 166 18.49 -25.24 -1.82
CA ASP JA 166 19.61 -25.55 -0.92
C ASP JA 166 20.72 -26.28 -1.67
N GLU JA 171 23.50 -26.18 5.62
CA GLU JA 171 22.93 -25.10 6.42
C GLU JA 171 21.43 -25.29 6.63
N LEU JA 172 20.87 -24.56 7.57
CA LEU JA 172 19.46 -24.61 7.92
C LEU JA 172 18.78 -23.29 7.55
N PRO JA 173 17.45 -23.26 7.45
CA PRO JA 173 16.77 -22.02 7.06
C PRO JA 173 16.96 -20.94 8.11
N THR JA 174 16.73 -19.69 7.67
CA THR JA 174 16.87 -18.52 8.52
C THR JA 174 15.58 -17.71 8.46
N PHE JA 175 15.06 -17.33 9.61
CA PHE JA 175 13.76 -16.69 9.72
C PHE JA 175 13.88 -15.24 10.15
N HIS JA 176 12.89 -14.45 9.75
CA HIS JA 176 12.82 -13.05 10.16
C HIS JA 176 12.60 -12.97 11.66
N ASP JA 177 13.23 -11.99 12.30
CA ASP JA 177 13.14 -11.87 13.75
C ASP JA 177 11.77 -11.38 14.18
N TYR JA 178 11.14 -10.52 13.38
CA TYR JA 178 9.89 -9.87 13.76
C TYR JA 178 8.70 -10.38 12.95
N ASP JA 179 8.67 -10.11 11.64
CA ASP JA 179 7.48 -10.39 10.84
C ASP JA 179 7.12 -11.87 10.85
N MET JA 180 5.84 -12.16 10.65
CA MET JA 180 5.33 -13.52 10.65
C MET JA 180 4.22 -13.65 9.62
N VAL JA 181 4.09 -14.84 9.06
CA VAL JA 181 3.10 -15.14 8.02
C VAL JA 181 2.00 -16.02 8.60
N LYS JA 182 0.78 -15.81 8.12
CA LYS JA 182 -0.36 -16.61 8.53
C LYS JA 182 -0.38 -17.95 7.80
N LEU JA 183 -0.83 -18.98 8.50
CA LEU JA 183 -0.99 -20.31 7.94
C LEU JA 183 -2.38 -20.41 7.30
N ASP JA 184 -2.41 -20.57 5.98
CA ASP JA 184 -3.66 -20.62 5.22
C ASP JA 184 -3.96 -22.02 4.70
N ILE JA 185 -3.58 -23.04 5.47
CA ILE JA 185 -3.95 -24.40 5.11
C ILE JA 185 -5.46 -24.58 5.22
N ASN JA 186 -6.00 -25.51 4.44
CA ASN JA 186 -7.43 -25.79 4.46
C ASN JA 186 -7.71 -26.95 5.42
N PRO JA 187 -8.13 -26.67 6.64
CA PRO JA 187 -8.30 -27.74 7.63
C PRO JA 187 -9.65 -28.41 7.46
N PRO JA 188 -9.71 -29.72 7.64
CA PRO JA 188 -10.98 -30.44 7.48
C PRO JA 188 -11.86 -30.30 8.72
N LEU JA 189 -13.11 -30.73 8.55
CA LEU JA 189 -14.08 -30.76 9.62
C LEU JA 189 -14.67 -32.16 9.74
N VAL JA 190 -14.84 -32.63 10.97
CA VAL JA 190 -15.40 -33.95 11.23
C VAL JA 190 -16.77 -33.76 11.88
N PHE JA 191 -17.79 -34.35 11.26
CA PHE JA 191 -19.15 -34.28 11.77
C PHE JA 191 -19.58 -35.64 12.29
N ILE JA 192 -20.30 -35.64 13.40
CA ILE JA 192 -20.86 -36.85 13.98
C ILE JA 192 -22.38 -36.78 13.89
N LEU JA 193 -23.00 -37.91 13.55
CA LEU JA 193 -24.44 -37.96 13.32
C LEU JA 193 -25.04 -39.12 14.11
N ALA JA 194 -26.33 -39.00 14.41
CA ALA JA 194 -27.08 -40.01 15.14
C ALA JA 194 -28.13 -40.63 14.23
N VAL JA 195 -28.24 -41.95 14.27
CA VAL JA 195 -29.23 -42.70 13.50
C VAL JA 195 -30.26 -43.21 14.49
N VAL JA 196 -31.39 -42.51 14.60
CA VAL JA 196 -32.48 -42.90 15.49
C VAL JA 196 -33.67 -43.28 14.62
N GLY JA 197 -33.94 -44.57 14.53
CA GLY JA 197 -35.01 -45.04 13.66
C GLY JA 197 -34.69 -44.74 12.20
N ASN JA 198 -35.56 -43.98 11.55
CA ASN JA 198 -35.38 -43.60 10.16
C ASN JA 198 -34.95 -42.14 10.01
N ASN JA 199 -34.52 -41.51 11.09
CA ASN JA 199 -34.15 -40.10 11.09
C ASN JA 199 -32.66 -39.95 11.32
N MET JA 200 -32.10 -38.89 10.74
CA MET JA 200 -30.72 -38.51 10.96
C MET JA 200 -30.67 -37.22 11.78
N LEU JA 201 -29.68 -37.11 12.66
CA LEU JA 201 -29.56 -35.97 13.55
C LEU JA 201 -28.14 -35.45 13.52
N LEU JA 202 -27.97 -34.19 13.12
CA LEU JA 202 -26.68 -33.54 13.22
C LEU JA 202 -26.43 -33.06 14.64
N ASP JA 203 -25.15 -33.10 15.04
CA ASP JA 203 -24.70 -32.69 16.36
C ASP JA 203 -25.53 -33.39 17.44
N PRO JA 204 -25.37 -34.70 17.60
CA PRO JA 204 -26.20 -35.43 18.57
C PRO JA 204 -25.82 -35.05 20.01
N ALA JA 205 -26.85 -34.81 20.82
CA ALA JA 205 -26.64 -34.52 22.22
C ALA JA 205 -26.36 -35.80 22.99
N ALA JA 206 -26.05 -35.63 24.28
CA ALA JA 206 -25.75 -36.77 25.14
C ALA JA 206 -26.93 -37.74 25.21
N ASN JA 207 -28.08 -37.24 25.65
CA ASN JA 207 -29.25 -38.10 25.79
C ASN JA 207 -29.73 -38.62 24.44
N GLU JA 208 -29.59 -37.83 23.38
CA GLU JA 208 -29.97 -38.31 22.05
C GLU JA 208 -29.11 -39.49 21.62
N SER JA 209 -27.81 -39.43 21.90
CA SER JA 209 -26.91 -40.52 21.54
C SER JA 209 -27.14 -41.76 22.39
N GLU JA 210 -27.72 -41.61 23.58
CA GLU JA 210 -27.96 -42.74 24.46
C GLU JA 210 -29.05 -43.66 23.93
N VAL JA 211 -29.88 -43.19 23.01
CA VAL JA 211 -30.98 -43.97 22.45
C VAL JA 211 -30.84 -44.19 20.95
N ALA JA 212 -29.78 -43.68 20.33
CA ALA JA 212 -29.62 -43.80 18.88
C ALA JA 212 -29.32 -45.24 18.49
N ASN JA 213 -29.84 -45.63 17.32
CA ASN JA 213 -29.61 -46.99 16.82
C ASN JA 213 -28.22 -47.16 16.25
N ASN JA 214 -27.65 -46.09 15.67
CA ASN JA 214 -26.30 -46.14 15.12
C ASN JA 214 -25.80 -44.70 14.99
N GLY JA 215 -24.57 -44.55 14.51
CA GLY JA 215 -23.98 -43.24 14.33
C GLY JA 215 -23.08 -43.20 13.11
N LEU JA 216 -22.78 -41.97 12.68
CA LEU JA 216 -21.94 -41.73 11.51
C LEU JA 216 -20.92 -40.65 11.82
N ILE JA 217 -19.67 -40.90 11.43
CA ILE JA 217 -18.60 -39.91 11.48
C ILE JA 217 -18.22 -39.57 10.04
N ILE JA 218 -18.44 -38.33 9.64
CA ILE JA 218 -18.26 -37.89 8.26
C ILE JA 218 -17.31 -36.70 8.24
N SER JA 219 -16.26 -36.78 7.42
CA SER JA 219 -15.29 -35.72 7.28
C SER JA 219 -15.64 -34.80 6.11
N TRP JA 220 -15.05 -33.61 6.12
CA TRP JA 220 -15.42 -32.55 5.18
C TRP JA 220 -14.24 -31.63 4.97
N SER JA 221 -13.92 -31.33 3.71
CA SER JA 221 -12.79 -30.45 3.40
C SER JA 221 -12.99 -29.86 2.00
N ASN JA 222 -12.61 -28.58 1.87
CA ASN JA 222 -12.65 -27.86 0.59
C ASN JA 222 -14.02 -27.94 -0.07
N GLY JA 223 -15.08 -27.95 0.74
CA GLY JA 223 -16.43 -27.95 0.19
C GLY JA 223 -16.93 -29.30 -0.27
N LYS JA 224 -16.20 -30.37 0.01
CA LYS JA 224 -16.54 -31.71 -0.45
C LYS JA 224 -16.44 -32.71 0.68
N ILE JA 225 -17.20 -33.80 0.56
CA ILE JA 225 -17.11 -34.89 1.53
C ILE JA 225 -15.81 -35.65 1.32
N THR JA 226 -15.02 -35.79 2.38
CA THR JA 226 -13.76 -36.50 2.33
C THR JA 226 -13.73 -37.59 3.39
N SER JA 227 -12.73 -38.46 3.28
CA SER JA 227 -12.51 -39.53 4.24
C SER JA 227 -11.69 -38.98 5.41
N PRO JA 228 -11.71 -39.67 6.57
CA PRO JA 228 -12.38 -40.92 6.92
C PRO JA 228 -13.87 -40.80 7.15
N ILE JA 229 -14.59 -41.90 6.92
CA ILE JA 229 -16.01 -42.01 7.18
C ILE JA 229 -16.25 -43.32 7.92
N ARG JA 230 -16.84 -43.25 9.10
CA ARG JA 230 -17.06 -44.42 9.93
C ARG JA 230 -18.51 -44.48 10.40
N SER JA 231 -18.95 -45.69 10.75
CA SER JA 231 -20.23 -45.92 11.40
C SER JA 231 -19.93 -46.25 12.86
N VAL JA 232 -19.99 -45.23 13.71
CA VAL JA 232 -19.64 -45.37 15.11
C VAL JA 232 -20.89 -45.74 15.91
N ALA JA 233 -20.69 -46.49 17.00
CA ALA JA 233 -21.77 -46.85 17.90
C ALA JA 233 -21.77 -45.86 19.06
N LEU JA 234 -22.78 -44.98 19.08
CA LEU JA 234 -22.87 -43.97 20.13
C LEU JA 234 -23.26 -44.55 21.49
N ASN JA 235 -23.64 -45.82 21.54
CA ASN JA 235 -23.88 -46.51 22.81
C ASN JA 235 -23.63 -48.00 22.59
N ASP JA 236 -24.21 -48.82 23.46
CA ASP JA 236 -24.14 -50.27 23.32
C ASP JA 236 -25.48 -50.96 23.56
N SER JA 237 -26.46 -50.30 24.17
CA SER JA 237 -27.71 -50.95 24.51
C SER JA 237 -28.63 -51.08 23.30
N ASN JA 238 -28.82 -49.99 22.56
CA ASN JA 238 -29.80 -49.93 21.48
C ASN JA 238 -29.14 -49.78 20.11
N VAL JA 239 -28.04 -50.50 19.89
CA VAL JA 239 -27.34 -50.47 18.62
C VAL JA 239 -28.00 -51.48 17.67
N LYS JA 240 -28.44 -50.99 16.51
CA LYS JA 240 -29.09 -51.83 15.52
C LYS JA 240 -28.64 -51.42 14.13
N SER JA 241 -28.81 -52.34 13.18
CA SER JA 241 -28.43 -52.08 11.80
C SER JA 241 -29.30 -50.99 11.19
N PHE JA 242 -28.77 -50.34 10.16
CA PHE JA 242 -29.45 -49.26 9.46
C PHE JA 242 -29.46 -49.54 7.97
N LYS JA 243 -30.51 -49.07 7.30
CA LYS JA 243 -30.65 -49.29 5.87
C LYS JA 243 -29.69 -48.40 5.09
N PRO JA 244 -29.25 -48.83 3.90
CA PRO JA 244 -28.28 -48.04 3.14
C PRO JA 244 -28.73 -46.63 2.84
N HIS JA 245 -30.04 -46.41 2.65
CA HIS JA 245 -30.52 -45.06 2.33
C HIS JA 245 -30.22 -44.09 3.46
N LEU JA 246 -30.20 -44.56 4.71
CA LEU JA 246 -29.85 -43.70 5.83
C LEU JA 246 -28.40 -43.21 5.72
N LEU JA 247 -27.52 -44.06 5.20
CA LEU JA 247 -26.14 -43.64 5.00
C LEU JA 247 -26.03 -42.55 3.93
N LYS JA 248 -26.78 -42.71 2.83
CA LYS JA 248 -26.82 -41.66 1.81
C LYS JA 248 -27.48 -40.39 2.34
N GLN JA 249 -28.46 -40.54 3.24
CA GLN JA 249 -29.14 -39.38 3.79
C GLN JA 249 -28.23 -38.57 4.70
N GLY JA 250 -27.44 -39.25 5.53
CA GLY JA 250 -26.51 -38.54 6.41
C GLY JA 250 -25.42 -37.81 5.64
N LEU JA 251 -24.90 -38.44 4.57
CA LEU JA 251 -23.87 -37.79 3.77
C LEU JA 251 -24.41 -36.56 3.07
N ALA JA 252 -25.62 -36.64 2.51
CA ALA JA 252 -26.24 -35.47 1.91
C ALA JA 252 -26.51 -34.38 2.96
N MET JA 253 -26.80 -34.79 4.21
CA MET JA 253 -27.02 -33.81 5.26
C MET JA 253 -25.75 -33.01 5.55
N VAL JA 254 -24.59 -33.67 5.56
CA VAL JA 254 -23.34 -32.95 5.77
C VAL JA 254 -23.05 -32.03 4.61
N GLU JA 255 -23.17 -32.53 3.38
CA GLU JA 255 -22.89 -31.73 2.20
C GLU JA 255 -23.78 -30.51 2.09
N LYS JA 256 -24.96 -30.52 2.72
CA LYS JA 256 -25.89 -29.41 2.63
C LYS JA 256 -25.65 -28.36 3.71
N TYR JA 257 -25.38 -28.78 4.95
CA TYR JA 257 -25.34 -27.86 6.08
C TYR JA 257 -23.94 -27.58 6.59
N ALA JA 258 -22.92 -28.33 6.16
CA ALA JA 258 -21.56 -28.02 6.56
C ALA JA 258 -21.09 -26.64 6.09
N PRO JA 259 -21.39 -26.18 4.87
CA PRO JA 259 -20.99 -24.81 4.50
C PRO JA 259 -21.47 -23.75 5.48
N ASP JA 260 -22.67 -23.93 6.05
CA ASP JA 260 -23.14 -23.02 7.09
C ASP JA 260 -22.25 -23.11 8.32
N VAL JA 261 -21.78 -24.32 8.64
CA VAL JA 261 -20.89 -24.49 9.79
C VAL JA 261 -19.54 -23.83 9.53
N VAL JA 262 -19.04 -23.92 8.30
CA VAL JA 262 -17.74 -23.34 7.97
C VAL JA 262 -17.78 -21.82 8.10
N ARG JA 263 -18.74 -21.18 7.44
CA ARG JA 263 -18.85 -19.72 7.52
C ARG JA 263 -19.22 -19.25 8.91
N SER JA 264 -19.82 -20.11 9.74
CA SER JA 264 -20.02 -19.76 11.14
C SER JA 264 -18.71 -19.81 11.91
N LEU JA 265 -17.86 -20.80 11.62
CA LEU JA 265 -16.56 -20.89 12.29
C LEU JA 265 -15.57 -19.88 11.72
N GLU JA 266 -15.59 -19.68 10.40
CA GLU JA 266 -14.62 -18.81 9.73
C GLU JA 266 -14.78 -17.34 10.12
N ASN JA 267 -15.88 -16.97 10.78
CA ASN JA 267 -16.07 -15.59 11.20
C ASN JA 267 -15.04 -15.21 12.27
N LEU JA 268 -13.91 -14.67 11.83
CA LEU JA 268 -12.84 -14.28 12.74
C LEU JA 268 -12.82 -12.77 12.97
N ASP KA 5 11.57 -52.89 30.50
CA ASP KA 5 10.60 -53.76 31.17
C ASP KA 5 11.30 -54.82 32.00
N ARG KA 6 10.96 -54.88 33.29
CA ARG KA 6 11.54 -55.87 34.18
C ARG KA 6 10.92 -57.25 34.01
N ARG KA 7 9.69 -57.32 33.49
CA ARG KA 7 8.99 -58.58 33.29
C ARG KA 7 9.33 -59.25 31.96
N ARG KA 8 10.46 -58.87 31.34
CA ARG KA 8 10.82 -59.38 30.03
C ARG KA 8 12.33 -59.44 29.92
N LEU KA 9 12.80 -60.17 28.90
CA LEU KA 9 14.20 -60.20 28.52
C LEU KA 9 14.34 -59.41 27.21
N LEU KA 10 14.70 -58.13 27.33
CA LEU KA 10 14.84 -57.26 26.19
C LEU KA 10 16.28 -57.12 25.73
N GLY KA 11 17.18 -57.95 26.25
CA GLY KA 11 18.57 -57.91 25.86
C GLY KA 11 19.24 -56.62 26.28
N PRO KA 12 20.35 -56.28 25.64
CA PRO KA 12 21.04 -55.03 25.97
C PRO KA 12 20.25 -53.82 25.47
N ALA KA 13 20.27 -52.76 26.26
CA ALA KA 13 19.60 -51.53 25.85
C ALA KA 13 20.38 -50.80 24.76
N ALA KA 14 21.71 -50.93 24.76
CA ALA KA 14 22.53 -50.31 23.73
C ALA KA 14 22.31 -50.90 22.35
N ALA KA 15 21.55 -51.98 22.24
CA ALA KA 15 21.27 -52.61 20.95
C ALA KA 15 20.08 -51.93 20.29
N LYS KA 16 20.19 -51.70 18.98
CA LYS KA 16 19.12 -51.08 18.23
C LYS KA 16 18.52 -52.06 17.24
N PRO KA 17 17.21 -51.99 17.00
CA PRO KA 17 16.56 -52.93 16.08
C PRO KA 17 17.14 -52.83 14.67
N MET KA 18 16.76 -53.80 13.85
CA MET KA 18 17.30 -53.91 12.50
C MET KA 18 16.51 -53.02 11.54
N ALA KA 19 17.23 -52.19 10.78
CA ALA KA 19 16.64 -51.33 9.77
C ALA KA 19 17.20 -51.74 8.41
N PHE KA 20 16.32 -52.17 7.52
CA PHE KA 20 16.73 -52.64 6.20
C PHE KA 20 16.71 -51.50 5.18
N GLU KA 43 -12.73 -65.42 -6.44
CA GLU KA 43 -11.65 -64.47 -6.25
C GLU KA 43 -10.66 -64.96 -5.21
N GLN KA 44 -10.97 -64.71 -3.94
CA GLN KA 44 -10.09 -65.07 -2.83
C GLN KA 44 -10.51 -66.41 -2.26
N GLU KA 45 -9.64 -67.41 -2.37
CA GLU KA 45 -9.93 -68.73 -1.83
C GLU KA 45 -9.92 -68.69 -0.30
N LEU KA 46 -10.93 -69.31 0.31
CA LEU KA 46 -11.09 -69.30 1.76
C LEU KA 46 -10.96 -70.71 2.32
N SER KA 47 -10.59 -70.77 3.60
CA SER KA 47 -10.45 -72.05 4.30
C SER KA 47 -10.81 -71.80 5.76
N LEU KA 48 -11.91 -72.40 6.22
CA LEU KA 48 -12.44 -72.13 7.55
C LEU KA 48 -12.46 -73.40 8.39
N HIS KA 49 -12.13 -73.23 9.68
CA HIS KA 49 -12.23 -74.30 10.67
C HIS KA 49 -12.72 -73.70 11.97
N THR KA 50 -13.36 -74.54 12.79
CA THR KA 50 -13.88 -74.10 14.08
C THR KA 50 -13.60 -75.15 15.15
N GLY KA 51 -13.62 -74.70 16.40
CA GLY KA 51 -13.56 -75.60 17.54
C GLY KA 51 -12.26 -76.36 17.70
N PHE KA 52 -11.12 -75.70 17.48
CA PHE KA 52 -9.82 -76.34 17.59
C PHE KA 52 -9.00 -75.83 18.78
N ILE KA 53 -9.55 -74.91 19.57
CA ILE KA 53 -8.87 -74.37 20.74
C ILE KA 53 -9.66 -74.79 21.98
N GLU KA 54 -8.94 -75.30 22.98
CA GLU KA 54 -9.58 -76.00 24.09
C GLU KA 54 -9.88 -75.11 25.29
N ASN KA 55 -9.17 -73.99 25.46
CA ASN KA 55 -9.39 -73.17 26.65
C ASN KA 55 -10.58 -72.23 26.51
N CYS KA 56 -10.99 -71.90 25.28
CA CYS KA 56 -12.04 -70.93 25.05
C CYS KA 56 -13.39 -71.63 24.84
N ASN KA 57 -14.44 -70.83 24.70
CA ASN KA 57 -15.77 -71.36 24.46
C ASN KA 57 -16.01 -71.63 22.98
N GLY KA 58 -15.29 -70.92 22.10
CA GLY KA 58 -15.44 -71.10 20.67
C GLY KA 58 -14.30 -70.46 19.90
N SER KA 59 -13.76 -71.18 18.93
CA SER KA 59 -12.64 -70.70 18.13
C SER KA 59 -12.97 -70.79 16.66
N ALA KA 60 -12.10 -70.20 15.84
CA ALA KA 60 -12.27 -70.23 14.40
C ALA KA 60 -10.95 -69.86 13.73
N LEU KA 61 -10.73 -70.42 12.54
CA LEU KA 61 -9.53 -70.14 11.75
C LEU KA 61 -9.97 -69.74 10.35
N VAL KA 62 -9.51 -68.57 9.91
CA VAL KA 62 -9.79 -68.07 8.57
C VAL KA 62 -8.46 -67.88 7.85
N GLU KA 63 -8.28 -68.62 6.76
CA GLU KA 63 -7.10 -68.50 5.91
C GLU KA 63 -7.57 -68.12 4.51
N ALA KA 64 -7.19 -66.94 4.05
CA ALA KA 64 -7.62 -66.40 2.77
C ALA KA 64 -6.41 -66.19 1.88
N ARG KA 65 -6.45 -66.77 0.68
CA ARG KA 65 -5.36 -66.66 -0.29
C ARG KA 65 -5.89 -65.99 -1.55
N SER KA 66 -5.45 -64.76 -1.80
CA SER KA 66 -5.76 -64.02 -3.01
C SER KA 66 -4.49 -63.88 -3.84
N LEU KA 67 -4.68 -63.50 -5.11
CA LEU KA 67 -3.56 -63.38 -6.03
C LEU KA 67 -2.53 -62.34 -5.59
N GLY KA 68 -2.91 -61.42 -4.70
CA GLY KA 68 -2.01 -60.37 -4.29
C GLY KA 68 -1.70 -60.33 -2.81
N HIS KA 69 -2.39 -61.16 -2.02
CA HIS KA 69 -2.18 -61.17 -0.58
C HIS KA 69 -2.72 -62.46 0.01
N GLN KA 70 -2.01 -62.98 1.00
CA GLN KA 70 -2.44 -64.15 1.77
C GLN KA 70 -2.52 -63.77 3.24
N THR KA 71 -3.59 -64.16 3.90
CA THR KA 71 -3.83 -63.77 5.28
C THR KA 71 -4.41 -64.94 6.05
N SER KA 72 -3.89 -65.14 7.27
CA SER KA 72 -4.39 -66.16 8.18
C SER KA 72 -4.53 -65.56 9.57
N LEU KA 73 -5.66 -65.85 10.23
CA LEU KA 73 -5.91 -65.33 11.55
C LEU KA 73 -6.83 -66.28 12.32
N ILE KA 74 -6.66 -66.29 13.64
CA ILE KA 74 -7.41 -67.17 14.53
C ILE KA 74 -8.19 -66.30 15.51
N THR KA 75 -9.45 -66.67 15.77
CA THR KA 75 -10.28 -66.01 16.75
C THR KA 75 -10.57 -66.92 17.93
N ALA KA 76 -10.73 -66.31 19.10
CA ALA KA 76 -11.08 -67.01 20.33
C ALA KA 76 -12.14 -66.20 21.06
N VAL KA 77 -13.24 -66.84 21.42
CA VAL KA 77 -14.35 -66.21 22.13
C VAL KA 77 -14.45 -66.83 23.52
N TYR KA 78 -14.20 -66.03 24.54
CA TYR KA 78 -14.37 -66.45 25.93
C TYR KA 78 -15.62 -65.78 26.48
N GLY KA 79 -16.59 -66.59 26.90
CA GLY KA 79 -17.83 -66.08 27.44
C GLY KA 79 -19.07 -66.87 27.09
N PRO KA 80 -20.21 -66.49 27.68
CA PRO KA 80 -20.33 -65.38 28.63
C PRO KA 80 -19.75 -65.69 30.01
N ARG KA 81 -18.97 -64.76 30.55
CA ARG KA 81 -18.38 -64.90 31.88
C ARG KA 81 -19.00 -63.84 32.79
N SER KA 82 -19.58 -64.29 33.90
CA SER KA 82 -20.32 -63.40 34.78
C SER KA 82 -19.40 -62.37 35.43
N ILE KA 83 -19.79 -61.10 35.35
CA ILE KA 83 -19.04 -60.02 35.95
C ILE KA 83 -19.50 -59.86 37.40
N ARG KA 84 -18.53 -59.78 38.32
CA ARG KA 84 -18.82 -59.72 39.74
C ARG KA 84 -19.64 -58.47 40.09
N GLY KA 85 -20.88 -58.68 40.52
CA GLY KA 85 -21.75 -57.57 40.90
C GLY KA 85 -22.09 -56.66 39.75
N SER KA 86 -22.67 -57.22 38.69
CA SER KA 86 -23.04 -56.47 37.49
C SER KA 86 -24.55 -56.43 37.37
N PHE KA 87 -25.12 -55.21 37.41
CA PHE KA 87 -26.54 -55.01 37.18
C PHE KA 87 -26.88 -54.80 35.72
N THR KA 88 -25.90 -54.93 34.82
CA THR KA 88 -26.13 -54.70 33.40
C THR KA 88 -27.22 -55.61 32.86
N SER KA 89 -28.19 -55.02 32.17
CA SER KA 89 -29.30 -55.77 31.61
C SER KA 89 -28.91 -56.64 30.43
N GLN KA 90 -27.73 -56.43 29.84
CA GLN KA 90 -27.30 -57.18 28.68
C GLN KA 90 -25.79 -57.38 28.74
N GLY KA 91 -25.25 -58.09 27.75
CA GLY KA 91 -23.84 -58.40 27.73
C GLY KA 91 -22.97 -57.23 27.31
N THR KA 92 -21.68 -57.36 27.61
CA THR KA 92 -20.68 -56.35 27.28
C THR KA 92 -19.60 -57.02 26.43
N ILE KA 93 -19.56 -56.66 25.15
CA ILE KA 93 -18.65 -57.29 24.21
C ILE KA 93 -17.28 -56.61 24.26
N SER KA 94 -16.22 -57.41 24.27
CA SER KA 94 -14.85 -56.92 24.17
C SER KA 94 -14.15 -57.64 23.03
N ILE KA 95 -13.48 -56.87 22.16
CA ILE KA 95 -12.77 -57.41 21.01
C ILE KA 95 -11.37 -56.83 20.99
N GLN KA 96 -10.37 -57.66 21.27
CA GLN KA 96 -8.97 -57.25 21.24
C GLN KA 96 -8.30 -57.87 20.01
N LEU KA 97 -7.83 -57.01 19.12
CA LEU KA 97 -7.12 -57.44 17.91
C LEU KA 97 -5.63 -57.42 18.20
N LYS KA 98 -5.03 -58.60 18.32
CA LYS KA 98 -3.62 -58.75 18.65
C LYS KA 98 -2.78 -59.00 17.41
N ASN KA 99 -1.53 -58.58 17.48
CA ASN KA 99 -0.55 -58.82 16.42
C ASN KA 99 0.29 -60.04 16.75
N GLY KA 100 -0.41 -61.17 16.92
CA GLY KA 100 0.20 -62.44 17.27
C GLY KA 100 1.38 -62.82 16.41
N LEU KA 101 2.58 -62.39 16.85
CA LEU KA 101 3.88 -62.61 16.20
C LEU KA 101 4.19 -61.56 15.14
N LEU KA 102 3.39 -61.48 14.08
CA LEU KA 102 3.68 -60.52 13.02
C LEU KA 102 3.18 -59.15 13.47
N GLU KA 103 4.11 -58.30 13.89
CA GLU KA 103 3.78 -56.95 14.37
C GLU KA 103 3.85 -55.97 13.20
N LYS KA 104 2.89 -56.12 12.29
CA LYS KA 104 2.90 -55.32 11.08
C LYS KA 104 2.15 -54.00 11.24
N TYR KA 105 1.08 -53.99 12.03
CA TYR KA 105 0.18 -52.86 12.13
C TYR KA 105 0.40 -52.08 13.42
N ASN KA 106 0.17 -50.77 13.34
CA ASN KA 106 0.39 -49.88 14.46
C ASN KA 106 -0.67 -50.06 15.53
N THR KA 107 -0.28 -49.82 16.79
CA THR KA 107 -1.20 -49.98 17.91
C THR KA 107 -2.40 -49.06 17.79
N ASN KA 108 -2.22 -47.85 17.25
CA ASN KA 108 -3.33 -46.94 17.04
C ASN KA 108 -4.41 -47.55 16.16
N GLU KA 109 -4.00 -48.13 15.02
CA GLU KA 109 -4.98 -48.62 14.06
C GLU KA 109 -5.63 -49.91 14.52
N LEU KA 110 -4.91 -50.76 15.26
CA LEU KA 110 -5.49 -52.00 15.76
C LEU KA 110 -6.64 -51.71 16.72
N LYS KA 111 -6.47 -50.74 17.62
CA LYS KA 111 -7.55 -50.39 18.52
C LYS KA 111 -8.69 -49.68 17.79
N GLU KA 112 -8.39 -48.99 16.69
CA GLU KA 112 -9.46 -48.40 15.89
C GLU KA 112 -10.28 -49.47 15.20
N VAL KA 113 -9.63 -50.52 14.69
CA VAL KA 113 -10.37 -51.63 14.10
C VAL KA 113 -11.13 -52.41 15.18
N SER KA 114 -10.50 -52.60 16.34
CA SER KA 114 -11.20 -53.23 17.46
C SER KA 114 -12.44 -52.44 17.85
N SER KA 115 -12.33 -51.11 17.89
CA SER KA 115 -13.50 -50.28 18.14
C SER KA 115 -14.55 -50.48 17.05
N PHE KA 116 -14.12 -50.48 15.78
CA PHE KA 116 -15.04 -50.72 14.67
C PHE KA 116 -15.70 -52.08 14.78
N LEU KA 117 -14.92 -53.11 15.09
CA LEU KA 117 -15.47 -54.46 15.21
C LEU KA 117 -16.49 -54.54 16.34
N MET KA 118 -16.21 -53.90 17.47
CA MET KA 118 -17.16 -53.91 18.58
C MET KA 118 -18.46 -53.20 18.23
N GLY KA 119 -18.39 -52.16 17.40
CA GLY KA 119 -19.61 -51.50 16.98
C GLY KA 119 -20.50 -52.40 16.13
N ILE KA 120 -19.88 -53.22 15.28
CA ILE KA 120 -20.66 -54.14 14.44
C ILE KA 120 -21.37 -55.18 15.30
N PHE KA 121 -20.60 -55.96 16.06
CA PHE KA 121 -21.16 -57.10 16.77
C PHE KA 121 -22.00 -56.70 17.98
N ASN KA 122 -21.88 -55.46 18.45
CA ASN KA 122 -22.82 -54.98 19.46
C ASN KA 122 -24.22 -54.78 18.90
N SER KA 123 -24.39 -54.90 17.58
CA SER KA 123 -25.71 -54.86 16.95
C SER KA 123 -26.05 -56.19 16.28
N VAL KA 124 -25.24 -57.23 16.48
CA VAL KA 124 -25.51 -58.55 15.93
C VAL KA 124 -25.72 -59.58 17.03
N VAL KA 125 -24.92 -59.53 18.09
CA VAL KA 125 -25.10 -60.45 19.22
C VAL KA 125 -26.38 -60.10 19.95
N ASN KA 126 -27.20 -61.11 20.24
CA ASN KA 126 -28.41 -60.91 21.02
C ASN KA 126 -28.03 -60.70 22.48
N LEU KA 127 -27.51 -59.50 22.78
CA LEU KA 127 -26.95 -59.22 24.09
C LEU KA 127 -27.98 -59.34 25.21
N SER KA 128 -29.27 -59.20 24.91
CA SER KA 128 -30.28 -59.29 25.96
C SER KA 128 -30.31 -60.67 26.61
N ARG KA 129 -29.82 -61.69 25.91
CA ARG KA 129 -29.85 -63.05 26.41
C ARG KA 129 -28.73 -63.36 27.40
N TYR KA 130 -27.78 -62.44 27.60
CA TYR KA 130 -26.63 -62.67 28.46
C TYR KA 130 -26.44 -61.49 29.41
N PRO KA 131 -27.36 -61.29 30.34
CA PRO KA 131 -27.22 -60.17 31.29
C PRO KA 131 -26.22 -60.48 32.38
N LYS KA 132 -25.66 -59.40 32.94
CA LYS KA 132 -24.70 -59.44 34.03
C LYS KA 132 -23.41 -60.16 33.68
N SER KA 133 -23.22 -60.54 32.42
CA SER KA 133 -22.06 -61.29 31.97
C SER KA 133 -21.30 -60.47 30.91
N GLY KA 134 -20.24 -61.05 30.40
CA GLY KA 134 -19.44 -60.40 29.37
C GLY KA 134 -18.82 -61.41 28.44
N ILE KA 135 -18.60 -60.98 27.19
CA ILE KA 135 -18.02 -61.83 26.15
C ILE KA 135 -16.78 -61.13 25.62
N ASP KA 136 -15.64 -61.82 25.70
CA ASP KA 136 -14.35 -61.29 25.26
C ASP KA 136 -13.90 -62.04 24.02
N ILE KA 137 -13.62 -61.30 22.94
CA ILE KA 137 -13.21 -61.87 21.67
C ILE KA 137 -11.77 -61.47 21.38
N PHE KA 138 -10.97 -62.43 20.93
CA PHE KA 138 -9.57 -62.20 20.56
C PHE KA 138 -9.35 -62.60 19.12
N VAL KA 139 -8.69 -61.74 18.35
CA VAL KA 139 -8.36 -62.00 16.95
C VAL KA 139 -6.84 -61.96 16.83
N TYR KA 140 -6.23 -63.14 16.67
CA TYR KA 140 -4.78 -63.24 16.50
C TYR KA 140 -4.46 -63.32 15.01
N LEU KA 141 -3.69 -62.35 14.52
CA LEU KA 141 -3.14 -62.45 13.17
C LEU KA 141 -1.96 -63.41 13.17
N THR KA 142 -1.99 -64.39 12.28
CA THR KA 142 -0.95 -65.40 12.22
C THR KA 142 -0.17 -65.42 10.91
N TYR KA 143 -0.66 -64.76 9.87
CA TYR KA 143 0.05 -64.69 8.60
C TYR KA 143 -0.51 -63.53 7.78
N ASP KA 144 0.38 -62.76 7.17
CA ASP KA 144 -0.04 -61.61 6.36
C ASP KA 144 1.13 -61.24 5.44
N LYS KA 145 1.02 -61.60 4.17
CA LYS KA 145 2.02 -61.27 3.17
C LYS KA 145 1.31 -60.79 1.91
N ASP KA 146 1.73 -59.63 1.41
CA ASP KA 146 1.12 -59.01 0.24
C ASP KA 146 2.00 -59.26 -0.98
N LEU KA 147 1.56 -60.18 -1.84
CA LEU KA 147 2.31 -60.50 -3.05
C LEU KA 147 2.10 -59.45 -4.13
N SER KA 163 -3.70 -47.92 4.98
CA SER KA 163 -2.73 -48.95 4.66
C SER KA 163 -3.42 -50.22 4.16
N GLN KA 164 -2.84 -51.37 4.52
CA GLN KA 164 -3.44 -52.66 4.18
C GLN KA 164 -4.51 -53.09 5.17
N ILE KA 165 -4.67 -52.36 6.29
CA ILE KA 165 -5.61 -52.77 7.33
C ILE KA 165 -7.04 -52.76 6.84
N SER KA 166 -7.34 -51.99 5.78
CA SER KA 166 -8.70 -51.93 5.27
C SER KA 166 -9.16 -53.28 4.76
N SER KA 167 -8.32 -53.94 3.96
CA SER KA 167 -8.65 -55.25 3.42
C SER KA 167 -8.58 -56.35 4.48
N LEU KA 168 -8.06 -56.05 5.67
CA LEU KA 168 -7.97 -57.06 6.73
C LEU KA 168 -9.26 -57.17 7.52
N ILE KA 169 -10.05 -56.09 7.58
CA ILE KA 169 -11.25 -56.08 8.42
C ILE KA 169 -12.25 -57.17 8.04
N PRO KA 170 -12.60 -57.38 6.76
CA PRO KA 170 -13.63 -58.38 6.45
C PRO KA 170 -13.29 -59.78 6.92
N HIS KA 171 -12.01 -60.16 6.97
CA HIS KA 171 -11.65 -61.48 7.44
C HIS KA 171 -11.69 -61.61 8.95
N CYS KA 172 -11.57 -60.51 9.69
CA CYS KA 172 -11.83 -60.54 11.12
C CYS KA 172 -13.31 -60.75 11.41
N ILE KA 173 -14.17 -60.04 10.67
CA ILE KA 173 -15.62 -60.19 10.83
C ILE KA 173 -16.03 -61.63 10.51
N THR KA 174 -15.49 -62.20 9.43
CA THR KA 174 -15.76 -63.59 9.10
C THR KA 174 -15.37 -64.51 10.26
N SER KA 175 -14.21 -64.26 10.87
CA SER KA 175 -13.72 -65.15 11.92
C SER KA 175 -14.49 -64.96 13.22
N ILE KA 176 -14.84 -63.73 13.56
CA ILE KA 176 -15.55 -63.48 14.82
C ILE KA 176 -16.96 -64.06 14.77
N THR KA 177 -17.64 -63.92 13.63
CA THR KA 177 -18.96 -64.53 13.47
C THR KA 177 -18.88 -66.04 13.59
N LEU KA 178 -17.88 -66.65 12.94
CA LEU KA 178 -17.69 -68.09 13.05
C LEU KA 178 -17.40 -68.50 14.49
N ALA KA 179 -16.50 -67.78 15.16
CA ALA KA 179 -16.12 -68.14 16.53
C ALA KA 179 -17.26 -67.90 17.51
N LEU KA 180 -18.08 -66.88 17.29
CA LEU KA 180 -19.23 -66.66 18.17
C LEU KA 180 -20.27 -67.74 17.99
N ALA KA 181 -20.48 -68.21 16.75
CA ALA KA 181 -21.39 -69.32 16.52
C ALA KA 181 -20.88 -70.61 17.16
N ASP KA 182 -19.58 -70.86 17.07
CA ASP KA 182 -19.01 -72.05 17.69
C ASP KA 182 -19.10 -71.98 19.22
N ALA KA 183 -19.05 -70.77 19.78
CA ALA KA 183 -19.17 -70.59 21.22
C ALA KA 183 -20.60 -70.65 21.70
N GLY KA 184 -21.57 -70.83 20.80
CA GLY KA 184 -22.96 -70.91 21.20
C GLY KA 184 -23.58 -69.60 21.60
N ILE KA 185 -23.07 -68.48 21.07
CA ILE KA 185 -23.61 -67.16 21.37
C ILE KA 185 -24.68 -66.84 20.34
N GLU KA 186 -25.80 -66.31 20.80
CA GLU KA 186 -26.92 -66.00 19.92
C GLU KA 186 -26.56 -64.82 19.02
N LEU KA 187 -26.69 -65.03 17.71
CA LEU KA 187 -26.44 -64.00 16.71
C LEU KA 187 -27.73 -63.70 15.96
N VAL KA 188 -28.03 -62.42 15.77
CA VAL KA 188 -29.24 -62.05 15.07
C VAL KA 188 -29.15 -62.40 13.59
N ASP KA 189 -27.93 -62.47 13.05
CA ASP KA 189 -27.71 -62.83 11.66
C ASP KA 189 -26.26 -63.23 11.47
N MET KA 190 -25.94 -63.72 10.27
CA MET KA 190 -24.57 -64.03 9.90
C MET KA 190 -23.91 -62.75 9.41
N ALA KA 191 -23.00 -62.20 10.23
CA ALA KA 191 -22.36 -60.94 9.91
C ALA KA 191 -21.14 -61.20 9.01
N GLY KA 192 -21.15 -60.59 7.83
CA GLY KA 192 -20.03 -60.67 6.93
C GLY KA 192 -19.79 -59.31 6.29
N ALA KA 193 -18.65 -59.20 5.60
CA ALA KA 193 -18.24 -57.92 5.05
C ALA KA 193 -17.39 -58.11 3.81
N GLY KA 194 -17.22 -57.02 3.07
CA GLY KA 194 -16.32 -56.99 1.93
C GLY KA 194 -15.57 -55.68 1.88
N GLU KA 195 -14.55 -55.64 1.03
CA GLU KA 195 -13.68 -54.47 0.91
C GLU KA 195 -13.52 -54.10 -0.56
N ALA KA 196 -13.47 -52.80 -0.84
CA ALA KA 196 -13.33 -52.32 -2.21
C ALA KA 196 -12.80 -50.89 -2.18
N ASN KA 197 -11.53 -50.71 -2.54
CA ASN KA 197 -10.92 -49.39 -2.68
C ASN KA 197 -11.01 -48.58 -1.38
N GLY KA 198 -10.60 -49.21 -0.28
CA GLY KA 198 -10.60 -48.58 1.01
C GLY KA 198 -11.92 -48.60 1.74
N THR KA 199 -13.02 -48.87 1.05
CA THR KA 199 -14.34 -48.92 1.67
C THR KA 199 -14.62 -50.33 2.17
N VAL KA 200 -15.05 -50.44 3.43
CA VAL KA 200 -15.38 -51.70 4.06
C VAL KA 200 -16.81 -51.61 4.56
N VAL KA 201 -17.67 -52.50 4.08
CA VAL KA 201 -19.08 -52.52 4.45
C VAL KA 201 -19.44 -53.91 4.95
N SER KA 202 -20.06 -53.97 6.13
CA SER KA 202 -20.52 -55.22 6.72
C SER KA 202 -22.05 -55.27 6.64
N PHE KA 203 -22.60 -56.39 6.20
CA PHE KA 203 -24.02 -56.52 5.93
C PHE KA 203 -24.66 -57.57 6.83
N ILE KA 204 -25.99 -57.47 6.95
CA ILE KA 204 -26.85 -58.52 7.48
C ILE KA 204 -28.12 -58.54 6.65
N LYS KA 205 -28.92 -59.59 6.85
CA LYS KA 205 -30.21 -59.76 6.19
C LYS KA 205 -30.07 -59.75 4.67
N ASN KA 206 -29.11 -60.54 4.18
CA ASN KA 206 -28.87 -60.69 2.74
C ASN KA 206 -28.57 -59.34 2.08
N GLY KA 207 -27.78 -58.51 2.76
CA GLY KA 207 -27.41 -57.21 2.22
C GLY KA 207 -28.48 -56.15 2.28
N GLU KA 208 -29.59 -56.39 2.99
CA GLU KA 208 -30.64 -55.39 3.07
C GLU KA 208 -30.26 -54.25 4.01
N GLU KA 209 -29.42 -54.51 5.01
CA GLU KA 209 -29.06 -53.49 5.99
C GLU KA 209 -27.56 -53.59 6.31
N ILE KA 210 -27.02 -52.48 6.79
CA ILE KA 210 -25.59 -52.33 7.05
C ILE KA 210 -25.37 -52.33 8.55
N VAL KA 211 -24.39 -53.12 9.01
CA VAL KA 211 -24.01 -53.12 10.42
C VAL KA 211 -22.68 -52.42 10.67
N GLY KA 212 -21.95 -52.04 9.62
CA GLY KA 212 -20.69 -51.33 9.79
C GLY KA 212 -20.21 -50.71 8.49
N PHE KA 213 -19.65 -49.51 8.55
CA PHE KA 213 -19.15 -48.83 7.36
C PHE KA 213 -17.82 -48.18 7.67
N TRP KA 214 -16.86 -48.34 6.76
CA TRP KA 214 -15.49 -47.89 6.95
C TRP KA 214 -14.94 -47.44 5.60
N LYS KA 215 -14.34 -46.25 5.56
CA LYS KA 215 -13.79 -45.72 4.33
C LYS KA 215 -12.53 -44.92 4.63
N ASP KA 216 -11.41 -45.33 4.06
CA ASP KA 216 -10.14 -44.61 4.16
C ASP KA 216 -9.59 -44.35 2.77
N ASP KA 217 -9.20 -43.10 2.52
CA ASP KA 217 -8.66 -42.67 1.23
C ASP KA 217 -9.71 -42.96 0.16
N GLY KA 218 -9.39 -43.65 -0.94
CA GLY KA 218 -10.37 -43.97 -1.94
C GLY KA 218 -10.69 -42.80 -2.85
N ASP KA 219 -11.65 -43.04 -3.74
CA ASP KA 219 -12.10 -42.04 -4.69
C ASP KA 219 -13.43 -41.45 -4.26
N ASP KA 220 -13.87 -40.43 -5.00
CA ASP KA 220 -15.13 -39.76 -4.73
C ASP KA 220 -16.27 -40.39 -5.52
N GLU KA 221 -17.48 -40.29 -4.96
CA GLU KA 221 -18.70 -40.82 -5.56
C GLU KA 221 -18.64 -42.32 -5.83
N ASP KA 222 -17.75 -43.03 -5.14
CA ASP KA 222 -17.60 -44.47 -5.33
C ASP KA 222 -18.66 -45.29 -4.61
N LEU KA 223 -19.40 -44.67 -3.68
CA LEU KA 223 -20.30 -45.40 -2.78
C LEU KA 223 -21.17 -46.44 -3.48
N LEU KA 224 -21.87 -46.05 -4.54
CA LEU KA 224 -22.81 -46.95 -5.19
C LEU KA 224 -22.10 -48.20 -5.72
N GLU KA 225 -20.94 -48.02 -6.35
CA GLU KA 225 -20.20 -49.17 -6.86
C GLU KA 225 -19.54 -49.96 -5.73
N CYS KA 226 -19.20 -49.29 -4.62
CA CYS KA 226 -18.53 -49.98 -3.53
C CYS KA 226 -19.48 -50.92 -2.78
N LEU KA 227 -20.68 -50.43 -2.45
CA LEU KA 227 -21.67 -51.28 -1.81
C LEU KA 227 -21.99 -52.51 -2.64
N ASP KA 228 -21.92 -52.38 -3.97
CA ASP KA 228 -22.17 -53.53 -4.84
C ASP KA 228 -21.05 -54.56 -4.72
N ARG KA 229 -19.80 -54.13 -4.85
CA ARG KA 229 -18.67 -55.05 -4.76
C ARG KA 229 -18.54 -55.65 -3.36
N CYS KA 230 -18.87 -54.88 -2.33
CA CYS KA 230 -18.77 -55.39 -0.97
C CYS KA 230 -19.86 -56.40 -0.68
N LYS KA 231 -21.08 -56.17 -1.20
CA LYS KA 231 -22.15 -57.14 -1.00
C LYS KA 231 -21.85 -58.46 -1.69
N GLU KA 232 -21.10 -58.44 -2.79
CA GLU KA 232 -20.71 -59.68 -3.45
C GLU KA 232 -19.82 -60.52 -2.55
N GLN KA 233 -18.80 -59.89 -1.94
CA GLN KA 233 -17.96 -60.60 -1.00
C GLN KA 233 -18.74 -61.04 0.22
N TYR KA 234 -19.72 -60.24 0.65
CA TYR KA 234 -20.55 -60.61 1.80
C TYR KA 234 -21.29 -61.92 1.53
N ASN KA 235 -21.97 -62.01 0.38
CA ASN KA 235 -22.69 -63.22 0.04
C ASN KA 235 -21.75 -64.41 -0.10
N ARG KA 236 -20.60 -64.19 -0.75
CA ARG KA 236 -19.61 -65.26 -0.90
C ARG KA 236 -19.14 -65.76 0.45
N TYR KA 237 -18.76 -64.84 1.34
CA TYR KA 237 -18.30 -65.23 2.67
C TYR KA 237 -19.43 -65.82 3.51
N ARG KA 238 -20.65 -65.28 3.38
CA ARG KA 238 -21.76 -65.78 4.17
C ARG KA 238 -22.13 -67.21 3.76
N ASP KA 239 -22.13 -67.49 2.46
CA ASP KA 239 -22.39 -68.87 2.01
C ASP KA 239 -21.34 -69.83 2.54
N LEU KA 240 -20.07 -69.47 2.43
CA LEU KA 240 -19.00 -70.31 2.96
C LEU KA 240 -19.11 -70.45 4.48
N MET KA 241 -19.51 -69.38 5.17
CA MET KA 241 -19.63 -69.43 6.62
C MET KA 241 -20.72 -70.40 7.05
N ILE KA 242 -21.90 -70.31 6.43
CA ILE KA 242 -22.98 -71.23 6.74
C ILE KA 242 -22.59 -72.66 6.35
N SER KA 243 -21.96 -72.82 5.19
CA SER KA 243 -21.52 -74.14 4.76
C SER KA 243 -20.47 -74.71 5.70
N CYS KA 244 -19.69 -73.85 6.36
CA CYS KA 244 -18.70 -74.32 7.32
C CYS KA 244 -19.36 -74.86 8.58
N LEU KA 245 -20.33 -74.14 9.12
CA LEU KA 245 -20.96 -74.54 10.37
C LEU KA 245 -21.79 -75.81 10.22
N MET KA 246 -22.29 -76.09 9.02
CA MET KA 246 -23.09 -77.29 8.82
C MET KA 246 -22.21 -78.52 8.63
N ASN KA 247 -21.26 -78.46 7.70
CA ASN KA 247 -20.39 -79.59 7.41
C ASN KA 247 -19.22 -79.64 8.39
N SER LA 6 13.39 -84.44 78.97
CA SER LA 6 13.42 -83.28 78.10
C SER LA 6 14.62 -83.33 77.15
N THR LA 7 14.39 -83.74 75.91
CA THR LA 7 15.43 -83.83 74.89
C THR LA 7 15.14 -82.88 73.74
N PHE LA 8 16.20 -82.46 73.07
CA PHE LA 8 16.08 -81.61 71.89
C PHE LA 8 15.69 -82.44 70.68
N ILE LA 9 14.75 -81.93 69.89
CA ILE LA 9 14.19 -82.66 68.77
C ILE LA 9 14.09 -81.73 67.57
N PHE LA 10 14.36 -82.27 66.38
CA PHE LA 10 14.23 -81.58 65.11
C PHE LA 10 13.07 -82.15 64.30
N PRO LA 11 12.49 -81.36 63.39
CA PRO LA 11 11.39 -81.89 62.57
C PRO LA 11 11.85 -83.03 61.68
N GLY LA 12 11.02 -84.06 61.62
CA GLY LA 12 11.34 -85.27 60.88
C GLY LA 12 12.12 -86.32 61.64
N ASP LA 13 12.48 -86.03 62.89
CA ASP LA 13 13.22 -87.01 63.69
C ASP LA 13 12.28 -88.09 64.21
N SER LA 14 12.86 -89.21 64.62
CA SER LA 14 12.08 -90.33 65.14
C SER LA 14 11.53 -89.98 66.52
N PHE LA 15 10.23 -90.20 66.69
CA PHE LA 15 9.57 -89.83 67.95
C PHE LA 15 9.84 -90.89 69.00
N PRO LA 16 10.37 -90.53 70.17
CA PRO LA 16 10.79 -91.56 71.14
C PRO LA 16 9.64 -92.34 71.74
N VAL LA 17 8.50 -91.70 72.01
CA VAL LA 17 7.41 -92.36 72.70
C VAL LA 17 6.83 -93.47 71.85
N ASP LA 18 6.47 -94.62 72.50
CA ASP LA 18 5.90 -95.85 71.96
C ASP LA 18 4.38 -95.74 71.88
N PRO LA 19 3.78 -96.30 70.82
CA PRO LA 19 2.32 -96.24 70.70
C PRO LA 19 1.56 -96.99 71.77
N THR LA 20 2.21 -97.93 72.48
CA THR LA 20 1.54 -98.68 73.52
C THR LA 20 1.14 -97.82 74.72
N THR LA 21 1.74 -96.63 74.87
CA THR LA 21 1.41 -95.73 75.97
C THR LA 21 0.39 -94.70 75.54
N PRO LA 22 -0.70 -94.51 76.29
CA PRO LA 22 -1.65 -93.45 75.94
C PRO LA 22 -1.05 -92.07 76.20
N VAL LA 23 -1.10 -91.22 75.17
CA VAL LA 23 -0.45 -89.91 75.23
C VAL LA 23 -1.41 -88.83 74.74
N LYS LA 24 -1.40 -87.69 75.43
CA LYS LA 24 -2.10 -86.48 74.99
C LYS LA 24 -1.08 -85.56 74.31
N LEU LA 25 -1.35 -85.21 73.05
CA LEU LA 25 -0.39 -84.48 72.24
C LEU LA 25 -0.54 -82.98 72.44
N GLY LA 26 0.58 -82.30 72.68
CA GLY LA 26 0.60 -80.87 72.84
C GLY LA 26 1.21 -80.16 71.65
N PRO LA 27 1.68 -78.93 71.88
CA PRO LA 27 2.32 -78.17 70.79
C PRO LA 27 3.60 -78.82 70.30
N GLY LA 28 3.82 -78.77 68.99
CA GLY LA 28 5.02 -79.27 68.37
C GLY LA 28 4.91 -80.65 67.75
N ILE LA 29 3.97 -81.47 68.23
CA ILE LA 29 3.81 -82.83 67.75
C ILE LA 29 2.64 -82.87 66.79
N TYR LA 30 2.80 -83.59 65.67
CA TYR LA 30 1.80 -83.67 64.63
C TYR LA 30 1.49 -85.14 64.34
N CYS LA 31 0.21 -85.43 64.12
CA CYS LA 31 -0.25 -86.77 63.79
C CYS LA 31 -0.64 -86.79 62.31
N ASP LA 32 0.07 -87.58 61.53
CA ASP LA 32 -0.14 -87.62 60.09
C ASP LA 32 -1.55 -88.12 59.78
N PRO LA 33 -2.36 -87.38 59.04
CA PRO LA 33 -3.68 -87.91 58.65
C PRO LA 33 -3.60 -89.09 57.71
N ASN LA 34 -2.50 -89.20 56.94
CA ASN LA 34 -2.33 -90.29 55.99
C ASN LA 34 -1.64 -91.49 56.63
N THR LA 35 -0.46 -91.28 57.22
CA THR LA 35 0.34 -92.37 57.75
C THR LA 35 0.06 -92.67 59.22
N GLN LA 36 -0.69 -91.80 59.91
CA GLN LA 36 -1.02 -91.96 61.33
C GLN LA 36 0.20 -92.05 62.22
N GLU LA 37 1.36 -91.61 61.74
CA GLU LA 37 2.58 -91.58 62.54
C GLU LA 37 2.65 -90.27 63.31
N ILE LA 38 3.07 -90.35 64.57
CA ILE LA 38 3.23 -89.18 65.41
C ILE LA 38 4.68 -88.71 65.24
N ARG LA 39 4.85 -87.53 64.67
CA ARG LA 39 6.17 -87.01 64.33
C ARG LA 39 6.23 -85.53 64.70
N PRO LA 40 7.43 -85.02 64.99
CA PRO LA 40 7.57 -83.60 65.32
C PRO LA 40 7.62 -82.73 64.08
N VAL LA 41 7.16 -81.48 64.26
CA VAL LA 41 7.15 -80.51 63.17
C VAL LA 41 7.84 -79.23 63.62
N ASN LA 42 8.15 -79.13 64.91
CA ASN LA 42 8.82 -77.96 65.46
C ASN LA 42 10.13 -78.39 66.10
N THR LA 43 11.10 -77.48 66.07
CA THR LA 43 12.43 -77.74 66.60
C THR LA 43 12.56 -77.11 67.99
N GLY LA 44 12.88 -77.94 68.98
CA GLY LA 44 13.04 -77.43 70.34
C GLY LA 44 13.25 -78.58 71.31
N VAL LA 45 12.83 -78.36 72.54
CA VAL LA 45 12.98 -79.34 73.61
C VAL LA 45 11.66 -80.08 73.79
N LEU LA 46 11.72 -81.40 73.67
CA LEU LA 46 10.54 -82.27 73.81
C LEU LA 46 10.38 -82.67 75.27
N HIS LA 47 9.28 -82.24 75.89
CA HIS LA 47 8.99 -82.58 77.28
C HIS LA 47 7.95 -83.67 77.34
N VAL LA 48 8.19 -84.68 78.18
CA VAL LA 48 7.29 -85.83 78.32
C VAL LA 48 7.01 -86.03 79.80
N SER LA 49 5.74 -86.25 80.14
CA SER LA 49 5.32 -86.43 81.53
C SER LA 49 5.70 -87.85 81.99
N ALA LA 50 5.23 -88.22 83.18
CA ALA LA 50 5.59 -89.50 83.80
C ALA LA 50 4.41 -90.46 83.82
N LYS LA 51 3.37 -90.16 84.59
CA LYS LA 51 2.24 -91.07 84.70
C LYS LA 51 0.94 -90.41 84.25
N VAL LA 56 -1.61 -91.50 80.05
CA VAL LA 56 -1.78 -90.29 80.84
C VAL LA 56 -0.58 -89.38 80.69
N GLN LA 57 0.38 -89.80 79.85
CA GLN LA 57 1.59 -89.05 79.63
C GLN LA 57 1.34 -87.88 78.67
N THR LA 58 1.71 -86.68 79.10
CA THR LA 58 1.57 -85.48 78.29
C THR LA 58 2.92 -85.13 77.66
N ALA LA 59 2.97 -85.08 76.34
CA ALA LA 59 4.19 -84.78 75.61
C ALA LA 59 3.98 -83.56 74.73
N TYR LA 60 4.99 -82.69 74.68
CA TYR LA 60 4.95 -81.50 73.84
C TYR LA 60 6.38 -81.03 73.59
N ILE LA 61 6.51 -80.07 72.68
CA ILE LA 61 7.81 -79.48 72.33
C ILE LA 61 7.76 -77.99 72.60
N ASP LA 62 8.72 -77.50 73.38
CA ASP LA 62 8.87 -76.07 73.63
C ASP LA 62 9.75 -75.49 72.53
N TYR LA 63 9.16 -74.65 71.68
CA TYR LA 63 9.87 -74.08 70.55
C TYR LA 63 9.69 -72.56 70.54
N SER LA 64 10.69 -71.87 69.99
CA SER LA 64 10.70 -70.41 69.98
C SER LA 64 9.84 -69.88 68.85
N SER LA 65 9.01 -68.89 69.16
CA SER LA 65 8.15 -68.26 68.16
C SER LA 65 7.74 -66.88 68.65
N LYS LA 66 7.48 -65.99 67.69
CA LYS LA 66 6.98 -64.65 67.99
C LYS LA 66 5.58 -64.38 67.47
N ARG LA 67 5.10 -65.14 66.49
CA ARG LA 67 3.77 -64.97 65.95
C ARG LA 67 2.79 -65.85 66.71
N TYR LA 68 1.80 -65.23 67.34
CA TYR LA 68 0.85 -65.97 68.16
C TYR LA 68 -0.20 -66.66 67.30
N ILE LA 69 -0.60 -67.85 67.73
CA ILE LA 69 -1.67 -68.62 67.10
C ILE LA 69 -2.75 -68.85 68.16
N PRO LA 70 -3.99 -68.44 67.92
CA PRO LA 70 -5.02 -68.55 68.98
C PRO LA 70 -5.30 -70.00 69.34
N SER LA 71 -5.19 -70.29 70.64
CA SER LA 71 -5.55 -71.59 71.18
C SER LA 71 -6.43 -71.39 72.42
N VAL LA 72 -7.31 -72.36 72.66
CA VAL LA 72 -8.28 -72.23 73.74
C VAL LA 72 -7.58 -72.20 75.09
N ASN LA 73 -8.21 -71.54 76.06
CA ASN LA 73 -7.70 -71.40 77.43
C ASN LA 73 -6.37 -70.66 77.49
N ASP LA 74 -6.19 -69.68 76.61
CA ASP LA 74 -5.04 -68.80 76.62
C ASP LA 74 -5.48 -67.38 76.98
N PHE LA 75 -4.71 -66.73 77.84
CA PHE LA 75 -4.97 -65.33 78.20
C PHE LA 75 -4.27 -64.43 77.20
N VAL LA 76 -5.03 -63.53 76.56
CA VAL LA 76 -4.52 -62.70 75.50
C VAL LA 76 -5.00 -61.26 75.68
N ILE LA 77 -4.21 -60.32 75.17
CA ILE LA 77 -4.56 -58.90 75.16
C ILE LA 77 -4.78 -58.47 73.72
N GLY LA 78 -5.96 -57.92 73.43
CA GLY LA 78 -6.29 -57.46 72.10
C GLY LA 78 -6.64 -55.98 72.07
N VAL LA 79 -6.86 -55.49 70.86
CA VAL LA 79 -7.23 -54.09 70.63
C VAL LA 79 -8.41 -54.06 69.67
N ILE LA 80 -9.47 -53.36 70.07
CA ILE LA 80 -10.67 -53.25 69.25
C ILE LA 80 -10.37 -52.43 68.00
N ILE LA 81 -10.62 -53.02 66.83
CA ILE LA 81 -10.38 -52.36 65.55
C ILE LA 81 -11.64 -52.17 64.73
N GLY LA 82 -12.79 -52.66 65.21
CA GLY LA 82 -14.02 -52.51 64.46
C GLY LA 82 -15.25 -53.02 65.18
N THR LA 83 -16.38 -52.35 65.01
CA THR LA 83 -17.63 -52.70 65.65
C THR LA 83 -18.60 -53.21 64.60
N PHE LA 84 -19.11 -54.42 64.79
CA PHE LA 84 -20.01 -55.05 63.85
C PHE LA 84 -21.42 -55.15 64.45
N SER LA 85 -22.25 -56.03 63.89
CA SER LA 85 -23.63 -56.15 64.33
C SER LA 85 -23.72 -56.71 65.74
N ASP LA 86 -23.13 -57.88 65.96
CA ASP LA 86 -23.25 -58.58 67.23
C ASP LA 86 -21.93 -58.80 67.95
N SER LA 87 -20.80 -58.41 67.36
CA SER LA 87 -19.51 -58.72 67.94
C SER LA 87 -18.53 -57.57 67.68
N TYR LA 88 -17.35 -57.69 68.28
CA TYR LA 88 -16.24 -56.77 68.06
C TYR LA 88 -15.18 -57.46 67.20
N LYS LA 89 -14.59 -56.71 66.28
CA LYS LA 89 -13.41 -57.18 65.57
C LYS LA 89 -12.18 -56.77 66.34
N VAL LA 90 -11.44 -57.76 66.84
CA VAL LA 90 -10.28 -57.52 67.69
C VAL LA 90 -9.03 -58.05 67.00
N SER LA 91 -7.92 -57.37 67.24
CA SER LA 91 -6.61 -57.77 66.71
C SER LA 91 -5.72 -58.13 67.89
N LEU LA 92 -5.24 -59.38 67.90
CA LEU LA 92 -4.31 -59.84 68.93
C LEU LA 92 -2.86 -59.61 68.54
N GLN LA 93 -2.58 -59.33 67.27
CA GLN LA 93 -1.24 -59.08 66.77
C GLN LA 93 -1.35 -58.45 65.39
N ASN LA 94 -0.40 -57.57 65.08
CA ASN LA 94 -0.42 -56.90 63.79
C ASN LA 94 -0.23 -57.90 62.65
N PHE LA 95 -0.95 -57.67 61.56
CA PHE LA 95 -0.89 -58.46 60.32
C PHE LA 95 -1.54 -59.83 60.48
N SER LA 96 -1.85 -60.23 61.70
CA SER LA 96 -2.51 -61.51 61.92
C SER LA 96 -4.00 -61.38 61.60
N SER LA 97 -4.67 -62.53 61.50
CA SER LA 97 -6.09 -62.53 61.20
C SER LA 97 -6.88 -62.03 62.42
N SER LA 98 -8.00 -61.36 62.13
CA SER LA 98 -8.77 -60.72 63.18
C SER LA 98 -9.48 -61.75 64.05
N VAL LA 99 -9.94 -61.30 65.21
CA VAL LA 99 -10.60 -62.16 66.20
C VAL LA 99 -11.93 -61.53 66.56
N SER LA 100 -12.92 -62.37 66.83
CA SER LA 100 -14.29 -61.94 67.13
C SER LA 100 -14.52 -61.92 68.63
N LEU LA 101 -15.12 -60.84 69.12
CA LEU LA 101 -15.49 -60.70 70.52
C LEU LA 101 -16.97 -60.36 70.60
N SER LA 102 -17.79 -61.32 71.00
CA SER LA 102 -19.24 -61.14 71.02
C SER LA 102 -19.65 -60.16 72.12
N TYR LA 103 -20.73 -59.42 71.86
CA TYR LA 103 -21.26 -58.50 72.85
C TYR LA 103 -21.79 -59.22 74.08
N MET LA 104 -22.30 -60.44 73.92
CA MET LA 104 -22.80 -61.23 75.04
C MET LA 104 -21.68 -61.89 75.85
N ALA LA 105 -20.42 -61.70 75.47
CA ALA LA 105 -19.30 -62.33 76.16
C ALA LA 105 -18.74 -61.41 77.26
N PHE LA 106 -19.61 -60.93 78.13
CA PHE LA 106 -19.24 -60.04 79.22
C PHE LA 106 -20.00 -60.47 80.47
N PRO LA 107 -19.49 -60.14 81.66
CA PRO LA 107 -20.22 -60.46 82.89
C PRO LA 107 -21.50 -59.63 83.00
N ASN LA 108 -22.56 -60.29 83.45
CA ASN LA 108 -23.89 -59.66 83.57
C ASN LA 108 -24.33 -59.09 82.23
N ALA LA 109 -24.18 -59.87 81.17
CA ALA LA 109 -24.53 -59.43 79.83
C ALA LA 109 -26.03 -59.62 79.59
N SER LA 110 -26.62 -58.67 78.87
CA SER LA 110 -28.04 -58.72 78.56
C SER LA 110 -28.27 -58.16 77.16
N LYS LA 111 -29.42 -58.51 76.59
CA LYS LA 111 -29.81 -57.96 75.29
C LYS LA 111 -30.19 -56.49 75.38
N LYS LA 112 -30.32 -55.94 76.59
CA LYS LA 112 -30.62 -54.53 76.79
C LYS LA 112 -29.39 -53.66 76.96
N ASN LA 113 -28.30 -54.20 77.51
CA ASN LA 113 -27.08 -53.42 77.75
C ASN LA 113 -25.95 -54.02 76.91
N ARG LA 114 -25.47 -53.25 75.93
CA ARG LA 114 -24.32 -53.56 75.08
C ARG LA 114 -23.05 -52.98 75.70
N PRO LA 115 -21.89 -53.59 75.47
CA PRO LA 115 -20.66 -53.05 76.08
C PRO LA 115 -20.32 -51.68 75.55
N THR LA 116 -19.61 -50.91 76.38
CA THR LA 116 -19.30 -49.52 76.09
C THR LA 116 -17.95 -49.32 75.42
N LEU LA 117 -17.32 -50.40 74.96
CA LEU LA 117 -16.01 -50.30 74.35
C LEU LA 117 -16.08 -49.59 73.01
N GLN LA 118 -15.07 -48.78 72.72
CA GLN LA 118 -14.93 -48.08 71.46
C GLN LA 118 -13.70 -48.56 70.72
N VAL LA 119 -13.60 -48.20 69.44
CA VAL LA 119 -12.48 -48.64 68.63
C VAL LA 119 -11.18 -48.07 69.19
N GLY LA 120 -10.20 -48.94 69.42
CA GLY LA 120 -8.92 -48.55 69.95
C GLY LA 120 -8.68 -48.91 71.40
N ASP LA 121 -9.67 -49.49 72.08
CA ASP LA 121 -9.51 -49.82 73.49
C ASP LA 121 -8.78 -51.16 73.64
N LEU LA 122 -7.96 -51.25 74.68
CA LEU LA 122 -7.22 -52.47 75.00
C LEU LA 122 -8.09 -53.38 75.86
N VAL LA 123 -8.22 -54.64 75.46
CA VAL LA 123 -9.10 -55.60 76.12
C VAL LA 123 -8.30 -56.84 76.51
N TYR LA 124 -8.50 -57.29 77.74
CA TYR LA 124 -7.88 -58.51 78.27
C TYR LA 124 -8.95 -59.60 78.33
N ALA LA 125 -8.71 -60.72 77.63
CA ALA LA 125 -9.75 -61.72 77.45
C ALA LA 125 -9.13 -63.12 77.39
N ARG LA 126 -9.99 -64.12 77.27
CA ARG LA 126 -9.60 -65.53 77.18
C ARG LA 126 -10.16 -66.13 75.90
N VAL LA 127 -9.37 -66.98 75.25
CA VAL LA 127 -9.79 -67.63 74.01
C VAL LA 127 -10.70 -68.79 74.33
N CYS LA 128 -11.90 -68.79 73.75
CA CYS LA 128 -12.89 -69.85 73.97
C CYS LA 128 -12.99 -70.81 72.81
N THR LA 129 -13.22 -70.31 71.60
CA THR LA 129 -13.28 -71.13 70.39
C THR LA 129 -12.16 -70.68 69.46
N ALA LA 130 -11.26 -71.60 69.14
CA ALA LA 130 -10.11 -71.33 68.26
C ALA LA 130 -10.05 -72.39 67.15
N GLU LA 131 -11.09 -72.40 66.32
CA GLU LA 131 -11.12 -73.35 65.21
C GLU LA 131 -10.14 -72.91 64.13
N LYS LA 132 -9.38 -73.87 63.61
CA LYS LA 132 -8.34 -73.55 62.63
C LYS LA 132 -8.94 -73.02 61.33
N GLU LA 133 -10.16 -73.43 60.99
CA GLU LA 133 -10.83 -73.00 59.77
C GLU LA 133 -11.88 -71.92 60.01
N LEU LA 134 -11.90 -71.33 61.21
CA LEU LA 134 -12.88 -70.33 61.58
C LEU LA 134 -12.18 -69.15 62.26
N GLU LA 135 -12.90 -68.05 62.37
CA GLU LA 135 -12.37 -66.89 63.09
C GLU LA 135 -12.33 -67.19 64.58
N ALA LA 136 -11.17 -66.96 65.19
CA ALA LA 136 -11.03 -67.17 66.62
C ALA LA 136 -11.96 -66.25 67.40
N GLU LA 137 -12.26 -66.64 68.64
CA GLU LA 137 -13.17 -65.88 69.47
C GLU LA 137 -12.64 -65.79 70.88
N ILE LA 138 -12.87 -64.65 71.52
CA ILE LA 138 -12.44 -64.38 72.89
C ILE LA 138 -13.67 -63.97 73.70
N GLU LA 139 -13.53 -64.03 75.02
CA GLU LA 139 -14.62 -63.70 75.92
C GLU LA 139 -14.09 -62.94 77.12
N CYS LA 140 -14.93 -62.03 77.63
CA CYS LA 140 -14.61 -61.20 78.78
C CYS LA 140 -15.32 -61.66 80.04
N PHE LA 141 -15.88 -62.87 80.03
CA PHE LA 141 -16.49 -63.47 81.20
C PHE LA 141 -15.75 -64.74 81.55
N ASP LA 142 -15.75 -65.09 82.83
CA ASP LA 142 -15.02 -66.28 83.26
C ASP LA 142 -15.71 -67.56 82.80
N SER LA 143 -14.92 -68.46 82.23
CA SER LA 143 -15.44 -69.74 81.76
C SER LA 143 -15.93 -70.63 82.91
N THR LA 144 -15.40 -70.42 84.11
CA THR LA 144 -15.72 -71.25 85.27
C THR LA 144 -16.69 -70.56 86.24
N THR LA 145 -17.20 -69.39 85.88
CA THR LA 145 -18.23 -68.73 86.70
C THR LA 145 -19.43 -68.36 85.84
N GLY LA 150 -10.83 -60.94 86.13
CA GLY LA 150 -9.76 -59.99 85.88
C GLY LA 150 -9.76 -59.46 84.46
N PHE LA 151 -10.78 -59.85 83.70
CA PHE LA 151 -10.91 -59.41 82.32
C PHE LA 151 -11.62 -58.05 82.26
N GLY LA 152 -11.55 -57.42 81.09
CA GLY LA 152 -12.18 -56.15 80.83
C GLY LA 152 -11.20 -55.17 80.20
N ILE LA 153 -11.62 -53.90 80.17
CA ILE LA 153 -10.82 -52.86 79.53
C ILE LA 153 -9.59 -52.56 80.37
N LEU LA 154 -8.47 -52.31 79.70
CA LEU LA 154 -7.22 -51.91 80.35
C LEU LA 154 -7.04 -50.42 80.08
N GLU LA 155 -7.45 -49.60 81.03
CA GLU LA 155 -7.42 -48.15 80.84
C GLU LA 155 -6.00 -47.63 80.92
N ASP LA 156 -5.61 -46.82 79.94
CA ASP LA 156 -4.30 -46.15 79.89
C ASP LA 156 -3.21 -47.22 79.94
N GLY LA 157 -2.07 -46.89 80.52
CA GLY LA 157 -0.95 -47.82 80.58
C GLY LA 157 -0.18 -47.89 79.28
N MET LA 158 0.74 -48.85 79.23
CA MET LA 158 1.56 -49.08 78.06
C MET LA 158 1.64 -50.57 77.78
N ILE LA 159 1.57 -50.93 76.49
CA ILE LA 159 1.65 -52.33 76.05
C ILE LA 159 3.07 -52.59 75.57
N ILE LA 160 3.56 -53.81 75.82
CA ILE LA 160 4.95 -54.17 75.52
C ILE LA 160 4.94 -55.39 74.61
N ASP LA 161 5.76 -55.36 73.57
CA ASP LA 161 5.91 -56.48 72.65
C ASP LA 161 6.97 -57.44 73.18
N VAL LA 162 6.64 -58.73 73.19
CA VAL LA 162 7.45 -59.76 73.84
C VAL LA 162 7.25 -61.07 73.08
N ASN LA 163 8.31 -61.88 73.02
CA ASN LA 163 8.20 -63.18 72.37
C ASN LA 163 7.36 -64.14 73.20
N LEU LA 164 6.76 -65.12 72.52
CA LEU LA 164 5.77 -65.97 73.16
C LEU LA 164 6.34 -66.83 74.29
N ASN LA 165 7.61 -67.23 74.18
CA ASN LA 165 8.21 -68.03 75.25
C ASN LA 165 8.42 -67.21 76.51
N PHE LA 166 8.81 -65.94 76.36
CA PHE LA 166 8.95 -65.05 77.49
C PHE LA 166 7.59 -64.78 78.15
N ALA LA 167 6.52 -64.73 77.35
CA ALA LA 167 5.20 -64.49 77.89
C ALA LA 167 4.65 -65.70 78.64
N ARG LA 168 4.88 -66.91 78.11
CA ARG LA 168 4.44 -68.11 78.82
C ARG LA 168 5.23 -68.31 80.11
N GLN LA 169 6.52 -68.00 80.10
CA GLN LA 169 7.33 -68.13 81.31
C GLN LA 169 6.92 -67.10 82.36
N LEU LA 170 6.43 -65.94 81.94
CA LEU LA 170 6.04 -64.90 82.89
C LEU LA 170 4.69 -65.19 83.54
N LEU LA 171 3.83 -65.95 82.87
CA LEU LA 171 2.49 -66.20 83.39
C LEU LA 171 2.41 -67.46 84.24
N PHE LA 172 3.12 -68.51 83.85
CA PHE LA 172 2.98 -69.81 84.52
C PHE LA 172 4.11 -70.12 85.48
N ASN LA 173 5.33 -69.69 85.21
CA ASN LA 173 6.46 -69.94 86.09
C ASN LA 173 6.49 -68.85 87.16
N ASN LA 174 6.18 -69.22 88.40
CA ASN LA 174 6.23 -68.27 89.51
C ASN LA 174 7.66 -68.00 89.98
N ASP LA 175 8.63 -68.78 89.52
CA ASP LA 175 10.03 -68.53 89.83
C ASP LA 175 10.67 -67.55 88.85
N PHE LA 176 9.89 -66.95 87.97
CA PHE LA 176 10.42 -65.97 87.03
C PHE LA 176 10.67 -64.65 87.76
N PRO LA 177 11.92 -64.19 87.87
CA PRO LA 177 12.22 -63.06 88.77
C PRO LA 177 11.74 -61.70 88.26
N LEU LA 178 11.22 -61.62 87.04
CA LEU LA 178 10.87 -60.32 86.47
C LEU LA 178 9.82 -59.60 87.32
N LEU LA 179 8.77 -60.32 87.72
CA LEU LA 179 7.71 -59.71 88.51
C LEU LA 179 8.17 -59.33 89.91
N LYS LA 180 9.18 -60.03 90.44
CA LYS LA 180 9.65 -59.72 91.79
C LYS LA 180 10.56 -58.49 91.80
N VAL LA 181 11.50 -58.41 90.86
CA VAL LA 181 12.40 -57.27 90.81
C VAL LA 181 11.66 -55.99 90.42
N LEU LA 182 10.52 -56.11 89.75
CA LEU LA 182 9.74 -54.92 89.40
C LEU LA 182 8.93 -54.42 90.59
N ALA LA 183 8.36 -55.34 91.38
CA ALA LA 183 7.63 -54.94 92.57
C ALA LA 183 8.55 -54.32 93.61
N ALA LA 184 9.82 -54.72 93.62
CA ALA LA 184 10.79 -54.18 94.56
C ALA LA 184 11.18 -52.75 94.25
N HIS LA 185 10.83 -52.24 93.06
CA HIS LA 185 11.13 -50.87 92.67
C HIS LA 185 9.92 -49.96 92.74
N THR LA 186 8.78 -50.41 92.20
CA THR LA 186 7.58 -49.59 92.16
C THR LA 186 6.36 -50.47 92.35
N LYS LA 187 5.25 -49.83 92.70
CA LYS LA 187 3.94 -50.48 92.71
C LYS LA 187 3.35 -50.38 91.31
N PHE LA 188 3.02 -51.51 90.70
CA PHE LA 188 2.62 -51.53 89.31
C PHE LA 188 1.51 -52.56 89.09
N GLU LA 189 0.66 -52.27 88.12
CA GLU LA 189 -0.38 -53.19 87.68
C GLU LA 189 0.02 -53.80 86.34
N VAL LA 190 0.04 -55.13 86.29
CA VAL LA 190 0.51 -55.85 85.11
C VAL LA 190 -0.58 -56.82 84.65
N ALA LA 191 -0.77 -56.90 83.33
CA ALA LA 191 -1.65 -57.89 82.72
C ALA LA 191 -0.82 -58.66 81.71
N ILE LA 192 -0.73 -59.98 81.88
CA ILE LA 192 0.14 -60.83 81.07
C ILE LA 192 -0.72 -61.54 80.03
N GLY LA 193 -0.38 -61.35 78.76
CA GLY LA 193 -1.05 -62.02 77.65
C GLY LA 193 -0.13 -63.04 77.03
N LEU LA 194 -0.68 -64.21 76.71
CA LEU LA 194 0.08 -65.29 76.09
C LEU LA 194 0.27 -65.09 74.59
N ASN LA 195 -0.04 -63.90 74.06
CA ASN LA 195 0.15 -63.58 72.66
C ASN LA 195 1.30 -62.60 72.46
N GLY LA 196 2.13 -62.41 73.48
CA GLY LA 196 3.28 -61.54 73.39
C GLY LA 196 3.05 -60.10 73.77
N LYS LA 197 1.90 -59.77 74.37
CA LYS LA 197 1.58 -58.41 74.77
C LYS LA 197 1.46 -58.38 76.28
N ILE LA 198 2.27 -57.53 76.91
CA ILE LA 198 2.25 -57.34 78.36
C ILE LA 198 1.92 -55.89 78.67
N TRP LA 199 0.87 -55.67 79.44
CA TRP LA 199 0.37 -54.34 79.76
C TRP LA 199 0.81 -53.94 81.16
N VAL LA 200 1.37 -52.73 81.28
CA VAL LA 200 1.90 -52.22 82.54
C VAL LA 200 1.34 -50.82 82.78
N LYS LA 201 0.98 -50.53 84.03
CA LYS LA 201 0.51 -49.22 84.41
C LYS LA 201 0.93 -48.91 85.84
N CYS LA 202 1.49 -47.73 86.06
CA CYS LA 202 1.92 -47.27 87.37
C CYS LA 202 1.18 -45.98 87.72
N GLU LA 203 1.51 -45.43 88.89
CA GLU LA 203 0.91 -44.17 89.32
C GLU LA 203 1.50 -42.99 88.53
N GLU LA 204 2.80 -43.00 88.30
CA GLU LA 204 3.48 -41.94 87.57
C GLU LA 204 3.98 -42.47 86.22
N LEU LA 205 4.06 -41.57 85.24
CA LEU LA 205 4.55 -41.95 83.92
C LEU LA 205 6.01 -42.36 83.96
N SER LA 206 6.79 -41.78 84.87
CA SER LA 206 8.20 -42.14 84.97
C SER LA 206 8.40 -43.58 85.41
N ASN LA 207 7.47 -44.12 86.20
CA ASN LA 207 7.56 -45.52 86.60
C ASN LA 207 7.09 -46.47 85.50
N THR LA 208 5.99 -46.14 84.83
CA THR LA 208 5.52 -46.98 83.73
C THR LA 208 6.57 -47.10 82.63
N LEU LA 209 7.22 -45.98 82.29
CA LEU LA 209 8.28 -46.03 81.29
C LEU LA 209 9.47 -46.85 81.76
N ALA LA 210 9.78 -46.77 83.07
CA ALA LA 210 10.88 -47.55 83.61
C ALA LA 210 10.56 -49.04 83.60
N CYS LA 211 9.28 -49.39 83.72
CA CYS LA 211 8.89 -50.79 83.60
C CYS LA 211 8.90 -51.26 82.16
N TYR LA 212 8.54 -50.37 81.22
CA TYR LA 212 8.62 -50.71 79.80
C TYR LA 212 10.05 -51.01 79.40
N ARG LA 213 11.00 -50.17 79.82
CA ARG LA 213 12.38 -50.33 79.41
C ARG LA 213 12.99 -51.59 80.01
N THR LA 214 12.61 -51.93 81.24
CA THR LA 214 13.17 -53.12 81.89
C THR LA 214 12.61 -54.39 81.26
N ILE LA 215 11.32 -54.43 80.97
CA ILE LA 215 10.73 -55.60 80.33
C ILE LA 215 11.26 -55.76 78.91
N MET LA 216 11.50 -54.66 78.21
CA MET LA 216 12.06 -54.73 76.87
C MET LA 216 13.47 -55.33 76.89
N GLU LA 217 14.31 -54.87 77.82
CA GLU LA 217 15.68 -55.36 77.86
C GLU LA 217 15.77 -56.77 78.40
N CYS LA 218 14.93 -57.12 79.38
CA CYS LA 218 14.94 -58.48 79.90
C CYS LA 218 14.43 -59.49 78.87
N CYS LA 219 13.53 -59.07 77.99
CA CYS LA 219 13.05 -59.95 76.93
C CYS LA 219 14.14 -60.27 75.92
N GLN LA 220 15.09 -59.36 75.73
CA GLN LA 220 16.14 -59.52 74.73
C GLN LA 220 17.27 -60.44 75.21
N LYS LA 221 17.49 -60.56 76.51
CA LYS LA 221 18.65 -61.30 77.01
C LYS LA 221 18.40 -62.79 77.18
N ASN LA 222 17.16 -63.20 77.47
CA ASN LA 222 16.81 -64.61 77.68
C ASN LA 222 17.53 -65.22 78.87
N ASP LA 223 18.41 -64.46 79.52
CA ASP LA 223 19.17 -64.92 80.67
C ASP LA 223 18.43 -64.45 81.92
N THR LA 224 17.93 -65.41 82.71
CA THR LA 224 17.18 -65.07 83.91
C THR LA 224 18.04 -64.36 84.95
N ALA LA 225 19.31 -64.73 85.05
CA ALA LA 225 20.20 -64.19 86.08
C ALA LA 225 20.58 -62.73 85.87
N ALA LA 226 20.05 -62.04 84.86
CA ALA LA 226 20.40 -60.65 84.61
C ALA LA 226 19.26 -59.68 84.87
N PHE LA 227 18.10 -60.16 85.32
CA PHE LA 227 16.94 -59.29 85.49
C PHE LA 227 17.15 -58.26 86.60
N LYS LA 228 17.81 -58.65 87.69
CA LYS LA 228 17.96 -57.75 88.84
C LYS LA 228 18.88 -56.58 88.51
N ASP LA 229 19.99 -56.83 87.81
CA ASP LA 229 20.92 -55.75 87.49
C ASP LA 229 20.33 -54.79 86.46
N ILE LA 230 19.52 -55.28 85.52
CA ILE LA 230 18.92 -54.42 84.52
C ILE LA 230 17.91 -53.47 85.15
N ALA LA 231 17.07 -53.98 86.06
CA ALA LA 231 16.08 -53.14 86.72
C ALA LA 231 16.74 -52.04 87.55
N LYS LA 232 17.87 -52.35 88.18
CA LYS LA 232 18.53 -51.37 89.03
C LYS LA 232 19.05 -50.18 88.23
N ARG LA 233 19.57 -50.42 87.03
CA ARG LA 233 20.13 -49.33 86.23
C ARG LA 233 19.06 -48.52 85.52
N GLN LA 234 17.92 -49.14 85.19
CA GLN LA 234 16.88 -48.43 84.45
C GLN LA 234 16.14 -47.43 85.34
N PHE LA 235 15.73 -47.87 86.53
CA PHE LA 235 15.11 -46.94 87.48
C PHE LA 235 16.09 -45.89 87.96
N LYS LA 236 17.39 -46.19 87.93
CA LYS LA 236 18.39 -45.18 88.25
C LYS LA 236 18.51 -44.14 87.15
N GLU LA 237 18.29 -44.54 85.89
CA GLU LA 237 18.32 -43.57 84.79
C GLU LA 237 17.08 -42.71 84.78
N ILE LA 238 15.95 -43.23 85.28
CA ILE LA 238 14.74 -42.43 85.34
C ILE LA 238 14.89 -41.30 86.35
N LEU LA 239 15.62 -41.55 87.44
CA LEU LA 239 15.85 -40.54 88.46
C LEU LA 239 16.78 -39.45 87.95
N SER MA 9 -25.44 -7.73 56.61
CA SER MA 9 -24.80 -8.91 56.05
C SER MA 9 -23.35 -8.59 55.65
N GLN MA 10 -22.43 -9.46 56.07
CA GLN MA 10 -21.00 -9.24 55.92
C GLN MA 10 -20.38 -10.39 55.14
N ILE MA 11 -19.52 -10.05 54.17
CA ILE MA 11 -18.85 -11.04 53.35
C ILE MA 11 -17.50 -11.37 54.00
N VAL MA 12 -17.29 -12.65 54.28
CA VAL MA 12 -16.07 -13.12 54.91
C VAL MA 12 -15.45 -14.23 54.06
N THR MA 13 -14.14 -14.41 54.25
CA THR MA 13 -13.36 -15.42 53.55
C THR MA 13 -12.72 -16.37 54.56
N PRO MA 14 -12.27 -17.54 54.11
CA PRO MA 14 -11.64 -18.49 55.03
C PRO MA 14 -10.49 -17.88 55.81
N GLY MA 15 -10.46 -18.17 57.12
CA GLY MA 15 -9.43 -17.67 58.00
C GLY MA 15 -9.77 -16.37 58.70
N GLU MA 16 -10.77 -15.63 58.22
CA GLU MA 16 -11.11 -14.34 58.79
C GLU MA 16 -11.80 -14.50 60.14
N LEU MA 17 -11.52 -13.58 61.05
CA LEU MA 17 -12.16 -13.55 62.35
C LEU MA 17 -13.58 -13.01 62.22
N VAL MA 18 -14.54 -13.78 62.74
CA VAL MA 18 -15.94 -13.38 62.64
C VAL MA 18 -16.38 -12.62 63.89
N THR MA 19 -15.91 -13.03 65.06
CA THR MA 19 -16.18 -12.32 66.30
C THR MA 19 -15.21 -12.81 67.37
N ASP MA 20 -14.81 -11.89 68.25
CA ASP MA 20 -14.01 -12.22 69.42
C ASP MA 20 -14.88 -12.53 70.64
N ASP MA 21 -16.19 -12.41 70.50
CA ASP MA 21 -17.11 -12.68 71.59
C ASP MA 21 -17.28 -14.20 71.72
N PRO MA 22 -16.92 -14.80 72.86
CA PRO MA 22 -17.14 -16.25 73.01
C PRO MA 22 -18.56 -16.62 73.39
N ILE MA 23 -19.35 -15.67 73.90
CA ILE MA 23 -20.73 -15.94 74.26
C ILE MA 23 -21.57 -16.00 72.99
N TRP MA 24 -21.26 -16.95 72.11
CA TRP MA 24 -21.98 -17.18 70.88
C TRP MA 24 -22.06 -18.68 70.64
N MET MA 25 -23.10 -19.11 69.94
CA MET MA 25 -23.26 -20.51 69.56
C MET MA 25 -22.65 -20.71 68.18
N ARG MA 26 -21.66 -21.60 68.10
CA ARG MA 26 -20.93 -21.81 66.85
C ARG MA 26 -21.81 -22.56 65.86
N GLY MA 27 -22.02 -21.97 64.70
CA GLY MA 27 -22.83 -22.56 63.65
C GLY MA 27 -22.00 -23.22 62.58
N HIS MA 28 -22.57 -23.32 61.38
CA HIS MA 28 -21.87 -23.93 60.27
C HIS MA 28 -20.92 -22.94 59.61
N GLY MA 29 -19.91 -23.49 58.93
CA GLY MA 29 -18.91 -22.66 58.30
C GLY MA 29 -18.02 -21.90 59.26
N THR MA 30 -17.91 -22.35 60.50
CA THR MA 30 -17.12 -21.68 61.51
C THR MA 30 -16.25 -22.66 62.27
N TYR MA 31 -15.28 -22.12 62.99
CA TYR MA 31 -14.43 -22.85 63.92
C TYR MA 31 -13.81 -21.81 64.84
N PHE MA 32 -13.32 -22.24 66.00
CA PHE MA 32 -12.88 -21.26 66.97
C PHE MA 32 -11.73 -21.80 67.81
N LEU MA 33 -10.94 -20.86 68.32
CA LEU MA 33 -9.87 -21.13 69.29
C LEU MA 33 -10.02 -20.09 70.40
N ASP MA 34 -10.43 -20.55 71.57
CA ASP MA 34 -10.70 -19.68 72.73
C ASP MA 34 -11.80 -18.71 72.32
N ASN MA 35 -11.68 -17.40 72.61
CA ASN MA 35 -12.76 -16.47 72.28
C ASN MA 35 -12.88 -16.20 70.79
N MET MA 36 -11.82 -16.42 70.01
CA MET MA 36 -11.82 -16.05 68.60
C MET MA 36 -12.56 -17.11 67.79
N THR MA 37 -13.58 -16.68 67.05
CA THR MA 37 -14.36 -17.55 66.18
C THR MA 37 -14.09 -17.15 64.74
N TYR MA 38 -13.55 -18.09 63.95
CA TYR MA 38 -13.14 -17.83 62.58
C TYR MA 38 -14.12 -18.46 61.60
N SER MA 39 -13.98 -18.08 60.34
CA SER MA 39 -14.80 -18.62 59.26
C SER MA 39 -14.04 -19.68 58.49
N SER MA 40 -14.74 -20.76 58.14
CA SER MA 40 -14.14 -21.86 57.39
C SER MA 40 -14.43 -21.78 55.89
N VAL MA 41 -15.39 -20.96 55.47
CA VAL MA 41 -15.77 -20.84 54.07
C VAL MA 41 -15.80 -19.36 53.71
N ALA MA 42 -15.92 -19.10 52.41
CA ALA MA 42 -16.17 -17.76 51.90
C ALA MA 42 -17.68 -17.59 51.76
N GLY MA 43 -18.28 -16.82 52.66
CA GLY MA 43 -19.71 -16.66 52.66
C GLY MA 43 -20.15 -15.42 53.40
N THR MA 44 -21.41 -15.44 53.84
CA THR MA 44 -22.03 -14.32 54.52
C THR MA 44 -22.30 -14.67 55.98
N VAL MA 45 -22.08 -13.70 56.86
CA VAL MA 45 -22.28 -13.91 58.29
C VAL MA 45 -23.77 -13.86 58.61
N SER MA 46 -24.25 -14.87 59.35
CA SER MA 46 -25.65 -14.96 59.74
C SER MA 46 -25.73 -14.98 61.26
N ARG MA 47 -26.48 -14.04 61.83
CA ARG MA 47 -26.70 -13.94 63.27
C ARG MA 47 -28.17 -14.24 63.55
N VAL MA 48 -28.45 -15.39 64.14
CA VAL MA 48 -29.81 -15.81 64.46
C VAL MA 48 -29.86 -16.18 65.93
N ASN MA 49 -30.65 -15.45 66.72
CA ASN MA 49 -30.73 -15.62 68.16
C ASN MA 49 -29.34 -15.51 68.79
N ARG MA 50 -28.72 -16.66 69.10
CA ARG MA 50 -27.37 -16.69 69.62
C ARG MA 50 -26.46 -17.55 68.77
N LEU MA 51 -26.87 -17.88 67.54
CA LEU MA 51 -26.14 -18.80 66.67
C LEU MA 51 -25.45 -18.00 65.57
N LEU MA 52 -24.15 -17.74 65.75
CA LEU MA 52 -23.36 -17.12 64.71
C LEU MA 52 -22.90 -18.17 63.71
N SER MA 53 -23.20 -17.96 62.44
CA SER MA 53 -22.84 -18.91 61.40
C SER MA 53 -22.52 -18.16 60.12
N VAL MA 54 -21.85 -18.86 59.21
CA VAL MA 54 -21.47 -18.33 57.91
C VAL MA 54 -22.17 -19.15 56.84
N ILE MA 55 -23.02 -18.49 56.05
CA ILE MA 55 -23.73 -19.15 54.95
C ILE MA 55 -22.82 -19.13 53.73
N PRO MA 56 -22.32 -20.27 53.27
CA PRO MA 56 -21.39 -20.27 52.14
C PRO MA 56 -22.06 -19.78 50.86
N LEU MA 57 -21.26 -19.14 50.01
CA LEU MA 57 -21.75 -18.67 48.73
C LEU MA 57 -21.92 -19.80 47.73
N LYS MA 58 -21.16 -20.88 47.90
CA LYS MA 58 -21.29 -22.07 47.06
C LYS MA 58 -21.36 -23.31 47.95
N GLY MA 59 -21.70 -24.42 47.34
CA GLY MA 59 -21.82 -25.69 48.03
C GLY MA 59 -22.98 -26.49 47.47
N ARG MA 60 -22.88 -27.81 47.58
CA ARG MA 60 -23.93 -28.68 47.07
C ARG MA 60 -25.21 -28.52 47.89
N TYR MA 61 -26.29 -29.08 47.35
CA TYR MA 61 -27.57 -29.05 48.04
C TYR MA 61 -27.48 -29.79 49.37
N ALA MA 62 -27.86 -29.10 50.45
CA ALA MA 62 -27.89 -29.69 51.76
C ALA MA 62 -29.33 -30.05 52.10
N PRO MA 63 -29.67 -31.31 52.30
CA PRO MA 63 -31.08 -31.67 52.50
C PRO MA 63 -31.57 -31.30 53.88
N GLU MA 64 -32.84 -30.89 53.94
CA GLU MA 64 -33.52 -30.60 55.18
C GLU MA 64 -34.81 -31.41 55.24
N THR MA 65 -35.26 -31.69 56.47
CA THR MA 65 -36.46 -32.47 56.66
C THR MA 65 -37.66 -31.76 56.05
N GLY MA 66 -38.38 -32.45 55.17
CA GLY MA 66 -39.53 -31.90 54.49
C GLY MA 66 -39.29 -31.54 53.04
N ASP MA 67 -38.05 -31.59 52.57
CA ASP MA 67 -37.75 -31.22 51.19
C ASP MA 67 -38.35 -32.21 50.21
N HIS MA 68 -38.93 -31.68 49.15
CA HIS MA 68 -39.47 -32.49 48.06
C HIS MA 68 -38.40 -32.63 46.99
N VAL MA 69 -37.86 -33.83 46.85
CA VAL MA 69 -36.69 -34.05 46.00
C VAL MA 69 -37.02 -35.03 44.88
N VAL MA 70 -36.26 -34.91 43.80
CA VAL MA 70 -36.28 -35.87 42.69
C VAL MA 70 -34.90 -36.51 42.62
N GLY MA 71 -34.86 -37.84 42.56
CA GLY MA 71 -33.60 -38.55 42.65
C GLY MA 71 -33.54 -39.72 41.69
N ARG MA 72 -32.30 -40.14 41.42
CA ARG MA 72 -32.01 -41.28 40.57
C ARG MA 72 -31.47 -42.41 41.43
N ILE MA 73 -32.03 -43.61 41.24
CA ILE MA 73 -31.56 -44.78 41.99
C ILE MA 73 -30.13 -45.09 41.59
N ALA MA 74 -29.23 -45.13 42.58
CA ALA MA 74 -27.81 -45.36 42.32
C ALA MA 74 -27.39 -46.81 42.56
N GLU MA 75 -27.85 -47.44 43.63
CA GLU MA 75 -27.53 -48.83 43.89
C GLU MA 75 -28.64 -49.48 44.71
N VAL MA 76 -28.68 -50.80 44.65
CA VAL MA 76 -29.68 -51.61 45.35
C VAL MA 76 -28.96 -52.42 46.41
N GLY MA 77 -29.32 -52.20 47.67
CA GLY MA 77 -28.60 -52.80 48.78
C GLY MA 77 -29.52 -53.51 49.75
N ASN MA 78 -28.94 -54.49 50.45
CA ASN MA 78 -29.54 -55.30 51.51
C ASN MA 78 -31.05 -55.18 51.64
N LYS MA 79 -31.52 -54.08 52.23
CA LYS MA 79 -32.94 -53.79 52.37
C LYS MA 79 -33.21 -52.31 52.17
N ARG MA 80 -32.43 -51.66 51.31
CA ARG MA 80 -32.56 -50.22 51.11
C ARG MA 80 -31.96 -49.86 49.75
N TRP MA 81 -32.40 -48.71 49.23
CA TRP MA 81 -31.82 -48.13 48.03
C TRP MA 81 -31.02 -46.90 48.39
N LYS MA 82 -29.93 -46.67 47.65
CA LYS MA 82 -29.19 -45.41 47.72
C LYS MA 82 -29.56 -44.59 46.49
N VAL MA 83 -30.08 -43.39 46.73
CA VAL MA 83 -30.61 -42.53 45.67
C VAL MA 83 -29.67 -41.35 45.47
N ASP MA 84 -29.40 -41.03 44.21
CA ASP MA 84 -28.63 -39.83 43.86
C ASP MA 84 -29.55 -38.62 43.97
N ILE MA 85 -29.31 -37.77 44.97
CA ILE MA 85 -30.12 -36.58 45.19
C ILE MA 85 -29.43 -35.32 44.69
N GLY MA 86 -28.13 -35.37 44.43
CA GLY MA 86 -27.38 -34.20 44.02
C GLY MA 86 -26.61 -33.53 45.13
N GLY MA 87 -26.44 -34.18 46.28
CA GLY MA 87 -25.71 -33.63 47.39
C GLY MA 87 -24.36 -34.29 47.59
N LYS MA 88 -23.78 -34.05 48.77
CA LYS MA 88 -22.47 -34.60 49.08
C LYS MA 88 -22.51 -36.12 49.17
N GLN MA 89 -23.58 -36.68 49.74
CA GLN MA 89 -23.71 -38.12 49.90
C GLN MA 89 -24.97 -38.61 49.20
N HIS MA 90 -25.04 -39.93 49.03
CA HIS MA 90 -26.26 -40.57 48.59
C HIS MA 90 -27.30 -40.58 49.71
N ALA MA 91 -28.56 -40.44 49.34
CA ALA MA 91 -29.65 -40.60 50.29
C ALA MA 91 -30.14 -42.04 50.27
N VAL MA 92 -30.62 -42.51 51.42
CA VAL MA 92 -31.10 -43.87 51.56
C VAL MA 92 -32.62 -43.86 51.45
N LEU MA 93 -33.17 -44.92 50.85
CA LEU MA 93 -34.61 -45.12 50.73
C LEU MA 93 -34.89 -46.51 51.25
N MET MA 94 -35.24 -46.60 52.53
CA MET MA 94 -35.46 -47.89 53.16
C MET MA 94 -36.68 -48.59 52.56
N LEU MA 95 -36.59 -49.92 52.47
CA LEU MA 95 -37.69 -50.70 51.90
C LEU MA 95 -39.00 -50.47 52.66
N GLY MA 96 -38.92 -50.22 53.97
CA GLY MA 96 -40.10 -49.89 54.76
C GLY MA 96 -40.68 -48.52 54.48
N SER MA 97 -39.97 -47.67 53.74
CA SER MA 97 -40.39 -46.30 53.48
C SER MA 97 -41.03 -46.12 52.10
N VAL MA 98 -41.39 -47.21 51.43
CA VAL MA 98 -42.01 -47.14 50.12
C VAL MA 98 -43.34 -47.87 50.15
N ASN MA 99 -44.28 -47.41 49.35
CA ASN MA 99 -45.58 -48.07 49.21
C ASN MA 99 -45.44 -49.17 48.17
N LEU MA 100 -45.36 -50.42 48.63
CA LEU MA 100 -45.28 -51.54 47.72
C LEU MA 100 -46.64 -51.78 47.06
N PRO MA 101 -46.67 -52.14 45.76
CA PRO MA 101 -47.92 -52.30 45.01
C PRO MA 101 -48.79 -53.44 45.53
N LYS MA 108 -45.54 -56.44 55.19
CA LYS MA 108 -44.55 -56.68 54.15
C LYS MA 108 -44.17 -58.16 54.09
N SER MA 109 -43.78 -58.62 52.91
CA SER MA 109 -43.36 -60.00 52.69
C SER MA 109 -41.85 -60.06 52.53
N GLU MA 110 -41.25 -61.13 53.07
CA GLU MA 110 -39.81 -61.30 52.97
C GLU MA 110 -39.37 -61.69 51.56
N SER MA 111 -40.30 -62.16 50.72
CA SER MA 111 -39.94 -62.50 49.35
C SER MA 111 -39.64 -61.25 48.52
N ASP MA 112 -40.33 -60.15 48.82
CA ASP MA 112 -40.08 -58.91 48.08
C ASP MA 112 -38.73 -58.29 48.43
N GLU MA 113 -38.18 -58.61 49.60
CA GLU MA 113 -36.89 -58.04 49.99
C GLU MA 113 -35.75 -58.51 49.08
N LEU MA 114 -35.94 -59.61 48.35
CA LEU MA 114 -34.94 -60.09 47.41
C LEU MA 114 -35.10 -59.47 46.02
N GLN MA 115 -36.34 -59.44 45.51
CA GLN MA 115 -36.63 -58.88 44.20
C GLN MA 115 -36.94 -57.39 44.30
N MET MA 116 -36.00 -56.64 44.87
CA MET MA 116 -36.18 -55.20 45.01
C MET MA 116 -36.09 -54.51 43.65
N ARG MA 117 -35.32 -55.07 42.71
CA ARG MA 117 -35.19 -54.51 41.37
C ARG MA 117 -36.47 -54.57 40.56
N SER MA 118 -37.52 -55.22 41.07
CA SER MA 118 -38.80 -55.24 40.38
C SER MA 118 -39.58 -53.95 40.58
N PHE MA 119 -39.22 -53.16 41.60
CA PHE MA 119 -39.84 -51.85 41.80
C PHE MA 119 -38.91 -50.77 41.27
N LEU MA 120 -37.80 -50.53 41.96
CA LEU MA 120 -36.81 -49.54 41.57
C LEU MA 120 -35.50 -50.24 41.24
N LYS MA 121 -35.05 -50.09 40.00
CA LYS MA 121 -33.75 -50.58 39.56
C LYS MA 121 -32.79 -49.41 39.40
N GLU MA 122 -31.50 -49.73 39.24
CA GLU MA 122 -30.50 -48.69 39.05
C GLU MA 122 -30.83 -47.84 37.83
N GLY MA 123 -30.72 -46.53 37.99
CA GLY MA 123 -31.03 -45.60 36.93
C GLY MA 123 -32.47 -45.12 36.92
N ASP MA 124 -33.33 -45.70 37.75
CA ASP MA 124 -34.72 -45.27 37.80
C ASP MA 124 -34.83 -43.88 38.43
N LEU MA 125 -35.80 -43.11 37.93
CA LEU MA 125 -36.10 -41.79 38.45
C LEU MA 125 -37.33 -41.90 39.34
N LEU MA 126 -37.31 -41.19 40.47
CA LEU MA 126 -38.41 -41.26 41.41
C LEU MA 126 -38.64 -39.90 42.05
N ASN MA 127 -39.72 -39.81 42.81
CA ASN MA 127 -40.11 -38.62 43.53
C ASN MA 127 -40.29 -39.00 44.99
N ALA MA 128 -39.69 -38.24 45.89
CA ALA MA 128 -39.71 -38.60 47.30
C ALA MA 128 -39.69 -37.34 48.17
N GLU MA 129 -39.76 -37.55 49.48
CA GLU MA 129 -39.68 -36.51 50.49
C GLU MA 129 -38.60 -36.86 51.49
N VAL MA 130 -37.86 -35.85 51.95
CA VAL MA 130 -36.84 -36.08 52.97
C VAL MA 130 -37.54 -36.26 54.31
N GLN MA 131 -37.44 -37.46 54.88
CA GLN MA 131 -38.12 -37.79 56.13
C GLN MA 131 -37.30 -37.37 57.33
N SER MA 132 -35.99 -37.50 57.25
CA SER MA 132 -35.09 -37.14 58.35
C SER MA 132 -33.68 -37.03 57.78
N LEU MA 133 -32.73 -36.71 58.66
CA LEU MA 133 -31.32 -36.63 58.29
C LEU MA 133 -30.50 -37.45 59.27
N PHE MA 134 -29.44 -38.07 58.75
CA PHE MA 134 -28.54 -38.83 59.60
C PHE MA 134 -27.60 -37.88 60.34
N GLN MA 135 -26.67 -38.46 61.10
CA GLN MA 135 -25.69 -37.62 61.79
C GLN MA 135 -24.75 -36.94 60.81
N ASP MA 136 -24.36 -37.64 59.74
CA ASP MA 136 -23.41 -37.08 58.79
C ASP MA 136 -24.06 -36.00 57.92
N GLY MA 137 -25.38 -35.95 57.83
CA GLY MA 137 -26.09 -34.98 57.05
C GLY MA 137 -26.85 -35.54 55.86
N SER MA 138 -26.62 -36.80 55.50
CA SER MA 138 -27.36 -37.40 54.41
C SER MA 138 -28.82 -37.61 54.81
N ALA MA 139 -29.69 -37.70 53.80
CA ALA MA 139 -31.12 -37.70 54.01
C ALA MA 139 -31.69 -39.11 53.91
N SER MA 140 -32.73 -39.36 54.71
CA SER MA 140 -33.55 -40.55 54.58
C SER MA 140 -34.84 -40.19 53.86
N LEU MA 141 -35.17 -40.94 52.82
CA LEU MA 141 -36.31 -40.62 51.97
C LEU MA 141 -37.46 -41.58 52.24
N HIS MA 142 -38.65 -41.16 51.81
CA HIS MA 142 -39.84 -41.99 51.92
C HIS MA 142 -40.81 -41.62 50.80
N THR MA 143 -41.54 -42.61 50.32
CA THR MA 143 -42.56 -42.41 49.30
C THR MA 143 -43.92 -42.91 49.77
N ARG MA 144 -44.18 -42.80 51.07
CA ARG MA 144 -45.42 -43.30 51.66
C ARG MA 144 -46.58 -42.36 51.36
N SER MA 145 -46.77 -42.04 50.09
CA SER MA 145 -47.87 -41.16 49.68
C SER MA 145 -48.13 -41.39 48.20
N LEU MA 146 -49.26 -40.85 47.73
CA LEU MA 146 -49.60 -40.98 46.31
C LEU MA 146 -48.78 -40.04 45.44
N LYS MA 147 -48.39 -38.87 45.94
CA LYS MA 147 -47.63 -37.92 45.15
C LYS MA 147 -46.18 -38.35 44.94
N TYR MA 148 -45.68 -39.31 45.70
CA TYR MA 148 -44.31 -39.77 45.57
C TYR MA 148 -44.27 -41.15 44.91
N GLY MA 149 -43.34 -41.33 43.99
CA GLY MA 149 -43.21 -42.58 43.29
C GLY MA 149 -42.28 -42.45 42.09
N LYS MA 150 -42.26 -43.49 41.28
CA LYS MA 150 -41.42 -43.49 40.09
C LYS MA 150 -41.97 -42.53 39.04
N LEU MA 151 -41.07 -41.84 38.36
CA LEU MA 151 -41.43 -40.84 37.36
C LEU MA 151 -41.41 -41.45 35.96
N ARG MA 152 -42.33 -41.02 35.12
CA ARG MA 152 -42.43 -41.50 33.74
C ARG MA 152 -43.17 -40.45 32.92
N ASN MA 153 -43.47 -40.81 31.66
CA ASN MA 153 -44.24 -39.98 30.75
C ASN MA 153 -43.58 -38.61 30.50
N GLY MA 154 -42.25 -38.56 30.51
CA GLY MA 154 -41.57 -37.30 30.28
C GLY MA 154 -40.06 -37.37 30.24
N MET MA 155 -39.41 -36.27 30.61
CA MET MA 155 -37.97 -36.11 30.46
C MET MA 155 -37.43 -35.36 31.66
N PHE MA 156 -36.16 -35.58 31.97
CA PHE MA 156 -35.49 -34.99 33.11
C PHE MA 156 -34.57 -33.85 32.68
N CYS MA 157 -34.39 -32.90 33.59
CA CYS MA 157 -33.43 -31.81 33.43
C CYS MA 157 -33.22 -31.17 34.79
N GLN MA 158 -32.03 -30.62 35.01
CA GLN MA 158 -31.65 -30.15 36.33
C GLN MA 158 -31.00 -28.78 36.26
N VAL MA 159 -31.26 -27.98 37.29
CA VAL MA 159 -30.68 -26.65 37.46
C VAL MA 159 -29.97 -26.67 38.82
N PRO MA 160 -29.17 -25.66 39.17
CA PRO MA 160 -28.57 -25.66 40.51
C PRO MA 160 -29.63 -25.49 41.58
N SER MA 161 -29.41 -26.17 42.71
CA SER MA 161 -30.39 -26.20 43.79
C SER MA 161 -30.69 -24.82 44.36
N SER MA 162 -29.77 -23.86 44.21
CA SER MA 162 -29.99 -22.54 44.75
C SER MA 162 -31.10 -21.78 44.02
N LEU MA 163 -31.44 -22.20 42.81
CA LEU MA 163 -32.50 -21.54 42.04
C LEU MA 163 -33.89 -22.06 42.37
N ILE MA 164 -33.99 -23.21 43.03
CA ILE MA 164 -35.27 -23.76 43.45
C ILE MA 164 -35.56 -23.24 44.86
N VAL MA 165 -36.57 -22.39 44.97
CA VAL MA 165 -36.95 -21.78 46.24
C VAL MA 165 -37.89 -22.73 46.98
N ARG MA 166 -37.53 -23.08 48.22
CA ARG MA 166 -38.40 -23.93 49.02
C ARG MA 166 -39.75 -23.26 49.24
N ALA MA 167 -40.81 -23.97 48.85
CA ALA MA 167 -42.17 -23.42 48.93
C ALA MA 167 -43.10 -24.50 49.47
N LYS MA 168 -44.36 -24.11 49.67
CA LYS MA 168 -45.34 -25.04 50.24
C LYS MA 168 -45.58 -26.23 49.32
N ASN MA 169 -45.65 -25.99 48.02
CA ASN MA 169 -45.88 -27.02 47.03
C ASN MA 169 -44.76 -27.03 46.00
N HIS MA 170 -44.50 -28.21 45.43
CA HIS MA 170 -43.43 -28.36 44.45
C HIS MA 170 -43.84 -29.16 43.21
N THR MA 171 -45.09 -29.58 43.11
CA THR MA 171 -45.61 -30.24 41.91
C THR MA 171 -46.72 -29.37 41.34
N HIS MA 172 -46.46 -28.69 40.23
CA HIS MA 172 -47.39 -27.73 39.67
C HIS MA 172 -47.83 -28.18 38.29
N ASN MA 173 -49.12 -28.01 38.01
CA ASN MA 173 -49.68 -28.31 36.70
C ASN MA 173 -49.68 -27.05 35.85
N LEU MA 174 -49.07 -27.15 34.67
CA LEU MA 174 -48.85 -26.01 33.79
C LEU MA 174 -49.79 -26.06 32.59
N PRO MA 175 -50.04 -24.92 31.95
CA PRO MA 175 -50.89 -24.92 30.75
C PRO MA 175 -50.24 -25.72 29.63
N GLY MA 176 -51.09 -26.37 28.84
CA GLY MA 176 -50.63 -27.29 27.82
C GLY MA 176 -50.66 -28.74 28.23
N ASN MA 177 -51.26 -29.06 29.38
CA ASN MA 177 -51.33 -30.44 29.89
C ASN MA 177 -49.94 -30.98 30.20
N ILE MA 178 -49.10 -30.13 30.82
CA ILE MA 178 -47.78 -30.51 31.27
C ILE MA 178 -47.68 -30.21 32.76
N THR MA 179 -47.07 -31.13 33.51
CA THR MA 179 -46.87 -30.98 34.94
C THR MA 179 -45.39 -31.02 35.26
N VAL MA 180 -44.95 -30.11 36.13
CA VAL MA 180 -43.56 -29.99 36.52
C VAL MA 180 -43.41 -30.39 37.98
N VAL MA 181 -42.28 -31.01 38.29
CA VAL MA 181 -41.91 -31.36 39.66
C VAL MA 181 -40.59 -30.64 39.96
N LEU MA 182 -40.66 -29.58 40.75
CA LEU MA 182 -39.50 -28.74 41.03
C LEU MA 182 -38.86 -29.24 42.31
N GLY MA 183 -37.91 -30.16 42.16
CA GLY MA 183 -37.16 -30.69 43.29
C GLY MA 183 -36.30 -29.64 43.97
N VAL MA 184 -36.36 -29.59 45.30
CA VAL MA 184 -35.53 -28.64 46.06
C VAL MA 184 -34.06 -28.84 45.75
N ASN MA 185 -33.65 -30.07 45.44
CA ASN MA 185 -32.27 -30.34 45.07
C ASN MA 185 -31.93 -29.86 43.67
N GLY MA 186 -32.89 -29.30 42.93
CA GLY MA 186 -32.66 -28.83 41.58
C GLY MA 186 -32.94 -29.85 40.49
N TYR MA 187 -33.46 -31.02 40.85
CA TYR MA 187 -33.77 -32.05 39.87
C TYR MA 187 -35.23 -31.91 39.45
N ILE MA 188 -35.45 -31.45 38.22
CA ILE MA 188 -36.79 -31.16 37.72
C ILE MA 188 -37.26 -32.31 36.83
N TRP MA 189 -38.54 -32.66 36.95
CA TRP MA 189 -39.16 -33.65 36.08
C TRP MA 189 -40.39 -33.03 35.42
N LEU MA 190 -40.42 -33.10 34.09
CA LEU MA 190 -41.56 -32.65 33.30
C LEU MA 190 -42.25 -33.87 32.71
N ARG MA 191 -43.57 -33.93 32.86
CA ARG MA 191 -44.33 -35.10 32.42
C ARG MA 191 -45.67 -34.64 31.87
N LYS MA 192 -46.36 -35.57 31.21
CA LYS MA 192 -47.74 -35.32 30.80
C LYS MA 192 -48.65 -35.30 32.02
N THR MA 193 -49.48 -34.26 32.10
CA THR MA 193 -50.40 -34.12 33.23
C THR MA 193 -51.32 -35.33 33.30
N SER MA 194 -51.09 -36.20 34.27
CA SER MA 194 -51.90 -37.40 34.43
C SER MA 194 -53.22 -37.06 35.11
N GLN MA 195 -54.13 -38.03 35.11
CA GLN MA 195 -55.40 -37.85 35.81
C GLN MA 195 -55.19 -37.61 37.30
N MET MA 196 -54.21 -38.29 37.89
CA MET MA 196 -53.88 -38.05 39.29
C MET MA 196 -53.39 -36.62 39.50
N ASP MA 197 -52.67 -36.07 38.53
CA ASP MA 197 -52.21 -34.69 38.61
C ASP MA 197 -53.38 -33.71 38.55
N LEU MA 198 -54.47 -34.07 37.87
CA LEU MA 198 -55.65 -33.21 37.84
C LEU MA 198 -56.43 -33.29 39.16
N ALA MA 199 -56.32 -34.41 39.87
CA ALA MA 199 -56.98 -34.57 41.16
C ALA MA 199 -56.39 -33.64 42.21
N ARG MA 200 -55.20 -33.08 41.94
CA ARG MA 200 -54.52 -32.18 42.87
C ARG MA 200 -55.30 -30.91 43.16
N ASP MA 201 -56.34 -30.61 42.39
CA ASP MA 201 -57.22 -29.49 42.70
C ASP MA 201 -58.11 -29.87 43.87
N THR MA 202 -57.91 -29.20 45.01
CA THR MA 202 -58.62 -29.49 46.25
C THR MA 202 -58.46 -30.95 46.66
N SER MA 233 -56.96 -49.29 41.53
CA SER MA 233 -56.89 -48.63 40.23
C SER MA 233 -55.48 -48.67 39.66
N SER MA 234 -54.57 -47.94 40.31
CA SER MA 234 -53.17 -47.86 39.88
C SER MA 234 -52.39 -48.96 40.60
N TRP MA 235 -52.50 -50.18 40.09
CA TRP MA 235 -51.80 -51.31 40.68
C TRP MA 235 -50.31 -51.26 40.37
N GLN MA 236 -49.96 -51.00 39.11
CA GLN MA 236 -48.57 -50.93 38.69
C GLN MA 236 -48.09 -49.49 38.84
N ILE MA 237 -47.58 -49.16 40.04
CA ILE MA 237 -47.04 -47.83 40.29
C ILE MA 237 -45.55 -47.75 39.98
N TYR MA 238 -44.88 -48.88 39.75
CA TYR MA 238 -43.48 -48.92 39.38
C TYR MA 238 -43.28 -49.38 37.95
N SER MA 239 -44.33 -49.31 37.12
CA SER MA 239 -44.24 -49.72 35.73
C SER MA 239 -43.26 -48.84 34.98
N ASP MA 240 -42.36 -49.46 34.24
CA ASP MA 240 -41.40 -48.73 33.43
C ASP MA 240 -41.95 -48.32 32.07
N GLU MA 241 -43.22 -48.61 31.80
CA GLU MA 241 -43.87 -48.24 30.56
C GLU MA 241 -44.47 -46.84 30.69
N ASN MA 242 -44.37 -46.06 29.62
CA ASN MA 242 -45.00 -44.75 29.57
C ASN MA 242 -46.39 -44.86 28.98
N ASP MA 243 -47.26 -43.91 29.37
CA ASP MA 243 -48.60 -43.80 28.82
C ASP MA 243 -48.53 -43.68 27.30
N PRO MA 244 -48.98 -44.69 26.56
CA PRO MA 244 -48.72 -44.73 25.12
C PRO MA 244 -49.60 -43.80 24.29
N SER MA 245 -50.12 -42.74 24.91
CA SER MA 245 -50.97 -41.78 24.20
C SER MA 245 -50.43 -40.36 24.30
N ILE MA 246 -49.12 -40.22 24.46
CA ILE MA 246 -48.51 -38.90 24.55
C ILE MA 246 -48.41 -38.31 23.15
N SER MA 247 -49.21 -37.30 22.88
CA SER MA 247 -49.28 -36.71 21.55
C SER MA 247 -48.01 -35.91 21.24
N ASN MA 248 -47.85 -35.56 19.96
CA ASN MA 248 -46.73 -34.73 19.57
C ASN MA 248 -46.86 -33.31 20.10
N ASN MA 249 -48.09 -32.81 20.23
CA ASN MA 249 -48.29 -31.50 20.83
C ASN MA 249 -47.82 -31.48 22.28
N ILE MA 250 -48.15 -32.54 23.04
CA ILE MA 250 -47.68 -32.64 24.42
C ILE MA 250 -46.16 -32.79 24.45
N ARG MA 251 -45.60 -33.56 23.52
CA ARG MA 251 -44.15 -33.74 23.48
C ARG MA 251 -43.43 -32.44 23.14
N GLN MA 252 -44.02 -31.63 22.25
CA GLN MA 252 -43.39 -30.36 21.89
C GLN MA 252 -43.48 -29.35 23.02
N ALA MA 253 -44.56 -29.39 23.81
CA ALA MA 253 -44.67 -28.48 24.95
C ALA MA 253 -43.68 -28.82 26.05
N ILE MA 254 -43.37 -30.11 26.23
CA ILE MA 254 -42.33 -30.51 27.18
C ILE MA 254 -41.01 -29.86 26.81
N CYS MA 255 -40.67 -29.86 25.52
CA CYS MA 255 -39.45 -29.23 25.06
C CYS MA 255 -39.44 -27.73 25.38
N ARG MA 256 -40.54 -27.05 25.06
CA ARG MA 256 -40.61 -25.61 25.29
C ARG MA 256 -40.46 -25.29 26.78
N TYR MA 257 -41.12 -26.06 27.65
CA TYR MA 257 -40.93 -25.88 29.08
C TYR MA 257 -39.51 -26.21 29.51
N ALA MA 258 -38.91 -27.24 28.90
CA ALA MA 258 -37.53 -27.58 29.21
C ALA MA 258 -36.59 -26.42 28.88
N ASN MA 259 -36.78 -25.81 27.70
CA ASN MA 259 -35.88 -24.75 27.27
C ASN MA 259 -36.02 -23.50 28.13
N VAL MA 260 -37.25 -23.14 28.49
CA VAL MA 260 -37.44 -21.94 29.31
C VAL MA 260 -36.93 -22.15 30.72
N ILE MA 261 -37.04 -23.36 31.25
CA ILE MA 261 -36.41 -23.67 32.54
C ILE MA 261 -34.90 -23.55 32.44
N LYS MA 262 -34.32 -24.07 31.35
CA LYS MA 262 -32.89 -23.90 31.12
C LYS MA 262 -32.52 -22.43 30.95
N ALA MA 263 -33.38 -21.67 30.26
CA ALA MA 263 -33.10 -20.25 30.04
C ALA MA 263 -33.15 -19.47 31.34
N LEU MA 264 -34.16 -19.71 32.17
CA LEU MA 264 -34.22 -19.06 33.48
C LEU MA 264 -33.00 -19.40 34.33
N ALA MA 265 -32.53 -20.65 34.25
CA ALA MA 265 -31.32 -21.04 34.96
C ALA MA 265 -30.09 -20.36 34.36
N PHE MA 266 -30.05 -20.22 33.03
CA PHE MA 266 -28.91 -19.57 32.39
C PHE MA 266 -28.77 -18.12 32.82
N CYS MA 267 -29.88 -17.45 33.08
CA CYS MA 267 -29.86 -16.09 33.61
C CYS MA 267 -29.72 -16.05 35.13
N GLU MA 268 -29.61 -17.21 35.78
CA GLU MA 268 -29.51 -17.30 37.24
C GLU MA 268 -30.72 -16.68 37.92
N ILE MA 269 -31.89 -16.87 37.31
CA ILE MA 269 -33.16 -16.42 37.88
C ILE MA 269 -33.77 -17.56 38.68
N GLY MA 270 -34.34 -17.22 39.83
CA GLY MA 270 -35.00 -18.21 40.67
C GLY MA 270 -36.18 -18.84 39.97
N ILE MA 271 -36.23 -20.17 39.95
CA ILE MA 271 -37.31 -20.89 39.27
C ILE MA 271 -38.52 -20.95 40.19
N THR MA 272 -39.66 -20.45 39.70
CA THR MA 272 -40.92 -20.54 40.41
C THR MA 272 -41.99 -20.96 39.42
N GLN MA 273 -43.16 -21.34 39.94
CA GLN MA 273 -44.28 -21.69 39.07
C GLN MA 273 -44.74 -20.50 38.25
N GLN MA 274 -44.77 -19.31 38.85
CA GLN MA 274 -45.22 -18.13 38.14
C GLN MA 274 -44.25 -17.72 37.04
N ARG MA 275 -42.96 -17.97 37.23
CA ARG MA 275 -41.98 -17.59 36.22
C ARG MA 275 -41.90 -18.60 35.08
N ILE MA 276 -42.13 -19.88 35.37
CA ILE MA 276 -42.10 -20.88 34.31
C ILE MA 276 -43.22 -20.65 33.31
N VAL MA 277 -44.43 -20.35 33.81
CA VAL MA 277 -45.54 -20.10 32.90
C VAL MA 277 -45.38 -18.75 32.20
N SER MA 278 -44.75 -17.77 32.87
CA SER MA 278 -44.52 -16.47 32.24
C SER MA 278 -43.51 -16.61 31.10
N ALA MA 279 -42.43 -17.36 31.32
CA ALA MA 279 -41.46 -17.60 30.26
C ALA MA 279 -42.06 -18.43 29.12
N TYR MA 280 -42.88 -19.42 29.48
CA TYR MA 280 -43.51 -20.27 28.46
C TYR MA 280 -44.43 -19.46 27.55
N GLU MA 281 -45.20 -18.54 28.14
CA GLU MA 281 -46.08 -17.70 27.34
C GLU MA 281 -45.27 -16.69 26.51
N ALA MA 282 -44.19 -16.16 27.08
CA ALA MA 282 -43.36 -15.19 26.36
C ALA MA 282 -42.63 -15.85 25.19
N SER MA 283 -42.21 -17.11 25.36
CA SER MA 283 -41.45 -17.79 24.33
C SER MA 283 -42.26 -18.08 23.08
N MET MA 284 -43.59 -17.96 23.14
CA MET MA 284 -44.43 -18.20 21.96
C MET MA 284 -44.10 -17.24 20.82
N VAL MA 285 -43.41 -16.13 21.10
CA VAL MA 285 -42.98 -15.22 20.03
C VAL MA 285 -42.14 -15.98 19.00
N TYR MA 286 -41.29 -16.89 19.46
CA TYR MA 286 -40.47 -17.71 18.59
C TYR MA 286 -41.28 -18.91 18.14
N SER MA 287 -41.42 -19.08 16.82
CA SER MA 287 -42.26 -20.15 16.29
C SER MA 287 -41.70 -21.52 16.64
N ASN MA 288 -40.42 -21.76 16.34
CA ASN MA 288 -39.80 -23.05 16.58
C ASN MA 288 -39.16 -23.08 17.96
N VAL MA 289 -39.36 -24.18 18.68
CA VAL MA 289 -38.78 -24.34 20.01
C VAL MA 289 -37.26 -24.32 19.93
N GLY MA 290 -36.70 -24.72 18.79
CA GLY MA 290 -35.26 -24.75 18.65
C GLY MA 290 -34.58 -23.40 18.79
N GLU MA 291 -35.27 -22.33 18.42
CA GLU MA 291 -34.68 -20.99 18.49
C GLU MA 291 -34.31 -20.58 19.91
N LEU MA 292 -34.89 -21.22 20.92
CA LEU MA 292 -34.71 -20.83 22.31
C LEU MA 292 -33.35 -21.23 22.89
N ILE MA 293 -32.49 -21.91 22.13
CA ILE MA 293 -31.22 -22.35 22.69
C ILE MA 293 -30.12 -21.29 22.59
N GLU MA 294 -30.28 -20.31 21.70
CA GLU MA 294 -29.22 -19.34 21.47
C GLU MA 294 -29.09 -18.39 22.66
N LYS MA 295 -27.88 -17.86 22.83
CA LYS MA 295 -27.59 -17.03 24.01
C LYS MA 295 -28.45 -15.78 24.04
N ASN MA 296 -28.55 -15.07 22.92
CA ASN MA 296 -29.31 -13.83 22.88
C ASN MA 296 -30.78 -14.07 23.22
N VAL MA 297 -31.33 -15.20 22.78
CA VAL MA 297 -32.73 -15.50 23.07
C VAL MA 297 -32.93 -15.79 24.55
N MET MA 298 -32.02 -16.57 25.16
CA MET MA 298 -32.15 -16.90 26.58
C MET MA 298 -32.03 -15.65 27.44
N GLU MA 299 -31.02 -14.81 27.18
CA GLU MA 299 -30.86 -13.57 27.94
C GLU MA 299 -32.05 -12.64 27.77
N SER MA 300 -32.71 -12.71 26.61
CA SER MA 300 -33.91 -11.88 26.39
C SER MA 300 -35.06 -12.37 27.24
N ILE MA 301 -35.32 -13.68 27.25
CA ILE MA 301 -36.41 -14.24 28.03
C ILE MA 301 -36.25 -13.88 29.51
N GLY MA 302 -35.04 -14.05 30.04
CA GLY MA 302 -34.82 -13.72 31.44
C GLY MA 302 -34.97 -12.24 31.73
N SER MA 303 -34.46 -11.38 30.84
CA SER MA 303 -34.57 -9.94 31.04
C SER MA 303 -36.03 -9.49 30.97
N ASP MA 304 -36.80 -10.06 30.04
CA ASP MA 304 -38.21 -9.70 29.93
C ASP MA 304 -39.01 -10.15 31.15
N ILE MA 305 -38.55 -11.14 31.88
CA ILE MA 305 -39.23 -11.56 33.10
C ILE MA 305 -38.88 -10.63 34.26
N LEU MA 306 -37.60 -10.28 34.40
CA LEU MA 306 -37.18 -9.41 35.49
C LEU MA 306 -37.76 -8.02 35.33
N THR MA 307 -37.70 -7.45 34.12
CA THR MA 307 -38.24 -6.13 33.89
C THR MA 307 -39.76 -6.11 33.98
N ALA MA 308 -40.41 -7.24 33.73
CA ALA MA 308 -41.87 -7.30 33.88
C ALA MA 308 -42.25 -7.33 35.35
N GLU MA 309 -41.48 -8.04 36.17
CA GLU MA 309 -41.75 -8.06 37.61
C GLU MA 309 -41.39 -6.74 38.27
N LYS MA 310 -40.50 -5.96 37.65
CA LYS MA 310 -40.21 -4.61 38.16
C LYS MA 310 -41.44 -3.73 38.00
N MET MA 311 -42.16 -3.86 36.88
CA MET MA 311 -43.41 -3.12 36.72
C MET MA 311 -44.48 -3.64 37.67
N ARG MA 312 -44.58 -4.96 37.82
CA ARG MA 312 -45.57 -5.57 38.69
C ARG MA 312 -45.14 -5.50 40.15
N VAL NA 112 -5.97 -72.47 88.84
CA VAL NA 112 -6.26 -71.13 89.33
C VAL NA 112 -5.00 -70.26 89.28
N ILE NA 113 -4.62 -69.85 88.07
CA ILE NA 113 -3.46 -69.00 87.86
C ILE NA 113 -3.94 -67.58 87.60
N SER NA 114 -3.33 -66.61 88.28
CA SER NA 114 -3.71 -65.21 88.14
C SER NA 114 -2.99 -64.59 86.95
N GLY NA 115 -3.71 -63.72 86.24
CA GLY NA 115 -3.16 -63.06 85.07
C GLY NA 115 -2.94 -61.59 85.25
N ARG NA 116 -3.95 -60.89 85.77
CA ARG NA 116 -3.89 -59.45 86.00
C ARG NA 116 -3.86 -59.21 87.51
N LYS NA 117 -2.76 -58.66 87.99
CA LYS NA 117 -2.53 -58.54 89.43
C LYS NA 117 -1.59 -57.36 89.70
N THR NA 118 -1.91 -56.61 90.75
CA THR NA 118 -1.08 -55.48 91.17
C THR NA 118 -0.03 -55.96 92.16
N PHE NA 119 1.23 -55.62 91.89
CA PHE NA 119 2.35 -56.06 92.71
C PHE NA 119 2.89 -54.89 93.54
N GLY NA 120 3.55 -55.24 94.63
CA GLY NA 120 4.11 -54.25 95.52
C GLY NA 120 3.12 -53.61 96.47
N ASP NA 121 2.21 -54.40 97.02
CA ASP NA 121 1.19 -53.88 97.93
C ASP NA 121 1.79 -53.36 99.22
#